data_5WQ9
#
_entry.id   5WQ9
#
_entity_poly.entity_id   1
_entity_poly.type   'polypeptide(L)'
_entity_poly.pdbx_seq_one_letter_code
;NEFSASFKGTDIQEFINIVGRNLEKTIIVDPSVRGKVDVRSFDTLNEEQYYSFFLSVLEVYGFAVVEMDNGVLKVIKSKD
AKTSAIPVLSGEERANGDEVITQVVAVKNVSVRELSPLLRQLIDNAGAGNVVHYDPANIILITGRAAVVNRLAEIIRRVD
QAGDKEIEVVELNNASAAEMVRIVEALNKTTDAQNTPEFLKPKFVADERTNSILISGDPKVRERLKRLIKQLDVEMAAKG
NNRVVYLKYAKAEDLVEVLKGVSENLQAEKGTGQPTTSKRNEVMIAAHADTNSLVLTAPQDIMNAMLEVIGQLDIRRAQV
LIEALIVEMAEGDGINLGVQWGSLESGSVIQYGNTGASIGNVMIGLEEAKDTTQTKAVYDTNNNFLRNETTTTKGDYTKL
ASALSSIQGAAVSIAMGDWTALINAVSNDSSSNILSSPSITVMDNGEASFIVAEEVPVITGSTAGSNNDNPFQTVDRKEV
GIKLKVVPQINEGNSVQLNIEQEVSNVLGANGAVDVRFAKRQLNTSVMVQDGQMLVLGGLIDERALESESKVPLLGDIPL
LGQLFRSTSSQVEKKNLMVFIKPTIIRDGVTADGITQRKYNYIRAEQLFRAEKGLRLLDDASVPVLPKFGDDRRHSPEIQ
AFIEQMEAKQ
;
_entity_poly.pdbx_strand_id   A,B,C,D,E,F,G,H,I,J,K,L,M,N,O
#
# COMPACT_ATOMS: atom_id res chain seq x y z
N GLY A 97 109.67 -1.23 38.75
CA GLY A 97 110.36 -0.69 39.91
C GLY A 97 109.46 -0.30 41.06
N ASP A 98 109.96 0.58 41.92
CA ASP A 98 109.25 1.04 43.12
C ASP A 98 108.50 2.36 42.93
N GLU A 99 108.42 2.92 41.74
CA GLU A 99 107.85 4.26 41.56
C GLU A 99 106.38 4.28 41.96
N VAL A 100 105.88 5.46 42.35
CA VAL A 100 104.47 5.67 42.66
C VAL A 100 103.82 6.40 41.47
N ILE A 101 102.95 5.67 40.75
CA ILE A 101 102.15 6.21 39.65
C ILE A 101 100.71 5.72 39.83
N THR A 102 99.78 6.43 39.20
CA THR A 102 98.36 6.09 39.21
C THR A 102 97.98 5.40 37.90
N GLN A 103 97.17 4.33 37.99
CA GLN A 103 96.72 3.64 36.79
C GLN A 103 95.20 3.62 36.71
N VAL A 104 94.70 3.97 35.53
CA VAL A 104 93.28 4.10 35.26
C VAL A 104 92.88 3.00 34.28
N VAL A 105 92.12 2.02 34.75
CA VAL A 105 91.74 0.85 33.93
C VAL A 105 90.27 0.56 34.19
N ALA A 106 89.62 -0.14 33.24
CA ALA A 106 88.18 -0.34 33.32
C ALA A 106 87.80 -1.76 33.73
N VAL A 107 86.66 -1.87 34.42
CA VAL A 107 85.89 -3.10 34.49
C VAL A 107 84.46 -2.72 34.12
N LYS A 108 84.02 -3.16 32.95
CA LYS A 108 82.69 -2.76 32.49
C LYS A 108 81.61 -3.64 33.10
N ASN A 109 81.97 -4.88 33.42
CA ASN A 109 80.98 -5.94 33.58
C ASN A 109 80.05 -5.67 34.76
N VAL A 110 80.60 -5.35 35.93
CA VAL A 110 79.81 -4.97 37.08
C VAL A 110 80.59 -3.93 37.88
N SER A 111 79.87 -3.12 38.66
CA SER A 111 80.48 -2.01 39.40
C SER A 111 81.64 -2.50 40.27
N VAL A 112 82.74 -1.74 40.25
CA VAL A 112 84.00 -2.17 40.85
C VAL A 112 84.08 -1.91 42.35
N ARG A 113 83.08 -1.24 42.93
CA ARG A 113 82.98 -1.17 44.38
C ARG A 113 83.02 -2.55 45.00
N GLU A 114 82.55 -3.55 44.25
CA GLU A 114 82.59 -4.95 44.65
C GLU A 114 83.98 -5.44 45.02
N LEU A 115 85.02 -4.79 44.53
CA LEU A 115 86.39 -5.17 44.84
C LEU A 115 87.04 -4.35 45.94
N SER A 116 86.33 -3.39 46.54
CA SER A 116 86.98 -2.52 47.53
C SER A 116 87.66 -3.27 48.67
N PRO A 117 87.08 -4.32 49.29
CA PRO A 117 87.74 -4.93 50.45
C PRO A 117 89.03 -5.65 50.09
N LEU A 118 89.02 -6.40 48.99
CA LEU A 118 90.14 -7.26 48.64
C LEU A 118 91.25 -6.44 48.01
N LEU A 119 90.88 -5.38 47.28
CA LEU A 119 91.87 -4.43 46.76
C LEU A 119 92.55 -3.66 47.88
N ARG A 120 91.79 -3.18 48.87
CA ARG A 120 92.43 -2.64 50.07
C ARG A 120 93.19 -3.73 50.83
N GLN A 121 92.97 -5.00 50.49
CA GLN A 121 93.86 -6.04 51.00
C GLN A 121 95.26 -5.90 50.41
N LEU A 122 95.36 -5.61 49.11
CA LEU A 122 96.65 -5.25 48.52
C LEU A 122 97.08 -3.84 48.88
N ILE A 123 96.17 -2.98 49.36
CA ILE A 123 96.60 -1.71 49.95
C ILE A 123 97.09 -1.96 51.37
N ASP A 124 96.58 -3.01 52.02
CA ASP A 124 97.11 -3.52 53.28
C ASP A 124 98.31 -4.47 53.10
N ASN A 125 98.27 -5.40 52.12
CA ASN A 125 99.32 -6.41 51.96
C ASN A 125 100.71 -5.81 51.93
N ALA A 126 100.84 -4.58 51.42
CA ALA A 126 102.10 -3.86 51.38
C ALA A 126 101.85 -2.43 51.83
N GLY A 127 102.86 -1.57 51.66
CA GLY A 127 102.80 -0.20 52.11
C GLY A 127 101.74 0.68 51.47
N ALA A 128 101.33 1.72 52.19
CA ALA A 128 100.27 2.63 51.74
C ALA A 128 100.89 3.87 51.11
N GLY A 129 100.08 4.88 50.85
CA GLY A 129 100.29 5.83 49.80
C GLY A 129 99.36 5.59 48.64
N ASN A 130 98.77 4.40 48.56
CA ASN A 130 97.84 4.00 47.52
C ASN A 130 96.53 4.74 47.66
N VAL A 131 95.80 4.78 46.55
CA VAL A 131 94.36 4.95 46.54
C VAL A 131 93.84 3.95 45.52
N VAL A 132 92.65 3.41 45.74
CA VAL A 132 91.91 2.81 44.65
C VAL A 132 90.48 3.35 44.76
N HIS A 133 90.09 4.14 43.77
CA HIS A 133 88.84 4.87 43.81
C HIS A 133 88.01 4.43 42.62
N TYR A 134 86.73 4.17 42.90
CA TYR A 134 85.83 3.50 41.96
C TYR A 134 84.80 4.50 41.50
N ASP A 135 84.94 4.96 40.28
CA ASP A 135 84.05 6.01 39.82
C ASP A 135 82.74 5.41 39.34
N PRO A 136 81.62 5.92 39.86
CA PRO A 136 80.31 5.40 39.45
C PRO A 136 80.03 5.53 37.96
N ALA A 137 80.83 6.31 37.24
CA ALA A 137 80.82 6.33 35.78
C ALA A 137 81.40 5.04 35.22
N ASN A 138 81.89 4.17 36.12
CA ASN A 138 82.52 2.89 35.82
C ASN A 138 83.81 3.04 35.02
N ILE A 139 84.84 3.57 35.68
CA ILE A 139 86.24 3.32 35.34
C ILE A 139 86.92 2.99 36.66
N ILE A 140 88.25 2.93 36.68
CA ILE A 140 88.98 2.43 37.84
C ILE A 140 90.24 3.25 38.06
N LEU A 141 90.46 3.67 39.32
CA LEU A 141 91.65 4.42 39.72
C LEU A 141 92.48 3.64 40.74
N ILE A 142 93.78 3.53 40.46
CA ILE A 142 94.77 3.15 41.46
C ILE A 142 95.80 4.27 41.50
N THR A 143 96.46 4.40 42.65
CA THR A 143 97.63 5.25 42.80
C THR A 143 98.56 4.55 43.78
N GLY A 144 99.84 4.47 43.44
CA GLY A 144 100.79 3.85 44.36
C GLY A 144 101.92 3.18 43.60
N ARG A 145 102.61 2.29 44.31
CA ARG A 145 103.77 1.64 43.72
C ARG A 145 103.36 0.77 42.54
N ALA A 146 104.12 0.93 41.44
CA ALA A 146 103.76 0.29 40.17
C ALA A 146 103.61 -1.21 40.32
N ALA A 147 104.32 -1.82 41.27
CA ALA A 147 104.17 -3.25 41.50
C ALA A 147 102.82 -3.57 42.14
N VAL A 148 102.50 -2.90 43.24
CA VAL A 148 101.24 -3.19 43.94
C VAL A 148 100.07 -2.61 43.17
N VAL A 149 100.30 -1.49 42.48
CA VAL A 149 99.32 -0.97 41.53
C VAL A 149 99.12 -1.94 40.38
N ASN A 150 100.14 -2.74 40.08
CA ASN A 150 99.96 -3.78 39.06
C ASN A 150 99.09 -4.90 39.59
N ARG A 151 99.54 -5.61 40.63
CA ARG A 151 98.71 -6.67 41.20
C ARG A 151 97.27 -6.22 41.45
N LEU A 152 97.08 -4.99 41.93
CA LEU A 152 95.75 -4.40 42.04
C LEU A 152 95.06 -4.31 40.68
N ALA A 153 95.77 -3.83 39.65
CA ALA A 153 95.15 -3.75 38.33
C ALA A 153 94.93 -5.13 37.73
N GLU A 154 95.55 -6.16 38.32
CA GLU A 154 95.44 -7.54 37.85
C GLU A 154 94.22 -8.20 38.46
N ILE A 155 93.97 -7.95 39.75
CA ILE A 155 92.68 -8.31 40.34
C ILE A 155 91.57 -7.57 39.63
N ILE A 156 91.70 -6.25 39.54
CA ILE A 156 90.77 -5.40 38.85
C ILE A 156 90.46 -5.94 37.46
N ARG A 157 91.47 -6.01 36.58
CA ARG A 157 91.26 -6.58 35.25
C ARG A 157 90.84 -8.04 35.34
N ARG A 158 90.96 -8.65 36.52
CA ARG A 158 90.54 -10.02 36.69
C ARG A 158 89.03 -10.05 36.95
N VAL A 159 88.45 -8.90 37.30
CA VAL A 159 87.01 -8.75 37.21
C VAL A 159 86.57 -8.04 35.92
N ASP A 160 87.48 -7.36 35.23
CA ASP A 160 87.21 -6.89 33.86
C ASP A 160 86.99 -8.04 32.91
N GLN A 161 88.09 -8.74 32.62
CA GLN A 161 88.16 -9.80 31.62
C GLN A 161 87.29 -10.98 31.96
N ALA A 162 86.93 -11.15 33.23
CA ALA A 162 86.26 -12.33 33.75
C ALA A 162 84.95 -12.66 33.05
N GLY A 163 83.92 -11.83 33.25
CA GLY A 163 82.55 -12.20 33.03
C GLY A 163 81.92 -11.78 31.71
N ASP A 164 82.72 -11.62 30.66
CA ASP A 164 82.40 -10.75 29.53
C ASP A 164 80.97 -10.93 29.05
N LYS A 165 80.30 -9.82 28.77
CA LYS A 165 78.91 -9.83 28.33
C LYS A 165 78.73 -8.73 27.31
N GLU A 166 78.21 -9.07 26.12
CA GLU A 166 77.78 -8.09 25.14
C GLU A 166 76.73 -8.69 24.22
N ILE A 167 76.49 -7.99 23.12
CA ILE A 167 75.40 -8.24 22.18
C ILE A 167 75.92 -8.94 20.92
N GLU A 168 75.10 -9.86 20.41
CA GLU A 168 75.31 -10.48 19.11
C GLU A 168 74.18 -10.14 18.17
N VAL A 169 74.46 -10.23 16.87
CA VAL A 169 73.45 -10.13 15.83
C VAL A 169 73.72 -11.23 14.81
N VAL A 170 72.80 -12.18 14.70
CA VAL A 170 73.00 -13.32 13.82
C VAL A 170 71.69 -13.62 13.11
N GLU A 171 71.77 -13.78 11.79
CA GLU A 171 70.61 -14.03 10.95
C GLU A 171 69.89 -15.31 11.33
N LEU A 172 68.57 -15.20 11.42
CA LEU A 172 67.69 -16.36 11.48
C LEU A 172 66.95 -16.38 10.17
N ASN A 173 67.31 -17.31 9.29
CA ASN A 173 66.73 -17.28 7.96
C ASN A 173 65.35 -17.93 7.96
N ASN A 174 65.13 -18.84 8.89
CA ASN A 174 64.02 -19.75 8.72
C ASN A 174 63.03 -19.61 9.87
N ALA A 175 63.40 -20.17 11.02
CA ALA A 175 62.54 -20.12 12.19
C ALA A 175 62.30 -18.67 12.56
N SER A 176 61.02 -18.31 12.64
CA SER A 176 60.67 -16.93 12.93
C SER A 176 61.39 -16.47 14.19
N ALA A 177 62.07 -15.33 14.08
CA ALA A 177 62.75 -14.79 15.25
C ALA A 177 61.81 -14.75 16.43
N ALA A 178 60.69 -14.02 16.33
CA ALA A 178 59.74 -13.96 17.44
C ALA A 178 59.44 -15.35 17.98
N GLU A 179 59.42 -16.36 17.11
CA GLU A 179 59.35 -17.72 17.62
C GLU A 179 60.62 -18.08 18.37
N MET A 180 61.81 -17.87 17.77
CA MET A 180 63.04 -18.13 18.52
C MET A 180 62.99 -17.50 19.89
N VAL A 181 62.57 -16.24 19.95
CA VAL A 181 62.29 -15.50 21.16
C VAL A 181 61.46 -16.41 22.05
N ARG A 182 60.21 -16.66 21.67
CA ARG A 182 59.31 -17.37 22.55
C ARG A 182 59.92 -18.64 23.08
N ILE A 183 60.58 -19.38 22.19
CA ILE A 183 60.96 -20.75 22.50
C ILE A 183 62.23 -20.77 23.36
N VAL A 184 62.96 -19.64 23.35
CA VAL A 184 63.99 -19.41 24.36
C VAL A 184 63.38 -18.80 25.62
N GLU A 185 62.22 -18.16 25.51
CA GLU A 185 61.70 -17.40 26.63
C GLU A 185 61.50 -18.33 27.81
N ALA A 186 60.97 -19.52 27.51
CA ALA A 186 60.84 -20.59 28.49
C ALA A 186 62.13 -20.85 29.24
N LEU A 187 63.27 -20.57 28.62
CA LEU A 187 64.55 -20.77 29.27
C LEU A 187 64.73 -19.67 30.31
N ASN A 188 65.34 -20.01 31.42
CA ASN A 188 65.52 -19.04 32.49
C ASN A 188 66.96 -18.99 32.98
N LYS A 203 71.11 -11.89 28.22
CA LYS A 203 69.72 -12.07 27.84
C LYS A 203 69.58 -12.10 26.32
N PHE A 204 68.37 -11.86 25.80
CA PHE A 204 68.04 -12.27 24.43
C PHE A 204 67.37 -11.12 23.70
N VAL A 205 67.65 -10.98 22.40
CA VAL A 205 66.84 -10.14 21.52
C VAL A 205 66.73 -10.86 20.18
N ALA A 206 65.94 -10.32 19.28
CA ALA A 206 65.93 -10.66 17.86
C ALA A 206 65.21 -9.54 17.10
N ASP A 207 65.35 -9.53 15.78
CA ASP A 207 64.57 -8.61 14.96
C ASP A 207 63.90 -9.39 13.85
N GLU A 208 62.61 -9.18 13.65
CA GLU A 208 62.00 -9.79 12.48
C GLU A 208 61.90 -8.83 11.30
N ARG A 209 62.46 -7.63 11.40
CA ARG A 209 62.89 -7.00 10.16
C ARG A 209 63.94 -7.86 9.50
N THR A 210 65.02 -8.11 10.21
CA THR A 210 66.10 -8.98 9.80
C THR A 210 65.82 -10.44 10.05
N ASN A 211 64.98 -10.75 11.03
CA ASN A 211 64.85 -12.11 11.55
C ASN A 211 66.22 -12.62 11.98
N SER A 212 66.71 -12.04 13.09
CA SER A 212 68.05 -12.30 13.60
C SER A 212 68.05 -12.29 15.12
N ILE A 213 68.61 -13.32 15.72
CA ILE A 213 68.85 -13.34 17.16
C ILE A 213 69.94 -12.33 17.49
N LEU A 214 69.65 -11.50 18.46
CA LEU A 214 70.62 -10.62 19.06
C LEU A 214 70.86 -11.20 20.44
N ILE A 215 72.03 -10.98 21.01
CA ILE A 215 72.24 -11.56 22.33
C ILE A 215 72.79 -10.47 23.23
N SER A 216 72.50 -10.57 24.52
CA SER A 216 73.17 -9.76 25.52
C SER A 216 73.71 -10.68 26.61
N GLY A 217 75.02 -10.82 26.65
CA GLY A 217 75.63 -11.69 27.63
C GLY A 217 76.90 -12.34 27.13
N ASP A 218 77.23 -13.43 27.80
CA ASP A 218 78.57 -14.00 27.87
C ASP A 218 79.10 -14.42 26.51
N PRO A 219 80.43 -14.47 26.34
CA PRO A 219 80.99 -15.35 25.30
C PRO A 219 80.82 -16.82 25.62
N LYS A 220 80.45 -17.18 26.85
CA LYS A 220 79.80 -18.47 27.04
C LYS A 220 78.36 -18.44 26.52
N VAL A 221 77.65 -17.34 26.75
CA VAL A 221 76.36 -17.14 26.08
C VAL A 221 76.58 -17.04 24.57
N ARG A 222 77.78 -16.62 24.14
CA ARG A 222 78.07 -16.62 22.71
C ARG A 222 78.34 -18.03 22.19
N GLU A 223 79.03 -18.84 22.98
CA GLU A 223 79.18 -20.23 22.57
C GLU A 223 77.85 -20.96 22.55
N ARG A 224 77.17 -21.04 23.68
CA ARG A 224 75.95 -21.85 23.74
C ARG A 224 74.85 -21.21 22.92
N LEU A 225 74.84 -19.88 22.81
CA LEU A 225 73.75 -19.28 22.05
C LEU A 225 74.11 -19.02 20.60
N LYS A 226 75.34 -19.28 20.18
CA LYS A 226 75.50 -19.64 18.78
C LYS A 226 75.11 -21.08 18.56
N ARG A 227 75.28 -21.92 19.57
CA ARG A 227 74.72 -23.27 19.49
C ARG A 227 73.21 -23.21 19.27
N LEU A 228 72.50 -22.30 19.96
CA LEU A 228 71.04 -22.23 19.78
C LEU A 228 70.67 -21.28 18.66
N ILE A 229 71.60 -20.45 18.22
CA ILE A 229 71.47 -19.84 16.90
C ILE A 229 71.28 -20.93 15.87
N LYS A 230 72.11 -21.97 15.99
CA LYS A 230 72.07 -23.03 15.01
C LYS A 230 70.96 -24.04 15.30
N GLN A 231 70.65 -24.27 16.57
CA GLN A 231 69.77 -25.37 16.92
C GLN A 231 68.40 -25.23 16.30
N LEU A 232 67.69 -24.15 16.55
CA LEU A 232 66.41 -24.00 15.90
C LEU A 232 66.65 -22.95 14.85
N ASP A 233 67.21 -23.38 13.74
CA ASP A 233 67.17 -22.72 12.45
C ASP A 233 66.37 -23.50 11.44
N VAL A 234 66.14 -24.78 11.74
CA VAL A 234 65.59 -25.73 10.79
C VAL A 234 64.16 -25.42 10.34
N GLU A 235 63.88 -25.72 9.09
CA GLU A 235 62.58 -25.46 8.51
C GLU A 235 61.90 -26.77 8.17
N MET A 236 60.66 -26.92 8.64
CA MET A 236 59.93 -28.15 8.44
C MET A 236 59.67 -28.41 6.97
N ALA A 237 59.77 -29.67 6.58
CA ALA A 237 59.48 -30.07 5.20
C ALA A 237 58.00 -29.89 4.93
N ALA A 238 57.65 -29.62 3.66
CA ALA A 238 56.26 -29.38 3.33
C ALA A 238 55.44 -30.62 3.66
N LYS A 239 54.27 -30.40 4.23
CA LYS A 239 53.42 -31.49 4.70
C LYS A 239 52.29 -31.86 3.74
N GLY A 240 52.22 -31.18 2.61
CA GLY A 240 51.11 -31.38 1.69
C GLY A 240 49.83 -31.04 2.42
N ASN A 241 49.92 -30.02 3.26
CA ASN A 241 48.81 -29.54 4.07
C ASN A 241 47.51 -29.50 3.30
N ASN A 242 47.58 -29.09 2.04
CA ASN A 242 46.39 -29.11 1.19
C ASN A 242 46.65 -29.96 -0.04
N ARG A 243 45.59 -30.52 -0.59
CA ARG A 243 45.72 -31.43 -1.72
C ARG A 243 44.55 -31.23 -2.67
N VAL A 244 44.85 -31.19 -3.96
CA VAL A 244 43.83 -31.10 -5.00
C VAL A 244 43.58 -32.51 -5.50
N VAL A 245 42.34 -32.98 -5.38
CA VAL A 245 42.00 -34.34 -5.76
C VAL A 245 41.11 -34.29 -7.00
N TYR A 246 41.44 -35.13 -7.97
CA TYR A 246 40.71 -35.21 -9.24
C TYR A 246 39.65 -36.28 -9.11
N LEU A 247 38.39 -35.87 -9.10
CA LEU A 247 37.31 -36.84 -8.99
C LEU A 247 37.15 -37.59 -10.31
N LYS A 248 37.14 -38.91 -10.22
CA LYS A 248 36.96 -39.72 -11.43
C LYS A 248 35.51 -39.72 -11.87
N TYR A 249 34.58 -39.95 -10.94
CA TYR A 249 33.18 -40.12 -11.28
C TYR A 249 32.30 -39.05 -10.66
N ALA A 250 32.26 -38.96 -9.34
CA ALA A 250 31.33 -38.03 -8.70
C ALA A 250 31.62 -36.60 -9.09
N LYS A 251 30.59 -35.76 -9.02
CA LYS A 251 30.75 -34.34 -9.31
C LYS A 251 31.24 -33.59 -8.08
N ALA A 252 32.11 -32.61 -8.30
CA ALA A 252 32.68 -31.84 -7.22
C ALA A 252 31.61 -31.10 -6.44
N GLU A 253 30.62 -30.56 -7.14
CA GLU A 253 29.58 -29.79 -6.46
C GLU A 253 28.80 -30.65 -5.46
N ASP A 254 28.44 -31.86 -5.86
CA ASP A 254 27.77 -32.78 -4.94
C ASP A 254 28.66 -33.19 -3.77
N LEU A 255 29.93 -33.42 -4.06
CA LEU A 255 30.90 -33.96 -3.12
C LEU A 255 31.28 -32.90 -2.11
N VAL A 256 31.47 -31.66 -2.54
CA VAL A 256 31.84 -30.61 -1.60
C VAL A 256 30.72 -30.44 -0.59
N GLU A 257 29.48 -30.46 -1.06
CA GLU A 257 28.38 -30.29 -0.13
C GLU A 257 28.40 -31.41 0.91
N VAL A 258 28.59 -32.65 0.45
CA VAL A 258 28.59 -33.78 1.36
C VAL A 258 29.73 -33.68 2.37
N LEU A 259 30.89 -33.22 1.90
CA LEU A 259 32.12 -33.28 2.69
C LEU A 259 32.20 -32.14 3.70
N LYS A 260 31.30 -31.17 3.61
CA LYS A 260 31.31 -30.06 4.55
C LYS A 260 31.20 -30.58 5.99
N GLY A 261 30.22 -31.44 6.21
CA GLY A 261 30.02 -32.06 7.52
C GLY A 261 31.15 -32.92 8.04
N VAL A 262 31.75 -33.70 7.15
CA VAL A 262 32.88 -34.53 7.54
C VAL A 262 34.05 -33.66 7.98
N SER A 263 34.23 -32.55 7.28
CA SER A 263 35.29 -31.61 7.63
C SER A 263 35.05 -31.06 9.02
N GLU A 264 33.80 -30.74 9.32
CA GLU A 264 33.44 -30.22 10.63
C GLU A 264 32.92 -31.34 11.54
N VAL A 283 39.97 -26.22 8.07
CA VAL A 283 39.42 -27.05 7.00
C VAL A 283 38.57 -26.23 6.05
N MET A 284 38.88 -26.32 4.76
CA MET A 284 38.05 -25.71 3.73
C MET A 284 38.05 -26.62 2.51
N ILE A 285 36.86 -26.78 1.93
CA ILE A 285 36.64 -27.68 0.80
C ILE A 285 36.08 -26.83 -0.31
N ALA A 286 36.78 -26.76 -1.44
CA ALA A 286 36.32 -25.91 -2.54
C ALA A 286 36.26 -26.73 -3.82
N ALA A 287 35.16 -26.61 -4.54
CA ALA A 287 34.93 -27.40 -5.74
C ALA A 287 35.34 -26.60 -6.95
N HIS A 288 36.31 -27.10 -7.71
CA HIS A 288 36.67 -26.53 -9.00
C HIS A 288 35.90 -27.28 -10.08
N ALA A 289 34.97 -26.57 -10.71
CA ALA A 289 34.00 -27.21 -11.59
C ALA A 289 34.63 -27.66 -12.90
N ASP A 290 35.33 -26.75 -13.57
CA ASP A 290 35.77 -27.02 -14.94
C ASP A 290 36.71 -28.21 -15.00
N THR A 291 37.60 -28.35 -14.04
CA THR A 291 38.43 -29.54 -13.97
C THR A 291 37.72 -30.69 -13.28
N ASN A 292 36.57 -30.44 -12.67
CA ASN A 292 35.87 -31.41 -11.83
C ASN A 292 36.82 -32.00 -10.80
N SER A 293 37.49 -31.11 -10.08
CA SER A 293 38.44 -31.53 -9.06
C SER A 293 38.20 -30.66 -7.85
N LEU A 294 38.28 -31.25 -6.68
CA LEU A 294 38.01 -30.48 -5.47
C LEU A 294 39.27 -30.33 -4.66
N VAL A 295 39.43 -29.13 -4.10
CA VAL A 295 40.61 -28.70 -3.38
C VAL A 295 40.32 -28.84 -1.90
N LEU A 296 41.09 -29.67 -1.23
CA LEU A 296 40.97 -29.91 0.19
C LEU A 296 42.08 -29.16 0.90
N THR A 297 41.74 -28.47 1.98
CA THR A 297 42.77 -27.93 2.86
C THR A 297 42.41 -28.24 4.30
N ALA A 298 43.30 -28.93 4.99
CA ALA A 298 43.05 -29.43 6.32
C ALA A 298 44.36 -29.87 6.96
N PRO A 299 44.36 -30.28 8.23
CA PRO A 299 45.56 -30.93 8.78
C PRO A 299 45.75 -32.32 8.21
N GLN A 300 46.74 -33.07 8.72
CA GLN A 300 47.07 -34.35 8.10
C GLN A 300 46.01 -35.41 8.36
N ASP A 301 45.56 -35.55 9.60
CA ASP A 301 44.60 -36.60 9.93
C ASP A 301 43.26 -36.39 9.24
N ILE A 302 42.71 -35.18 9.31
CA ILE A 302 41.45 -34.90 8.62
C ILE A 302 41.61 -35.10 7.13
N MET A 303 42.77 -34.76 6.58
CA MET A 303 43.01 -35.01 5.17
C MET A 303 42.93 -36.49 4.86
N ASN A 304 43.61 -37.32 5.65
CA ASN A 304 43.56 -38.75 5.41
C ASN A 304 42.17 -39.33 5.64
N ALA A 305 41.33 -38.66 6.44
CA ALA A 305 39.95 -39.12 6.56
C ALA A 305 39.13 -38.77 5.33
N MET A 306 39.16 -37.51 4.92
CA MET A 306 38.36 -37.10 3.77
C MET A 306 38.82 -37.75 2.47
N LEU A 307 40.09 -38.14 2.37
CA LEU A 307 40.48 -38.89 1.19
C LEU A 307 39.92 -40.31 1.20
N GLU A 308 39.67 -40.88 2.39
CA GLU A 308 39.03 -42.18 2.45
C GLU A 308 37.53 -42.09 2.27
N VAL A 309 36.91 -40.95 2.60
CA VAL A 309 35.52 -40.76 2.23
C VAL A 309 35.38 -40.55 0.73
N ILE A 310 36.15 -39.62 0.16
CA ILE A 310 36.11 -39.38 -1.27
C ILE A 310 36.42 -40.65 -2.04
N GLY A 311 37.37 -41.44 -1.56
CA GLY A 311 37.67 -42.69 -2.23
C GLY A 311 36.48 -43.60 -2.35
N GLN A 312 35.59 -43.60 -1.35
CA GLN A 312 34.44 -44.48 -1.36
C GLN A 312 33.18 -43.85 -1.93
N LEU A 313 33.15 -42.53 -2.13
CA LEU A 313 32.03 -41.89 -2.81
C LEU A 313 32.29 -41.68 -4.29
N ASP A 314 33.47 -42.04 -4.77
CA ASP A 314 33.88 -41.83 -6.15
C ASP A 314 33.61 -43.07 -7.01
N ILE A 315 32.91 -44.07 -6.47
CA ILE A 315 32.80 -45.34 -7.18
C ILE A 315 32.00 -45.19 -8.47
N ARG A 316 32.18 -46.17 -9.35
CA ARG A 316 31.45 -46.22 -10.61
C ARG A 316 29.99 -46.56 -10.37
N ARG A 317 29.11 -46.02 -11.21
CA ARG A 317 27.68 -46.25 -11.11
C ARG A 317 27.25 -47.23 -12.19
N ALA A 318 26.63 -48.33 -11.79
CA ALA A 318 26.05 -49.23 -12.78
C ALA A 318 24.89 -48.54 -13.47
N GLN A 319 24.51 -49.04 -14.64
CA GLN A 319 23.47 -48.38 -15.40
C GLN A 319 22.46 -49.39 -15.93
N VAL A 320 21.19 -49.08 -15.73
CA VAL A 320 20.09 -50.00 -15.99
C VAL A 320 19.51 -49.70 -17.37
N LEU A 321 19.11 -50.74 -18.07
CA LEU A 321 18.35 -50.62 -19.30
C LEU A 321 16.91 -51.01 -19.00
N ILE A 322 16.03 -50.01 -18.99
CA ILE A 322 14.63 -50.21 -18.66
C ILE A 322 13.86 -50.43 -19.94
N GLU A 323 13.33 -51.62 -20.14
CA GLU A 323 12.55 -51.93 -21.33
C GLU A 323 11.12 -52.23 -20.92
N ALA A 324 10.22 -51.28 -21.16
CA ALA A 324 8.81 -51.51 -20.92
C ALA A 324 8.22 -52.31 -22.06
N LEU A 325 7.09 -52.96 -21.78
CA LEU A 325 6.32 -53.64 -22.82
C LEU A 325 4.85 -53.35 -22.58
N ILE A 326 4.19 -52.79 -23.59
CA ILE A 326 2.80 -52.39 -23.48
C ILE A 326 2.01 -53.20 -24.48
N VAL A 327 0.99 -53.91 -24.01
CA VAL A 327 0.17 -54.74 -24.87
C VAL A 327 -1.26 -54.29 -24.73
N GLU A 328 -1.87 -53.86 -25.83
CA GLU A 328 -3.26 -53.42 -25.83
C GLU A 328 -3.99 -54.20 -26.91
N MET A 329 -4.89 -55.08 -26.52
CA MET A 329 -5.63 -55.91 -27.46
C MET A 329 -7.11 -55.58 -27.31
N ALA A 330 -7.69 -54.99 -28.33
CA ALA A 330 -9.10 -54.69 -28.30
C ALA A 330 -9.81 -55.61 -29.27
N GLU A 331 -11.08 -55.86 -29.00
CA GLU A 331 -11.89 -56.63 -29.92
C GLU A 331 -13.31 -56.15 -29.77
N GLY A 332 -14.06 -56.17 -30.85
CA GLY A 332 -15.43 -55.70 -30.79
C GLY A 332 -16.28 -56.44 -31.79
N ASP A 333 -17.57 -56.45 -31.51
CA ASP A 333 -18.51 -57.11 -32.39
C ASP A 333 -19.88 -56.51 -32.13
N GLY A 334 -20.75 -56.63 -33.11
CA GLY A 334 -22.13 -56.26 -32.89
C GLY A 334 -22.96 -56.71 -34.05
N ILE A 335 -24.23 -57.00 -33.80
CA ILE A 335 -25.16 -57.37 -34.86
C ILE A 335 -26.44 -56.60 -34.61
N ASN A 336 -26.82 -55.78 -35.57
CA ASN A 336 -27.97 -54.92 -35.45
C ASN A 336 -28.90 -55.28 -36.60
N LEU A 337 -30.03 -55.91 -36.31
CA LEU A 337 -30.95 -56.25 -37.38
C LEU A 337 -32.38 -56.09 -36.90
N GLY A 338 -33.22 -55.57 -37.78
CA GLY A 338 -34.62 -55.39 -37.47
C GLY A 338 -35.37 -54.92 -38.69
N VAL A 339 -36.67 -55.14 -38.66
CA VAL A 339 -37.57 -54.80 -39.76
C VAL A 339 -38.49 -53.69 -39.30
N GLN A 340 -38.64 -52.68 -40.14
CA GLN A 340 -39.53 -51.57 -39.86
C GLN A 340 -40.61 -51.55 -40.93
N TRP A 341 -41.73 -50.89 -40.63
CA TRP A 341 -42.85 -50.87 -41.54
C TRP A 341 -43.36 -49.44 -41.66
N GLY A 342 -44.03 -49.16 -42.77
CA GLY A 342 -44.67 -47.87 -42.89
C GLY A 342 -45.67 -47.77 -44.01
N SER A 343 -46.66 -46.91 -43.81
CA SER A 343 -47.61 -46.53 -44.85
C SER A 343 -47.81 -45.04 -44.73
N LEU A 344 -47.43 -44.31 -45.79
CA LEU A 344 -47.43 -42.87 -45.71
C LEU A 344 -48.74 -42.26 -46.20
N GLU A 345 -49.63 -43.06 -46.79
CA GLU A 345 -50.93 -42.55 -47.22
C GLU A 345 -51.77 -42.13 -46.02
N SER A 346 -51.96 -43.04 -45.07
CA SER A 346 -52.42 -42.70 -43.73
C SER A 346 -51.25 -43.04 -42.81
N GLY A 347 -50.56 -42.02 -42.31
CA GLY A 347 -49.24 -42.30 -41.79
C GLY A 347 -49.30 -43.24 -40.62
N SER A 348 -48.77 -44.44 -40.82
CA SER A 348 -48.73 -45.46 -39.79
C SER A 348 -47.40 -46.19 -39.92
N VAL A 349 -46.60 -46.17 -38.87
CA VAL A 349 -45.26 -46.71 -38.95
C VAL A 349 -45.05 -47.68 -37.82
N ILE A 350 -44.25 -48.70 -38.08
CA ILE A 350 -43.58 -49.46 -37.04
C ILE A 350 -42.12 -49.07 -37.14
N GLN A 351 -41.66 -48.27 -36.18
CA GLN A 351 -40.44 -47.50 -36.30
C GLN A 351 -39.55 -47.75 -35.09
N TYR A 352 -38.24 -47.73 -35.32
CA TYR A 352 -37.30 -48.11 -34.29
C TYR A 352 -36.10 -47.17 -34.30
N GLY A 353 -35.54 -46.93 -33.12
CA GLY A 353 -34.38 -46.08 -32.98
C GLY A 353 -33.08 -46.84 -32.93
N ASN A 354 -33.16 -48.14 -32.63
CA ASN A 354 -31.96 -48.98 -32.66
C ASN A 354 -31.30 -48.95 -34.03
N THR A 355 -32.11 -48.89 -35.08
CA THR A 355 -31.63 -49.01 -36.44
C THR A 355 -30.90 -47.74 -36.88
N GLY A 356 -30.13 -47.89 -37.94
CA GLY A 356 -29.41 -46.76 -38.51
C GLY A 356 -30.31 -45.60 -38.90
N ALA A 357 -31.33 -45.86 -39.72
CA ALA A 357 -32.27 -44.84 -40.11
C ALA A 357 -33.68 -45.37 -39.99
N SER A 358 -34.60 -44.47 -39.66
CA SER A 358 -35.98 -44.82 -39.37
C SER A 358 -36.85 -44.66 -40.61
N ILE A 359 -37.84 -45.55 -40.72
CA ILE A 359 -38.69 -45.62 -41.90
C ILE A 359 -39.34 -44.27 -42.23
N GLY A 360 -39.56 -43.42 -41.24
CA GLY A 360 -40.19 -42.15 -41.50
C GLY A 360 -39.38 -41.27 -42.41
N ASN A 361 -38.13 -40.98 -42.00
CA ASN A 361 -37.27 -40.14 -42.82
C ASN A 361 -36.99 -40.77 -44.18
N VAL A 362 -36.98 -42.10 -44.27
CA VAL A 362 -36.71 -42.74 -45.55
C VAL A 362 -37.87 -42.56 -46.49
N MET A 363 -39.10 -42.83 -46.04
CA MET A 363 -40.24 -42.64 -46.93
C MET A 363 -40.44 -41.17 -47.28
N ILE A 364 -40.31 -40.27 -46.31
CA ILE A 364 -40.41 -38.84 -46.61
C ILE A 364 -39.36 -38.45 -47.64
N GLY A 365 -38.14 -38.92 -47.46
CA GLY A 365 -37.10 -38.61 -48.43
C GLY A 365 -37.41 -39.12 -49.81
N LEU A 366 -37.93 -40.35 -49.91
CA LEU A 366 -38.28 -40.89 -51.21
C LEU A 366 -39.40 -40.11 -51.87
N GLU A 367 -40.34 -39.59 -51.09
CA GLU A 367 -41.40 -38.79 -51.70
C GLU A 367 -40.86 -37.44 -52.16
N GLU A 368 -39.99 -36.82 -51.36
CA GLU A 368 -39.39 -35.57 -51.79
C GLU A 368 -38.53 -35.76 -53.03
N ALA A 369 -37.95 -36.95 -53.22
CA ALA A 369 -37.12 -37.20 -54.38
C ALA A 369 -37.92 -37.38 -55.66
N LYS A 370 -39.21 -37.72 -55.56
CA LYS A 370 -40.00 -37.93 -56.75
C LYS A 370 -40.17 -36.63 -57.53
N ASP A 371 -40.44 -36.76 -58.82
CA ASP A 371 -40.65 -35.59 -59.67
C ASP A 371 -42.06 -35.07 -59.49
N THR A 372 -42.18 -33.82 -59.04
CA THR A 372 -43.47 -33.21 -58.79
C THR A 372 -43.91 -32.38 -59.99
N THR A 373 -45.22 -32.37 -60.24
CA THR A 373 -45.80 -31.59 -61.31
C THR A 373 -46.85 -30.65 -60.73
N GLN A 374 -46.86 -29.41 -61.23
CA GLN A 374 -47.75 -28.37 -60.73
C GLN A 374 -48.56 -27.84 -61.90
N THR A 375 -49.87 -28.03 -61.84
CA THR A 375 -50.75 -27.75 -62.96
C THR A 375 -51.65 -26.55 -62.66
N LYS A 376 -51.75 -25.64 -63.62
CA LYS A 376 -52.71 -24.53 -63.57
C LYS A 376 -53.55 -24.61 -64.84
N ALA A 377 -54.83 -24.90 -64.69
CA ALA A 377 -55.74 -25.05 -65.83
C ALA A 377 -56.45 -23.73 -66.12
N VAL A 378 -57.28 -23.75 -67.17
CA VAL A 378 -58.11 -22.60 -67.52
C VAL A 378 -59.51 -23.06 -67.91
N ASN A 388 -53.70 -23.68 -70.61
CA ASN A 388 -53.70 -24.89 -69.79
C ASN A 388 -52.27 -25.26 -69.39
N GLU A 389 -51.69 -24.45 -68.52
CA GLU A 389 -50.29 -24.61 -68.13
C GLU A 389 -50.12 -25.84 -67.24
N THR A 390 -49.08 -26.64 -67.52
CA THR A 390 -48.67 -27.73 -66.65
C THR A 390 -47.15 -27.71 -66.57
N THR A 391 -46.61 -27.52 -65.38
CA THR A 391 -45.16 -27.52 -65.21
C THR A 391 -44.72 -28.81 -64.52
N THR A 392 -43.51 -29.25 -64.85
CA THR A 392 -42.89 -30.38 -64.20
C THR A 392 -41.55 -29.96 -63.61
N THR A 393 -41.21 -30.56 -62.48
CA THR A 393 -40.01 -30.19 -61.73
C THR A 393 -39.50 -31.42 -61.01
N LYS A 394 -38.18 -31.54 -60.92
CA LYS A 394 -37.56 -32.66 -60.22
C LYS A 394 -37.29 -32.28 -58.77
N GLY A 395 -37.56 -33.21 -57.86
CA GLY A 395 -37.40 -32.93 -56.46
C GLY A 395 -35.98 -33.17 -55.96
N ASP A 396 -35.67 -32.54 -54.84
CA ASP A 396 -34.34 -32.63 -54.26
C ASP A 396 -34.17 -33.95 -53.52
N TYR A 397 -32.92 -34.41 -53.44
CA TYR A 397 -32.57 -35.60 -52.70
C TYR A 397 -32.05 -35.29 -51.30
N THR A 398 -32.00 -34.02 -50.91
CA THR A 398 -31.30 -33.64 -49.69
C THR A 398 -31.91 -34.28 -48.45
N LYS A 399 -33.22 -34.52 -48.41
CA LYS A 399 -33.79 -35.23 -47.28
C LYS A 399 -33.45 -36.70 -47.33
N LEU A 400 -33.56 -37.33 -48.51
CA LEU A 400 -33.16 -38.72 -48.64
C LEU A 400 -31.67 -38.88 -48.39
N ALA A 401 -30.86 -37.96 -48.90
CA ALA A 401 -29.43 -38.01 -48.62
C ALA A 401 -29.16 -37.87 -47.14
N SER A 402 -29.94 -37.03 -46.45
CA SER A 402 -29.77 -36.90 -45.01
C SER A 402 -30.19 -38.16 -44.28
N ALA A 403 -31.14 -38.90 -44.83
CA ALA A 403 -31.59 -40.13 -44.17
C ALA A 403 -30.63 -41.28 -44.39
N LEU A 404 -30.04 -41.38 -45.58
CA LEU A 404 -29.16 -42.50 -45.89
C LEU A 404 -27.75 -42.32 -45.35
N SER A 405 -27.34 -41.08 -45.03
CA SER A 405 -25.96 -40.84 -44.65
C SER A 405 -25.55 -41.63 -43.42
N SER A 406 -26.50 -41.94 -42.55
CA SER A 406 -26.20 -42.62 -41.29
C SER A 406 -26.28 -44.14 -41.39
N ILE A 407 -26.69 -44.68 -42.53
CA ILE A 407 -26.80 -46.13 -42.67
C ILE A 407 -25.42 -46.75 -42.70
N GLN A 408 -25.16 -47.64 -41.75
CA GLN A 408 -24.04 -48.57 -41.81
C GLN A 408 -24.70 -49.94 -41.87
N GLY A 409 -24.74 -50.56 -43.03
CA GLY A 409 -25.32 -51.87 -43.07
C GLY A 409 -26.14 -52.07 -44.31
N ALA A 410 -27.01 -53.08 -44.26
CA ALA A 410 -27.99 -53.31 -45.30
C ALA A 410 -29.33 -52.72 -44.91
N ALA A 411 -29.75 -51.68 -45.63
CA ALA A 411 -31.09 -51.11 -45.51
C ALA A 411 -31.80 -51.33 -46.83
N VAL A 412 -32.81 -52.21 -46.82
CA VAL A 412 -33.47 -52.66 -48.04
C VAL A 412 -34.96 -52.44 -47.90
N SER A 413 -35.53 -51.64 -48.80
CA SER A 413 -36.94 -51.30 -48.77
C SER A 413 -37.70 -52.24 -49.70
N ILE A 414 -38.55 -53.08 -49.13
CA ILE A 414 -39.42 -53.96 -49.90
C ILE A 414 -40.81 -53.34 -49.88
N ALA A 415 -41.26 -52.83 -51.01
CA ALA A 415 -42.56 -52.18 -51.11
C ALA A 415 -43.60 -53.21 -51.52
N MET A 416 -44.59 -53.44 -50.65
CA MET A 416 -45.68 -54.36 -50.92
C MET A 416 -47.00 -53.70 -50.55
N GLY A 417 -47.86 -53.50 -51.54
CA GLY A 417 -49.17 -52.93 -51.33
C GLY A 417 -49.16 -51.65 -50.52
N ASP A 418 -48.32 -50.70 -50.93
CA ASP A 418 -48.11 -49.36 -50.34
C ASP A 418 -47.55 -49.42 -48.93
N TRP A 419 -47.41 -50.63 -48.39
CA TRP A 419 -46.70 -50.85 -47.14
C TRP A 419 -45.25 -51.17 -47.47
N THR A 420 -44.34 -50.27 -47.13
CA THR A 420 -42.93 -50.43 -47.43
C THR A 420 -42.21 -50.90 -46.18
N ALA A 421 -41.77 -52.16 -46.19
CA ALA A 421 -41.03 -52.71 -45.08
C ALA A 421 -39.54 -52.50 -45.31
N LEU A 422 -38.91 -51.79 -44.40
CA LEU A 422 -37.48 -51.48 -44.48
C LEU A 422 -36.74 -52.44 -43.57
N ILE A 423 -36.03 -53.39 -44.14
CA ILE A 423 -35.20 -54.31 -43.40
C ILE A 423 -33.84 -53.69 -43.24
N ASN A 424 -33.22 -53.85 -42.07
CA ASN A 424 -31.85 -53.40 -41.93
C ASN A 424 -31.09 -54.37 -41.06
N ALA A 425 -29.89 -54.73 -41.49
CA ALA A 425 -29.11 -55.70 -40.76
C ALA A 425 -27.63 -55.42 -41.02
N VAL A 426 -26.81 -55.58 -39.99
CA VAL A 426 -25.38 -55.38 -40.14
C VAL A 426 -24.68 -56.16 -39.04
N SER A 427 -23.45 -56.59 -39.31
CA SER A 427 -22.57 -57.17 -38.30
C SER A 427 -21.24 -56.45 -38.38
N ASN A 428 -20.92 -55.68 -37.36
CA ASN A 428 -19.67 -54.93 -37.29
C ASN A 428 -18.70 -55.72 -36.44
N ASP A 429 -17.64 -56.23 -37.05
CA ASP A 429 -16.62 -56.99 -36.36
C ASP A 429 -15.32 -56.21 -36.40
N SER A 430 -14.84 -55.79 -35.24
CA SER A 430 -13.64 -54.99 -35.15
C SER A 430 -12.61 -55.71 -34.31
N SER A 431 -11.36 -55.31 -34.50
CA SER A 431 -10.26 -55.87 -33.74
C SER A 431 -9.13 -54.85 -33.71
N SER A 432 -8.28 -54.97 -32.69
CA SER A 432 -7.11 -54.14 -32.57
C SER A 432 -6.05 -54.89 -31.80
N ASN A 433 -4.81 -54.74 -32.23
CA ASN A 433 -3.70 -55.39 -31.55
C ASN A 433 -2.53 -54.43 -31.57
N ILE A 434 -1.96 -54.13 -30.41
CA ILE A 434 -0.94 -53.09 -30.29
C ILE A 434 0.14 -53.54 -29.34
N LEU A 435 1.39 -53.52 -29.78
CA LEU A 435 2.52 -53.68 -28.90
C LEU A 435 3.41 -52.49 -29.13
N SER A 436 3.74 -51.75 -28.10
CA SER A 436 4.80 -50.75 -28.19
C SER A 436 5.61 -50.96 -26.94
N SER A 437 6.92 -51.07 -27.01
CA SER A 437 7.72 -51.13 -25.78
C SER A 437 8.79 -50.07 -25.86
N PRO A 438 8.84 -49.12 -24.94
CA PRO A 438 9.91 -48.12 -24.96
C PRO A 438 10.92 -48.51 -23.90
N SER A 439 12.20 -48.52 -24.25
CA SER A 439 13.30 -48.75 -23.32
C SER A 439 14.18 -47.50 -23.19
N ILE A 440 14.40 -47.09 -21.95
CA ILE A 440 15.28 -45.97 -21.63
C ILE A 440 16.44 -46.53 -20.81
N THR A 441 17.66 -46.16 -21.19
CA THR A 441 18.88 -46.58 -20.49
C THR A 441 19.37 -45.41 -19.63
N VAL A 442 19.59 -45.72 -18.35
CA VAL A 442 19.70 -44.76 -17.26
C VAL A 442 20.92 -45.09 -16.44
N MET A 443 21.55 -44.07 -15.88
CA MET A 443 22.52 -44.30 -14.83
C MET A 443 21.77 -44.64 -13.56
N ASP A 444 22.34 -45.50 -12.74
CA ASP A 444 21.72 -45.83 -11.46
C ASP A 444 21.45 -44.56 -10.65
N ASN A 445 20.31 -44.54 -9.96
CA ASN A 445 19.89 -43.42 -9.12
C ASN A 445 19.60 -42.17 -9.94
N GLY A 446 19.88 -42.20 -11.22
CA GLY A 446 19.51 -41.10 -12.08
C GLY A 446 18.15 -41.31 -12.71
N GLU A 447 17.50 -40.22 -13.07
CA GLU A 447 16.17 -40.26 -13.63
C GLU A 447 16.22 -40.03 -15.13
N ALA A 448 15.30 -40.65 -15.85
CA ALA A 448 15.22 -40.44 -17.28
C ALA A 448 13.78 -40.27 -17.72
N SER A 449 13.58 -39.35 -18.64
CA SER A 449 12.32 -39.19 -19.32
C SER A 449 12.46 -39.72 -20.73
N PHE A 450 11.38 -40.27 -21.25
CA PHE A 450 11.32 -40.75 -22.62
C PHE A 450 9.95 -40.41 -23.16
N ILE A 451 9.92 -39.70 -24.27
CA ILE A 451 8.65 -39.34 -24.88
C ILE A 451 8.66 -39.63 -26.37
N VAL A 452 7.66 -40.38 -26.83
CA VAL A 452 7.37 -40.47 -28.24
C VAL A 452 5.94 -39.99 -28.37
N ALA A 453 5.77 -38.88 -29.09
CA ALA A 453 4.44 -38.31 -29.25
C ALA A 453 4.32 -37.42 -30.47
N GLU A 454 3.08 -37.23 -30.92
CA GLU A 454 2.75 -36.26 -31.94
C GLU A 454 1.65 -35.39 -31.37
N GLU A 455 1.78 -34.08 -31.48
CA GLU A 455 0.79 -33.19 -30.89
C GLU A 455 -0.20 -32.67 -31.93
N VAL A 456 -1.45 -33.09 -31.79
CA VAL A 456 -2.54 -32.59 -32.60
C VAL A 456 -3.02 -31.26 -32.05
N PRO A 457 -3.72 -30.47 -32.87
CA PRO A 457 -4.22 -29.18 -32.39
C PRO A 457 -5.43 -29.37 -31.49
N VAL A 458 -5.54 -28.55 -30.45
CA VAL A 458 -6.67 -28.63 -29.53
C VAL A 458 -7.37 -27.29 -29.38
N ILE A 459 -8.70 -27.30 -29.42
CA ILE A 459 -9.49 -26.08 -29.26
C ILE A 459 -10.28 -26.13 -27.96
N THR A 460 -9.92 -25.26 -27.02
CA THR A 460 -10.61 -25.18 -25.75
C THR A 460 -11.56 -23.99 -25.73
N GLY A 461 -11.85 -23.44 -26.90
CA GLY A 461 -12.74 -22.31 -27.03
C GLY A 461 -13.76 -22.48 -28.13
N PHE A 472 -13.98 -19.16 -35.72
CA PHE A 472 -12.75 -18.78 -35.04
C PHE A 472 -12.64 -19.45 -33.68
N GLN A 473 -12.01 -20.61 -33.65
CA GLN A 473 -11.84 -21.36 -32.40
C GLN A 473 -10.36 -21.53 -32.05
N THR A 474 -10.02 -21.23 -30.81
CA THR A 474 -8.64 -21.34 -30.34
C THR A 474 -8.17 -22.79 -30.29
N VAL A 475 -6.89 -23.00 -30.59
CA VAL A 475 -6.29 -24.33 -30.56
C VAL A 475 -5.11 -24.42 -29.62
N ASP A 476 -5.09 -25.45 -28.79
CA ASP A 476 -4.00 -25.67 -27.85
C ASP A 476 -3.32 -27.02 -28.13
N ARG A 477 -2.00 -27.00 -28.19
CA ARG A 477 -1.22 -28.20 -28.50
C ARG A 477 -0.98 -28.98 -27.20
N LYS A 478 -1.31 -30.26 -27.25
CA LYS A 478 -1.02 -31.23 -26.21
C LYS A 478 -0.46 -32.46 -26.92
N GLU A 479 0.31 -33.27 -26.21
CA GLU A 479 1.00 -34.38 -26.84
C GLU A 479 0.46 -35.75 -26.47
N VAL A 480 0.20 -36.56 -27.49
CA VAL A 480 -0.24 -37.93 -27.29
C VAL A 480 0.81 -38.87 -27.84
N GLY A 481 1.19 -39.88 -27.06
CA GLY A 481 2.30 -40.74 -27.40
C GLY A 481 2.67 -41.59 -26.19
N ILE A 482 3.79 -42.27 -26.27
CA ILE A 482 4.25 -43.08 -25.15
C ILE A 482 5.34 -42.34 -24.39
N LYS A 483 5.12 -42.13 -23.10
CA LYS A 483 6.13 -41.51 -22.26
C LYS A 483 6.41 -42.38 -21.04
N LEU A 484 7.68 -42.51 -20.73
CA LEU A 484 8.18 -43.36 -19.66
C LEU A 484 9.17 -42.56 -18.86
N LYS A 485 8.87 -42.29 -17.60
CA LYS A 485 9.78 -41.56 -16.72
C LYS A 485 10.15 -42.46 -15.56
N VAL A 486 11.41 -42.85 -15.49
CA VAL A 486 11.81 -43.90 -14.56
C VAL A 486 13.00 -43.41 -13.74
N VAL A 487 13.05 -43.83 -12.48
CA VAL A 487 14.12 -43.45 -11.57
C VAL A 487 14.63 -44.69 -10.85
N PRO A 488 15.51 -45.49 -11.45
CA PRO A 488 15.92 -46.73 -10.81
C PRO A 488 16.95 -46.49 -9.74
N GLN A 489 16.98 -47.39 -8.76
CA GLN A 489 18.14 -47.55 -7.91
C GLN A 489 18.38 -49.03 -7.73
N ILE A 490 19.64 -49.42 -7.66
CA ILE A 490 20.02 -50.81 -7.76
C ILE A 490 20.38 -51.31 -6.36
N ASN A 491 19.65 -52.31 -5.89
CA ASN A 491 20.15 -53.17 -4.84
C ASN A 491 21.55 -53.62 -5.23
N GLU A 492 22.46 -53.64 -4.27
CA GLU A 492 23.89 -53.75 -4.61
C GLU A 492 24.21 -54.96 -5.46
N GLY A 493 23.27 -55.88 -5.64
CA GLY A 493 23.34 -56.83 -6.74
C GLY A 493 21.94 -57.22 -7.13
N ASN A 494 21.79 -57.64 -8.39
CA ASN A 494 20.50 -58.07 -8.92
C ASN A 494 19.42 -57.01 -8.78
N SER A 495 18.41 -57.26 -7.94
CA SER A 495 17.13 -56.58 -8.04
C SER A 495 17.27 -55.06 -8.16
N VAL A 496 16.45 -54.49 -9.02
CA VAL A 496 16.39 -53.05 -9.29
C VAL A 496 15.06 -52.54 -8.77
N GLN A 497 15.10 -51.43 -8.04
CA GLN A 497 13.89 -50.75 -7.62
C GLN A 497 13.58 -49.62 -8.59
N LEU A 498 12.31 -49.51 -8.97
CA LEU A 498 11.88 -48.58 -10.00
C LEU A 498 10.75 -47.72 -9.47
N ASN A 499 10.97 -46.41 -9.48
CA ASN A 499 9.89 -45.44 -9.38
C ASN A 499 9.54 -45.07 -10.80
N ILE A 500 8.36 -45.47 -11.26
CA ILE A 500 8.03 -45.42 -12.67
C ILE A 500 6.74 -44.66 -12.87
N GLU A 501 6.71 -43.80 -13.88
CA GLU A 501 5.51 -43.09 -14.29
C GLU A 501 5.36 -43.33 -15.78
N GLN A 502 4.34 -44.07 -16.18
CA GLN A 502 4.22 -44.52 -17.55
C GLN A 502 2.88 -44.13 -18.12
N GLU A 503 2.89 -43.46 -19.26
CA GLU A 503 1.67 -42.95 -19.86
C GLU A 503 1.65 -43.28 -21.34
N VAL A 504 0.48 -43.63 -21.87
CA VAL A 504 0.36 -43.94 -23.28
C VAL A 504 -0.63 -43.00 -23.93
N SER A 505 -0.25 -42.40 -25.05
CA SER A 505 -1.14 -41.47 -25.73
C SER A 505 -1.70 -42.10 -26.99
N ASN A 506 -3.02 -42.22 -27.02
CA ASN A 506 -3.72 -42.73 -28.20
C ASN A 506 -4.81 -41.77 -28.61
N VAL A 507 -4.88 -41.46 -29.90
CA VAL A 507 -5.87 -40.49 -30.36
C VAL A 507 -6.60 -40.92 -31.63
N LEU A 508 -7.92 -40.77 -31.62
CA LEU A 508 -8.74 -41.15 -32.76
C LEU A 508 -8.84 -40.01 -33.77
N ASP A 515 -12.49 -31.14 -31.66
CA ASP A 515 -13.44 -32.21 -31.40
C ASP A 515 -12.82 -33.58 -31.64
N VAL A 516 -11.64 -33.79 -31.09
CA VAL A 516 -10.94 -35.07 -31.24
C VAL A 516 -10.79 -35.77 -29.90
N ARG A 517 -11.14 -37.04 -29.86
CA ARG A 517 -11.06 -37.81 -28.62
C ARG A 517 -9.90 -38.81 -28.66
N PHE A 518 -9.05 -38.75 -27.65
CA PHE A 518 -7.90 -39.64 -27.56
C PHE A 518 -7.85 -40.30 -26.19
N ALA A 519 -7.40 -41.54 -26.14
CA ALA A 519 -7.36 -42.29 -24.89
C ALA A 519 -5.96 -42.31 -24.31
N LYS A 520 -5.87 -41.99 -23.02
CA LYS A 520 -4.60 -42.00 -22.32
C LYS A 520 -4.72 -42.86 -21.06
N ARG A 521 -3.93 -43.92 -20.99
CA ARG A 521 -3.98 -44.83 -19.86
C ARG A 521 -2.62 -44.92 -19.20
N GLN A 522 -2.44 -44.19 -18.10
CA GLN A 522 -1.15 -44.15 -17.43
C GLN A 522 -1.25 -44.91 -16.12
N LEU A 523 -0.12 -45.43 -15.69
CA LEU A 523 0.04 -45.96 -14.36
C LEU A 523 1.41 -45.53 -13.87
N ASN A 524 1.45 -45.00 -12.65
CA ASN A 524 2.70 -44.58 -12.04
C ASN A 524 2.78 -45.21 -10.66
N THR A 525 3.75 -46.10 -10.48
CA THR A 525 3.84 -46.95 -9.32
C THR A 525 5.30 -47.10 -8.95
N SER A 526 5.56 -47.95 -7.97
CA SER A 526 6.92 -48.25 -7.54
C SER A 526 7.03 -49.76 -7.40
N VAL A 527 7.92 -50.38 -8.16
CA VAL A 527 8.03 -51.82 -8.15
C VAL A 527 9.48 -52.20 -7.90
N MET A 528 9.68 -53.47 -7.56
CA MET A 528 11.03 -54.00 -7.37
C MET A 528 11.14 -55.25 -8.22
N VAL A 529 12.00 -55.20 -9.23
CA VAL A 529 12.08 -56.23 -10.25
C VAL A 529 13.43 -56.90 -10.14
N GLN A 530 13.49 -58.20 -10.37
CA GLN A 530 14.78 -58.86 -10.43
C GLN A 530 15.56 -58.37 -11.64
N ASP A 531 16.86 -58.63 -11.63
CA ASP A 531 17.78 -58.13 -12.64
C ASP A 531 17.27 -58.29 -14.06
N GLY A 532 17.25 -59.51 -14.56
CA GLY A 532 16.87 -59.76 -15.94
C GLY A 532 15.50 -60.33 -16.16
N GLN A 533 14.59 -60.24 -15.20
CA GLN A 533 13.29 -60.87 -15.30
C GLN A 533 12.21 -59.83 -15.48
N MET A 534 11.16 -60.22 -16.19
CA MET A 534 10.04 -59.34 -16.49
C MET A 534 9.05 -59.33 -15.34
N LEU A 535 8.44 -58.18 -15.10
CA LEU A 535 7.43 -58.04 -14.07
C LEU A 535 6.28 -57.20 -14.59
N VAL A 536 5.06 -57.55 -14.20
CA VAL A 536 3.86 -56.92 -14.74
C VAL A 536 3.47 -55.77 -13.81
N LEU A 537 3.61 -54.54 -14.31
CA LEU A 537 3.14 -53.39 -13.55
C LEU A 537 1.63 -53.36 -13.49
N GLY A 538 0.98 -53.41 -14.64
CA GLY A 538 -0.42 -53.06 -14.61
C GLY A 538 -1.21 -53.77 -15.68
N GLY A 539 -2.50 -53.51 -15.68
CA GLY A 539 -3.36 -54.14 -16.65
C GLY A 539 -4.80 -53.73 -16.45
N LEU A 540 -5.60 -54.06 -17.44
CA LEU A 540 -7.04 -53.90 -17.39
C LEU A 540 -7.62 -55.00 -18.24
N ILE A 541 -8.69 -55.62 -17.79
CA ILE A 541 -9.42 -56.58 -18.60
C ILE A 541 -10.88 -56.19 -18.56
N ASP A 542 -11.40 -55.74 -19.69
CA ASP A 542 -12.72 -55.16 -19.72
C ASP A 542 -13.57 -55.95 -20.70
N GLU A 543 -14.81 -56.22 -20.32
CA GLU A 543 -15.72 -56.97 -21.16
C GLU A 543 -17.09 -56.34 -21.06
N ARG A 544 -17.79 -56.27 -22.18
CA ARG A 544 -19.10 -55.64 -22.22
C ARG A 544 -20.01 -56.42 -23.15
N ALA A 545 -21.27 -56.57 -22.74
CA ALA A 545 -22.31 -57.05 -23.64
C ALA A 545 -23.52 -56.16 -23.46
N LEU A 546 -23.88 -55.43 -24.50
CA LEU A 546 -25.04 -54.57 -24.48
C LEU A 546 -26.05 -55.11 -25.48
N GLU A 547 -27.15 -55.65 -24.98
CA GLU A 547 -28.24 -56.10 -25.82
C GLU A 547 -29.38 -55.12 -25.70
N SER A 548 -30.11 -54.93 -26.80
CA SER A 548 -31.26 -54.04 -26.84
C SER A 548 -32.25 -54.62 -27.81
N GLU A 549 -33.53 -54.33 -27.61
CA GLU A 549 -34.59 -54.89 -28.43
C GLU A 549 -35.79 -53.96 -28.41
N SER A 550 -36.62 -54.07 -29.43
CA SER A 550 -37.90 -53.39 -29.46
C SER A 550 -38.86 -54.26 -30.25
N LYS A 551 -40.12 -54.26 -29.85
CA LYS A 551 -41.12 -55.04 -30.56
C LYS A 551 -42.49 -54.47 -30.23
N VAL A 552 -43.50 -55.06 -30.83
CA VAL A 552 -44.85 -54.49 -30.82
C VAL A 552 -45.60 -54.41 -29.49
N PRO A 553 -45.44 -55.35 -28.54
CA PRO A 553 -44.82 -56.64 -28.24
C PRO A 553 -45.44 -57.90 -28.82
N LEU A 554 -46.77 -57.97 -28.85
CA LEU A 554 -47.43 -59.28 -28.95
C LEU A 554 -47.04 -60.01 -30.23
N LEU A 555 -47.00 -59.30 -31.35
CA LEU A 555 -46.66 -59.93 -32.61
C LEU A 555 -45.20 -60.36 -32.64
N GLY A 556 -44.33 -59.62 -31.97
CA GLY A 556 -42.92 -59.96 -31.98
C GLY A 556 -42.62 -61.20 -31.14
N ASP A 557 -43.63 -61.72 -30.45
CA ASP A 557 -43.42 -62.91 -29.63
C ASP A 557 -43.50 -64.18 -30.47
N ILE A 558 -44.29 -64.17 -31.54
CA ILE A 558 -44.46 -65.36 -32.39
C ILE A 558 -43.10 -65.83 -32.86
N PRO A 559 -42.81 -67.14 -32.81
CA PRO A 559 -41.47 -67.61 -33.20
C PRO A 559 -41.14 -67.39 -34.68
N LEU A 560 -42.07 -67.70 -35.57
CA LEU A 560 -41.74 -67.65 -36.99
C LEU A 560 -41.76 -66.24 -37.53
N LEU A 561 -42.84 -65.49 -37.27
CA LEU A 561 -43.01 -64.15 -37.80
C LEU A 561 -42.55 -63.05 -36.86
N GLY A 562 -42.05 -63.41 -35.69
CA GLY A 562 -41.67 -62.39 -34.73
C GLY A 562 -40.53 -61.52 -35.23
N GLN A 563 -39.65 -62.07 -36.05
CA GLN A 563 -38.50 -61.31 -36.50
C GLN A 563 -38.91 -60.17 -37.42
N LEU A 564 -40.16 -60.19 -37.89
CA LEU A 564 -40.62 -59.10 -38.73
C LEU A 564 -40.93 -57.86 -37.92
N PHE A 565 -41.38 -58.03 -36.69
CA PHE A 565 -41.77 -56.91 -35.86
C PHE A 565 -40.74 -56.51 -34.82
N ARG A 566 -39.59 -57.16 -34.77
CA ARG A 566 -38.56 -56.87 -33.79
C ARG A 566 -37.41 -56.09 -34.39
N SER A 567 -36.79 -55.25 -33.57
CA SER A 567 -35.52 -54.62 -33.89
C SER A 567 -34.55 -54.94 -32.76
N THR A 568 -33.51 -55.71 -33.07
CA THR A 568 -32.55 -56.15 -32.07
C THR A 568 -31.21 -55.52 -32.36
N SER A 569 -30.56 -54.98 -31.33
CA SER A 569 -29.22 -54.43 -31.45
C SER A 569 -28.35 -55.03 -30.38
N SER A 570 -27.39 -55.86 -30.77
CA SER A 570 -26.52 -56.54 -29.83
C SER A 570 -25.08 -56.09 -30.05
N GLN A 571 -24.32 -56.02 -28.96
CA GLN A 571 -22.94 -55.58 -29.06
C GLN A 571 -22.11 -56.26 -27.99
N VAL A 572 -20.87 -56.61 -28.34
CA VAL A 572 -19.94 -57.24 -27.41
C VAL A 572 -18.59 -56.58 -27.59
N GLU A 573 -18.09 -55.96 -26.54
CA GLU A 573 -16.79 -55.32 -26.58
C GLU A 573 -15.85 -56.03 -25.62
N LYS A 574 -14.56 -55.98 -25.92
CA LYS A 574 -13.57 -56.63 -25.07
C LYS A 574 -12.27 -55.88 -25.21
N LYS A 575 -11.50 -55.82 -24.12
CA LYS A 575 -10.28 -55.04 -24.12
C LYS A 575 -9.31 -55.63 -23.11
N ASN A 576 -8.03 -55.55 -23.42
CA ASN A 576 -6.96 -56.07 -22.58
C ASN A 576 -5.79 -55.11 -22.63
N LEU A 577 -5.23 -54.82 -21.47
CA LEU A 577 -4.03 -54.02 -21.35
C LEU A 577 -3.12 -54.69 -20.35
N MET A 578 -1.90 -55.01 -20.76
CA MET A 578 -0.88 -55.35 -19.78
C MET A 578 0.30 -54.43 -19.99
N VAL A 579 0.91 -54.03 -18.88
CA VAL A 579 2.12 -53.24 -18.90
C VAL A 579 3.14 -54.00 -18.08
N PHE A 580 4.21 -54.44 -18.74
CA PHE A 580 5.31 -55.21 -18.18
C PHE A 580 6.56 -54.36 -18.20
N ILE A 581 7.53 -54.70 -17.37
CA ILE A 581 8.81 -54.01 -17.41
C ILE A 581 9.93 -55.03 -17.20
N LYS A 582 10.97 -54.93 -18.03
CA LYS A 582 12.18 -55.71 -17.84
C LYS A 582 13.37 -54.79 -17.70
N PRO A 583 13.95 -54.67 -16.51
CA PRO A 583 15.26 -54.02 -16.39
C PRO A 583 16.37 -54.97 -16.80
N THR A 584 17.53 -54.40 -17.08
CA THR A 584 18.75 -55.18 -17.24
C THR A 584 19.90 -54.36 -16.70
N ILE A 585 20.71 -54.94 -15.84
CA ILE A 585 21.80 -54.18 -15.23
C ILE A 585 23.05 -54.30 -16.09
N ILE A 586 23.58 -53.15 -16.47
CA ILE A 586 24.80 -53.04 -17.25
C ILE A 586 25.88 -52.57 -16.29
N ARG A 587 26.86 -53.42 -16.06
CA ARG A 587 27.99 -53.13 -15.18
C ARG A 587 29.29 -53.04 -15.97
N ASP A 588 29.70 -54.14 -16.60
CA ASP A 588 30.87 -54.13 -17.46
C ASP A 588 30.59 -53.38 -18.75
N GLY A 589 31.66 -52.98 -19.43
CA GLY A 589 31.51 -52.46 -20.77
C GLY A 589 31.14 -53.52 -21.80
N VAL A 590 31.54 -54.77 -21.56
CA VAL A 590 31.20 -55.84 -22.48
C VAL A 590 29.71 -56.12 -22.48
N THR A 591 29.02 -55.87 -21.39
CA THR A 591 27.56 -56.05 -21.38
C THR A 591 26.88 -54.98 -22.21
N ALA A 592 27.23 -53.71 -22.01
CA ALA A 592 26.66 -52.65 -22.83
C ALA A 592 26.98 -52.86 -24.30
N ASP A 593 28.18 -53.31 -24.62
CA ASP A 593 28.50 -53.61 -26.00
C ASP A 593 27.71 -54.80 -26.52
N GLY A 594 27.40 -55.77 -25.67
CA GLY A 594 26.61 -56.92 -26.09
C GLY A 594 25.17 -56.57 -26.38
N ILE A 595 24.58 -55.67 -25.59
CA ILE A 595 23.22 -55.25 -25.84
C ILE A 595 23.16 -54.32 -27.04
N THR A 596 24.02 -53.30 -27.05
CA THR A 596 24.06 -52.36 -28.17
C THR A 596 24.33 -53.08 -29.48
N GLN A 597 25.11 -54.15 -29.45
CA GLN A 597 25.42 -54.84 -30.69
C GLN A 597 24.19 -55.55 -31.25
N ARG A 598 23.34 -56.11 -30.39
CA ARG A 598 22.17 -56.79 -30.93
C ARG A 598 21.07 -55.81 -31.29
N LYS A 599 20.88 -54.74 -30.52
CA LYS A 599 19.90 -53.75 -30.93
C LYS A 599 20.33 -53.00 -32.17
N TYR A 600 21.63 -52.93 -32.42
CA TYR A 600 22.14 -52.30 -33.62
C TYR A 600 22.01 -53.23 -34.82
N ASN A 601 22.44 -54.49 -34.66
CA ASN A 601 22.35 -55.45 -35.75
C ASN A 601 20.91 -55.80 -36.10
N TYR A 602 19.97 -55.65 -35.20
CA TYR A 602 18.58 -55.86 -35.57
C TYR A 602 18.13 -54.83 -36.59
N ILE A 603 18.32 -53.54 -36.30
CA ILE A 603 17.96 -52.52 -37.26
C ILE A 603 18.76 -52.67 -38.54
N ARG A 604 20.09 -52.86 -38.43
CA ARG A 604 20.86 -53.06 -39.64
C ARG A 604 20.32 -54.19 -40.49
N ALA A 605 19.87 -55.28 -39.86
CA ALA A 605 19.24 -56.35 -40.63
C ALA A 605 17.98 -55.86 -41.33
N GLU A 606 17.12 -55.14 -40.62
CA GLU A 606 15.93 -54.57 -41.25
C GLU A 606 16.29 -53.73 -42.47
N GLN A 607 17.31 -52.88 -42.34
CA GLN A 607 17.65 -51.97 -43.42
C GLN A 607 18.27 -52.71 -44.60
N LEU A 608 19.11 -53.71 -44.34
CA LEU A 608 19.61 -54.53 -45.44
C LEU A 608 18.46 -55.20 -46.19
N PHE A 609 17.46 -55.69 -45.45
CA PHE A 609 16.29 -56.23 -46.13
C PHE A 609 15.56 -55.16 -46.93
N ARG A 610 15.51 -53.92 -46.43
CA ARG A 610 14.97 -52.83 -47.21
C ARG A 610 15.78 -52.59 -48.48
N ALA A 611 17.07 -52.87 -48.44
CA ALA A 611 17.91 -52.66 -49.60
C ALA A 611 17.83 -53.81 -50.60
N GLU A 612 17.40 -54.99 -50.16
CA GLU A 612 17.27 -56.09 -51.11
C GLU A 612 16.04 -55.93 -51.99
N LYS A 613 14.89 -55.64 -51.39
CA LYS A 613 13.74 -55.15 -52.16
C LYS A 613 13.73 -53.64 -51.94
N GLY A 614 14.17 -52.90 -52.94
CA GLY A 614 14.52 -51.51 -52.77
C GLY A 614 13.43 -50.58 -53.22
N LEU A 615 13.80 -49.31 -53.36
CA LEU A 615 12.90 -48.35 -53.98
C LEU A 615 12.68 -48.75 -55.42
N ARG A 616 11.42 -48.89 -55.82
CA ARG A 616 11.14 -49.38 -57.16
C ARG A 616 11.54 -48.37 -58.22
N LEU A 617 11.34 -47.09 -57.95
CA LEU A 617 11.63 -46.08 -58.94
C LEU A 617 13.03 -45.51 -58.84
N LEU A 618 13.76 -45.79 -57.78
CA LEU A 618 15.07 -45.21 -57.57
C LEU A 618 16.10 -46.32 -57.38
N ASP A 619 17.37 -45.94 -57.48
CA ASP A 619 18.44 -46.90 -57.33
C ASP A 619 18.51 -47.39 -55.90
N ASP A 620 18.78 -48.70 -55.74
CA ASP A 620 18.77 -49.32 -54.42
C ASP A 620 19.91 -48.86 -53.54
N ALA A 621 20.88 -48.12 -54.06
CA ALA A 621 21.96 -47.59 -53.24
C ALA A 621 21.56 -46.30 -52.53
N SER A 622 20.37 -45.78 -52.79
CA SER A 622 19.92 -44.55 -52.18
C SER A 622 19.22 -44.75 -50.84
N VAL A 623 18.89 -45.99 -50.49
CA VAL A 623 18.22 -46.25 -49.21
C VAL A 623 19.25 -46.20 -48.09
N PRO A 624 19.01 -45.44 -47.02
CA PRO A 624 20.00 -45.36 -45.95
C PRO A 624 20.10 -46.69 -45.22
N VAL A 625 21.33 -47.13 -44.97
CA VAL A 625 21.57 -48.37 -44.26
C VAL A 625 22.74 -48.16 -43.31
N LEU A 626 22.60 -48.66 -42.09
CA LEU A 626 23.64 -48.46 -41.10
C LEU A 626 24.92 -49.15 -41.56
N PRO A 627 26.08 -48.56 -41.30
CA PRO A 627 27.33 -49.26 -41.56
C PRO A 627 27.48 -50.44 -40.62
N LYS A 628 28.31 -51.40 -41.02
CA LYS A 628 28.56 -52.55 -40.17
C LYS A 628 29.13 -52.08 -38.85
N PHE A 629 28.79 -52.80 -37.78
CA PHE A 629 28.96 -52.26 -36.44
C PHE A 629 30.41 -51.90 -36.16
N GLY A 630 30.65 -50.64 -35.84
CA GLY A 630 31.97 -50.14 -35.50
C GLY A 630 32.77 -49.55 -36.65
N ASP A 631 32.22 -49.48 -37.85
CA ASP A 631 32.99 -49.07 -39.02
C ASP A 631 32.82 -47.59 -39.39
N ASP A 632 32.04 -46.83 -38.63
CA ASP A 632 31.76 -45.43 -38.91
C ASP A 632 31.28 -45.21 -40.35
N ARG A 633 31.73 -44.15 -41.00
CA ARG A 633 31.14 -43.69 -42.24
C ARG A 633 31.74 -44.30 -43.50
N ARG A 634 30.87 -44.75 -44.41
CA ARG A 634 31.21 -45.06 -45.79
C ARG A 634 30.73 -44.31 -46.99
N HIS A 635 31.60 -44.08 -47.97
CA HIS A 635 31.24 -43.26 -49.12
C HIS A 635 30.26 -44.16 -49.86
N SER A 636 29.42 -43.52 -50.67
CA SER A 636 28.51 -44.24 -51.56
C SER A 636 29.32 -45.14 -52.50
N PRO A 637 28.70 -46.16 -53.07
CA PRO A 637 29.45 -47.06 -53.95
C PRO A 637 30.00 -46.32 -55.16
N GLU A 638 29.18 -45.49 -55.80
CA GLU A 638 29.64 -44.71 -56.95
C GLU A 638 30.70 -43.67 -56.60
N ILE A 639 30.49 -42.97 -55.48
CA ILE A 639 31.44 -41.97 -55.01
C ILE A 639 32.75 -42.65 -54.64
N GLN A 640 32.65 -43.81 -54.01
CA GLN A 640 33.82 -44.57 -53.63
C GLN A 640 34.59 -44.95 -54.88
N ALA A 641 33.85 -45.37 -55.91
CA ALA A 641 34.47 -45.74 -57.17
C ALA A 641 35.20 -44.56 -57.79
N PHE A 642 34.57 -43.39 -57.72
CA PHE A 642 35.17 -42.17 -58.23
C PHE A 642 36.46 -41.82 -57.48
N ILE A 643 36.44 -41.99 -56.17
CA ILE A 643 37.57 -41.57 -55.35
C ILE A 643 38.86 -42.32 -55.70
N GLU A 644 38.72 -43.62 -55.96
CA GLU A 644 39.86 -44.46 -56.26
C GLU A 644 40.52 -44.05 -57.57
N GLN A 645 39.74 -43.55 -58.54
CA GLN A 645 40.32 -43.11 -59.80
C GLN A 645 41.24 -41.92 -59.60
N MET A 646 40.76 -40.88 -58.93
CA MET A 646 41.55 -39.69 -58.66
C MET A 646 42.72 -40.01 -57.74
N GLY B 97 103.84 -29.47 43.34
CA GLY B 97 104.72 -28.95 44.37
C GLY B 97 104.04 -28.03 45.36
N ASP B 98 104.83 -27.19 46.03
CA ASP B 98 104.36 -26.27 47.06
C ASP B 98 104.09 -24.84 46.55
N GLU B 99 104.18 -24.59 45.25
CA GLU B 99 104.09 -23.21 44.76
C GLU B 99 102.72 -22.60 45.07
N VAL B 100 102.68 -21.27 45.16
CA VAL B 100 101.43 -20.52 45.35
C VAL B 100 101.02 -19.91 44.00
N ILE B 101 99.94 -20.45 43.42
CA ILE B 101 99.34 -19.92 42.19
C ILE B 101 97.83 -19.85 42.40
N THR B 102 97.17 -19.02 41.59
CA THR B 102 95.72 -18.85 41.60
C THR B 102 95.09 -19.66 40.46
N GLN B 103 93.97 -20.34 40.75
CA GLN B 103 93.28 -21.09 39.71
C GLN B 103 91.84 -20.61 39.56
N VAL B 104 91.44 -20.38 38.32
CA VAL B 104 90.14 -19.85 37.96
C VAL B 104 89.37 -20.94 37.23
N VAL B 105 88.33 -21.47 37.86
CA VAL B 105 87.56 -22.58 37.30
C VAL B 105 86.08 -22.31 37.55
N ALA B 106 85.20 -22.94 36.76
CA ALA B 106 83.78 -22.61 36.80
C ALA B 106 82.96 -23.69 37.50
N VAL B 107 81.88 -23.25 38.13
CA VAL B 107 80.73 -24.10 38.45
C VAL B 107 79.50 -23.36 37.93
N LYS B 108 78.91 -23.87 36.86
CA LYS B 108 77.78 -23.15 36.27
C LYS B 108 76.48 -23.47 37.01
N ASN B 109 76.41 -24.64 37.61
CA ASN B 109 75.11 -25.24 37.95
C ASN B 109 74.38 -24.42 39.00
N VAL B 110 75.04 -24.04 40.10
CA VAL B 110 74.46 -23.15 41.09
C VAL B 110 75.58 -22.30 41.67
N SER B 111 75.19 -21.13 42.22
CA SER B 111 76.17 -20.17 42.72
C SER B 111 77.11 -20.80 43.74
N VAL B 112 78.40 -20.49 43.61
CA VAL B 112 79.47 -21.18 44.33
C VAL B 112 79.67 -20.63 45.75
N ARG B 113 78.98 -19.54 46.11
CA ARG B 113 78.96 -19.12 47.50
C ARG B 113 78.54 -20.26 48.42
N GLU B 114 77.75 -21.17 47.88
CA GLU B 114 77.31 -22.37 48.59
C GLU B 114 78.46 -23.21 49.13
N LEU B 115 79.65 -23.08 48.56
CA LEU B 115 80.82 -23.82 49.00
C LEU B 115 81.75 -23.04 49.93
N SER B 116 81.42 -21.79 50.26
CA SER B 116 82.35 -20.99 51.07
C SER B 116 82.78 -21.65 52.37
N PRO B 117 81.89 -22.27 53.18
CA PRO B 117 82.34 -22.79 54.48
C PRO B 117 83.29 -23.97 54.36
N LEU B 118 83.00 -24.90 53.45
CA LEU B 118 83.75 -26.15 53.36
C LEU B 118 85.06 -25.91 52.61
N LEU B 119 85.05 -24.98 51.64
CA LEU B 119 86.28 -24.56 50.98
C LEU B 119 87.22 -23.84 51.93
N ARG B 120 86.69 -22.91 52.75
CA ARG B 120 87.52 -22.38 53.83
C ARG B 120 87.88 -23.44 54.85
N GLN B 121 87.24 -24.62 54.79
CA GLN B 121 87.73 -25.75 55.56
C GLN B 121 89.07 -26.23 55.02
N LEU B 122 89.23 -26.29 53.70
CA LEU B 122 90.55 -26.53 53.11
C LEU B 122 91.45 -25.30 53.17
N ILE B 123 90.90 -24.11 53.39
CA ILE B 123 91.75 -22.97 53.71
C ILE B 123 92.17 -23.05 55.17
N ASP B 124 91.35 -23.68 56.01
CA ASP B 124 91.72 -24.03 57.38
C ASP B 124 92.51 -25.34 57.48
N ASN B 125 92.13 -26.41 56.72
CA ASN B 125 92.76 -27.72 56.85
C ASN B 125 94.28 -27.65 56.75
N ALA B 126 94.80 -26.69 55.99
CA ALA B 126 96.23 -26.47 55.85
C ALA B 126 96.49 -24.96 55.95
N GLY B 127 97.73 -24.57 55.65
CA GLY B 127 98.16 -23.18 55.78
C GLY B 127 97.45 -22.17 54.90
N ALA B 128 97.44 -20.92 55.35
CA ALA B 128 96.73 -19.84 54.67
C ALA B 128 97.71 -19.06 53.80
N GLY B 129 97.28 -17.92 53.29
CA GLY B 129 97.78 -17.36 52.06
C GLY B 129 96.78 -17.53 50.95
N ASN B 130 95.83 -18.44 51.10
CA ASN B 130 94.78 -18.72 50.14
C ASN B 130 93.81 -17.56 50.04
N VAL B 131 93.10 -17.53 48.91
CA VAL B 131 91.80 -16.89 48.80
C VAL B 131 90.94 -17.85 48.00
N VAL B 132 89.64 -17.90 48.28
CA VAL B 132 88.70 -18.44 47.32
C VAL B 132 87.56 -17.44 47.23
N HIS B 133 87.43 -16.80 46.07
CA HIS B 133 86.50 -15.70 45.89
C HIS B 133 85.53 -16.09 44.79
N TYR B 134 84.25 -15.84 45.05
CA TYR B 134 83.16 -16.36 44.24
C TYR B 134 82.52 -15.20 43.52
N ASP B 135 82.76 -15.10 42.24
CA ASP B 135 82.27 -13.95 41.52
C ASP B 135 80.82 -14.16 41.12
N PRO B 136 79.95 -13.20 41.46
CA PRO B 136 78.53 -13.33 41.11
C PRO B 136 78.27 -13.45 39.61
N ALA B 137 79.27 -13.16 38.78
CA ALA B 137 79.22 -13.47 37.36
C ALA B 137 79.30 -14.97 37.12
N ASN B 138 79.49 -15.73 38.22
CA ASN B 138 79.65 -17.18 38.24
C ASN B 138 80.89 -17.66 37.49
N ILE B 139 82.06 -17.39 38.07
CA ILE B 139 83.28 -18.15 37.86
C ILE B 139 83.84 -18.39 39.25
N ILE B 140 85.07 -18.89 39.35
CA ILE B 140 85.62 -19.34 40.63
C ILE B 140 87.10 -18.96 40.71
N LEU B 141 87.48 -18.37 41.86
CA LEU B 141 88.86 -17.99 42.15
C LEU B 141 89.41 -18.76 43.35
N ILE B 142 90.58 -19.37 43.17
CA ILE B 142 91.42 -19.82 44.27
C ILE B 142 92.77 -19.13 44.11
N THR B 143 93.47 -18.98 45.23
CA THR B 143 94.86 -18.56 45.25
C THR B 143 95.54 -19.30 46.40
N GLY B 144 96.70 -19.88 46.15
CA GLY B 144 97.40 -20.57 47.23
C GLY B 144 98.21 -21.73 46.70
N ARG B 145 98.58 -22.61 47.62
CA ARG B 145 99.43 -23.72 47.24
C ARG B 145 98.72 -24.66 46.27
N ALA B 146 99.44 -25.01 45.20
CA ALA B 146 98.86 -25.75 44.09
C ALA B 146 98.21 -27.05 44.56
N ALA B 147 98.70 -27.63 45.66
CA ALA B 147 98.08 -28.83 46.19
C ALA B 147 96.72 -28.52 46.82
N VAL B 148 96.67 -27.56 47.73
CA VAL B 148 95.42 -27.24 48.41
C VAL B 148 94.50 -26.49 47.47
N VAL B 149 95.07 -25.70 46.56
CA VAL B 149 94.29 -25.11 45.48
C VAL B 149 93.74 -26.18 44.57
N ASN B 150 94.42 -27.34 44.50
CA ASN B 150 93.87 -28.44 43.73
C ASN B 150 92.68 -29.06 44.46
N ARG B 151 92.89 -29.63 45.65
CA ARG B 151 91.76 -30.18 46.40
C ARG B 151 90.58 -29.23 46.47
N LEU B 152 90.84 -27.93 46.65
CA LEU B 152 89.79 -26.92 46.56
C LEU B 152 89.13 -26.91 45.19
N ALA B 153 89.92 -26.95 44.11
CA ALA B 153 89.34 -26.97 42.77
C ALA B 153 88.63 -28.28 42.49
N GLU B 154 88.89 -29.30 43.32
CA GLU B 154 88.30 -30.63 43.17
C GLU B 154 86.95 -30.68 43.85
N ILE B 155 86.84 -30.08 45.03
CA ILE B 155 85.53 -29.84 45.63
C ILE B 155 84.71 -28.94 44.72
N ILE B 156 85.28 -27.81 44.35
CA ILE B 156 84.66 -26.86 43.44
C ILE B 156 84.16 -27.56 42.18
N ARG B 157 85.06 -28.17 41.40
CA ARG B 157 84.62 -28.92 40.22
C ARG B 157 83.73 -30.10 40.62
N ARG B 158 83.68 -30.43 41.90
CA ARG B 158 82.80 -31.50 42.36
C ARG B 158 81.39 -30.95 42.54
N VAL B 159 81.25 -29.62 42.60
CA VAL B 159 79.94 -29.02 42.41
C VAL B 159 79.73 -28.51 40.97
N ASP B 160 80.80 -28.36 40.19
CA ASP B 160 80.66 -28.15 38.74
C ASP B 160 80.04 -29.34 38.06
N GLN B 161 80.82 -30.42 37.99
CA GLN B 161 80.50 -31.63 37.25
C GLN B 161 79.28 -32.34 37.81
N ALA B 162 78.93 -32.09 39.06
CA ALA B 162 77.91 -32.83 39.79
C ALA B 162 76.55 -32.83 39.12
N GLY B 163 75.88 -31.70 39.08
CA GLY B 163 74.45 -31.61 38.88
C GLY B 163 73.96 -31.31 37.48
N ASP B 164 74.73 -31.68 36.46
CA ASP B 164 74.70 -31.03 35.14
C ASP B 164 73.27 -30.81 34.66
N LYS B 165 73.01 -29.64 34.10
CA LYS B 165 71.69 -29.27 33.61
C LYS B 165 71.87 -28.44 32.36
N GLU B 166 71.22 -28.84 31.26
CA GLU B 166 71.12 -28.02 30.06
C GLU B 166 69.89 -28.42 29.25
N ILE B 167 69.89 -27.96 28.00
CA ILE B 167 68.75 -28.03 27.09
C ILE B 167 68.95 -29.12 26.05
N GLU B 168 67.85 -29.81 25.72
CA GLU B 168 67.80 -30.74 24.60
C GLU B 168 66.83 -30.25 23.55
N VAL B 169 67.02 -30.72 22.32
CA VAL B 169 66.07 -30.53 21.24
C VAL B 169 65.92 -31.85 20.50
N VAL B 170 64.74 -32.44 20.55
CA VAL B 170 64.50 -33.74 19.97
C VAL B 170 63.14 -33.74 19.28
N GLU B 171 63.13 -34.21 18.03
CA GLU B 171 61.93 -34.22 17.22
C GLU B 171 60.82 -35.07 17.84
N LEU B 172 59.63 -34.50 17.83
CA LEU B 172 58.40 -35.24 18.11
C LEU B 172 57.66 -35.32 16.80
N ASN B 173 57.66 -36.48 16.16
CA ASN B 173 57.08 -36.56 14.84
C ASN B 173 55.56 -36.68 14.92
N ASN B 174 55.07 -37.24 16.01
CA ASN B 174 53.71 -37.73 16.00
C ASN B 174 52.87 -37.01 17.04
N ALA B 175 53.06 -37.39 18.30
CA ALA B 175 52.31 -36.78 19.38
C ALA B 175 52.58 -35.29 19.42
N SER B 176 51.51 -34.51 19.35
CA SER B 176 51.66 -33.07 19.31
C SER B 176 52.52 -32.60 20.46
N ALA B 177 53.55 -31.81 20.14
CA ALA B 177 54.41 -31.29 21.19
C ALA B 177 53.57 -30.67 22.29
N ALA B 178 52.77 -29.65 21.97
CA ALA B 178 51.94 -29.02 22.99
C ALA B 178 51.19 -30.07 23.81
N GLU B 179 50.81 -31.18 23.19
CA GLU B 179 50.29 -32.29 23.98
C GLU B 179 51.38 -32.88 24.86
N MET B 180 52.55 -33.22 24.29
CA MET B 180 53.65 -33.70 25.13
C MET B 180 53.86 -32.80 26.32
N VAL B 181 53.89 -31.49 26.08
CA VAL B 181 53.92 -30.46 27.07
C VAL B 181 52.86 -30.80 28.11
N ARG B 182 51.60 -30.69 27.73
CA ARG B 182 50.52 -30.84 28.70
C ARG B 182 50.68 -32.09 29.53
N ILE B 183 51.02 -33.18 28.87
CA ILE B 183 50.92 -34.50 29.49
C ILE B 183 52.14 -34.74 30.39
N VAL B 184 53.20 -33.97 30.17
CA VAL B 184 54.28 -33.88 31.15
C VAL B 184 53.96 -32.83 32.21
N GLU B 185 53.09 -31.87 31.91
CA GLU B 185 52.89 -30.75 32.80
C GLU B 185 52.41 -31.27 34.15
N ALA B 186 51.52 -32.25 34.09
CA ALA B 186 51.05 -32.94 35.28
C ALA B 186 52.19 -33.46 36.13
N LEU B 187 53.35 -33.73 35.52
CA LEU B 187 54.50 -34.20 36.26
C LEU B 187 55.08 -33.03 37.03
N ASN B 188 55.58 -33.29 38.22
CA ASN B 188 56.10 -32.22 39.06
C ASN B 188 57.49 -32.56 39.59
N LYS B 203 63.66 -28.55 33.57
CA LYS B 203 62.28 -28.32 33.18
C LYS B 203 62.09 -28.64 31.70
N PHE B 204 61.01 -28.15 31.08
CA PHE B 204 60.52 -28.71 29.82
C PHE B 204 60.26 -27.60 28.83
N VAL B 205 60.53 -27.85 27.54
CA VAL B 205 60.03 -27.02 26.46
C VAL B 205 59.64 -27.94 25.31
N ALA B 206 59.06 -27.37 24.27
CA ALA B 206 58.89 -27.99 22.96
C ALA B 206 58.57 -26.91 21.94
N ASP B 207 58.66 -27.24 20.66
CA ASP B 207 58.21 -26.33 19.63
C ASP B 207 57.29 -27.07 18.68
N GLU B 208 56.14 -26.48 18.37
CA GLU B 208 55.33 -27.11 17.34
C GLU B 208 55.52 -26.45 15.98
N ARG B 209 56.46 -25.53 15.84
CA ARG B 209 57.03 -25.38 14.50
C ARG B 209 57.71 -26.67 14.10
N THR B 210 58.67 -27.09 14.91
CA THR B 210 59.37 -28.34 14.75
C THR B 210 58.61 -29.53 15.30
N ASN B 211 57.75 -29.31 16.29
CA ASN B 211 57.18 -30.39 17.09
C ASN B 211 58.32 -31.23 17.69
N SER B 212 59.01 -30.61 18.66
CA SER B 212 60.19 -31.19 19.28
C SER B 212 60.24 -30.84 20.76
N ILE B 213 60.44 -31.83 21.60
CA ILE B 213 60.71 -31.60 23.01
C ILE B 213 62.07 -30.97 23.17
N LEU B 214 62.11 -29.89 23.92
CA LEU B 214 63.35 -29.28 24.35
C LEU B 214 63.42 -29.59 25.83
N ILE B 215 64.61 -29.65 26.41
CA ILE B 215 64.66 -29.95 27.82
C ILE B 215 65.56 -28.94 28.49
N SER B 216 65.30 -28.65 29.75
CA SER B 216 66.23 -27.92 30.57
C SER B 216 66.47 -28.68 31.86
N GLY B 217 67.65 -29.24 32.00
CA GLY B 217 67.95 -30.02 33.19
C GLY B 217 68.91 -31.15 32.90
N ASP B 218 68.87 -32.13 33.81
CA ASP B 218 69.94 -33.08 34.07
C ASP B 218 70.25 -33.95 32.87
N PRO B 219 71.48 -34.47 32.77
CA PRO B 219 71.68 -35.70 31.99
C PRO B 219 71.03 -36.92 32.61
N LYS B 220 70.59 -36.84 33.87
CA LYS B 220 69.54 -37.75 34.32
C LYS B 220 68.19 -37.36 33.73
N VAL B 221 67.90 -36.07 33.67
CA VAL B 221 66.74 -35.60 32.92
C VAL B 221 66.93 -35.92 31.44
N ARG B 222 68.18 -36.04 30.98
CA ARG B 222 68.41 -36.46 29.61
C ARG B 222 68.18 -37.95 29.43
N GLU B 223 68.57 -38.76 30.42
CA GLU B 223 68.23 -40.17 30.33
C GLU B 223 66.73 -40.38 30.40
N ARG B 224 66.10 -39.98 31.49
CA ARG B 224 64.69 -40.29 31.66
C ARG B 224 63.84 -39.51 30.67
N LEU B 225 64.27 -38.33 30.27
CA LEU B 225 63.44 -37.58 29.34
C LEU B 225 63.82 -37.78 27.89
N LYS B 226 64.87 -38.53 27.60
CA LYS B 226 64.86 -39.23 26.32
C LYS B 226 63.99 -40.48 26.41
N ARG B 227 63.90 -41.08 27.59
CA ARG B 227 62.91 -42.13 27.78
C ARG B 227 61.51 -41.61 27.48
N LEU B 228 61.16 -40.39 27.92
CA LEU B 228 59.81 -39.88 27.66
C LEU B 228 59.75 -39.13 26.34
N ILE B 229 60.90 -38.78 25.77
CA ILE B 229 60.94 -38.49 24.35
C ILE B 229 60.36 -39.66 23.58
N LYS B 230 60.79 -40.85 23.96
CA LYS B 230 60.36 -42.04 23.24
C LYS B 230 58.98 -42.51 23.69
N GLN B 231 58.65 -42.33 24.96
CA GLN B 231 57.46 -42.97 25.51
C GLN B 231 56.20 -42.51 24.81
N LEU B 232 55.91 -41.22 24.78
CA LEU B 232 54.73 -40.80 24.05
C LEU B 232 55.28 -40.15 22.80
N ASP B 233 55.63 -41.00 21.84
CA ASP B 233 55.78 -40.66 20.44
C ASP B 233 54.73 -41.34 19.59
N VAL B 234 54.09 -42.36 20.16
CA VAL B 234 53.22 -43.26 19.42
C VAL B 234 51.97 -42.58 18.85
N GLU B 235 51.56 -43.06 17.68
CA GLU B 235 50.41 -42.50 16.99
C GLU B 235 49.32 -43.54 16.92
N MET B 236 48.12 -43.16 17.35
CA MET B 236 47.00 -44.08 17.40
C MET B 236 46.62 -44.56 16.01
N ALA B 237 46.28 -45.84 15.91
CA ALA B 237 45.84 -46.42 14.64
C ALA B 237 44.49 -45.82 14.27
N ALA B 238 44.21 -45.74 12.97
CA ALA B 238 42.98 -45.12 12.52
C ALA B 238 41.80 -45.90 13.08
N LYS B 239 40.79 -45.17 13.52
CA LYS B 239 39.63 -45.77 14.19
C LYS B 239 38.42 -45.95 13.28
N GLY B 240 38.55 -45.56 12.01
CA GLY B 240 37.41 -45.57 11.12
C GLY B 240 36.34 -44.67 11.69
N ASN B 241 36.80 -43.57 12.28
CA ASN B 241 35.95 -42.58 12.91
C ASN B 241 34.72 -42.27 12.09
N ASN B 242 34.88 -42.20 10.77
CA ASN B 242 33.74 -42.01 9.89
C ASN B 242 33.65 -43.16 8.90
N ARG B 243 32.44 -43.44 8.43
CA ARG B 243 32.22 -44.56 7.54
C ARG B 243 31.16 -44.20 6.52
N VAL B 244 31.41 -44.55 5.27
CA VAL B 244 30.46 -44.37 4.18
C VAL B 244 29.72 -45.68 3.99
N VAL B 245 28.40 -45.66 4.16
CA VAL B 245 27.61 -46.87 4.08
C VAL B 245 26.75 -46.82 2.82
N TYR B 246 26.74 -47.92 2.07
CA TYR B 246 26.00 -48.03 0.82
C TYR B 246 24.63 -48.61 1.14
N LEU B 247 23.59 -47.82 0.99
CA LEU B 247 22.25 -48.30 1.26
C LEU B 247 21.81 -49.23 0.13
N LYS B 248 21.34 -50.42 0.52
CA LYS B 248 20.86 -51.36 -0.49
C LYS B 248 19.49 -50.97 -0.99
N TYR B 249 18.57 -50.66 -0.08
CA TYR B 249 17.18 -50.43 -0.44
C TYR B 249 16.74 -49.01 -0.12
N ALA B 250 16.77 -48.60 1.14
CA ALA B 250 16.23 -47.31 1.52
C ALA B 250 16.99 -46.18 0.83
N LYS B 251 16.30 -45.05 0.66
CA LYS B 251 16.92 -43.87 0.08
C LYS B 251 17.68 -43.08 1.13
N ALA B 252 18.82 -42.53 0.73
CA ALA B 252 19.66 -41.78 1.65
C ALA B 252 18.92 -40.55 2.19
N GLU B 253 18.16 -39.88 1.34
CA GLU B 253 17.46 -38.68 1.78
C GLU B 253 16.47 -38.98 2.90
N ASP B 254 15.71 -40.06 2.77
CA ASP B 254 14.79 -40.46 3.83
C ASP B 254 15.53 -40.86 5.11
N LEU B 255 16.63 -41.57 4.93
CA LEU B 255 17.39 -42.17 6.02
C LEU B 255 18.14 -41.11 6.79
N VAL B 256 18.72 -40.14 6.11
CA VAL B 256 19.46 -39.10 6.80
C VAL B 256 18.49 -38.32 7.70
N GLU B 257 17.31 -38.04 7.18
CA GLU B 257 16.36 -37.30 8.00
C GLU B 257 16.03 -38.09 9.26
N VAL B 258 15.77 -39.39 9.09
CA VAL B 258 15.42 -40.22 10.23
C VAL B 258 16.55 -40.29 11.25
N LEU B 259 17.78 -40.37 10.75
CA LEU B 259 18.94 -40.66 11.58
C LEU B 259 19.43 -39.42 12.32
N LYS B 260 18.92 -38.26 11.97
CA LYS B 260 19.34 -37.03 12.64
C LYS B 260 19.10 -37.14 14.16
N GLY B 261 17.89 -37.54 14.51
CA GLY B 261 17.54 -37.75 15.91
C GLY B 261 18.32 -38.79 16.67
N VAL B 262 18.60 -39.91 16.00
CA VAL B 262 19.39 -40.97 16.62
C VAL B 262 20.79 -40.46 16.92
N SER B 263 21.32 -39.67 15.99
CA SER B 263 22.65 -39.10 16.18
C SER B 263 22.65 -38.20 17.40
N GLU B 264 21.59 -37.42 17.56
CA GLU B 264 21.46 -36.53 18.71
C GLU B 264 20.63 -37.15 19.81
N VAL B 283 28.89 -35.65 15.63
CA VAL B 283 28.06 -36.47 14.76
C VAL B 283 27.51 -35.65 13.60
N MET B 284 27.73 -36.12 12.38
CA MET B 284 27.13 -35.52 11.21
C MET B 284 26.78 -36.62 10.22
N ILE B 285 25.59 -36.50 9.64
CA ILE B 285 25.04 -37.49 8.72
C ILE B 285 24.77 -36.78 7.42
N ALA B 286 25.41 -37.20 6.34
CA ALA B 286 25.24 -36.54 5.06
C ALA B 286 24.86 -37.54 3.99
N ALA B 287 23.84 -37.22 3.21
CA ALA B 287 23.33 -38.15 2.20
C ALA B 287 23.95 -37.83 0.87
N HIS B 288 24.66 -38.79 0.29
CA HIS B 288 25.16 -38.67 -1.08
C HIS B 288 24.15 -39.33 -2.00
N ALA B 289 23.49 -38.52 -2.82
CA ALA B 289 22.34 -38.98 -3.58
C ALA B 289 22.73 -39.89 -4.72
N ASP B 290 23.68 -39.45 -5.54
CA ASP B 290 23.96 -40.15 -6.79
C ASP B 290 24.44 -41.57 -6.54
N THR B 291 25.25 -41.78 -5.53
CA THR B 291 25.63 -43.14 -5.17
C THR B 291 24.60 -43.80 -4.26
N ASN B 292 23.62 -43.03 -3.78
CA ASN B 292 22.66 -43.50 -2.79
C ASN B 292 23.38 -44.12 -1.61
N SER B 293 24.34 -43.38 -1.07
CA SER B 293 25.11 -43.85 0.06
C SER B 293 25.23 -42.71 1.04
N LEU B 294 25.14 -43.01 2.31
CA LEU B 294 25.18 -41.94 3.30
C LEU B 294 26.45 -42.04 4.12
N VAL B 295 27.02 -40.88 4.41
CA VAL B 295 28.30 -40.73 5.07
C VAL B 295 28.01 -40.41 6.53
N LEU B 296 28.48 -41.28 7.41
CA LEU B 296 28.33 -41.15 8.84
C LEU B 296 29.65 -40.67 9.41
N THR B 297 29.61 -39.68 10.29
CA THR B 297 30.78 -39.33 11.08
C THR B 297 30.38 -39.17 12.54
N ALA B 298 31.00 -39.95 13.40
CA ALA B 298 30.64 -40.02 14.80
C ALA B 298 31.73 -40.72 15.58
N PRO B 299 31.64 -40.81 16.91
CA PRO B 299 32.57 -41.68 17.64
C PRO B 299 32.25 -43.16 17.41
N GLN B 300 32.94 -44.05 18.13
CA GLN B 300 32.80 -45.47 17.82
C GLN B 300 31.45 -46.03 18.25
N ASP B 301 31.02 -45.72 19.48
CA ASP B 301 29.77 -46.28 19.98
C ASP B 301 28.56 -45.79 19.20
N ILE B 302 28.46 -44.48 18.97
CA ILE B 302 27.34 -43.96 18.18
C ILE B 302 27.38 -44.53 16.78
N MET B 303 28.57 -44.73 16.22
CA MET B 303 28.68 -45.37 14.91
C MET B 303 28.08 -46.76 14.94
N ASN B 304 28.47 -47.58 15.92
CA ASN B 304 27.91 -48.91 16.02
C ASN B 304 26.42 -48.92 16.29
N ALA B 305 25.88 -47.85 16.88
CA ALA B 305 24.43 -47.77 17.04
C ALA B 305 23.75 -47.46 15.72
N MET B 306 24.19 -46.40 15.04
CA MET B 306 23.55 -46.01 13.79
C MET B 306 23.72 -47.05 12.70
N LEU B 307 24.76 -47.87 12.74
CA LEU B 307 24.84 -48.95 11.79
C LEU B 307 23.83 -50.06 12.09
N GLU B 308 23.45 -50.23 13.35
CA GLU B 308 22.40 -51.18 13.67
C GLU B 308 21.01 -50.63 13.40
N VAL B 309 20.84 -49.32 13.43
CA VAL B 309 19.58 -48.74 12.97
C VAL B 309 19.47 -48.85 11.46
N ILE B 310 20.50 -48.39 10.73
CA ILE B 310 20.50 -48.48 9.29
C ILE B 310 20.34 -49.92 8.83
N GLY B 311 20.97 -50.85 9.52
CA GLY B 311 20.81 -52.24 9.16
C GLY B 311 19.37 -52.70 9.19
N GLN B 312 18.57 -52.18 10.12
CA GLN B 312 17.18 -52.59 10.25
C GLN B 312 16.20 -51.72 9.49
N LEU B 313 16.61 -50.55 9.00
CA LEU B 313 15.77 -49.74 8.14
C LEU B 313 16.03 -49.96 6.66
N ASP B 314 17.00 -50.81 6.35
CA ASP B 314 17.42 -51.06 4.98
C ASP B 314 16.72 -52.29 4.39
N ILE B 315 15.74 -52.86 5.10
CA ILE B 315 15.17 -54.14 4.69
C ILE B 315 14.43 -54.02 3.37
N ARG B 316 14.24 -55.17 2.73
CA ARG B 316 13.50 -55.26 1.49
C ARG B 316 12.02 -55.02 1.73
N ARG B 317 11.35 -54.42 0.75
CA ARG B 317 9.93 -54.12 0.83
C ARG B 317 9.17 -55.12 -0.03
N ALA B 318 8.21 -55.82 0.57
CA ALA B 318 7.33 -56.67 -0.22
C ALA B 318 6.45 -55.80 -1.09
N GLN B 319 5.89 -56.40 -2.15
CA GLN B 319 5.12 -55.61 -3.09
C GLN B 319 3.81 -56.32 -3.42
N VAL B 320 2.73 -55.56 -3.36
CA VAL B 320 1.37 -56.08 -3.46
C VAL B 320 0.89 -55.92 -4.90
N LEU B 321 0.14 -56.90 -5.37
CA LEU B 321 -0.57 -56.81 -6.63
C LEU B 321 -2.05 -56.60 -6.32
N ILE B 322 -2.54 -55.40 -6.58
CA ILE B 322 -3.91 -55.03 -6.28
C ILE B 322 -4.75 -55.26 -7.52
N GLU B 323 -5.66 -56.22 -7.47
CA GLU B 323 -6.53 -56.50 -8.60
C GLU B 323 -7.96 -56.19 -8.20
N ALA B 324 -8.49 -55.08 -8.70
CA ALA B 324 -9.90 -54.76 -8.47
C ALA B 324 -10.76 -55.55 -9.44
N LEU B 325 -12.03 -55.70 -9.08
CA LEU B 325 -13.01 -56.30 -9.97
C LEU B 325 -14.28 -55.48 -9.88
N ILE B 326 -14.75 -54.96 -11.01
CA ILE B 326 -15.92 -54.11 -11.07
C ILE B 326 -16.98 -54.81 -11.90
N VAL B 327 -18.16 -55.01 -11.33
CA VAL B 327 -19.23 -55.68 -12.03
C VAL B 327 -20.43 -54.75 -12.05
N GLU B 328 -20.89 -54.40 -13.26
CA GLU B 328 -22.04 -53.53 -13.42
C GLU B 328 -23.02 -54.25 -14.33
N MET B 329 -24.16 -54.65 -13.79
CA MET B 329 -25.17 -55.37 -14.56
C MET B 329 -26.44 -54.54 -14.56
N ALA B 330 -26.81 -54.03 -15.72
CA ALA B 330 -28.04 -53.27 -15.82
C ALA B 330 -29.05 -54.10 -16.60
N GLU B 331 -30.32 -53.84 -16.34
CA GLU B 331 -31.37 -54.47 -17.11
C GLU B 331 -32.54 -53.51 -17.13
N GLY B 332 -33.29 -53.53 -18.21
CA GLY B 332 -34.40 -52.62 -18.33
C GLY B 332 -35.49 -53.23 -19.18
N ASP B 333 -36.69 -52.74 -18.97
CA ASP B 333 -37.83 -53.22 -19.73
C ASP B 333 -38.91 -52.16 -19.67
N GLY B 334 -39.79 -52.19 -20.64
CA GLY B 334 -40.96 -51.35 -20.58
C GLY B 334 -41.94 -51.73 -21.65
N ILE B 335 -43.22 -51.51 -21.40
CA ILE B 335 -44.25 -51.76 -22.39
C ILE B 335 -45.18 -50.58 -22.39
N ASN B 336 -45.28 -49.91 -23.52
CA ASN B 336 -46.08 -48.71 -23.65
C ASN B 336 -47.10 -48.99 -24.74
N LEU B 337 -48.37 -49.11 -24.37
CA LEU B 337 -49.39 -49.36 -25.38
C LEU B 337 -50.66 -48.62 -25.01
N GLY B 338 -51.30 -48.06 -26.03
CA GLY B 338 -52.54 -47.35 -25.84
C GLY B 338 -53.13 -46.95 -27.17
N VAL B 339 -54.43 -46.69 -27.15
CA VAL B 339 -55.19 -46.34 -28.34
C VAL B 339 -55.65 -44.90 -28.19
N GLN B 340 -55.48 -44.12 -29.23
CA GLN B 340 -55.93 -42.74 -29.26
C GLN B 340 -56.98 -42.59 -30.35
N TRP B 341 -57.79 -41.55 -30.25
CA TRP B 341 -58.87 -41.35 -31.20
C TRP B 341 -58.87 -39.91 -31.66
N GLY B 342 -59.43 -39.68 -32.85
CA GLY B 342 -59.60 -38.31 -33.27
C GLY B 342 -60.54 -38.13 -34.44
N SER B 343 -61.17 -36.96 -34.49
CA SER B 343 -61.97 -36.53 -35.62
C SER B 343 -61.63 -35.07 -35.86
N LEU B 344 -61.08 -34.78 -37.03
CA LEU B 344 -60.58 -33.44 -37.27
C LEU B 344 -61.62 -32.56 -37.94
N GLU B 345 -62.74 -33.12 -38.39
CA GLU B 345 -63.80 -32.31 -38.98
C GLU B 345 -64.41 -31.37 -37.95
N SER B 346 -64.87 -31.91 -36.82
CA SER B 346 -65.15 -31.16 -35.62
C SER B 346 -64.13 -31.66 -34.60
N GLY B 347 -63.12 -30.84 -34.30
CA GLY B 347 -61.96 -31.42 -33.66
C GLY B 347 -62.31 -32.00 -32.32
N SER B 348 -62.22 -33.31 -32.22
CA SER B 348 -62.49 -34.02 -30.99
C SER B 348 -61.50 -35.17 -30.90
N VAL B 349 -60.71 -35.19 -29.84
CA VAL B 349 -59.63 -36.16 -29.73
C VAL B 349 -59.74 -36.86 -28.40
N ILE B 350 -59.34 -38.12 -28.39
CA ILE B 350 -58.93 -38.80 -27.18
C ILE B 350 -57.43 -38.96 -27.29
N GLN B 351 -56.70 -38.18 -26.51
CA GLN B 351 -55.29 -37.90 -26.74
C GLN B 351 -54.50 -38.16 -25.47
N TYR B 352 -53.28 -38.64 -25.62
CA TYR B 352 -52.48 -39.08 -24.49
C TYR B 352 -51.04 -38.63 -24.65
N GLY B 353 -50.39 -38.33 -23.53
CA GLY B 353 -49.01 -37.91 -23.53
C GLY B 353 -48.05 -39.04 -23.24
N ASN B 354 -48.55 -40.14 -22.67
CA ASN B 354 -47.72 -41.31 -22.45
C ASN B 354 -47.13 -41.82 -23.76
N THR B 355 -47.90 -41.72 -24.83
CA THR B 355 -47.53 -42.30 -26.10
C THR B 355 -46.43 -41.49 -26.78
N GLY B 356 -45.78 -42.12 -27.75
CA GLY B 356 -44.74 -41.47 -28.52
C GLY B 356 -45.21 -40.19 -29.19
N ALA B 357 -46.27 -40.27 -29.99
CA ALA B 357 -46.83 -39.09 -30.64
C ALA B 357 -48.33 -39.09 -30.48
N SER B 358 -48.88 -37.88 -30.40
CA SER B 358 -50.29 -37.66 -30.10
C SER B 358 -51.09 -37.50 -31.39
N ILE B 359 -52.32 -38.01 -31.35
CA ILE B 359 -53.18 -38.04 -32.52
C ILE B 359 -53.34 -36.68 -33.18
N GLY B 360 -53.23 -35.60 -32.40
CA GLY B 360 -53.40 -34.28 -32.97
C GLY B 360 -52.36 -33.96 -34.02
N ASN B 361 -51.08 -34.02 -33.63
CA ASN B 361 -50.01 -33.74 -34.57
C ASN B 361 -50.00 -34.71 -35.74
N VAL B 362 -50.45 -35.94 -35.53
CA VAL B 362 -50.45 -36.91 -36.62
C VAL B 362 -51.51 -36.57 -37.64
N MET B 363 -52.74 -36.30 -37.19
CA MET B 363 -53.78 -35.94 -38.16
C MET B 363 -53.47 -34.60 -38.84
N ILE B 364 -53.03 -33.61 -38.08
CA ILE B 364 -52.64 -32.34 -38.69
C ILE B 364 -51.55 -32.57 -39.74
N GLY B 365 -50.54 -33.37 -39.41
CA GLY B 365 -49.49 -33.65 -40.37
C GLY B 365 -50.01 -34.33 -41.61
N LEU B 366 -50.92 -35.30 -41.45
CA LEU B 366 -51.47 -35.98 -42.62
C LEU B 366 -52.28 -35.03 -43.49
N GLU B 367 -52.97 -34.06 -42.89
CA GLU B 367 -53.70 -33.10 -43.71
C GLU B 367 -52.76 -32.16 -44.44
N GLU B 368 -51.71 -31.70 -43.75
CA GLU B 368 -50.72 -30.86 -44.43
C GLU B 368 -50.01 -31.61 -45.55
N ALA B 369 -49.89 -32.93 -45.44
CA ALA B 369 -49.23 -33.70 -46.48
C ALA B 369 -50.08 -33.89 -47.72
N LYS B 370 -51.41 -33.74 -47.60
CA LYS B 370 -52.26 -33.93 -48.76
C LYS B 370 -52.00 -32.86 -49.81
N ASP B 371 -52.34 -33.18 -51.05
CA ASP B 371 -52.16 -32.24 -52.15
C ASP B 371 -53.30 -31.24 -52.17
N THR B 372 -52.98 -29.97 -52.01
CA THR B 372 -53.98 -28.90 -51.96
C THR B 372 -54.14 -28.27 -53.34
N THR B 373 -55.37 -27.89 -53.64
CA THR B 373 -55.69 -27.21 -54.89
C THR B 373 -56.33 -25.87 -54.58
N GLN B 374 -55.95 -24.84 -55.35
CA GLN B 374 -56.40 -23.49 -55.14
C GLN B 374 -57.03 -22.98 -56.43
N THR B 375 -58.32 -22.70 -56.40
CA THR B 375 -59.09 -22.39 -57.59
C THR B 375 -59.52 -20.93 -57.61
N LYS B 376 -59.33 -20.28 -58.75
CA LYS B 376 -59.85 -18.94 -59.00
C LYS B 376 -60.71 -19.01 -60.25
N ALA B 377 -62.01 -18.80 -60.11
CA ALA B 377 -62.94 -18.89 -61.23
C ALA B 377 -63.17 -17.51 -61.84
N VAL B 378 -63.99 -17.49 -62.89
CA VAL B 378 -64.39 -16.24 -63.54
C VAL B 378 -65.87 -16.27 -63.88
N ASN B 388 -60.71 -19.42 -66.09
CA ASN B 388 -61.10 -20.32 -65.02
C ASN B 388 -59.87 -21.06 -64.48
N GLU B 389 -59.02 -20.33 -63.78
CA GLU B 389 -57.75 -20.86 -63.30
C GLU B 389 -57.97 -21.83 -62.15
N THR B 390 -57.28 -22.98 -62.20
CA THR B 390 -57.24 -23.92 -61.09
C THR B 390 -55.81 -24.40 -60.94
N THR B 391 -55.18 -24.13 -59.80
CA THR B 391 -53.82 -24.59 -59.56
C THR B 391 -53.82 -25.75 -58.59
N THR B 392 -52.85 -26.65 -58.75
CA THR B 392 -52.64 -27.75 -57.83
C THR B 392 -51.21 -27.68 -57.28
N THR B 393 -51.06 -28.08 -56.03
CA THR B 393 -49.78 -27.98 -55.34
C THR B 393 -49.70 -29.11 -54.33
N LYS B 394 -48.49 -29.66 -54.15
CA LYS B 394 -48.28 -30.73 -53.19
C LYS B 394 -47.85 -30.14 -51.85
N GLY B 395 -48.39 -30.70 -50.77
CA GLY B 395 -48.10 -30.18 -49.46
C GLY B 395 -46.84 -30.76 -48.85
N ASP B 396 -46.29 -30.04 -47.89
CA ASP B 396 -45.06 -30.44 -47.23
C ASP B 396 -45.32 -31.54 -46.21
N TYR B 397 -44.30 -32.36 -45.98
CA TYR B 397 -44.36 -33.40 -44.97
C TYR B 397 -43.72 -32.98 -43.65
N THR B 398 -43.23 -31.75 -43.55
CA THR B 398 -42.41 -31.36 -42.41
C THR B 398 -43.15 -31.47 -41.09
N LYS B 399 -44.46 -31.23 -41.07
CA LYS B 399 -45.21 -31.43 -39.83
C LYS B 399 -45.39 -32.91 -39.54
N LEU B 400 -45.75 -33.70 -40.55
CA LEU B 400 -45.84 -35.13 -40.35
C LEU B 400 -44.49 -35.72 -40.00
N ALA B 401 -43.43 -35.28 -40.66
CA ALA B 401 -42.09 -35.75 -40.31
C ALA B 401 -41.74 -35.37 -38.89
N SER B 402 -42.17 -34.19 -38.44
CA SER B 402 -41.92 -33.80 -37.06
C SER B 402 -42.73 -34.64 -36.08
N ALA B 403 -43.89 -35.14 -36.50
CA ALA B 403 -44.71 -35.94 -35.62
C ALA B 403 -44.20 -37.37 -35.52
N LEU B 404 -43.72 -37.93 -36.63
CA LEU B 404 -43.29 -39.32 -36.64
C LEU B 404 -41.88 -39.51 -36.09
N SER B 405 -41.07 -38.45 -36.03
CA SER B 405 -39.67 -38.61 -35.65
C SER B 405 -39.52 -39.19 -34.25
N SER B 406 -40.50 -38.96 -33.38
CA SER B 406 -40.40 -39.40 -31.99
C SER B 406 -41.00 -40.78 -31.75
N ILE B 407 -41.60 -41.39 -32.77
CA ILE B 407 -42.21 -42.70 -32.58
C ILE B 407 -41.12 -43.75 -32.40
N GLN B 408 -41.14 -44.43 -31.28
CA GLN B 408 -40.42 -45.68 -31.06
C GLN B 408 -41.51 -46.73 -30.85
N GLY B 409 -41.79 -47.54 -31.85
CA GLY B 409 -42.79 -48.55 -31.62
C GLY B 409 -43.65 -48.73 -32.83
N ALA B 410 -44.81 -49.35 -32.60
CA ALA B 410 -45.84 -49.46 -33.61
C ALA B 410 -46.90 -48.38 -33.42
N ALA B 411 -46.96 -47.45 -34.37
CA ALA B 411 -48.02 -46.45 -34.44
C ALA B 411 -48.80 -46.71 -35.71
N VAL B 412 -50.04 -47.16 -35.56
CA VAL B 412 -50.86 -47.64 -36.68
C VAL B 412 -52.18 -46.89 -36.67
N SER B 413 -52.47 -46.18 -37.75
CA SER B 413 -53.68 -45.39 -37.86
C SER B 413 -54.74 -46.19 -38.60
N ILE B 414 -55.81 -46.54 -37.89
CA ILE B 414 -56.96 -47.22 -38.49
C ILE B 414 -58.05 -46.19 -38.67
N ALA B 415 -58.33 -45.83 -39.92
CA ALA B 415 -59.33 -44.81 -40.22
C ALA B 415 -60.68 -45.50 -40.44
N MET B 416 -61.65 -45.17 -39.59
CA MET B 416 -63.00 -45.71 -39.70
C MET B 416 -64.00 -44.58 -39.55
N GLY B 417 -64.77 -44.33 -40.60
CA GLY B 417 -65.81 -43.31 -40.58
C GLY B 417 -65.34 -41.96 -40.08
N ASP B 418 -64.23 -41.46 -40.65
CA ASP B 418 -63.57 -40.19 -40.37
C ASP B 418 -63.02 -40.12 -38.94
N TRP B 419 -63.28 -41.14 -38.15
CA TRP B 419 -62.65 -41.30 -36.85
C TRP B 419 -61.41 -42.16 -37.03
N THR B 420 -60.24 -41.57 -36.85
CA THR B 420 -58.97 -42.26 -37.05
C THR B 420 -58.43 -42.65 -35.68
N ALA B 421 -58.43 -43.94 -35.40
CA ALA B 421 -57.89 -44.46 -34.15
C ALA B 421 -56.43 -44.81 -34.35
N LEU B 422 -55.56 -44.18 -33.59
CA LEU B 422 -54.12 -44.41 -33.68
C LEU B 422 -53.71 -45.32 -32.54
N ILE B 423 -53.39 -46.55 -32.85
CA ILE B 423 -52.91 -47.51 -31.88
C ILE B 423 -51.41 -47.37 -31.79
N ASN B 424 -50.85 -47.45 -30.59
CA ASN B 424 -49.40 -47.48 -30.49
C ASN B 424 -48.99 -48.43 -29.38
N ALA B 425 -48.00 -49.26 -29.67
CA ALA B 425 -47.57 -50.23 -28.70
C ALA B 425 -46.10 -50.55 -28.95
N VAL B 426 -45.35 -50.73 -27.87
CA VAL B 426 -43.94 -51.07 -27.99
C VAL B 426 -43.51 -51.77 -26.71
N SER B 427 -42.51 -52.64 -26.82
CA SER B 427 -41.85 -53.25 -25.67
C SER B 427 -40.36 -53.05 -25.84
N ASN B 428 -39.76 -52.22 -25.00
CA ASN B 428 -38.33 -51.96 -25.04
C ASN B 428 -37.66 -52.80 -23.99
N ASP B 429 -36.86 -53.76 -24.42
CA ASP B 429 -36.14 -54.66 -23.53
C ASP B 429 -34.65 -54.39 -23.68
N SER B 430 -34.03 -53.90 -22.62
CA SER B 430 -32.62 -53.55 -22.65
C SER B 430 -31.86 -54.37 -21.63
N SER B 431 -30.56 -54.47 -21.84
CA SER B 431 -29.70 -55.19 -20.91
C SER B 431 -28.29 -54.64 -21.05
N SER B 432 -27.50 -54.80 -20.00
CA SER B 432 -26.11 -54.41 -20.01
C SER B 432 -25.35 -55.29 -19.04
N ASN B 433 -24.14 -55.66 -19.43
CA ASN B 433 -23.30 -56.48 -18.57
C ASN B 433 -21.88 -56.00 -18.75
N ILE B 434 -21.21 -55.65 -17.65
CA ILE B 434 -19.89 -55.02 -17.72
C ILE B 434 -19.00 -55.59 -16.64
N LEU B 435 -17.83 -56.09 -17.02
CA LEU B 435 -16.80 -56.42 -16.06
C LEU B 435 -15.56 -55.69 -16.52
N SER B 436 -14.96 -54.89 -15.66
CA SER B 436 -13.63 -54.35 -15.92
C SER B 436 -12.91 -54.53 -14.62
N SER B 437 -11.71 -55.10 -14.59
CA SER B 437 -10.94 -55.14 -13.35
C SER B 437 -9.57 -54.55 -13.61
N PRO B 438 -9.18 -53.49 -12.92
CA PRO B 438 -7.83 -52.94 -13.11
C PRO B 438 -6.99 -53.40 -11.94
N SER B 439 -5.79 -53.93 -12.23
CA SER B 439 -4.81 -54.30 -11.21
C SER B 439 -3.56 -53.42 -11.31
N ILE B 440 -3.17 -52.84 -10.19
CA ILE B 440 -1.95 -52.05 -10.09
C ILE B 440 -1.03 -52.77 -9.11
N THR B 441 0.24 -52.93 -9.50
CA THR B 441 1.26 -53.56 -8.67
C THR B 441 2.14 -52.48 -8.06
N VAL B 442 2.29 -52.54 -6.74
CA VAL B 442 2.75 -51.46 -5.89
C VAL B 442 3.81 -51.98 -4.95
N MET B 443 4.77 -51.14 -4.60
CA MET B 443 5.63 -51.44 -3.49
C MET B 443 4.85 -51.20 -2.21
N ASP B 444 5.11 -52.00 -1.18
CA ASP B 444 4.46 -51.79 0.10
C ASP B 444 4.67 -50.37 0.59
N ASN B 445 3.63 -49.81 1.20
CA ASN B 445 3.64 -48.45 1.75
C ASN B 445 3.76 -47.39 0.66
N GLY B 446 3.97 -47.80 -0.57
CA GLY B 446 3.97 -46.87 -1.67
C GLY B 446 2.60 -46.75 -2.29
N GLU B 447 2.35 -45.62 -2.92
CA GLU B 447 1.07 -45.33 -3.52
C GLU B 447 1.15 -45.48 -5.03
N ALA B 448 0.05 -45.89 -5.64
CA ALA B 448 0.01 -46.00 -7.09
C ALA B 448 -1.29 -45.47 -7.62
N SER B 449 -1.21 -44.75 -8.73
CA SER B 449 -2.36 -44.33 -9.49
C SER B 449 -2.45 -45.18 -10.74
N PHE B 450 -3.67 -45.44 -11.17
CA PHE B 450 -3.92 -46.17 -12.40
C PHE B 450 -5.11 -45.51 -13.07
N ILE B 451 -4.94 -45.10 -14.32
CA ILE B 451 -6.02 -44.49 -15.06
C ILE B 451 -6.16 -45.09 -16.43
N VAL B 452 -7.36 -45.54 -16.77
CA VAL B 452 -7.71 -45.84 -18.13
C VAL B 452 -8.89 -44.95 -18.44
N ALA B 453 -8.71 -44.04 -19.39
CA ALA B 453 -9.77 -43.10 -19.73
C ALA B 453 -9.62 -42.52 -21.13
N GLU B 454 -10.74 -42.05 -21.66
CA GLU B 454 -10.73 -41.27 -22.90
C GLU B 454 -11.47 -39.97 -22.58
N GLU B 455 -10.89 -38.85 -22.99
CA GLU B 455 -11.51 -37.57 -22.65
C GLU B 455 -12.29 -36.99 -23.83
N VAL B 456 -13.61 -36.92 -23.65
CA VAL B 456 -14.48 -36.27 -24.61
C VAL B 456 -14.46 -34.77 -24.40
N PRO B 457 -14.87 -34.01 -25.41
CA PRO B 457 -14.89 -32.53 -25.25
C PRO B 457 -16.08 -32.09 -24.39
N VAL B 458 -15.87 -31.08 -23.56
CA VAL B 458 -16.93 -30.57 -22.70
C VAL B 458 -17.13 -29.07 -22.88
N ILE B 459 -18.38 -28.64 -22.99
CA ILE B 459 -18.70 -27.23 -23.14
C ILE B 459 -19.42 -26.71 -21.90
N THR B 460 -18.75 -25.82 -21.18
CA THR B 460 -19.34 -25.22 -19.98
C THR B 460 -19.82 -23.81 -20.27
N GLY B 461 -19.94 -23.49 -21.55
CA GLY B 461 -20.40 -22.18 -21.97
C GLY B 461 -21.46 -22.24 -23.06
N PHE B 472 -20.76 -20.84 -31.19
CA PHE B 472 -19.45 -20.75 -30.56
C PHE B 472 -19.54 -21.09 -29.08
N GLN B 473 -19.34 -22.37 -28.75
CA GLN B 473 -19.39 -22.82 -27.37
C GLN B 473 -18.06 -23.40 -26.91
N THR B 474 -17.59 -22.96 -25.76
CA THR B 474 -16.32 -23.42 -25.21
C THR B 474 -16.37 -24.89 -24.81
N VAL B 475 -15.24 -25.58 -25.00
CA VAL B 475 -15.14 -27.00 -24.65
C VAL B 475 -14.02 -27.26 -23.66
N ASP B 476 -14.34 -28.03 -22.61
CA ASP B 476 -13.35 -28.40 -21.60
C ASP B 476 -13.18 -29.91 -21.54
N ARG B 477 -11.93 -30.36 -21.54
CA ARG B 477 -11.63 -31.79 -21.53
C ARG B 477 -11.63 -32.28 -20.08
N LYS B 478 -12.36 -33.36 -19.87
CA LYS B 478 -12.39 -34.10 -18.62
C LYS B 478 -12.31 -35.56 -19.01
N GLU B 479 -11.84 -36.41 -18.09
CA GLU B 479 -11.58 -37.81 -18.43
C GLU B 479 -12.56 -38.79 -17.79
N VAL B 480 -13.11 -39.67 -18.61
CA VAL B 480 -13.99 -40.74 -18.13
C VAL B 480 -13.32 -42.08 -18.42
N GLY B 481 -13.29 -42.94 -17.41
CA GLY B 481 -12.55 -44.19 -17.49
C GLY B 481 -12.46 -44.80 -16.11
N ILE B 482 -11.63 -45.83 -15.99
CA ILE B 482 -11.44 -46.46 -14.69
C ILE B 482 -10.14 -46.00 -14.07
N LYS B 483 -10.24 -45.44 -12.87
CA LYS B 483 -9.05 -45.02 -12.14
C LYS B 483 -9.05 -45.63 -10.75
N LEU B 484 -7.89 -46.11 -10.35
CA LEU B 484 -7.68 -46.81 -9.09
C LEU B 484 -6.45 -46.24 -8.44
N LYS B 485 -6.60 -45.60 -7.29
CA LYS B 485 -5.47 -45.05 -6.55
C LYS B 485 -5.40 -45.74 -5.21
N VAL B 486 -4.34 -46.50 -4.99
CA VAL B 486 -4.29 -47.39 -3.84
C VAL B 486 -2.98 -47.16 -3.09
N VAL B 487 -3.04 -47.27 -1.76
CA VAL B 487 -1.87 -47.09 -0.91
C VAL B 487 -1.79 -48.23 0.09
N PRO B 488 -1.26 -49.39 -0.27
CA PRO B 488 -1.27 -50.52 0.65
C PRO B 488 -0.20 -50.40 1.69
N GLN B 489 -0.45 -51.02 2.84
CA GLN B 489 0.61 -51.35 3.77
C GLN B 489 0.34 -52.75 4.29
N ILE B 490 1.40 -53.51 4.49
CA ILE B 490 1.28 -54.94 4.73
C ILE B 490 1.50 -55.21 6.21
N ASN B 491 0.48 -55.76 6.86
CA ASN B 491 0.70 -56.49 8.11
C ASN B 491 1.84 -57.46 7.89
N GLU B 492 2.73 -57.57 8.86
CA GLU B 492 4.01 -58.22 8.63
C GLU B 492 3.89 -59.64 8.10
N GLY B 493 2.68 -60.19 8.08
CA GLY B 493 2.39 -61.32 7.22
C GLY B 493 0.93 -61.31 6.85
N ASN B 494 0.61 -61.92 5.72
CA ASN B 494 -0.77 -62.00 5.24
C ASN B 494 -1.42 -60.63 5.08
N SER B 495 -2.43 -60.34 5.91
CA SER B 495 -3.40 -59.29 5.60
C SER B 495 -2.76 -57.99 5.15
N VAL B 496 -3.35 -57.37 4.14
CA VAL B 496 -2.94 -56.10 3.56
C VAL B 496 -4.00 -55.07 3.89
N GLN B 497 -3.56 -53.91 4.35
CA GLN B 497 -4.45 -52.78 4.55
C GLN B 497 -4.38 -51.86 3.33
N LEU B 498 -5.55 -51.43 2.88
CA LEU B 498 -5.67 -50.67 1.65
C LEU B 498 -6.43 -49.37 1.92
N ASN B 499 -5.78 -48.26 1.64
CA ASN B 499 -6.47 -46.98 1.47
C ASN B 499 -6.70 -46.84 -0.02
N ILE B 500 -7.96 -46.91 -0.44
CA ILE B 500 -8.30 -47.07 -1.84
C ILE B 500 -9.27 -45.98 -2.26
N GLU B 501 -9.03 -45.42 -3.44
CA GLU B 501 -9.93 -44.46 -4.06
C GLU B 501 -10.20 -44.97 -5.46
N GLN B 502 -11.42 -45.38 -5.73
CA GLN B 502 -11.73 -46.06 -6.97
C GLN B 502 -12.87 -45.38 -7.67
N GLU B 503 -12.67 -45.03 -8.94
CA GLU B 503 -13.66 -44.28 -9.70
C GLU B 503 -13.84 -44.92 -11.06
N VAL B 504 -15.07 -44.95 -11.56
CA VAL B 504 -15.34 -45.52 -12.86
C VAL B 504 -15.97 -44.46 -13.76
N SER B 505 -15.44 -44.30 -14.96
CA SER B 505 -15.98 -43.31 -15.88
C SER B 505 -16.77 -43.97 -16.99
N ASN B 506 -18.05 -43.66 -17.06
CA ASN B 506 -18.91 -44.15 -18.13
C ASN B 506 -19.62 -42.99 -18.79
N VAL B 507 -19.62 -42.97 -20.12
CA VAL B 507 -20.23 -41.86 -20.84
C VAL B 507 -21.11 -42.29 -22.01
N LEU B 508 -22.30 -41.71 -22.10
CA LEU B 508 -23.24 -42.03 -23.16
C LEU B 508 -22.97 -41.18 -24.41
N ASP B 515 -23.32 -31.38 -24.50
CA ASP B 515 -24.57 -31.97 -24.06
C ASP B 515 -24.46 -33.48 -23.95
N VAL B 516 -23.40 -33.96 -23.32
CA VAL B 516 -23.18 -35.38 -23.15
C VAL B 516 -23.23 -35.77 -21.67
N ARG B 517 -24.01 -36.81 -21.36
CA ARG B 517 -24.15 -37.26 -19.99
C ARG B 517 -23.39 -38.57 -19.76
N PHE B 518 -22.54 -38.58 -18.74
CA PHE B 518 -21.76 -39.77 -18.39
C PHE B 518 -21.91 -40.07 -16.91
N ALA B 519 -21.91 -41.35 -16.57
CA ALA B 519 -22.07 -41.76 -15.19
C ALA B 519 -20.76 -42.13 -14.54
N LYS B 520 -20.51 -41.56 -13.36
CA LYS B 520 -19.30 -41.85 -12.60
C LYS B 520 -19.67 -42.31 -11.20
N ARG B 521 -19.29 -43.54 -10.86
CA ARG B 521 -19.61 -44.09 -9.55
C ARG B 521 -18.34 -44.49 -8.82
N GLN B 522 -17.90 -43.64 -7.90
CA GLN B 522 -16.65 -43.89 -7.19
C GLN B 522 -16.95 -44.24 -5.76
N LEU B 523 -16.05 -45.01 -5.17
CA LEU B 523 -16.05 -45.24 -3.75
C LEU B 523 -14.60 -45.21 -3.30
N ASN B 524 -14.34 -44.46 -2.23
CA ASN B 524 -13.01 -44.36 -1.66
C ASN B 524 -13.10 -44.65 -0.18
N THR B 525 -12.49 -45.75 0.23
CA THR B 525 -12.66 -46.30 1.56
C THR B 525 -11.33 -46.84 2.03
N SER B 526 -11.33 -47.48 3.19
CA SER B 526 -10.15 -48.13 3.74
C SER B 526 -10.56 -49.51 4.21
N VAL B 527 -9.95 -50.54 3.65
CA VAL B 527 -10.35 -51.90 3.99
C VAL B 527 -9.10 -52.67 4.39
N MET B 528 -9.32 -53.83 5.01
CA MET B 528 -8.24 -54.73 5.38
C MET B 528 -8.58 -56.10 4.84
N VAL B 529 -7.79 -56.58 3.89
CA VAL B 529 -8.10 -57.78 3.13
C VAL B 529 -7.05 -58.82 3.44
N GLN B 530 -7.45 -60.08 3.51
CA GLN B 530 -6.46 -61.13 3.67
C GLN B 530 -5.60 -61.23 2.42
N ASP B 531 -4.47 -61.90 2.55
CA ASP B 531 -3.46 -61.97 1.50
C ASP B 531 -4.04 -62.27 0.13
N GLY B 532 -4.50 -63.50 -0.08
CA GLY B 532 -4.97 -63.90 -1.39
C GLY B 532 -6.47 -64.00 -1.55
N GLN B 533 -7.25 -63.40 -0.68
CA GLN B 533 -8.70 -63.56 -0.70
C GLN B 533 -9.36 -62.28 -1.16
N MET B 534 -10.50 -62.45 -1.82
CA MET B 534 -11.27 -61.33 -2.36
C MET B 534 -12.16 -60.72 -1.29
N LEU B 535 -12.33 -59.42 -1.35
CA LEU B 535 -13.21 -58.71 -0.42
C LEU B 535 -14.01 -57.67 -1.17
N VAL B 536 -15.27 -57.50 -0.77
CA VAL B 536 -16.20 -56.63 -1.49
C VAL B 536 -16.14 -55.24 -0.87
N LEU B 537 -15.61 -54.28 -1.62
CA LEU B 537 -15.63 -52.90 -1.16
C LEU B 537 -17.04 -52.35 -1.18
N GLY B 538 -17.71 -52.42 -2.32
CA GLY B 538 -18.90 -51.63 -2.44
C GLY B 538 -19.92 -52.26 -3.35
N GLY B 539 -21.04 -51.59 -3.48
CA GLY B 539 -22.10 -52.09 -4.33
C GLY B 539 -23.30 -51.19 -4.29
N LEU B 540 -24.20 -51.43 -5.22
CA LEU B 540 -25.49 -50.79 -5.27
C LEU B 540 -26.45 -51.79 -5.89
N ILE B 541 -27.65 -51.89 -5.36
CA ILE B 541 -28.68 -52.70 -5.97
C ILE B 541 -29.92 -51.84 -6.09
N ASP B 542 -30.29 -51.51 -7.32
CA ASP B 542 -31.33 -50.54 -7.54
C ASP B 542 -32.43 -51.19 -8.36
N GLU B 543 -33.68 -50.94 -7.99
CA GLU B 543 -34.82 -51.51 -8.68
C GLU B 543 -35.89 -50.45 -8.80
N ARG B 544 -36.55 -50.39 -9.94
CA ARG B 544 -37.57 -49.39 -10.18
C ARG B 544 -38.72 -50.00 -10.95
N ALA B 545 -39.93 -49.63 -10.59
CA ALA B 545 -41.12 -49.91 -11.40
C ALA B 545 -41.94 -48.65 -11.49
N LEU B 546 -42.06 -48.10 -12.68
CA LEU B 546 -42.86 -46.91 -12.91
C LEU B 546 -44.03 -47.29 -13.81
N GLU B 547 -45.23 -47.29 -13.26
CA GLU B 547 -46.43 -47.54 -14.03
C GLU B 547 -47.16 -46.22 -14.19
N SER B 548 -47.82 -46.05 -15.32
CA SER B 548 -48.60 -44.86 -15.62
C SER B 548 -49.76 -45.27 -16.49
N GLU B 549 -50.86 -44.52 -16.42
CA GLU B 549 -52.06 -44.87 -17.15
C GLU B 549 -52.87 -43.62 -17.39
N SER B 550 -53.72 -43.65 -18.40
CA SER B 550 -54.69 -42.61 -18.65
C SER B 550 -55.92 -43.25 -19.27
N LYS B 551 -57.09 -42.74 -18.94
CA LYS B 551 -58.32 -43.28 -19.50
C LYS B 551 -59.41 -42.22 -19.38
N VAL B 552 -60.58 -42.55 -19.87
CA VAL B 552 -61.65 -41.57 -20.06
C VAL B 552 -62.29 -40.94 -18.81
N PRO B 553 -62.43 -41.64 -17.67
CA PRO B 553 -62.27 -42.96 -17.07
C PRO B 553 -63.30 -44.03 -17.38
N LEU B 554 -64.58 -43.66 -17.46
CA LEU B 554 -65.64 -44.65 -17.29
C LEU B 554 -65.57 -45.73 -18.36
N LEU B 555 -65.33 -45.35 -19.60
CA LEU B 555 -65.26 -46.33 -20.68
C LEU B 555 -64.03 -47.23 -20.54
N GLY B 556 -62.94 -46.69 -20.01
CA GLY B 556 -61.73 -47.49 -19.87
C GLY B 556 -61.84 -48.52 -18.77
N ASP B 557 -62.94 -48.50 -18.03
CA ASP B 557 -63.13 -49.48 -16.96
C ASP B 557 -63.66 -50.79 -17.49
N ILE B 558 -64.44 -50.76 -18.57
CA ILE B 558 -65.03 -51.97 -19.14
C ILE B 558 -63.92 -52.99 -19.43
N PRO B 559 -64.09 -54.26 -19.08
CA PRO B 559 -63.01 -55.23 -19.29
C PRO B 559 -62.67 -55.48 -20.76
N LEU B 560 -63.68 -55.65 -21.61
CA LEU B 560 -63.40 -56.04 -22.99
C LEU B 560 -62.95 -54.85 -23.83
N LEU B 561 -63.71 -53.75 -23.79
CA LEU B 561 -63.42 -52.60 -24.62
C LEU B 561 -62.58 -51.54 -23.93
N GLY B 562 -62.20 -51.77 -22.68
CA GLY B 562 -61.46 -50.75 -21.96
C GLY B 562 -60.11 -50.45 -22.58
N GLN B 563 -59.50 -51.44 -23.21
CA GLN B 563 -58.17 -51.23 -23.76
C GLN B 563 -58.19 -50.27 -24.93
N LEU B 564 -59.39 -49.96 -25.44
CA LEU B 564 -59.48 -49.00 -26.53
C LEU B 564 -59.33 -47.58 -26.03
N PHE B 565 -59.77 -47.30 -24.82
CA PHE B 565 -59.74 -45.95 -24.28
C PHE B 565 -58.59 -45.70 -23.30
N ARG B 566 -57.73 -46.69 -23.05
CA ARG B 566 -56.64 -46.54 -22.11
C ARG B 566 -55.31 -46.35 -22.81
N SER B 567 -54.42 -45.61 -22.17
CA SER B 567 -53.01 -45.54 -22.57
C SER B 567 -52.18 -45.90 -21.34
N THR B 568 -51.48 -47.01 -21.42
CA THR B 568 -50.70 -47.52 -20.31
C THR B 568 -49.22 -47.46 -20.67
N SER B 569 -48.40 -46.96 -19.75
CA SER B 569 -46.95 -46.94 -19.93
C SER B 569 -46.31 -47.55 -18.71
N SER B 570 -45.71 -48.72 -18.86
CA SER B 570 -45.09 -49.42 -17.75
C SER B 570 -43.59 -49.54 -18.00
N GLN B 571 -42.81 -49.49 -16.92
CA GLN B 571 -41.37 -49.58 -17.04
C GLN B 571 -40.78 -50.24 -15.81
N VAL B 572 -39.76 -51.06 -16.01
CA VAL B 572 -39.07 -51.74 -14.92
C VAL B 572 -37.58 -51.62 -15.17
N GLU B 573 -36.86 -51.00 -14.27
CA GLU B 573 -35.42 -50.85 -14.38
C GLU B 573 -34.76 -51.60 -13.24
N LYS B 574 -33.54 -52.07 -13.48
CA LYS B 574 -32.80 -52.80 -12.46
C LYS B 574 -31.32 -52.59 -12.70
N LYS B 575 -30.55 -52.54 -11.62
CA LYS B 575 -29.13 -52.25 -11.74
C LYS B 575 -28.40 -52.89 -10.57
N ASN B 576 -27.17 -53.32 -10.83
CA ASN B 576 -26.33 -53.97 -9.84
C ASN B 576 -24.90 -53.50 -10.04
N LEU B 577 -24.24 -53.16 -8.95
CA LEU B 577 -22.83 -52.81 -8.96
C LEU B 577 -22.17 -53.51 -7.80
N MET B 578 -21.15 -54.29 -8.07
CA MET B 578 -20.28 -54.74 -6.98
C MET B 578 -18.86 -54.34 -7.33
N VAL B 579 -18.12 -53.93 -6.31
CA VAL B 579 -16.71 -53.63 -6.45
C VAL B 579 -15.98 -54.48 -5.43
N PHE B 580 -15.15 -55.39 -5.92
CA PHE B 580 -14.37 -56.34 -5.15
C PHE B 580 -12.90 -55.98 -5.30
N ILE B 581 -12.07 -56.44 -4.37
CA ILE B 581 -10.63 -56.25 -4.51
C ILE B 581 -9.92 -57.51 -4.02
N LYS B 582 -8.95 -57.96 -4.80
CA LYS B 582 -8.06 -59.05 -4.38
C LYS B 582 -6.62 -58.56 -4.39
N PRO B 583 -6.00 -58.39 -3.23
CA PRO B 583 -4.55 -58.21 -3.19
C PRO B 583 -3.84 -59.54 -3.33
N THR B 584 -2.57 -59.48 -3.67
CA THR B 584 -1.70 -60.65 -3.59
C THR B 584 -0.32 -60.17 -3.19
N ILE B 585 0.28 -60.78 -2.19
CA ILE B 585 1.58 -60.31 -1.71
C ILE B 585 2.68 -61.03 -2.46
N ILE B 586 3.56 -60.26 -3.06
CA ILE B 586 4.72 -60.74 -3.78
C ILE B 586 5.92 -60.46 -2.91
N ARG B 587 6.57 -61.52 -2.44
CA ARG B 587 7.76 -61.44 -1.60
C ARG B 587 8.99 -61.97 -2.32
N ASP B 588 8.98 -63.25 -2.67
CA ASP B 588 10.06 -63.84 -3.45
C ASP B 588 10.00 -63.34 -4.89
N GLY B 589 11.12 -63.50 -5.59
CA GLY B 589 11.12 -63.27 -7.02
C GLY B 589 10.38 -64.34 -7.80
N VAL B 590 10.34 -65.57 -7.27
CA VAL B 590 9.63 -66.64 -7.95
C VAL B 590 8.12 -66.40 -7.96
N THR B 591 7.60 -65.68 -6.98
CA THR B 591 6.17 -65.35 -7.01
C THR B 591 5.86 -64.34 -8.09
N ALA B 592 6.63 -63.25 -8.15
CA ALA B 592 6.44 -62.28 -9.22
C ALA B 592 6.62 -62.90 -10.59
N ASP B 593 7.58 -63.80 -10.73
CA ASP B 593 7.74 -64.49 -11.99
C ASP B 593 6.57 -65.43 -12.28
N GLY B 594 5.97 -66.02 -11.25
CA GLY B 594 4.83 -66.89 -11.44
C GLY B 594 3.59 -66.14 -11.88
N ILE B 595 3.36 -64.96 -11.32
CA ILE B 595 2.22 -64.15 -11.73
C ILE B 595 2.45 -63.56 -13.12
N THR B 596 3.60 -62.92 -13.30
CA THR B 596 3.92 -62.33 -14.60
C THR B 596 3.89 -63.37 -15.70
N GLN B 597 4.26 -64.62 -15.40
CA GLN B 597 4.27 -65.63 -16.44
C GLN B 597 2.86 -65.98 -16.89
N ARG B 598 1.90 -66.02 -15.96
CA ARG B 598 0.55 -66.37 -16.39
C ARG B 598 -0.16 -65.17 -17.02
N LYS B 599 0.05 -63.96 -16.52
CA LYS B 599 -0.55 -62.82 -17.18
C LYS B 599 0.08 -62.55 -18.54
N TYR B 600 1.32 -63.00 -18.74
CA TYR B 600 1.97 -62.85 -20.02
C TYR B 600 1.50 -63.94 -20.99
N ASN B 601 1.47 -65.19 -20.53
CA ASN B 601 1.02 -66.29 -21.38
C ASN B 601 -0.45 -66.21 -21.72
N TYR B 602 -1.27 -65.54 -20.91
CA TYR B 602 -2.65 -65.34 -21.29
C TYR B 602 -2.75 -64.48 -22.55
N ILE B 603 -2.13 -63.30 -22.53
CA ILE B 603 -2.14 -62.47 -23.72
C ILE B 603 -1.48 -63.16 -24.89
N ARG B 604 -0.30 -63.76 -24.67
CA ARG B 604 0.33 -64.48 -25.78
C ARG B 604 -0.60 -65.52 -26.37
N ALA B 605 -1.37 -66.22 -25.55
CA ALA B 605 -2.35 -67.16 -26.08
C ALA B 605 -3.39 -66.44 -26.93
N GLU B 606 -3.94 -65.33 -26.44
CA GLU B 606 -4.88 -64.55 -27.24
C GLU B 606 -4.29 -64.19 -28.59
N GLN B 607 -3.04 -63.72 -28.62
CA GLN B 607 -2.44 -63.25 -29.86
C GLN B 607 -2.14 -64.40 -30.81
N LEU B 608 -1.68 -65.55 -30.29
CA LEU B 608 -1.54 -66.71 -31.15
C LEU B 608 -2.87 -67.10 -31.79
N PHE B 609 -3.95 -67.05 -31.01
CA PHE B 609 -5.25 -67.29 -31.61
C PHE B 609 -5.60 -66.25 -32.67
N ARG B 610 -5.21 -65.00 -32.45
CA ARG B 610 -5.37 -63.99 -33.48
C ARG B 610 -4.56 -64.33 -34.73
N ALA B 611 -3.45 -65.02 -34.56
CA ALA B 611 -2.62 -65.37 -35.71
C ALA B 611 -3.12 -66.61 -36.43
N GLU B 612 -3.92 -67.45 -35.76
CA GLU B 612 -4.44 -68.62 -36.43
C GLU B 612 -5.57 -68.26 -37.39
N LYS B 613 -6.53 -67.47 -36.94
CA LYS B 613 -7.46 -66.81 -37.85
C LYS B 613 -6.96 -65.37 -37.96
N GLY B 614 -6.32 -65.07 -39.09
CA GLY B 614 -5.51 -63.89 -39.21
C GLY B 614 -6.24 -62.76 -39.91
N LEU B 615 -5.46 -61.76 -40.32
CA LEU B 615 -6.00 -60.72 -41.17
C LEU B 615 -6.39 -61.34 -42.50
N ARG B 616 -7.63 -61.12 -42.92
CA ARG B 616 -8.10 -61.78 -44.12
C ARG B 616 -7.41 -61.24 -45.36
N LEU B 617 -7.16 -59.93 -45.39
CA LEU B 617 -6.58 -59.33 -46.57
C LEU B 617 -5.06 -59.27 -46.54
N LEU B 618 -4.44 -59.53 -45.40
CA LEU B 618 -3.00 -59.40 -45.25
C LEU B 618 -2.40 -60.72 -44.78
N ASP B 619 -1.09 -60.82 -44.90
CA ASP B 619 -0.39 -62.03 -44.49
C ASP B 619 -0.46 -62.19 -42.97
N ASP B 620 -0.65 -63.42 -42.52
CA ASP B 620 -0.82 -63.69 -41.10
C ASP B 620 0.43 -63.46 -40.28
N ALA B 621 1.57 -63.23 -40.91
CA ALA B 621 2.79 -62.92 -40.18
C ALA B 621 2.89 -61.45 -39.80
N SER B 622 1.93 -60.63 -40.22
CA SER B 622 1.95 -59.21 -39.92
C SER B 622 1.25 -58.86 -38.61
N VAL B 623 0.54 -59.81 -38.01
CA VAL B 623 -0.14 -59.53 -36.73
C VAL B 623 0.88 -59.58 -35.61
N PRO B 624 0.95 -58.56 -34.75
CA PRO B 624 1.94 -58.59 -33.68
C PRO B 624 1.60 -59.66 -32.65
N VAL B 625 2.61 -60.42 -32.26
CA VAL B 625 2.45 -61.49 -31.28
C VAL B 625 3.64 -61.47 -30.35
N LEU B 626 3.38 -61.60 -29.06
CA LEU B 626 4.45 -61.55 -28.09
C LEU B 626 5.41 -62.72 -28.32
N PRO B 627 6.71 -62.51 -28.14
CA PRO B 627 7.64 -63.63 -28.17
C PRO B 627 7.41 -64.55 -26.99
N LYS B 628 7.84 -65.79 -27.12
CA LYS B 628 7.72 -66.74 -26.04
C LYS B 628 8.46 -66.20 -24.82
N PHE B 629 7.93 -66.50 -23.64
CA PHE B 629 8.30 -65.77 -22.44
C PHE B 629 9.80 -65.87 -22.18
N GLY B 630 10.47 -64.71 -22.14
CA GLY B 630 11.89 -64.64 -21.85
C GLY B 630 12.81 -64.62 -23.06
N ASP B 631 12.27 -64.65 -24.28
CA ASP B 631 13.10 -64.78 -25.47
C ASP B 631 13.43 -63.47 -26.16
N ASP B 632 12.97 -62.34 -25.63
CA ASP B 632 13.19 -61.03 -26.24
C ASP B 632 12.76 -61.00 -27.70
N ARG B 633 13.53 -60.33 -28.55
CA ARG B 633 13.09 -59.98 -29.89
C ARG B 633 13.41 -61.04 -30.95
N ARG B 634 12.41 -61.35 -31.78
CA ARG B 634 12.58 -62.06 -33.04
C ARG B 634 12.35 -61.48 -34.40
N HIS B 635 13.22 -61.78 -35.36
CA HIS B 635 13.12 -61.17 -36.68
C HIS B 635 11.86 -61.82 -37.24
N SER B 636 11.26 -61.15 -38.22
CA SER B 636 10.15 -61.70 -38.97
C SER B 636 10.56 -63.02 -39.64
N PRO B 637 9.62 -63.85 -40.00
CA PRO B 637 9.99 -65.12 -40.62
C PRO B 637 10.74 -64.92 -41.95
N GLU B 638 10.22 -64.03 -42.79
CA GLU B 638 10.88 -63.72 -44.06
C GLU B 638 12.24 -63.05 -43.90
N ILE B 639 12.31 -62.09 -42.98
CA ILE B 639 13.56 -61.40 -42.69
C ILE B 639 14.58 -62.37 -42.12
N GLN B 640 14.10 -63.25 -41.25
CA GLN B 640 14.97 -64.26 -40.66
C GLN B 640 15.51 -65.16 -41.75
N ALA B 641 14.65 -65.52 -42.69
CA ALA B 641 15.06 -66.36 -43.81
C ALA B 641 16.13 -65.65 -44.64
N PHE B 642 15.94 -64.36 -44.86
CA PHE B 642 16.91 -63.56 -45.61
C PHE B 642 18.26 -63.52 -44.89
N ILE B 643 18.22 -63.37 -43.57
CA ILE B 643 19.46 -63.18 -42.81
C ILE B 643 20.40 -64.37 -42.92
N GLU B 644 19.82 -65.57 -42.89
CA GLU B 644 20.59 -66.81 -42.96
C GLU B 644 21.31 -66.96 -44.29
N GLN B 645 20.71 -66.44 -45.37
CA GLN B 645 21.36 -66.52 -46.67
C GLN B 645 22.65 -65.70 -46.69
N MET B 646 22.57 -64.43 -46.30
CA MET B 646 23.73 -63.55 -46.27
C MET B 646 24.75 -64.04 -45.23
N GLY C 97 88.91 -52.27 53.80
CA GLY C 97 89.94 -51.86 54.74
C GLY C 97 89.64 -50.55 55.46
N ASP C 98 90.69 -49.91 55.96
CA ASP C 98 90.60 -48.68 56.73
C ASP C 98 90.81 -47.40 55.91
N GLU C 99 90.94 -47.48 54.60
CA GLU C 99 91.31 -46.31 53.80
C GLU C 99 90.24 -45.22 53.91
N VAL C 100 90.65 -43.96 53.70
CA VAL C 100 89.74 -42.82 53.65
C VAL C 100 89.52 -42.43 52.19
N ILE C 101 88.31 -42.68 51.68
CA ILE C 101 87.89 -42.27 50.34
C ILE C 101 86.50 -41.64 50.45
N THR C 102 86.14 -40.86 49.44
CA THR C 102 84.84 -40.21 49.35
C THR C 102 83.92 -40.99 48.39
N GLN C 103 82.66 -41.16 48.77
CA GLN C 103 81.71 -41.85 47.89
C GLN C 103 80.52 -40.96 47.57
N VAL C 104 80.19 -40.90 46.29
CA VAL C 104 79.13 -40.06 45.75
C VAL C 104 78.01 -40.95 45.25
N VAL C 105 76.88 -40.94 45.94
CA VAL C 105 75.76 -41.83 45.60
C VAL C 105 74.47 -41.03 45.71
N ALA C 106 73.41 -41.48 45.03
CA ALA C 106 72.18 -40.69 44.93
C ALA C 106 71.06 -41.24 45.82
N VAL C 107 70.21 -40.33 46.28
CA VAL C 107 68.86 -40.64 46.72
C VAL C 107 67.95 -39.66 45.99
N LYS C 108 67.18 -40.17 45.04
CA LYS C 108 66.34 -39.27 44.25
C LYS C 108 65.04 -38.95 44.97
N ASN C 109 64.58 -39.87 45.82
CA ASN C 109 63.19 -39.90 46.22
C ASN C 109 62.80 -38.66 47.02
N VAL C 110 63.59 -38.30 48.03
CA VAL C 110 63.36 -37.07 48.79
C VAL C 110 64.73 -36.53 49.21
N SER C 111 64.78 -35.22 49.47
CA SER C 111 66.04 -34.54 49.79
C SER C 111 66.75 -35.22 50.96
N VAL C 112 68.07 -35.40 50.82
CA VAL C 112 68.85 -36.22 51.74
C VAL C 112 69.27 -35.47 53.00
N ARG C 113 69.00 -34.16 53.09
CA ARG C 113 69.18 -33.45 54.34
C ARG C 113 68.42 -34.14 55.47
N GLU C 114 67.34 -34.84 55.12
CA GLU C 114 66.55 -35.62 56.04
C GLU C 114 67.36 -36.65 56.82
N LEU C 115 68.51 -37.07 56.28
CA LEU C 115 69.36 -38.04 56.95
C LEU C 115 70.53 -37.43 57.71
N SER C 116 70.65 -36.10 57.75
CA SER C 116 71.84 -35.51 58.39
C SER C 116 72.04 -35.95 59.84
N PRO C 117 71.03 -36.04 60.71
CA PRO C 117 71.31 -36.37 62.12
C PRO C 117 71.81 -37.81 62.31
N LEU C 118 71.18 -38.76 61.62
CA LEU C 118 71.46 -40.17 61.84
C LEU C 118 72.74 -40.57 61.13
N LEU C 119 73.02 -39.93 59.98
CA LEU C 119 74.30 -40.12 59.30
C LEU C 119 75.46 -39.56 60.11
N ARG C 120 75.31 -38.36 60.67
CA ARG C 120 76.30 -37.89 61.65
C ARG C 120 76.32 -38.77 62.89
N GLN C 121 75.31 -39.63 63.07
CA GLN C 121 75.41 -40.65 64.09
C GLN C 121 76.49 -41.67 63.74
N LEU C 122 76.58 -42.08 62.47
CA LEU C 122 77.71 -42.87 62.02
C LEU C 122 78.97 -42.05 61.85
N ILE C 123 78.87 -40.72 61.77
CA ILE C 123 80.07 -39.89 61.87
C ILE C 123 80.49 -39.78 63.33
N ASP C 124 79.53 -39.89 64.24
CA ASP C 124 79.80 -40.03 65.67
C ASP C 124 80.10 -41.47 66.10
N ASN C 125 79.35 -42.47 65.59
CA ASN C 125 79.50 -43.87 66.03
C ASN C 125 80.95 -44.34 65.99
N ALA C 126 81.74 -43.81 65.06
CA ALA C 126 83.16 -44.12 64.95
C ALA C 126 83.92 -42.82 64.72
N GLY C 127 85.21 -42.94 64.40
CA GLY C 127 86.09 -41.79 64.23
C GLY C 127 85.73 -40.83 63.13
N ALA C 128 86.16 -39.57 63.29
CA ALA C 128 85.85 -38.50 62.34
C ALA C 128 87.01 -38.31 61.37
N GLY C 129 86.98 -37.25 60.60
CA GLY C 129 87.59 -37.17 59.31
C GLY C 129 86.57 -37.25 58.21
N ASN C 130 85.37 -37.71 58.51
CA ASN C 130 84.26 -37.84 57.58
C ASN C 130 83.73 -36.47 57.19
N VAL C 131 83.04 -36.47 56.05
CA VAL C 131 82.03 -35.47 55.73
C VAL C 131 80.88 -36.23 55.13
N VAL C 132 79.65 -35.77 55.35
CA VAL C 132 78.56 -36.17 54.48
C VAL C 132 77.82 -34.89 54.13
N HIS C 133 77.87 -34.53 52.85
CA HIS C 133 77.37 -33.25 52.38
C HIS C 133 76.29 -33.53 51.35
N TYR C 134 75.18 -32.80 51.49
CA TYR C 134 73.95 -33.08 50.76
C TYR C 134 73.72 -31.97 49.77
N ASP C 135 73.94 -32.26 48.51
CA ASP C 135 73.85 -31.19 47.53
C ASP C 135 72.41 -30.99 47.12
N PRO C 136 71.93 -29.74 47.19
CA PRO C 136 70.54 -29.46 46.81
C PRO C 136 70.20 -29.83 45.37
N ALA C 137 71.22 -30.08 44.54
CA ALA C 137 71.02 -30.67 43.22
C ALA C 137 70.58 -32.13 43.33
N ASN C 138 70.54 -32.63 44.58
CA ASN C 138 70.18 -34.00 44.93
C ASN C 138 71.16 -35.03 44.37
N ILE C 139 72.37 -35.04 44.92
CA ILE C 139 73.26 -36.20 44.94
C ILE C 139 73.75 -36.29 46.39
N ILE C 140 74.73 -37.14 46.66
CA ILE C 140 75.14 -37.45 48.03
C ILE C 140 76.66 -37.59 48.10
N LEU C 141 77.26 -36.92 49.09
CA LEU C 141 78.70 -36.98 49.36
C LEU C 141 78.99 -37.60 50.73
N ILE C 142 79.88 -38.58 50.74
CA ILE C 142 80.54 -39.03 51.96
C ILE C 142 82.04 -38.90 51.72
N THR C 143 82.79 -38.74 52.80
CA THR C 143 84.23 -38.83 52.80
C THR C 143 84.65 -39.47 54.12
N GLY C 144 85.53 -40.45 54.07
CA GLY C 144 86.00 -41.08 55.30
C GLY C 144 86.35 -42.53 55.08
N ARG C 145 86.42 -43.26 56.19
CA ARG C 145 86.83 -44.64 56.11
C ARG C 145 85.82 -45.47 55.34
N ALA C 146 86.35 -46.28 54.41
CA ALA C 146 85.50 -47.02 53.47
C ALA C 146 84.47 -47.87 54.18
N ALA C 147 84.77 -48.32 55.40
CA ALA C 147 83.79 -49.08 56.16
C ALA C 147 82.64 -48.20 56.63
N VAL C 148 82.95 -47.11 57.31
CA VAL C 148 81.90 -46.23 57.84
C VAL C 148 81.26 -45.44 56.71
N VAL C 149 82.04 -45.12 55.68
CA VAL C 149 81.48 -44.57 54.45
C VAL C 149 80.56 -45.56 53.78
N ASN C 150 80.80 -46.86 54.00
CA ASN C 150 79.89 -47.87 53.47
C ASN C 150 78.59 -47.86 54.25
N ARG C 151 78.63 -48.17 55.55
CA ARG C 151 77.41 -48.14 56.35
C ARG C 151 76.61 -46.84 56.16
N LEU C 152 77.31 -45.71 56.05
CA LEU C 152 76.66 -44.45 55.69
C LEU C 152 76.00 -44.53 54.32
N ALA C 153 76.70 -45.08 53.32
CA ALA C 153 76.10 -45.19 51.99
C ALA C 153 74.98 -46.23 51.98
N GLU C 154 74.91 -47.05 53.02
CA GLU C 154 73.89 -48.09 53.14
C GLU C 154 72.62 -47.54 53.75
N ILE C 155 72.76 -46.68 54.77
CA ILE C 155 71.64 -45.89 55.22
C ILE C 155 71.14 -45.00 54.10
N ILE C 156 72.06 -44.24 53.51
CA ILE C 156 71.77 -43.37 52.39
C ILE C 156 71.01 -44.13 51.30
N ARG C 157 71.63 -45.16 50.71
CA ARG C 157 70.93 -45.96 49.71
C ARG C 157 69.70 -46.65 50.31
N ARG C 158 69.58 -46.64 51.64
CA ARG C 158 68.41 -47.22 52.28
C ARG C 158 67.28 -46.21 52.26
N VAL C 159 67.59 -44.93 52.02
CA VAL C 159 66.56 -43.98 51.64
C VAL C 159 66.50 -43.77 50.11
N ASP C 160 67.53 -44.17 49.37
CA ASP C 160 67.43 -44.25 47.90
C ASP C 160 66.41 -45.29 47.47
N GLN C 161 66.78 -46.55 47.69
CA GLN C 161 66.03 -47.71 47.22
C GLN C 161 64.67 -47.84 47.87
N ALA C 162 64.47 -47.20 49.01
CA ALA C 162 63.28 -47.36 49.84
C ALA C 162 61.97 -47.06 49.12
N GLY C 163 61.73 -45.79 48.80
CA GLY C 163 60.41 -45.28 48.52
C GLY C 163 60.02 -45.16 47.06
N ASP C 164 60.58 -45.99 46.18
CA ASP C 164 60.72 -45.68 44.76
C ASP C 164 59.44 -45.11 44.16
N LYS C 165 59.59 -44.08 43.34
CA LYS C 165 58.45 -43.41 42.72
C LYS C 165 58.86 -42.98 41.33
N GLU C 166 58.09 -43.39 40.31
CA GLU C 166 58.23 -42.87 38.96
C GLU C 166 56.92 -43.01 38.20
N ILE C 167 57.03 -42.86 36.89
CA ILE C 167 55.91 -42.74 35.96
C ILE C 167 55.69 -44.04 35.20
N GLU C 168 54.42 -44.38 34.97
CA GLU C 168 54.02 -45.46 34.09
C GLU C 168 53.24 -44.93 32.91
N VAL C 169 53.22 -45.70 31.83
CA VAL C 169 52.36 -45.44 30.69
C VAL C 169 51.75 -46.77 30.25
N VAL C 170 50.43 -46.89 30.38
CA VAL C 170 49.75 -48.13 30.08
C VAL C 170 48.45 -47.83 29.35
N GLU C 171 48.24 -48.53 28.24
CA GLU C 171 47.08 -48.32 27.39
C GLU C 171 45.78 -48.58 28.13
N LEU C 172 44.84 -47.67 27.94
CA LEU C 172 43.45 -47.86 28.32
C LEU C 172 42.69 -47.97 27.02
N ASN C 173 42.27 -49.18 26.67
CA ASN C 173 41.65 -49.36 25.36
C ASN C 173 40.20 -48.94 25.38
N ASN C 174 39.58 -49.03 26.56
CA ASN C 174 38.13 -49.02 26.59
C ASN C 174 37.62 -47.85 27.40
N ALA C 175 37.72 -47.98 28.72
CA ALA C 175 37.24 -46.92 29.60
C ALA C 175 38.01 -45.64 29.31
N SER C 176 37.27 -44.59 29.02
CA SER C 176 37.90 -43.33 28.67
C SER C 176 38.90 -42.93 29.73
N ALA C 177 40.13 -42.63 29.29
CA ALA C 177 41.14 -42.20 30.24
C ALA C 177 40.59 -41.11 31.13
N ALA C 178 40.18 -39.98 30.56
CA ALA C 178 39.64 -38.90 31.37
C ALA C 178 38.61 -39.41 32.36
N GLU C 179 37.85 -40.43 31.99
CA GLU C 179 37.02 -41.10 32.98
C GLU C 179 37.87 -41.81 34.02
N MET C 180 38.83 -42.64 33.60
CA MET C 180 39.73 -43.26 34.58
C MET C 180 40.27 -42.24 35.55
N VAL C 181 40.74 -41.12 35.02
CA VAL C 181 41.14 -39.94 35.76
C VAL C 181 40.07 -39.68 36.79
N ARG C 182 38.90 -39.23 36.34
CA ARG C 182 37.88 -38.78 37.27
C ARG C 182 37.63 -39.79 38.36
N ILE C 183 37.55 -41.06 37.97
CA ILE C 183 37.04 -42.08 38.87
C ILE C 183 38.12 -42.52 39.85
N VAL C 184 39.37 -42.22 39.52
CA VAL C 184 40.44 -42.28 40.51
C VAL C 184 40.54 -40.97 41.29
N GLU C 185 40.03 -39.87 40.74
CA GLU C 185 40.25 -38.58 41.35
C GLU C 185 39.68 -38.59 42.75
N ALA C 186 38.49 -39.19 42.88
CA ALA C 186 37.85 -39.40 44.17
C ALA C 186 38.78 -40.07 45.17
N LEU C 187 39.76 -40.84 44.69
CA LEU C 187 40.70 -41.49 45.57
C LEU C 187 41.67 -40.44 46.08
N ASN C 188 42.08 -40.58 47.33
CA ASN C 188 42.96 -39.60 47.93
C ASN C 188 44.17 -40.24 48.59
N LYS C 203 51.15 -40.04 42.14
CA LYS C 203 49.92 -39.45 41.64
C LYS C 203 49.59 -40.01 40.26
N PHE C 204 48.72 -39.33 39.49
CA PHE C 204 48.04 -39.97 38.37
C PHE C 204 48.14 -39.08 37.14
N VAL C 205 48.26 -39.71 35.96
CA VAL C 205 48.04 -39.01 34.69
C VAL C 205 47.33 -39.98 33.76
N ALA C 206 46.94 -39.51 32.59
CA ALA C 206 46.52 -40.31 31.45
C ALA C 206 46.56 -39.45 30.20
N ASP C 207 46.50 -40.06 29.03
CA ASP C 207 46.35 -39.31 27.80
C ASP C 207 45.21 -39.89 27.00
N GLU C 208 44.31 -39.03 26.51
CA GLU C 208 43.31 -39.56 25.60
C GLU C 208 43.67 -39.34 24.14
N ARG C 209 44.87 -38.84 23.84
CA ARG C 209 45.41 -39.19 22.54
C ARG C 209 45.59 -40.69 22.47
N THR C 210 46.37 -41.22 23.40
CA THR C 210 46.60 -42.65 23.56
C THR C 210 45.51 -43.35 24.32
N ASN C 211 44.80 -42.63 25.19
CA ASN C 211 43.93 -43.24 26.18
C ASN C 211 44.73 -44.26 27.01
N SER C 212 45.61 -43.71 27.85
CA SER C 212 46.54 -44.49 28.65
C SER C 212 46.76 -43.85 30.01
N ILE C 213 46.63 -44.65 31.06
CA ILE C 213 47.01 -44.21 32.39
C ILE C 213 48.51 -44.06 32.47
N LEU C 214 48.94 -42.92 32.96
CA LEU C 214 50.32 -42.68 33.31
C LEU C 214 50.33 -42.65 34.82
N ILE C 215 51.45 -42.98 35.45
CA ILE C 215 51.43 -42.95 36.90
C ILE C 215 52.65 -42.18 37.36
N SER C 216 52.53 -41.54 38.52
CA SER C 216 53.69 -41.00 39.20
C SER C 216 53.68 -41.49 40.64
N GLY C 217 54.61 -42.38 40.96
CA GLY C 217 54.67 -42.91 42.30
C GLY C 217 55.18 -44.35 42.32
N ASP C 218 54.84 -45.01 43.42
CA ASP C 218 55.52 -46.18 43.94
C ASP C 218 55.49 -47.36 42.97
N PRO C 219 56.46 -48.27 43.05
CA PRO C 219 56.20 -49.64 42.57
C PRO C 219 55.19 -50.39 43.43
N LYS C 220 54.85 -49.89 44.61
CA LYS C 220 53.57 -50.27 45.19
C LYS C 220 52.42 -49.58 44.47
N VAL C 221 52.58 -48.31 44.12
CA VAL C 221 51.63 -47.67 43.22
C VAL C 221 51.65 -48.36 41.86
N ARG C 222 52.77 -49.00 41.51
CA ARG C 222 52.81 -49.77 40.27
C ARG C 222 52.07 -51.09 40.41
N GLU C 223 52.20 -51.74 41.57
CA GLU C 223 51.39 -52.94 41.79
C GLU C 223 49.91 -52.61 41.83
N ARG C 224 49.49 -51.77 42.77
CA ARG C 224 48.07 -51.54 42.94
C ARG C 224 47.49 -50.77 41.77
N LEU C 225 48.30 -49.92 41.13
CA LEU C 225 47.74 -49.17 40.02
C LEU C 225 47.98 -49.81 38.67
N LYS C 226 48.71 -50.91 38.60
CA LYS C 226 48.42 -51.84 37.51
C LYS C 226 47.19 -52.67 37.83
N ARG C 227 46.93 -52.92 39.11
CA ARG C 227 45.65 -53.50 39.48
C ARG C 227 44.49 -52.62 39.01
N LEU C 228 44.59 -51.29 39.15
CA LEU C 228 43.50 -50.42 38.71
C LEU C 228 43.65 -50.01 37.26
N ILE C 229 44.83 -50.21 36.68
CA ILE C 229 44.93 -50.28 35.23
C ILE C 229 43.96 -51.33 34.71
N LYS C 230 43.97 -52.48 35.37
CA LYS C 230 43.14 -53.57 34.92
C LYS C 230 41.70 -53.44 35.40
N GLN C 231 41.49 -52.87 36.58
CA GLN C 231 40.17 -52.92 37.20
C GLN C 231 39.12 -52.25 36.35
N LEU C 232 39.28 -50.99 36.02
CA LEU C 232 38.30 -50.36 35.16
C LEU C 232 38.99 -50.23 33.83
N ASP C 233 39.01 -51.34 33.10
CA ASP C 233 39.21 -51.40 31.66
C ASP C 233 37.98 -51.85 30.93
N VAL C 234 37.05 -52.45 31.69
CA VAL C 234 35.89 -53.14 31.12
C VAL C 234 34.94 -52.23 30.35
N GLU C 235 34.35 -52.78 29.30
CA GLU C 235 33.44 -52.04 28.45
C GLU C 235 32.05 -52.64 28.57
N MET C 236 31.07 -51.79 28.84
CA MET C 236 29.70 -52.24 29.04
C MET C 236 29.15 -52.87 27.77
N ALA C 237 28.38 -53.93 27.94
CA ALA C 237 27.73 -54.60 26.82
C ALA C 237 26.66 -53.69 26.26
N ALA C 238 26.39 -53.81 24.95
CA ALA C 238 25.43 -52.94 24.32
C ALA C 238 24.07 -53.12 24.98
N LYS C 239 23.37 -52.01 25.21
CA LYS C 239 22.11 -52.01 25.92
C LYS C 239 20.88 -51.97 25.02
N GLY C 240 21.10 -51.95 23.71
CA GLY C 240 19.99 -51.78 22.78
C GLY C 240 19.32 -50.46 23.09
N ASN C 241 20.14 -49.48 23.44
CA ASN C 241 19.69 -48.15 23.80
C ASN C 241 18.62 -47.63 22.87
N ASN C 242 18.75 -47.92 21.57
CA ASN C 242 17.71 -47.56 20.62
C ASN C 242 17.22 -48.81 19.90
N ARG C 243 15.97 -48.76 19.46
CA ARG C 243 15.35 -49.90 18.83
C ARG C 243 14.44 -49.44 17.70
N VAL C 244 14.52 -50.13 16.57
CA VAL C 244 13.65 -49.89 15.43
C VAL C 244 12.51 -50.89 15.50
N VAL C 245 11.28 -50.39 15.59
CA VAL C 245 10.12 -51.24 15.75
C VAL C 245 9.29 -51.18 14.47
N TYR C 246 8.90 -52.35 13.98
CA TYR C 246 8.12 -52.48 12.75
C TYR C 246 6.64 -52.49 13.13
N LEU C 247 5.93 -51.43 12.75
CA LEU C 247 4.51 -51.37 13.05
C LEU C 247 3.74 -52.33 12.15
N LYS C 248 2.92 -53.16 12.76
CA LYS C 248 2.12 -54.09 11.97
C LYS C 248 0.94 -53.39 11.33
N TYR C 249 0.21 -52.59 12.10
CA TYR C 249 -1.03 -51.99 11.63
C TYR C 249 -0.96 -50.46 11.61
N ALA C 250 -0.75 -49.82 12.75
CA ALA C 250 -0.79 -48.36 12.80
C ALA C 250 0.28 -47.75 11.91
N LYS C 251 0.01 -46.53 11.47
CA LYS C 251 0.98 -45.80 10.66
C LYS C 251 1.99 -45.08 11.55
N ALA C 252 3.23 -45.04 11.10
CA ALA C 252 4.30 -44.44 11.86
C ALA C 252 4.05 -42.96 12.08
N GLU C 253 3.53 -42.27 11.07
CA GLU C 253 3.30 -40.85 11.19
C GLU C 253 2.30 -40.52 12.30
N ASP C 254 1.22 -41.28 12.38
CA ASP C 254 0.26 -41.10 13.45
C ASP C 254 0.84 -41.43 14.83
N LEU C 255 1.63 -42.50 14.87
CA LEU C 255 2.18 -43.05 16.09
C LEU C 255 3.27 -42.16 16.65
N VAL C 256 4.12 -41.62 15.79
CA VAL C 256 5.19 -40.76 16.27
C VAL C 256 4.58 -39.53 16.92
N GLU C 257 3.54 -38.98 16.30
CA GLU C 257 2.93 -37.80 16.89
C GLU C 257 2.39 -38.14 18.27
N VAL C 258 1.70 -39.27 18.39
CA VAL C 258 1.12 -39.65 19.67
C VAL C 258 2.20 -39.86 20.72
N LEU C 259 3.31 -40.46 20.31
CA LEU C 259 4.33 -40.93 21.25
C LEU C 259 5.23 -39.80 21.71
N LYS C 260 5.12 -38.64 21.09
CA LYS C 260 5.96 -37.52 21.50
C LYS C 260 5.75 -37.20 22.98
N GLY C 261 4.48 -37.07 23.36
CA GLY C 261 4.13 -36.83 24.75
C GLY C 261 4.52 -37.87 25.76
N VAL C 262 4.38 -39.14 25.37
CA VAL C 262 4.79 -40.24 26.25
C VAL C 262 6.29 -40.18 26.49
N SER C 263 7.03 -39.84 25.44
CA SER C 263 8.48 -39.73 25.55
C SER C 263 8.83 -38.63 26.54
N GLU C 264 8.10 -37.52 26.47
CA GLU C 264 8.32 -36.40 27.39
C GLU C 264 7.36 -36.45 28.56
N VAL C 283 15.51 -38.81 24.56
CA VAL C 283 14.42 -39.48 23.84
C VAL C 283 14.14 -38.80 22.51
N MET C 284 14.15 -39.59 21.45
CA MET C 284 13.75 -39.10 20.14
C MET C 284 13.02 -40.20 19.40
N ILE C 285 11.93 -39.83 18.75
CA ILE C 285 11.04 -40.76 18.05
C ILE C 285 10.99 -40.30 16.61
N ALA C 286 11.42 -41.16 15.69
CA ALA C 286 11.44 -40.77 14.29
C ALA C 286 10.71 -41.80 13.46
N ALA C 287 9.84 -41.35 12.57
CA ALA C 287 9.01 -42.24 11.77
C ALA C 287 9.67 -42.47 10.42
N HIS C 288 9.99 -43.71 10.11
CA HIS C 288 10.45 -44.08 8.78
C HIS C 288 9.24 -44.55 7.99
N ALA C 289 8.88 -43.77 6.97
CA ALA C 289 7.62 -43.98 6.28
C ALA C 289 7.65 -45.19 5.39
N ASP C 290 8.66 -45.30 4.53
CA ASP C 290 8.65 -46.31 3.49
C ASP C 290 8.62 -47.73 4.07
N THR C 291 9.34 -47.96 5.14
CA THR C 291 9.25 -49.25 5.82
C THR C 291 8.08 -49.29 6.79
N ASN C 292 7.44 -48.15 7.04
CA ASN C 292 6.41 -48.03 8.07
C ASN C 292 6.92 -48.58 9.39
N SER C 293 8.08 -48.10 9.80
CA SER C 293 8.69 -48.54 11.04
C SER C 293 9.21 -47.32 11.74
N LEU C 294 9.06 -47.27 13.04
CA LEU C 294 9.49 -46.09 13.77
C LEU C 294 10.68 -46.42 14.65
N VAL C 295 11.62 -45.49 14.70
CA VAL C 295 12.89 -45.63 15.38
C VAL C 295 12.78 -44.92 16.71
N LEU C 296 12.95 -45.67 17.78
CA LEU C 296 12.89 -45.18 19.14
C LEU C 296 14.31 -45.06 19.66
N THR C 297 14.64 -43.94 20.29
CA THR C 297 15.89 -43.84 21.03
C THR C 297 15.60 -43.23 22.40
N ALA C 298 15.96 -43.96 23.45
CA ALA C 298 15.62 -43.58 24.81
C ALA C 298 16.44 -44.42 25.78
N PRO C 299 16.37 -44.17 27.09
CA PRO C 299 16.96 -45.12 28.04
C PRO C 299 16.16 -46.40 28.12
N GLN C 300 16.53 -47.29 29.06
CA GLN C 300 15.90 -48.61 29.07
C GLN C 300 14.45 -48.56 29.55
N ASP C 301 14.19 -47.86 30.65
CA ASP C 301 12.84 -47.84 31.21
C ASP C 301 11.85 -47.16 30.27
N ILE C 302 12.19 -45.98 29.76
CA ILE C 302 11.30 -45.31 28.82
C ILE C 302 11.10 -46.15 27.58
N MET C 303 12.13 -46.87 27.15
CA MET C 303 11.97 -47.78 26.02
C MET C 303 10.93 -48.84 26.32
N ASN C 304 11.06 -49.50 27.48
CA ASN C 304 10.08 -50.52 27.84
C ASN C 304 8.68 -49.95 28.04
N ALA C 305 8.56 -48.66 28.35
CA ALA C 305 7.23 -48.06 28.41
C ALA C 305 6.65 -47.83 27.02
N MET C 306 7.41 -47.17 26.15
CA MET C 306 6.90 -46.88 24.81
C MET C 306 6.66 -48.15 23.99
N LEU C 307 7.38 -49.23 24.27
CA LEU C 307 7.05 -50.46 23.58
C LEU C 307 5.74 -51.07 24.07
N GLU C 308 5.36 -50.81 25.32
CA GLU C 308 4.06 -51.25 25.79
C GLU C 308 2.93 -50.35 25.34
N VAL C 309 3.21 -49.07 25.07
CA VAL C 309 2.21 -48.23 24.43
C VAL C 309 2.03 -48.63 22.98
N ILE C 310 3.13 -48.71 22.22
CA ILE C 310 3.06 -49.13 20.82
C ILE C 310 2.40 -50.49 20.69
N GLY C 311 2.71 -51.40 21.61
CA GLY C 311 2.06 -52.71 21.56
C GLY C 311 0.55 -52.62 21.63
N GLN C 312 0.01 -51.67 22.37
CA GLN C 312 -1.43 -51.55 22.52
C GLN C 312 -2.09 -50.58 21.54
N LEU C 313 -1.31 -49.77 20.83
CA LEU C 313 -1.86 -48.94 19.77
C LEU C 313 -1.73 -49.57 18.39
N ASP C 314 -1.11 -50.73 18.31
CA ASP C 314 -0.86 -51.42 17.06
C ASP C 314 -1.96 -52.44 16.73
N ILE C 315 -3.04 -52.45 17.50
CA ILE C 315 -4.02 -53.53 17.36
C ILE C 315 -4.72 -53.47 16.01
N ARG C 316 -5.31 -54.60 15.63
CA ARG C 316 -6.07 -54.72 14.40
C ARG C 316 -7.38 -53.94 14.51
N ARG C 317 -7.83 -53.39 13.39
CA ARG C 317 -9.06 -52.62 13.34
C ARG C 317 -10.14 -53.46 12.68
N ALA C 318 -11.26 -53.64 13.38
CA ALA C 318 -12.40 -54.31 12.76
C ALA C 318 -12.96 -53.41 11.67
N GLN C 319 -13.72 -54.01 10.75
CA GLN C 319 -14.22 -53.23 9.63
C GLN C 319 -15.70 -53.52 9.39
N VAL C 320 -16.45 -52.43 9.22
CA VAL C 320 -17.90 -52.49 9.18
C VAL C 320 -18.35 -52.49 7.72
N LEU C 321 -19.40 -53.24 7.44
CA LEU C 321 -20.08 -53.20 6.16
C LEU C 321 -21.39 -52.44 6.35
N ILE C 322 -21.45 -51.24 5.80
CA ILE C 322 -22.60 -50.37 5.95
C ILE C 322 -23.50 -50.58 4.75
N GLU C 323 -24.69 -51.13 4.97
CA GLU C 323 -25.63 -51.35 3.89
C GLU C 323 -26.86 -50.49 4.14
N ALA C 324 -27.00 -49.41 3.38
CA ALA C 324 -28.20 -48.60 3.46
C ALA C 324 -29.31 -49.24 2.65
N LEU C 325 -30.54 -48.87 2.97
CA LEU C 325 -31.69 -49.28 2.19
C LEU C 325 -32.62 -48.08 2.04
N ILE C 326 -32.91 -47.71 0.80
CA ILE C 326 -33.72 -46.55 0.50
C ILE C 326 -34.98 -47.02 -0.21
N VAL C 327 -36.13 -46.67 0.33
CA VAL C 327 -37.39 -47.07 -0.25
C VAL C 327 -38.20 -45.83 -0.54
N GLU C 328 -38.56 -45.63 -1.81
CA GLU C 328 -39.35 -44.48 -2.21
C GLU C 328 -40.54 -45.01 -3.00
N MET C 329 -41.73 -44.88 -2.44
CA MET C 329 -42.94 -45.35 -3.08
C MET C 329 -43.86 -44.17 -3.32
N ALA C 330 -44.07 -43.83 -4.58
CA ALA C 330 -44.97 -42.75 -4.91
C ALA C 330 -46.22 -43.34 -5.53
N GLU C 331 -47.32 -42.62 -5.40
CA GLU C 331 -48.55 -43.02 -6.05
C GLU C 331 -49.33 -41.75 -6.35
N GLY C 332 -50.06 -41.76 -7.43
CA GLY C 332 -50.81 -40.57 -7.80
C GLY C 332 -52.06 -40.96 -8.54
N ASP C 333 -53.02 -40.06 -8.51
CA ASP C 333 -54.27 -40.28 -9.20
C ASP C 333 -54.92 -38.93 -9.43
N GLY C 334 -55.79 -38.88 -10.41
CA GLY C 334 -56.60 -37.70 -10.59
C GLY C 334 -57.68 -37.97 -11.60
N ILE C 335 -58.80 -37.27 -11.48
CA ILE C 335 -59.89 -37.38 -12.43
C ILE C 335 -60.36 -35.99 -12.73
N ASN C 336 -60.27 -35.60 -13.99
CA ASN C 336 -60.62 -34.26 -14.42
C ASN C 336 -61.70 -34.41 -15.47
N LEU C 337 -62.92 -34.01 -15.14
CA LEU C 337 -64.00 -34.11 -16.12
C LEU C 337 -64.92 -32.94 -16.00
N GLY C 338 -65.37 -32.44 -17.14
CA GLY C 338 -66.29 -31.32 -17.17
C GLY C 338 -66.74 -31.05 -18.58
N VAL C 339 -67.88 -30.38 -18.69
CA VAL C 339 -68.51 -30.07 -19.96
C VAL C 339 -68.46 -28.56 -20.15
N GLN C 340 -68.06 -28.14 -21.34
CA GLN C 340 -68.02 -26.73 -21.69
C GLN C 340 -68.98 -26.49 -22.84
N TRP C 341 -69.39 -25.25 -23.01
CA TRP C 341 -70.37 -24.91 -24.03
C TRP C 341 -69.89 -23.70 -24.80
N GLY C 342 -70.37 -23.56 -26.03
CA GLY C 342 -70.08 -22.35 -26.76
C GLY C 342 -70.94 -22.13 -27.99
N SER C 343 -71.13 -20.86 -28.32
CA SER C 343 -71.77 -20.46 -29.56
C SER C 343 -70.97 -19.29 -30.10
N LEU C 344 -70.38 -19.47 -31.28
CA LEU C 344 -69.46 -18.46 -31.79
C LEU C 344 -70.16 -17.46 -32.70
N GLU C 345 -71.42 -17.69 -33.05
CA GLU C 345 -72.16 -16.73 -33.86
C GLU C 345 -72.39 -15.44 -33.09
N SER C 346 -72.96 -15.52 -31.90
CA SER C 346 -72.92 -14.47 -30.91
C SER C 346 -72.11 -15.03 -29.75
N GLY C 347 -70.88 -14.56 -29.60
CA GLY C 347 -69.97 -15.35 -28.79
C GLY C 347 -70.44 -15.45 -27.37
N SER C 348 -70.80 -16.67 -26.98
CA SER C 348 -71.27 -16.94 -25.64
C SER C 348 -70.72 -18.30 -25.24
N VAL C 349 -69.95 -18.35 -24.17
CA VAL C 349 -69.27 -19.57 -23.79
C VAL C 349 -69.56 -19.88 -22.35
N ILE C 350 -69.62 -21.17 -22.03
CA ILE C 350 -69.43 -21.65 -20.68
C ILE C 350 -68.08 -22.33 -20.69
N GLN C 351 -67.10 -21.68 -20.07
CA GLN C 351 -65.69 -21.97 -20.28
C GLN C 351 -65.00 -22.18 -18.95
N TYR C 352 -64.01 -23.06 -18.93
CA TYR C 352 -63.38 -23.47 -17.69
C TYR C 352 -61.87 -23.59 -17.88
N GLY C 353 -61.13 -23.28 -16.82
CA GLY C 353 -59.69 -23.37 -16.85
C GLY C 353 -59.15 -24.65 -16.27
N ASN C 354 -59.99 -25.36 -15.50
CA ASN C 354 -59.60 -26.66 -14.98
C ASN C 354 -59.26 -27.62 -16.11
N THR C 355 -59.98 -27.52 -17.22
CA THR C 355 -59.88 -28.47 -18.31
C THR C 355 -58.58 -28.25 -19.10
N GLY C 356 -58.21 -29.26 -19.87
CA GLY C 356 -57.05 -29.18 -20.71
C GLY C 356 -57.07 -28.02 -21.67
N ALA C 357 -58.12 -27.91 -22.48
CA ALA C 357 -58.26 -26.80 -23.41
C ALA C 357 -59.67 -26.23 -23.32
N SER C 358 -59.77 -24.94 -23.54
CA SER C 358 -61.00 -24.19 -23.37
C SER C 358 -61.74 -24.08 -24.70
N ILE C 359 -63.07 -24.10 -24.61
CA ILE C 359 -63.93 -24.11 -25.78
C ILE C 359 -63.64 -22.96 -26.73
N GLY C 360 -63.15 -21.83 -26.21
CA GLY C 360 -62.87 -20.70 -27.07
C GLY C 360 -61.81 -21.00 -28.11
N ASN C 361 -60.62 -21.40 -27.65
CA ASN C 361 -59.55 -21.71 -28.58
C ASN C 361 -59.91 -22.87 -29.50
N VAL C 362 -60.75 -23.80 -29.04
CA VAL C 362 -61.11 -24.92 -29.89
C VAL C 362 -62.02 -24.48 -31.01
N MET C 363 -63.07 -23.71 -30.70
CA MET C 363 -63.95 -23.26 -31.77
C MET C 363 -63.23 -22.30 -32.71
N ILE C 364 -62.45 -21.36 -32.18
CA ILE C 364 -61.67 -20.48 -33.04
C ILE C 364 -60.76 -21.29 -33.95
N GLY C 365 -60.08 -22.28 -33.39
CA GLY C 365 -59.21 -23.12 -34.22
C GLY C 365 -59.97 -23.84 -35.31
N LEU C 366 -61.15 -24.39 -34.98
CA LEU C 366 -61.94 -25.08 -35.99
C LEU C 366 -62.40 -24.14 -37.09
N GLU C 367 -62.69 -22.88 -36.76
CA GLU C 367 -63.08 -21.95 -37.81
C GLU C 367 -61.90 -21.56 -38.67
N GLU C 368 -60.73 -21.36 -38.06
CA GLU C 368 -59.54 -21.08 -38.85
C GLU C 368 -59.17 -22.24 -39.74
N ALA C 369 -59.50 -23.47 -39.33
CA ALA C 369 -59.17 -24.64 -40.14
C ALA C 369 -60.08 -24.80 -41.35
N LYS C 370 -61.26 -24.18 -41.34
CA LYS C 370 -62.17 -24.33 -42.46
C LYS C 370 -61.59 -23.68 -43.71
N ASP C 371 -62.06 -24.13 -44.87
CA ASP C 371 -61.61 -23.58 -46.14
C ASP C 371 -62.34 -22.29 -46.43
N THR C 372 -61.59 -21.20 -46.54
CA THR C 372 -62.17 -19.88 -46.78
C THR C 372 -62.15 -19.56 -48.27
N THR C 373 -63.19 -18.85 -48.72
CA THR C 373 -63.29 -18.42 -50.10
C THR C 373 -63.43 -16.90 -50.13
N GLN C 374 -62.75 -16.27 -51.08
CA GLN C 374 -62.70 -14.81 -51.20
C GLN C 374 -63.16 -14.45 -52.60
N THR C 375 -64.28 -13.74 -52.69
CA THR C 375 -64.93 -13.47 -53.96
C THR C 375 -64.84 -11.99 -54.32
N LYS C 376 -64.47 -11.72 -55.57
CA LYS C 376 -64.51 -10.38 -56.14
C LYS C 376 -65.38 -10.44 -57.39
N ALA C 377 -66.53 -9.77 -57.35
CA ALA C 377 -67.47 -9.80 -58.47
C ALA C 377 -67.24 -8.60 -59.39
N VAL C 378 -68.03 -8.53 -60.46
CA VAL C 378 -68.00 -7.39 -61.38
C VAL C 378 -69.41 -7.00 -61.78
N ASN C 388 -65.71 -12.13 -62.98
CA ASN C 388 -66.35 -12.58 -61.75
C ASN C 388 -65.42 -13.55 -61.01
N GLU C 389 -64.36 -13.01 -60.44
CA GLU C 389 -63.33 -13.81 -59.80
C GLU C 389 -63.84 -14.37 -58.47
N THR C 390 -63.58 -15.65 -58.23
CA THR C 390 -63.82 -16.28 -56.94
C THR C 390 -62.63 -17.17 -56.62
N THR C 391 -61.93 -16.88 -55.53
CA THR C 391 -60.80 -17.70 -55.13
C THR C 391 -61.16 -18.55 -53.93
N THR C 392 -60.55 -19.72 -53.84
CA THR C 392 -60.70 -20.60 -52.69
C THR C 392 -59.32 -20.89 -52.10
N THR C 393 -59.27 -21.04 -50.79
CA THR C 393 -58.02 -21.22 -50.07
C THR C 393 -58.30 -22.06 -48.83
N LYS C 394 -57.34 -22.92 -48.48
CA LYS C 394 -57.48 -23.74 -47.29
C LYS C 394 -56.84 -23.05 -46.10
N GLY C 395 -57.49 -23.14 -44.95
CA GLY C 395 -57.00 -22.47 -43.78
C GLY C 395 -55.99 -23.29 -43.00
N ASP C 396 -55.20 -22.60 -42.19
CA ASP C 396 -54.16 -23.24 -41.40
C ASP C 396 -54.76 -23.91 -40.18
N TYR C 397 -54.07 -24.96 -39.71
CA TYR C 397 -54.45 -25.66 -38.50
C TYR C 397 -53.65 -25.21 -37.29
N THR C 398 -52.77 -24.22 -37.44
CA THR C 398 -51.84 -23.89 -36.38
C THR C 398 -52.54 -23.43 -35.10
N LYS C 399 -53.68 -22.76 -35.20
CA LYS C 399 -54.41 -22.42 -33.98
C LYS C 399 -55.08 -23.64 -33.38
N LEU C 400 -55.72 -24.47 -34.20
CA LEU C 400 -56.29 -25.70 -33.70
C LEU C 400 -55.21 -26.62 -33.15
N ALA C 401 -54.08 -26.72 -33.85
CA ALA C 401 -52.98 -27.52 -33.34
C ALA C 401 -52.47 -26.97 -32.02
N SER C 402 -52.46 -25.64 -31.87
CA SER C 402 -52.05 -25.06 -30.59
C SER C 402 -53.06 -25.34 -29.50
N ALA C 403 -54.34 -25.49 -29.85
CA ALA C 403 -55.36 -25.75 -28.85
C ALA C 403 -55.36 -27.21 -28.41
N LEU C 404 -55.12 -28.13 -29.35
CA LEU C 404 -55.19 -29.55 -29.02
C LEU C 404 -53.92 -30.08 -28.38
N SER C 405 -52.80 -29.37 -28.51
CA SER C 405 -51.53 -29.91 -28.05
C SER C 405 -51.54 -30.16 -26.55
N SER C 406 -52.35 -29.43 -25.80
CA SER C 406 -52.37 -29.55 -24.34
C SER C 406 -53.39 -30.55 -23.83
N ILE C 407 -54.20 -31.14 -24.71
CA ILE C 407 -55.21 -32.10 -24.27
C ILE C 407 -54.53 -33.37 -23.81
N GLN C 408 -54.76 -33.74 -22.56
CA GLN C 408 -54.49 -35.07 -22.04
C GLN C 408 -55.86 -35.62 -21.65
N GLY C 409 -56.44 -36.48 -22.46
CA GLY C 409 -57.71 -37.02 -22.06
C GLY C 409 -58.63 -37.16 -23.23
N ALA C 410 -59.92 -37.29 -22.93
CA ALA C 410 -60.95 -37.27 -23.94
C ALA C 410 -61.57 -35.88 -24.05
N ALA C 411 -61.34 -35.23 -25.18
CA ALA C 411 -62.00 -33.97 -25.53
C ALA C 411 -62.87 -34.22 -26.74
N VAL C 412 -64.18 -34.18 -26.56
CA VAL C 412 -65.15 -34.60 -27.58
C VAL C 412 -66.13 -33.46 -27.80
N SER C 413 -66.19 -32.96 -29.03
CA SER C 413 -67.07 -31.85 -29.36
C SER C 413 -68.36 -32.40 -29.96
N ILE C 414 -69.46 -32.20 -29.25
CA ILE C 414 -70.79 -32.57 -29.73
C ILE C 414 -71.47 -31.29 -30.19
N ALA C 415 -71.65 -31.15 -31.50
CA ALA C 415 -72.25 -29.95 -32.07
C ALA C 415 -73.76 -30.17 -32.19
N MET C 416 -74.54 -29.35 -31.48
CA MET C 416 -75.99 -29.42 -31.54
C MET C 416 -76.55 -28.00 -31.69
N GLY C 417 -77.22 -27.75 -32.81
CA GLY C 417 -77.83 -26.46 -33.07
C GLY C 417 -76.92 -25.28 -32.85
N ASP C 418 -75.74 -25.33 -33.47
CA ASP C 418 -74.67 -24.32 -33.45
C ASP C 418 -74.08 -24.12 -32.05
N TRP C 419 -74.66 -24.79 -31.06
CA TRP C 419 -74.07 -24.86 -29.73
C TRP C 419 -73.21 -26.11 -29.66
N THR C 420 -71.90 -25.92 -29.55
CA THR C 420 -70.94 -27.03 -29.53
C THR C 420 -70.53 -27.26 -28.09
N ALA C 421 -70.96 -28.38 -27.52
CA ALA C 421 -70.59 -28.75 -26.17
C ALA C 421 -69.34 -29.61 -26.21
N LEU C 422 -68.28 -29.15 -25.58
CA LEU C 422 -67.01 -29.86 -25.54
C LEU C 422 -66.91 -30.58 -24.20
N ILE C 423 -67.04 -31.89 -24.22
CA ILE C 423 -66.88 -32.70 -23.03
C ILE C 423 -65.42 -33.06 -22.91
N ASN C 424 -64.88 -33.06 -21.69
CA ASN C 424 -63.53 -33.55 -21.52
C ASN C 424 -63.43 -34.30 -20.21
N ALA C 425 -62.79 -35.46 -20.25
CA ALA C 425 -62.69 -36.28 -19.07
C ALA C 425 -61.42 -37.12 -19.17
N VAL C 426 -60.74 -37.30 -18.05
CA VAL C 426 -59.54 -38.12 -18.02
C VAL C 426 -59.34 -38.61 -16.59
N SER C 427 -58.69 -39.77 -16.46
CA SER C 427 -58.25 -40.29 -15.17
C SER C 427 -56.79 -40.65 -15.31
N ASN C 428 -55.92 -39.91 -14.65
CA ASN C 428 -54.48 -40.15 -14.68
C ASN C 428 -54.10 -40.92 -13.43
N ASP C 429 -53.69 -42.16 -13.60
CA ASP C 429 -53.29 -43.01 -12.50
C ASP C 429 -51.81 -43.31 -12.63
N SER C 430 -51.02 -42.85 -11.68
CA SER C 430 -49.58 -43.00 -11.71
C SER C 430 -49.12 -43.78 -10.50
N SER C 431 -47.94 -44.36 -10.62
CA SER C 431 -47.34 -45.10 -9.52
C SER C 431 -45.83 -45.10 -9.71
N SER C 432 -45.12 -45.27 -8.61
CA SER C 432 -43.67 -45.38 -8.64
C SER C 432 -43.22 -46.23 -7.46
N ASN C 433 -42.23 -47.07 -7.70
CA ASN C 433 -41.69 -47.91 -6.64
C ASN C 433 -40.19 -47.99 -6.85
N ILE C 434 -39.42 -47.65 -5.83
CA ILE C 434 -37.97 -47.54 -5.97
C ILE C 434 -37.29 -48.11 -4.75
N LEU C 435 -36.37 -49.06 -4.95
CA LEU C 435 -35.48 -49.49 -3.90
C LEU C 435 -34.08 -49.34 -4.45
N SER C 436 -33.22 -48.62 -3.76
CA SER C 436 -31.80 -48.64 -4.06
C SER C 436 -31.14 -48.75 -2.72
N SER C 437 -30.20 -49.67 -2.51
CA SER C 437 -29.46 -49.68 -1.25
C SER C 437 -27.98 -49.68 -1.57
N PRO C 438 -27.23 -48.68 -1.12
CA PRO C 438 -25.79 -48.67 -1.36
C PRO C 438 -25.11 -49.12 -0.08
N SER C 439 -24.18 -50.07 -0.18
CA SER C 439 -23.35 -50.51 0.94
C SER C 439 -21.88 -50.16 0.70
N ILE C 440 -21.28 -49.50 1.69
CA ILE C 440 -19.86 -49.17 1.67
C ILE C 440 -19.21 -49.92 2.83
N THR C 441 -18.08 -50.58 2.55
CA THR C 441 -17.31 -51.32 3.54
C THR C 441 -16.10 -50.49 3.94
N VAL C 442 -15.94 -50.30 5.25
CA VAL C 442 -15.11 -49.27 5.86
C VAL C 442 -14.26 -49.90 6.93
N MET C 443 -13.07 -49.37 7.14
CA MET C 443 -12.32 -49.69 8.33
C MET C 443 -12.94 -48.91 9.48
N ASP C 444 -12.93 -49.50 10.67
CA ASP C 444 -13.43 -48.80 11.85
C ASP C 444 -12.74 -47.46 12.01
N ASN C 445 -13.51 -46.46 12.44
CA ASN C 445 -13.02 -45.10 12.66
C ASN C 445 -12.57 -44.42 11.38
N GLY C 446 -12.55 -45.15 10.28
CA GLY C 446 -12.27 -44.55 9.00
C GLY C 446 -13.53 -44.11 8.30
N GLU C 447 -13.40 -43.13 7.42
CA GLU C 447 -14.53 -42.57 6.72
C GLU C 447 -14.54 -43.07 5.28
N ALA C 448 -15.74 -43.22 4.73
CA ALA C 448 -15.86 -43.62 3.34
C ALA C 448 -16.92 -42.82 2.63
N SER C 449 -16.63 -42.44 1.40
CA SER C 449 -17.59 -41.84 0.51
C SER C 449 -18.01 -42.87 -0.52
N PHE C 450 -19.26 -42.79 -0.94
CA PHE C 450 -19.79 -43.66 -1.98
C PHE C 450 -20.69 -42.81 -2.85
N ILE C 451 -20.42 -42.77 -4.14
CA ILE C 451 -21.26 -42.01 -5.05
C ILE C 451 -21.64 -42.82 -6.26
N VAL C 452 -22.94 -42.90 -6.54
CA VAL C 452 -23.41 -43.36 -7.82
C VAL C 452 -24.22 -42.22 -8.39
N ALA C 453 -23.77 -41.66 -9.50
CA ALA C 453 -24.46 -40.53 -10.10
C ALA C 453 -24.17 -40.36 -11.57
N GLU C 454 -25.06 -39.67 -12.26
CA GLU C 454 -24.84 -39.23 -13.63
C GLU C 454 -25.07 -37.74 -13.65
N GLU C 455 -24.17 -36.99 -14.26
CA GLU C 455 -24.30 -35.54 -14.25
C GLU C 455 -24.87 -35.02 -15.56
N VAL C 456 -26.08 -34.46 -15.47
CA VAL C 456 -26.72 -33.79 -16.59
C VAL C 456 -26.18 -32.38 -16.72
N PRO C 457 -26.34 -31.77 -17.89
CA PRO C 457 -25.85 -30.38 -18.07
C PRO C 457 -26.78 -29.39 -17.38
N VAL C 458 -26.22 -28.35 -16.79
CA VAL C 458 -27.01 -27.33 -16.12
C VAL C 458 -26.69 -25.92 -16.65
N ILE C 459 -27.74 -25.14 -16.90
CA ILE C 459 -27.55 -23.77 -17.38
C ILE C 459 -28.01 -22.78 -16.32
N THR C 460 -27.07 -22.03 -15.78
CA THR C 460 -27.37 -21.02 -14.78
C THR C 460 -27.35 -19.62 -15.40
N GLY C 461 -27.40 -19.58 -16.73
CA GLY C 461 -27.40 -18.32 -17.45
C GLY C 461 -28.44 -18.26 -18.55
N PHE C 472 -27.57 -19.06 -26.74
CA PHE C 472 -26.29 -19.28 -26.08
C PHE C 472 -26.44 -19.22 -24.56
N GLN C 473 -26.67 -20.38 -23.96
CA GLN C 473 -26.84 -20.47 -22.51
C GLN C 473 -25.76 -21.35 -21.88
N THR C 474 -25.14 -20.83 -20.83
CA THR C 474 -24.09 -21.57 -20.12
C THR C 474 -24.62 -22.81 -19.41
N VAL C 475 -23.81 -23.85 -19.38
CA VAL C 475 -24.17 -25.10 -18.73
C VAL C 475 -23.18 -25.51 -17.65
N ASP C 476 -23.71 -25.86 -16.47
CA ASP C 476 -22.88 -26.30 -15.36
C ASP C 476 -23.24 -27.73 -14.95
N ARG C 477 -22.21 -28.56 -14.79
CA ARG C 477 -22.41 -29.96 -14.45
C ARG C 477 -22.53 -30.09 -12.94
N LYS C 478 -23.59 -30.77 -12.52
CA LYS C 478 -23.83 -31.16 -11.14
C LYS C 478 -24.26 -32.62 -11.18
N GLU C 479 -24.07 -33.35 -10.09
CA GLU C 479 -24.32 -34.79 -10.10
C GLU C 479 -25.55 -35.21 -9.30
N VAL C 480 -26.40 -36.02 -9.92
CA VAL C 480 -27.57 -36.58 -9.27
C VAL C 480 -27.41 -38.09 -9.21
N GLY C 481 -27.64 -38.67 -8.04
CA GLY C 481 -27.38 -40.07 -7.81
C GLY C 481 -27.45 -40.36 -6.32
N ILE C 482 -27.02 -41.55 -5.93
CA ILE C 482 -27.02 -41.90 -4.52
C ILE C 482 -25.62 -41.77 -3.95
N LYS C 483 -25.48 -40.96 -2.91
CA LYS C 483 -24.21 -40.81 -2.23
C LYS C 483 -24.37 -41.05 -0.74
N LEU C 484 -23.43 -41.80 -0.19
CA LEU C 484 -23.43 -42.23 1.20
C LEU C 484 -22.06 -41.96 1.76
N LYS C 485 -21.95 -41.07 2.73
CA LYS C 485 -20.67 -40.79 3.38
C LYS C 485 -20.80 -41.14 4.85
N VAL C 486 -20.06 -42.15 5.29
CA VAL C 486 -20.27 -42.71 6.60
C VAL C 486 -18.95 -42.78 7.35
N VAL C 487 -18.99 -42.55 8.66
CA VAL C 487 -17.81 -42.59 9.50
C VAL C 487 -18.09 -43.44 10.73
N PRO C 488 -17.99 -44.76 10.67
CA PRO C 488 -18.37 -45.58 11.81
C PRO C 488 -17.29 -45.60 12.86
N GLN C 489 -17.70 -45.81 14.11
CA GLN C 489 -16.78 -46.28 15.13
C GLN C 489 -17.50 -47.35 15.93
N ILE C 490 -16.76 -48.35 16.36
CA ILE C 490 -17.35 -49.56 16.90
C ILE C 490 -17.19 -49.53 18.41
N ASN C 491 -18.31 -49.55 19.12
CA ASN C 491 -18.32 -50.01 20.50
C ASN C 491 -17.58 -51.34 20.56
N GLU C 492 -16.75 -51.52 21.58
CA GLU C 492 -15.77 -52.60 21.56
C GLU C 492 -16.39 -53.98 21.35
N GLY C 493 -17.71 -54.08 21.39
CA GLY C 493 -18.40 -55.21 20.80
C GLY C 493 -19.78 -54.78 20.37
N ASN C 494 -20.32 -55.48 19.38
CA ASN C 494 -21.66 -55.20 18.86
C ASN C 494 -21.82 -53.76 18.38
N SER C 495 -22.64 -52.96 19.07
CA SER C 495 -23.20 -51.76 18.49
C SER C 495 -22.16 -50.89 17.79
N VAL C 496 -22.55 -50.35 16.64
CA VAL C 496 -21.74 -49.46 15.81
C VAL C 496 -22.38 -48.08 15.86
N GLN C 497 -21.56 -47.06 16.07
CA GLN C 497 -22.01 -45.69 15.97
C GLN C 497 -21.67 -45.15 14.58
N LEU C 498 -22.63 -44.45 13.99
CA LEU C 498 -22.53 -43.99 12.61
C LEU C 498 -22.78 -42.50 12.55
N ASN C 499 -21.80 -41.76 12.05
CA ASN C 499 -22.02 -40.40 11.57
C ASN C 499 -22.24 -40.53 10.08
N ILE C 500 -23.46 -40.26 9.63
CA ILE C 500 -23.88 -40.61 8.29
C ILE C 500 -24.43 -39.39 7.59
N GLU C 501 -24.05 -39.22 6.32
CA GLU C 501 -24.59 -38.17 5.47
C GLU C 501 -25.05 -38.87 4.20
N GLN C 502 -26.35 -38.88 3.96
CA GLN C 502 -26.91 -39.69 2.89
C GLN C 502 -27.77 -38.84 2.00
N GLU C 503 -27.51 -38.88 0.70
CA GLU C 503 -28.21 -38.03 -0.25
C GLU C 503 -28.64 -38.85 -1.44
N VAL C 504 -29.82 -38.58 -1.98
CA VAL C 504 -30.29 -39.30 -3.14
C VAL C 504 -30.56 -38.32 -4.27
N SER C 505 -30.05 -38.63 -5.46
CA SER C 505 -30.25 -37.74 -6.60
C SER C 505 -31.25 -38.34 -7.57
N ASN C 506 -32.34 -37.63 -7.77
CA ASN C 506 -33.35 -38.03 -8.74
C ASN C 506 -33.64 -36.88 -9.68
N VAL C 507 -33.68 -37.17 -10.98
CA VAL C 507 -33.91 -36.11 -11.95
C VAL C 507 -34.91 -36.47 -13.04
N LEU C 508 -35.84 -35.55 -13.32
CA LEU C 508 -36.86 -35.77 -14.33
C LEU C 508 -36.35 -35.36 -15.71
N ASP C 515 -33.34 -26.32 -18.01
CA ASP C 515 -34.71 -26.32 -17.50
C ASP C 515 -35.13 -27.73 -17.06
N VAL C 516 -34.26 -28.37 -16.28
CA VAL C 516 -34.54 -29.72 -15.79
C VAL C 516 -34.68 -29.71 -14.27
N ARG C 517 -35.75 -30.33 -13.77
CA ARG C 517 -35.99 -30.39 -12.34
C ARG C 517 -35.73 -31.79 -11.78
N PHE C 518 -34.89 -31.85 -10.75
CA PHE C 518 -34.55 -33.12 -10.12
C PHE C 518 -34.74 -33.02 -8.61
N ALA C 519 -35.17 -34.11 -7.99
CA ALA C 519 -35.43 -34.11 -6.56
C ALA C 519 -34.29 -34.75 -5.79
N LYS C 520 -33.84 -34.05 -4.75
CA LYS C 520 -32.78 -34.55 -3.89
C LYS C 520 -33.23 -34.53 -2.44
N ARG C 521 -33.28 -35.70 -1.81
CA ARG C 521 -33.73 -35.80 -0.43
C ARG C 521 -32.65 -36.44 0.43
N GLN C 522 -31.91 -35.59 1.15
CA GLN C 522 -30.80 -36.08 1.95
C GLN C 522 -31.17 -35.99 3.41
N LEU C 523 -30.56 -36.85 4.20
CA LEU C 523 -30.59 -36.75 5.65
C LEU C 523 -29.21 -37.11 6.14
N ASN C 524 -28.67 -36.27 7.03
CA ASN C 524 -27.37 -36.50 7.62
C ASN C 524 -27.51 -36.40 9.13
N THR C 525 -27.30 -37.51 9.81
CA THR C 525 -27.60 -37.66 11.21
C THR C 525 -26.51 -38.50 11.84
N SER C 526 -26.71 -38.83 13.12
CA SER C 526 -25.80 -39.69 13.86
C SER C 526 -26.64 -40.70 14.61
N VAL C 527 -26.44 -41.98 14.32
CA VAL C 527 -27.26 -43.01 14.94
C VAL C 527 -26.35 -44.05 15.56
N MET C 528 -26.93 -44.89 16.41
CA MET C 528 -26.20 -45.99 17.02
C MET C 528 -27.01 -47.26 16.79
N VAL C 529 -26.46 -48.17 16.00
CA VAL C 529 -27.18 -49.33 15.51
C VAL C 529 -26.54 -50.58 16.11
N GLN C 530 -27.34 -51.57 16.43
CA GLN C 530 -26.76 -52.83 16.86
C GLN C 530 -26.03 -53.49 15.71
N ASP C 531 -25.18 -54.46 16.04
CA ASP C 531 -24.30 -55.10 15.09
C ASP C 531 -24.98 -55.49 13.79
N GLY C 532 -25.84 -56.50 13.83
CA GLY C 532 -26.46 -57.01 12.63
C GLY C 532 -27.91 -56.64 12.42
N GLN C 533 -28.42 -55.62 13.10
CA GLN C 533 -29.83 -55.29 13.04
C GLN C 533 -30.03 -53.99 12.28
N MET C 534 -31.18 -53.91 11.62
CA MET C 534 -31.53 -52.75 10.80
C MET C 534 -32.13 -51.66 11.68
N LEU C 535 -31.85 -50.41 11.31
CA LEU C 535 -32.40 -49.27 12.02
C LEU C 535 -32.83 -48.22 11.02
N VAL C 536 -33.94 -47.54 11.30
CA VAL C 536 -34.54 -46.60 10.37
C VAL C 536 -34.00 -45.21 10.67
N LEU C 537 -33.19 -44.68 9.75
CA LEU C 537 -32.73 -43.30 9.89
C LEU C 537 -33.87 -42.33 9.68
N GLY C 538 -34.55 -42.43 8.55
CA GLY C 538 -35.41 -41.32 8.20
C GLY C 538 -36.61 -41.77 7.40
N GLY C 539 -37.44 -40.80 7.08
CA GLY C 539 -38.62 -41.09 6.30
C GLY C 539 -39.45 -39.85 6.09
N LEU C 540 -40.41 -39.98 5.19
CA LEU C 540 -41.41 -38.97 4.94
C LEU C 540 -42.66 -39.70 4.51
N ILE C 541 -43.81 -39.26 4.98
CA ILE C 541 -45.08 -39.79 4.53
C ILE C 541 -45.95 -38.62 4.15
N ASP C 542 -46.23 -38.47 2.87
CA ASP C 542 -46.89 -37.28 2.39
C ASP C 542 -48.16 -37.69 1.68
N GLU C 543 -49.24 -36.95 1.93
CA GLU C 543 -50.52 -37.24 1.32
C GLU C 543 -51.17 -35.94 0.92
N ARG C 544 -51.81 -35.92 -0.24
CA ARG C 544 -52.44 -34.71 -0.74
C ARG C 544 -53.74 -35.06 -1.41
N ALA C 545 -54.75 -34.22 -1.20
CA ALA C 545 -55.98 -34.27 -1.98
C ALA C 545 -56.33 -32.85 -2.39
N LEU C 546 -56.29 -32.57 -3.68
CA LEU C 546 -56.65 -31.28 -4.21
C LEU C 546 -57.89 -31.42 -5.06
N GLU C 547 -59.01 -30.89 -4.58
CA GLU C 547 -60.25 -30.89 -5.33
C GLU C 547 -60.49 -29.48 -5.82
N SER C 548 -61.09 -29.35 -7.00
CA SER C 548 -61.42 -28.07 -7.59
C SER C 548 -62.68 -28.25 -8.39
N GLU C 549 -63.45 -27.18 -8.55
CA GLU C 549 -64.72 -27.25 -9.24
C GLU C 549 -65.08 -25.89 -9.79
N SER C 550 -65.91 -25.86 -10.81
CA SER C 550 -66.48 -24.64 -11.32
C SER C 550 -67.87 -24.95 -11.85
N LYS C 551 -68.79 -24.01 -11.70
CA LYS C 551 -70.14 -24.21 -12.19
C LYS C 551 -70.79 -22.85 -12.36
N VAL C 552 -72.03 -22.86 -12.82
CA VAL C 552 -72.71 -21.65 -13.27
C VAL C 552 -73.05 -20.58 -12.23
N PRO C 553 -73.39 -20.92 -10.97
CA PRO C 553 -73.67 -22.04 -10.08
C PRO C 553 -75.01 -22.74 -10.19
N LEU C 554 -76.09 -21.98 -10.42
CA LEU C 554 -77.42 -22.50 -10.09
C LEU C 554 -77.75 -23.75 -10.88
N LEU C 555 -77.43 -23.76 -12.17
CA LEU C 555 -77.73 -24.92 -12.99
C LEU C 555 -76.88 -26.12 -12.60
N GLY C 556 -75.65 -25.88 -12.15
CA GLY C 556 -74.79 -26.99 -11.78
C GLY C 556 -75.21 -27.65 -10.48
N ASP C 557 -76.21 -27.09 -9.82
CA ASP C 557 -76.69 -27.68 -8.56
C ASP C 557 -77.66 -28.83 -8.82
N ILE C 558 -78.41 -28.76 -9.92
CA ILE C 558 -79.40 -29.81 -10.23
C ILE C 558 -78.71 -31.17 -10.23
N PRO C 559 -79.29 -32.20 -9.62
CA PRO C 559 -78.61 -33.50 -9.55
C PRO C 559 -78.42 -34.17 -10.91
N LEU C 560 -79.45 -34.18 -11.75
CA LEU C 560 -79.37 -34.94 -12.98
C LEU C 560 -78.56 -34.20 -14.05
N LEU C 561 -78.90 -32.94 -14.29
CA LEU C 561 -78.26 -32.16 -15.34
C LEU C 561 -77.10 -31.32 -14.86
N GLY C 562 -76.77 -31.38 -13.58
CA GLY C 562 -75.71 -30.53 -13.07
C GLY C 562 -74.36 -30.85 -13.68
N GLN C 563 -74.15 -32.11 -14.04
CA GLN C 563 -72.84 -32.49 -14.55
C GLN C 563 -72.57 -31.86 -15.91
N LEU C 564 -73.60 -31.30 -16.54
CA LEU C 564 -73.40 -30.64 -17.82
C LEU C 564 -72.75 -29.28 -17.63
N PHE C 565 -73.04 -28.60 -16.54
CA PHE C 565 -72.53 -27.26 -16.31
C PHE C 565 -71.34 -27.20 -15.36
N ARG C 566 -70.85 -28.32 -14.86
CA ARG C 566 -69.76 -28.35 -13.92
C ARG C 566 -68.46 -28.79 -14.58
N SER C 567 -67.35 -28.26 -14.08
CA SER C 567 -66.02 -28.77 -14.41
C SER C 567 -65.32 -29.10 -13.10
N THR C 568 -65.04 -30.37 -12.89
CA THR C 568 -64.44 -30.85 -11.66
C THR C 568 -63.05 -31.38 -11.95
N SER C 569 -62.08 -30.99 -11.13
CA SER C 569 -60.72 -31.51 -11.23
C SER C 569 -60.29 -32.00 -9.88
N SER C 570 -60.12 -33.31 -9.74
CA SER C 570 -59.74 -33.90 -8.47
C SER C 570 -58.38 -34.58 -8.61
N GLN C 571 -57.60 -34.55 -7.53
CA GLN C 571 -56.28 -35.15 -7.56
C GLN C 571 -55.91 -35.67 -6.19
N VAL C 572 -55.24 -36.81 -6.15
CA VAL C 572 -54.78 -37.42 -4.91
C VAL C 572 -53.36 -37.88 -5.11
N GLU C 573 -52.44 -37.34 -4.33
CA GLU C 573 -51.04 -37.73 -4.40
C GLU C 573 -50.64 -38.38 -3.09
N LYS C 574 -49.66 -39.27 -3.16
CA LYS C 574 -49.18 -39.96 -1.97
C LYS C 574 -47.73 -40.33 -2.18
N LYS C 575 -46.95 -40.29 -1.10
CA LYS C 575 -45.53 -40.53 -1.21
C LYS C 575 -45.01 -41.10 0.09
N ASN C 576 -44.01 -41.96 0.00
CA ASN C 576 -43.40 -42.62 1.15
C ASN C 576 -41.92 -42.72 0.92
N LEU C 577 -41.14 -42.39 1.94
CA LEU C 577 -39.70 -42.55 1.93
C LEU C 577 -39.28 -43.14 3.25
N MET C 578 -38.60 -44.27 3.21
CA MET C 578 -37.90 -44.72 4.40
C MET C 578 -36.45 -44.92 4.04
N VAL C 579 -35.58 -44.57 4.98
CA VAL C 579 -34.16 -44.79 4.85
C VAL C 579 -33.73 -45.59 6.06
N PHE C 580 -33.27 -46.81 5.83
CA PHE C 580 -32.83 -47.78 6.83
C PHE C 580 -31.33 -47.98 6.68
N ILE C 581 -30.69 -48.47 7.73
CA ILE C 581 -29.28 -48.82 7.62
C ILE C 581 -29.02 -50.09 8.41
N LYS C 582 -28.29 -51.01 7.80
CA LYS C 582 -27.81 -52.20 8.49
C LYS C 582 -26.30 -52.25 8.45
N PRO C 583 -25.61 -52.04 9.56
CA PRO C 583 -24.19 -52.36 9.63
C PRO C 583 -23.99 -53.85 9.83
N THR C 584 -22.77 -54.30 9.54
CA THR C 584 -22.34 -55.64 9.91
C THR C 584 -20.87 -55.58 10.27
N ILE C 585 -20.49 -56.12 11.41
CA ILE C 585 -19.09 -56.02 11.83
C ILE C 585 -18.32 -57.22 11.32
N ILE C 586 -17.25 -56.94 10.60
CA ILE C 586 -16.35 -57.94 10.07
C ILE C 586 -15.09 -57.89 10.91
N ARG C 587 -14.84 -58.98 11.64
CA ARG C 587 -13.66 -59.12 12.50
C ARG C 587 -12.71 -60.18 11.97
N ASP C 588 -13.17 -61.42 11.92
CA ASP C 588 -12.38 -62.50 11.34
C ASP C 588 -12.31 -62.36 9.83
N GLY C 589 -11.33 -63.03 9.23
CA GLY C 589 -11.29 -63.15 7.79
C GLY C 589 -12.38 -64.05 7.23
N VAL C 590 -12.82 -65.04 8.02
CA VAL C 590 -13.87 -65.93 7.56
C VAL C 590 -15.20 -65.21 7.43
N THR C 591 -15.44 -64.15 8.20
CA THR C 591 -16.66 -63.38 8.03
C THR C 591 -16.63 -62.59 6.73
N ALA C 592 -15.54 -61.87 6.46
CA ALA C 592 -15.42 -61.15 5.20
C ALA C 592 -15.52 -62.09 4.02
N ASP C 593 -14.92 -63.27 4.12
CA ASP C 593 -15.04 -64.25 3.05
C ASP C 593 -16.46 -64.77 2.92
N GLY C 594 -17.19 -64.87 4.03
CA GLY C 594 -18.57 -65.32 3.98
C GLY C 594 -19.50 -64.33 3.34
N ILE C 595 -19.29 -63.04 3.60
CA ILE C 595 -20.11 -62.01 2.97
C ILE C 595 -19.73 -61.86 1.50
N THR C 596 -18.44 -61.71 1.22
CA THR C 596 -17.98 -61.57 -0.15
C THR C 596 -18.40 -62.76 -0.99
N GLN C 597 -18.47 -63.95 -0.40
CA GLN C 597 -18.83 -65.12 -1.19
C GLN C 597 -20.29 -65.06 -1.62
N ARG C 598 -21.17 -64.56 -0.76
CA ARG C 598 -22.58 -64.51 -1.16
C ARG C 598 -22.86 -63.33 -2.07
N LYS C 599 -22.22 -62.19 -1.85
CA LYS C 599 -22.43 -61.09 -2.77
C LYS C 599 -21.79 -61.36 -4.13
N TYR C 600 -20.78 -62.23 -4.15
CA TYR C 600 -20.16 -62.61 -5.41
C TYR C 600 -20.99 -63.66 -6.14
N ASN C 601 -21.43 -64.69 -5.41
CA ASN C 601 -22.25 -65.73 -6.02
C ASN C 601 -23.62 -65.23 -6.43
N TYR C 602 -24.14 -64.17 -5.83
CA TYR C 602 -25.38 -63.61 -6.32
C TYR C 602 -25.23 -63.07 -7.73
N ILE C 603 -24.24 -62.20 -7.95
CA ILE C 603 -24.00 -61.70 -9.30
C ILE C 603 -23.65 -62.83 -10.25
N ARG C 604 -22.74 -63.72 -9.85
CA ARG C 604 -22.43 -64.84 -10.73
C ARG C 604 -23.67 -65.61 -11.13
N ALA C 605 -24.61 -65.80 -10.20
CA ALA C 605 -25.87 -66.45 -10.56
C ALA C 605 -26.63 -65.64 -11.60
N GLU C 606 -26.75 -64.32 -11.39
CA GLU C 606 -27.39 -63.48 -12.39
C GLU C 606 -26.76 -63.64 -13.77
N GLN C 607 -25.43 -63.66 -13.83
CA GLN C 607 -24.74 -63.70 -15.11
C GLN C 607 -24.88 -65.07 -15.77
N LEU C 608 -24.83 -66.15 -14.98
CA LEU C 608 -25.11 -67.46 -15.56
C LEU C 608 -26.51 -67.51 -16.15
N PHE C 609 -27.49 -66.92 -15.46
CA PHE C 609 -28.81 -66.84 -16.05
C PHE C 609 -28.82 -66.00 -17.33
N ARG C 610 -28.01 -64.94 -17.39
CA ARG C 610 -27.85 -64.20 -18.62
C ARG C 610 -27.26 -65.07 -19.71
N ALA C 611 -26.43 -66.03 -19.35
CA ALA C 611 -25.82 -66.89 -20.34
C ALA C 611 -26.73 -68.02 -20.79
N GLU C 612 -27.74 -68.36 -20.00
CA GLU C 612 -28.66 -69.42 -20.42
C GLU C 612 -29.62 -68.92 -21.48
N LYS C 613 -30.24 -67.76 -21.26
CA LYS C 613 -30.92 -67.05 -22.34
C LYS C 613 -29.96 -65.94 -22.75
N GLY C 614 -29.29 -66.13 -23.88
CA GLY C 614 -28.13 -65.35 -24.22
C GLY C 614 -28.46 -64.23 -25.19
N LEU C 615 -27.40 -63.68 -25.77
CA LEU C 615 -27.57 -62.74 -26.86
C LEU C 615 -28.19 -63.47 -28.03
N ARG C 616 -29.31 -62.95 -28.55
CA ARG C 616 -30.01 -63.66 -29.60
C ARG C 616 -29.21 -63.67 -30.89
N LEU C 617 -28.53 -62.58 -31.21
CA LEU C 617 -27.81 -62.49 -32.46
C LEU C 617 -26.36 -62.94 -32.36
N LEU C 618 -25.83 -63.13 -31.17
CA LEU C 618 -24.43 -63.46 -30.99
C LEU C 618 -24.31 -64.76 -30.20
N ASP C 619 -23.10 -65.33 -30.23
CA ASP C 619 -22.86 -66.58 -29.53
C ASP C 619 -22.92 -66.35 -28.02
N ASP C 620 -23.51 -67.33 -27.31
CA ASP C 620 -23.73 -67.19 -25.88
C ASP C 620 -22.43 -67.22 -25.08
N ALA C 621 -21.30 -67.53 -25.69
CA ALA C 621 -20.02 -67.50 -24.98
C ALA C 621 -19.43 -66.10 -24.93
N SER C 622 -20.06 -65.12 -25.57
CA SER C 622 -19.55 -63.77 -25.60
C SER C 622 -20.05 -62.92 -24.43
N VAL C 623 -21.02 -63.40 -23.67
CA VAL C 623 -21.53 -62.62 -22.52
C VAL C 623 -20.54 -62.77 -21.37
N PRO C 624 -20.11 -61.67 -20.75
CA PRO C 624 -19.15 -61.78 -19.66
C PRO C 624 -19.80 -62.42 -18.44
N VAL C 625 -19.10 -63.36 -17.83
CA VAL C 625 -19.59 -64.06 -16.65
C VAL C 625 -18.43 -64.24 -15.69
N LEU C 626 -18.68 -63.98 -14.42
CA LEU C 626 -17.63 -64.07 -13.43
C LEU C 626 -17.13 -65.51 -13.35
N PRO C 627 -15.84 -65.73 -13.16
CA PRO C 627 -15.35 -67.08 -12.90
C PRO C 627 -15.85 -67.57 -11.55
N LYS C 628 -15.86 -68.89 -11.38
CA LYS C 628 -16.26 -69.47 -10.12
C LYS C 628 -15.35 -68.94 -9.02
N PHE C 629 -15.91 -68.77 -7.82
CA PHE C 629 -15.27 -67.96 -6.81
C PHE C 629 -13.89 -68.50 -6.46
N GLY C 630 -12.87 -67.66 -6.64
CA GLY C 630 -11.51 -68.01 -6.31
C GLY C 630 -10.68 -68.58 -7.44
N ASP C 631 -11.21 -68.70 -8.65
CA ASP C 631 -10.52 -69.37 -9.74
C ASP C 631 -9.79 -68.43 -10.69
N ASP C 632 -9.82 -67.12 -10.44
CA ASP C 632 -9.18 -66.14 -11.32
C ASP C 632 -9.62 -66.29 -12.78
N ARG C 633 -8.70 -66.14 -13.72
CA ARG C 633 -9.03 -65.98 -15.12
C ARG C 633 -9.13 -67.28 -15.90
N ARG C 634 -10.19 -67.42 -16.69
CA ARG C 634 -10.32 -68.41 -17.74
C ARG C 634 -10.37 -68.11 -19.21
N HIS C 635 -9.69 -68.90 -20.04
CA HIS C 635 -9.63 -68.60 -21.45
C HIS C 635 -11.04 -68.90 -21.92
N SER C 636 -11.40 -68.30 -23.06
CA SER C 636 -12.66 -68.60 -23.71
C SER C 636 -12.74 -70.09 -24.06
N PRO C 637 -13.93 -70.62 -24.26
CA PRO C 637 -14.02 -72.04 -24.57
C PRO C 637 -13.30 -72.40 -25.87
N GLU C 638 -13.50 -71.61 -26.92
CA GLU C 638 -12.82 -71.84 -28.19
C GLU C 638 -11.31 -71.65 -28.11
N ILE C 639 -10.88 -70.59 -27.43
CA ILE C 639 -9.47 -70.32 -27.25
C ILE C 639 -8.82 -71.41 -26.42
N GLN C 640 -9.55 -71.87 -25.40
CA GLN C 640 -9.06 -72.94 -24.56
C GLN C 640 -8.89 -74.20 -25.39
N ALA C 641 -9.85 -74.45 -26.27
CA ALA C 641 -9.78 -75.61 -27.15
C ALA C 641 -8.57 -75.51 -28.07
N PHE C 642 -8.30 -74.32 -28.58
CA PHE C 642 -7.15 -74.08 -29.43
C PHE C 642 -5.84 -74.34 -28.69
N ILE C 643 -5.78 -73.90 -27.44
CA ILE C 643 -4.54 -73.96 -26.68
C ILE C 643 -4.07 -75.40 -26.47
N GLU C 644 -5.01 -76.29 -26.21
CA GLU C 644 -4.71 -77.69 -25.95
C GLU C 644 -4.13 -78.37 -27.18
N GLN C 645 -4.54 -77.94 -28.39
CA GLN C 645 -3.99 -78.53 -29.60
C GLN C 645 -2.52 -78.23 -29.74
N MET C 646 -2.15 -76.95 -29.65
CA MET C 646 -0.75 -76.53 -29.75
C MET C 646 0.07 -77.08 -28.59
N GLY D 97 67.43 -65.67 68.33
CA GLY D 97 68.57 -65.44 69.21
C GLY D 97 68.75 -63.99 69.61
N ASP D 98 69.98 -63.64 70.00
CA ASP D 98 70.33 -62.31 70.48
C ASP D 98 70.95 -61.40 69.40
N GLU D 99 71.00 -61.81 68.15
CA GLU D 99 71.72 -61.05 67.13
C GLU D 99 71.09 -59.67 66.94
N VAL D 100 71.90 -58.71 66.48
CA VAL D 100 71.43 -57.36 66.12
C VAL D 100 71.31 -57.26 64.61
N ILE D 101 70.07 -57.19 64.11
CA ILE D 101 69.77 -56.98 62.70
C ILE D 101 68.68 -55.92 62.59
N THR D 102 68.58 -55.30 61.42
CA THR D 102 67.57 -54.29 61.13
C THR D 102 66.42 -54.91 60.32
N GLN D 103 65.18 -54.55 60.66
CA GLN D 103 64.03 -55.06 59.91
C GLN D 103 63.21 -53.92 59.35
N VAL D 104 62.88 -54.04 58.07
CA VAL D 104 62.16 -53.03 57.31
C VAL D 104 60.78 -53.59 56.96
N VAL D 105 59.73 -53.05 57.58
CA VAL D 105 58.38 -53.55 57.39
C VAL D 105 57.43 -52.35 57.26
N ALA D 106 56.26 -52.56 56.65
CA ALA D 106 55.38 -51.45 56.32
C ALA D 106 54.17 -51.37 57.24
N VAL D 107 53.69 -50.15 57.46
CA VAL D 107 52.33 -49.88 57.88
C VAL D 107 51.78 -48.84 56.91
N LYS D 108 50.85 -49.26 56.06
CA LYS D 108 50.35 -48.33 55.05
C LYS D 108 49.26 -47.43 55.62
N ASN D 109 48.54 -47.92 56.63
CA ASN D 109 47.23 -47.39 56.95
C ASN D 109 47.31 -45.94 57.44
N VAL D 110 48.20 -45.65 58.39
CA VAL D 110 48.44 -44.28 58.83
C VAL D 110 49.92 -44.16 59.19
N SER D 111 50.43 -42.92 59.15
CA SER D 111 51.85 -42.65 59.38
C SER D 111 52.32 -43.25 60.70
N VAL D 112 53.50 -43.89 60.67
CA VAL D 112 53.98 -44.69 61.79
C VAL D 112 54.67 -43.87 62.87
N ARG D 113 54.87 -42.56 62.65
CA ARG D 113 55.31 -41.69 63.72
C ARG D 113 54.40 -41.82 64.94
N GLU D 114 53.13 -42.16 64.69
CA GLU D 114 52.15 -42.40 65.73
C GLU D 114 52.59 -43.45 66.75
N LEU D 115 53.51 -44.33 66.38
CA LEU D 115 54.00 -45.36 67.28
C LEU D 115 55.33 -45.02 67.95
N SER D 116 55.91 -43.84 67.70
CA SER D 116 57.23 -43.55 68.25
C SER D 116 57.32 -43.71 69.77
N PRO D 117 56.37 -43.25 70.59
CA PRO D 117 56.56 -43.33 72.05
C PRO D 117 56.54 -44.75 72.58
N LEU D 118 55.62 -45.57 72.08
CA LEU D 118 55.41 -46.91 72.63
C LEU D 118 56.45 -47.87 72.08
N LEU D 119 56.89 -47.64 70.84
CA LEU D 119 58.00 -48.40 70.28
C LEU D 119 59.31 -48.10 71.00
N ARG D 120 59.60 -46.81 71.27
CA ARG D 120 60.72 -46.51 72.17
C ARG D 120 60.47 -47.03 73.58
N GLN D 121 59.24 -47.43 73.89
CA GLN D 121 59.01 -48.18 75.12
C GLN D 121 59.67 -49.55 75.06
N LEU D 122 59.57 -50.23 73.92
CA LEU D 122 60.36 -51.46 73.71
C LEU D 122 61.83 -51.16 73.41
N ILE D 123 62.18 -49.93 73.04
CA ILE D 123 63.59 -49.56 73.01
C ILE D 123 64.06 -49.27 74.43
N ASP D 124 63.15 -48.84 75.30
CA ASP D 124 63.40 -48.73 76.74
C ASP D 124 63.20 -50.06 77.49
N ASN D 125 62.15 -50.84 77.17
CA ASN D 125 61.83 -52.06 77.92
C ASN D 125 63.02 -52.99 78.06
N ALA D 126 63.92 -52.98 77.08
CA ALA D 126 65.15 -53.77 77.10
C ALA D 126 66.30 -52.89 76.63
N GLY D 127 67.45 -53.51 76.41
CA GLY D 127 68.67 -52.80 76.03
C GLY D 127 68.63 -52.04 74.72
N ALA D 128 69.46 -51.01 74.62
CA ALA D 128 69.50 -50.14 73.44
C ALA D 128 70.63 -50.58 72.52
N GLY D 129 70.95 -49.76 71.52
CA GLY D 129 71.50 -50.20 70.28
C GLY D 129 70.48 -50.16 69.18
N ASN D 130 69.20 -50.12 69.52
CA ASN D 130 68.09 -50.07 68.59
C ASN D 130 68.04 -48.73 67.87
N VAL D 131 67.37 -48.75 66.73
CA VAL D 131 66.75 -47.57 66.15
C VAL D 131 65.38 -48.01 65.67
N VAL D 132 64.39 -47.13 65.72
CA VAL D 132 63.20 -47.32 64.92
C VAL D 132 62.93 -45.97 64.25
N HIS D 133 63.07 -45.95 62.93
CA HIS D 133 63.02 -44.72 62.16
C HIS D 133 61.88 -44.84 61.16
N TYR D 134 61.09 -43.77 61.08
CA TYR D 134 59.81 -43.77 60.38
C TYR D 134 59.94 -42.91 59.16
N ASP D 135 60.01 -43.53 58.01
CA ASP D 135 60.25 -42.75 56.81
C ASP D 135 58.96 -42.16 56.30
N PRO D 136 58.93 -40.85 56.07
CA PRO D 136 57.71 -40.20 55.56
C PRO D 136 57.23 -40.75 54.23
N ALA D 137 58.07 -41.51 53.52
CA ALA D 137 57.65 -42.29 52.36
C ALA D 137 56.74 -43.44 52.78
N ASN D 138 56.57 -43.61 54.09
CA ASN D 138 55.78 -44.66 54.72
C ASN D 138 56.33 -46.06 54.46
N ILE D 139 57.48 -46.35 55.06
CA ILE D 139 57.92 -47.71 55.38
C ILE D 139 58.39 -47.63 56.83
N ILE D 140 59.04 -48.68 57.33
CA ILE D 140 59.35 -48.79 58.75
C ILE D 140 60.73 -49.41 58.92
N LEU D 141 61.56 -48.78 59.78
CA LEU D 141 62.90 -49.27 60.11
C LEU D 141 63.01 -49.61 61.60
N ILE D 142 63.51 -50.82 61.87
CA ILE D 142 64.01 -51.18 63.19
C ILE D 142 65.46 -51.62 63.00
N THR D 143 66.25 -51.48 64.06
CA THR D 143 67.58 -52.05 64.14
C THR D 143 67.80 -52.47 65.59
N GLY D 144 68.29 -53.68 65.80
CA GLY D 144 68.55 -54.13 67.16
C GLY D 144 68.39 -55.63 67.29
N ARG D 145 68.24 -56.07 68.53
CA ARG D 145 68.15 -57.49 68.78
C ARG D 145 66.89 -58.08 68.17
N ALA D 146 67.09 -59.20 67.47
CA ALA D 146 66.01 -59.81 66.67
C ALA D 146 64.77 -60.08 67.51
N ALA D 147 64.94 -60.31 68.81
CA ALA D 147 63.78 -60.51 69.68
C ALA D 147 63.01 -59.20 69.89
N VAL D 148 63.70 -58.16 70.32
CA VAL D 148 63.03 -56.89 70.59
C VAL D 148 62.65 -56.20 69.28
N VAL D 149 63.47 -56.40 68.24
CA VAL D 149 63.10 -55.98 66.89
C VAL D 149 61.87 -56.74 66.42
N ASN D 150 61.67 -57.95 66.93
CA ASN D 150 60.44 -58.68 66.60
C ASN D 150 59.25 -58.05 67.30
N ARG D 151 59.22 -58.07 68.64
CA ARG D 151 58.11 -57.44 69.34
C ARG D 151 57.80 -56.03 68.83
N LEU D 152 58.83 -55.25 68.51
CA LEU D 152 58.65 -53.97 67.84
C LEU D 152 57.95 -54.13 66.50
N ALA D 153 58.39 -55.09 65.68
CA ALA D 153 57.75 -55.29 64.38
C ALA D 153 56.35 -55.86 64.54
N GLU D 154 56.02 -56.36 65.74
CA GLU D 154 54.72 -56.94 66.04
C GLU D 154 53.73 -55.86 66.45
N ILE D 155 54.19 -54.90 67.25
CA ILE D 155 53.41 -53.69 67.47
C ILE D 155 53.22 -52.96 66.15
N ILE D 156 54.32 -52.71 65.45
CA ILE D 156 54.31 -52.07 64.15
C ILE D 156 53.31 -52.75 63.22
N ARG D 157 53.52 -54.04 62.91
CA ARG D 157 52.56 -54.76 62.08
C ARG D 157 51.19 -54.83 62.76
N ARG D 158 51.11 -54.48 64.04
CA ARG D 158 49.84 -54.48 64.74
C ARG D 158 49.11 -53.17 64.44
N VAL D 159 49.85 -52.17 63.93
CA VAL D 159 49.19 -51.03 63.30
C VAL D 159 49.15 -51.17 61.77
N ASP D 160 49.96 -52.05 61.18
CA ASP D 160 49.79 -52.42 59.77
C ASP D 160 48.47 -53.12 59.53
N GLN D 161 48.39 -54.35 60.04
CA GLN D 161 47.29 -55.27 59.81
C GLN D 161 45.98 -54.77 60.39
N ALA D 162 46.04 -53.86 61.36
CA ALA D 162 44.90 -53.43 62.14
C ALA D 162 43.75 -52.87 61.32
N GLY D 163 43.94 -51.70 60.70
CA GLY D 163 42.87 -50.85 60.25
C GLY D 163 42.48 -50.94 58.79
N ASP D 164 42.72 -52.09 58.14
CA ASP D 164 42.91 -52.16 56.70
C ASP D 164 41.88 -51.35 55.93
N LYS D 165 42.34 -50.64 54.91
CA LYS D 165 41.48 -49.79 54.10
C LYS D 165 41.97 -49.85 52.67
N GLU D 166 41.07 -50.18 51.73
CA GLU D 166 41.34 -50.07 50.31
C GLU D 166 40.04 -49.93 49.53
N ILE D 167 40.16 -50.12 48.23
CA ILE D 167 39.11 -49.84 47.24
C ILE D 167 38.44 -51.13 46.78
N GLU D 168 37.12 -51.05 46.57
CA GLU D 168 36.35 -52.11 45.94
C GLU D 168 35.76 -51.62 44.63
N VAL D 169 35.45 -52.57 43.75
CA VAL D 169 34.69 -52.30 42.54
C VAL D 169 33.65 -53.40 42.38
N VAL D 170 32.38 -53.04 42.47
CA VAL D 170 31.31 -54.02 42.43
C VAL D 170 30.17 -53.46 41.58
N GLU D 171 29.69 -54.28 40.65
CA GLU D 171 28.65 -53.89 39.72
C GLU D 171 27.36 -53.52 40.43
N LEU D 172 26.79 -52.40 40.00
CA LEU D 172 25.42 -52.03 40.34
C LEU D 172 24.63 -52.17 39.07
N ASN D 173 23.81 -53.21 38.96
CA ASN D 173 23.13 -53.46 37.70
C ASN D 173 21.91 -52.58 37.57
N ASN D 174 21.33 -52.18 38.69
CA ASN D 174 19.98 -51.68 38.65
C ASN D 174 19.92 -50.26 39.15
N ALA D 175 20.01 -50.10 40.47
CA ALA D 175 19.95 -48.78 41.07
C ALA D 175 21.09 -47.94 40.55
N SER D 176 20.75 -46.79 39.99
CA SER D 176 21.75 -45.92 39.40
C SER D 176 22.87 -45.67 40.40
N ALA D 177 24.11 -45.90 39.96
CA ALA D 177 25.24 -45.65 40.83
C ALA D 177 25.12 -44.27 41.44
N ALA D 178 25.10 -43.22 40.61
CA ALA D 178 24.99 -41.87 41.13
C ALA D 178 23.88 -41.76 42.16
N GLU D 179 22.80 -42.53 41.99
CA GLU D 179 21.82 -42.62 43.06
C GLU D 179 22.42 -43.33 44.27
N MET D 180 23.03 -44.50 44.09
CA MET D 180 23.68 -45.15 45.23
C MET D 180 24.57 -44.19 45.97
N VAL D 181 25.37 -43.44 45.23
CA VAL D 181 26.18 -42.34 45.71
C VAL D 181 25.29 -41.50 46.61
N ARG D 182 24.33 -40.79 46.01
CA ARG D 182 23.55 -39.82 46.76
C ARG D 182 23.01 -40.42 48.04
N ILE D 183 22.49 -41.64 47.94
CA ILE D 183 21.69 -42.20 49.01
C ILE D 183 22.59 -42.74 50.12
N VAL D 184 23.86 -42.97 49.79
CA VAL D 184 24.88 -43.16 50.81
C VAL D 184 25.42 -41.82 51.29
N GLU D 185 25.31 -40.78 50.49
CA GLU D 185 25.98 -39.53 50.81
C GLU D 185 25.48 -39.02 52.14
N ALA D 186 24.16 -39.13 52.34
CA ALA D 186 23.53 -38.84 53.62
C ALA D 186 24.21 -39.52 54.78
N LEU D 187 24.84 -40.67 54.54
CA LEU D 187 25.53 -41.39 55.59
C LEU D 187 26.82 -40.65 55.90
N ASN D 188 27.20 -40.63 57.16
CA ASN D 188 28.39 -39.88 57.57
C ASN D 188 29.32 -40.75 58.42
N LYS D 203 35.75 -44.36 52.43
CA LYS D 203 34.78 -43.53 51.75
C LYS D 203 34.23 -44.24 50.51
N PHE D 204 33.63 -43.50 49.57
CA PHE D 204 32.73 -44.10 48.59
C PHE D 204 33.09 -43.60 47.20
N VAL D 205 32.96 -44.48 46.19
CA VAL D 205 32.95 -44.06 44.80
C VAL D 205 31.92 -44.92 44.07
N ALA D 206 31.68 -44.62 42.81
CA ALA D 206 30.97 -45.46 41.86
C ALA D 206 31.28 -44.96 40.45
N ASP D 207 30.96 -45.78 39.44
CA ASP D 207 31.04 -45.32 38.07
C ASP D 207 29.74 -45.64 37.37
N GLU D 208 29.18 -44.66 36.66
CA GLU D 208 28.03 -45.01 35.85
C GLU D 208 28.40 -45.26 34.39
N ARG D 209 29.68 -45.27 34.04
CA ARG D 209 30.04 -46.09 32.88
C ARG D 209 29.70 -47.53 33.15
N THR D 210 30.27 -48.07 34.22
CA THR D 210 30.02 -49.40 34.69
C THR D 210 28.77 -49.50 35.54
N ASN D 211 28.37 -48.42 36.20
CA ASN D 211 27.38 -48.46 37.25
C ASN D 211 27.81 -49.46 38.32
N SER D 212 28.85 -49.08 39.06
CA SER D 212 29.49 -49.92 40.05
C SER D 212 29.95 -49.11 41.25
N ILE D 213 29.59 -49.55 42.45
CA ILE D 213 30.13 -48.98 43.67
C ILE D 213 31.60 -49.33 43.79
N LEU D 214 32.41 -48.32 44.03
CA LEU D 214 33.80 -48.50 44.37
C LEU D 214 33.86 -48.13 45.84
N ILE D 215 34.82 -48.67 46.58
CA ILE D 215 34.86 -48.31 47.98
C ILE D 215 36.28 -47.92 48.33
N SER D 216 36.42 -47.03 49.30
CA SER D 216 37.72 -46.77 49.90
C SER D 216 37.59 -46.89 51.42
N GLY D 217 38.17 -47.95 51.96
CA GLY D 217 38.09 -48.15 53.39
C GLY D 217 38.08 -49.62 53.76
N ASP D 218 37.56 -49.87 54.96
CA ASP D 218 37.83 -51.06 55.76
C ASP D 218 37.36 -52.33 55.08
N PRO D 219 37.96 -53.48 55.41
CA PRO D 219 37.25 -54.75 55.23
C PRO D 219 36.07 -54.90 56.18
N LYS D 220 35.95 -54.06 57.21
CA LYS D 220 34.63 -53.84 57.80
C LYS D 220 33.76 -52.99 56.89
N VAL D 221 34.34 -51.96 56.27
CA VAL D 221 33.64 -51.26 55.20
C VAL D 221 33.38 -52.20 54.03
N ARG D 222 34.20 -53.25 53.88
CA ARG D 222 33.94 -54.24 52.85
C ARG D 222 32.80 -55.16 53.25
N GLU D 223 32.73 -55.53 54.53
CA GLU D 223 31.58 -56.31 54.97
C GLU D 223 30.30 -55.50 54.86
N ARG D 224 30.21 -54.38 55.58
CA ARG D 224 28.96 -53.65 55.62
C ARG D 224 28.64 -53.01 54.28
N LEU D 225 29.67 -52.66 53.50
CA LEU D 225 29.37 -52.03 52.22
C LEU D 225 29.33 -53.00 51.08
N LYS D 226 29.65 -54.28 51.29
CA LYS D 226 29.02 -55.27 50.42
C LYS D 226 27.59 -55.53 50.86
N ARG D 227 27.30 -55.38 52.14
CA ARG D 227 25.92 -55.40 52.57
C ARG D 227 25.12 -54.32 51.86
N LEU D 228 25.67 -53.10 51.70
CA LEU D 228 24.92 -52.03 51.03
C LEU D 228 25.16 -52.03 49.53
N ILE D 229 26.18 -52.75 49.07
CA ILE D 229 26.20 -53.17 47.68
C ILE D 229 24.92 -53.92 47.36
N LYS D 230 24.55 -54.82 48.26
CA LYS D 230 23.39 -55.66 48.02
C LYS D 230 22.10 -54.94 48.39
N GLN D 231 22.13 -54.08 49.40
CA GLN D 231 20.89 -53.54 49.95
C GLN D 231 20.11 -52.76 48.93
N LEU D 232 20.69 -51.73 48.33
CA LEU D 232 19.94 -51.03 47.31
C LEU D 232 20.60 -51.44 46.02
N ASP D 233 20.21 -52.62 45.55
CA ASP D 233 20.35 -53.08 44.18
C ASP D 233 19.00 -53.24 43.51
N VAL D 234 17.95 -53.29 44.32
CA VAL D 234 16.61 -53.66 43.88
C VAL D 234 16.00 -52.68 42.88
N GLU D 235 15.23 -53.23 41.95
CA GLU D 235 14.60 -52.43 40.91
C GLU D 235 13.09 -52.48 41.09
N MET D 236 12.47 -51.32 41.12
CA MET D 236 11.04 -51.22 41.35
C MET D 236 10.26 -51.89 40.22
N ALA D 237 9.19 -52.56 40.59
CA ALA D 237 8.32 -53.21 39.61
C ALA D 237 7.60 -52.14 38.81
N ALA D 238 7.26 -52.46 37.56
CA ALA D 238 6.63 -51.47 36.70
C ALA D 238 5.32 -51.03 37.32
N LYS D 239 5.05 -49.73 37.26
CA LYS D 239 3.88 -49.14 37.89
C LYS D 239 2.71 -48.89 36.94
N GLY D 240 2.88 -49.24 35.68
CA GLY D 240 1.87 -48.92 34.68
C GLY D 240 1.69 -47.42 34.65
N ASN D 241 2.81 -46.73 34.82
CA ASN D 241 2.86 -45.27 34.85
C ASN D 241 1.99 -44.65 33.77
N ASN D 242 1.98 -45.25 32.59
CA ASN D 242 1.10 -44.79 31.53
C ASN D 242 0.19 -45.92 31.08
N ARG D 243 -0.99 -45.55 30.57
CA ARG D 243 -1.98 -46.53 30.19
C ARG D 243 -2.70 -46.06 28.94
N VAL D 244 -2.91 -46.97 28.01
CA VAL D 244 -3.67 -46.72 26.79
C VAL D 244 -5.08 -47.22 27.03
N VAL D 245 -6.06 -46.33 26.95
CA VAL D 245 -7.45 -46.68 27.23
C VAL D 245 -8.24 -46.64 25.93
N TYR D 246 -9.03 -47.68 25.70
CA TYR D 246 -9.84 -47.81 24.49
C TYR D 246 -11.21 -47.24 24.78
N LEU D 247 -11.54 -46.12 24.16
CA LEU D 247 -12.84 -45.51 24.37
C LEU D 247 -13.91 -46.32 23.66
N LYS D 248 -14.95 -46.68 24.40
CA LYS D 248 -16.05 -47.44 23.80
C LYS D 248 -16.94 -46.54 22.96
N TYR D 249 -17.33 -45.38 23.50
CA TYR D 249 -18.29 -44.52 22.85
C TYR D 249 -17.71 -43.16 22.49
N ALA D 250 -17.27 -42.39 23.47
CA ALA D 250 -16.81 -41.02 23.19
C ALA D 250 -15.62 -41.03 22.24
N LYS D 251 -15.46 -39.92 21.52
CA LYS D 251 -14.33 -39.76 20.62
C LYS D 251 -13.12 -39.25 21.38
N ALA D 252 -11.95 -39.74 20.99
CA ALA D 252 -10.71 -39.38 21.65
C ALA D 252 -10.44 -37.89 21.53
N GLU D 253 -10.73 -37.32 20.36
CA GLU D 253 -10.45 -35.91 20.15
C GLU D 253 -11.25 -35.02 21.11
N ASP D 254 -12.52 -35.33 21.30
CA ASP D 254 -13.34 -34.60 22.26
C ASP D 254 -12.85 -34.78 23.70
N LEU D 255 -12.46 -36.02 24.01
CA LEU D 255 -12.10 -36.43 25.36
C LEU D 255 -10.76 -35.86 25.75
N VAL D 256 -9.81 -35.86 24.84
CA VAL D 256 -8.50 -35.32 25.17
C VAL D 256 -8.63 -33.85 25.50
N GLU D 257 -9.44 -33.14 24.72
CA GLU D 257 -9.59 -31.72 25.00
C GLU D 257 -10.17 -31.53 26.40
N VAL D 258 -11.19 -32.31 26.72
CA VAL D 258 -11.83 -32.16 28.03
C VAL D 258 -10.87 -32.48 29.16
N LEU D 259 -10.03 -33.50 28.95
CA LEU D 259 -9.21 -34.07 30.01
C LEU D 259 -7.96 -33.23 30.25
N LYS D 260 -7.68 -32.27 29.39
CA LYS D 260 -6.50 -31.44 29.57
C LYS D 260 -6.54 -30.74 30.93
N GLY D 261 -7.68 -30.11 31.22
CA GLY D 261 -7.89 -29.45 32.50
C GLY D 261 -7.84 -30.32 33.73
N VAL D 262 -8.41 -31.52 33.63
CA VAL D 262 -8.38 -32.46 34.75
C VAL D 262 -6.94 -32.86 35.04
N SER D 263 -6.17 -33.04 33.98
CA SER D 263 -4.76 -33.40 34.14
C SER D 263 -4.03 -32.28 34.87
N GLU D 264 -4.34 -31.05 34.52
CA GLU D 264 -3.72 -29.89 35.17
C GLU D 264 -4.61 -29.34 36.29
N VAL D 283 2.12 -35.15 33.31
CA VAL D 283 0.85 -35.55 32.71
C VAL D 283 0.78 -35.15 31.25
N MET D 284 0.49 -36.12 30.38
CA MET D 284 0.25 -35.83 28.98
C MET D 284 -0.85 -36.75 28.48
N ILE D 285 -1.77 -36.19 27.71
CA ILE D 285 -2.93 -36.89 27.19
C ILE D 285 -2.87 -36.79 25.68
N ALA D 286 -2.79 -37.92 24.99
CA ALA D 286 -2.68 -37.89 23.54
C ALA D 286 -3.74 -38.78 22.92
N ALA D 287 -4.44 -38.27 21.92
CA ALA D 287 -5.54 -38.98 21.30
C ALA D 287 -5.05 -39.70 20.07
N HIS D 288 -5.18 -41.03 20.06
CA HIS D 288 -4.90 -41.82 18.87
C HIS D 288 -6.23 -42.03 18.14
N ALA D 289 -6.34 -41.42 16.96
CA ALA D 289 -7.61 -41.33 16.27
C ALA D 289 -8.03 -42.66 15.68
N ASP D 290 -7.14 -43.29 14.92
CA ASP D 290 -7.53 -44.46 14.13
C ASP D 290 -8.01 -45.60 15.01
N THR D 291 -7.38 -45.81 16.14
CA THR D 291 -7.89 -46.81 17.08
C THR D 291 -8.97 -46.23 17.98
N ASN D 292 -9.18 -44.92 17.94
CA ASN D 292 -10.07 -44.23 18.86
C ASN D 292 -9.74 -44.60 20.29
N SER D 293 -8.47 -44.46 20.64
CA SER D 293 -8.01 -44.80 21.97
C SER D 293 -7.08 -43.69 22.41
N LEU D 294 -7.17 -43.31 23.67
CA LEU D 294 -6.34 -42.21 24.13
C LEU D 294 -5.31 -42.71 25.12
N VAL D 295 -4.11 -42.17 25.01
CA VAL D 295 -2.93 -42.58 25.75
C VAL D 295 -2.76 -41.59 26.89
N LEU D 296 -2.82 -42.09 28.11
CA LEU D 296 -2.67 -41.32 29.32
C LEU D 296 -1.27 -41.57 29.86
N THR D 297 -0.57 -40.51 30.25
CA THR D 297 0.66 -40.68 31.01
C THR D 297 0.65 -39.71 32.20
N ALA D 298 0.76 -40.27 33.39
CA ALA D 298 0.62 -39.50 34.62
C ALA D 298 1.13 -40.33 35.79
N PRO D 299 1.19 -39.77 37.01
CA PRO D 299 1.46 -40.63 38.17
C PRO D 299 0.27 -41.52 38.50
N GLN D 300 0.34 -42.24 39.62
CA GLN D 300 -0.70 -43.23 39.90
C GLN D 300 -2.03 -42.59 40.28
N ASP D 301 -2.00 -41.61 41.19
CA ASP D 301 -3.24 -41.00 41.66
C ASP D 301 -3.97 -40.27 40.55
N ILE D 302 -3.27 -39.41 39.80
CA ILE D 302 -3.91 -38.71 38.69
C ILE D 302 -4.43 -39.69 37.67
N MET D 303 -3.71 -40.80 37.45
CA MET D 303 -4.20 -41.83 36.55
C MET D 303 -5.53 -42.38 37.03
N ASN D 304 -5.60 -42.75 38.31
CA ASN D 304 -6.85 -43.27 38.84
C ASN D 304 -7.97 -42.24 38.84
N ALA D 305 -7.63 -40.95 38.85
CA ALA D 305 -8.68 -39.93 38.71
C ALA D 305 -9.19 -39.85 37.29
N MET D 306 -8.28 -39.71 36.32
CA MET D 306 -8.71 -39.57 34.93
C MET D 306 -9.37 -40.83 34.40
N LEU D 307 -9.07 -42.00 34.95
CA LEU D 307 -9.82 -43.17 34.54
C LEU D 307 -11.24 -43.15 35.08
N GLU D 308 -11.47 -42.51 36.22
CA GLU D 308 -12.83 -42.37 36.72
C GLU D 308 -13.60 -41.26 36.02
N VAL D 309 -12.90 -40.26 35.49
CA VAL D 309 -13.58 -39.30 34.63
C VAL D 309 -13.93 -39.93 33.30
N ILE D 310 -12.95 -40.54 32.63
CA ILE D 310 -13.20 -41.22 31.36
C ILE D 310 -14.29 -42.27 31.51
N GLY D 311 -14.28 -43.00 32.61
CA GLY D 311 -15.33 -43.98 32.83
C GLY D 311 -16.72 -43.38 32.80
N GLN D 312 -16.88 -42.15 33.28
CA GLN D 312 -18.19 -41.52 33.34
C GLN D 312 -18.51 -40.65 32.13
N LEU D 313 -17.52 -40.32 31.29
CA LEU D 313 -17.79 -39.61 30.05
C LEU D 313 -17.93 -40.55 28.86
N ASP D 314 -17.74 -41.84 29.07
CA ASP D 314 -17.78 -42.84 28.01
C ASP D 314 -19.16 -43.47 27.86
N ILE D 315 -20.17 -42.94 28.57
CA ILE D 315 -21.46 -43.62 28.62
C ILE D 315 -22.13 -43.64 27.26
N ARG D 316 -23.09 -44.56 27.12
CA ARG D 316 -23.88 -44.68 25.91
C ARG D 316 -24.84 -43.51 25.78
N ARG D 317 -25.11 -43.10 24.55
CA ARG D 317 -26.01 -42.00 24.26
C ARG D 317 -27.33 -42.55 23.76
N ALA D 318 -28.42 -42.18 24.42
CA ALA D 318 -29.74 -42.53 23.91
C ALA D 318 -30.00 -41.78 22.62
N GLN D 319 -30.94 -42.27 21.82
CA GLN D 319 -31.18 -41.65 20.54
C GLN D 319 -32.67 -41.46 20.29
N VAL D 320 -33.02 -40.26 19.86
CA VAL D 320 -34.40 -39.82 19.75
C VAL D 320 -34.87 -40.01 18.32
N LEU D 321 -36.12 -40.40 18.16
CA LEU D 321 -36.78 -40.43 16.87
C LEU D 321 -37.75 -39.25 16.82
N ILE D 322 -37.41 -38.25 16.02
CA ILE D 322 -38.20 -37.03 15.90
C ILE D 322 -39.15 -37.19 14.74
N GLU D 323 -40.45 -37.24 15.02
CA GLU D 323 -41.45 -37.36 13.97
C GLU D 323 -42.30 -36.11 13.96
N ALA D 324 -42.08 -35.25 12.98
CA ALA D 324 -42.93 -34.08 12.81
C ALA D 324 -44.22 -34.47 12.12
N LEU D 325 -45.24 -33.65 12.29
CA LEU D 325 -46.49 -33.81 11.57
C LEU D 325 -46.95 -32.44 11.10
N ILE D 326 -47.15 -32.28 9.80
CA ILE D 326 -47.52 -31.00 9.21
C ILE D 326 -48.88 -31.18 8.57
N VAL D 327 -49.82 -30.34 8.95
CA VAL D 327 -51.17 -30.42 8.42
C VAL D 327 -51.51 -29.07 7.82
N GLU D 328 -51.82 -29.05 6.52
CA GLU D 328 -52.18 -27.83 5.83
C GLU D 328 -53.51 -28.09 5.13
N MET D 329 -54.57 -27.43 5.59
CA MET D 329 -55.89 -27.61 5.01
C MET D 329 -56.35 -26.27 4.47
N ALA D 330 -56.48 -26.18 3.16
CA ALA D 330 -56.97 -24.96 2.55
C ALA D 330 -58.36 -25.20 2.02
N GLU D 331 -59.14 -24.14 1.93
CA GLU D 331 -60.45 -24.24 1.32
C GLU D 331 -60.76 -22.89 0.71
N GLY D 332 -61.49 -22.89 -0.38
CA GLY D 332 -61.80 -21.64 -1.03
C GLY D 332 -63.13 -21.74 -1.73
N ASP D 333 -63.73 -20.59 -1.94
CA ASP D 333 -65.01 -20.52 -2.62
C ASP D 333 -65.15 -19.12 -3.19
N GLY D 334 -65.99 -18.99 -4.19
CA GLY D 334 -66.35 -17.69 -4.67
C GLY D 334 -67.49 -17.79 -5.64
N ILE D 335 -68.30 -16.75 -5.73
CA ILE D 335 -69.39 -16.70 -6.70
C ILE D 335 -69.37 -15.33 -7.32
N ASN D 336 -69.19 -15.29 -8.63
CA ASN D 336 -69.07 -14.05 -9.36
C ASN D 336 -70.17 -14.06 -10.40
N LEU D 337 -71.18 -13.20 -10.23
CA LEU D 337 -72.25 -13.17 -11.21
C LEU D 337 -72.72 -11.74 -11.40
N GLY D 338 -73.01 -11.39 -12.64
CA GLY D 338 -73.49 -10.07 -12.97
C GLY D 338 -73.87 -9.99 -14.42
N VAL D 339 -74.72 -9.01 -14.73
CA VAL D 339 -75.23 -8.79 -16.07
C VAL D 339 -74.67 -7.49 -16.59
N GLN D 340 -74.20 -7.50 -17.82
CA GLN D 340 -73.69 -6.31 -18.47
C GLN D 340 -74.55 -6.03 -19.69
N TRP D 341 -74.52 -4.79 -20.16
CA TRP D 341 -75.35 -4.38 -21.28
C TRP D 341 -74.50 -3.61 -22.27
N GLY D 342 -74.95 -3.61 -23.52
CA GLY D 342 -74.30 -2.76 -24.48
C GLY D 342 -75.06 -2.54 -25.77
N SER D 343 -74.82 -1.39 -26.39
CA SER D 343 -75.33 -1.09 -27.72
C SER D 343 -74.19 -0.42 -28.46
N LEU D 344 -73.74 -1.05 -29.54
CA LEU D 344 -72.55 -0.56 -30.22
C LEU D 344 -72.89 0.40 -31.35
N GLU D 345 -74.17 0.53 -31.71
CA GLU D 345 -74.56 1.47 -32.75
C GLU D 345 -74.30 2.91 -32.30
N SER D 346 -74.84 3.29 -31.15
CA SER D 346 -74.42 4.47 -30.42
C SER D 346 -73.81 3.94 -29.12
N GLY D 347 -72.49 3.99 -29.02
CA GLY D 347 -71.86 3.14 -28.02
C GLY D 347 -72.31 3.53 -26.63
N SER D 348 -73.05 2.63 -26.00
CA SER D 348 -73.54 2.84 -24.65
C SER D 348 -73.47 1.51 -23.94
N VAL D 349 -72.74 1.44 -22.84
CA VAL D 349 -72.50 0.18 -22.18
C VAL D 349 -72.84 0.32 -20.71
N ILE D 350 -73.32 -0.76 -20.12
CA ILE D 350 -73.26 -0.96 -18.69
C ILE D 350 -72.22 -2.04 -18.48
N GLN D 351 -71.06 -1.65 -17.97
CA GLN D 351 -69.84 -2.43 -18.05
C GLN D 351 -69.22 -2.56 -16.67
N TYR D 352 -68.60 -3.69 -16.40
CA TYR D 352 -68.10 -4.00 -15.08
C TYR D 352 -66.73 -4.66 -15.17
N GLY D 353 -65.90 -4.39 -14.16
CA GLY D 353 -64.57 -4.96 -14.11
C GLY D 353 -64.49 -6.19 -13.22
N ASN D 354 -65.49 -6.38 -12.36
CA ASN D 354 -65.54 -7.59 -11.55
C ASN D 354 -65.59 -8.83 -12.42
N THR D 355 -66.27 -8.74 -13.56
CA THR D 355 -66.52 -9.88 -14.40
C THR D 355 -65.26 -10.30 -15.15
N GLY D 356 -65.28 -11.53 -15.66
CA GLY D 356 -64.18 -12.04 -16.44
C GLY D 356 -63.84 -11.19 -17.64
N ALA D 357 -64.81 -10.91 -18.50
CA ALA D 357 -64.60 -10.06 -19.66
C ALA D 357 -65.72 -9.05 -19.77
N SER D 358 -65.39 -7.88 -20.28
CA SER D 358 -66.28 -6.74 -20.34
C SER D 358 -66.98 -6.68 -21.69
N ILE D 359 -68.24 -6.24 -21.66
CA ILE D 359 -69.08 -6.22 -22.84
C ILE D 359 -68.45 -5.49 -24.01
N GLY D 360 -67.58 -4.51 -23.73
CA GLY D 360 -66.97 -3.75 -24.80
C GLY D 360 -66.10 -4.61 -25.70
N ASN D 361 -65.11 -5.28 -25.11
CA ASN D 361 -64.24 -6.15 -25.88
C ASN D 361 -65.00 -7.29 -26.54
N VAL D 362 -66.08 -7.75 -25.93
CA VAL D 362 -66.84 -8.84 -26.52
C VAL D 362 -67.58 -8.39 -27.76
N MET D 363 -68.29 -7.26 -27.67
CA MET D 363 -69.00 -6.78 -28.86
C MET D 363 -68.03 -6.36 -29.96
N ILE D 364 -66.95 -5.66 -29.61
CA ILE D 364 -65.95 -5.31 -30.60
C ILE D 364 -65.40 -6.56 -31.27
N GLY D 365 -65.07 -7.58 -30.48
CA GLY D 365 -64.58 -8.82 -31.04
C GLY D 365 -65.57 -9.47 -31.98
N LEU D 366 -66.85 -9.49 -31.60
CA LEU D 366 -67.86 -10.08 -32.47
C LEU D 366 -68.00 -9.31 -33.77
N GLU D 367 -67.85 -8.00 -33.74
CA GLU D 367 -67.93 -7.25 -34.99
C GLU D 367 -66.71 -7.49 -35.86
N GLU D 368 -65.52 -7.56 -35.26
CA GLU D 368 -64.33 -7.88 -36.03
C GLU D 368 -64.40 -9.28 -36.62
N ALA D 369 -65.12 -10.19 -35.97
CA ALA D 369 -65.23 -11.55 -36.48
C ALA D 369 -66.18 -11.67 -37.66
N LYS D 370 -67.08 -10.71 -37.84
CA LYS D 370 -68.02 -10.78 -38.95
C LYS D 370 -67.29 -10.67 -40.28
N ASP D 371 -67.93 -11.19 -41.32
CA ASP D 371 -67.35 -11.12 -42.66
C ASP D 371 -67.61 -9.76 -43.27
N THR D 372 -66.54 -9.04 -43.59
CA THR D 372 -66.64 -7.70 -44.15
C THR D 372 -66.56 -7.74 -45.66
N THR D 373 -67.31 -6.85 -46.31
CA THR D 373 -67.30 -6.73 -47.76
C THR D 373 -66.91 -5.31 -48.13
N GLN D 374 -66.08 -5.17 -49.16
CA GLN D 374 -65.56 -3.89 -49.60
C GLN D 374 -65.90 -3.71 -51.07
N THR D 375 -66.71 -2.71 -51.37
CA THR D 375 -67.27 -2.52 -52.70
C THR D 375 -66.69 -1.29 -53.38
N LYS D 376 -66.30 -1.44 -54.63
CA LYS D 376 -65.90 -0.33 -55.49
C LYS D 376 -66.77 -0.38 -56.73
N ALA D 377 -67.62 0.63 -56.90
CA ALA D 377 -68.55 0.67 -58.03
C ALA D 377 -67.96 1.48 -59.17
N VAL D 378 -68.71 1.57 -60.27
CA VAL D 378 -68.32 2.39 -61.42
C VAL D 378 -69.53 3.13 -61.96
N ASN D 388 -67.82 -3.08 -61.82
CA ASN D 388 -68.55 -2.99 -60.55
C ASN D 388 -67.98 -4.03 -59.56
N GLU D 389 -66.78 -3.76 -59.08
CA GLU D 389 -66.06 -4.70 -58.23
C GLU D 389 -66.69 -4.74 -56.84
N THR D 390 -66.88 -5.94 -56.30
CA THR D 390 -67.28 -6.14 -54.91
C THR D 390 -66.46 -7.28 -54.35
N THR D 391 -65.66 -7.01 -53.32
CA THR D 391 -64.86 -8.05 -52.70
C THR D 391 -65.46 -8.44 -51.35
N THR D 392 -65.29 -9.70 -50.97
CA THR D 392 -65.68 -10.18 -49.67
C THR D 392 -64.47 -10.78 -48.97
N THR D 393 -64.44 -10.63 -47.65
CA THR D 393 -63.29 -11.06 -46.85
C THR D 393 -63.80 -11.45 -45.47
N LYS D 394 -63.19 -12.48 -44.89
CA LYS D 394 -63.56 -12.93 -43.55
C LYS D 394 -62.68 -12.24 -42.52
N GLY D 395 -63.30 -11.84 -41.41
CA GLY D 395 -62.57 -11.12 -40.39
C GLY D 395 -61.88 -12.04 -39.40
N ASP D 396 -60.88 -11.50 -38.73
CA ASP D 396 -60.09 -12.26 -37.77
C ASP D 396 -60.85 -12.40 -36.45
N TYR D 397 -60.54 -13.48 -35.74
CA TYR D 397 -61.09 -13.72 -34.42
C TYR D 397 -60.15 -13.29 -33.30
N THR D 398 -58.99 -12.73 -33.63
CA THR D 398 -57.97 -12.50 -32.62
C THR D 398 -58.43 -11.56 -31.51
N LYS D 399 -59.28 -10.58 -31.81
CA LYS D 399 -59.81 -9.75 -30.74
C LYS D 399 -60.84 -10.50 -29.91
N LEU D 400 -61.75 -11.22 -30.56
CA LEU D 400 -62.69 -12.05 -29.82
C LEU D 400 -61.97 -13.13 -29.04
N ALA D 401 -60.96 -13.77 -29.64
CA ALA D 401 -60.18 -14.75 -28.91
C ALA D 401 -59.49 -14.11 -27.72
N SER D 402 -59.01 -12.89 -27.87
CA SER D 402 -58.39 -12.20 -26.74
C SER D 402 -59.41 -11.86 -25.66
N ALA D 403 -60.66 -11.65 -26.03
CA ALA D 403 -61.68 -11.31 -25.04
C ALA D 403 -62.16 -12.55 -24.30
N LEU D 404 -62.29 -13.68 -24.98
CA LEU D 404 -62.82 -14.88 -24.36
C LEU D 404 -61.79 -15.65 -23.55
N SER D 405 -60.49 -15.41 -23.79
CA SER D 405 -59.47 -16.23 -23.15
C SER D 405 -59.52 -16.13 -21.63
N SER D 406 -60.01 -15.00 -21.11
CA SER D 406 -60.02 -14.78 -19.67
C SER D 406 -61.31 -15.24 -19.00
N ILE D 407 -62.30 -15.70 -19.76
CA ILE D 407 -63.56 -16.13 -19.17
C ILE D 407 -63.35 -17.42 -18.40
N GLN D 408 -63.64 -17.39 -17.12
CA GLN D 408 -63.83 -18.59 -16.30
C GLN D 408 -65.29 -18.53 -15.87
N GLY D 409 -66.15 -19.31 -16.49
CA GLY D 409 -67.51 -19.28 -16.04
C GLY D 409 -68.46 -19.37 -17.20
N ALA D 410 -69.71 -18.98 -16.94
CA ALA D 410 -70.71 -18.84 -17.97
C ALA D 410 -70.81 -17.39 -18.42
N ALA D 411 -70.42 -17.12 -19.66
CA ALA D 411 -70.61 -15.83 -20.31
C ALA D 411 -71.56 -16.04 -21.48
N VAL D 412 -72.78 -15.52 -21.37
CA VAL D 412 -73.85 -15.80 -22.32
C VAL D 412 -74.40 -14.48 -22.83
N SER D 413 -74.32 -14.28 -24.14
CA SER D 413 -74.78 -13.04 -24.76
C SER D 413 -76.20 -13.23 -25.28
N ILE D 414 -77.14 -12.52 -24.69
CA ILE D 414 -78.53 -12.53 -25.14
C ILE D 414 -78.75 -11.23 -25.90
N ALA D 415 -78.91 -11.33 -27.22
CA ALA D 415 -79.09 -10.16 -28.06
C ALA D 415 -80.58 -9.88 -28.21
N MET D 416 -81.01 -8.71 -27.75
CA MET D 416 -82.41 -8.29 -27.85
C MET D 416 -82.45 -6.85 -28.34
N GLY D 417 -83.03 -6.64 -29.52
CA GLY D 417 -83.18 -5.32 -30.09
C GLY D 417 -81.91 -4.50 -30.10
N ASP D 418 -80.84 -5.08 -30.63
CA ASP D 418 -79.49 -4.52 -30.78
C ASP D 418 -78.82 -4.22 -29.44
N TRP D 419 -79.56 -4.41 -28.35
CA TRP D 419 -78.99 -4.37 -27.01
C TRP D 419 -78.60 -5.79 -26.62
N THR D 420 -77.30 -6.03 -26.50
CA THR D 420 -76.79 -7.35 -26.18
C THR D 420 -76.43 -7.39 -24.70
N ALA D 421 -77.19 -8.13 -23.93
CA ALA D 421 -76.94 -8.29 -22.51
C ALA D 421 -76.05 -9.51 -22.30
N LEU D 422 -74.88 -9.31 -21.73
CA LEU D 422 -73.93 -10.38 -21.47
C LEU D 422 -74.04 -10.77 -20.01
N ILE D 423 -74.60 -11.92 -19.74
CA ILE D 423 -74.69 -12.46 -18.40
C ILE D 423 -73.44 -13.26 -18.12
N ASN D 424 -72.89 -13.15 -16.92
CA ASN D 424 -71.79 -14.03 -16.57
C ASN D 424 -71.91 -14.45 -15.12
N ALA D 425 -71.70 -15.73 -14.88
CA ALA D 425 -71.86 -16.25 -13.54
C ALA D 425 -70.95 -17.46 -13.39
N VAL D 426 -70.34 -17.61 -12.22
CA VAL D 426 -69.48 -18.75 -11.95
C VAL D 426 -69.42 -18.95 -10.44
N SER D 427 -69.21 -20.19 -10.02
CA SER D 427 -68.91 -20.53 -8.64
C SER D 427 -67.67 -21.39 -8.62
N ASN D 428 -66.59 -20.85 -8.09
CA ASN D 428 -65.32 -21.56 -8.00
C ASN D 428 -65.19 -22.12 -6.59
N ASP D 429 -65.23 -23.43 -6.46
CA ASP D 429 -65.11 -24.10 -5.18
C ASP D 429 -63.82 -24.89 -5.18
N SER D 430 -62.89 -24.52 -4.31
CA SER D 430 -61.59 -25.16 -4.24
C SER D 430 -61.39 -25.75 -2.86
N SER D 431 -60.48 -26.71 -2.79
CA SER D 431 -60.13 -27.34 -1.53
C SER D 431 -58.72 -27.89 -1.65
N SER D 432 -58.08 -28.04 -0.49
CA SER D 432 -56.75 -28.65 -0.43
C SER D 432 -56.58 -29.30 0.92
N ASN D 433 -55.95 -30.45 0.93
CA ASN D 433 -55.69 -31.16 2.17
C ASN D 433 -54.32 -31.80 2.06
N ILE D 434 -53.44 -31.52 3.02
CA ILE D 434 -52.05 -31.94 2.92
C ILE D 434 -51.56 -32.42 4.27
N LEU D 435 -51.02 -33.63 4.33
CA LEU D 435 -50.31 -34.10 5.50
C LEU D 435 -48.96 -34.55 5.00
N SER D 436 -47.88 -34.03 5.55
CA SER D 436 -46.56 -34.59 5.32
C SER D 436 -45.94 -34.62 6.69
N SER D 437 -45.36 -35.72 7.14
CA SER D 437 -44.64 -35.70 8.41
C SER D 437 -43.25 -36.27 8.17
N PRO D 438 -42.20 -35.52 8.42
CA PRO D 438 -40.83 -36.05 8.26
C PRO D 438 -40.31 -36.40 9.63
N SER D 439 -39.77 -37.60 9.80
CA SER D 439 -39.10 -38.04 11.02
C SER D 439 -37.61 -38.27 10.79
N ILE D 440 -36.79 -37.65 11.63
CA ILE D 440 -35.35 -37.84 11.61
C ILE D 440 -34.95 -38.47 12.93
N THR D 441 -34.13 -39.51 12.86
CA THR D 441 -33.62 -40.24 14.03
C THR D 441 -32.18 -39.79 14.29
N VAL D 442 -31.93 -39.38 15.53
CA VAL D 442 -30.79 -38.58 15.94
C VAL D 442 -30.17 -39.20 17.17
N MET D 443 -28.86 -39.07 17.30
CA MET D 443 -28.23 -39.35 18.57
C MET D 443 -28.51 -38.17 19.49
N ASP D 444 -28.67 -38.44 20.78
CA ASP D 444 -28.86 -37.36 21.74
C ASP D 444 -27.75 -36.34 21.64
N ASN D 445 -28.12 -35.07 21.80
CA ASN D 445 -27.19 -33.94 21.74
C ASN D 445 -26.58 -33.77 20.36
N GLY D 446 -26.85 -34.68 19.46
CA GLY D 446 -26.41 -34.51 18.09
C GLY D 446 -27.47 -33.85 17.24
N GLU D 447 -27.04 -33.20 16.18
CA GLU D 447 -27.94 -32.46 15.31
C GLU D 447 -28.16 -33.24 14.02
N ALA D 448 -29.35 -33.09 13.46
CA ALA D 448 -29.64 -33.74 12.19
C ALA D 448 -30.39 -32.79 11.27
N SER D 449 -30.03 -32.84 10.00
CA SER D 449 -30.76 -32.16 8.96
C SER D 449 -31.53 -33.20 8.16
N PHE D 450 -32.69 -32.79 7.67
CA PHE D 450 -33.51 -33.64 6.82
C PHE D 450 -34.10 -32.74 5.75
N ILE D 451 -33.88 -33.10 4.49
CA ILE D 451 -34.43 -32.32 3.40
C ILE D 451 -35.10 -33.22 2.38
N VAL D 452 -36.35 -32.91 2.06
CA VAL D 452 -37.00 -33.47 0.90
C VAL D 452 -37.39 -32.26 0.05
N ALA D 453 -36.82 -32.17 -1.13
CA ALA D 453 -37.09 -31.03 -2.00
C ALA D 453 -36.81 -31.32 -3.46
N GLU D 454 -37.43 -30.54 -4.32
CA GLU D 454 -37.12 -30.52 -5.74
C GLU D 454 -36.83 -29.07 -6.11
N GLU D 455 -35.74 -28.84 -6.83
CA GLU D 455 -35.38 -27.46 -7.14
C GLU D 455 -35.77 -27.09 -8.57
N VAL D 456 -36.71 -26.16 -8.66
CA VAL D 456 -37.12 -25.58 -9.93
C VAL D 456 -36.14 -24.50 -10.35
N PRO D 457 -36.12 -24.15 -11.63
CA PRO D 457 -35.20 -23.10 -12.08
C PRO D 457 -35.71 -21.71 -11.69
N VAL D 458 -34.81 -20.82 -11.31
CA VAL D 458 -35.19 -19.46 -10.93
C VAL D 458 -34.43 -18.42 -11.73
N ILE D 459 -35.14 -17.40 -12.21
CA ILE D 459 -34.52 -16.32 -12.97
C ILE D 459 -34.59 -15.03 -12.18
N THR D 460 -33.43 -14.53 -11.78
CA THR D 460 -33.34 -13.28 -11.04
C THR D 460 -32.87 -12.16 -11.96
N GLY D 461 -32.94 -12.39 -13.26
CA GLY D 461 -32.52 -11.40 -14.24
C GLY D 461 -33.52 -11.25 -15.37
N PHE D 472 -33.22 -14.12 -23.13
CA PHE D 472 -32.08 -14.60 -22.38
C PHE D 472 -32.15 -14.17 -20.92
N GLN D 473 -32.75 -15.01 -20.09
CA GLN D 473 -32.88 -14.70 -18.66
C GLN D 473 -32.16 -15.72 -17.80
N THR D 474 -31.37 -15.24 -16.86
CA THR D 474 -30.59 -16.10 -15.97
C THR D 474 -31.50 -16.90 -15.03
N VAL D 475 -31.09 -18.12 -14.72
CA VAL D 475 -31.84 -18.99 -13.82
C VAL D 475 -31.02 -19.44 -12.63
N ASP D 476 -31.59 -19.33 -11.44
CA ASP D 476 -30.93 -19.76 -10.21
C ASP D 476 -31.73 -20.85 -9.52
N ARG D 477 -31.05 -21.92 -9.12
CA ARG D 477 -31.71 -23.05 -8.49
C ARG D 477 -31.81 -22.79 -6.99
N LYS D 478 -33.03 -22.97 -6.48
CA LYS D 478 -33.34 -22.92 -5.07
C LYS D 478 -34.24 -24.12 -4.81
N GLU D 479 -34.29 -24.60 -3.57
CA GLU D 479 -35.01 -25.83 -3.26
C GLU D 479 -36.28 -25.62 -2.45
N VAL D 480 -37.37 -26.22 -2.93
CA VAL D 480 -38.64 -26.19 -2.22
C VAL D 480 -39.01 -27.60 -1.82
N GLY D 481 -39.39 -27.79 -0.56
CA GLY D 481 -39.60 -29.11 -0.01
C GLY D 481 -39.73 -29.01 1.49
N ILE D 482 -39.72 -30.16 2.16
CA ILE D 482 -39.79 -30.16 3.62
C ILE D 482 -38.41 -30.38 4.21
N LYS D 483 -37.98 -29.46 5.05
CA LYS D 483 -36.71 -29.60 5.73
C LYS D 483 -36.89 -29.43 7.23
N LEU D 484 -36.25 -30.30 7.98
CA LEU D 484 -36.35 -30.38 9.43
C LEU D 484 -34.95 -30.49 9.98
N LYS D 485 -34.52 -29.49 10.74
CA LYS D 485 -33.21 -29.50 11.37
C LYS D 485 -33.39 -29.45 12.87
N VAL D 486 -33.03 -30.52 13.56
CA VAL D 486 -33.38 -30.67 14.95
C VAL D 486 -32.13 -31.02 15.75
N VAL D 487 -32.06 -30.50 16.98
CA VAL D 487 -30.93 -30.74 17.87
C VAL D 487 -31.45 -31.14 19.24
N PRO D 488 -31.81 -32.39 19.48
CA PRO D 488 -32.41 -32.76 20.76
C PRO D 488 -31.36 -32.91 21.83
N GLN D 489 -31.78 -32.69 23.07
CA GLN D 489 -31.05 -33.18 24.22
C GLN D 489 -32.06 -33.74 25.20
N ILE D 490 -31.69 -34.81 25.87
CA ILE D 490 -32.65 -35.60 26.65
C ILE D 490 -32.44 -35.29 28.12
N ASN D 491 -33.49 -34.76 28.76
CA ASN D 491 -33.60 -34.86 30.20
C ASN D 491 -33.36 -36.31 30.60
N GLU D 492 -32.61 -36.53 31.67
CA GLU D 492 -32.06 -37.85 31.94
C GLU D 492 -33.12 -38.95 32.01
N GLY D 493 -34.39 -38.59 32.01
CA GLY D 493 -35.44 -39.52 31.65
C GLY D 493 -36.60 -38.75 31.06
N ASN D 494 -37.38 -39.44 30.23
CA ASN D 494 -38.56 -38.84 29.60
C ASN D 494 -38.23 -37.59 28.81
N SER D 495 -38.71 -36.43 29.26
CA SER D 495 -38.84 -35.26 28.39
C SER D 495 -37.59 -34.97 27.57
N VAL D 496 -37.82 -34.62 26.32
CA VAL D 496 -36.78 -34.27 25.35
C VAL D 496 -36.90 -32.78 25.06
N GLN D 497 -35.78 -32.08 25.08
CA GLN D 497 -35.73 -30.69 24.65
C GLN D 497 -35.28 -30.63 23.19
N LEU D 498 -35.96 -29.80 22.41
CA LEU D 498 -35.75 -29.73 20.98
C LEU D 498 -35.48 -28.29 20.57
N ASN D 499 -34.32 -28.05 19.97
CA ASN D 499 -34.09 -26.86 19.19
C ASN D 499 -34.38 -27.24 17.76
N ILE D 500 -35.46 -26.67 17.20
CA ILE D 500 -36.01 -27.16 15.95
C ILE D 500 -36.13 -26.01 14.97
N GLU D 501 -35.76 -26.26 13.72
CA GLU D 501 -35.92 -25.33 12.62
C GLU D 501 -36.64 -26.08 11.52
N GLN D 502 -37.87 -25.72 11.24
CA GLN D 502 -38.71 -26.51 10.34
C GLN D 502 -39.26 -25.63 9.25
N GLU D 503 -39.06 -26.05 8.00
CA GLU D 503 -39.46 -25.26 6.85
C GLU D 503 -40.18 -26.14 5.85
N VAL D 504 -41.21 -25.60 5.22
CA VAL D 504 -41.94 -26.37 4.22
C VAL D 504 -41.90 -25.64 2.89
N SER D 505 -41.55 -26.36 1.83
CA SER D 505 -41.47 -25.74 0.51
C SER D 505 -42.65 -26.17 -0.35
N ASN D 506 -43.44 -25.19 -0.76
CA ASN D 506 -44.56 -25.43 -1.66
C ASN D 506 -44.47 -24.49 -2.86
N VAL D 507 -44.65 -25.04 -4.05
CA VAL D 507 -44.52 -24.22 -5.25
C VAL D 507 -45.62 -24.45 -6.28
N LEU D 508 -46.19 -23.36 -6.79
CA LEU D 508 -47.25 -23.44 -7.78
C LEU D 508 -46.69 -23.55 -9.19
N ASP D 515 -40.85 -16.83 -13.30
CA ASP D 515 -42.13 -16.27 -12.86
C ASP D 515 -42.97 -17.30 -12.15
N VAL D 516 -42.36 -18.00 -11.20
CA VAL D 516 -43.06 -19.02 -10.43
C VAL D 516 -43.14 -18.63 -8.96
N ARG D 517 -44.35 -18.73 -8.40
CA ARG D 517 -44.55 -18.38 -7.00
C ARG D 517 -44.76 -19.62 -6.14
N PHE D 518 -43.96 -19.73 -5.07
CA PHE D 518 -44.06 -20.85 -4.15
C PHE D 518 -44.15 -20.35 -2.73
N ALA D 519 -44.91 -21.07 -1.90
CA ALA D 519 -45.11 -20.66 -0.52
C ALA D 519 -44.23 -21.45 0.44
N LYS D 520 -43.53 -20.73 1.31
CA LYS D 520 -42.68 -21.36 2.31
C LYS D 520 -43.06 -20.86 3.70
N ARG D 521 -43.48 -21.76 4.57
CA ARG D 521 -43.90 -21.40 5.91
C ARG D 521 -43.07 -22.15 6.94
N GLN D 522 -42.07 -21.47 7.50
CA GLN D 522 -41.17 -22.11 8.44
C GLN D 522 -41.43 -21.56 9.82
N LEU D 523 -41.13 -22.39 10.81
CA LEU D 523 -41.08 -21.95 12.19
C LEU D 523 -39.89 -22.63 12.82
N ASN D 524 -39.08 -21.86 13.52
CA ASN D 524 -37.90 -22.37 14.21
C ASN D 524 -37.96 -21.89 15.65
N THR D 525 -38.12 -22.83 16.58
CA THR D 525 -38.41 -22.54 17.96
C THR D 525 -37.66 -23.53 18.82
N SER D 526 -37.92 -23.48 20.13
CA SER D 526 -37.33 -24.41 21.08
C SER D 526 -38.44 -24.88 21.99
N VAL D 527 -38.70 -26.18 22.01
CA VAL D 527 -39.80 -26.71 22.80
C VAL D 527 -39.27 -27.83 23.67
N MET D 528 -40.08 -28.20 24.66
CA MET D 528 -39.75 -29.32 25.54
C MET D 528 -40.95 -30.25 25.55
N VAL D 529 -40.77 -31.45 25.02
CA VAL D 529 -41.85 -32.38 24.76
C VAL D 529 -41.65 -33.60 25.65
N GLN D 530 -42.74 -34.16 26.15
CA GLN D 530 -42.61 -35.41 26.88
C GLN D 530 -42.17 -36.52 25.94
N ASP D 531 -41.70 -37.61 26.52
CA ASP D 531 -41.12 -38.72 25.78
C ASP D 531 -41.93 -39.14 24.56
N GLY D 532 -43.08 -39.76 24.79
CA GLY D 532 -43.88 -40.28 23.70
C GLY D 532 -45.12 -39.50 23.34
N GLN D 533 -45.23 -38.24 23.76
CA GLN D 533 -46.45 -37.48 23.56
C GLN D 533 -46.22 -36.40 22.52
N MET D 534 -47.29 -36.08 21.80
CA MET D 534 -47.25 -35.09 20.73
C MET D 534 -47.41 -33.70 21.30
N LEU D 535 -46.74 -32.73 20.69
CA LEU D 535 -46.85 -31.34 21.10
C LEU D 535 -46.93 -30.45 19.87
N VAL D 536 -47.73 -29.40 19.94
CA VAL D 536 -48.00 -28.54 18.79
C VAL D 536 -47.00 -27.39 18.79
N LEU D 537 -46.09 -27.39 17.83
CA LEU D 537 -45.19 -26.26 17.68
C LEU D 537 -45.93 -25.02 17.20
N GLY D 538 -46.65 -25.14 16.10
CA GLY D 538 -47.09 -23.92 15.47
C GLY D 538 -48.39 -24.11 14.72
N GLY D 539 -48.85 -23.01 14.15
CA GLY D 539 -50.09 -23.05 13.41
C GLY D 539 -50.45 -21.69 12.88
N LEU D 540 -51.42 -21.68 11.99
CA LEU D 540 -52.02 -20.48 11.47
C LEU D 540 -53.46 -20.82 11.16
N ILE D 541 -54.38 -19.93 11.47
CA ILE D 541 -55.77 -20.09 11.08
C ILE D 541 -56.20 -18.80 10.41
N ASP D 542 -56.44 -18.86 9.11
CA ASP D 542 -56.67 -17.66 8.34
C ASP D 542 -58.03 -17.76 7.69
N GLU D 543 -58.78 -16.67 7.71
CA GLU D 543 -60.11 -16.63 7.12
C GLU D 543 -60.28 -15.32 6.41
N ARG D 544 -60.92 -15.35 5.25
CA ARG D 544 -61.12 -14.14 4.46
C ARG D 544 -62.49 -14.17 3.82
N ALA D 545 -63.14 -13.02 3.79
CA ALA D 545 -64.33 -12.82 2.98
C ALA D 545 -64.19 -11.50 2.25
N LEU D 546 -64.10 -11.55 0.93
CA LEU D 546 -64.01 -10.36 0.11
C LEU D 546 -65.26 -10.26 -0.74
N GLU D 547 -66.11 -9.30 -0.45
CA GLU D 547 -67.30 -9.05 -1.24
C GLU D 547 -67.06 -7.78 -2.04
N SER D 548 -67.62 -7.73 -3.24
CA SER D 548 -67.51 -6.58 -4.12
C SER D 548 -68.78 -6.50 -4.93
N GLU D 549 -69.15 -5.30 -5.35
CA GLU D 549 -70.39 -5.09 -6.07
C GLU D 549 -70.26 -3.85 -6.93
N SER D 550 -71.08 -3.77 -7.97
CA SER D 550 -71.21 -2.58 -8.77
C SER D 550 -72.64 -2.51 -9.28
N LYS D 551 -73.18 -1.31 -9.39
CA LYS D 551 -74.53 -1.15 -9.89
C LYS D 551 -74.70 0.28 -10.38
N VAL D 552 -75.87 0.58 -10.89
CA VAL D 552 -76.11 1.81 -11.63
C VAL D 552 -76.04 3.15 -10.88
N PRO D 553 -76.42 3.24 -9.59
CA PRO D 553 -77.05 2.51 -8.49
C PRO D 553 -78.55 2.29 -8.51
N LEU D 554 -79.31 3.30 -8.94
CA LEU D 554 -80.72 3.36 -8.58
C LEU D 554 -81.49 2.14 -9.08
N LEU D 555 -81.23 1.73 -10.32
CA LEU D 555 -81.94 0.59 -10.88
C LEU D 555 -81.53 -0.71 -10.19
N GLY D 556 -80.29 -0.80 -9.74
CA GLY D 556 -79.84 -2.01 -9.09
C GLY D 556 -80.41 -2.19 -7.70
N ASP D 557 -81.15 -1.18 -7.23
CA ASP D 557 -81.76 -1.27 -5.90
C ASP D 557 -83.07 -2.06 -5.94
N ILE D 558 -83.78 -2.00 -7.06
CA ILE D 558 -85.08 -2.69 -7.18
C ILE D 558 -84.89 -4.16 -6.85
N PRO D 559 -85.77 -4.77 -6.05
CA PRO D 559 -85.58 -6.17 -5.66
C PRO D 559 -85.67 -7.16 -6.82
N LEU D 560 -86.67 -7.01 -7.69
CA LEU D 560 -86.88 -8.02 -8.72
C LEU D 560 -85.91 -7.85 -9.88
N LEU D 561 -85.80 -6.63 -10.42
CA LEU D 561 -84.97 -6.37 -11.58
C LEU D 561 -83.58 -5.88 -11.24
N GLY D 562 -83.25 -5.76 -9.97
CA GLY D 562 -81.95 -5.24 -9.60
C GLY D 562 -80.81 -6.12 -10.06
N GLN D 563 -81.04 -7.42 -10.12
CA GLN D 563 -79.96 -8.34 -10.48
C GLN D 563 -79.54 -8.15 -11.92
N LEU D 564 -80.33 -7.42 -12.71
CA LEU D 564 -79.96 -7.19 -14.09
C LEU D 564 -78.88 -6.12 -14.19
N PHE D 565 -78.89 -5.16 -13.28
CA PHE D 565 -77.94 -4.05 -13.34
C PHE D 565 -76.77 -4.18 -12.37
N ARG D 566 -76.68 -5.27 -11.61
CA ARG D 566 -75.63 -5.44 -10.63
C ARG D 566 -74.59 -6.44 -11.12
N SER D 567 -73.35 -6.22 -10.69
CA SER D 567 -72.28 -7.20 -10.83
C SER D 567 -71.70 -7.45 -9.45
N THR D 568 -71.86 -8.67 -8.95
CA THR D 568 -71.42 -9.02 -7.61
C THR D 568 -70.31 -10.04 -7.71
N SER D 569 -69.23 -9.83 -6.96
CA SER D 569 -68.13 -10.78 -6.88
C SER D 569 -67.85 -11.08 -5.42
N SER D 570 -68.13 -12.29 -4.99
CA SER D 570 -67.94 -12.68 -3.61
C SER D 570 -66.90 -13.79 -3.52
N GLN D 571 -66.13 -13.78 -2.44
CA GLN D 571 -65.09 -14.78 -2.27
C GLN D 571 -64.88 -15.07 -0.80
N VAL D 572 -64.63 -16.34 -0.48
CA VAL D 572 -64.37 -16.77 0.89
C VAL D 572 -63.20 -17.71 0.87
N GLU D 573 -62.12 -17.36 1.55
CA GLU D 573 -60.94 -18.20 1.63
C GLU D 573 -60.75 -18.64 3.07
N LYS D 574 -60.13 -19.79 3.25
CA LYS D 574 -59.87 -20.32 4.58
C LYS D 574 -58.64 -21.18 4.53
N LYS D 575 -57.87 -21.18 5.62
CA LYS D 575 -56.62 -21.91 5.63
C LYS D 575 -56.29 -22.30 7.06
N ASN D 576 -55.65 -23.45 7.21
CA ASN D 576 -55.26 -24.00 8.49
C ASN D 576 -53.90 -24.65 8.37
N LEU D 577 -53.04 -24.38 9.33
CA LEU D 577 -51.74 -25.00 9.42
C LEU D 577 -51.50 -25.39 10.86
N MET D 578 -51.24 -26.66 11.10
CA MET D 578 -50.71 -27.05 12.40
C MET D 578 -49.42 -27.80 12.17
N VAL D 579 -48.45 -27.55 13.05
CA VAL D 579 -47.19 -28.28 13.03
C VAL D 579 -47.02 -28.87 14.41
N PHE D 580 -47.02 -30.20 14.48
CA PHE D 580 -46.91 -31.01 15.69
C PHE D 580 -45.57 -31.73 15.66
N ILE D 581 -45.10 -32.16 16.83
CA ILE D 581 -43.89 -32.97 16.86
C ILE D 581 -44.06 -34.05 17.92
N LYS D 582 -43.70 -35.28 17.57
CA LYS D 582 -43.64 -36.38 18.54
C LYS D 582 -42.24 -36.93 18.58
N PRO D 583 -41.48 -36.72 19.65
CA PRO D 583 -40.25 -37.48 19.86
C PRO D 583 -40.56 -38.87 20.39
N THR D 584 -39.58 -39.76 20.27
CA THR D 584 -39.63 -41.04 20.96
C THR D 584 -38.21 -41.40 21.36
N ILE D 585 -38.00 -41.76 22.61
CA ILE D 585 -36.65 -42.05 23.07
C ILE D 585 -36.35 -43.52 22.87
N ILE D 586 -35.26 -43.80 22.16
CA ILE D 586 -34.77 -45.13 21.91
C ILE D 586 -33.55 -45.32 22.78
N ARG D 587 -33.65 -46.24 23.74
CA ARG D 587 -32.58 -46.56 24.67
C ARG D 587 -32.06 -47.97 24.43
N ASP D 588 -32.91 -48.97 24.64
CA ASP D 588 -32.56 -50.35 24.36
C ASP D 588 -32.48 -50.59 22.85
N GLY D 589 -31.81 -51.67 22.47
CA GLY D 589 -31.87 -52.11 21.09
C GLY D 589 -33.21 -52.70 20.70
N VAL D 590 -33.93 -53.27 21.66
CA VAL D 590 -35.25 -53.84 21.37
C VAL D 590 -36.26 -52.75 21.01
N THR D 591 -36.08 -51.54 21.51
CA THR D 591 -36.97 -50.46 21.12
C THR D 591 -36.72 -50.03 19.68
N ALA D 592 -35.47 -49.81 19.31
CA ALA D 592 -35.14 -49.48 17.93
C ALA D 592 -35.59 -50.57 16.98
N ASP D 593 -35.43 -51.83 17.37
CA ASP D 593 -35.91 -52.91 16.54
C ASP D 593 -37.43 -52.95 16.47
N GLY D 594 -38.11 -52.54 17.53
CA GLY D 594 -39.56 -52.49 17.52
C GLY D 594 -40.11 -51.42 16.62
N ILE D 595 -39.47 -50.26 16.60
CA ILE D 595 -39.90 -49.19 15.72
C ILE D 595 -39.55 -49.50 14.27
N THR D 596 -38.29 -49.86 14.03
CA THR D 596 -37.85 -50.20 12.68
C THR D 596 -38.68 -51.34 12.11
N GLN D 597 -39.12 -52.27 12.94
CA GLN D 597 -39.89 -53.39 12.42
C GLN D 597 -41.25 -52.94 11.92
N ARG D 598 -41.89 -51.99 12.61
CA ARG D 598 -43.20 -51.57 12.13
C ARG D 598 -43.10 -50.59 10.97
N LYS D 599 -42.11 -49.70 10.96
CA LYS D 599 -41.95 -48.84 9.81
C LYS D 599 -41.48 -49.62 8.58
N TYR D 600 -40.83 -50.76 8.79
CA TYR D 600 -40.42 -51.61 7.69
C TYR D 600 -41.59 -52.44 7.18
N ASN D 601 -42.32 -53.07 8.09
CA ASN D 601 -43.47 -53.88 7.69
C ASN D 601 -44.60 -53.06 7.11
N TYR D 602 -44.70 -51.78 7.43
CA TYR D 602 -45.70 -50.95 6.77
C TYR D 602 -45.41 -50.83 5.29
N ILE D 603 -44.19 -50.42 4.93
CA ILE D 603 -43.85 -50.35 3.52
C ILE D 603 -43.93 -51.71 2.86
N ARG D 604 -43.36 -52.74 3.49
CA ARG D 604 -43.48 -54.06 2.90
C ARG D 604 -44.92 -54.45 2.63
N ALA D 605 -45.84 -54.09 3.52
CA ALA D 605 -47.25 -54.34 3.25
C ALA D 605 -47.73 -53.57 2.02
N GLU D 606 -47.38 -52.29 1.93
CA GLU D 606 -47.73 -51.53 0.74
C GLU D 606 -47.23 -52.20 -0.53
N GLN D 607 -45.99 -52.68 -0.53
CA GLN D 607 -45.40 -53.24 -1.73
C GLN D 607 -46.01 -54.58 -2.08
N LEU D 608 -46.30 -55.41 -1.08
CA LEU D 608 -47.03 -56.64 -1.36
C LEU D 608 -48.38 -56.36 -1.99
N PHE D 609 -49.08 -55.33 -1.50
CA PHE D 609 -50.32 -54.94 -2.15
C PHE D 609 -50.08 -54.47 -3.58
N ARG D 610 -48.96 -53.78 -3.83
CA ARG D 610 -48.60 -53.43 -5.20
C ARG D 610 -48.37 -54.68 -6.03
N ALA D 611 -47.91 -55.75 -5.43
CA ALA D 611 -47.65 -56.98 -6.17
C ALA D 611 -48.92 -57.80 -6.40
N GLU D 612 -49.95 -57.59 -5.60
CA GLU D 612 -51.18 -58.34 -5.82
C GLU D 612 -51.96 -57.79 -7.01
N LYS D 613 -52.14 -56.48 -7.09
CA LYS D 613 -52.56 -55.84 -8.33
C LYS D 613 -51.30 -55.25 -8.93
N GLY D 614 -50.77 -55.90 -9.96
CA GLY D 614 -49.42 -55.66 -10.41
C GLY D 614 -49.38 -54.75 -11.61
N LEU D 615 -48.22 -54.73 -12.25
CA LEU D 615 -48.09 -54.05 -13.53
C LEU D 615 -48.96 -54.78 -14.54
N ARG D 616 -49.84 -54.03 -15.21
CA ARG D 616 -50.78 -54.70 -16.11
C ARG D 616 -50.07 -55.27 -17.33
N LEU D 617 -49.08 -54.57 -17.84
CA LEU D 617 -48.41 -55.02 -19.04
C LEU D 617 -47.19 -55.88 -18.78
N LEU D 618 -46.73 -55.98 -17.55
CA LEU D 618 -45.52 -56.71 -17.23
C LEU D 618 -45.81 -57.76 -16.17
N ASP D 619 -44.88 -58.70 -16.02
CA ASP D 619 -45.05 -59.76 -15.04
C ASP D 619 -44.99 -59.19 -13.63
N ASP D 620 -45.84 -59.72 -12.75
CA ASP D 620 -45.96 -59.20 -11.40
C ASP D 620 -44.73 -59.47 -10.54
N ALA D 621 -43.79 -60.29 -11.01
CA ALA D 621 -42.56 -60.53 -10.27
C ALA D 621 -41.53 -59.45 -10.51
N SER D 622 -41.81 -58.49 -11.38
CA SER D 622 -40.87 -57.42 -11.68
C SER D 622 -41.01 -56.22 -10.75
N VAL D 623 -42.06 -56.15 -9.95
CA VAL D 623 -42.23 -55.02 -9.04
C VAL D 623 -41.33 -55.22 -7.83
N PRO D 624 -40.52 -54.23 -7.46
CA PRO D 624 -39.64 -54.40 -6.31
C PRO D 624 -40.42 -54.49 -5.02
N VAL D 625 -40.07 -55.45 -4.19
CA VAL D 625 -40.73 -55.65 -2.91
C VAL D 625 -39.67 -56.00 -1.87
N LEU D 626 -39.78 -55.38 -0.70
CA LEU D 626 -38.79 -55.61 0.33
C LEU D 626 -38.81 -57.08 0.76
N PRO D 627 -37.66 -57.67 1.05
CA PRO D 627 -37.65 -59.00 1.63
C PRO D 627 -38.24 -58.98 3.03
N LYS D 628 -38.69 -60.15 3.48
CA LYS D 628 -39.23 -60.24 4.82
C LYS D 628 -38.16 -59.83 5.82
N PHE D 629 -38.60 -59.21 6.92
CA PHE D 629 -37.69 -58.45 7.76
C PHE D 629 -36.56 -59.34 8.28
N GLY D 630 -35.33 -58.95 7.97
CA GLY D 630 -34.15 -59.66 8.43
C GLY D 630 -33.60 -60.71 7.50
N ASP D 631 -34.19 -60.92 6.32
CA ASP D 631 -33.80 -62.01 5.45
C ASP D 631 -32.81 -61.62 4.34
N ASP D 632 -32.39 -60.36 4.29
CA ASP D 632 -31.49 -59.88 3.25
C ASP D 632 -32.00 -60.20 1.85
N ARG D 633 -31.10 -60.58 0.94
CA ARG D 633 -31.41 -60.62 -0.47
C ARG D 633 -31.96 -61.97 -0.94
N ARG D 634 -33.04 -61.91 -1.73
CA ARG D 634 -33.53 -63.01 -2.55
C ARG D 634 -33.52 -63.05 -4.05
N HIS D 635 -33.18 -64.19 -4.64
CA HIS D 635 -33.05 -64.27 -6.09
C HIS D 635 -34.51 -64.16 -6.54
N SER D 636 -34.67 -63.75 -7.80
CA SER D 636 -35.98 -63.74 -8.43
C SER D 636 -36.57 -65.15 -8.44
N PRO D 637 -37.87 -65.28 -8.59
CA PRO D 637 -38.46 -66.63 -8.57
C PRO D 637 -37.94 -67.49 -9.72
N GLU D 638 -37.89 -66.93 -10.93
CA GLU D 638 -37.37 -67.67 -12.08
C GLU D 638 -35.88 -67.98 -11.97
N ILE D 639 -35.10 -67.00 -11.52
CA ILE D 639 -33.67 -67.19 -11.34
C ILE D 639 -33.41 -68.23 -10.26
N GLN D 640 -34.22 -68.17 -9.20
CA GLN D 640 -34.10 -69.12 -8.11
C GLN D 640 -34.39 -70.51 -8.64
N ALA D 641 -35.41 -70.62 -9.49
CA ALA D 641 -35.77 -71.89 -10.08
C ALA D 641 -34.62 -72.43 -10.93
N PHE D 642 -33.98 -71.53 -11.69
CA PHE D 642 -32.84 -71.91 -12.51
C PHE D 642 -31.68 -72.41 -11.67
N ILE D 643 -31.43 -71.75 -10.55
CA ILE D 643 -30.26 -72.05 -9.73
C ILE D 643 -30.30 -73.49 -9.19
N GLU D 644 -31.49 -73.91 -8.78
CA GLU D 644 -31.67 -75.24 -8.21
C GLU D 644 -31.39 -76.34 -9.22
N GLN D 645 -31.67 -76.09 -10.50
CA GLN D 645 -31.40 -77.07 -11.54
C GLN D 645 -29.90 -77.33 -11.67
N MET D 646 -29.12 -76.27 -11.84
CA MET D 646 -27.68 -76.38 -11.96
C MET D 646 -27.05 -76.90 -10.67
N GLY E 97 43.13 -67.38 84.43
CA GLY E 97 44.31 -67.36 85.29
C GLY E 97 44.99 -66.00 85.36
N ASP E 98 46.27 -66.01 85.73
CA ASP E 98 47.07 -64.81 85.91
C ASP E 98 47.93 -64.42 84.69
N GLU E 99 47.80 -65.10 83.56
CA GLU E 99 48.70 -64.88 82.44
C GLU E 99 48.58 -63.44 81.91
N VAL E 100 49.65 -62.95 81.28
CA VAL E 100 49.65 -61.64 80.63
C VAL E 100 49.53 -61.85 79.12
N ILE E 101 48.37 -61.48 78.56
CA ILE E 101 48.12 -61.51 77.12
C ILE E 101 47.45 -60.18 76.73
N THR E 102 47.52 -59.85 75.45
CA THR E 102 46.91 -58.65 74.89
C THR E 102 45.60 -59.02 74.18
N GLN E 103 44.57 -58.19 74.38
CA GLN E 103 43.29 -58.44 73.70
C GLN E 103 42.89 -57.24 72.86
N VAL E 104 42.49 -57.54 71.63
CA VAL E 104 42.14 -56.53 70.63
C VAL E 104 40.64 -56.66 70.35
N VAL E 105 39.87 -55.67 70.77
CA VAL E 105 38.41 -55.71 70.64
C VAL E 105 37.94 -54.33 70.19
N ALA E 106 36.75 -54.26 69.59
CA ALA E 106 36.28 -53.01 68.98
C ALA E 106 35.20 -52.32 69.80
N VAL E 107 35.18 -51.00 69.71
CA VAL E 107 33.99 -50.19 70.01
C VAL E 107 33.80 -49.28 68.80
N LYS E 108 32.76 -49.55 68.02
CA LYS E 108 32.57 -48.75 66.81
C LYS E 108 31.87 -47.44 67.10
N ASN E 109 31.07 -47.42 68.16
CA ASN E 109 30.02 -46.40 68.30
C ASN E 109 30.61 -45.01 68.45
N VAL E 110 31.58 -44.83 69.35
CA VAL E 110 32.28 -43.56 69.49
C VAL E 110 33.72 -43.86 69.89
N SER E 111 34.62 -42.92 69.59
CA SER E 111 36.05 -43.10 69.83
C SER E 111 36.32 -43.50 71.28
N VAL E 112 37.22 -44.49 71.44
CA VAL E 112 37.43 -45.14 72.73
C VAL E 112 38.39 -44.38 73.64
N ARG E 113 39.02 -43.30 73.14
CA ARG E 113 39.77 -42.40 74.01
C ARG E 113 38.91 -41.94 75.18
N GLU E 114 37.59 -41.88 74.95
CA GLU E 114 36.61 -41.53 75.98
C GLU E 114 36.71 -42.41 77.22
N LEU E 115 37.25 -43.61 77.10
CA LEU E 115 37.40 -44.52 78.23
C LEU E 115 38.78 -44.51 78.87
N SER E 116 39.72 -43.68 78.39
CA SER E 116 41.07 -43.74 78.93
C SER E 116 41.15 -43.57 80.45
N PRO E 117 40.44 -42.64 81.10
CA PRO E 117 40.64 -42.46 82.54
C PRO E 117 40.16 -43.63 83.37
N LEU E 118 38.98 -44.18 83.04
CA LEU E 118 38.35 -45.20 83.85
C LEU E 118 38.99 -46.55 83.58
N LEU E 119 39.45 -46.77 82.34
CA LEU E 119 40.21 -47.98 82.02
C LEU E 119 41.57 -47.97 82.72
N ARG E 120 42.28 -46.84 82.71
CA ARG E 120 43.46 -46.74 83.57
C ARG E 120 43.10 -46.81 85.05
N GLN E 121 41.81 -46.69 85.38
CA GLN E 121 41.39 -47.02 86.74
C GLN E 121 41.54 -48.51 87.01
N LEU E 122 41.18 -49.36 86.05
CA LEU E 122 41.49 -50.78 86.16
C LEU E 122 42.96 -51.08 85.87
N ILE E 123 43.70 -50.16 85.26
CA ILE E 123 45.15 -50.31 85.21
C ILE E 123 45.75 -49.88 86.54
N ASP E 124 45.05 -48.97 87.25
CA ASP E 124 45.37 -48.64 88.64
C ASP E 124 44.76 -49.62 89.66
N ASN E 125 43.49 -50.05 89.48
CA ASN E 125 42.80 -50.89 90.46
C ASN E 125 43.62 -52.10 90.86
N ALA E 126 44.43 -52.63 89.95
CA ALA E 126 45.31 -53.75 90.21
C ALA E 126 46.68 -53.44 89.61
N GLY E 127 47.55 -54.46 89.58
CA GLY E 127 48.92 -54.30 89.12
C GLY E 127 49.10 -53.89 87.67
N ALA E 128 50.23 -53.25 87.38
CA ALA E 128 50.53 -52.73 86.05
C ALA E 128 51.41 -53.73 85.30
N GLY E 129 51.95 -53.32 84.17
CA GLY E 129 52.29 -54.18 83.08
C GLY E 129 51.31 -54.05 81.95
N ASN E 130 50.12 -53.51 82.21
CA ASN E 130 49.07 -53.29 81.24
C ASN E 130 49.46 -52.22 80.24
N VAL E 131 48.79 -52.26 79.09
CA VAL E 131 48.59 -51.10 78.24
C VAL E 131 47.13 -51.15 77.81
N VAL E 132 46.51 -50.00 77.62
CA VAL E 132 45.30 -49.95 76.82
C VAL E 132 45.49 -48.78 75.85
N HIS E 133 45.58 -49.11 74.56
CA HIS E 133 45.93 -48.14 73.54
C HIS E 133 44.79 -48.10 72.54
N TYR E 134 44.40 -46.87 72.19
CA TYR E 134 43.18 -46.60 71.45
C TYR E 134 43.57 -46.12 70.06
N ASP E 135 43.38 -46.97 69.09
CA ASP E 135 43.84 -46.61 67.76
C ASP E 135 42.80 -45.75 67.07
N PRO E 136 43.22 -44.60 66.55
CA PRO E 136 42.28 -43.70 65.85
C PRO E 136 41.60 -44.35 64.65
N ALA E 137 42.10 -45.49 64.18
CA ALA E 137 41.40 -46.30 63.20
C ALA E 137 40.18 -46.97 63.81
N ASN E 138 40.00 -46.76 65.12
CA ASN E 138 38.91 -47.32 65.94
C ASN E 138 38.94 -48.84 66.02
N ILE E 139 39.94 -49.36 66.72
CA ILE E 139 39.90 -50.67 67.36
C ILE E 139 40.42 -50.43 68.77
N ILE E 140 40.69 -51.50 69.52
CA ILE E 140 40.99 -51.39 70.95
C ILE E 140 42.09 -52.39 71.32
N LEU E 141 43.11 -51.90 72.05
CA LEU E 141 44.20 -52.71 72.56
C LEU E 141 44.24 -52.73 74.08
N ILE E 142 44.30 -53.93 74.65
CA ILE E 142 44.70 -54.14 76.03
C ILE E 142 45.91 -55.08 76.01
N THR E 143 46.72 -54.98 77.05
CA THR E 143 47.78 -55.94 77.33
C THR E 143 47.88 -56.06 78.84
N GLY E 144 47.95 -57.29 79.34
CA GLY E 144 48.08 -57.48 80.78
C GLY E 144 47.42 -58.77 81.23
N ARG E 145 47.17 -58.83 82.53
CA ARG E 145 46.61 -60.05 83.09
C ARG E 145 45.21 -60.29 82.56
N ALA E 146 44.99 -61.55 82.14
CA ALA E 146 43.75 -61.92 81.44
C ALA E 146 42.51 -61.55 82.26
N ALA E 147 42.63 -61.53 83.58
CA ALA E 147 41.50 -61.13 84.41
C ALA E 147 41.23 -59.63 84.29
N VAL E 148 42.25 -58.80 84.51
CA VAL E 148 42.06 -57.36 84.45
C VAL E 148 41.91 -56.90 83.01
N VAL E 149 42.57 -57.59 82.08
CA VAL E 149 42.31 -57.38 80.66
C VAL E 149 40.89 -57.77 80.31
N ASN E 150 40.30 -58.69 81.07
CA ASN E 150 38.90 -59.02 80.84
C ASN E 150 38.00 -57.89 81.33
N ARG E 151 38.02 -57.59 82.63
CA ARG E 151 37.21 -56.48 83.13
C ARG E 151 37.37 -55.21 82.30
N LEU E 152 38.60 -54.91 81.86
CA LEU E 152 38.85 -53.83 80.92
C LEU E 152 38.09 -54.04 79.61
N ALA E 153 38.17 -55.25 79.05
CA ALA E 153 37.45 -55.51 77.80
C ALA E 153 35.95 -55.53 78.01
N GLU E 154 35.51 -55.60 79.28
CA GLU E 154 34.09 -55.62 79.64
C GLU E 154 33.55 -54.21 79.74
N ILE E 155 34.33 -53.30 80.33
CA ILE E 155 34.01 -51.88 80.24
C ILE E 155 34.04 -51.45 78.78
N ILE E 156 35.13 -51.75 78.11
CA ILE E 156 35.30 -51.47 76.69
C ILE E 156 34.10 -51.95 75.89
N ARG E 157 33.85 -53.27 75.89
CA ARG E 157 32.68 -53.78 75.19
C ARG E 157 31.39 -53.24 75.80
N ARG E 158 31.48 -52.61 76.97
CA ARG E 158 30.30 -52.02 77.59
C ARG E 158 30.06 -50.64 76.97
N VAL E 159 31.07 -50.09 76.29
CA VAL E 159 30.81 -48.98 75.39
C VAL E 159 30.69 -49.43 73.92
N ASP E 160 31.14 -50.64 73.58
CA ASP E 160 30.80 -51.24 72.29
C ASP E 160 29.31 -51.48 72.15
N GLN E 161 28.83 -52.46 72.91
CA GLN E 161 27.48 -52.98 72.84
C GLN E 161 26.44 -51.95 73.23
N ALA E 162 26.84 -50.93 73.97
CA ALA E 162 25.93 -49.97 74.58
C ALA E 162 25.02 -49.26 73.59
N GLY E 163 25.57 -48.40 72.76
CA GLY E 163 24.84 -47.36 72.07
C GLY E 163 24.41 -47.64 70.65
N ASP E 164 24.22 -48.90 70.28
CA ASP E 164 24.33 -49.38 68.90
C ASP E 164 23.61 -48.45 67.92
N LYS E 165 24.26 -48.19 66.79
CA LYS E 165 23.71 -47.31 65.78
C LYS E 165 24.11 -47.84 64.42
N GLU E 166 23.12 -48.06 63.54
CA GLU E 166 23.37 -48.37 62.14
C GLU E 166 22.17 -47.98 61.29
N ILE E 167 22.17 -48.48 60.06
CA ILE E 167 21.26 -48.10 58.99
C ILE E 167 20.18 -49.15 58.80
N GLU E 168 18.95 -48.69 58.52
CA GLU E 168 17.85 -49.54 58.09
C GLU E 168 17.42 -49.18 56.69
N VAL E 169 16.78 -50.14 56.02
CA VAL E 169 16.12 -49.91 54.75
C VAL E 169 14.76 -50.60 54.79
N VAL E 170 13.70 -49.82 54.73
CA VAL E 170 12.36 -50.36 54.85
C VAL E 170 11.45 -49.66 53.85
N GLU E 171 10.69 -50.45 53.10
CA GLU E 171 9.82 -49.95 52.06
C GLU E 171 8.75 -49.02 52.61
N LEU E 172 8.58 -47.91 51.91
CA LEU E 172 7.43 -47.03 52.09
C LEU E 172 6.61 -47.17 50.85
N ASN E 173 5.47 -47.87 50.94
CA ASN E 173 4.71 -48.16 49.74
C ASN E 173 3.86 -46.97 49.34
N ASN E 174 3.48 -46.16 50.33
CA ASN E 174 2.39 -45.24 50.11
C ASN E 174 2.83 -43.82 50.28
N ALA E 175 3.01 -43.40 51.53
CA ALA E 175 3.42 -42.04 51.82
C ALA E 175 4.76 -41.77 51.18
N SER E 176 4.82 -40.73 50.36
CA SER E 176 6.03 -40.42 49.65
C SER E 176 7.20 -40.34 50.61
N ALA E 177 8.27 -41.08 50.30
CA ALA E 177 9.45 -41.02 51.15
C ALA E 177 9.83 -39.58 51.42
N ALA E 178 10.14 -38.81 50.38
CA ALA E 178 10.51 -37.42 50.58
C ALA E 178 9.54 -36.72 51.50
N GLU E 179 8.26 -37.08 51.46
CA GLU E 179 7.34 -36.60 52.47
C GLU E 179 7.69 -37.17 53.84
N MET E 180 7.86 -38.49 53.95
CA MET E 180 8.29 -39.05 55.24
C MET E 180 9.48 -38.30 55.79
N VAL E 181 10.47 -38.05 54.94
CA VAL E 181 11.61 -37.21 55.21
C VAL E 181 11.09 -35.95 55.84
N ARG E 182 10.41 -35.11 55.06
CA ARG E 182 10.03 -33.80 55.53
C ARG E 182 9.35 -33.86 56.89
N ILE E 183 8.45 -34.83 57.04
CA ILE E 183 7.53 -34.82 58.17
C ILE E 183 8.23 -35.37 59.42
N VAL E 184 9.34 -36.09 59.21
CA VAL E 184 10.26 -36.37 60.30
C VAL E 184 11.25 -35.23 60.49
N GLU E 185 11.47 -34.41 59.47
CA GLU E 185 12.54 -33.42 59.53
C GLU E 185 12.28 -32.50 60.69
N ALA E 186 11.01 -32.11 60.85
CA ALA E 186 10.56 -31.33 61.99
C ALA E 186 11.00 -31.93 63.32
N LEU E 187 11.19 -33.24 63.36
CA LEU E 187 11.63 -33.91 64.58
C LEU E 187 13.11 -33.58 64.78
N ASN E 188 13.51 -33.41 66.02
CA ASN E 188 14.88 -33.05 66.31
C ASN E 188 15.50 -33.95 67.37
N LYS E 203 20.12 -40.79 62.66
CA LYS E 203 19.47 -39.84 61.77
C LYS E 203 18.67 -40.59 60.70
N PHE E 204 18.34 -39.92 59.58
CA PHE E 204 17.26 -40.39 58.71
C PHE E 204 17.71 -40.38 57.27
N VAL E 205 17.27 -41.36 56.48
CA VAL E 205 17.36 -41.29 55.03
C VAL E 205 16.07 -41.88 54.47
N ALA E 206 15.91 -41.81 53.15
CA ALA E 206 14.94 -42.56 52.38
C ALA E 206 15.34 -42.52 50.92
N ASP E 207 14.74 -43.40 50.10
CA ASP E 207 14.93 -43.31 48.67
C ASP E 207 13.57 -43.33 47.99
N GLU E 208 13.36 -42.40 47.05
CA GLU E 208 12.14 -42.51 46.28
C GLU E 208 12.34 -43.19 44.94
N ARG E 209 13.54 -43.72 44.66
CA ARG E 209 13.57 -44.84 43.73
C ARG E 209 12.76 -45.98 44.30
N THR E 210 13.15 -46.44 45.48
CA THR E 210 12.47 -47.46 46.24
C THR E 210 11.29 -46.94 47.03
N ASN E 211 11.31 -45.65 47.40
CA ASN E 211 10.38 -45.12 48.39
C ASN E 211 10.49 -45.94 49.68
N SER E 212 11.63 -45.77 50.36
CA SER E 212 11.96 -46.55 51.55
C SER E 212 12.71 -45.68 52.55
N ILE E 213 12.26 -45.69 53.80
CA ILE E 213 13.01 -45.08 54.88
C ILE E 213 14.26 -45.88 55.15
N LEU E 214 15.37 -45.17 55.20
CA LEU E 214 16.64 -45.72 55.64
C LEU E 214 16.87 -45.07 57.00
N ILE E 215 17.60 -45.72 57.88
CA ILE E 215 17.81 -45.09 59.17
C ILE E 215 19.29 -45.14 59.49
N SER E 216 19.75 -44.16 60.24
CA SER E 216 21.07 -44.22 60.84
C SER E 216 20.97 -43.95 62.32
N GLY E 217 21.17 -44.98 63.12
CA GLY E 217 21.06 -44.82 64.55
C GLY E 217 20.56 -46.08 65.24
N ASP E 218 20.03 -45.86 66.43
CA ASP E 218 19.89 -46.85 67.50
C ASP E 218 19.01 -48.02 67.09
N PRO E 219 19.19 -49.19 67.70
CA PRO E 219 18.08 -50.14 67.78
C PRO E 219 16.95 -49.68 68.68
N LYS E 220 17.16 -48.63 69.48
CA LYS E 220 16.02 -47.86 69.94
C LYS E 220 15.46 -46.98 68.83
N VAL E 221 16.33 -46.39 68.02
CA VAL E 221 15.88 -45.74 66.79
C VAL E 221 15.28 -46.79 65.85
N ARG E 222 15.69 -48.05 65.98
CA ARG E 222 15.07 -49.10 65.18
C ARG E 222 13.70 -49.47 65.73
N GLU E 223 13.54 -49.50 67.05
CA GLU E 223 12.21 -49.71 67.59
C GLU E 223 11.29 -48.56 67.25
N ARG E 224 11.60 -47.36 67.69
CA ARG E 224 10.68 -46.25 67.50
C ARG E 224 10.56 -45.87 66.04
N LEU E 225 11.62 -46.07 65.26
CA LEU E 225 11.51 -45.68 63.86
C LEU E 225 11.11 -46.82 62.96
N LYS E 226 10.97 -48.04 63.46
CA LYS E 226 10.02 -48.93 62.81
C LYS E 226 8.60 -48.58 63.22
N ARG E 227 8.43 -48.07 64.43
CA ARG E 227 7.13 -47.51 64.78
C ARG E 227 6.72 -46.41 63.80
N LEU E 228 7.65 -45.53 63.41
CA LEU E 228 7.29 -44.45 62.48
C LEU E 228 7.46 -44.87 61.04
N ILE E 229 8.17 -45.97 60.80
CA ILE E 229 8.00 -46.68 59.54
C ILE E 229 6.54 -47.00 59.33
N LYS E 230 5.91 -47.50 60.39
CA LYS E 230 4.53 -47.92 60.28
C LYS E 230 3.57 -46.74 60.42
N GLN E 231 3.92 -45.74 61.22
CA GLN E 231 2.96 -44.70 61.57
C GLN E 231 2.46 -43.95 60.36
N LEU E 232 3.33 -43.35 59.58
CA LEU E 232 2.84 -42.69 58.39
C LEU E 232 3.28 -43.58 57.26
N ASP E 233 2.50 -44.63 57.04
CA ASP E 233 2.42 -45.40 55.82
C ASP E 233 1.08 -45.24 55.14
N VAL E 234 0.10 -44.75 55.90
CA VAL E 234 -1.29 -44.74 55.48
C VAL E 234 -1.57 -43.86 54.26
N GLU E 235 -2.50 -44.30 53.44
CA GLU E 235 -2.86 -43.61 52.21
C GLU E 235 -4.29 -43.10 52.33
N MET E 236 -4.47 -41.81 52.07
CA MET E 236 -5.78 -41.20 52.20
C MET E 236 -6.77 -41.79 51.21
N ALA E 237 -8.00 -41.96 51.67
CA ALA E 237 -9.07 -42.48 50.82
C ALA E 237 -9.40 -41.45 49.77
N ALA E 238 -9.87 -41.90 48.60
CA ALA E 238 -10.15 -40.98 47.51
C ALA E 238 -11.22 -39.99 47.96
N LYS E 239 -11.02 -38.73 47.59
CA LYS E 239 -11.91 -37.65 48.03
C LYS E 239 -12.95 -37.24 46.99
N GLY E 240 -12.95 -37.90 45.84
CA GLY E 240 -13.82 -37.50 44.75
C GLY E 240 -13.48 -36.07 44.38
N ASN E 241 -12.18 -35.78 44.44
CA ASN E 241 -11.64 -34.46 44.15
C ASN E 241 -12.28 -33.85 42.92
N ASN E 242 -12.53 -34.65 41.90
CA ASN E 242 -13.23 -34.17 40.72
C ASN E 242 -14.49 -35.00 40.49
N ARG E 243 -15.48 -34.38 39.86
CA ARG E 243 -16.76 -35.03 39.66
C ARG E 243 -17.33 -34.64 38.30
N VAL E 244 -17.85 -35.62 37.59
CA VAL E 244 -18.52 -35.39 36.31
C VAL E 244 -20.00 -35.33 36.58
N VAL E 245 -20.63 -34.20 36.26
CA VAL E 245 -22.04 -33.98 36.55
C VAL E 245 -22.81 -33.98 35.23
N TYR E 246 -23.91 -34.71 35.20
CA TYR E 246 -24.76 -34.82 34.02
C TYR E 246 -25.85 -33.77 34.11
N LEU E 247 -25.79 -32.78 33.23
CA LEU E 247 -26.80 -31.74 33.23
C LEU E 247 -28.10 -32.27 32.67
N LYS E 248 -29.18 -32.08 33.42
CA LYS E 248 -30.49 -32.53 32.96
C LYS E 248 -31.04 -31.60 31.89
N TYR E 249 -31.00 -30.30 32.14
CA TYR E 249 -31.64 -29.32 31.27
C TYR E 249 -30.64 -28.36 30.65
N ALA E 250 -29.92 -27.59 31.44
CA ALA E 250 -29.04 -26.56 30.90
C ALA E 250 -27.96 -27.18 30.03
N LYS E 251 -27.45 -26.38 29.09
CA LYS E 251 -26.36 -26.83 28.23
C LYS E 251 -25.03 -26.60 28.92
N ALA E 252 -24.11 -27.53 28.70
CA ALA E 252 -22.80 -27.47 29.33
C ALA E 252 -22.04 -26.23 28.89
N GLU E 253 -22.15 -25.87 27.61
CA GLU E 253 -21.42 -24.72 27.11
C GLU E 253 -21.84 -23.43 27.81
N ASP E 254 -23.13 -23.23 28.00
CA ASP E 254 -23.62 -22.07 28.73
C ASP E 254 -23.18 -22.08 30.19
N LEU E 255 -23.23 -23.27 30.80
CA LEU E 255 -23.00 -23.47 32.22
C LEU E 255 -21.53 -23.31 32.54
N VAL E 256 -20.65 -23.83 31.69
CA VAL E 256 -19.22 -23.71 31.96
C VAL E 256 -18.84 -22.24 31.95
N GLU E 257 -19.38 -21.50 30.99
CA GLU E 257 -19.03 -20.08 30.93
C GLU E 257 -19.47 -19.40 32.23
N VAL E 258 -20.69 -19.69 32.67
CA VAL E 258 -21.20 -19.05 33.88
C VAL E 258 -20.37 -19.42 35.10
N LEU E 259 -19.94 -20.68 35.16
CA LEU E 259 -19.32 -21.23 36.36
C LEU E 259 -17.85 -20.83 36.47
N LYS E 260 -17.29 -20.26 35.42
CA LYS E 260 -15.89 -19.85 35.47
C LYS E 260 -15.66 -18.89 36.65
N GLY E 261 -16.50 -17.86 36.72
CA GLY E 261 -16.43 -16.91 37.81
C GLY E 261 -16.64 -17.44 39.21
N VAL E 262 -17.59 -18.36 39.35
CA VAL E 262 -17.85 -18.97 40.65
C VAL E 262 -16.62 -19.76 41.10
N SER E 263 -15.99 -20.42 40.14
CA SER E 263 -14.78 -21.19 40.44
C SER E 263 -13.69 -20.26 40.95
N GLU E 264 -13.58 -19.10 40.31
CA GLU E 264 -12.58 -18.11 40.72
C GLU E 264 -13.19 -17.05 41.64
N VAL E 283 -8.94 -25.32 40.36
CA VAL E 283 -10.29 -25.39 39.80
C VAL E 283 -10.26 -25.32 38.28
N MET E 284 -10.89 -26.30 37.65
CA MET E 284 -11.07 -26.27 36.21
C MET E 284 -12.43 -26.86 35.87
N ILE E 285 -13.12 -26.21 34.95
CA ILE E 285 -14.48 -26.58 34.55
C ILE E 285 -14.43 -26.84 33.06
N ALA E 286 -14.75 -28.06 32.64
CA ALA E 286 -14.69 -28.40 31.23
C ALA E 286 -16.00 -28.99 30.77
N ALA E 287 -16.51 -28.51 29.65
CA ALA E 287 -17.82 -28.93 29.15
C ALA E 287 -17.63 -30.04 28.14
N HIS E 288 -18.21 -31.21 28.42
CA HIS E 288 -18.26 -32.29 27.45
C HIS E 288 -19.60 -32.20 26.72
N ALA E 289 -19.52 -31.87 25.43
CA ALA E 289 -20.72 -31.51 24.68
C ALA E 289 -21.58 -32.72 24.38
N ASP E 290 -20.98 -33.77 23.82
CA ASP E 290 -21.77 -34.88 23.28
C ASP E 290 -22.58 -35.56 24.37
N THR E 291 -22.03 -35.72 25.56
CA THR E 291 -22.81 -36.24 26.66
C THR E 291 -23.61 -35.15 27.36
N ASN E 292 -23.36 -33.88 27.02
CA ASN E 292 -23.94 -32.74 27.72
C ASN E 292 -23.71 -32.87 29.22
N SER E 293 -22.46 -33.09 29.58
CA SER E 293 -22.10 -33.25 30.98
C SER E 293 -20.83 -32.46 31.20
N LEU E 294 -20.74 -31.79 32.33
CA LEU E 294 -19.58 -30.97 32.59
C LEU E 294 -18.75 -31.55 33.71
N VAL E 295 -17.43 -31.50 33.53
CA VAL E 295 -16.45 -32.09 34.41
C VAL E 295 -15.91 -30.98 35.31
N LEU E 296 -16.11 -31.16 36.61
CA LEU E 296 -15.66 -30.22 37.62
C LEU E 296 -14.42 -30.81 38.28
N THR E 297 -13.39 -29.99 38.45
CA THR E 297 -12.26 -30.39 39.28
C THR E 297 -11.91 -29.24 40.22
N ALA E 298 -11.95 -29.50 41.52
CA ALA E 298 -11.78 -28.48 42.53
C ALA E 298 -11.55 -29.15 43.88
N PRO E 299 -11.28 -28.39 44.95
CA PRO E 299 -11.27 -29.00 46.28
C PRO E 299 -12.69 -29.32 46.74
N GLN E 300 -12.83 -29.76 48.00
CA GLN E 300 -14.14 -30.25 48.44
C GLN E 300 -15.15 -29.13 48.61
N ASP E 301 -14.77 -28.04 49.27
CA ASP E 301 -15.71 -26.96 49.53
C ASP E 301 -16.19 -26.28 48.25
N ILE E 302 -15.25 -25.92 47.37
CA ILE E 302 -15.65 -25.30 46.10
C ILE E 302 -16.50 -26.26 45.30
N MET E 303 -16.21 -27.56 45.37
CA MET E 303 -17.05 -28.54 44.69
C MET E 303 -18.48 -28.49 45.22
N ASN E 304 -18.63 -28.52 46.55
CA ASN E 304 -19.97 -28.45 47.12
C ASN E 304 -20.67 -27.13 46.84
N ALA E 305 -19.91 -26.06 46.57
CA ALA E 305 -20.55 -24.82 46.16
C ALA E 305 -21.05 -24.89 44.73
N MET E 306 -20.17 -25.27 43.80
CA MET E 306 -20.57 -25.32 42.40
C MET E 306 -21.64 -26.36 42.13
N LEU E 307 -21.73 -27.41 42.93
CA LEU E 307 -22.85 -28.32 42.76
C LEU E 307 -24.17 -27.71 43.22
N GLU E 308 -24.13 -26.78 44.18
CA GLU E 308 -25.34 -26.08 44.56
C GLU E 308 -25.71 -24.97 43.60
N VAL E 309 -24.73 -24.40 42.89
CA VAL E 309 -25.06 -23.49 41.81
C VAL E 309 -25.65 -24.25 40.63
N ILE E 310 -24.96 -25.30 40.17
CA ILE E 310 -25.46 -26.11 39.07
C ILE E 310 -26.84 -26.67 39.40
N GLY E 311 -27.05 -27.08 40.64
CA GLY E 311 -28.36 -27.58 41.01
C GLY E 311 -29.47 -26.57 40.78
N GLN E 312 -29.18 -25.29 40.97
CA GLN E 312 -30.19 -24.26 40.82
C GLN E 312 -30.23 -23.62 39.43
N LEU E 313 -29.23 -23.85 38.60
CA LEU E 313 -29.27 -23.39 37.21
C LEU E 313 -29.75 -24.46 36.25
N ASP E 314 -30.02 -25.66 36.76
CA ASP E 314 -30.42 -26.80 35.95
C ASP E 314 -31.94 -26.94 35.88
N ILE E 315 -32.68 -25.97 36.39
CA ILE E 315 -34.13 -26.14 36.54
C ILE E 315 -34.81 -26.23 35.18
N ARG E 316 -36.02 -26.79 35.20
CA ARG E 316 -36.85 -26.89 34.01
C ARG E 316 -37.35 -25.53 33.58
N ARG E 317 -37.51 -25.35 32.28
CA ARG E 317 -37.99 -24.10 31.71
C ARG E 317 -39.43 -24.26 31.28
N ALA E 318 -40.31 -23.42 31.79
CA ALA E 318 -41.69 -23.40 31.31
C ALA E 318 -41.71 -22.91 29.87
N GLN E 319 -42.78 -23.23 29.15
CA GLN E 319 -42.84 -22.87 27.75
C GLN E 319 -44.18 -22.25 27.40
N VAL E 320 -44.12 -21.13 26.69
CA VAL E 320 -45.27 -20.28 26.42
C VAL E 320 -45.82 -20.62 25.05
N LEU E 321 -47.13 -20.59 24.92
CA LEU E 321 -47.80 -20.69 23.64
C LEU E 321 -48.32 -19.30 23.28
N ILE E 322 -47.68 -18.67 22.29
CA ILE E 322 -48.01 -17.32 21.88
C ILE E 322 -48.99 -17.40 20.73
N GLU E 323 -50.22 -16.95 20.95
CA GLU E 323 -51.23 -16.96 19.91
C GLU E 323 -51.61 -15.53 19.58
N ALA E 324 -51.14 -15.04 18.44
CA ALA E 324 -51.54 -13.72 17.98
C ALA E 324 -52.91 -13.80 17.32
N LEU E 325 -53.59 -12.65 17.26
CA LEU E 325 -54.84 -12.54 16.53
C LEU E 325 -54.82 -11.25 15.75
N ILE E 326 -54.99 -11.34 14.44
CA ILE E 326 -54.92 -10.17 13.56
C ILE E 326 -56.28 -10.02 12.91
N VAL E 327 -56.87 -8.84 13.05
CA VAL E 327 -58.18 -8.58 12.48
C VAL E 327 -58.06 -7.37 11.58
N GLU E 328 -58.38 -7.54 10.30
CA GLU E 328 -58.34 -6.46 9.34
C GLU E 328 -59.69 -6.40 8.65
N MET E 329 -60.45 -5.35 8.90
CA MET E 329 -61.76 -5.19 8.31
C MET E 329 -61.76 -3.93 7.46
N ALA E 330 -61.89 -4.10 6.16
CA ALA E 330 -61.95 -2.95 5.27
C ALA E 330 -63.36 -2.83 4.74
N GLU E 331 -63.74 -1.62 4.38
CA GLU E 331 -65.02 -1.40 3.75
C GLU E 331 -64.87 -0.20 2.84
N GLY E 332 -65.59 -0.20 1.74
CA GLY E 332 -65.47 0.90 0.81
C GLY E 332 -66.78 1.11 0.09
N ASP E 333 -66.95 2.31 -0.41
CA ASP E 333 -68.15 2.65 -1.15
C ASP E 333 -67.84 3.85 -2.01
N GLY E 334 -68.62 4.02 -3.06
CA GLY E 334 -68.52 5.23 -3.84
C GLY E 334 -69.66 5.30 -4.81
N ILE E 335 -70.06 6.51 -5.17
CA ILE E 335 -71.10 6.70 -6.17
C ILE E 335 -70.64 7.80 -7.08
N ASN E 336 -70.49 7.48 -8.36
CA ASN E 336 -69.98 8.41 -9.34
C ASN E 336 -71.06 8.54 -10.41
N LEU E 337 -71.71 9.70 -10.48
CA LEU E 337 -72.73 9.89 -11.50
C LEU E 337 -72.69 11.30 -12.01
N GLY E 338 -72.87 11.44 -13.32
CA GLY E 338 -72.89 12.74 -13.96
C GLY E 338 -73.27 12.60 -15.41
N VAL E 339 -73.74 13.71 -15.96
CA VAL E 339 -74.19 13.78 -17.34
C VAL E 339 -73.24 14.68 -18.12
N GLN E 340 -72.84 14.22 -19.28
CA GLN E 340 -71.97 14.99 -20.16
C GLN E 340 -72.72 15.26 -21.45
N TRP E 341 -72.29 16.28 -22.18
CA TRP E 341 -72.96 16.68 -23.40
C TRP E 341 -71.94 16.88 -24.50
N GLY E 342 -72.40 16.76 -25.74
CA GLY E 342 -71.51 17.08 -26.84
C GLY E 342 -72.21 17.25 -28.17
N SER E 343 -71.61 18.07 -29.02
CA SER E 343 -72.02 18.23 -30.41
C SER E 343 -70.75 18.29 -31.22
N LEU E 344 -70.57 17.32 -32.11
CA LEU E 344 -69.30 17.22 -32.82
C LEU E 344 -69.33 17.94 -34.16
N GLU E 345 -70.51 18.41 -34.60
CA GLU E 345 -70.58 19.17 -35.84
C GLU E 345 -69.84 20.50 -35.71
N SER E 346 -70.18 21.28 -34.70
CA SER E 346 -69.35 22.39 -34.23
C SER E 346 -68.93 22.00 -32.82
N GLY E 347 -67.66 21.61 -32.67
CA GLY E 347 -67.33 20.86 -31.47
C GLY E 347 -67.58 21.67 -30.23
N SER E 348 -68.56 21.24 -29.45
CA SER E 348 -68.91 21.90 -28.21
C SER E 348 -69.28 20.82 -27.21
N VAL E 349 -68.57 20.76 -26.10
CA VAL E 349 -68.76 19.68 -25.15
C VAL E 349 -68.98 20.26 -23.77
N ILE E 350 -69.78 19.56 -22.99
CA ILE E 350 -69.76 19.68 -21.54
C ILE E 350 -69.14 18.39 -21.04
N GLN E 351 -67.90 18.48 -20.58
CA GLN E 351 -67.02 17.33 -20.43
C GLN E 351 -66.44 17.32 -19.02
N TYR E 352 -66.23 16.12 -18.48
CA TYR E 352 -65.83 15.97 -17.10
C TYR E 352 -64.77 14.89 -16.97
N GLY E 353 -63.86 15.09 -16.02
CA GLY E 353 -62.81 14.12 -15.76
C GLY E 353 -63.12 13.17 -14.63
N ASN E 354 -64.09 13.53 -13.80
CA ASN E 354 -64.54 12.64 -12.74
C ASN E 354 -65.03 11.31 -13.31
N THR E 355 -65.67 11.37 -14.47
CA THR E 355 -66.32 10.22 -15.06
C THR E 355 -65.31 9.24 -15.63
N GLY E 356 -65.76 8.01 -15.85
CA GLY E 356 -64.93 6.99 -16.44
C GLY E 356 -64.35 7.39 -17.78
N ALA E 357 -65.20 7.78 -18.73
CA ALA E 357 -64.74 8.22 -20.04
C ALA E 357 -65.46 9.50 -20.43
N SER E 358 -64.75 10.34 -21.17
CA SER E 358 -65.22 11.67 -21.52
C SER E 358 -65.89 11.65 -22.88
N ILE E 359 -66.93 12.49 -23.01
CA ILE E 359 -67.75 12.52 -24.21
C ILE E 359 -66.93 12.72 -25.48
N GLY E 360 -65.78 13.38 -25.38
CA GLY E 360 -64.98 13.62 -26.57
C GLY E 360 -64.49 12.34 -27.21
N ASN E 361 -63.76 11.53 -26.43
CA ASN E 361 -63.26 10.27 -26.96
C ASN E 361 -64.39 9.33 -27.38
N VAL E 362 -65.54 9.42 -26.73
CA VAL E 362 -66.64 8.54 -27.10
C VAL E 362 -67.22 8.93 -28.44
N MET E 363 -67.51 10.22 -28.65
CA MET E 363 -68.04 10.62 -29.95
C MET E 363 -67.03 10.43 -31.06
N ILE E 364 -65.77 10.79 -30.82
CA ILE E 364 -64.73 10.55 -31.82
C ILE E 364 -64.66 9.07 -32.17
N GLY E 365 -64.68 8.22 -31.15
CA GLY E 365 -64.65 6.79 -31.40
C GLY E 365 -65.83 6.31 -32.22
N LEU E 366 -67.03 6.80 -31.91
CA LEU E 366 -68.21 6.41 -32.67
C LEU E 366 -68.12 6.87 -34.11
N GLU E 367 -67.53 8.03 -34.37
CA GLU E 367 -67.39 8.45 -35.75
C GLU E 367 -66.35 7.62 -36.49
N GLU E 368 -65.23 7.30 -35.83
CA GLU E 368 -64.25 6.42 -36.45
C GLU E 368 -64.82 5.04 -36.71
N ALA E 369 -65.78 4.59 -35.91
CA ALA E 369 -66.36 3.27 -36.12
C ALA E 369 -67.33 3.23 -37.29
N LYS E 370 -67.86 4.36 -37.72
CA LYS E 370 -68.80 4.36 -38.83
C LYS E 370 -68.12 3.93 -40.12
N ASP E 371 -68.92 3.42 -41.05
CA ASP E 371 -68.40 2.99 -42.34
C ASP E 371 -68.20 4.19 -43.25
N THR E 372 -66.96 4.41 -43.67
CA THR E 372 -66.61 5.54 -44.51
C THR E 372 -66.60 5.13 -45.97
N THR E 373 -67.02 6.06 -46.83
CA THR E 373 -67.01 5.84 -48.27
C THR E 373 -66.18 6.93 -48.93
N GLN E 374 -65.39 6.53 -49.92
CA GLN E 374 -64.47 7.43 -50.62
C GLN E 374 -64.78 7.38 -52.10
N THR E 375 -65.21 8.49 -52.66
CA THR E 375 -65.72 8.55 -54.02
C THR E 375 -64.77 9.33 -54.93
N LYS E 376 -64.48 8.77 -56.10
CA LYS E 376 -63.76 9.46 -57.15
C LYS E 376 -64.63 9.44 -58.40
N ALA E 377 -65.09 10.60 -58.83
CA ALA E 377 -65.99 10.71 -59.98
C ALA E 377 -65.19 10.98 -61.25
N VAL E 378 -65.91 11.07 -62.37
CA VAL E 378 -65.30 11.42 -63.66
C VAL E 378 -66.20 12.39 -64.41
N ASN E 388 -66.70 6.18 -62.80
CA ASN E 388 -67.31 6.78 -61.62
C ASN E 388 -67.10 5.87 -60.41
N GLU E 389 -65.86 5.82 -59.94
CA GLU E 389 -65.49 4.91 -58.85
C GLU E 389 -66.05 5.40 -57.53
N THR E 390 -66.61 4.49 -56.75
CA THR E 390 -67.02 4.75 -55.37
C THR E 390 -66.62 3.56 -54.52
N THR E 391 -65.75 3.77 -53.55
CA THR E 391 -65.33 2.68 -52.67
C THR E 391 -65.98 2.85 -51.30
N THR E 392 -66.23 1.72 -50.64
CA THR E 392 -66.73 1.71 -49.28
C THR E 392 -65.78 0.90 -48.40
N THR E 393 -65.65 1.32 -47.16
CA THR E 393 -64.69 0.73 -46.23
C THR E 393 -65.26 0.85 -44.82
N LYS E 394 -65.02 -0.17 -44.00
CA LYS E 394 -65.48 -0.14 -42.62
C LYS E 394 -64.40 0.41 -41.72
N GLY E 395 -64.79 1.24 -40.76
CA GLY E 395 -63.84 1.88 -39.89
C GLY E 395 -63.48 1.03 -38.68
N ASP E 396 -62.32 1.35 -38.12
CA ASP E 396 -61.81 0.60 -36.97
C ASP E 396 -62.52 1.03 -35.69
N TYR E 397 -62.58 0.10 -34.74
CA TYR E 397 -63.14 0.35 -33.43
C TYR E 397 -62.09 0.69 -32.39
N THR E 398 -60.81 0.74 -32.78
CA THR E 398 -59.74 0.83 -31.79
C THR E 398 -59.82 2.09 -30.95
N LYS E 399 -60.30 3.20 -31.50
CA LYS E 399 -60.48 4.39 -30.67
C LYS E 399 -61.68 4.23 -29.74
N LEU E 400 -62.79 3.73 -30.26
CA LEU E 400 -63.94 3.46 -29.40
C LEU E 400 -63.60 2.41 -28.36
N ALA E 401 -62.89 1.35 -28.76
CA ALA E 401 -62.48 0.36 -27.78
C ALA E 401 -61.56 0.96 -26.73
N SER E 402 -60.71 1.90 -27.13
CA SER E 402 -59.86 2.56 -26.15
C SER E 402 -60.66 3.46 -25.23
N ALA E 403 -61.78 4.00 -25.70
CA ALA E 403 -62.59 4.87 -24.86
C ALA E 403 -63.44 4.07 -23.88
N LEU E 404 -63.97 2.93 -24.31
CA LEU E 404 -64.86 2.15 -23.46
C LEU E 404 -64.11 1.29 -22.46
N SER E 405 -62.83 1.01 -22.67
CA SER E 405 -62.12 0.07 -21.82
C SER E 405 -62.09 0.52 -20.37
N SER E 406 -62.16 1.83 -20.13
CA SER E 406 -62.05 2.37 -18.78
C SER E 406 -63.39 2.53 -18.09
N ILE E 407 -64.50 2.27 -18.77
CA ILE E 407 -65.81 2.44 -18.16
C ILE E 407 -66.03 1.36 -17.12
N GLN E 408 -66.26 1.77 -15.89
CA GLN E 408 -66.82 0.93 -14.84
C GLN E 408 -68.15 1.57 -14.50
N GLY E 409 -69.24 1.01 -14.97
CA GLY E 409 -70.51 1.60 -14.61
C GLY E 409 -71.47 1.58 -15.76
N ALA E 410 -72.50 2.41 -15.65
CA ALA E 410 -73.42 2.65 -16.74
C ALA E 410 -73.04 3.91 -17.50
N ALA E 411 -72.62 3.73 -18.75
CA ALA E 411 -72.38 4.84 -19.68
C ALA E 411 -73.37 4.70 -20.82
N VAL E 412 -74.33 5.61 -20.89
CA VAL E 412 -75.48 5.51 -21.80
C VAL E 412 -75.55 6.78 -22.62
N SER E 413 -75.45 6.64 -23.94
CA SER E 413 -75.48 7.79 -24.84
C SER E 413 -76.90 7.97 -25.37
N ILE E 414 -77.53 9.07 -24.99
CA ILE E 414 -78.85 9.45 -25.50
C ILE E 414 -78.63 10.53 -26.55
N ALA E 415 -78.86 10.20 -27.81
CA ALA E 415 -78.66 11.13 -28.91
C ALA E 415 -79.96 11.86 -29.19
N MET E 416 -79.96 13.18 -29.01
CA MET E 416 -81.12 14.01 -29.28
C MET E 416 -80.68 15.23 -30.08
N GLY E 417 -81.20 15.35 -31.30
CA GLY E 417 -80.91 16.49 -32.16
C GLY E 417 -79.44 16.81 -32.29
N ASP E 418 -78.65 15.78 -32.62
CA ASP E 418 -77.19 15.81 -32.83
C ASP E 418 -76.43 16.17 -31.55
N TRP E 419 -77.14 16.48 -30.49
CA TRP E 419 -76.56 16.63 -29.17
C TRP E 419 -76.67 15.29 -28.45
N THR E 420 -75.52 14.66 -28.21
CA THR E 420 -75.47 13.34 -27.59
C THR E 420 -75.11 13.53 -26.12
N ALA E 421 -76.06 13.28 -25.23
CA ALA E 421 -75.83 13.36 -23.81
C ALA E 421 -75.40 12.00 -23.28
N LEU E 422 -74.21 11.92 -22.73
CA LEU E 422 -73.67 10.67 -22.19
C LEU E 422 -73.86 10.69 -20.68
N ILE E 423 -74.77 9.89 -20.19
CA ILE E 423 -75.01 9.73 -18.76
C ILE E 423 -74.09 8.64 -18.26
N ASN E 424 -73.51 8.82 -17.08
CA ASN E 424 -72.75 7.73 -16.50
C ASN E 424 -72.96 7.71 -15.00
N ALA E 425 -73.20 6.52 -14.47
CA ALA E 425 -73.48 6.40 -13.06
C ALA E 425 -73.04 5.02 -12.59
N VAL E 426 -72.48 4.95 -11.39
CA VAL E 426 -72.05 3.67 -10.84
C VAL E 426 -72.01 3.81 -9.32
N SER E 427 -72.22 2.69 -8.63
CA SER E 427 -72.02 2.61 -7.19
C SER E 427 -71.14 1.41 -6.92
N ASN E 428 -69.92 1.65 -6.47
CA ASN E 428 -68.97 0.58 -6.16
C ASN E 428 -68.99 0.36 -4.67
N ASP E 429 -69.48 -0.80 -4.24
CA ASP E 429 -69.55 -1.16 -2.84
C ASP E 429 -68.60 -2.33 -2.60
N SER E 430 -67.59 -2.10 -1.79
CA SER E 430 -66.58 -3.11 -1.52
C SER E 430 -66.54 -3.41 -0.04
N SER E 431 -66.02 -4.58 0.29
CA SER E 431 -65.86 -4.98 1.67
C SER E 431 -64.73 -5.99 1.76
N SER E 432 -64.14 -6.09 2.94
CA SER E 432 -63.10 -7.07 3.20
C SER E 432 -63.12 -7.41 4.68
N ASN E 433 -62.92 -8.69 4.97
CA ASN E 433 -62.88 -9.15 6.34
C ASN E 433 -61.80 -10.21 6.44
N ILE E 434 -60.86 -10.04 7.36
CA ILE E 434 -59.69 -10.92 7.42
C ILE E 434 -59.36 -11.22 8.87
N LEU E 435 -59.27 -12.49 9.23
CA LEU E 435 -58.71 -12.89 10.50
C LEU E 435 -57.61 -13.88 10.18
N SER E 436 -56.41 -13.64 10.65
CA SER E 436 -55.37 -14.66 10.63
C SER E 436 -54.75 -14.58 11.99
N SER E 437 -54.58 -15.69 12.71
CA SER E 437 -53.84 -15.63 13.97
C SER E 437 -52.74 -16.66 13.93
N PRO E 438 -51.48 -16.28 14.06
CA PRO E 438 -50.39 -17.26 14.08
C PRO E 438 -49.97 -17.45 15.53
N SER E 439 -49.86 -18.70 15.98
CA SER E 439 -49.35 -19.04 17.30
C SER E 439 -48.04 -19.80 17.20
N ILE E 440 -47.03 -19.33 17.92
CA ILE E 440 -45.73 -19.99 18.01
C ILE E 440 -45.54 -20.40 19.46
N THR E 441 -45.13 -21.66 19.66
CA THR E 441 -44.86 -22.22 20.99
C THR E 441 -43.34 -22.24 21.21
N VAL E 442 -42.92 -21.66 22.33
CA VAL E 442 -41.57 -21.23 22.61
C VAL E 442 -41.17 -21.73 23.98
N MET E 443 -39.88 -22.03 24.14
CA MET E 443 -39.35 -22.21 25.48
C MET E 443 -39.18 -20.83 26.09
N ASP E 444 -39.38 -20.73 27.40
CA ASP E 444 -39.17 -19.47 28.09
C ASP E 444 -37.78 -18.93 27.82
N ASN E 445 -37.69 -17.61 27.66
CA ASN E 445 -36.43 -16.90 27.40
C ASN E 445 -35.84 -17.26 26.05
N GLY E 446 -36.43 -18.21 25.36
CA GLY E 446 -36.01 -18.51 24.01
C GLY E 446 -36.80 -17.74 22.99
N GLU E 447 -36.21 -17.53 21.83
CA GLU E 447 -36.83 -16.75 20.78
C GLU E 447 -37.34 -17.67 19.68
N ALA E 448 -38.43 -17.26 19.04
CA ALA E 448 -38.97 -18.04 17.94
C ALA E 448 -39.38 -17.13 16.80
N SER E 449 -39.09 -17.58 15.59
CA SER E 449 -39.58 -16.95 14.39
C SER E 449 -40.68 -17.82 13.81
N PHE E 450 -41.65 -17.18 13.18
CA PHE E 450 -42.73 -17.86 12.50
C PHE E 450 -43.01 -17.08 11.23
N ILE E 451 -42.96 -17.77 10.10
CA ILE E 451 -43.26 -17.12 8.84
C ILE E 451 -44.22 -17.93 8.01
N VAL E 452 -45.31 -17.31 7.57
CA VAL E 452 -46.13 -17.86 6.53
C VAL E 452 -46.11 -16.82 5.42
N ALA E 453 -45.57 -17.19 4.27
CA ALA E 453 -45.48 -16.26 3.16
C ALA E 453 -45.35 -16.94 1.81
N GLU E 454 -45.71 -16.21 0.77
CA GLU E 454 -45.45 -16.62 -0.60
C GLU E 454 -44.70 -15.48 -1.26
N GLU E 455 -43.62 -15.80 -1.96
CA GLU E 455 -42.81 -14.74 -2.56
C GLU E 455 -43.11 -14.58 -4.05
N VAL E 456 -43.68 -13.44 -4.39
CA VAL E 456 -43.91 -13.05 -5.78
C VAL E 456 -42.63 -12.50 -6.37
N PRO E 457 -42.52 -12.48 -7.70
CA PRO E 457 -41.31 -11.92 -8.33
C PRO E 457 -41.31 -10.40 -8.28
N VAL E 458 -40.14 -9.80 -8.07
CA VAL E 458 -40.03 -8.35 -8.02
C VAL E 458 -38.98 -7.83 -9.00
N ILE E 459 -39.33 -6.77 -9.72
CA ILE E 459 -38.40 -6.16 -10.67
C ILE E 459 -38.00 -4.77 -10.20
N THR E 460 -36.72 -4.63 -9.86
CA THR E 460 -36.18 -3.35 -9.42
C THR E 460 -35.39 -2.69 -10.54
N GLY E 461 -35.58 -3.18 -11.75
CA GLY E 461 -34.88 -2.64 -12.91
C GLY E 461 -35.81 -2.41 -14.09
N PHE E 472 -36.75 -6.89 -20.99
CA PHE E 472 -35.81 -7.55 -20.09
C PHE E 472 -35.68 -6.79 -18.78
N GLN E 473 -36.51 -7.16 -17.81
CA GLN E 473 -36.49 -6.52 -16.49
C GLN E 473 -36.12 -7.51 -15.39
N THR E 474 -35.19 -7.12 -14.55
CA THR E 474 -34.73 -7.96 -13.45
C THR E 474 -35.81 -8.17 -12.40
N VAL E 475 -35.84 -9.36 -11.81
CA VAL E 475 -36.81 -9.70 -10.78
C VAL E 475 -36.15 -10.12 -9.48
N ASP E 476 -36.62 -9.55 -8.37
CA ASP E 476 -36.10 -9.90 -7.05
C ASP E 476 -37.21 -10.47 -6.17
N ARG E 477 -36.92 -11.58 -5.51
CA ARG E 477 -37.91 -12.26 -4.67
C ARG E 477 -37.87 -11.63 -3.28
N LYS E 478 -39.05 -11.28 -2.81
CA LYS E 478 -39.29 -10.80 -1.45
C LYS E 478 -40.54 -11.54 -0.98
N GLU E 479 -40.70 -11.68 0.33
CA GLU E 479 -41.79 -12.49 0.87
C GLU E 479 -42.90 -11.69 1.55
N VAL E 480 -44.13 -11.97 1.17
CA VAL E 480 -45.30 -11.36 1.79
C VAL E 480 -46.12 -12.44 2.48
N GLY E 481 -46.49 -12.19 3.73
CA GLY E 481 -47.13 -13.20 4.55
C GLY E 481 -47.16 -12.73 5.98
N ILE E 482 -47.52 -13.63 6.89
CA ILE E 482 -47.55 -13.27 8.30
C ILE E 482 -46.31 -13.82 9.00
N LYS E 483 -45.56 -12.92 9.63
CA LYS E 483 -44.39 -13.34 10.39
C LYS E 483 -44.47 -12.78 11.80
N LEU E 484 -44.13 -13.63 12.75
CA LEU E 484 -44.22 -13.33 14.18
C LEU E 484 -42.91 -13.77 14.81
N LYS E 485 -42.15 -12.84 15.34
CA LYS E 485 -40.90 -13.15 16.02
C LYS E 485 -41.01 -12.71 17.46
N VAL E 486 -41.01 -13.65 18.39
CA VAL E 486 -41.34 -13.35 19.76
C VAL E 486 -40.27 -13.91 20.69
N VAL E 487 -39.99 -13.18 21.77
CA VAL E 487 -38.98 -13.59 22.74
C VAL E 487 -39.56 -13.46 24.14
N PRO E 488 -40.32 -14.43 24.63
CA PRO E 488 -40.96 -14.28 25.93
C PRO E 488 -40.00 -14.53 27.06
N GLN E 489 -40.28 -13.91 28.20
CA GLN E 489 -39.73 -14.35 29.46
C GLN E 489 -40.84 -14.29 30.50
N ILE E 490 -40.83 -15.24 31.40
CA ILE E 490 -41.97 -15.46 32.28
C ILE E 490 -41.63 -14.91 33.66
N ASN E 491 -42.41 -13.94 34.11
CA ASN E 491 -42.51 -13.67 35.54
C ASN E 491 -42.76 -14.98 36.26
N GLU E 492 -42.09 -15.19 37.38
CA GLU E 492 -42.02 -16.53 37.96
C GLU E 492 -43.38 -17.15 38.22
N GLY E 493 -44.46 -16.39 38.09
CA GLY E 493 -45.78 -16.97 37.89
C GLY E 493 -46.62 -16.01 37.10
N ASN E 494 -47.62 -16.56 36.40
CA ASN E 494 -48.54 -15.76 35.60
C ASN E 494 -47.83 -14.90 34.55
N SER E 495 -47.87 -13.58 34.71
CA SER E 495 -47.63 -12.67 33.61
C SER E 495 -46.38 -13.01 32.80
N VAL E 496 -46.50 -12.90 31.49
CA VAL E 496 -45.45 -13.14 30.53
C VAL E 496 -45.06 -11.82 29.90
N GLN E 497 -43.77 -11.54 29.82
CA GLN E 497 -43.26 -10.39 29.10
C GLN E 497 -42.86 -10.81 27.69
N LEU E 498 -43.24 -10.00 26.71
CA LEU E 498 -43.06 -10.32 25.31
C LEU E 498 -42.33 -9.20 24.60
N ASN E 499 -41.19 -9.51 24.02
CA ASN E 499 -40.58 -8.67 23.01
C ASN E 499 -41.03 -9.24 21.68
N ILE E 500 -41.87 -8.49 20.97
CA ILE E 500 -42.59 -9.03 19.83
C ILE E 500 -42.34 -8.16 18.61
N GLU E 501 -42.11 -8.80 17.47
CA GLU E 501 -41.99 -8.14 16.18
C GLU E 501 -42.95 -8.84 15.24
N GLN E 502 -44.00 -8.14 14.83
CA GLN E 502 -45.08 -8.79 14.09
C GLN E 502 -45.33 -8.06 12.80
N GLU E 503 -45.33 -8.78 11.69
CA GLU E 503 -45.47 -8.18 10.38
C GLU E 503 -46.47 -8.97 9.57
N VAL E 504 -47.29 -8.28 8.78
CA VAL E 504 -48.26 -8.95 7.94
C VAL E 504 -48.01 -8.60 6.48
N SER E 505 -47.97 -9.61 5.63
CA SER E 505 -47.72 -9.37 4.21
C SER E 505 -49.00 -9.57 3.41
N ASN E 506 -49.42 -8.50 2.76
CA ASN E 506 -50.58 -8.54 1.88
C ASN E 506 -50.22 -7.98 0.51
N VAL E 507 -50.60 -8.69 -0.54
CA VAL E 507 -50.25 -8.25 -1.88
C VAL E 507 -51.40 -8.33 -2.88
N LEU E 508 -51.57 -7.26 -3.66
CA LEU E 508 -52.63 -7.19 -4.65
C LEU E 508 -52.18 -7.80 -5.97
N ASP E 515 -44.53 -4.55 -11.19
CA ASP E 515 -45.52 -3.51 -10.95
C ASP E 515 -46.65 -4.01 -10.06
N VAL E 516 -46.29 -4.64 -8.95
CA VAL E 516 -47.27 -5.17 -8.02
C VAL E 516 -47.17 -4.45 -6.67
N ARG E 517 -48.31 -4.01 -6.16
CA ARG E 517 -48.34 -3.30 -4.89
C ARG E 517 -48.93 -4.17 -3.78
N PHE E 518 -48.19 -4.29 -2.68
CA PHE E 518 -48.63 -5.09 -1.54
C PHE E 518 -48.51 -4.27 -0.27
N ALA E 519 -49.43 -4.49 0.66
CA ALA E 519 -49.44 -3.73 1.91
C ALA E 519 -48.85 -4.54 3.05
N LYS E 520 -47.93 -3.93 3.78
CA LYS E 520 -47.31 -4.55 4.93
C LYS E 520 -47.45 -3.66 6.15
N ARG E 521 -48.13 -4.15 7.17
CA ARG E 521 -48.36 -3.37 8.39
C ARG E 521 -47.79 -4.10 9.59
N GLN E 522 -46.61 -3.70 10.03
CA GLN E 522 -45.95 -4.36 11.14
C GLN E 522 -45.97 -3.47 12.35
N LEU E 523 -45.94 -4.10 13.51
CA LEU E 523 -45.70 -3.41 14.76
C LEU E 523 -44.79 -4.29 15.59
N ASN E 524 -43.74 -3.70 16.13
CA ASN E 524 -42.80 -4.40 16.98
C ASN E 524 -42.64 -3.62 18.27
N THR E 525 -43.08 -4.22 19.37
CA THR E 525 -43.22 -3.54 20.64
C THR E 525 -42.82 -4.51 21.73
N SER E 526 -43.00 -4.08 22.98
CA SER E 526 -42.73 -4.92 24.14
C SER E 526 -43.91 -4.76 25.08
N VAL E 527 -44.60 -5.85 25.38
CA VAL E 527 -45.79 -5.79 26.21
C VAL E 527 -45.64 -6.79 27.34
N MET E 528 -46.49 -6.65 28.34
CA MET E 528 -46.55 -7.57 29.47
C MET E 528 -47.99 -8.02 29.63
N VAL E 529 -48.23 -9.30 29.38
CA VAL E 529 -49.58 -9.83 29.29
C VAL E 529 -49.78 -10.82 30.43
N GLN E 530 -50.98 -10.85 31.00
CA GLN E 530 -51.27 -11.87 31.99
C GLN E 530 -51.27 -13.25 31.34
N ASP E 531 -51.17 -14.28 32.17
CA ASP E 531 -51.02 -15.65 31.72
C ASP E 531 -51.97 -16.03 30.60
N GLY E 532 -53.26 -16.15 30.90
CA GLY E 532 -54.22 -16.61 29.91
C GLY E 532 -55.12 -15.56 29.33
N GLN E 533 -54.79 -14.29 29.45
CA GLN E 533 -55.67 -13.21 29.03
C GLN E 533 -55.13 -12.54 27.78
N MET E 534 -56.05 -12.05 26.96
CA MET E 534 -55.71 -11.39 25.71
C MET E 534 -55.37 -9.93 25.94
N LEU E 535 -54.43 -9.42 25.17
CA LEU E 535 -54.04 -8.02 25.24
C LEU E 535 -53.84 -7.47 23.84
N VAL E 536 -54.25 -6.22 23.64
CA VAL E 536 -54.24 -5.60 22.32
C VAL E 536 -52.91 -4.89 22.12
N LEU E 537 -52.09 -5.40 21.22
CA LEU E 537 -50.86 -4.71 20.86
C LEU E 537 -51.16 -3.45 20.09
N GLY E 538 -51.90 -3.57 19.00
CA GLY E 538 -51.92 -2.44 18.10
C GLY E 538 -53.22 -2.33 17.35
N GLY E 539 -53.30 -1.31 16.53
CA GLY E 539 -54.50 -1.09 15.75
C GLY E 539 -54.39 0.16 14.92
N LEU E 540 -55.33 0.29 14.00
CA LEU E 540 -55.50 1.47 13.20
C LEU E 540 -56.98 1.58 12.90
N ILE E 541 -57.53 2.77 12.96
CA ILE E 541 -58.90 3.02 12.55
C ILE E 541 -58.89 4.19 11.59
N ASP E 542 -59.18 3.91 10.33
CA ASP E 542 -59.02 4.92 9.30
C ASP E 542 -60.35 5.14 8.62
N GLU E 543 -60.68 6.39 8.36
CA GLU E 543 -61.93 6.74 7.72
C GLU E 543 -61.66 7.84 6.72
N ARG E 544 -62.31 7.77 5.57
CA ARG E 544 -62.11 8.76 4.52
C ARG E 544 -63.43 9.05 3.84
N ALA E 545 -63.64 10.32 3.52
CA ALA E 545 -64.73 10.72 2.63
C ALA E 545 -64.17 11.72 1.64
N LEU E 546 -64.14 11.33 0.37
CA LEU E 546 -63.68 12.21 -0.69
C LEU E 546 -64.85 12.52 -1.61
N GLU E 547 -65.31 13.76 -1.57
CA GLU E 547 -66.36 14.22 -2.46
C GLU E 547 -65.74 15.11 -3.51
N SER E 548 -66.27 15.07 -4.72
CA SER E 548 -65.82 15.89 -5.82
C SER E 548 -67.01 16.21 -6.69
N GLU E 549 -66.95 17.34 -7.39
CA GLU E 549 -68.07 17.79 -8.20
C GLU E 549 -67.56 18.69 -9.31
N SER E 550 -68.34 18.80 -10.36
CA SER E 550 -68.07 19.75 -11.43
C SER E 550 -69.41 20.17 -12.00
N LYS E 551 -69.51 21.44 -12.40
CA LYS E 551 -70.74 21.93 -12.99
C LYS E 551 -70.42 23.17 -13.80
N VAL E 552 -71.44 23.73 -14.42
CA VAL E 552 -71.27 24.77 -15.43
C VAL E 552 -70.73 26.14 -14.98
N PRO E 553 -71.01 26.64 -13.77
CA PRO E 553 -71.82 26.43 -12.56
C PRO E 553 -73.30 26.75 -12.61
N LEU E 554 -73.69 27.82 -13.30
CA LEU E 554 -74.99 28.43 -13.02
C LEU E 554 -76.14 27.47 -13.27
N LEU E 555 -76.07 26.73 -14.38
CA LEU E 555 -77.15 25.80 -14.70
C LEU E 555 -77.18 24.64 -13.72
N GLY E 556 -76.03 24.23 -13.20
CA GLY E 556 -76.00 23.12 -12.28
C GLY E 556 -76.56 23.47 -10.91
N ASP E 557 -76.89 24.74 -10.72
CA ASP E 557 -77.45 25.16 -9.43
C ASP E 557 -78.95 24.88 -9.36
N ILE E 558 -79.64 24.92 -10.50
CA ILE E 558 -81.09 24.69 -10.53
C ILE E 558 -81.42 23.36 -9.86
N PRO E 559 -82.42 23.29 -8.99
CA PRO E 559 -82.70 22.02 -8.29
C PRO E 559 -83.16 20.89 -9.21
N LEU E 560 -84.07 21.18 -10.14
CA LEU E 560 -84.64 20.10 -10.93
C LEU E 560 -83.71 19.66 -12.05
N LEU E 561 -83.21 20.62 -12.84
CA LEU E 561 -82.38 20.30 -13.99
C LEU E 561 -80.90 20.35 -13.70
N GLY E 562 -80.50 20.65 -12.47
CA GLY E 562 -79.09 20.77 -12.17
C GLY E 562 -78.33 19.47 -12.36
N GLN E 563 -79.00 18.34 -12.14
CA GLN E 563 -78.31 17.06 -12.23
C GLN E 563 -77.89 16.76 -13.66
N LEU E 564 -78.42 17.52 -14.63
CA LEU E 564 -78.03 17.30 -16.01
C LEU E 564 -76.65 17.89 -16.28
N PHE E 565 -76.30 18.98 -15.62
CA PHE E 565 -75.04 19.66 -15.87
C PHE E 565 -73.95 19.35 -14.84
N ARG E 566 -74.23 18.51 -13.85
CA ARG E 566 -73.26 18.21 -12.81
C ARG E 566 -72.63 16.84 -13.02
N SER E 567 -71.38 16.72 -12.59
CA SER E 567 -70.71 15.42 -12.46
C SER E 567 -70.21 15.31 -11.03
N THR E 568 -70.76 14.37 -10.28
CA THR E 568 -70.43 14.20 -8.88
C THR E 568 -69.73 12.87 -8.69
N SER E 569 -68.63 12.87 -7.94
CA SER E 569 -67.91 11.64 -7.61
C SER E 569 -67.70 11.61 -6.11
N SER E 570 -68.37 10.69 -5.43
CA SER E 570 -68.28 10.58 -3.99
C SER E 570 -67.67 9.24 -3.61
N GLN E 571 -66.91 9.22 -2.52
CA GLN E 571 -66.27 8.00 -2.09
C GLN E 571 -66.13 7.99 -0.57
N VAL E 572 -66.31 6.83 0.03
CA VAL E 572 -66.18 6.66 1.47
C VAL E 572 -65.39 5.39 1.72
N GLU E 573 -64.24 5.51 2.36
CA GLU E 573 -63.42 4.35 2.68
C GLU E 573 -63.34 4.21 4.19
N LYS E 574 -63.14 2.99 4.65
CA LYS E 574 -63.05 2.73 6.08
C LYS E 574 -62.19 1.50 6.28
N LYS E 575 -61.42 1.49 7.37
CA LYS E 575 -60.49 0.41 7.61
C LYS E 575 -60.27 0.26 9.10
N ASN E 576 -60.06 -0.98 9.53
CA ASN E 576 -59.84 -1.31 10.93
C ASN E 576 -58.78 -2.39 11.02
N LEU E 577 -57.85 -2.22 11.93
CA LEU E 577 -56.84 -3.22 12.23
C LEU E 577 -56.70 -3.33 13.72
N MET E 578 -56.89 -4.52 14.26
CA MET E 578 -56.47 -4.76 15.63
C MET E 578 -55.53 -5.93 15.63
N VAL E 579 -54.50 -5.84 16.48
CA VAL E 579 -53.57 -6.93 16.70
C VAL E 579 -53.57 -7.22 18.18
N PHE E 580 -54.02 -8.42 18.54
CA PHE E 580 -54.15 -8.93 19.90
C PHE E 580 -53.14 -10.04 20.10
N ILE E 581 -52.80 -10.33 21.35
CA ILE E 581 -51.95 -11.47 21.63
C ILE E 581 -52.44 -12.16 22.89
N LYS E 582 -52.53 -13.48 22.84
CA LYS E 582 -52.82 -14.28 24.02
C LYS E 582 -51.68 -15.27 24.26
N PRO E 583 -50.88 -15.08 25.30
CA PRO E 583 -49.96 -16.14 25.72
C PRO E 583 -50.72 -17.19 26.54
N THR E 584 -50.10 -18.36 26.66
CA THR E 584 -50.55 -19.35 27.61
C THR E 584 -49.34 -20.07 28.16
N ILE E 585 -49.22 -20.20 29.46
CA ILE E 585 -48.04 -20.81 30.04
C ILE E 585 -48.26 -22.30 30.19
N ILE E 586 -47.36 -23.08 29.61
CA ILE E 586 -47.36 -24.52 29.69
C ILE E 586 -46.25 -24.92 30.64
N ARG E 587 -46.63 -25.50 31.77
CA ARG E 587 -45.69 -25.95 32.80
C ARG E 587 -45.70 -27.47 32.92
N ASP E 588 -46.83 -28.05 33.29
CA ASP E 588 -46.97 -29.49 33.34
C ASP E 588 -47.03 -30.07 31.93
N GLY E 589 -46.78 -31.37 31.84
CA GLY E 589 -47.03 -32.07 30.59
C GLY E 589 -48.50 -32.23 30.27
N VAL E 590 -49.35 -32.31 31.30
CA VAL E 590 -50.78 -32.44 31.07
C VAL E 590 -51.37 -31.19 30.44
N THR E 591 -50.78 -30.02 30.67
CA THR E 591 -51.26 -28.82 29.99
C THR E 591 -50.93 -28.85 28.52
N ALA E 592 -49.68 -29.15 28.17
CA ALA E 592 -49.32 -29.26 26.76
C ALA E 592 -50.13 -30.33 26.06
N ASP E 593 -50.39 -31.45 26.73
CA ASP E 593 -51.24 -32.46 26.14
C ASP E 593 -52.68 -32.00 26.00
N GLY E 594 -53.15 -31.16 26.92
CA GLY E 594 -54.50 -30.63 26.82
C GLY E 594 -54.69 -29.65 25.68
N ILE E 595 -53.69 -28.82 25.43
CA ILE E 595 -53.75 -27.89 24.31
C ILE E 595 -53.58 -28.62 22.99
N THR E 596 -52.52 -29.43 22.90
CA THR E 596 -52.27 -30.19 21.69
C THR E 596 -53.45 -31.08 21.34
N GLN E 597 -54.16 -31.59 22.34
CA GLN E 597 -55.27 -32.48 22.05
C GLN E 597 -56.42 -31.72 21.39
N ARG E 598 -56.67 -30.48 21.82
CA ARG E 598 -57.77 -29.76 21.19
C ARG E 598 -57.39 -29.17 19.85
N LYS E 599 -56.15 -28.70 19.70
CA LYS E 599 -55.74 -28.23 18.38
C LYS E 599 -55.60 -29.36 17.39
N TYR E 600 -55.37 -30.58 17.88
CA TYR E 600 -55.31 -31.74 17.01
C TYR E 600 -56.71 -32.22 16.65
N ASN E 601 -57.59 -32.34 17.64
CA ASN E 601 -58.95 -32.78 17.37
C ASN E 601 -59.75 -31.79 16.57
N TYR E 602 -59.39 -30.51 16.59
CA TYR E 602 -60.07 -29.56 15.72
C TYR E 602 -59.81 -29.89 14.26
N ILE E 603 -58.54 -30.01 13.88
CA ILE E 603 -58.23 -30.37 12.51
C ILE E 603 -58.79 -31.74 12.16
N ARG E 604 -58.59 -32.73 13.04
CA ARG E 604 -59.17 -34.04 12.74
C ARG E 604 -60.66 -33.95 12.49
N ALA E 605 -61.38 -33.11 13.25
CA ALA E 605 -62.79 -32.93 12.96
C ALA E 605 -63.02 -32.34 11.57
N GLU E 606 -62.26 -31.31 11.21
CA GLU E 606 -62.36 -30.76 9.87
C GLU E 606 -62.16 -31.84 8.80
N GLN E 607 -61.16 -32.69 8.98
CA GLN E 607 -60.84 -33.68 7.96
C GLN E 607 -61.89 -34.78 7.89
N LEU E 608 -62.41 -35.21 9.04
CA LEU E 608 -63.52 -36.14 9.01
C LEU E 608 -64.71 -35.56 8.26
N PHE E 609 -65.00 -34.28 8.48
CA PHE E 609 -66.05 -33.65 7.69
C PHE E 609 -65.71 -33.62 6.21
N ARG E 610 -64.44 -33.43 5.86
CA ARG E 610 -64.02 -33.55 4.48
C ARG E 610 -64.24 -34.95 3.94
N ALA E 611 -64.17 -35.95 4.80
CA ALA E 611 -64.36 -37.32 4.35
C ALA E 611 -65.83 -37.71 4.26
N GLU E 612 -66.72 -36.97 4.95
CA GLU E 612 -68.14 -37.29 4.83
C GLU E 612 -68.71 -36.81 3.51
N LYS E 613 -68.44 -35.57 3.14
CA LYS E 613 -68.66 -35.12 1.76
C LYS E 613 -67.28 -35.13 1.11
N GLY E 614 -67.05 -36.14 0.29
CA GLY E 614 -65.72 -36.48 -0.14
C GLY E 614 -65.40 -35.94 -1.52
N LEU E 615 -64.31 -36.46 -2.09
CA LEU E 615 -64.00 -36.16 -3.48
C LEU E 615 -65.11 -36.77 -4.34
N ARG E 616 -65.71 -35.94 -5.20
CA ARG E 616 -66.84 -36.43 -5.97
C ARG E 616 -66.40 -37.47 -7.00
N LEU E 617 -65.24 -37.28 -7.61
CA LEU E 617 -64.80 -38.18 -8.65
C LEU E 617 -63.95 -39.34 -8.14
N LEU E 618 -63.50 -39.29 -6.90
CA LEU E 618 -62.61 -40.31 -6.36
C LEU E 618 -63.21 -40.93 -5.11
N ASP E 619 -62.65 -42.06 -4.71
CA ASP E 619 -63.14 -42.75 -3.53
C ASP E 619 -62.84 -41.94 -2.28
N ASP E 620 -63.80 -41.93 -1.35
CA ASP E 620 -63.69 -41.11 -0.15
C ASP E 620 -62.61 -41.59 0.80
N ALA E 621 -62.02 -42.76 0.57
CA ALA E 621 -60.92 -43.22 1.41
C ALA E 621 -59.58 -42.64 0.99
N SER E 622 -59.55 -41.86 -0.09
CA SER E 622 -58.31 -41.27 -0.57
C SER E 622 -58.00 -39.92 0.05
N VAL E 623 -58.95 -39.32 0.77
CA VAL E 623 -58.69 -38.02 1.40
C VAL E 623 -57.88 -38.24 2.66
N PRO E 624 -56.77 -37.51 2.85
CA PRO E 624 -55.95 -37.72 4.04
C PRO E 624 -56.69 -37.24 5.28
N VAL E 625 -56.66 -38.05 6.32
CA VAL E 625 -57.31 -37.73 7.58
C VAL E 625 -56.39 -38.16 8.71
N LEU E 626 -56.25 -37.31 9.71
CA LEU E 626 -55.36 -37.61 10.81
C LEU E 626 -55.88 -38.84 11.55
N PRO E 627 -54.99 -39.71 12.03
CA PRO E 627 -55.41 -40.80 12.90
C PRO E 627 -55.92 -40.26 14.22
N LYS E 628 -56.72 -41.07 14.89
CA LYS E 628 -57.22 -40.68 16.20
C LYS E 628 -56.05 -40.44 17.13
N PHE E 629 -56.21 -39.47 18.04
CA PHE E 629 -55.07 -38.90 18.74
C PHE E 629 -54.30 -39.97 19.50
N GLY E 630 -53.02 -40.11 19.17
CA GLY E 630 -52.14 -41.06 19.84
C GLY E 630 -52.00 -42.42 19.18
N ASP E 631 -52.66 -42.66 18.05
CA ASP E 631 -52.70 -43.99 17.47
C ASP E 631 -51.68 -44.22 16.35
N ASP E 632 -50.85 -43.22 16.04
CA ASP E 632 -49.87 -43.31 14.97
C ASP E 632 -50.50 -43.76 13.64
N ARG E 633 -49.82 -44.61 12.89
CA ARG E 633 -50.17 -44.87 11.51
C ARG E 633 -51.16 -46.02 11.32
N ARG E 634 -52.17 -45.78 10.49
CA ARG E 634 -53.04 -46.80 9.92
C ARG E 634 -53.09 -47.17 8.47
N HIS E 635 -53.17 -48.47 8.16
CA HIS E 635 -53.13 -48.91 6.77
C HIS E 635 -54.47 -48.43 6.23
N SER E 636 -54.52 -48.27 4.91
CA SER E 636 -55.76 -47.97 4.23
C SER E 636 -56.80 -49.06 4.51
N PRO E 637 -58.07 -48.77 4.33
CA PRO E 637 -59.08 -49.79 4.62
C PRO E 637 -58.92 -51.02 3.72
N GLU E 638 -58.72 -50.80 2.42
CA GLU E 638 -58.52 -51.90 1.48
C GLU E 638 -57.23 -52.68 1.73
N ILE E 639 -56.15 -51.93 1.99
CA ILE E 639 -54.86 -52.55 2.28
C ILE E 639 -54.94 -53.34 3.58
N GLN E 640 -55.64 -52.78 4.55
CA GLN E 640 -55.82 -53.44 5.83
C GLN E 640 -56.59 -54.74 5.62
N ALA E 641 -57.60 -54.68 4.76
CA ALA E 641 -58.39 -55.87 4.45
C ALA E 641 -57.52 -56.93 3.80
N PHE E 642 -56.64 -56.49 2.89
CA PHE E 642 -55.73 -57.41 2.23
C PHE E 642 -54.77 -58.07 3.22
N ILE E 643 -54.29 -57.29 4.17
CA ILE E 643 -53.26 -57.79 5.10
C ILE E 643 -53.76 -58.96 5.94
N GLU E 644 -55.01 -58.87 6.38
CA GLU E 644 -55.62 -59.88 7.22
C GLU E 644 -55.76 -61.20 6.49
N GLN E 645 -55.98 -61.17 5.17
CA GLN E 645 -56.09 -62.40 4.40
C GLN E 645 -54.77 -63.16 4.40
N MET E 646 -53.69 -62.50 4.03
CA MET E 646 -52.37 -63.12 4.01
C MET E 646 -51.92 -63.52 5.41
N GLY F 97 20.22 -57.09 99.31
CA GLY F 97 21.36 -57.27 100.19
C GLY F 97 22.47 -56.24 99.99
N ASP F 98 23.67 -56.61 100.42
CA ASP F 98 24.84 -55.74 100.36
C ASP F 98 25.74 -55.95 99.13
N GLU F 99 25.34 -56.78 98.18
CA GLU F 99 26.25 -57.14 97.08
C GLU F 99 26.60 -55.90 96.24
N VAL F 100 27.75 -55.95 95.58
CA VAL F 100 28.18 -54.91 94.64
C VAL F 100 27.95 -55.40 93.21
N ILE F 101 26.96 -54.80 92.53
CA ILE F 101 26.67 -55.06 91.12
C ILE F 101 26.48 -53.72 90.42
N THR F 102 26.64 -53.73 89.09
CA THR F 102 26.45 -52.55 88.25
C THR F 102 25.07 -52.60 87.58
N GLN F 103 24.38 -51.45 87.54
CA GLN F 103 23.08 -51.39 86.87
C GLN F 103 23.08 -50.35 85.77
N VAL F 104 22.57 -50.76 84.62
CA VAL F 104 22.55 -49.96 83.40
C VAL F 104 21.09 -49.63 83.08
N VAL F 105 20.71 -48.37 83.24
CA VAL F 105 19.32 -47.94 83.05
C VAL F 105 19.34 -46.62 82.28
N ALA F 106 18.22 -46.29 81.62
CA ALA F 106 18.18 -45.14 80.73
C ALA F 106 17.43 -43.95 81.33
N VAL F 107 17.86 -42.75 80.94
CA VAL F 107 17.03 -41.56 80.99
C VAL F 107 17.12 -40.93 79.61
N LYS F 108 16.04 -40.99 78.85
CA LYS F 108 16.08 -40.48 77.49
C LYS F 108 15.88 -38.97 77.45
N ASN F 109 15.17 -38.44 78.44
CA ASN F 109 14.53 -37.14 78.29
C ASN F 109 15.57 -36.03 78.16
N VAL F 110 16.57 -35.98 79.04
CA VAL F 110 17.66 -35.03 78.93
C VAL F 110 18.93 -35.71 79.45
N SER F 111 20.08 -35.21 79.00
CA SER F 111 21.37 -35.81 79.34
C SER F 111 21.54 -35.94 80.85
N VAL F 112 22.04 -37.11 81.28
CA VAL F 112 22.07 -37.48 82.69
C VAL F 112 23.26 -36.90 83.44
N ARG F 113 24.20 -36.24 82.74
CA ARG F 113 25.22 -35.49 83.44
C ARG F 113 24.62 -34.51 84.43
N GLU F 114 23.39 -34.06 84.13
CA GLU F 114 22.62 -33.18 85.00
C GLU F 114 22.46 -33.72 86.41
N LEU F 115 22.55 -35.03 86.59
CA LEU F 115 22.42 -35.66 87.90
C LEU F 115 23.74 -35.98 88.59
N SER F 116 24.88 -35.64 87.98
CA SER F 116 26.16 -36.04 88.59
C SER F 116 26.33 -35.57 90.03
N PRO F 117 26.00 -34.32 90.42
CA PRO F 117 26.29 -33.90 91.80
C PRO F 117 25.47 -34.62 92.85
N LEU F 118 24.17 -34.80 92.58
CA LEU F 118 23.25 -35.33 93.57
C LEU F 118 23.39 -36.85 93.64
N LEU F 119 23.70 -37.48 92.51
CA LEU F 119 24.01 -38.92 92.49
C LEU F 119 25.30 -39.21 93.24
N ARG F 120 26.35 -38.42 93.02
CA ARG F 120 27.53 -38.53 93.89
C ARG F 120 27.21 -38.14 95.32
N GLN F 121 26.05 -37.53 95.56
CA GLN F 121 25.57 -37.37 96.93
C GLN F 121 25.22 -38.72 97.54
N LEU F 122 24.56 -39.60 96.78
CA LEU F 122 24.38 -40.98 97.21
C LEU F 122 25.65 -41.82 97.07
N ILE F 123 26.63 -41.36 96.30
CA ILE F 123 27.95 -41.99 96.36
C ILE F 123 28.69 -41.50 97.60
N ASP F 124 28.38 -40.28 98.05
CA ASP F 124 28.83 -39.78 99.34
C ASP F 124 27.95 -40.23 100.52
N ASN F 125 26.61 -40.23 100.37
CA ASN F 125 25.70 -40.55 101.49
C ASN F 125 26.07 -41.85 102.19
N ALA F 126 26.62 -42.80 101.46
CA ALA F 126 27.08 -44.07 102.00
C ALA F 126 28.45 -44.39 101.42
N GLY F 127 28.92 -45.61 101.66
CA GLY F 127 30.25 -46.04 101.24
C GLY F 127 30.52 -46.05 99.74
N ALA F 128 31.79 -45.92 99.38
CA ALA F 128 32.20 -45.84 97.98
C ALA F 128 32.67 -47.23 97.51
N GLY F 129 33.28 -47.28 96.35
CA GLY F 129 33.28 -48.44 95.49
C GLY F 129 32.36 -48.24 94.31
N ASN F 130 31.44 -47.27 94.39
CA ASN F 130 30.49 -46.95 93.35
C ASN F 130 31.20 -46.32 92.16
N VAL F 131 30.51 -46.40 91.02
CA VAL F 131 30.69 -45.46 89.91
C VAL F 131 29.29 -45.11 89.44
N VAL F 132 29.09 -43.89 88.97
CA VAL F 132 27.95 -43.62 88.12
C VAL F 132 28.49 -42.83 86.93
N HIS F 133 28.43 -43.45 85.75
CA HIS F 133 29.06 -42.91 84.55
C HIS F 133 27.97 -42.70 83.51
N TYR F 134 28.01 -41.54 82.88
CA TYR F 134 26.93 -41.05 82.03
C TYR F 134 27.41 -41.06 80.60
N ASP F 135 26.93 -41.99 79.83
CA ASP F 135 27.43 -42.12 78.48
C ASP F 135 26.73 -41.14 77.57
N PRO F 136 27.50 -40.34 76.82
CA PRO F 136 26.89 -39.37 75.91
C PRO F 136 26.00 -39.99 74.84
N ALA F 137 26.07 -41.31 74.66
CA ALA F 137 25.11 -42.04 73.85
C ALA F 137 23.75 -42.10 74.54
N ASN F 138 23.69 -41.55 75.76
CA ASN F 138 22.51 -41.51 76.62
C ASN F 138 22.02 -42.89 77.04
N ILE F 139 22.81 -43.54 77.89
CA ILE F 139 22.34 -44.58 78.81
C ILE F 139 22.95 -44.23 80.15
N ILE F 140 22.86 -45.12 81.14
CA ILE F 140 23.23 -44.80 82.52
C ILE F 140 23.93 -46.00 83.15
N LEU F 141 25.08 -45.73 83.80
CA LEU F 141 25.85 -46.73 84.52
C LEU F 141 25.92 -46.42 86.02
N ILE F 142 25.59 -47.41 86.84
CA ILE F 142 25.93 -47.42 88.26
C ILE F 142 26.75 -48.68 88.50
N THR F 143 27.59 -48.64 89.53
CA THR F 143 28.26 -49.81 90.07
C THR F 143 28.36 -49.62 91.58
N GLY F 144 28.02 -50.65 92.33
CA GLY F 144 28.13 -50.54 93.78
C GLY F 144 27.08 -51.39 94.47
N ARG F 145 26.86 -51.07 95.75
CA ARG F 145 25.94 -51.87 96.53
C ARG F 145 24.52 -51.74 96.00
N ALA F 146 23.87 -52.90 95.86
CA ALA F 146 22.57 -52.97 95.20
C ALA F 146 21.55 -52.05 95.86
N ALA F 147 21.71 -51.76 97.15
CA ALA F 147 20.81 -50.82 97.82
C ALA F 147 21.06 -49.40 97.35
N VAL F 148 22.32 -48.94 97.42
CA VAL F 148 22.62 -47.56 97.04
C VAL F 148 22.59 -47.41 95.53
N VAL F 149 22.94 -48.48 94.81
CA VAL F 149 22.74 -48.53 93.37
C VAL F 149 21.25 -48.48 93.04
N ASN F 150 20.41 -48.96 93.96
CA ASN F 150 18.97 -48.83 93.74
C ASN F 150 18.53 -47.38 93.93
N ARG F 151 18.68 -46.82 95.13
CA ARG F 151 18.32 -45.42 95.32
C ARG F 151 18.89 -44.50 94.24
N LEU F 152 20.13 -44.75 93.81
CA LEU F 152 20.69 -44.05 92.66
C LEU F 152 19.87 -44.29 91.40
N ALA F 153 19.51 -45.54 91.12
CA ALA F 153 18.71 -45.83 89.93
C ALA F 153 17.30 -45.27 90.07
N GLU F 154 16.90 -44.91 91.29
CA GLU F 154 15.58 -44.37 91.58
C GLU F 154 15.55 -42.87 91.34
N ILE F 155 16.60 -42.17 91.75
CA ILE F 155 16.79 -40.79 91.33
C ILE F 155 16.91 -40.74 89.82
N ILE F 156 17.83 -41.53 89.28
CA ILE F 156 18.04 -41.65 87.84
C ILE F 156 16.71 -41.86 87.12
N ARG F 157 16.04 -42.98 87.39
CA ARG F 157 14.73 -43.22 86.77
C ARG F 157 13.72 -42.15 87.18
N ARG F 158 14.06 -41.34 88.18
CA ARG F 158 13.18 -40.26 88.60
C ARG F 158 13.40 -39.06 87.68
N VAL F 159 14.51 -39.05 86.94
CA VAL F 159 14.63 -38.15 85.80
C VAL F 159 14.31 -38.85 84.47
N ASP F 160 14.30 -40.18 84.44
CA ASP F 160 13.74 -40.91 83.29
C ASP F 160 12.25 -40.67 83.14
N GLN F 161 11.50 -41.23 84.07
CA GLN F 161 10.04 -41.26 84.05
C GLN F 161 9.44 -39.88 84.15
N ALA F 162 10.18 -38.90 84.67
CA ALA F 162 9.67 -37.59 85.00
C ALA F 162 9.03 -36.84 83.84
N GLY F 163 9.82 -36.44 82.85
CA GLY F 163 9.46 -35.40 81.92
C GLY F 163 8.92 -35.83 80.58
N ASP F 164 8.29 -37.00 80.50
CA ASP F 164 8.19 -37.79 79.27
C ASP F 164 7.80 -36.92 78.07
N LYS F 165 8.46 -37.15 76.94
CA LYS F 165 8.22 -36.39 75.73
C LYS F 165 8.36 -37.32 74.55
N GLU F 166 7.34 -37.39 73.69
CA GLU F 166 7.42 -38.07 72.41
C GLU F 166 6.41 -37.49 71.43
N ILE F 167 6.20 -38.23 70.35
CA ILE F 167 5.43 -37.82 69.18
C ILE F 167 4.05 -38.46 69.18
N GLU F 168 3.06 -37.68 68.73
CA GLU F 168 1.72 -38.18 68.46
C GLU F 168 1.40 -38.03 66.99
N VAL F 169 0.45 -38.83 66.52
CA VAL F 169 -0.14 -38.70 65.20
C VAL F 169 -1.65 -38.85 65.33
N VAL F 170 -2.39 -37.79 65.05
CA VAL F 170 -3.83 -37.81 65.22
C VAL F 170 -4.47 -37.08 64.04
N GLU F 171 -5.48 -37.73 63.46
CA GLU F 171 -6.16 -37.21 62.29
C GLU F 171 -6.83 -35.87 62.56
N LEU F 172 -6.63 -34.95 61.63
CA LEU F 172 -7.41 -33.72 61.56
C LEU F 172 -8.28 -33.86 60.34
N ASN F 173 -9.57 -34.08 60.52
CA ASN F 173 -10.42 -34.36 59.38
C ASN F 173 -10.82 -33.07 58.69
N ASN F 174 -10.87 -31.98 59.45
CA ASN F 174 -11.61 -30.84 58.98
C ASN F 174 -10.69 -29.63 58.84
N ALA F 175 -10.35 -29.03 59.99
CA ALA F 175 -9.49 -27.86 59.99
C ALA F 175 -8.16 -28.23 59.37
N SER F 176 -7.78 -27.47 58.34
CA SER F 176 -6.55 -27.76 57.63
C SER F 176 -5.40 -27.87 58.61
N ALA F 177 -4.65 -28.97 58.52
CA ALA F 177 -3.50 -29.13 59.39
C ALA F 177 -2.64 -27.88 59.36
N ALA F 178 -2.12 -27.52 58.19
CA ALA F 178 -1.29 -26.32 58.09
C ALA F 178 -1.94 -25.14 58.79
N GLU F 179 -3.27 -25.06 58.76
CA GLU F 179 -3.93 -24.07 59.60
C GLU F 179 -3.75 -24.40 61.07
N MET F 180 -4.05 -25.65 61.49
CA MET F 180 -3.79 -26.01 62.88
C MET F 180 -2.40 -25.60 63.31
N VAL F 181 -1.42 -25.90 62.48
CA VAL F 181 -0.05 -25.47 62.61
C VAL F 181 -0.08 -23.98 62.91
N ARG F 182 -0.46 -23.17 61.93
CA ARG F 182 -0.36 -21.73 62.09
C ARG F 182 -0.98 -21.26 63.39
N ILE F 183 -2.15 -21.80 63.71
CA ILE F 183 -2.98 -21.23 64.76
C ILE F 183 -2.46 -21.69 66.13
N VAL F 184 -1.67 -22.76 66.13
CA VAL F 184 -0.87 -23.09 67.30
C VAL F 184 0.45 -22.34 67.29
N GLU F 185 0.91 -21.89 66.12
CA GLU F 185 2.25 -21.34 66.01
C GLU F 185 2.36 -20.14 66.93
N ALA F 186 1.30 -19.33 66.94
CA ALA F 186 1.18 -18.21 67.85
C ALA F 186 1.42 -18.60 69.29
N LEU F 187 1.17 -19.86 69.64
CA LEU F 187 1.39 -20.33 70.99
C LEU F 187 2.89 -20.49 71.19
N ASN F 188 3.37 -20.19 72.38
CA ASN F 188 4.79 -20.26 72.65
C ASN F 188 5.09 -21.05 73.91
N LYS F 203 6.97 -29.93 71.06
CA LYS F 203 6.65 -29.04 69.96
C LYS F 203 5.61 -29.69 69.04
N PHE F 204 5.49 -29.23 67.79
CA PHE F 204 4.29 -29.48 67.00
C PHE F 204 4.68 -29.95 65.62
N VAL F 205 3.90 -30.87 65.04
CA VAL F 205 3.96 -31.16 63.61
C VAL F 205 2.53 -31.40 63.14
N ALA F 206 2.37 -31.58 61.84
CA ALA F 206 1.17 -32.11 61.20
C ALA F 206 1.52 -32.55 59.79
N ASP F 207 0.63 -33.32 59.16
CA ASP F 207 0.80 -33.63 57.75
C ASP F 207 -0.50 -33.34 57.03
N GLU F 208 -0.41 -32.64 55.90
CA GLU F 208 -1.63 -32.49 55.11
C GLU F 208 -1.70 -33.49 53.97
N ARG F 209 -0.78 -34.43 53.88
CA ARG F 209 -1.16 -35.68 53.22
C ARG F 209 -2.29 -36.32 54.00
N THR F 210 -2.03 -36.59 55.26
CA THR F 210 -3.01 -37.14 56.20
C THR F 210 -3.91 -36.08 56.78
N ASN F 211 -3.44 -34.84 56.86
CA ASN F 211 -4.09 -33.81 57.67
C ASN F 211 -4.24 -34.30 59.11
N SER F 212 -3.10 -34.38 59.79
CA SER F 212 -3.00 -34.93 61.13
C SER F 212 -1.98 -34.17 61.96
N ILE F 213 -2.37 -33.75 63.15
CA ILE F 213 -1.43 -33.19 64.11
C ILE F 213 -0.50 -34.28 64.60
N LEU F 214 0.78 -34.00 64.55
CA LEU F 214 1.79 -34.84 65.17
C LEU F 214 2.27 -34.02 66.35
N ILE F 215 2.77 -34.66 67.39
CA ILE F 215 3.21 -33.86 68.52
C ILE F 215 4.60 -34.32 68.91
N SER F 216 5.40 -33.42 69.45
CA SER F 216 6.64 -33.80 70.10
C SER F 216 6.68 -33.17 71.49
N GLY F 217 6.54 -34.01 72.50
CA GLY F 217 6.53 -33.50 73.86
C GLY F 217 5.66 -34.32 74.78
N ASP F 218 5.27 -33.68 75.87
CA ASP F 218 4.84 -34.29 77.12
C ASP F 218 3.59 -35.15 76.95
N PRO F 219 3.38 -36.15 77.81
CA PRO F 219 2.02 -36.63 78.04
C PRO F 219 1.15 -35.61 78.75
N LYS F 220 1.73 -34.54 79.31
CA LYS F 220 0.93 -33.35 79.53
C LYS F 220 0.67 -32.62 78.22
N VAL F 221 1.67 -32.55 77.35
CA VAL F 221 1.42 -32.08 75.99
C VAL F 221 0.47 -33.04 75.27
N ARG F 222 0.43 -34.31 75.70
CA ARG F 222 -0.53 -35.24 75.13
C ARG F 222 -1.93 -34.98 75.67
N GLU F 223 -2.04 -34.67 76.96
CA GLU F 223 -3.35 -34.29 77.47
C GLU F 223 -3.84 -33.01 76.84
N ARG F 224 -3.12 -31.91 77.02
CA ARG F 224 -3.62 -30.63 76.55
C ARG F 224 -3.65 -30.58 75.03
N LEU F 225 -2.74 -31.28 74.36
CA LEU F 225 -2.75 -31.21 72.91
C LEU F 225 -3.54 -32.32 72.26
N LYS F 226 -4.07 -33.27 73.02
CA LYS F 226 -5.29 -33.91 72.53
C LYS F 226 -6.49 -33.02 72.79
N ARG F 227 -6.45 -32.21 73.84
CA ARG F 227 -7.47 -31.19 74.00
C ARG F 227 -7.50 -30.27 72.79
N LEU F 228 -6.35 -29.87 72.25
CA LEU F 228 -6.35 -28.97 71.09
C LEU F 228 -6.37 -29.73 69.78
N ILE F 229 -6.09 -31.04 69.83
CA ILE F 229 -6.52 -31.91 68.75
C ILE F 229 -8.01 -31.75 68.55
N LYS F 230 -8.74 -31.76 69.66
CA LYS F 230 -10.19 -31.70 69.59
C LYS F 230 -10.69 -30.27 69.41
N GLN F 231 -9.98 -29.30 69.98
CA GLN F 231 -10.53 -27.94 70.05
C GLN F 231 -10.78 -27.36 68.68
N LEU F 232 -9.78 -27.28 67.82
CA LEU F 232 -10.05 -26.78 66.49
C LEU F 232 -9.98 -28.00 65.61
N ASP F 233 -11.08 -28.75 65.60
CA ASP F 233 -11.44 -29.69 64.57
C ASP F 233 -12.67 -29.25 63.81
N VAL F 234 -13.40 -28.30 64.39
CA VAL F 234 -14.73 -27.92 63.92
C VAL F 234 -14.73 -27.29 62.52
N GLU F 235 -15.78 -27.57 61.77
CA GLU F 235 -15.92 -27.08 60.41
C GLU F 235 -17.08 -26.11 60.34
N MET F 236 -16.82 -24.94 59.79
CA MET F 236 -17.84 -23.90 59.72
C MET F 236 -19.00 -24.34 58.84
N ALA F 237 -20.20 -23.97 59.27
CA ALA F 237 -21.41 -24.27 58.50
C ALA F 237 -21.40 -23.45 57.22
N ALA F 238 -22.03 -23.97 56.17
CA ALA F 238 -22.02 -23.28 54.89
C ALA F 238 -22.67 -21.92 55.05
N LYS F 239 -22.07 -20.91 54.42
CA LYS F 239 -22.52 -19.54 54.57
C LYS F 239 -23.39 -19.03 53.42
N GLY F 240 -23.66 -19.90 52.45
CA GLY F 240 -24.37 -19.48 51.25
C GLY F 240 -23.57 -18.37 50.59
N ASN F 241 -22.25 -18.53 50.65
CA ASN F 241 -21.30 -17.58 50.09
C ASN F 241 -21.73 -17.07 48.73
N ASN F 242 -22.27 -17.97 47.90
CA ASN F 242 -22.81 -17.55 46.62
C ASN F 242 -24.27 -17.93 46.51
N ARG F 243 -25.02 -17.17 45.71
CA ARG F 243 -26.44 -17.38 45.59
C ARG F 243 -26.88 -17.13 44.16
N VAL F 244 -27.73 -18.01 43.65
CA VAL F 244 -28.33 -17.88 42.33
C VAL F 244 -29.69 -17.25 42.51
N VAL F 245 -29.90 -16.08 41.91
CA VAL F 245 -31.15 -15.34 42.08
C VAL F 245 -31.90 -15.37 40.76
N TYR F 246 -33.19 -15.67 40.84
CA TYR F 246 -34.07 -15.76 39.67
C TYR F 246 -34.72 -14.40 39.47
N LEU F 247 -34.37 -13.72 38.40
CA LEU F 247 -34.96 -12.43 38.12
C LEU F 247 -36.39 -12.61 37.63
N LYS F 248 -37.31 -11.89 38.27
CA LYS F 248 -38.70 -11.97 37.85
C LYS F 248 -38.94 -11.17 36.58
N TYR F 249 -38.45 -9.94 36.54
CA TYR F 249 -38.74 -9.03 35.44
C TYR F 249 -37.50 -8.63 34.67
N ALA F 250 -36.54 -7.99 35.31
CA ALA F 250 -35.38 -7.47 34.59
C ALA F 250 -34.60 -8.60 33.93
N LYS F 251 -33.88 -8.25 32.86
CA LYS F 251 -33.03 -9.21 32.18
C LYS F 251 -31.67 -9.31 32.86
N ALA F 252 -31.14 -10.52 32.91
CA ALA F 252 -29.87 -10.76 33.56
C ALA F 252 -28.74 -9.98 32.89
N GLU F 253 -28.76 -9.90 31.56
CA GLU F 253 -27.70 -9.23 30.85
C GLU F 253 -27.63 -7.74 31.23
N ASP F 254 -28.78 -7.09 31.31
CA ASP F 254 -28.82 -5.69 31.74
C ASP F 254 -28.37 -5.52 33.19
N LEU F 255 -28.80 -6.45 34.04
CA LEU F 255 -28.60 -6.39 35.48
C LEU F 255 -27.16 -6.67 35.83
N VAL F 256 -26.54 -7.64 35.16
CA VAL F 256 -25.15 -7.94 35.47
C VAL F 256 -24.28 -6.74 35.14
N GLU F 257 -24.57 -6.10 34.01
CA GLU F 257 -23.77 -4.93 33.67
C GLU F 257 -23.90 -3.87 34.75
N VAL F 258 -25.14 -3.62 35.19
CA VAL F 258 -25.36 -2.59 36.20
C VAL F 258 -24.67 -2.93 37.51
N LEU F 259 -24.68 -4.21 37.87
CA LEU F 259 -24.26 -4.65 39.19
C LEU F 259 -22.74 -4.77 39.28
N LYS F 260 -22.05 -4.66 38.17
CA LYS F 260 -20.59 -4.75 38.19
C LYS F 260 -20.01 -3.68 39.13
N GLY F 261 -20.45 -2.46 38.93
CA GLY F 261 -20.02 -1.35 39.78
C GLY F 261 -20.36 -1.45 41.25
N VAL F 262 -21.56 -1.94 41.55
CA VAL F 262 -21.97 -2.13 42.94
C VAL F 262 -21.07 -3.15 43.61
N SER F 263 -20.74 -4.19 42.86
CA SER F 263 -19.85 -5.23 43.38
C SER F 263 -18.50 -4.63 43.72
N GLU F 264 -18.01 -3.76 42.84
CA GLU F 264 -16.73 -3.10 43.07
C GLU F 264 -16.92 -1.72 43.70
N VAL F 283 -15.77 -11.00 44.50
CA VAL F 283 -17.08 -10.73 43.91
C VAL F 283 -17.08 -11.02 42.42
N MET F 284 -18.02 -11.84 41.98
CA MET F 284 -18.22 -12.09 40.56
C MET F 284 -19.71 -12.25 40.30
N ILE F 285 -20.17 -11.62 39.22
CA ILE F 285 -21.58 -11.59 38.85
C ILE F 285 -21.67 -12.18 37.46
N ALA F 286 -22.40 -13.27 37.32
CA ALA F 286 -22.50 -13.93 36.02
C ALA F 286 -23.95 -14.13 35.64
N ALA F 287 -24.31 -13.77 34.41
CA ALA F 287 -25.69 -13.82 33.96
C ALA F 287 -25.92 -15.13 33.23
N HIS F 288 -26.85 -15.93 33.73
CA HIS F 288 -27.30 -17.13 33.02
C HIS F 288 -28.54 -16.75 32.23
N ALA F 289 -28.41 -16.77 30.91
CA ALA F 289 -29.43 -16.21 30.04
C ALA F 289 -30.66 -17.09 29.97
N ASP F 290 -30.47 -18.38 29.69
CA ASP F 290 -31.60 -19.25 29.38
C ASP F 290 -32.57 -19.35 30.55
N THR F 291 -32.07 -19.41 31.76
CA THR F 291 -32.95 -19.37 32.92
C THR F 291 -33.30 -17.95 33.32
N ASN F 292 -32.64 -16.96 32.72
CA ASN F 292 -32.79 -15.56 33.12
C ASN F 292 -32.57 -15.41 34.61
N SER F 293 -31.45 -15.96 35.08
CA SER F 293 -31.13 -15.91 36.50
C SER F 293 -29.66 -15.56 36.59
N LEU F 294 -29.31 -14.73 37.55
CA LEU F 294 -27.93 -14.32 37.67
C LEU F 294 -27.32 -14.88 38.94
N VAL F 295 -26.07 -15.31 38.82
CA VAL F 295 -25.32 -15.98 39.85
C VAL F 295 -24.41 -14.95 40.51
N LEU F 296 -24.62 -14.75 41.80
CA LEU F 296 -23.83 -13.83 42.59
C LEU F 296 -22.85 -14.63 43.42
N THR F 297 -21.60 -14.19 43.46
CA THR F 297 -20.65 -14.75 44.42
C THR F 297 -19.90 -13.60 45.09
N ALA F 298 -20.00 -13.54 46.41
CA ALA F 298 -19.46 -12.44 47.18
C ALA F 298 -19.42 -12.82 48.65
N PRO F 299 -18.86 -11.98 49.53
CA PRO F 299 -19.03 -12.23 50.97
C PRO F 299 -20.46 -11.95 51.42
N GLN F 300 -20.70 -12.01 52.74
CA GLN F 300 -22.08 -11.92 53.22
C GLN F 300 -22.65 -10.52 53.07
N ASP F 301 -21.90 -9.50 53.50
CA ASP F 301 -22.41 -8.13 53.47
C ASP F 301 -22.66 -7.65 52.05
N ILE F 302 -21.70 -7.82 51.15
CA ILE F 302 -21.90 -7.42 49.76
C ILE F 302 -23.05 -8.18 49.15
N MET F 303 -23.22 -9.45 49.52
CA MET F 303 -24.36 -10.21 49.04
C MET F 303 -25.66 -9.58 49.48
N ASN F 304 -25.78 -9.25 50.77
CA ASN F 304 -26.99 -8.60 51.24
C ASN F 304 -27.20 -7.22 50.64
N ALA F 305 -26.14 -6.56 50.18
CA ALA F 305 -26.33 -5.30 49.47
C ALA F 305 -26.87 -5.52 48.07
N MET F 306 -26.20 -6.38 47.29
CA MET F 306 -26.64 -6.60 45.92
C MET F 306 -28.01 -7.25 45.84
N LEU F 307 -28.42 -8.00 46.85
CA LEU F 307 -29.79 -8.48 46.83
C LEU F 307 -30.81 -7.38 47.08
N GLU F 308 -30.42 -6.34 47.80
CA GLU F 308 -31.31 -5.20 47.97
C GLU F 308 -31.31 -4.28 46.77
N VAL F 309 -30.22 -4.25 46.00
CA VAL F 309 -30.25 -3.55 44.72
C VAL F 309 -31.10 -4.31 43.72
N ILE F 310 -30.83 -5.60 43.53
CA ILE F 310 -31.60 -6.42 42.62
C ILE F 310 -33.08 -6.39 42.99
N GLY F 311 -33.38 -6.42 44.28
CA GLY F 311 -34.77 -6.35 44.69
C GLY F 311 -35.47 -5.11 44.19
N GLN F 312 -34.77 -3.98 44.10
CA GLN F 312 -35.37 -2.73 43.68
C GLN F 312 -35.23 -2.46 42.19
N LEU F 313 -34.39 -3.19 41.47
CA LEU F 313 -34.32 -3.07 40.02
C LEU F 313 -35.16 -4.10 39.30
N ASP F 314 -35.81 -4.99 40.05
CA ASP F 314 -36.60 -6.08 39.49
C ASP F 314 -38.08 -5.71 39.38
N ILE F 315 -38.43 -4.45 39.63
CA ILE F 315 -39.84 -4.09 39.74
C ILE F 315 -40.56 -4.25 38.41
N ARG F 316 -41.88 -4.34 38.49
CA ARG F 316 -42.73 -4.43 37.32
C ARG F 316 -42.75 -3.11 36.57
N ARG F 317 -42.88 -3.18 35.25
CA ARG F 317 -42.92 -2.01 34.39
C ARG F 317 -44.35 -1.77 33.94
N ALA F 318 -44.87 -0.58 34.21
CA ALA F 318 -46.17 -0.21 33.67
C ALA F 318 -46.07 -0.09 32.16
N GLN F 319 -47.21 -0.17 31.48
CA GLN F 319 -47.19 -0.14 30.03
C GLN F 319 -48.25 0.80 29.49
N VAL F 320 -47.83 1.64 28.55
CA VAL F 320 -48.64 2.74 28.05
C VAL F 320 -49.30 2.31 26.75
N LEU F 321 -50.53 2.75 26.55
CA LEU F 321 -51.24 2.61 25.30
C LEU F 321 -51.25 3.97 24.61
N ILE F 322 -50.48 4.10 23.55
CA ILE F 322 -50.34 5.36 22.82
C ILE F 322 -51.32 5.36 21.67
N GLU F 323 -52.31 6.23 21.73
CA GLU F 323 -53.30 6.33 20.67
C GLU F 323 -53.18 7.69 20.02
N ALA F 324 -52.61 7.73 18.82
CA ALA F 324 -52.56 8.96 18.06
C ALA F 324 -53.89 9.21 17.37
N LEU F 325 -54.13 10.46 17.02
CA LEU F 325 -55.30 10.82 16.22
C LEU F 325 -54.86 11.82 15.18
N ILE F 326 -55.08 11.51 13.91
CA ILE F 326 -54.66 12.34 12.80
C ILE F 326 -55.90 12.80 12.06
N VAL F 327 -56.06 14.10 11.92
CA VAL F 327 -57.21 14.66 11.24
C VAL F 327 -56.71 15.52 10.10
N GLU F 328 -57.12 15.18 8.87
CA GLU F 328 -56.73 15.94 7.70
C GLU F 328 -58.00 16.29 6.94
N MET F 329 -58.35 17.57 6.91
CA MET F 329 -59.56 18.03 6.25
C MET F 329 -59.15 18.98 5.14
N ALA F 330 -59.37 18.58 3.90
CA ALA F 330 -59.07 19.45 2.78
C ALA F 330 -60.36 19.91 2.17
N GLU F 331 -60.32 21.07 1.53
CA GLU F 331 -61.47 21.56 0.80
C GLU F 331 -60.95 22.40 -0.34
N GLY F 332 -61.66 22.40 -1.44
CA GLY F 332 -61.20 23.15 -2.59
C GLY F 332 -62.38 23.61 -3.40
N ASP F 333 -62.15 24.66 -4.16
CA ASP F 333 -63.19 25.21 -5.01
C ASP F 333 -62.51 26.01 -6.11
N GLY F 334 -63.21 26.19 -7.20
CA GLY F 334 -62.74 27.09 -8.23
C GLY F 334 -63.80 27.31 -9.25
N ILE F 335 -63.79 28.47 -9.89
CA ILE F 335 -64.73 28.78 -10.95
C ILE F 335 -63.95 29.42 -12.07
N ASN F 336 -63.96 28.79 -13.23
CA ASN F 336 -63.20 29.25 -14.37
C ASN F 336 -64.19 29.49 -15.49
N LEU F 337 -64.41 30.75 -15.85
CA LEU F 337 -65.35 31.04 -16.93
C LEU F 337 -64.84 32.20 -17.75
N GLY F 338 -65.01 32.09 -19.06
CA GLY F 338 -64.61 33.14 -19.96
C GLY F 338 -65.04 32.82 -21.37
N VAL F 339 -65.13 33.86 -22.18
CA VAL F 339 -65.58 33.77 -23.56
C VAL F 339 -64.40 34.09 -24.46
N GLN F 340 -64.21 33.27 -25.48
CA GLN F 340 -63.16 33.49 -26.47
C GLN F 340 -63.81 33.71 -27.82
N TRP F 341 -63.08 34.31 -28.73
CA TRP F 341 -63.62 34.64 -30.04
C TRP F 341 -62.62 34.22 -31.11
N GLY F 342 -63.13 33.98 -32.31
CA GLY F 342 -62.23 33.73 -33.40
C GLY F 342 -62.86 33.83 -34.78
N SER F 343 -62.05 34.18 -35.76
CA SER F 343 -62.42 34.15 -37.16
C SER F 343 -61.23 33.59 -37.91
N LEU F 344 -61.41 32.44 -38.55
CA LEU F 344 -60.29 31.76 -39.16
C LEU F 344 -60.12 32.13 -40.62
N GLU F 345 -61.07 32.86 -41.21
CA GLU F 345 -60.92 33.29 -42.59
C GLU F 345 -59.77 34.29 -42.72
N SER F 346 -59.78 35.35 -41.93
CA SER F 346 -58.62 36.18 -41.68
C SER F 346 -58.31 35.99 -40.20
N GLY F 347 -57.25 35.26 -39.90
CA GLY F 347 -57.16 34.72 -38.55
C GLY F 347 -57.07 35.83 -37.54
N SER F 348 -58.12 35.94 -36.73
CA SER F 348 -58.18 36.95 -35.68
C SER F 348 -58.87 36.32 -34.50
N VAL F 349 -58.19 36.27 -33.36
CA VAL F 349 -58.70 35.55 -32.21
C VAL F 349 -58.67 36.47 -31.01
N ILE F 350 -59.63 36.28 -30.13
CA ILE F 350 -59.52 36.71 -28.75
C ILE F 350 -59.37 35.43 -27.95
N GLN F 351 -58.16 35.20 -27.45
CA GLN F 351 -57.72 33.89 -27.00
C GLN F 351 -57.13 34.00 -25.61
N TYR F 352 -57.33 32.96 -24.80
CA TYR F 352 -56.96 33.00 -23.41
C TYR F 352 -56.32 31.68 -22.99
N GLY F 353 -55.38 31.77 -22.05
CA GLY F 353 -54.71 30.59 -21.55
C GLY F 353 -55.29 30.08 -20.25
N ASN F 354 -56.06 30.93 -19.56
CA ASN F 354 -56.75 30.50 -18.35
C ASN F 354 -57.68 29.33 -18.64
N THR F 355 -58.30 29.33 -19.81
CA THR F 355 -59.32 28.37 -20.16
C THR F 355 -58.71 27.01 -20.45
N GLY F 356 -59.56 25.99 -20.41
CA GLY F 356 -59.15 24.64 -20.72
C GLY F 356 -58.51 24.50 -22.09
N ALA F 357 -59.20 24.93 -23.14
CA ALA F 357 -58.67 24.88 -24.49
C ALA F 357 -58.92 26.21 -25.18
N SER F 358 -58.00 26.57 -26.05
CA SER F 358 -57.99 27.87 -26.72
C SER F 358 -58.67 27.77 -28.08
N ILE F 359 -59.36 28.86 -28.44
CA ILE F 359 -60.16 28.89 -29.65
C ILE F 359 -59.36 28.52 -30.90
N GLY F 360 -58.06 28.75 -30.89
CA GLY F 360 -57.25 28.42 -32.06
C GLY F 360 -57.25 26.95 -32.37
N ASN F 361 -56.81 26.14 -31.40
CA ASN F 361 -56.80 24.69 -31.61
C ASN F 361 -58.18 24.12 -31.86
N VAL F 362 -59.22 24.74 -31.31
CA VAL F 362 -60.57 24.22 -31.52
C VAL F 362 -61.02 24.47 -32.95
N MET F 363 -60.85 25.70 -33.45
CA MET F 363 -61.26 25.96 -34.83
C MET F 363 -60.40 25.19 -35.82
N ILE F 364 -59.09 25.14 -35.60
CA ILE F 364 -58.23 24.34 -36.48
C ILE F 364 -58.68 22.90 -36.48
N GLY F 365 -58.96 22.35 -35.30
CA GLY F 365 -59.43 20.97 -35.23
C GLY F 365 -60.72 20.75 -35.97
N LEU F 366 -61.67 21.68 -35.83
CA LEU F 366 -62.93 21.55 -36.55
C LEU F 366 -62.74 21.61 -38.05
N GLU F 367 -61.80 22.41 -38.53
CA GLU F 367 -61.56 22.45 -39.97
C GLU F 367 -60.89 21.16 -40.45
N GLU F 368 -59.94 20.65 -39.68
CA GLU F 368 -59.33 19.38 -40.04
C GLU F 368 -60.34 18.24 -40.02
N ALA F 369 -61.37 18.34 -39.19
CA ALA F 369 -62.37 17.29 -39.12
C ALA F 369 -63.34 17.30 -40.29
N LYS F 370 -63.45 18.42 -41.00
CA LYS F 370 -64.37 18.49 -42.12
C LYS F 370 -63.92 17.56 -43.25
N ASP F 371 -64.88 17.17 -44.08
CA ASP F 371 -64.58 16.30 -45.21
C ASP F 371 -64.01 17.13 -46.35
N THR F 372 -62.78 16.82 -46.75
CA THR F 372 -62.09 17.54 -47.81
C THR F 372 -62.27 16.84 -49.14
N THR F 373 -62.37 17.63 -50.20
CA THR F 373 -62.48 17.10 -51.55
C THR F 373 -61.35 17.66 -52.40
N GLN F 374 -60.78 16.82 -53.24
CA GLN F 374 -59.63 17.17 -54.07
C GLN F 374 -59.98 16.88 -55.52
N THR F 375 -60.02 17.93 -56.33
CA THR F 375 -60.52 17.84 -57.69
C THR F 375 -59.40 18.04 -58.70
N LYS F 376 -59.36 17.16 -59.70
CA LYS F 376 -58.47 17.31 -60.85
C LYS F 376 -59.34 17.30 -62.10
N ALA F 377 -59.39 18.42 -62.81
CA ALA F 377 -60.23 18.56 -63.99
C ALA F 377 -59.42 18.26 -65.25
N VAL F 378 -60.10 18.32 -66.40
CA VAL F 378 -59.45 18.15 -67.70
C VAL F 378 -59.99 19.17 -68.69
N ASN F 388 -62.52 14.03 -65.77
CA ASN F 388 -62.86 15.05 -64.78
C ASN F 388 -62.93 14.43 -63.39
N GLU F 389 -61.77 14.06 -62.86
CA GLU F 389 -61.70 13.35 -61.58
C GLU F 389 -62.01 14.29 -60.43
N THR F 390 -62.84 13.82 -59.49
CA THR F 390 -63.08 14.51 -58.23
C THR F 390 -63.08 13.48 -57.12
N THR F 391 -62.17 13.59 -56.17
CA THR F 391 -62.12 12.66 -55.05
C THR F 391 -62.62 13.34 -53.79
N THR F 392 -63.23 12.54 -52.91
CA THR F 392 -63.66 13.00 -51.61
C THR F 392 -63.01 12.14 -50.53
N THR F 393 -62.71 12.77 -49.40
CA THR F 393 -61.98 12.11 -48.32
C THR F 393 -62.44 12.73 -47.00
N LYS F 394 -62.52 11.91 -45.96
CA LYS F 394 -62.90 12.39 -44.64
C LYS F 394 -61.67 12.73 -43.84
N GLY F 395 -61.73 13.85 -43.11
CA GLY F 395 -60.59 14.30 -42.36
C GLY F 395 -60.50 13.68 -40.98
N ASP F 396 -59.29 13.71 -40.44
CA ASP F 396 -59.03 13.12 -39.13
C ASP F 396 -59.52 14.02 -38.02
N TYR F 397 -59.86 13.41 -36.89
CA TYR F 397 -60.26 14.14 -35.69
C TYR F 397 -59.12 14.32 -34.70
N THR F 398 -57.91 13.84 -35.03
CA THR F 398 -56.85 13.78 -34.04
C THR F 398 -56.47 15.15 -33.51
N LYS F 399 -56.56 16.21 -34.31
CA LYS F 399 -56.30 17.54 -33.77
C LYS F 399 -57.44 18.01 -32.90
N LEU F 400 -58.68 17.81 -33.35
CA LEU F 400 -59.82 18.15 -32.51
C LEU F 400 -59.84 17.32 -31.24
N ALA F 401 -59.54 16.02 -31.35
CA ALA F 401 -59.45 15.18 -30.17
C ALA F 401 -58.36 15.67 -29.24
N SER F 402 -57.24 16.14 -29.79
CA SER F 402 -56.19 16.68 -28.95
C SER F 402 -56.61 17.99 -28.28
N ALA F 403 -57.49 18.74 -28.92
CA ALA F 403 -57.93 20.01 -28.34
C ALA F 403 -58.98 19.79 -27.24
N LEU F 404 -59.87 18.82 -27.43
CA LEU F 404 -60.95 18.61 -26.48
C LEU F 404 -60.52 17.79 -25.26
N SER F 405 -59.41 17.06 -25.35
CA SER F 405 -59.04 16.14 -24.28
C SER F 405 -58.81 16.88 -22.96
N SER F 406 -58.41 18.14 -23.03
CA SER F 406 -58.09 18.91 -21.82
C SER F 406 -59.28 19.67 -21.25
N ILE F 407 -60.43 19.65 -21.92
CA ILE F 407 -61.58 20.39 -21.42
C ILE F 407 -62.12 19.71 -20.18
N GLN F 408 -62.16 20.45 -19.08
CA GLN F 408 -62.94 20.10 -17.90
C GLN F 408 -63.97 21.21 -17.77
N GLY F 409 -65.20 20.96 -18.16
CA GLY F 409 -66.17 22.01 -18.01
C GLY F 409 -67.11 22.06 -19.17
N ALA F 410 -67.80 23.19 -19.30
CA ALA F 410 -68.62 23.47 -20.46
C ALA F 410 -67.85 24.33 -21.46
N ALA F 411 -67.55 23.74 -22.62
CA ALA F 411 -66.99 24.46 -23.75
C ALA F 411 -68.00 24.42 -24.88
N VAL F 412 -68.60 25.56 -25.20
CA VAL F 412 -69.73 25.63 -26.12
C VAL F 412 -69.40 26.64 -27.20
N SER F 413 -69.39 26.19 -28.45
CA SER F 413 -69.06 27.03 -29.58
C SER F 413 -70.34 27.57 -30.21
N ILE F 414 -70.55 28.87 -30.12
CA ILE F 414 -71.67 29.54 -30.76
C ILE F 414 -71.13 30.22 -32.01
N ALA F 415 -71.51 29.71 -33.18
CA ALA F 415 -71.02 30.25 -34.45
C ALA F 415 -72.02 31.30 -34.94
N MET F 416 -71.56 32.54 -35.07
CA MET F 416 -72.38 33.63 -35.57
C MET F 416 -71.58 34.41 -36.60
N GLY F 417 -72.05 34.43 -37.84
CA GLY F 417 -71.42 35.17 -38.91
C GLY F 417 -69.94 34.93 -39.03
N ASP F 418 -69.55 33.66 -39.10
CA ASP F 418 -68.18 33.14 -39.23
C ASP F 418 -67.30 33.49 -38.04
N TRP F 419 -67.84 34.27 -37.10
CA TRP F 419 -67.19 34.51 -35.82
C TRP F 419 -67.73 33.48 -34.83
N THR F 420 -66.87 32.57 -34.40
CA THR F 420 -67.24 31.49 -33.50
C THR F 420 -66.79 31.87 -32.10
N ALA F 421 -67.74 32.16 -31.22
CA ALA F 421 -67.44 32.47 -29.84
C ALA F 421 -67.50 31.21 -29.01
N LEU F 422 -66.39 30.86 -28.39
CA LEU F 422 -66.29 29.66 -27.56
C LEU F 422 -66.42 30.08 -26.10
N ILE F 423 -67.53 29.77 -25.49
CA ILE F 423 -67.76 30.03 -24.08
C ILE F 423 -67.25 28.83 -23.31
N ASN F 424 -66.61 29.07 -22.16
CA ASN F 424 -66.25 27.95 -21.32
C ASN F 424 -66.41 28.34 -19.87
N ALA F 425 -67.02 27.46 -19.10
CA ALA F 425 -67.28 27.75 -17.71
C ALA F 425 -67.32 26.45 -16.93
N VAL F 426 -66.78 26.46 -15.72
CA VAL F 426 -66.79 25.28 -14.87
C VAL F 426 -66.66 25.73 -13.42
N SER F 427 -67.22 24.94 -12.51
CA SER F 427 -67.03 25.12 -11.07
C SER F 427 -66.60 23.78 -10.50
N ASN F 428 -65.35 23.69 -10.06
CA ASN F 428 -64.81 22.48 -9.48
C ASN F 428 -64.87 22.61 -7.97
N ASP F 429 -65.70 21.81 -7.33
CA ASP F 429 -65.85 21.82 -5.89
C ASP F 429 -65.35 20.49 -5.35
N SER F 430 -64.29 20.53 -4.56
CA SER F 430 -63.68 19.34 -4.02
C SER F 430 -63.70 19.39 -2.51
N SER F 431 -63.59 18.21 -1.90
CA SER F 431 -63.54 18.10 -0.46
C SER F 431 -62.82 16.82 -0.10
N SER F 432 -62.26 16.80 1.10
CA SER F 432 -61.61 15.61 1.63
C SER F 432 -61.71 15.62 3.14
N ASN F 433 -61.93 14.46 3.72
CA ASN F 433 -62.01 14.35 5.16
C ASN F 433 -61.36 13.03 5.55
N ILE F 434 -60.38 13.07 6.44
CA ILE F 434 -59.58 11.89 6.76
C ILE F 434 -59.33 11.84 8.25
N LEU F 435 -59.67 10.72 8.89
CA LEU F 435 -59.24 10.45 10.24
C LEU F 435 -58.56 9.11 10.21
N SER F 436 -57.32 9.02 10.66
CA SER F 436 -56.69 7.74 10.92
C SER F 436 -56.05 7.90 12.26
N SER F 437 -56.23 6.99 13.21
CA SER F 437 -55.49 7.08 14.47
C SER F 437 -54.80 5.76 14.71
N PRO F 438 -53.49 5.72 14.81
CA PRO F 438 -52.79 4.46 15.11
C PRO F 438 -52.43 4.47 16.58
N SER F 439 -52.73 3.40 17.30
CA SER F 439 -52.32 3.20 18.69
C SER F 439 -51.35 2.04 18.82
N ILE F 440 -50.22 2.29 19.47
CA ILE F 440 -49.23 1.27 19.76
C ILE F 440 -49.15 1.16 21.28
N THR F 441 -49.17 -0.08 21.78
CA THR F 441 -49.07 -0.38 23.20
C THR F 441 -47.65 -0.86 23.50
N VAL F 442 -47.03 -0.23 24.48
CA VAL F 442 -45.59 -0.23 24.72
C VAL F 442 -45.34 -0.51 26.18
N MET F 443 -44.23 -1.18 26.47
CA MET F 443 -43.75 -1.23 27.84
C MET F 443 -43.10 0.12 28.14
N ASP F 444 -43.22 0.57 29.38
CA ASP F 444 -42.57 1.80 29.78
C ASP F 444 -41.09 1.76 29.46
N ASN F 445 -40.56 2.91 29.02
CA ASN F 445 -39.15 3.06 28.68
C ASN F 445 -38.75 2.23 27.46
N GLY F 446 -39.65 1.41 26.98
CA GLY F 446 -39.40 0.69 25.75
C GLY F 446 -39.91 1.43 24.55
N GLU F 447 -39.32 1.16 23.40
CA GLU F 447 -39.67 1.84 22.17
C GLU F 447 -40.50 0.93 21.28
N ALA F 448 -41.40 1.53 20.52
CA ALA F 448 -42.21 0.75 19.60
C ALA F 448 -42.32 1.46 18.26
N SER F 449 -42.24 0.67 17.20
CA SER F 449 -42.52 1.15 15.86
C SER F 449 -43.87 0.59 15.43
N PHE F 450 -44.58 1.37 14.64
CA PHE F 450 -45.85 0.96 14.07
C PHE F 450 -45.90 1.48 12.65
N ILE F 451 -46.11 0.58 11.70
CA ILE F 451 -46.20 0.99 10.31
C ILE F 451 -47.41 0.38 9.64
N VAL F 452 -48.23 1.22 9.02
CA VAL F 452 -49.23 0.76 8.09
C VAL F 452 -48.90 1.46 6.78
N ALA F 453 -48.55 0.67 5.77
CA ALA F 453 -48.17 1.25 4.49
C ALA F 453 -48.34 0.27 3.34
N GLU F 454 -48.45 0.83 2.14
CA GLU F 454 -48.39 0.05 0.91
C GLU F 454 -47.31 0.69 0.05
N GLU F 455 -46.43 -0.13 -0.51
CA GLU F 455 -45.33 0.44 -1.29
C GLU F 455 -45.60 0.35 -2.79
N VAL F 456 -45.75 1.51 -3.41
CA VAL F 456 -45.88 1.62 -4.85
C VAL F 456 -44.50 1.56 -5.50
N PRO F 457 -44.45 1.25 -6.78
CA PRO F 457 -43.14 1.20 -7.47
C PRO F 457 -42.63 2.61 -7.75
N VAL F 458 -41.31 2.81 -7.63
CA VAL F 458 -40.71 4.10 -7.89
C VAL F 458 -39.58 4.00 -8.91
N ILE F 459 -39.56 4.92 -9.87
CA ILE F 459 -38.51 4.94 -10.89
C ILE F 459 -37.65 6.19 -10.71
N THR F 460 -36.39 5.97 -10.35
CA THR F 460 -35.44 7.05 -10.18
C THR F 460 -34.50 7.14 -11.38
N GLY F 461 -34.88 6.48 -12.47
CA GLY F 461 -34.08 6.48 -13.67
C GLY F 461 -34.91 6.73 -14.92
N PHE F 472 -37.52 1.39 -20.69
CA PHE F 472 -36.84 0.68 -19.63
C PHE F 472 -36.43 1.63 -18.51
N GLN F 473 -37.30 1.78 -17.52
CA GLN F 473 -37.02 2.66 -16.38
C GLN F 473 -36.98 1.89 -15.07
N THR F 474 -35.94 2.12 -14.29
CA THR F 474 -35.76 1.44 -13.01
C THR F 474 -36.82 1.85 -11.99
N VAL F 475 -37.24 0.91 -11.16
CA VAL F 475 -38.23 1.16 -10.12
C VAL F 475 -37.72 0.84 -8.73
N ASP F 476 -37.93 1.77 -7.80
CA ASP F 476 -37.52 1.58 -6.41
C ASP F 476 -38.72 1.64 -5.48
N ARG F 477 -38.81 0.67 -4.59
CA ARG F 477 -39.94 0.57 -3.67
C ARG F 477 -39.65 1.44 -2.44
N LYS F 478 -40.63 2.27 -2.12
CA LYS F 478 -40.65 3.09 -0.92
C LYS F 478 -42.06 2.96 -0.35
N GLU F 479 -42.22 3.17 0.95
CA GLU F 479 -43.50 2.92 1.60
C GLU F 479 -44.24 4.17 2.03
N VAL F 480 -45.52 4.25 1.66
CA VAL F 480 -46.38 5.35 2.07
C VAL F 480 -47.50 4.79 2.94
N GLY F 481 -47.72 5.43 4.08
CA GLY F 481 -48.64 4.91 5.07
C GLY F 481 -48.48 5.67 6.37
N ILE F 482 -49.08 5.18 7.43
CA ILE F 482 -48.95 5.83 8.73
C ILE F 482 -47.94 5.08 9.58
N LYS F 483 -46.92 5.78 10.04
CA LYS F 483 -45.94 5.18 10.93
C LYS F 483 -45.77 6.03 12.17
N LEU F 484 -45.71 5.36 13.31
CA LEU F 484 -45.65 5.97 14.62
C LEU F 484 -44.56 5.27 15.40
N LYS F 485 -43.51 5.99 15.75
CA LYS F 485 -42.42 5.44 16.55
C LYS F 485 -42.32 6.20 17.84
N VAL F 486 -42.62 5.55 18.95
CA VAL F 486 -42.79 6.25 20.21
C VAL F 486 -41.93 5.58 21.28
N VAL F 487 -41.40 6.40 22.19
CA VAL F 487 -40.56 5.90 23.28
C VAL F 487 -41.02 6.53 24.58
N PRO F 488 -42.05 6.01 25.24
CA PRO F 488 -42.56 6.66 26.44
C PRO F 488 -41.70 6.36 27.64
N GLN F 489 -41.72 7.29 28.60
CA GLN F 489 -41.30 6.98 29.95
C GLN F 489 -42.30 7.64 30.89
N ILE F 490 -42.59 6.97 31.99
CA ILE F 490 -43.70 7.36 32.83
C ILE F 490 -43.16 8.06 34.07
N ASN F 491 -43.55 9.31 34.26
CA ASN F 491 -43.51 9.91 35.59
C ASN F 491 -44.17 8.95 36.56
N GLU F 492 -43.58 8.79 37.74
CA GLU F 492 -43.94 7.68 38.60
C GLU F 492 -45.43 7.63 38.93
N GLY F 493 -46.18 8.66 38.57
CA GLY F 493 -47.62 8.53 38.45
C GLY F 493 -48.12 9.51 37.42
N ASN F 494 -49.26 9.19 36.82
CA ASN F 494 -49.88 10.05 35.82
C ASN F 494 -48.95 10.36 34.64
N SER F 495 -48.54 11.61 34.50
CA SER F 495 -48.03 12.12 33.23
C SER F 495 -47.01 11.21 32.59
N VAL F 496 -47.12 11.05 31.28
CA VAL F 496 -46.23 10.26 30.44
C VAL F 496 -45.44 11.20 29.55
N GLN F 497 -44.14 10.99 29.48
CA GLN F 497 -43.29 11.71 28.54
C GLN F 497 -43.10 10.88 27.28
N LEU F 498 -43.22 11.52 26.13
CA LEU F 498 -43.21 10.85 24.85
C LEU F 498 -42.16 11.47 23.95
N ASN F 499 -41.20 10.67 23.51
CA ASN F 499 -40.37 11.00 22.36
C ASN F 499 -41.03 10.33 21.17
N ILE F 500 -41.59 11.13 20.27
CA ILE F 500 -42.48 10.63 19.24
C ILE F 500 -42.00 11.07 17.88
N GLU F 501 -42.03 10.14 16.92
CA GLU F 501 -41.73 10.42 15.53
C GLU F 501 -42.91 9.89 14.73
N GLN F 502 -43.67 10.79 14.11
CA GLN F 502 -44.92 10.40 13.49
C GLN F 502 -44.94 10.86 12.05
N GLU F 503 -45.23 9.94 11.14
CA GLU F 503 -45.19 10.24 9.72
C GLU F 503 -46.44 9.69 9.05
N VAL F 504 -46.98 10.41 8.09
CA VAL F 504 -48.16 9.94 7.38
C VAL F 504 -47.84 9.84 5.89
N SER F 505 -48.17 8.70 5.29
CA SER F 505 -47.91 8.52 3.87
C SER F 505 -49.20 8.60 3.07
N ASN F 506 -49.25 9.58 2.18
CA ASN F 506 -50.39 9.73 1.27
C ASN F 506 -49.90 9.81 -0.16
N VAL F 507 -50.53 9.05 -1.05
CA VAL F 507 -50.09 9.03 -2.43
C VAL F 507 -51.22 9.13 -3.45
N LEU F 508 -51.04 9.98 -4.45
CA LEU F 508 -52.05 10.17 -5.49
C LEU F 508 -51.88 9.17 -6.61
N ASP F 515 -43.74 8.38 -12.04
CA ASP F 515 -44.31 9.72 -12.09
C ASP F 515 -45.52 9.84 -11.17
N VAL F 516 -45.36 9.39 -9.93
CA VAL F 516 -46.43 9.45 -8.95
C VAL F 516 -46.05 10.38 -7.80
N ARG F 517 -46.95 11.29 -7.46
CA ARG F 517 -46.70 12.23 -6.38
C ARG F 517 -47.52 11.89 -5.13
N PHE F 518 -46.83 11.77 -4.00
CA PHE F 518 -47.48 11.45 -2.73
C PHE F 518 -47.05 12.45 -1.66
N ALA F 519 -47.97 12.77 -0.76
CA ALA F 519 -47.68 13.74 0.29
C ALA F 519 -47.37 13.07 1.61
N LYS F 520 -46.26 13.48 2.22
CA LYS F 520 -45.86 12.95 3.51
C LYS F 520 -45.65 14.10 4.50
N ARG F 521 -46.42 14.10 5.57
CA ARG F 521 -46.33 15.17 6.57
C ARG F 521 -46.02 14.59 7.93
N GLN F 522 -44.75 14.66 8.33
CA GLN F 522 -44.33 14.07 9.59
C GLN F 522 -44.00 15.17 10.57
N LEU F 523 -44.15 14.84 11.83
CA LEU F 523 -43.66 15.67 12.91
C LEU F 523 -43.07 14.75 13.95
N ASN F 524 -41.87 15.06 14.41
CA ASN F 524 -41.19 14.29 15.43
C ASN F 524 -40.74 15.24 16.52
N THR F 525 -41.33 15.09 17.71
CA THR F 525 -41.18 16.04 18.79
C THR F 525 -41.10 15.26 20.08
N SER F 526 -41.09 15.99 21.19
CA SER F 526 -41.08 15.41 22.52
C SER F 526 -42.11 16.16 23.35
N VAL F 527 -43.12 15.46 23.85
CA VAL F 527 -44.19 16.11 24.58
C VAL F 527 -44.37 15.41 25.92
N MET F 528 -45.08 16.06 26.82
CA MET F 528 -45.41 15.48 28.12
C MET F 528 -46.91 15.60 28.30
N VAL F 529 -47.59 14.45 28.34
CA VAL F 529 -49.04 14.40 28.30
C VAL F 529 -49.53 13.83 29.62
N GLN F 530 -50.65 14.33 30.12
CA GLN F 530 -51.23 13.72 31.30
C GLN F 530 -51.72 12.31 30.97
N ASP F 531 -51.95 11.54 32.01
CA ASP F 531 -52.30 10.13 31.89
C ASP F 531 -53.34 9.84 30.83
N GLY F 532 -54.59 10.23 31.09
CA GLY F 532 -55.68 9.91 30.19
C GLY F 532 -56.19 11.05 29.34
N GLN F 533 -55.44 12.13 29.19
CA GLN F 533 -55.92 13.31 28.50
C GLN F 533 -55.22 13.47 27.17
N MET F 534 -55.94 14.03 26.21
CA MET F 534 -55.44 14.23 24.86
C MET F 534 -54.61 15.51 24.78
N LEU F 535 -53.58 15.48 23.96
CA LEU F 535 -52.74 16.65 23.74
C LEU F 535 -52.41 16.77 22.26
N VAL F 536 -52.37 18.01 21.77
CA VAL F 536 -52.20 18.27 20.35
C VAL F 536 -50.71 18.42 20.05
N LEU F 537 -50.14 17.47 19.33
CA LEU F 537 -48.76 17.61 18.90
C LEU F 537 -48.63 18.68 17.84
N GLY F 538 -49.40 18.59 16.78
CA GLY F 538 -49.06 19.41 15.64
C GLY F 538 -50.27 19.79 14.83
N GLY F 539 -50.02 20.57 13.79
CA GLY F 539 -51.11 21.00 12.94
C GLY F 539 -50.60 21.91 11.85
N LEU F 540 -51.47 22.14 10.88
CA LEU F 540 -51.25 23.10 9.82
C LEU F 540 -52.62 23.63 9.45
N ILE F 541 -52.72 24.92 9.20
CA ILE F 541 -53.94 25.51 8.69
C ILE F 541 -53.57 26.35 7.49
N ASP F 542 -53.97 25.93 6.31
CA ASP F 542 -53.50 26.56 5.10
C ASP F 542 -54.70 27.05 4.32
N GLU F 543 -54.59 28.25 3.77
CA GLU F 543 -55.68 28.85 3.01
C GLU F 543 -55.08 29.54 1.80
N ARG F 544 -55.75 29.43 0.67
CA ARG F 544 -55.25 30.04 -0.56
C ARG F 544 -56.41 30.59 -1.36
N ALA F 545 -56.20 31.75 -1.96
CA ALA F 545 -57.11 32.28 -2.97
C ALA F 545 -56.27 32.77 -4.13
N LEU F 546 -56.42 32.14 -5.28
CA LEU F 546 -55.72 32.53 -6.48
C LEU F 546 -56.73 33.02 -7.50
N GLU F 547 -56.74 34.31 -7.77
CA GLU F 547 -57.60 34.88 -8.79
C GLU F 547 -56.74 35.25 -9.98
N SER F 548 -57.31 35.12 -11.17
CA SER F 548 -56.62 35.47 -12.41
C SER F 548 -57.66 35.96 -13.38
N GLU F 549 -57.25 36.82 -14.31
CA GLU F 549 -58.18 37.43 -15.25
C GLU F 549 -57.42 37.83 -16.50
N SER F 550 -58.14 37.95 -17.60
CA SER F 550 -57.60 38.49 -18.83
C SER F 550 -58.74 39.20 -19.55
N LYS F 551 -58.42 40.29 -20.22
CA LYS F 551 -59.42 41.03 -20.97
C LYS F 551 -58.72 41.88 -22.02
N VAL F 552 -59.51 42.59 -22.79
CA VAL F 552 -59.03 43.26 -24.00
C VAL F 552 -58.03 44.42 -23.85
N PRO F 553 -58.10 45.25 -22.79
CA PRO F 553 -58.89 45.60 -21.61
C PRO F 553 -60.18 46.38 -21.79
N LEU F 554 -60.20 47.34 -22.72
CA LEU F 554 -61.20 48.41 -22.65
C LEU F 554 -62.62 47.85 -22.74
N LEU F 555 -62.84 46.90 -23.65
CA LEU F 555 -64.17 46.35 -23.81
C LEU F 555 -64.58 45.52 -22.59
N GLY F 556 -63.61 44.87 -21.95
CA GLY F 556 -63.94 44.05 -20.80
C GLY F 556 -64.30 44.86 -19.57
N ASP F 557 -64.18 46.18 -19.67
CA ASP F 557 -64.52 47.05 -18.55
C ASP F 557 -66.02 47.31 -18.49
N ILE F 558 -66.69 47.34 -19.64
CA ILE F 558 -68.14 47.62 -19.68
C ILE F 558 -68.87 46.66 -18.76
N PRO F 559 -69.81 47.13 -17.94
CA PRO F 559 -70.48 46.23 -17.00
C PRO F 559 -71.32 45.13 -17.66
N LEU F 560 -72.11 45.50 -18.67
CA LEU F 560 -73.05 44.52 -19.23
C LEU F 560 -72.35 43.56 -20.18
N LEU F 561 -71.59 44.08 -21.13
CA LEU F 561 -70.95 43.25 -22.14
C LEU F 561 -69.52 42.86 -21.80
N GLY F 562 -69.02 43.28 -20.64
CA GLY F 562 -67.64 42.98 -20.31
C GLY F 562 -67.38 41.49 -20.17
N GLN F 563 -68.37 40.74 -19.75
CA GLN F 563 -68.16 39.31 -19.51
C GLN F 563 -67.92 38.58 -20.81
N LEU F 564 -68.19 39.23 -21.95
CA LEU F 564 -67.93 38.59 -23.23
C LEU F 564 -66.45 38.60 -23.56
N PHE F 565 -65.73 39.62 -23.14
CA PHE F 565 -64.33 39.76 -23.47
C PHE F 565 -63.38 39.35 -22.35
N ARG F 566 -63.88 38.88 -21.21
CA ARG F 566 -63.05 38.52 -20.09
C ARG F 566 -62.93 37.01 -19.95
N SER F 567 -61.78 36.57 -19.45
CA SER F 567 -61.59 35.20 -19.00
C SER F 567 -61.12 35.25 -17.55
N THR F 568 -61.93 34.75 -16.64
CA THR F 568 -61.63 34.79 -15.22
C THR F 568 -61.42 33.38 -14.71
N SER F 569 -60.36 33.17 -13.93
CA SER F 569 -60.10 31.88 -13.30
C SER F 569 -59.87 32.13 -11.82
N SER F 570 -60.79 31.66 -10.99
CA SER F 570 -60.70 31.86 -9.55
C SER F 570 -60.57 30.51 -8.86
N GLN F 571 -59.82 30.49 -7.76
CA GLN F 571 -59.62 29.25 -7.03
C GLN F 571 -59.44 29.55 -5.55
N VAL F 572 -59.99 28.68 -4.71
CA VAL F 572 -59.88 28.80 -3.26
C VAL F 572 -59.57 27.43 -2.70
N GLU F 573 -58.43 27.29 -2.05
CA GLU F 573 -58.04 26.03 -1.44
C GLU F 573 -57.96 26.22 0.07
N LYS F 574 -58.19 25.14 0.80
CA LYS F 574 -58.14 25.19 2.25
C LYS F 574 -57.74 23.82 2.76
N LYS F 575 -56.99 23.80 3.86
CA LYS F 575 -56.47 22.55 4.38
C LYS F 575 -56.27 22.68 5.88
N ASN F 576 -56.48 21.57 6.58
CA ASN F 576 -56.34 21.51 8.03
C ASN F 576 -55.72 20.18 8.41
N LEU F 577 -54.75 20.23 9.30
CA LEU F 577 -54.13 19.04 9.86
C LEU F 577 -54.00 19.23 11.34
N MET F 578 -54.56 18.33 12.12
CA MET F 578 -54.21 18.28 13.53
C MET F 578 -53.72 16.89 13.85
N VAL F 579 -52.70 16.82 14.70
CA VAL F 579 -52.19 15.56 15.20
C VAL F 579 -52.25 15.63 16.71
N PHE F 580 -53.06 14.76 17.30
CA PHE F 580 -53.31 14.66 18.73
C PHE F 580 -52.74 13.34 19.22
N ILE F 581 -52.48 13.24 20.52
CA ILE F 581 -52.06 11.98 21.09
C ILE F 581 -52.72 11.79 22.45
N LYS F 582 -53.25 10.60 22.69
CA LYS F 582 -53.76 10.23 24.01
C LYS F 582 -53.02 9.01 24.51
N PRO F 583 -52.16 9.14 25.51
CA PRO F 583 -51.66 7.96 26.22
C PRO F 583 -52.69 7.44 27.20
N THR F 584 -52.51 6.19 27.62
CA THR F 584 -53.25 5.65 28.74
C THR F 584 -52.32 4.71 29.49
N ILE F 585 -52.23 4.85 30.80
CA ILE F 585 -51.30 4.02 31.55
C ILE F 585 -52.02 2.76 32.02
N ILE F 586 -51.44 1.62 31.67
CA ILE F 586 -51.94 0.31 32.07
C ILE F 586 -51.00 -0.20 33.14
N ARG F 587 -51.51 -0.35 34.35
CA ARG F 587 -50.76 -0.85 35.49
C ARG F 587 -51.28 -2.22 35.94
N ASP F 588 -52.53 -2.26 36.39
CA ASP F 588 -53.16 -3.53 36.75
C ASP F 588 -53.45 -4.35 35.50
N GLY F 589 -53.66 -5.65 35.71
CA GLY F 589 -54.17 -6.49 34.64
C GLY F 589 -55.62 -6.21 34.30
N VAL F 590 -56.41 -5.76 35.28
CA VAL F 590 -57.80 -5.44 35.01
C VAL F 590 -57.96 -4.24 34.09
N THR F 591 -56.99 -3.32 34.08
CA THR F 591 -57.06 -2.22 33.13
C THR F 591 -56.80 -2.69 31.72
N ALA F 592 -55.74 -3.47 31.50
CA ALA F 592 -55.48 -4.02 30.18
C ALA F 592 -56.63 -4.87 29.69
N ASP F 593 -57.23 -5.65 30.58
CA ASP F 593 -58.39 -6.42 30.19
C ASP F 593 -59.59 -5.54 29.88
N GLY F 594 -59.72 -4.40 30.56
CA GLY F 594 -60.82 -3.49 30.29
C GLY F 594 -60.69 -2.80 28.95
N ILE F 595 -59.48 -2.43 28.57
CA ILE F 595 -59.25 -1.81 27.27
C ILE F 595 -59.38 -2.84 26.16
N THR F 596 -58.66 -3.96 26.30
CA THR F 596 -58.73 -5.01 25.30
C THR F 596 -60.15 -5.50 25.11
N GLN F 597 -60.95 -5.50 26.15
CA GLN F 597 -62.32 -6.00 26.01
C GLN F 597 -63.16 -5.07 25.15
N ARG F 598 -62.96 -3.75 25.27
CA ARG F 598 -63.77 -2.86 24.46
C ARG F 598 -63.24 -2.76 23.04
N LYS F 599 -61.93 -2.77 22.84
CA LYS F 599 -61.43 -2.78 21.48
C LYS F 599 -61.71 -4.09 20.77
N TYR F 600 -61.89 -5.16 21.52
CA TYR F 600 -62.26 -6.45 20.95
C TYR F 600 -63.74 -6.50 20.62
N ASN F 601 -64.58 -6.09 21.57
CA ASN F 601 -66.02 -6.09 21.35
C ASN F 601 -66.45 -5.08 20.30
N TYR F 602 -65.69 -4.04 20.06
CA TYR F 602 -66.03 -3.14 18.97
C TYR F 602 -65.95 -3.85 17.63
N ILE F 603 -64.80 -4.49 17.35
CA ILE F 603 -64.67 -5.23 16.11
C ILE F 603 -65.68 -6.37 16.05
N ARG F 604 -65.80 -7.14 17.13
CA ARG F 604 -66.80 -8.20 17.11
C ARG F 604 -68.18 -7.68 16.78
N ALA F 605 -68.55 -6.50 17.29
CA ALA F 605 -69.83 -5.92 16.91
C ALA F 605 -69.87 -5.62 15.41
N GLU F 606 -68.82 -5.02 14.86
CA GLU F 606 -68.77 -4.78 13.42
C GLU F 606 -68.99 -6.07 12.64
N GLN F 607 -68.33 -7.15 13.05
CA GLN F 607 -68.39 -8.39 12.29
C GLN F 607 -69.75 -9.05 12.42
N LEU F 608 -70.35 -9.01 13.61
CA LEU F 608 -71.72 -9.51 13.73
C LEU F 608 -72.67 -8.74 12.81
N PHE F 609 -72.49 -7.42 12.73
CA PHE F 609 -73.29 -6.67 11.77
C PHE F 609 -73.01 -7.10 10.34
N ARG F 610 -71.76 -7.42 10.02
CA ARG F 610 -71.45 -7.99 8.72
C ARG F 610 -72.16 -9.31 8.50
N ALA F 611 -72.40 -10.06 9.57
CA ALA F 611 -73.06 -11.35 9.43
C ALA F 611 -74.57 -11.22 9.34
N GLU F 612 -75.13 -10.10 9.80
CA GLU F 612 -76.58 -9.94 9.70
C GLU F 612 -77.00 -9.60 8.28
N LYS F 613 -76.32 -8.64 7.65
CA LYS F 613 -76.42 -8.46 6.20
C LYS F 613 -75.16 -9.09 5.63
N GLY F 614 -75.31 -10.27 5.07
CA GLY F 614 -74.17 -11.13 4.78
C GLY F 614 -73.74 -11.05 3.34
N LEU F 615 -72.91 -12.02 2.96
CA LEU F 615 -72.57 -12.17 1.56
C LEU F 615 -73.83 -12.55 0.80
N ARG F 616 -74.14 -11.79 -0.26
CA ARG F 616 -75.39 -12.03 -0.96
C ARG F 616 -75.37 -13.35 -1.70
N LEU F 617 -74.23 -13.71 -2.28
CA LEU F 617 -74.16 -14.91 -3.07
C LEU F 617 -73.74 -16.14 -2.28
N LEU F 618 -73.27 -15.97 -1.06
CA LEU F 618 -72.75 -17.08 -0.27
C LEU F 618 -73.49 -17.16 1.06
N ASP F 619 -73.33 -18.30 1.73
CA ASP F 619 -74.00 -18.50 3.01
C ASP F 619 -73.40 -17.57 4.06
N ASP F 620 -74.27 -17.03 4.92
CA ASP F 620 -73.86 -16.05 5.91
C ASP F 620 -72.97 -16.63 7.00
N ALA F 621 -72.82 -17.96 7.06
CA ALA F 621 -71.91 -18.57 8.03
C ALA F 621 -70.48 -18.58 7.56
N SER F 622 -70.21 -18.12 6.34
CA SER F 622 -68.86 -18.11 5.80
C SER F 622 -68.09 -16.84 6.12
N VAL F 623 -68.75 -15.81 6.64
CA VAL F 623 -68.06 -14.57 6.97
C VAL F 623 -67.32 -14.76 8.29
N PRO F 624 -66.03 -14.43 8.36
CA PRO F 624 -65.30 -14.62 9.61
C PRO F 624 -65.79 -13.66 10.67
N VAL F 625 -66.00 -14.17 11.87
CA VAL F 625 -66.46 -13.37 13.00
C VAL F 625 -65.71 -13.82 14.24
N LEU F 626 -65.26 -12.86 15.03
CA LEU F 626 -64.49 -13.20 16.21
C LEU F 626 -65.37 -13.98 17.18
N PRO F 627 -64.81 -14.96 17.88
CA PRO F 627 -65.56 -15.62 18.94
C PRO F 627 -65.81 -14.66 20.09
N LYS F 628 -66.82 -14.97 20.89
CA LYS F 628 -67.12 -14.15 22.05
C LYS F 628 -65.91 -14.12 22.96
N PHE F 629 -65.71 -12.98 23.62
CA PHE F 629 -64.42 -12.68 24.23
C PHE F 629 -64.03 -13.75 25.25
N GLY F 630 -62.89 -14.38 25.02
CA GLY F 630 -62.35 -15.39 25.92
C GLY F 630 -62.71 -16.83 25.60
N ASP F 631 -63.45 -17.09 24.52
CA ASP F 631 -63.96 -18.42 24.24
C ASP F 631 -63.11 -19.23 23.26
N ASP F 632 -62.00 -18.67 22.77
CA ASP F 632 -61.14 -19.32 21.79
C ASP F 632 -61.92 -19.81 20.57
N ARG F 633 -61.60 -20.99 20.06
CA ARG F 633 -62.06 -21.43 18.76
C ARG F 633 -63.39 -22.18 18.78
N ARG F 634 -64.29 -21.81 17.87
CA ARG F 634 -65.46 -22.58 17.50
C ARG F 634 -65.68 -23.24 16.17
N HIS F 635 -66.21 -24.46 16.15
CA HIS F 635 -66.36 -25.19 14.90
C HIS F 635 -67.47 -24.41 14.20
N SER F 636 -67.52 -24.56 12.88
CA SER F 636 -68.60 -24.00 12.09
C SER F 636 -69.94 -24.59 12.55
N PRO F 637 -71.04 -23.93 12.25
CA PRO F 637 -72.32 -24.47 12.71
C PRO F 637 -72.62 -25.84 12.12
N GLU F 638 -72.41 -26.00 10.81
CA GLU F 638 -72.62 -27.29 10.16
C GLU F 638 -71.65 -28.37 10.63
N ILE F 639 -70.38 -28.01 10.77
CA ILE F 639 -69.37 -28.95 11.26
C ILE F 639 -69.67 -29.34 12.69
N GLN F 640 -70.11 -28.37 13.48
CA GLN F 640 -70.47 -28.63 14.86
C GLN F 640 -71.63 -29.61 14.90
N ALA F 641 -72.59 -29.40 14.01
CA ALA F 641 -73.75 -30.28 13.93
C ALA F 641 -73.31 -31.70 13.57
N PHE F 642 -72.37 -31.80 12.64
CA PHE F 642 -71.84 -33.09 12.24
C PHE F 642 -71.13 -33.80 13.40
N ILE F 643 -70.39 -33.05 14.18
CA ILE F 643 -69.56 -33.63 15.24
C ILE F 643 -70.41 -34.34 16.30
N GLU F 644 -71.54 -33.72 16.64
CA GLU F 644 -72.43 -34.26 17.66
C GLU F 644 -73.04 -35.59 17.24
N GLN F 645 -73.27 -35.78 15.93
CA GLN F 645 -73.81 -37.04 15.45
C GLN F 645 -72.84 -38.18 15.68
N MET F 646 -71.60 -38.03 15.23
CA MET F 646 -70.58 -39.04 15.41
C MET F 646 -70.25 -39.25 16.89
N GLY G 97 2.65 -36.58 110.39
CA GLY G 97 3.69 -36.93 111.34
C GLY G 97 5.06 -36.41 110.98
N ASP G 98 6.09 -37.05 111.53
CA ASP G 98 7.49 -36.66 111.34
C ASP G 98 8.21 -37.44 110.23
N GLU G 99 7.54 -38.29 109.46
CA GLU G 99 8.22 -39.16 108.52
C GLU G 99 8.95 -38.34 107.44
N VAL G 100 9.99 -38.92 106.86
CA VAL G 100 10.72 -38.33 105.74
C VAL G 100 10.30 -39.02 104.45
N ILE G 101 9.56 -38.29 103.60
CA ILE G 101 9.14 -38.76 102.28
C ILE G 101 9.41 -37.62 101.28
N THR G 102 9.50 -37.97 100.01
CA THR G 102 9.70 -37.04 98.92
C THR G 102 8.36 -36.76 98.21
N GLN G 103 8.11 -35.49 97.87
CA GLN G 103 6.89 -35.15 97.15
C GLN G 103 7.21 -34.45 95.84
N VAL G 104 6.56 -34.91 94.79
CA VAL G 104 6.77 -34.44 93.42
C VAL G 104 5.50 -33.72 92.97
N VAL G 105 5.58 -32.40 92.83
CA VAL G 105 4.41 -31.59 92.47
C VAL G 105 4.85 -30.56 91.44
N ALA G 106 3.90 -30.02 90.66
CA ALA G 106 4.23 -29.16 89.53
C ALA G 106 3.94 -27.69 89.82
N VAL G 107 4.74 -26.83 89.20
CA VAL G 107 4.37 -25.45 88.94
C VAL G 107 4.62 -25.22 87.46
N LYS G 108 3.56 -25.07 86.68
CA LYS G 108 3.74 -24.93 85.24
C LYS G 108 4.06 -23.49 84.86
N ASN G 109 3.59 -22.54 85.67
CA ASN G 109 3.44 -21.17 85.21
C ASN G 109 4.79 -20.53 84.88
N VAL G 110 5.77 -20.63 85.78
CA VAL G 110 7.12 -20.16 85.51
C VAL G 110 8.09 -21.08 86.23
N SER G 111 9.33 -21.12 85.74
CA SER G 111 10.35 -22.03 86.26
C SER G 111 10.51 -21.87 87.77
N VAL G 112 10.61 -23.01 88.47
CA VAL G 112 10.54 -23.04 89.93
C VAL G 112 11.88 -22.75 90.59
N ARG G 113 12.96 -22.62 89.81
CA ARG G 113 14.21 -22.11 90.37
C ARG G 113 14.00 -20.80 91.08
N GLU G 114 13.00 -20.04 90.64
CA GLU G 114 12.60 -18.78 91.25
C GLU G 114 12.29 -18.91 92.74
N LEU G 115 11.95 -20.09 93.21
CA LEU G 115 11.65 -20.32 94.61
C LEU G 115 12.81 -20.89 95.42
N SER G 116 13.98 -21.12 94.81
CA SER G 116 15.05 -21.78 95.56
C SER G 116 15.43 -21.07 96.86
N PRO G 117 15.55 -19.74 96.95
CA PRO G 117 16.02 -19.14 98.21
C PRO G 117 15.03 -19.28 99.35
N LEU G 118 13.74 -19.07 99.06
CA LEU G 118 12.72 -19.03 100.11
C LEU G 118 12.34 -20.44 100.52
N LEU G 119 12.38 -21.38 99.57
CA LEU G 119 12.18 -22.79 99.89
C LEU G 119 13.31 -23.33 100.75
N ARG G 120 14.57 -23.03 100.40
CA ARG G 120 15.66 -23.32 101.33
C ARG G 120 15.54 -22.54 102.63
N GLN G 121 14.66 -21.52 102.67
CA GLN G 121 14.31 -20.91 103.95
C GLN G 121 13.55 -21.89 104.82
N LEU G 122 12.60 -22.64 104.24
CA LEU G 122 11.97 -23.74 104.96
C LEU G 122 12.88 -24.96 105.07
N ILE G 123 13.94 -25.05 104.27
CA ILE G 123 14.95 -26.07 104.53
C ILE G 123 15.86 -25.59 105.66
N ASP G 124 15.99 -24.27 105.81
CA ASP G 124 16.63 -23.66 106.98
C ASP G 124 15.69 -23.52 108.19
N ASN G 125 14.42 -23.10 107.99
CA ASN G 125 13.49 -22.83 109.09
C ASN G 125 13.42 -23.98 110.08
N ALA G 126 13.60 -25.21 109.60
CA ALA G 126 13.60 -26.40 110.45
C ALA G 126 14.77 -27.28 110.01
N GLY G 127 14.80 -28.51 110.55
CA GLY G 127 15.89 -29.44 110.30
C GLY G 127 16.09 -29.87 108.86
N ALA G 128 17.32 -30.27 108.53
CA ALA G 128 17.70 -30.65 107.17
C ALA G 128 17.65 -32.18 107.05
N GLY G 129 18.16 -32.70 105.95
CA GLY G 129 17.74 -33.95 105.38
C GLY G 129 16.91 -33.72 104.15
N ASN G 130 16.38 -32.52 103.96
CA ASN G 130 15.57 -32.13 102.82
C ASN G 130 16.40 -32.07 101.56
N VAL G 131 15.70 -32.16 100.43
CA VAL G 131 16.16 -31.62 99.16
C VAL G 131 14.95 -30.93 98.55
N VAL G 132 15.16 -29.85 97.81
CA VAL G 132 14.15 -29.41 96.87
C VAL G 132 14.89 -29.15 95.56
N HIS G 133 14.58 -29.96 94.55
CA HIS G 133 15.32 -29.94 93.29
C HIS G 133 14.33 -29.63 92.18
N TYR G 134 14.75 -28.71 91.31
CA TYR G 134 13.88 -28.09 90.32
C TYR G 134 14.28 -28.59 88.95
N ASP G 135 13.49 -29.45 88.39
CA ASP G 135 13.88 -30.04 87.12
C ASP G 135 13.51 -29.12 85.99
N PRO G 136 14.50 -28.82 85.11
CA PRO G 136 14.22 -27.92 83.98
C PRO G 136 13.14 -28.43 83.04
N ALA G 137 12.75 -29.70 83.16
CA ALA G 137 11.58 -30.23 82.49
C ALA G 137 10.30 -29.67 83.10
N ASN G 138 10.46 -28.87 84.17
CA ASN G 138 9.39 -28.24 84.95
C ASN G 138 8.49 -29.25 85.63
N ILE G 139 9.02 -29.92 86.65
CA ILE G 139 8.26 -30.50 87.74
C ILE G 139 9.00 -30.07 89.01
N ILE G 140 8.64 -30.64 90.15
CA ILE G 140 9.14 -30.16 91.44
C ILE G 140 9.41 -31.35 92.37
N LEU G 141 10.60 -31.34 92.99
CA LEU G 141 11.01 -32.35 93.96
C LEU G 141 11.22 -31.75 95.35
N ILE G 142 10.60 -32.37 96.35
CA ILE G 142 10.96 -32.17 97.75
C ILE G 142 11.31 -33.55 98.31
N THR G 143 12.14 -33.55 99.34
CA THR G 143 12.40 -34.73 100.15
C THR G 143 12.60 -34.25 101.59
N GLY G 144 11.95 -34.90 102.54
CA GLY G 144 12.14 -34.52 103.93
C GLY G 144 10.88 -34.78 104.74
N ARG G 145 10.82 -34.13 105.90
CA ARG G 145 9.71 -34.37 106.80
C ARG G 145 8.40 -33.89 106.19
N ALA G 146 7.39 -34.76 106.28
CA ALA G 146 6.12 -34.53 105.59
C ALA G 146 5.51 -33.20 105.97
N ALA G 147 5.79 -32.71 107.18
CA ALA G 147 5.29 -31.39 107.57
C ALA G 147 6.00 -30.28 106.81
N VAL G 148 7.33 -30.26 106.84
CA VAL G 148 8.07 -29.20 106.18
C VAL G 148 8.04 -29.39 104.67
N VAL G 149 7.99 -30.65 104.23
CA VAL G 149 7.74 -30.95 102.82
C VAL G 149 6.35 -30.47 102.42
N ASN G 150 5.43 -30.42 103.38
CA ASN G 150 4.11 -29.86 103.07
C ASN G 150 4.20 -28.36 102.90
N ARG G 151 4.57 -27.62 103.96
CA ARG G 151 4.71 -26.17 103.81
C ARG G 151 5.51 -25.78 102.59
N LEU G 152 6.58 -26.52 102.28
CA LEU G 152 7.32 -26.33 101.03
C LEU G 152 6.43 -26.55 99.82
N ALA G 153 5.65 -27.64 99.81
CA ALA G 153 4.77 -27.89 98.68
C ALA G 153 3.63 -26.88 98.62
N GLU G 154 3.42 -26.14 99.71
CA GLU G 154 2.37 -25.13 99.80
C GLU G 154 2.85 -23.81 99.24
N ILE G 155 4.10 -23.44 99.53
CA ILE G 155 4.72 -22.32 98.82
C ILE G 155 4.82 -22.66 97.34
N ILE G 156 5.38 -23.82 97.04
CA ILE G 156 5.49 -24.32 95.68
C ILE G 156 4.15 -24.24 94.96
N ARG G 157 3.15 -24.97 95.44
CA ARG G 157 1.82 -24.88 94.83
C ARG G 157 1.25 -23.47 94.94
N ARG G 158 1.87 -22.61 95.75
CA ARG G 158 1.42 -21.24 95.87
C ARG G 158 2.01 -20.42 94.72
N VAL G 159 3.04 -20.96 94.05
CA VAL G 159 3.41 -20.43 92.75
C VAL G 159 2.84 -21.27 91.59
N ASP G 160 2.37 -22.49 91.86
CA ASP G 160 1.57 -23.23 90.87
C ASP G 160 0.25 -22.53 90.60
N GLN G 161 -0.62 -22.58 91.60
CA GLN G 161 -2.00 -22.12 91.51
C GLN G 161 -2.10 -20.63 91.28
N ALA G 162 -1.06 -19.87 91.60
CA ALA G 162 -1.06 -18.42 91.60
C ALA G 162 -1.47 -17.80 90.28
N GLY G 163 -0.62 -17.91 89.27
CA GLY G 163 -0.62 -17.04 88.11
C GLY G 163 -1.32 -17.56 86.87
N ASP G 164 -2.32 -18.43 87.02
CA ASP G 164 -2.71 -19.40 85.99
C ASP G 164 -2.81 -18.74 84.61
N LYS G 165 -2.31 -19.43 83.60
CA LYS G 165 -2.31 -18.94 82.24
C LYS G 165 -2.54 -20.10 81.30
N GLU G 166 -3.54 -20.01 80.43
CA GLU G 166 -3.74 -20.95 79.33
C GLU G 166 -4.53 -20.29 78.21
N ILE G 167 -5.01 -21.14 77.32
CA ILE G 167 -5.63 -20.77 76.05
C ILE G 167 -7.14 -20.88 76.12
N GLU G 168 -7.82 -19.94 75.46
CA GLU G 168 -9.27 -20.00 75.24
C GLU G 168 -9.56 -20.09 73.76
N VAL G 169 -10.74 -20.61 73.44
CA VAL G 169 -11.29 -20.58 72.10
C VAL G 169 -12.75 -20.19 72.18
N VAL G 170 -13.09 -19.04 71.63
CA VAL G 170 -14.45 -18.52 71.73
C VAL G 170 -14.84 -17.91 70.40
N GLU G 171 -16.02 -18.29 69.92
CA GLU G 171 -16.53 -17.85 68.63
C GLU G 171 -16.70 -16.34 68.57
N LEU G 172 -16.22 -15.78 67.46
CA LEU G 172 -16.53 -14.41 67.08
C LEU G 172 -17.43 -14.51 65.88
N ASN G 173 -18.73 -14.24 66.06
CA ASN G 173 -19.65 -14.47 64.96
C ASN G 173 -19.62 -13.30 63.99
N ASN G 174 -19.27 -12.12 64.48
CA ASN G 174 -19.58 -10.93 63.73
C ASN G 174 -18.32 -10.17 63.38
N ALA G 175 -17.76 -9.48 64.37
CA ALA G 175 -16.55 -8.71 64.15
C ALA G 175 -15.43 -9.62 63.69
N SER G 176 -14.85 -9.29 62.54
CA SER G 176 -13.83 -10.14 61.98
C SER G 176 -12.74 -10.40 63.01
N ALA G 177 -12.42 -11.68 63.20
CA ALA G 177 -11.37 -12.02 64.15
C ALA G 177 -10.14 -11.18 63.88
N ALA G 178 -9.56 -11.28 62.68
CA ALA G 178 -8.37 -10.50 62.35
C ALA G 178 -8.56 -9.04 62.74
N GLU G 179 -9.78 -8.52 62.64
CA GLU G 179 -10.05 -7.21 63.20
C GLU G 179 -9.94 -7.24 64.71
N MET G 180 -10.63 -8.18 65.38
CA MET G 180 -10.47 -8.29 66.84
C MET G 180 -9.01 -8.29 67.23
N VAL G 181 -8.22 -9.09 66.53
CA VAL G 181 -6.78 -9.11 66.63
C VAL G 181 -6.30 -7.68 66.60
N ARG G 182 -6.41 -7.03 65.44
CA ARG G 182 -5.81 -5.72 65.27
C ARG G 182 -6.19 -4.79 66.40
N ILE G 183 -7.47 -4.81 66.78
CA ILE G 183 -8.01 -3.77 67.64
C ILE G 183 -7.66 -4.04 69.10
N VAL G 184 -7.27 -5.30 69.38
CA VAL G 184 -6.60 -5.61 70.63
C VAL G 184 -5.09 -5.37 70.51
N GLU G 185 -4.55 -5.39 69.30
CA GLU G 185 -3.11 -5.35 69.13
C GLU G 185 -2.57 -4.09 69.76
N ALA G 186 -3.28 -2.99 69.54
CA ALA G 186 -2.99 -1.71 70.17
C ALA G 186 -2.85 -1.83 71.68
N LEU G 187 -3.50 -2.81 72.28
CA LEU G 187 -3.42 -3.02 73.72
C LEU G 187 -2.06 -3.63 74.02
N ASN G 188 -1.47 -3.24 75.13
CA ASN G 188 -0.15 -3.73 75.48
C ASN G 188 -0.09 -4.27 76.90
N LYS G 203 -1.44 -13.66 76.20
CA LYS G 203 -1.47 -12.99 74.91
C LYS G 203 -2.69 -13.45 74.11
N PHE G 204 -2.70 -13.26 72.79
CA PHE G 204 -3.93 -13.26 72.01
C PHE G 204 -3.76 -14.14 70.78
N VAL G 205 -4.83 -14.84 70.39
CA VAL G 205 -4.91 -15.46 69.07
C VAL G 205 -6.35 -15.29 68.59
N ALA G 206 -6.61 -15.70 67.36
CA ALA G 206 -7.94 -15.92 66.80
C ALA G 206 -7.80 -16.75 65.53
N ASP G 207 -8.91 -17.30 65.05
CA ASP G 207 -8.91 -17.96 63.76
C ASP G 207 -10.05 -17.41 62.92
N GLU G 208 -9.77 -17.06 61.67
CA GLU G 208 -10.88 -16.70 60.82
C GLU G 208 -11.33 -17.84 59.92
N ARG G 209 -10.78 -19.03 60.09
CA ARG G 209 -11.58 -20.19 59.71
C ARG G 209 -12.84 -20.23 60.55
N THR G 210 -12.66 -20.27 61.86
CA THR G 210 -13.72 -20.22 62.83
C THR G 210 -14.20 -18.83 63.13
N ASN G 211 -13.33 -17.83 62.96
CA ASN G 211 -13.57 -16.48 63.48
C ASN G 211 -13.83 -16.56 64.98
N SER G 212 -12.76 -16.87 65.72
CA SER G 212 -12.82 -17.09 67.16
C SER G 212 -11.57 -16.56 67.84
N ILE G 213 -11.76 -15.78 68.89
CA ILE G 213 -10.65 -15.37 69.74
C ILE G 213 -10.14 -16.57 70.51
N LEU G 214 -8.84 -16.76 70.46
CA LEU G 214 -8.15 -17.72 71.29
C LEU G 214 -7.39 -16.87 72.29
N ILE G 215 -7.11 -17.39 73.47
CA ILE G 215 -6.38 -16.56 74.41
C ILE G 215 -5.22 -17.36 74.96
N SER G 216 -4.15 -16.68 75.32
CA SER G 216 -3.09 -17.30 76.10
C SER G 216 -2.81 -16.42 77.32
N GLY G 217 -3.19 -16.90 78.48
CA GLY G 217 -2.98 -16.14 79.69
C GLY G 217 -4.05 -16.39 80.73
N ASP G 218 -4.16 -15.42 81.62
CA ASP G 218 -4.73 -15.56 82.96
C ASP G 218 -6.20 -15.97 82.92
N PRO G 219 -6.71 -16.61 83.97
CA PRO G 219 -8.15 -16.53 84.23
C PRO G 219 -8.61 -15.14 84.67
N LYS G 220 -7.68 -14.24 85.00
CA LYS G 220 -8.02 -12.82 84.91
C LYS G 220 -8.06 -12.37 83.46
N VAL G 221 -7.12 -12.84 82.64
CA VAL G 221 -7.23 -12.64 81.20
C VAL G 221 -8.48 -13.36 80.67
N ARG G 222 -8.92 -14.41 81.37
CA ARG G 222 -10.17 -15.05 80.97
C ARG G 222 -11.38 -14.23 81.38
N GLU G 223 -11.34 -13.60 82.56
CA GLU G 223 -12.43 -12.71 82.91
C GLU G 223 -12.47 -11.51 81.98
N ARG G 224 -11.41 -10.71 81.94
CA ARG G 224 -11.45 -9.48 81.17
C ARG G 224 -11.51 -9.76 79.68
N LEU G 225 -10.92 -10.86 79.24
CA LEU G 225 -10.95 -11.12 77.80
C LEU G 225 -12.09 -12.01 77.38
N LYS G 226 -12.89 -12.53 78.30
CA LYS G 226 -14.27 -12.82 77.92
C LYS G 226 -15.09 -11.55 77.91
N ARG G 227 -14.74 -10.58 78.76
CA ARG G 227 -15.34 -9.27 78.63
C ARG G 227 -15.10 -8.68 77.24
N LEU G 228 -13.89 -8.83 76.69
CA LEU G 228 -13.62 -8.27 75.35
C LEU G 228 -13.95 -9.26 74.26
N ILE G 229 -14.12 -10.53 74.61
CA ILE G 229 -14.86 -11.44 73.73
C ILE G 229 -16.22 -10.82 73.43
N LYS G 230 -16.87 -10.34 74.47
CA LYS G 230 -18.21 -9.80 74.31
C LYS G 230 -18.20 -8.37 73.81
N GLN G 231 -17.19 -7.59 74.17
CA GLN G 231 -17.24 -6.16 73.92
C GLN G 231 -17.33 -5.85 72.44
N LEU G 232 -16.38 -6.31 71.64
CA LEU G 232 -16.51 -6.05 70.22
C LEU G 232 -16.88 -7.39 69.63
N ASP G 233 -18.17 -7.71 69.74
CA ASP G 233 -18.87 -8.68 68.93
C ASP G 233 -19.89 -8.03 68.03
N VAL G 234 -20.24 -6.79 68.35
CA VAL G 234 -21.36 -6.09 67.73
C VAL G 234 -21.19 -5.84 66.23
N GLU G 235 -22.30 -5.91 65.52
CA GLU G 235 -22.31 -5.72 64.08
C GLU G 235 -23.08 -4.46 63.74
N MET G 236 -22.45 -3.59 62.95
CA MET G 236 -23.05 -2.32 62.60
C MET G 236 -24.32 -2.52 61.78
N ALA G 237 -25.31 -1.69 62.06
CA ALA G 237 -26.57 -1.73 61.33
C ALA G 237 -26.32 -1.26 59.90
N ALA G 238 -27.13 -1.77 58.96
CA ALA G 238 -26.91 -1.43 57.56
C ALA G 238 -27.06 0.08 57.38
N LYS G 239 -26.18 0.64 56.58
CA LYS G 239 -26.13 2.09 56.39
C LYS G 239 -26.81 2.58 55.11
N GLY G 240 -27.38 1.66 54.35
CA GLY G 240 -27.94 2.01 53.06
C GLY G 240 -26.84 2.60 52.21
N ASN G 241 -25.65 2.02 52.36
CA ASN G 241 -24.45 2.45 51.65
C ASN G 241 -24.73 2.75 50.20
N ASN G 242 -25.57 1.93 49.56
CA ASN G 242 -25.97 2.21 48.19
C ASN G 242 -27.48 2.33 48.10
N ARG G 243 -27.94 3.09 47.12
CA ARG G 243 -29.36 3.35 46.98
C ARG G 243 -29.73 3.41 45.51
N VAL G 244 -30.84 2.78 45.17
CA VAL G 244 -31.40 2.81 43.82
C VAL G 244 -32.46 3.88 43.79
N VAL G 245 -32.28 4.89 42.94
CA VAL G 245 -33.20 6.01 42.88
C VAL G 245 -33.95 5.95 41.56
N TYR G 246 -35.27 6.13 41.64
CA TYR G 246 -36.16 6.08 40.48
C TYR G 246 -36.32 7.50 39.95
N LEU G 247 -35.78 7.76 38.77
CA LEU G 247 -35.91 9.08 38.19
C LEU G 247 -37.32 9.29 37.68
N LYS G 248 -37.93 10.40 38.10
CA LYS G 248 -39.28 10.70 37.64
C LYS G 248 -39.27 11.22 36.21
N TYR G 249 -38.39 12.17 35.92
CA TYR G 249 -38.39 12.86 34.63
C TYR G 249 -37.11 12.62 33.85
N ALA G 250 -35.96 13.03 34.38
CA ALA G 250 -34.72 12.95 33.62
C ALA G 250 -34.39 11.51 33.27
N LYS G 251 -33.63 11.34 32.19
CA LYS G 251 -33.18 10.02 31.78
C LYS G 251 -31.92 9.63 32.53
N ALA G 252 -31.83 8.35 32.87
CA ALA G 252 -30.69 7.85 33.62
C ALA G 252 -29.39 8.02 32.85
N GLU G 253 -29.44 7.80 31.55
CA GLU G 253 -28.21 7.91 30.75
C GLU G 253 -27.64 9.32 30.79
N ASP G 254 -28.49 10.34 30.66
CA ASP G 254 -28.04 11.72 30.77
C ASP G 254 -27.51 12.05 32.17
N LEU G 255 -28.21 11.53 33.18
CA LEU G 255 -27.95 11.84 34.57
C LEU G 255 -26.69 11.18 35.05
N VAL G 256 -26.45 9.93 34.65
CA VAL G 256 -25.24 9.25 35.08
C VAL G 256 -24.04 9.99 34.54
N GLU G 257 -24.12 10.42 33.29
CA GLU G 257 -22.97 11.13 32.73
C GLU G 257 -22.70 12.40 33.53
N VAL G 258 -23.76 13.14 33.84
CA VAL G 258 -23.60 14.38 34.59
C VAL G 258 -23.02 14.13 35.98
N LEU G 259 -23.46 13.05 36.61
CA LEU G 259 -23.17 12.79 38.02
C LEU G 259 -21.78 12.21 38.21
N LYS G 260 -21.13 11.81 37.13
CA LYS G 260 -19.79 11.24 37.24
C LYS G 260 -18.85 12.23 37.95
N GLY G 261 -18.85 13.46 37.46
CA GLY G 261 -18.04 14.52 38.06
C GLY G 261 -18.35 14.88 39.50
N VAL G 262 -19.64 14.91 39.84
CA VAL G 262 -20.05 15.18 41.22
C VAL G 262 -19.53 14.10 42.14
N SER G 263 -19.59 12.86 41.66
CA SER G 263 -19.10 11.73 42.44
C SER G 263 -17.61 11.89 42.70
N GLU G 264 -16.88 12.33 41.68
CA GLU G 264 -15.44 12.55 41.82
C GLU G 264 -15.13 14.02 42.11
N VAL G 283 -17.18 5.34 45.01
CA VAL G 283 -18.34 5.88 44.31
C VAL G 283 -18.49 5.28 42.93
N MET G 284 -19.67 4.75 42.64
CA MET G 284 -19.98 4.28 41.30
C MET G 284 -21.44 4.58 41.01
N ILE G 285 -21.69 5.06 39.80
CA ILE G 285 -23.02 5.48 39.36
C ILE G 285 -23.35 4.66 38.14
N ALA G 286 -24.42 3.87 38.20
CA ALA G 286 -24.77 3.02 37.07
C ALA G 286 -26.21 3.24 36.68
N ALA G 287 -26.46 3.41 35.39
CA ALA G 287 -27.79 3.73 34.90
C ALA G 287 -28.48 2.45 34.46
N HIS G 288 -29.62 2.13 35.09
CA HIS G 288 -30.47 1.04 34.65
C HIS G 288 -31.53 1.62 33.73
N ALA G 289 -31.45 1.27 32.45
CA ALA G 289 -32.25 1.92 31.42
C ALA G 289 -33.71 1.52 31.50
N ASP G 290 -33.98 0.21 31.52
CA ASP G 290 -35.34 -0.27 31.35
C ASP G 290 -36.25 0.24 32.47
N THR G 291 -35.76 0.29 33.69
CA THR G 291 -36.54 0.88 34.77
C THR G 291 -36.37 2.39 34.82
N ASN G 292 -35.44 2.94 34.04
CA ASN G 292 -35.08 4.35 34.12
C ASN G 292 -34.78 4.74 35.55
N SER G 293 -33.91 3.98 36.18
CA SER G 293 -33.54 4.23 37.56
C SER G 293 -32.05 4.07 37.66
N LEU G 294 -31.40 4.93 38.42
CA LEU G 294 -29.95 4.87 38.51
C LEU G 294 -29.53 4.44 39.90
N VAL G 295 -28.50 3.60 39.94
CA VAL G 295 -28.01 2.96 41.13
C VAL G 295 -26.78 3.73 41.59
N LEU G 296 -26.86 4.28 42.79
CA LEU G 296 -25.79 5.04 43.39
C LEU G 296 -25.11 4.17 44.43
N THR G 297 -23.78 4.15 44.43
CA THR G 297 -23.05 3.54 45.53
C THR G 297 -21.94 4.48 45.97
N ALA G 298 -21.97 4.86 47.24
CA ALA G 298 -21.06 5.87 47.76
C ALA G 298 -21.11 5.84 49.28
N PRO G 299 -20.27 6.62 49.98
CA PRO G 299 -20.47 6.77 51.43
C PRO G 299 -21.70 7.60 51.74
N GLN G 300 -21.91 7.93 53.02
CA GLN G 300 -23.17 8.59 53.40
C GLN G 300 -23.22 10.04 52.92
N ASP G 301 -22.16 10.81 53.14
CA ASP G 301 -22.18 12.22 52.78
C ASP G 301 -22.29 12.43 51.28
N ILE G 302 -21.47 11.74 50.49
CA ILE G 302 -21.56 11.86 49.04
C ILE G 302 -22.93 11.41 48.56
N MET G 303 -23.50 10.40 49.20
CA MET G 303 -24.85 9.98 48.84
C MET G 303 -25.84 11.10 49.06
N ASN G 304 -25.79 11.74 50.23
CA ASN G 304 -26.71 12.84 50.50
C ASN G 304 -26.46 14.04 49.60
N ALA G 305 -25.25 14.18 49.05
CA ALA G 305 -25.02 15.23 48.07
C ALA G 305 -25.64 14.90 46.73
N MET G 306 -25.33 13.72 46.20
CA MET G 306 -25.86 13.34 44.89
C MET G 306 -27.37 13.20 44.88
N LEU G 307 -27.99 12.88 46.02
CA LEU G 307 -29.44 12.90 46.04
C LEU G 307 -30.00 14.30 45.98
N GLU G 308 -29.27 15.29 46.48
CA GLU G 308 -29.72 16.67 46.34
C GLU G 308 -29.43 17.24 44.96
N VAL G 309 -28.43 16.72 44.27
CA VAL G 309 -28.26 17.08 42.86
C VAL G 309 -29.34 16.45 42.01
N ILE G 310 -29.54 15.14 42.14
CA ILE G 310 -30.57 14.44 41.39
C ILE G 310 -31.93 15.06 41.68
N GLY G 311 -32.19 15.41 42.92
CA GLY G 311 -33.46 16.05 43.24
C GLY G 311 -33.71 17.30 42.45
N GLN G 312 -32.66 18.07 42.14
CA GLN G 312 -32.82 19.32 41.42
C GLN G 312 -32.64 19.20 39.91
N LEU G 313 -32.12 18.07 39.42
CA LEU G 313 -32.06 17.84 37.99
C LEU G 313 -33.23 17.01 37.47
N ASP G 314 -34.11 16.59 38.36
CA ASP G 314 -35.24 15.74 38.03
C ASP G 314 -36.51 16.56 37.77
N ILE G 315 -36.40 17.88 37.71
CA ILE G 315 -37.60 18.71 37.67
C ILE G 315 -38.37 18.50 36.37
N ARG G 316 -39.64 18.89 36.41
CA ARG G 316 -40.51 18.83 35.25
C ARG G 316 -40.11 19.87 34.22
N ARG G 317 -40.29 19.56 32.95
CA ARG G 317 -39.95 20.45 31.85
C ARG G 317 -41.23 21.04 31.29
N ALA G 318 -41.31 22.37 31.26
CA ALA G 318 -42.42 23.02 30.59
C ALA G 318 -42.33 22.77 29.09
N GLN G 319 -43.46 22.93 28.39
CA GLN G 319 -43.46 22.61 26.98
C GLN G 319 -44.16 23.71 26.19
N VAL G 320 -43.51 24.13 25.11
CA VAL G 320 -43.90 25.29 24.33
C VAL G 320 -44.73 24.83 23.14
N LEU G 321 -45.74 25.60 22.79
CA LEU G 321 -46.48 25.42 21.56
C LEU G 321 -46.05 26.52 20.59
N ILE G 322 -45.31 26.13 19.56
CA ILE G 322 -44.78 27.07 18.58
C ILE G 322 -45.75 27.15 17.42
N GLU G 323 -46.37 28.29 17.23
CA GLU G 323 -47.31 28.47 16.13
C GLU G 323 -46.75 29.53 15.19
N ALA G 324 -46.23 29.10 14.05
CA ALA G 324 -45.79 30.03 13.04
C ALA G 324 -46.98 30.56 12.25
N LEU G 325 -46.79 31.70 11.62
CA LEU G 325 -47.79 32.25 10.70
C LEU G 325 -47.07 32.78 9.48
N ILE G 326 -47.43 32.29 8.31
CA ILE G 326 -46.77 32.65 7.06
C ILE G 326 -47.81 33.32 6.18
N VAL G 327 -47.52 34.53 5.74
CA VAL G 327 -48.43 35.28 4.90
C VAL G 327 -47.71 35.64 3.62
N GLU G 328 -48.24 35.19 2.48
CA GLU G 328 -47.65 35.49 1.19
C GLU G 328 -48.75 36.07 0.32
N MET G 329 -48.64 37.34 -0.01
CA MET G 329 -49.64 38.02 -0.82
C MET G 329 -48.97 38.51 -2.09
N ALA G 330 -49.35 37.94 -3.22
CA ALA G 330 -48.80 38.37 -4.49
C ALA G 330 -49.89 39.10 -5.25
N GLU G 331 -49.47 39.99 -6.13
CA GLU G 331 -50.40 40.66 -7.00
C GLU G 331 -49.67 41.01 -8.28
N GLY G 332 -50.36 40.99 -9.39
CA GLY G 332 -49.72 41.26 -10.65
C GLY G 332 -50.70 41.91 -11.60
N ASP G 333 -50.15 42.62 -12.56
CA ASP G 333 -50.96 43.28 -13.56
C ASP G 333 -50.08 43.53 -14.78
N GLY G 334 -50.72 43.68 -15.91
CA GLY G 334 -49.99 44.11 -17.09
C GLY G 334 -50.95 44.45 -18.19
N ILE G 335 -50.57 45.36 -19.07
CA ILE G 335 -51.39 45.71 -20.21
C ILE G 335 -50.45 45.78 -21.41
N ASN G 336 -50.73 44.95 -22.39
CA ASN G 336 -49.89 44.85 -23.57
C ASN G 336 -50.78 45.16 -24.76
N LEU G 337 -50.56 46.30 -25.40
CA LEU G 337 -51.37 46.63 -26.56
C LEU G 337 -50.53 47.34 -27.60
N GLY G 338 -50.76 47.01 -28.86
CA GLY G 338 -50.06 47.62 -29.95
C GLY G 338 -50.62 47.16 -31.27
N VAL G 339 -50.37 47.96 -32.30
CA VAL G 339 -50.87 47.72 -33.64
C VAL G 339 -49.68 47.41 -34.54
N GLN G 340 -49.81 46.36 -35.34
CA GLN G 340 -48.78 45.98 -36.29
C GLN G 340 -49.36 46.10 -37.69
N TRP G 341 -48.49 46.19 -38.68
CA TRP G 341 -48.93 46.37 -40.05
C TRP G 341 -48.17 45.42 -40.95
N GLY G 342 -48.77 45.11 -42.09
CA GLY G 342 -48.04 44.33 -43.06
C GLY G 342 -48.65 44.31 -44.44
N SER G 343 -47.78 44.15 -45.44
CA SER G 343 -48.19 43.92 -46.82
C SER G 343 -47.29 42.84 -47.36
N LEU G 344 -47.87 41.71 -47.74
CA LEU G 344 -47.07 40.56 -48.12
C LEU G 344 -46.82 40.52 -49.63
N GLU G 345 -47.48 41.38 -50.41
CA GLU G 345 -47.24 41.41 -51.84
C GLU G 345 -45.82 41.90 -52.14
N SER G 346 -45.45 43.06 -51.60
CA SER G 346 -44.07 43.47 -51.49
C SER G 346 -43.80 43.54 -49.99
N GLY G 347 -43.04 42.56 -49.48
CA GLY G 347 -43.09 42.35 -48.05
C GLY G 347 -42.60 43.56 -47.30
N SER G 348 -43.51 44.21 -46.60
CA SER G 348 -43.20 45.37 -45.80
C SER G 348 -44.03 45.29 -44.53
N VAL G 349 -43.37 45.29 -43.39
CA VAL G 349 -44.07 45.07 -42.13
C VAL G 349 -43.69 46.16 -41.16
N ILE G 350 -44.63 46.51 -40.31
CA ILE G 350 -44.34 47.18 -39.06
C ILE G 350 -44.60 46.15 -37.98
N GLN G 351 -43.53 45.64 -37.39
CA GLN G 351 -43.54 44.39 -36.64
C GLN G 351 -42.92 44.61 -35.28
N TYR G 352 -43.43 43.90 -34.27
CA TYR G 352 -43.03 44.13 -32.90
C TYR G 352 -42.87 42.80 -32.17
N GLY G 353 -41.92 42.77 -31.24
CA GLY G 353 -41.67 41.58 -30.45
C GLY G 353 -42.36 41.61 -29.09
N ASN G 354 -42.77 42.80 -28.65
CA ASN G 354 -43.52 42.92 -27.41
C ASN G 354 -44.81 42.10 -27.48
N THR G 355 -45.43 42.04 -28.65
CA THR G 355 -46.71 41.44 -28.82
C THR G 355 -46.62 39.91 -28.77
N GLY G 356 -47.76 39.28 -28.55
CA GLY G 356 -47.84 37.83 -28.54
C GLY G 356 -47.33 37.18 -29.81
N ALA G 357 -47.88 37.58 -30.95
CA ALA G 357 -47.42 37.05 -32.23
C ALA G 357 -47.24 38.19 -33.21
N SER G 358 -46.27 38.01 -34.10
CA SER G 358 -45.84 39.04 -35.04
C SER G 358 -46.56 38.88 -36.36
N ILE G 359 -46.84 40.02 -37.00
CA ILE G 359 -47.62 40.04 -38.22
C ILE G 359 -47.04 39.15 -39.31
N GLY G 360 -45.73 38.93 -39.30
CA GLY G 360 -45.13 38.10 -40.32
C GLY G 360 -45.64 36.67 -40.30
N ASN G 361 -45.48 36.00 -39.15
CA ASN G 361 -45.95 34.63 -39.03
C ASN G 361 -47.46 34.52 -39.22
N VAL G 362 -48.20 35.56 -38.87
CA VAL G 362 -49.65 35.50 -39.03
C VAL G 362 -50.04 35.56 -40.49
N MET G 363 -49.48 36.52 -41.24
CA MET G 363 -49.82 36.58 -42.66
C MET G 363 -49.30 35.36 -43.42
N ILE G 364 -48.08 34.92 -43.14
CA ILE G 364 -47.56 33.71 -43.77
C ILE G 364 -48.48 32.53 -43.47
N GLY G 365 -48.89 32.39 -42.21
CA GLY G 365 -49.80 31.31 -41.86
C GLY G 365 -51.11 31.38 -42.60
N LEU G 366 -51.68 32.58 -42.72
CA LEU G 366 -52.94 32.72 -43.44
C LEU G 366 -52.78 32.38 -44.91
N GLU G 367 -51.63 32.68 -45.51
CA GLU G 367 -51.45 32.31 -46.91
C GLU G 367 -51.27 30.80 -47.06
N GLU G 368 -50.53 30.18 -46.14
CA GLU G 368 -50.41 28.73 -46.18
C GLU G 368 -51.73 28.04 -45.96
N ALA G 369 -52.64 28.67 -45.22
CA ALA G 369 -53.94 28.06 -44.97
C ALA G 369 -54.88 28.13 -46.16
N LYS G 370 -54.63 29.04 -47.10
CA LYS G 370 -55.51 29.16 -48.26
C LYS G 370 -55.43 27.91 -49.12
N ASP G 371 -56.49 27.68 -49.89
CA ASP G 371 -56.53 26.54 -50.79
C ASP G 371 -55.75 26.84 -52.06
N THR G 372 -54.72 26.05 -52.31
CA THR G 372 -53.86 26.24 -53.48
C THR G 372 -54.31 25.34 -54.62
N THR G 373 -54.17 25.87 -55.84
CA THR G 373 -54.49 25.12 -57.04
C THR G 373 -53.27 25.06 -57.93
N GLN G 374 -53.04 23.90 -58.54
CA GLN G 374 -51.87 23.64 -59.36
C GLN G 374 -52.34 23.18 -60.73
N THR G 375 -52.05 23.96 -61.76
CA THR G 375 -52.59 23.75 -63.09
C THR G 375 -51.49 23.32 -64.06
N LYS G 376 -51.79 22.28 -64.84
CA LYS G 376 -50.94 21.85 -65.94
C LYS G 376 -51.80 21.85 -67.20
N ALA G 377 -51.48 22.74 -68.14
CA ALA G 377 -52.27 22.89 -69.37
C ALA G 377 -51.65 22.05 -70.48
N VAL G 378 -52.30 22.08 -71.65
CA VAL G 378 -51.78 21.41 -72.85
C VAL G 378 -51.98 22.30 -74.06
N ASN G 388 -56.02 19.12 -70.20
CA ASN G 388 -55.96 20.39 -69.48
C ASN G 388 -56.19 20.16 -67.99
N GLU G 389 -55.21 19.55 -67.33
CA GLU G 389 -55.34 19.16 -65.93
C GLU G 389 -55.29 20.39 -65.03
N THR G 390 -56.19 20.44 -64.05
CA THR G 390 -56.14 21.45 -62.99
C THR G 390 -56.47 20.75 -61.68
N THR G 391 -55.53 20.76 -60.74
CA THR G 391 -55.77 20.15 -59.44
C THR G 391 -55.97 21.22 -58.39
N THR G 392 -56.79 20.90 -57.38
CA THR G 392 -57.00 21.77 -56.24
C THR G 392 -56.64 21.00 -54.96
N THR G 393 -56.11 21.72 -53.99
CA THR G 393 -55.62 21.12 -52.75
C THR G 393 -55.80 22.14 -51.63
N LYS G 394 -56.13 21.65 -50.44
CA LYS G 394 -56.28 22.52 -49.29
C LYS G 394 -54.97 22.60 -48.52
N GLY G 395 -54.63 23.80 -48.06
CA GLY G 395 -53.39 24.00 -47.38
C GLY G 395 -53.47 23.71 -45.89
N ASP G 396 -52.30 23.44 -45.31
CA ASP G 396 -52.23 23.11 -43.89
C ASP G 396 -52.34 24.37 -43.03
N TYR G 397 -52.83 24.18 -41.81
CA TYR G 397 -52.92 25.24 -40.83
C TYR G 397 -51.76 25.24 -39.85
N THR G 398 -50.80 24.33 -40.01
CA THR G 398 -49.79 24.14 -38.98
C THR G 398 -48.94 25.38 -38.74
N LYS G 399 -48.70 26.20 -39.76
CA LYS G 399 -47.98 27.44 -39.53
C LYS G 399 -48.87 28.46 -38.83
N LEU G 400 -50.11 28.60 -39.29
CA LEU G 400 -51.05 29.48 -38.60
C LEU G 400 -51.31 29.00 -37.18
N ALA G 401 -51.47 27.69 -36.99
CA ALA G 401 -51.63 27.17 -35.64
C ALA G 401 -50.42 27.46 -34.79
N SER G 402 -49.22 27.38 -35.39
CA SER G 402 -48.03 27.71 -34.62
C SER G 402 -47.96 29.20 -34.29
N ALA G 403 -48.55 30.05 -35.12
CA ALA G 403 -48.52 31.48 -34.86
C ALA G 403 -49.53 31.88 -33.80
N LEU G 404 -50.71 31.26 -33.81
CA LEU G 404 -51.76 31.64 -32.88
C LEU G 404 -51.59 31.02 -31.50
N SER G 405 -50.81 29.96 -31.37
CA SER G 405 -50.74 29.23 -30.10
C SER G 405 -50.24 30.13 -28.97
N SER G 406 -49.43 31.14 -29.30
CA SER G 406 -48.83 31.99 -28.28
C SER G 406 -49.67 33.22 -27.95
N ILE G 407 -50.78 33.44 -28.65
CA ILE G 407 -51.60 34.62 -28.39
C ILE G 407 -52.30 34.46 -27.05
N GLN G 408 -52.05 35.40 -26.15
CA GLN G 408 -52.86 35.61 -24.96
C GLN G 408 -53.44 37.00 -25.14
N GLY G 409 -54.70 37.10 -25.52
CA GLY G 409 -55.25 38.43 -25.65
C GLY G 409 -56.16 38.53 -26.84
N ALA G 410 -56.41 39.76 -27.25
CA ALA G 410 -57.13 40.04 -28.48
C ALA G 410 -56.16 40.33 -29.61
N ALA G 411 -56.10 39.43 -30.59
CA ALA G 411 -55.36 39.64 -31.83
C ALA G 411 -56.36 39.69 -32.96
N VAL G 412 -56.55 40.86 -33.55
CA VAL G 412 -57.62 41.12 -34.52
C VAL G 412 -56.99 41.67 -35.79
N SER G 413 -57.18 40.97 -36.91
CA SER G 413 -56.61 41.38 -38.18
C SER G 413 -57.66 42.15 -38.97
N ILE G 414 -57.40 43.44 -39.19
CA ILE G 414 -58.25 44.28 -40.01
C ILE G 414 -57.56 44.45 -41.35
N ALA G 415 -58.12 43.84 -42.39
CA ALA G 415 -57.52 43.89 -43.72
C ALA G 415 -58.11 45.06 -44.49
N MET G 416 -57.26 46.01 -44.86
CA MET G 416 -57.68 47.17 -45.63
C MET G 416 -56.69 47.39 -46.77
N GLY G 417 -57.18 47.28 -48.01
CA GLY G 417 -56.36 47.51 -49.19
C GLY G 417 -55.05 46.76 -49.18
N ASP G 418 -55.11 45.45 -48.94
CA ASP G 418 -54.01 44.48 -48.89
C ASP G 418 -53.03 44.78 -47.76
N TRP G 419 -53.24 45.87 -47.05
CA TRP G 419 -52.51 46.17 -45.82
C TRP G 419 -53.33 45.63 -44.65
N THR G 420 -52.82 44.60 -44.00
CA THR G 420 -53.52 43.95 -42.89
C THR G 420 -52.91 44.45 -41.59
N ALA G 421 -53.69 45.24 -40.85
CA ALA G 421 -53.26 45.75 -39.56
C ALA G 421 -53.72 44.79 -38.47
N LEU G 422 -52.78 44.25 -37.73
CA LEU G 422 -53.06 43.30 -36.66
C LEU G 422 -52.99 44.05 -35.34
N ILE G 423 -54.13 44.28 -34.73
CA ILE G 423 -54.21 44.91 -33.42
C ILE G 423 -54.11 43.83 -32.38
N ASN G 424 -53.40 44.08 -31.29
CA ASN G 424 -53.42 43.13 -30.19
C ASN G 424 -53.38 43.86 -28.88
N ALA G 425 -54.23 43.43 -27.96
CA ALA G 425 -54.33 44.11 -26.69
C ALA G 425 -54.79 43.11 -25.64
N VAL G 426 -54.24 43.21 -24.44
CA VAL G 426 -54.63 42.33 -23.35
C VAL G 426 -54.31 43.02 -22.03
N SER G 427 -55.08 42.70 -20.99
CA SER G 427 -54.78 43.11 -19.63
C SER G 427 -54.82 41.88 -18.76
N ASN G 428 -53.67 41.47 -18.25
CA ASN G 428 -53.56 40.32 -17.38
C ASN G 428 -53.51 40.80 -15.95
N ASP G 429 -54.55 40.49 -15.18
CA ASP G 429 -54.64 40.88 -13.79
C ASP G 429 -54.61 39.62 -12.94
N SER G 430 -53.57 39.47 -12.14
CA SER G 430 -53.39 38.29 -11.31
C SER G 430 -53.34 38.69 -9.86
N SER G 431 -53.62 37.72 -9.00
CA SER G 431 -53.57 37.93 -7.56
C SER G 431 -53.32 36.59 -6.89
N SER G 432 -52.76 36.65 -5.69
CA SER G 432 -52.54 35.46 -4.88
C SER G 432 -52.58 35.86 -3.42
N ASN G 433 -53.17 35.00 -2.61
CA ASN G 433 -53.23 35.25 -1.18
C ASN G 433 -53.06 33.91 -0.48
N ILE G 434 -52.10 33.82 0.43
CA ILE G 434 -51.74 32.55 1.04
C ILE G 434 -51.48 32.74 2.52
N LEU G 435 -52.15 31.98 3.37
CA LEU G 435 -51.80 31.89 4.77
C LEU G 435 -51.62 30.43 5.07
N SER G 436 -50.48 30.04 5.60
CA SER G 436 -50.31 28.71 6.16
C SER G 436 -49.60 28.95 7.45
N SER G 437 -50.05 28.40 8.57
CA SER G 437 -49.29 28.51 9.81
C SER G 437 -49.09 27.12 10.38
N PRO G 438 -47.87 26.66 10.55
CA PRO G 438 -47.64 25.34 11.16
C PRO G 438 -47.23 25.56 12.60
N SER G 439 -47.87 24.84 13.53
CA SER G 439 -47.50 24.85 14.94
C SER G 439 -46.98 23.48 15.38
N ILE G 440 -45.81 23.47 16.01
CA ILE G 440 -45.22 22.27 16.56
C ILE G 440 -45.13 22.48 18.08
N THR G 441 -45.56 21.47 18.83
CA THR G 441 -45.53 21.48 20.29
C THR G 441 -44.34 20.63 20.75
N VAL G 442 -43.52 21.22 21.61
CA VAL G 442 -42.16 20.79 21.91
C VAL G 442 -41.98 20.77 23.41
N MET G 443 -41.15 19.86 23.89
CA MET G 443 -40.67 19.96 25.25
C MET G 443 -39.60 21.03 25.28
N ASP G 444 -39.52 21.77 26.39
CA ASP G 444 -38.47 22.77 26.53
C ASP G 444 -37.10 22.16 26.30
N ASN G 445 -36.23 22.92 25.64
CA ASN G 445 -34.87 22.51 25.34
C ASN G 445 -34.81 21.34 24.37
N GLY G 446 -35.95 20.78 24.03
CA GLY G 446 -36.00 19.76 23.01
C GLY G 446 -36.26 20.35 21.64
N GLU G 447 -35.84 19.64 20.61
CA GLU G 447 -35.97 20.10 19.25
C GLU G 447 -37.09 19.35 18.55
N ALA G 448 -37.76 20.04 17.63
CA ALA G 448 -38.81 19.38 16.86
C ALA G 448 -38.72 19.77 15.40
N SER G 449 -38.94 18.78 14.55
CA SER G 449 -39.08 19.01 13.13
C SER G 449 -40.54 18.87 12.76
N PHE G 450 -40.97 19.63 11.78
CA PHE G 450 -42.33 19.57 11.26
C PHE G 450 -42.24 19.73 9.76
N ILE G 451 -42.77 18.76 9.02
CA ILE G 451 -42.76 18.86 7.58
C ILE G 451 -44.13 18.56 7.00
N VAL G 452 -44.63 19.47 6.17
CA VAL G 452 -45.76 19.17 5.32
C VAL G 452 -45.25 19.41 3.91
N ALA G 453 -45.22 18.35 3.11
CA ALA G 453 -44.71 18.44 1.75
C ALA G 453 -45.23 17.35 0.84
N GLU G 454 -45.18 17.63 -0.46
CA GLU G 454 -45.43 16.62 -1.48
C GLU G 454 -44.23 16.65 -2.40
N GLU G 455 -43.69 15.47 -2.73
CA GLU G 455 -42.49 15.44 -3.56
C GLU G 455 -42.82 15.11 -5.01
N VAL G 456 -42.59 16.08 -5.88
CA VAL G 456 -42.72 15.90 -7.31
C VAL G 456 -41.46 15.25 -7.86
N PRO G 457 -41.56 14.64 -9.04
CA PRO G 457 -40.37 14.01 -9.63
C PRO G 457 -39.41 15.05 -10.20
N VAL G 458 -38.11 14.82 -10.06
CA VAL G 458 -37.10 15.73 -10.58
C VAL G 458 -36.11 15.03 -11.49
N ILE G 459 -35.81 15.64 -12.63
CA ILE G 459 -34.85 15.09 -13.57
C ILE G 459 -33.61 15.97 -13.64
N THR G 460 -32.49 15.43 -13.18
CA THR G 460 -31.22 16.13 -13.20
C THR G 460 -30.35 15.62 -14.34
N GLY G 461 -30.96 14.90 -15.27
CA GLY G 461 -30.25 14.36 -16.41
C GLY G 461 -30.98 14.58 -17.72
N PHE G 472 -35.43 9.30 -22.28
CA PHE G 472 -35.00 8.65 -21.05
C PHE G 472 -34.26 9.62 -20.15
N GLN G 473 -34.98 10.29 -19.27
CA GLN G 473 -34.39 11.25 -18.34
C GLN G 473 -34.58 10.82 -16.89
N THR G 474 -33.50 10.86 -16.13
CA THR G 474 -33.53 10.47 -14.72
C THR G 474 -34.35 11.44 -13.88
N VAL G 475 -35.03 10.91 -12.87
CA VAL G 475 -35.85 11.70 -11.97
C VAL G 475 -35.43 11.55 -10.52
N ASP G 476 -35.28 12.68 -9.83
CA ASP G 476 -34.92 12.69 -8.42
C ASP G 476 -36.01 13.35 -7.58
N ARG G 477 -36.39 12.70 -6.50
CA ARG G 477 -37.46 13.20 -5.64
C ARG G 477 -36.85 14.17 -4.63
N LYS G 478 -37.47 15.34 -4.54
CA LYS G 478 -37.18 16.36 -3.55
C LYS G 478 -38.53 16.84 -3.04
N GLU G 479 -38.57 17.39 -1.83
CA GLU G 479 -39.84 17.74 -1.21
C GLU G 479 -40.09 19.24 -1.10
N VAL G 480 -41.28 19.65 -1.54
CA VAL G 480 -41.70 21.04 -1.43
C VAL G 480 -42.92 21.11 -0.51
N GLY G 481 -42.88 22.02 0.45
CA GLY G 481 -43.89 22.08 1.49
C GLY G 481 -43.43 23.02 2.58
N ILE G 482 -44.14 23.01 3.70
CA ILE G 482 -43.75 23.85 4.83
C ILE G 482 -43.04 23.02 5.87
N LYS G 483 -41.82 23.41 6.21
CA LYS G 483 -41.07 22.74 7.25
C LYS G 483 -40.59 23.74 8.29
N LEU G 484 -40.73 23.36 9.55
CA LEU G 484 -40.41 24.20 10.69
C LEU G 484 -39.61 23.37 11.66
N LYS G 485 -38.35 23.74 11.88
CA LYS G 485 -37.50 23.04 12.84
C LYS G 485 -37.12 24.01 13.94
N VAL G 486 -37.58 23.76 15.15
CA VAL G 486 -37.46 24.74 16.21
C VAL G 486 -36.86 24.09 17.44
N VAL G 487 -36.04 24.85 18.17
CA VAL G 487 -35.38 24.36 19.38
C VAL G 487 -35.57 25.39 20.49
N PRO G 488 -36.69 25.41 21.19
CA PRO G 488 -36.91 26.45 22.19
C PRO G 488 -36.17 26.16 23.47
N GLN G 489 -35.84 27.23 24.20
CA GLN G 489 -35.52 27.11 25.61
C GLN G 489 -36.19 28.26 26.32
N ILE G 490 -36.66 28.00 27.52
CA ILE G 490 -37.56 28.92 28.21
C ILE G 490 -36.77 29.64 29.29
N ASN G 491 -36.70 30.97 29.17
CA ASN G 491 -36.41 31.80 30.33
C ASN G 491 -37.32 31.37 31.46
N GLU G 492 -36.79 31.29 32.67
CA GLU G 492 -37.49 30.60 33.74
C GLU G 492 -38.90 31.13 34.00
N GLY G 493 -39.27 32.24 33.39
CA GLY G 493 -40.66 32.58 33.23
C GLY G 493 -40.82 33.42 31.98
N ASN G 494 -42.03 33.37 31.41
CA ASN G 494 -42.35 34.14 30.21
C ASN G 494 -41.41 33.85 29.05
N SER G 495 -40.59 34.82 28.65
CA SER G 495 -39.98 34.82 27.32
C SER G 495 -39.35 33.50 26.95
N VAL G 496 -39.55 33.10 25.70
CA VAL G 496 -39.02 31.88 25.11
C VAL G 496 -37.98 32.27 24.08
N GLN G 497 -36.84 31.62 24.12
CA GLN G 497 -35.82 31.79 23.08
C GLN G 497 -35.97 30.67 22.05
N LEU G 498 -35.89 31.04 20.78
CA LEU G 498 -36.15 30.13 19.68
C LEU G 498 -34.98 30.15 18.72
N ASN G 499 -34.37 28.99 18.51
CA ASN G 499 -33.51 28.75 17.36
C ASN G 499 -34.39 28.09 16.32
N ILE G 500 -34.67 28.82 15.24
CA ILE G 500 -35.71 28.42 14.31
C ILE G 500 -35.15 28.35 12.91
N GLU G 501 -35.53 27.31 12.18
CA GLU G 501 -35.19 27.14 10.77
C GLU G 501 -36.50 26.88 10.05
N GLN G 502 -36.93 27.81 9.22
CA GLN G 502 -38.26 27.74 8.63
C GLN G 502 -38.17 27.85 7.14
N GLU G 503 -38.78 26.90 6.43
CA GLU G 503 -38.69 26.85 4.99
C GLU G 503 -40.06 26.60 4.40
N VAL G 504 -40.36 27.23 3.28
CA VAL G 504 -41.64 27.04 2.63
C VAL G 504 -41.43 26.51 1.22
N SER G 505 -42.15 25.44 0.87
CA SER G 505 -42.00 24.86 -0.46
C SER G 505 -43.21 25.19 -1.32
N ASN G 506 -42.96 25.90 -2.41
CA ASN G 506 -44.01 26.22 -3.37
C ASN G 506 -43.56 25.80 -4.76
N VAL G 507 -44.44 25.13 -5.50
CA VAL G 507 -44.07 24.64 -6.82
C VAL G 507 -45.14 24.88 -7.88
N LEU G 508 -44.71 25.39 -9.04
CA LEU G 508 -45.62 25.66 -10.13
C LEU G 508 -45.84 24.43 -11.00
N ASP G 515 -38.63 19.73 -15.71
CA ASP G 515 -38.71 21.14 -16.09
C ASP G 515 -39.78 21.87 -15.27
N VAL G 516 -39.74 21.68 -13.97
CA VAL G 516 -40.69 22.32 -13.07
C VAL G 516 -39.99 23.30 -12.14
N ARG G 517 -40.52 24.52 -12.05
CA ARG G 517 -39.93 25.53 -11.20
C ARG G 517 -40.77 25.77 -9.95
N PHE G 518 -40.14 25.69 -8.78
CA PHE G 518 -40.81 25.91 -7.51
C PHE G 518 -40.04 26.91 -6.67
N ALA G 519 -40.76 27.71 -5.91
CA ALA G 519 -40.12 28.74 -5.10
C ALA G 519 -40.02 28.32 -3.64
N LYS G 520 -38.82 28.47 -3.08
CA LYS G 520 -38.58 28.13 -1.69
C LYS G 520 -37.96 29.34 -0.97
N ARG G 521 -38.66 29.85 0.03
CA ARG G 521 -38.18 31.01 0.77
C ARG G 521 -38.04 30.68 2.24
N GLN G 522 -36.81 30.41 2.67
CA GLN G 522 -36.57 30.01 4.05
C GLN G 522 -35.87 31.13 4.77
N LEU G 523 -36.08 31.17 6.08
CA LEU G 523 -35.29 32.01 6.96
C LEU G 523 -35.03 31.20 8.21
N ASN G 524 -33.78 31.18 8.64
CA ASN G 524 -33.38 30.47 9.85
C ASN G 524 -32.59 31.44 10.72
N THR G 525 -33.15 31.76 11.87
CA THR G 525 -32.67 32.82 12.72
C THR G 525 -32.82 32.38 14.17
N SER G 526 -32.52 33.30 15.08
CA SER G 526 -32.67 33.07 16.51
C SER G 526 -33.36 34.28 17.10
N VAL G 527 -34.53 34.09 17.68
CA VAL G 527 -35.29 35.21 18.21
C VAL G 527 -35.65 34.93 19.65
N MET G 528 -36.07 35.97 20.34
CA MET G 528 -36.54 35.84 21.73
C MET G 528 -37.91 36.50 21.81
N VAL G 529 -38.93 35.70 22.06
CA VAL G 529 -40.32 36.13 21.97
C VAL G 529 -40.93 36.08 23.36
N GLN G 530 -41.79 37.02 23.67
CA GLN G 530 -42.51 36.93 24.94
C GLN G 530 -43.45 35.74 24.91
N ASP G 531 -43.91 35.33 26.08
CA ASP G 531 -44.72 34.13 26.26
C ASP G 531 -45.83 34.00 25.24
N GLY G 532 -46.86 34.83 25.34
CA GLY G 532 -48.02 34.70 24.48
C GLY G 532 -48.14 35.73 23.38
N GLN G 533 -47.07 36.43 23.04
CA GLN G 533 -47.15 37.51 22.07
C GLN G 533 -46.47 37.11 20.77
N MET G 534 -46.98 37.66 19.68
CA MET G 534 -46.49 37.37 18.34
C MET G 534 -45.28 38.24 18.03
N LEU G 535 -44.34 37.67 17.28
CA LEU G 535 -43.16 38.41 16.85
C LEU G 535 -42.86 38.08 15.40
N VAL G 536 -42.41 39.08 14.64
CA VAL G 536 -42.21 38.94 13.21
C VAL G 536 -40.77 38.51 12.96
N LEU G 537 -40.58 37.28 12.50
CA LEU G 537 -39.24 36.84 12.11
C LEU G 537 -38.79 37.55 10.85
N GLY G 538 -39.59 37.48 9.80
CA GLY G 538 -39.01 37.86 8.52
C GLY G 538 -40.06 38.43 7.59
N GLY G 539 -39.59 38.83 6.42
CA GLY G 539 -40.48 39.40 5.44
C GLY G 539 -39.74 39.82 4.20
N LEU G 540 -40.50 40.10 3.17
CA LEU G 540 -40.00 40.66 1.94
C LEU G 540 -41.12 41.52 1.38
N ILE G 541 -40.79 42.68 0.86
CA ILE G 541 -41.75 43.51 0.16
C ILE G 541 -41.14 43.89 -1.17
N ASP G 542 -41.71 43.37 -2.25
CA ASP G 542 -41.09 43.51 -3.55
C ASP G 542 -42.07 44.19 -4.48
N GLU G 543 -41.58 45.13 -5.27
CA GLU G 543 -42.42 45.87 -6.20
C GLU G 543 -41.65 46.03 -7.50
N ARG G 544 -42.35 45.89 -8.61
CA ARG G 544 -41.73 46.00 -9.92
C ARG G 544 -42.65 46.72 -10.87
N ALA G 545 -42.07 47.57 -11.71
CA ALA G 545 -42.78 48.13 -12.85
C ALA G 545 -41.86 48.05 -14.05
N LEU G 546 -42.25 47.24 -15.03
CA LEU G 546 -41.49 47.10 -16.27
C LEU G 546 -42.31 47.66 -17.41
N GLU G 547 -41.89 48.78 -17.96
CA GLU G 547 -42.54 49.37 -19.12
C GLU G 547 -41.64 49.14 -20.32
N SER G 548 -42.25 48.95 -21.48
CA SER G 548 -41.54 48.75 -22.72
C SER G 548 -42.37 49.34 -23.83
N GLU G 549 -41.72 49.77 -24.91
CA GLU G 549 -42.41 50.42 -26.01
C GLU G 549 -41.60 50.25 -27.28
N SER G 550 -42.27 50.36 -28.41
CA SER G 550 -41.63 50.40 -29.70
C SER G 550 -42.47 51.27 -30.62
N LYS G 551 -41.81 52.00 -31.50
CA LYS G 551 -42.53 52.85 -32.44
C LYS G 551 -41.62 53.15 -33.61
N VAL G 552 -42.15 53.90 -34.56
CA VAL G 552 -41.50 54.07 -35.86
C VAL G 552 -40.17 54.82 -35.92
N PRO G 553 -39.91 55.84 -35.09
CA PRO G 553 -40.49 56.70 -34.05
C PRO G 553 -41.45 57.80 -34.47
N LEU G 554 -41.17 58.49 -35.58
CA LEU G 554 -41.74 59.81 -35.80
C LEU G 554 -43.27 59.76 -35.84
N LEU G 555 -43.83 58.76 -36.52
CA LEU G 555 -45.28 58.67 -36.61
C LEU G 555 -45.90 58.32 -35.27
N GLY G 556 -45.19 57.55 -34.45
CA GLY G 556 -45.74 57.17 -33.16
C GLY G 556 -45.77 58.32 -32.17
N ASP G 557 -45.20 59.46 -32.56
CA ASP G 557 -45.20 60.62 -31.66
C ASP G 557 -46.52 61.38 -31.74
N ILE G 558 -47.18 61.37 -32.89
CA ILE G 558 -48.44 62.10 -33.08
C ILE G 558 -49.43 61.68 -32.00
N PRO G 559 -50.13 62.62 -31.35
CA PRO G 559 -51.04 62.23 -30.26
C PRO G 559 -52.22 61.37 -30.71
N LEU G 560 -52.87 61.74 -31.81
CA LEU G 560 -54.09 61.04 -32.18
C LEU G 560 -53.80 59.71 -32.85
N LEU G 561 -52.93 59.72 -33.86
CA LEU G 561 -52.64 58.52 -34.63
C LEU G 561 -51.43 57.76 -34.14
N GLY G 562 -50.78 58.22 -33.09
CA GLY G 562 -49.58 57.56 -32.63
C GLY G 562 -49.82 56.15 -32.15
N GLN G 563 -51.01 55.89 -31.61
CA GLN G 563 -51.29 54.57 -31.06
C GLN G 563 -51.35 53.52 -32.15
N LEU G 564 -51.41 53.95 -33.42
CA LEU G 564 -51.43 52.98 -34.51
C LEU G 564 -50.05 52.41 -34.76
N PHE G 565 -49.01 53.20 -34.54
CA PHE G 565 -47.65 52.77 -34.83
C PHE G 565 -46.87 52.33 -33.60
N ARG G 566 -47.46 52.34 -32.42
CA ARG G 566 -46.77 51.98 -31.20
C ARG G 566 -47.16 50.60 -30.72
N SER G 567 -46.22 49.92 -30.08
CA SER G 567 -46.50 48.70 -29.33
C SER G 567 -45.98 48.90 -27.91
N THR G 568 -46.89 48.93 -26.95
CA THR G 568 -46.55 49.19 -25.56
C THR G 568 -46.83 47.95 -24.74
N SER G 569 -45.87 47.58 -23.88
CA SER G 569 -46.03 46.45 -22.97
C SER G 569 -45.70 46.93 -21.57
N SER G 570 -46.69 47.01 -20.70
CA SER G 570 -46.50 47.47 -19.34
C SER G 570 -46.81 46.37 -18.36
N GLN G 571 -46.08 46.34 -17.25
CA GLN G 571 -46.30 45.30 -16.25
C GLN G 571 -45.98 45.84 -14.87
N VAL G 572 -46.77 45.43 -13.88
CA VAL G 572 -46.58 45.83 -12.50
C VAL G 572 -46.73 44.60 -11.63
N GLU G 573 -45.69 44.23 -10.91
CA GLU G 573 -45.73 43.09 -10.01
C GLU G 573 -45.55 43.57 -8.59
N LYS G 574 -46.11 42.82 -7.65
CA LYS G 574 -45.99 43.19 -6.24
C LYS G 574 -46.07 41.92 -5.42
N LYS G 575 -45.34 41.90 -4.30
CA LYS G 575 -45.26 40.70 -3.50
C LYS G 575 -44.98 41.08 -2.06
N ASN G 576 -45.53 40.29 -1.14
CA ASN G 576 -45.38 40.52 0.29
C ASN G 576 -45.23 39.18 0.98
N LEU G 577 -44.29 39.10 1.89
CA LEU G 577 -44.09 37.93 2.73
C LEU G 577 -43.85 38.40 4.14
N MET G 578 -44.67 37.94 5.08
CA MET G 578 -44.31 38.09 6.48
C MET G 578 -44.31 36.72 7.12
N VAL G 579 -43.35 36.51 8.01
CA VAL G 579 -43.28 35.29 8.80
C VAL G 579 -43.26 35.72 10.25
N PHE G 580 -44.31 35.34 10.98
CA PHE G 580 -44.53 35.65 12.39
C PHE G 580 -44.43 34.36 13.19
N ILE G 581 -44.18 34.49 14.49
CA ILE G 581 -44.19 33.31 15.34
C ILE G 581 -44.83 33.67 16.68
N LYS G 582 -45.73 32.82 17.15
CA LYS G 582 -46.30 32.95 18.49
C LYS G 582 -46.01 31.70 19.29
N PRO G 583 -45.13 31.75 20.28
CA PRO G 583 -45.03 30.66 21.25
C PRO G 583 -46.15 30.76 22.27
N THR G 584 -46.38 29.65 22.96
CA THR G 584 -47.23 29.65 24.14
C THR G 584 -46.66 28.65 25.12
N ILE G 585 -46.47 29.04 26.37
CA ILE G 585 -45.87 28.14 27.33
C ILE G 585 -46.95 27.34 28.03
N ILE G 586 -46.82 26.03 27.98
CA ILE G 586 -47.72 25.09 28.63
C ILE G 586 -46.97 24.54 29.83
N ARG G 587 -47.48 24.85 31.02
CA ARG G 587 -46.90 24.40 32.28
C ARG G 587 -47.84 23.44 33.00
N ASP G 588 -49.02 23.91 33.38
CA ASP G 588 -50.02 23.06 33.98
C ASP G 588 -50.62 22.12 32.94
N GLY G 589 -51.25 21.05 33.42
CA GLY G 589 -52.04 20.22 32.54
C GLY G 589 -53.32 20.88 32.08
N VAL G 590 -53.88 21.78 32.89
CA VAL G 590 -55.09 22.48 32.50
C VAL G 590 -54.85 23.42 31.32
N THR G 591 -53.65 23.92 31.15
CA THR G 591 -53.36 24.76 29.98
C THR G 591 -53.31 23.91 28.72
N ALA G 592 -52.59 22.80 28.74
CA ALA G 592 -52.57 21.91 27.58
C ALA G 592 -53.96 21.40 27.25
N ASP G 593 -54.76 21.10 28.25
CA ASP G 593 -56.14 20.69 27.99
C ASP G 593 -56.97 21.84 27.44
N GLY G 594 -56.68 23.07 27.84
CA GLY G 594 -57.41 24.22 27.31
C GLY G 594 -57.10 24.51 25.87
N ILE G 595 -55.84 24.35 25.47
CA ILE G 595 -55.46 24.54 24.08
C ILE G 595 -55.96 23.39 23.22
N THR G 596 -55.67 22.16 23.64
CA THR G 596 -56.11 20.99 22.90
C THR G 596 -57.62 20.99 22.75
N GLN G 597 -58.36 21.49 23.73
CA GLN G 597 -59.81 21.47 23.64
C GLN G 597 -60.30 22.41 22.55
N ARG G 598 -59.67 23.57 22.39
CA ARG G 598 -60.15 24.48 21.35
C ARG G 598 -59.66 24.07 19.97
N LYS G 599 -58.44 23.56 19.85
CA LYS G 599 -58.01 23.09 18.55
C LYS G 599 -58.75 21.83 18.14
N TYR G 600 -59.26 21.07 19.10
CA TYR G 600 -60.05 19.90 18.81
C TYR G 600 -61.48 20.28 18.43
N ASN G 601 -62.10 21.15 19.22
CA ASN G 601 -63.46 21.59 18.94
C ASN G 601 -63.56 22.42 17.68
N TYR G 602 -62.48 23.06 17.24
CA TYR G 602 -62.54 23.75 15.96
C TYR G 602 -62.74 22.76 14.82
N ILE G 603 -61.89 21.74 14.74
CA ILE G 603 -62.06 20.73 13.71
C ILE G 603 -63.40 20.02 13.86
N ARG G 604 -63.74 19.60 15.07
CA ARG G 604 -65.04 18.96 15.25
C ARG G 604 -66.17 19.83 14.73
N ALA G 605 -66.10 21.14 14.95
CA ALA G 605 -67.11 22.03 14.39
C ALA G 605 -67.11 21.98 12.86
N GLU G 606 -65.93 22.05 12.25
CA GLU G 606 -65.84 21.93 10.79
C GLU G 606 -66.51 20.65 10.31
N GLN G 607 -66.24 19.52 10.97
CA GLN G 607 -66.75 18.24 10.52
C GLN G 607 -68.25 18.13 10.72
N LEU G 608 -68.77 18.64 11.84
CA LEU G 608 -70.21 18.67 12.00
C LEU G 608 -70.87 19.49 10.89
N PHE G 609 -70.26 20.61 10.52
CA PHE G 609 -70.79 21.35 9.39
C PHE G 609 -70.71 20.55 8.10
N ARG G 610 -69.65 19.75 7.92
CA ARG G 610 -69.59 18.84 6.79
C ARG G 610 -70.71 17.82 6.84
N ALA G 611 -71.17 17.45 8.04
CA ALA G 611 -72.23 16.47 8.15
C ALA G 611 -73.61 17.08 7.97
N GLU G 612 -73.74 18.39 8.14
CA GLU G 612 -75.05 19.01 7.94
C GLU G 612 -75.37 19.14 6.46
N LYS G 613 -74.43 19.65 5.66
CA LYS G 613 -74.51 19.52 4.21
C LYS G 613 -73.55 18.39 3.86
N GLY G 614 -74.11 17.22 3.56
CA GLY G 614 -73.35 16.01 3.54
C GLY G 614 -72.95 15.59 2.13
N LEU G 615 -72.53 14.35 2.02
CA LEU G 615 -72.30 13.77 0.70
C LEU G 615 -73.63 13.69 -0.02
N ARG G 616 -73.70 14.26 -1.23
CA ARG G 616 -74.97 14.30 -1.92
C ARG G 616 -75.43 12.92 -2.34
N LEU G 617 -74.50 12.07 -2.77
CA LEU G 617 -74.87 10.77 -3.27
C LEU G 617 -74.87 9.67 -2.20
N LEU G 618 -74.33 9.94 -1.03
CA LEU G 618 -74.19 8.95 0.01
C LEU G 618 -74.88 9.42 1.29
N ASP G 619 -75.09 8.48 2.19
CA ASP G 619 -75.74 8.81 3.46
C ASP G 619 -74.84 9.69 4.30
N ASP G 620 -75.45 10.68 4.98
CA ASP G 620 -74.68 11.65 5.74
C ASP G 620 -74.02 11.06 6.97
N ALA G 621 -74.32 9.82 7.33
CA ALA G 621 -73.65 9.18 8.46
C ALA G 621 -72.32 8.57 8.07
N SER G 622 -71.95 8.62 6.79
CA SER G 622 -70.70 8.06 6.33
C SER G 622 -69.53 9.03 6.40
N VAL G 623 -69.79 10.31 6.64
CA VAL G 623 -68.70 11.28 6.73
C VAL G 623 -68.03 11.17 8.08
N PRO G 624 -66.71 11.04 8.15
CA PRO G 624 -66.05 10.90 9.44
C PRO G 624 -66.15 12.18 10.24
N VAL G 625 -66.48 12.05 11.51
CA VAL G 625 -66.61 13.20 12.41
C VAL G 625 -66.02 12.82 13.75
N LEU G 626 -65.24 13.71 14.32
CA LEU G 626 -64.60 13.42 15.59
C LEU G 626 -65.66 13.21 16.67
N PRO G 627 -65.45 12.29 17.59
CA PRO G 627 -66.35 12.18 18.74
C PRO G 627 -66.22 13.40 19.63
N LYS G 628 -67.25 13.64 20.43
CA LYS G 628 -67.22 14.75 21.36
C LYS G 628 -66.04 14.57 22.30
N PHE G 629 -65.44 15.70 22.70
CA PHE G 629 -64.11 15.67 23.28
C PHE G 629 -64.07 14.80 24.53
N GLY G 630 -63.22 13.78 24.51
CA GLY G 630 -63.04 12.88 25.64
C GLY G 630 -63.87 11.61 25.62
N ASP G 631 -64.69 11.39 24.60
CA ASP G 631 -65.63 10.27 24.60
C ASP G 631 -65.13 9.03 23.86
N ASP G 632 -63.92 9.06 23.32
CA ASP G 632 -63.36 7.95 22.55
C ASP G 632 -64.30 7.49 21.43
N ARG G 633 -64.42 6.19 21.22
CA ARG G 633 -65.03 5.65 20.02
C ARG G 633 -66.54 5.41 20.14
N ARG G 634 -67.29 5.86 19.13
CA ARG G 634 -68.67 5.46 18.89
C ARG G 634 -69.14 4.64 17.72
N HIS G 635 -70.05 3.70 17.95
CA HIS G 635 -70.48 2.80 16.89
C HIS G 635 -71.28 3.73 15.99
N SER G 636 -71.41 3.31 14.73
CA SER G 636 -72.27 4.00 13.78
C SER G 636 -73.71 4.02 14.30
N PRO G 637 -74.53 4.93 13.81
CA PRO G 637 -75.90 4.98 14.31
C PRO G 637 -76.67 3.68 14.02
N GLU G 638 -76.56 3.18 12.80
CA GLU G 638 -77.21 1.92 12.44
C GLU G 638 -76.67 0.71 13.19
N ILE G 639 -75.34 0.65 13.30
CA ILE G 639 -74.70 -0.44 14.04
C ILE G 639 -75.07 -0.38 15.50
N GLN G 640 -75.13 0.83 16.04
CA GLN G 640 -75.51 1.03 17.42
C GLN G 640 -76.93 0.54 17.62
N ALA G 641 -77.79 0.86 16.66
CA ALA G 641 -79.18 0.43 16.73
C ALA G 641 -79.27 -1.10 16.71
N PHE G 642 -78.44 -1.72 15.87
CA PHE G 642 -78.39 -3.18 15.79
C PHE G 642 -77.94 -3.79 17.12
N ILE G 643 -76.95 -3.18 17.75
CA ILE G 643 -76.35 -3.76 18.94
C ILE G 643 -77.36 -3.87 20.09
N GLU G 644 -78.19 -2.86 20.23
CA GLU G 644 -79.18 -2.82 21.30
C GLU G 644 -80.21 -3.92 21.15
N GLN G 645 -80.55 -4.31 19.92
CA GLN G 645 -81.50 -5.38 19.70
C GLN G 645 -80.96 -6.71 20.23
N MET G 646 -79.75 -7.09 19.82
CA MET G 646 -79.14 -8.33 20.27
C MET G 646 -78.84 -8.28 21.76
N GLY H 97 -6.55 -9.40 115.75
CA GLY H 97 -5.67 -9.85 116.81
C GLY H 97 -4.21 -9.92 116.41
N ASP H 98 -3.44 -10.74 117.14
CA ASP H 98 -2.00 -10.90 116.94
C ASP H 98 -1.61 -12.10 116.06
N GLU H 99 -2.56 -12.82 115.47
CA GLU H 99 -2.24 -14.06 114.78
C GLU H 99 -1.32 -13.80 113.59
N VAL H 100 -0.55 -14.82 113.20
CA VAL H 100 0.31 -14.77 112.01
C VAL H 100 -0.38 -15.55 110.89
N ILE H 101 -0.85 -14.83 109.86
CA ILE H 101 -1.43 -15.41 108.66
C ILE H 101 -0.83 -14.69 107.45
N THR H 102 -0.90 -15.33 106.29
CA THR H 102 -0.43 -14.79 105.03
C THR H 102 -1.61 -14.24 104.21
N GLN H 103 -1.42 -13.07 103.59
CA GLN H 103 -2.49 -12.51 102.76
C GLN H 103 -1.98 -12.27 101.34
N VAL H 104 -2.79 -12.72 100.38
CA VAL H 104 -2.48 -12.67 98.97
C VAL H 104 -3.43 -11.68 98.30
N VAL H 105 -2.91 -10.54 97.87
CA VAL H 105 -3.75 -9.47 97.29
C VAL H 105 -3.01 -8.92 96.07
N ALA H 106 -3.76 -8.28 95.15
CA ALA H 106 -3.18 -7.86 93.88
C ALA H 106 -2.95 -6.35 93.81
N VAL H 107 -1.92 -5.98 93.05
CA VAL H 107 -1.80 -4.64 92.47
C VAL H 107 -1.53 -4.86 90.99
N LYS H 108 -2.51 -4.54 90.15
CA LYS H 108 -2.33 -4.80 88.73
C LYS H 108 -1.55 -3.68 88.05
N ASN H 109 -1.64 -2.47 88.61
CA ASN H 109 -1.33 -1.27 87.84
C ASN H 109 0.14 -1.22 87.45
N VAL H 110 1.05 -1.44 88.40
CA VAL H 110 2.47 -1.52 88.09
C VAL H 110 3.10 -2.53 89.05
N SER H 111 4.24 -3.10 88.63
CA SER H 111 4.90 -4.15 89.40
C SER H 111 5.15 -3.72 90.84
N VAL H 112 4.87 -4.64 91.78
CA VAL H 112 4.85 -4.32 93.20
C VAL H 112 6.22 -4.34 93.85
N ARG H 113 7.26 -4.77 93.12
CA ARG H 113 8.62 -4.61 93.60
C ARG H 113 8.90 -3.17 94.00
N GLU H 114 8.20 -2.24 93.34
CA GLU H 114 8.27 -0.82 93.64
C GLU H 114 7.99 -0.49 95.10
N LEU H 115 7.28 -1.36 95.81
CA LEU H 115 6.95 -1.14 97.22
C LEU H 115 7.87 -1.88 98.19
N SER H 116 8.88 -2.61 97.70
CA SER H 116 9.70 -3.42 98.62
C SER H 116 10.32 -2.61 99.75
N PRO H 117 10.90 -1.41 99.55
CA PRO H 117 11.57 -0.73 100.67
C PRO H 117 10.63 -0.27 101.76
N LEU H 118 9.48 0.29 101.37
CA LEU H 118 8.58 0.91 102.33
C LEU H 118 7.74 -0.16 103.02
N LEU H 119 7.43 -1.24 102.31
CA LEU H 119 6.78 -2.40 102.93
C LEU H 119 7.69 -3.08 103.94
N ARG H 120 8.97 -3.29 103.59
CA ARG H 120 9.91 -3.73 104.62
C ARG H 120 10.11 -2.67 105.70
N GLN H 121 9.62 -1.45 105.47
CA GLN H 121 9.56 -0.48 106.56
C GLN H 121 8.52 -0.92 107.59
N LEU H 122 7.36 -1.41 107.15
CA LEU H 122 6.41 -2.04 108.07
C LEU H 122 6.85 -3.44 108.50
N ILE H 123 7.79 -4.06 107.78
CA ILE H 123 8.42 -5.28 108.31
C ILE H 123 9.46 -4.90 109.35
N ASP H 124 10.04 -3.69 109.21
CA ASP H 124 10.89 -3.10 110.24
C ASP H 124 10.09 -2.37 111.34
N ASN H 125 9.03 -1.61 110.99
CA ASN H 125 8.29 -0.79 111.96
C ASN H 125 7.86 -1.60 113.18
N ALA H 126 7.58 -2.88 113.00
CA ALA H 126 7.22 -3.78 114.08
C ALA H 126 8.00 -5.08 113.91
N GLY H 127 7.63 -6.09 114.70
CA GLY H 127 8.33 -7.37 114.72
C GLY H 127 8.32 -8.17 113.43
N ALA H 128 9.34 -9.01 113.26
CA ALA H 128 9.51 -9.79 112.04
C ALA H 128 8.94 -11.20 112.26
N GLY H 129 9.22 -12.10 111.32
CA GLY H 129 8.38 -13.23 111.03
C GLY H 129 7.64 -13.03 109.73
N ASN H 130 7.55 -11.79 109.26
CA ASN H 130 6.87 -11.41 108.03
C ASN H 130 7.65 -11.92 106.82
N VAL H 131 6.92 -12.02 105.71
CA VAL H 131 7.49 -11.97 104.38
C VAL H 131 6.57 -11.06 103.57
N VAL H 132 7.11 -10.33 102.62
CA VAL H 132 6.29 -9.79 101.55
C VAL H 132 7.03 -10.09 100.25
N HIS H 133 6.43 -10.96 99.44
CA HIS H 133 7.09 -11.48 98.25
C HIS H 133 6.24 -11.10 97.05
N TYR H 134 6.92 -10.62 96.01
CA TYR H 134 6.28 -9.96 94.87
C TYR H 134 6.44 -10.86 93.67
N ASP H 135 5.38 -11.52 93.28
CA ASP H 135 5.51 -12.47 92.20
C ASP H 135 5.46 -11.76 90.86
N PRO H 136 6.44 -12.01 90.00
CA PRO H 136 6.46 -11.36 88.67
C PRO H 136 5.24 -11.68 87.82
N ALA H 137 4.45 -12.68 88.21
CA ALA H 137 3.14 -12.92 87.61
C ALA H 137 2.15 -11.82 88.02
N ASN H 138 2.62 -10.92 88.89
CA ASN H 138 1.85 -9.80 89.45
C ASN H 138 0.67 -10.25 90.30
N ILE H 139 0.98 -10.82 91.47
CA ILE H 139 0.10 -10.85 92.62
C ILE H 139 0.97 -10.43 93.80
N ILE H 140 0.49 -10.56 95.02
CA ILE H 140 1.15 -10.01 96.20
C ILE H 140 1.03 -10.96 97.37
N LEU H 141 2.17 -11.22 98.04
CA LEU H 141 2.24 -12.07 99.23
C LEU H 141 2.69 -11.29 100.46
N ILE H 142 1.93 -11.40 101.54
CA ILE H 142 2.38 -11.04 102.87
C ILE H 142 2.25 -12.28 103.74
N THR H 143 3.07 -12.34 104.79
CA THR H 143 2.93 -13.31 105.85
C THR H 143 3.32 -12.62 107.16
N GLY H 144 2.52 -12.79 108.20
CA GLY H 144 2.87 -12.17 109.47
C GLY H 144 1.63 -11.81 110.26
N ARG H 145 1.83 -10.94 111.24
CA ARG H 145 0.73 -10.57 112.11
C ARG H 145 -0.35 -9.84 111.35
N ALA H 146 -1.59 -10.27 111.58
CA ALA H 146 -2.73 -9.78 110.79
C ALA H 146 -2.84 -8.27 110.84
N ALA H 147 -2.37 -7.64 111.92
CA ALA H 147 -2.39 -6.19 111.99
C ALA H 147 -1.36 -5.58 111.03
N VAL H 148 -0.11 -6.01 111.12
CA VAL H 148 0.94 -5.43 110.27
C VAL H 148 0.79 -5.94 108.85
N VAL H 149 0.31 -7.17 108.70
CA VAL H 149 -0.08 -7.68 107.38
C VAL H 149 -1.24 -6.87 106.82
N ASN H 150 -2.06 -6.28 107.69
CA ASN H 150 -3.11 -5.41 107.20
C ASN H 150 -2.53 -4.09 106.71
N ARG H 151 -1.89 -3.31 107.59
CA ARG H 151 -1.27 -2.06 107.13
C ARG H 151 -0.41 -2.26 105.89
N LEU H 152 0.33 -3.37 105.81
CA LEU H 152 1.05 -3.72 104.59
C LEU H 152 0.10 -3.89 103.42
N ALA H 153 -1.01 -4.63 103.61
CA ALA H 153 -1.96 -4.82 102.52
C ALA H 153 -2.68 -3.52 102.18
N GLU H 154 -2.59 -2.53 103.07
CA GLU H 154 -3.24 -1.23 102.89
C GLU H 154 -2.36 -0.31 102.07
N ILE H 155 -1.05 -0.33 102.33
CA ILE H 155 -0.11 0.31 101.43
C ILE H 155 -0.18 -0.36 100.06
N ILE H 156 -0.05 -1.68 100.05
CA ILE H 156 -0.15 -2.48 98.84
C ILE H 156 -1.41 -2.11 98.06
N ARG H 157 -2.59 -2.33 98.64
CA ARG H 157 -3.82 -1.94 97.96
C ARG H 157 -3.88 -0.43 97.73
N ARG H 158 -2.97 0.32 98.35
CA ARG H 158 -2.92 1.76 98.14
C ARG H 158 -2.13 2.04 96.87
N VAL H 159 -1.37 1.06 96.39
CA VAL H 159 -0.88 1.12 95.02
C VAL H 159 -1.73 0.28 94.05
N ASP H 160 -2.58 -0.62 94.56
CA ASP H 160 -3.62 -1.24 93.73
C ASP H 160 -4.63 -0.22 93.24
N GLN H 161 -5.44 0.26 94.18
CA GLN H 161 -6.58 1.12 93.93
C GLN H 161 -6.17 2.47 93.37
N ALA H 162 -4.92 2.88 93.56
CA ALA H 162 -4.44 4.21 93.24
C ALA H 162 -4.64 4.62 91.79
N GLY H 163 -3.91 4.00 90.87
CA GLY H 163 -3.66 4.53 89.55
C GLY H 163 -4.53 4.02 88.43
N ASP H 164 -5.76 3.58 88.72
CA ASP H 164 -6.49 2.61 87.91
C ASP H 164 -6.41 2.92 86.42
N LYS H 165 -6.19 1.90 85.61
CA LYS H 165 -6.07 2.05 84.17
C LYS H 165 -6.71 0.85 83.51
N GLU H 166 -7.66 1.08 82.60
CA GLU H 166 -8.19 0.04 81.73
C GLU H 166 -8.75 0.65 80.45
N ILE H 167 -9.51 -0.17 79.74
CA ILE H 167 -10.00 0.10 78.39
C ILE H 167 -11.46 0.52 78.41
N GLU H 168 -11.80 1.47 77.53
CA GLU H 168 -13.19 1.85 77.27
C GLU H 168 -13.54 1.53 75.83
N VAL H 169 -14.84 1.38 75.58
CA VAL H 169 -15.38 1.29 74.23
C VAL H 169 -16.63 2.16 74.16
N VAL H 170 -16.57 3.20 73.35
CA VAL H 170 -17.67 4.16 73.27
C VAL H 170 -17.87 4.55 71.81
N GLU H 171 -19.12 4.50 71.37
CA GLU H 171 -19.49 4.78 70.00
C GLU H 171 -19.12 6.20 69.59
N LEU H 172 -18.53 6.30 68.41
CA LEU H 172 -18.37 7.58 67.72
C LEU H 172 -19.28 7.51 66.53
N ASN H 173 -20.41 8.23 66.58
CA ASN H 173 -21.38 8.09 65.51
C ASN H 173 -20.98 8.92 64.31
N ASN H 174 -20.24 10.00 64.55
CA ASN H 174 -20.15 11.02 63.54
C ASN H 174 -18.71 11.21 63.08
N ALA H 175 -17.92 11.87 63.92
CA ALA H 175 -16.54 12.12 63.60
C ALA H 175 -15.81 10.81 63.41
N SER H 176 -15.19 10.65 62.25
CA SER H 176 -14.53 9.41 61.93
C SER H 176 -13.56 9.03 63.05
N ALA H 177 -13.69 7.79 63.54
CA ALA H 177 -12.79 7.34 64.58
C ALA H 177 -11.36 7.63 64.19
N ALA H 178 -10.88 7.07 63.08
CA ALA H 178 -9.51 7.32 62.64
C ALA H 178 -9.18 8.80 62.69
N GLU H 179 -10.16 9.66 62.41
CA GLU H 179 -9.94 11.08 62.65
C GLU H 179 -9.81 11.35 64.14
N MET H 180 -10.75 10.88 64.97
CA MET H 180 -10.60 11.06 66.42
C MET H 180 -9.21 10.65 66.87
N VAL H 181 -8.76 9.49 66.41
CA VAL H 181 -7.41 9.00 66.57
C VAL H 181 -6.47 10.15 66.24
N ARG H 182 -6.39 10.52 64.97
CA ARG H 182 -5.39 11.47 64.55
C ARG H 182 -5.39 12.72 65.42
N ILE H 183 -6.59 13.21 65.73
CA ILE H 183 -6.73 14.53 66.31
C ILE H 183 -6.44 14.48 67.81
N VAL H 184 -6.49 13.28 68.38
CA VAL H 184 -5.92 13.05 69.70
C VAL H 184 -4.43 12.74 69.60
N GLU H 185 -3.96 12.26 68.45
CA GLU H 185 -2.61 11.76 68.36
C GLU H 185 -1.64 12.88 68.71
N ALA H 186 -1.96 14.08 68.22
CA ALA H 186 -1.23 15.28 68.57
C ALA H 186 -1.08 15.47 70.06
N LEU H 187 -2.02 14.93 70.84
CA LEU H 187 -1.96 15.03 72.28
C LEU H 187 -0.88 14.08 72.78
N ASN H 188 -0.16 14.49 73.81
CA ASN H 188 0.93 13.68 74.32
C ASN H 188 0.84 13.49 75.82
N LYS H 203 -3.64 5.21 77.16
CA LYS H 203 -3.49 5.54 75.76
C LYS H 203 -4.82 5.36 75.02
N PHE H 204 -4.79 5.23 73.69
CA PHE H 204 -5.98 5.47 72.88
C PHE H 204 -6.16 4.34 71.88
N VAL H 205 -7.41 3.97 71.61
CA VAL H 205 -7.74 3.14 70.46
C VAL H 205 -9.05 3.66 69.88
N ALA H 206 -9.47 3.10 68.75
CA ALA H 206 -10.81 3.22 68.20
C ALA H 206 -11.00 2.13 67.16
N ASP H 207 -12.25 1.90 66.75
CA ASP H 207 -12.52 1.00 65.65
C ASP H 207 -13.43 1.69 64.66
N GLU H 208 -13.07 1.65 63.37
CA GLU H 208 -14.03 2.16 62.41
C GLU H 208 -14.87 1.06 61.77
N ARG H 209 -14.76 -0.18 62.23
CA ARG H 209 -15.91 -1.05 62.07
C ARG H 209 -17.08 -0.47 62.84
N THR H 210 -16.88 -0.28 64.13
CA THR H 210 -17.84 0.34 65.02
C THR H 210 -17.79 1.86 64.97
N ASN H 211 -16.65 2.43 64.62
CA ASN H 211 -16.40 3.86 64.82
C ASN H 211 -16.63 4.22 66.29
N SER H 212 -15.70 3.74 67.13
CA SER H 212 -15.79 3.88 68.57
C SER H 212 -14.42 4.09 69.18
N ILE H 213 -14.29 5.11 70.02
CA ILE H 213 -13.08 5.30 70.81
C ILE H 213 -12.99 4.21 71.86
N LEU H 214 -11.83 3.58 71.91
CA LEU H 214 -11.49 2.66 72.97
C LEU H 214 -10.45 3.41 73.78
N ILE H 215 -10.33 3.10 75.06
CA ILE H 215 -9.32 3.83 75.82
C ILE H 215 -8.51 2.82 76.60
N SER H 216 -7.25 3.16 76.86
CA SER H 216 -6.44 2.43 77.80
C SER H 216 -5.83 3.40 78.80
N GLY H 217 -6.32 3.35 80.03
CA GLY H 217 -5.83 4.25 81.04
C GLY H 217 -6.89 4.62 82.06
N ASP H 218 -6.63 5.74 82.71
CA ASP H 218 -7.19 6.12 84.01
C ASP H 218 -8.70 6.23 83.99
N PRO H 219 -9.36 6.05 85.13
CA PRO H 219 -10.68 6.67 85.30
C PRO H 219 -10.62 8.19 85.39
N LYS H 220 -9.44 8.77 85.56
CA LYS H 220 -9.28 10.16 85.15
C LYS H 220 -9.20 10.27 83.63
N VAL H 221 -8.50 9.34 82.98
CA VAL H 221 -8.59 9.23 81.53
C VAL H 221 -10.01 8.88 81.11
N ARG H 222 -10.78 8.23 82.00
CA ARG H 222 -12.18 7.96 81.70
C ARG H 222 -13.02 9.22 81.85
N GLU H 223 -12.73 10.04 82.86
CA GLU H 223 -13.44 11.31 82.95
C GLU H 223 -13.10 12.21 81.78
N ARG H 224 -11.83 12.57 81.62
CA ARG H 224 -11.48 13.54 80.59
C ARG H 224 -11.67 12.96 79.20
N LEU H 225 -11.51 11.65 79.04
CA LEU H 225 -11.68 11.11 77.70
C LEU H 225 -13.06 10.58 77.43
N LYS H 226 -13.96 10.58 78.41
CA LYS H 226 -15.36 10.70 78.03
C LYS H 226 -15.70 12.14 77.70
N ARG H 227 -15.01 13.09 78.32
CA ARG H 227 -15.14 14.48 77.88
C ARG H 227 -14.76 14.61 76.41
N LEU H 228 -13.69 13.95 75.96
CA LEU H 228 -13.29 14.06 74.55
C LEU H 228 -13.97 13.02 73.69
N ILE H 229 -14.55 11.99 74.30
CA ILE H 229 -15.58 11.22 73.61
C ILE H 229 -16.66 12.18 73.12
N LYS H 230 -17.07 13.08 74.00
CA LYS H 230 -18.16 13.97 73.66
C LYS H 230 -17.67 15.17 72.84
N GLN H 231 -16.44 15.63 73.07
CA GLN H 231 -16.01 16.90 72.51
C GLN H 231 -16.03 16.87 71.00
N LEU H 232 -15.32 15.95 70.36
CA LEU H 232 -15.40 15.91 68.91
C LEU H 232 -16.23 14.67 68.63
N ASP H 233 -17.54 14.85 68.74
CA ASP H 233 -18.55 14.01 68.13
C ASP H 233 -19.32 14.75 67.06
N VAL H 234 -19.21 16.07 67.07
CA VAL H 234 -20.06 16.95 66.27
C VAL H 234 -19.86 16.78 64.76
N GLU H 235 -20.95 16.94 64.03
CA GLU H 235 -20.93 16.78 62.58
C GLU H 235 -21.23 18.11 61.93
N MET H 236 -20.37 18.52 61.00
CA MET H 236 -20.52 19.81 60.35
C MET H 236 -21.81 19.88 59.54
N ALA H 237 -22.44 21.03 59.57
CA ALA H 237 -23.67 21.25 58.81
C ALA H 237 -23.31 21.27 57.33
N ALA H 238 -24.27 20.87 56.48
CA ALA H 238 -24.00 20.79 55.06
C ALA H 238 -23.63 22.18 54.54
N LYS H 239 -22.63 22.21 53.67
CA LYS H 239 -22.09 23.48 53.17
C LYS H 239 -22.61 23.87 51.79
N GLY H 240 -23.49 23.04 51.22
CA GLY H 240 -23.94 23.27 49.86
C GLY H 240 -22.72 23.24 48.95
N ASN H 241 -21.80 22.35 49.29
CA ASN H 241 -20.55 22.17 48.56
C ASN H 241 -20.75 22.21 47.06
N ASN H 242 -21.84 21.60 46.58
CA ASN H 242 -22.16 21.67 45.16
C ASN H 242 -23.54 22.29 44.98
N ARG H 243 -23.75 22.92 43.83
CA ARG H 243 -25.00 23.61 43.57
C ARG H 243 -25.37 23.44 42.11
N VAL H 244 -26.65 23.17 41.87
CA VAL H 244 -27.20 23.08 40.52
C VAL H 244 -27.83 24.41 40.20
N VAL H 245 -27.35 25.08 39.15
CA VAL H 245 -27.82 26.40 38.79
C VAL H 245 -28.60 26.30 37.49
N TYR H 246 -29.78 26.93 37.47
CA TYR H 246 -30.66 26.93 36.31
C TYR H 246 -30.35 28.14 35.47
N LEU H 247 -29.79 27.94 34.29
CA LEU H 247 -29.47 29.05 33.42
C LEU H 247 -30.75 29.62 32.81
N LYS H 248 -30.93 30.92 32.94
CA LYS H 248 -32.11 31.55 32.36
C LYS H 248 -31.97 31.72 30.86
N TYR H 249 -30.82 32.22 30.40
CA TYR H 249 -30.63 32.54 29.00
C TYR H 249 -29.54 31.73 28.35
N ALA H 250 -28.30 31.83 28.83
CA ALA H 250 -27.19 31.17 28.17
C ALA H 250 -27.37 29.65 28.16
N LYS H 251 -26.75 29.01 27.18
CA LYS H 251 -26.80 27.55 27.11
C LYS H 251 -25.71 26.93 27.98
N ALA H 252 -26.05 25.81 28.60
CA ALA H 252 -25.14 25.14 29.50
C ALA H 252 -23.88 24.69 28.78
N GLU H 253 -24.03 24.20 27.55
CA GLU H 253 -22.88 23.72 26.81
C GLU H 253 -21.85 24.81 26.56
N ASP H 254 -22.31 26.00 26.18
CA ASP H 254 -21.41 27.13 25.99
C ASP H 254 -20.77 27.57 27.31
N LEU H 255 -21.56 27.57 28.37
CA LEU H 255 -21.17 28.08 29.67
C LEU H 255 -20.20 27.15 30.34
N VAL H 256 -20.41 25.84 30.24
CA VAL H 256 -19.49 24.91 30.87
C VAL H 256 -18.12 25.05 30.24
N GLU H 257 -18.09 25.20 28.92
CA GLU H 257 -16.79 25.33 28.27
C GLU H 257 -16.08 26.58 28.79
N VAL H 258 -16.82 27.68 28.88
CA VAL H 258 -16.21 28.94 29.33
C VAL H 258 -15.71 28.82 30.77
N LEU H 259 -16.48 28.13 31.60
CA LEU H 259 -16.25 28.11 33.05
C LEU H 259 -15.14 27.15 33.43
N LYS H 260 -14.69 26.32 32.49
CA LYS H 260 -13.62 25.37 32.80
C LYS H 260 -12.37 26.11 33.31
N GLY H 261 -11.98 27.14 32.56
CA GLY H 261 -10.84 27.96 32.95
C GLY H 261 -10.97 28.72 34.26
N VAL H 262 -12.15 29.25 34.52
CA VAL H 262 -12.40 29.95 35.78
C VAL H 262 -12.26 29.00 36.95
N SER H 263 -12.74 27.77 36.75
CA SER H 263 -12.65 26.76 37.79
C SER H 263 -11.18 26.46 38.07
N GLU H 264 -10.38 26.38 37.02
CA GLU H 264 -8.95 26.13 37.17
C GLU H 264 -8.15 27.43 37.15
N VAL H 283 -12.94 20.84 41.80
CA VAL H 283 -13.87 21.58 40.95
C VAL H 283 -14.25 20.76 39.72
N MET H 284 -15.55 20.62 39.51
CA MET H 284 -16.05 19.99 38.29
C MET H 284 -17.33 20.69 37.87
N ILE H 285 -17.44 20.94 36.57
CA ILE H 285 -18.55 21.67 35.98
C ILE H 285 -19.18 20.76 34.96
N ALA H 286 -20.45 20.42 35.15
CA ALA H 286 -21.11 19.50 34.23
C ALA H 286 -22.40 20.11 33.73
N ALA H 287 -22.62 20.06 32.42
CA ALA H 287 -23.78 20.68 31.80
C ALA H 287 -24.87 19.66 31.63
N HIS H 288 -26.02 19.89 32.25
CA HIS H 288 -27.21 19.07 32.02
C HIS H 288 -28.04 19.76 30.95
N ALA H 289 -28.13 19.11 29.79
CA ALA H 289 -28.68 19.76 28.60
C ALA H 289 -30.18 19.90 28.69
N ASP H 290 -30.88 18.80 28.99
CA ASP H 290 -32.33 18.79 28.87
C ASP H 290 -32.98 19.81 29.80
N THR H 291 -32.47 19.97 31.00
CA THR H 291 -32.97 21.01 31.88
C THR H 291 -32.30 22.34 31.61
N ASN H 292 -31.25 22.36 30.77
CA ASN H 292 -30.43 23.54 30.55
C ASN H 292 -29.98 24.13 31.88
N SER H 293 -29.39 23.27 32.70
CA SER H 293 -28.92 23.68 34.01
C SER H 293 -27.56 23.06 34.20
N LEU H 294 -26.65 23.80 34.79
CA LEU H 294 -25.30 23.28 34.96
C LEU H 294 -25.01 23.05 36.42
N VAL H 295 -24.33 21.95 36.70
CA VAL H 295 -24.04 21.45 38.03
C VAL H 295 -22.61 21.85 38.36
N LEU H 296 -22.46 22.65 39.40
CA LEU H 296 -21.18 23.13 39.87
C LEU H 296 -20.80 22.33 41.11
N THR H 297 -19.57 21.86 41.18
CA THR H 297 -19.06 21.31 42.43
C THR H 297 -17.67 21.89 42.70
N ALA H 298 -17.52 22.53 43.84
CA ALA H 298 -16.32 23.27 44.18
C ALA H 298 -16.33 23.60 45.66
N PRO H 299 -15.25 24.19 46.21
CA PRO H 299 -15.34 24.73 47.57
C PRO H 299 -16.21 25.97 47.63
N GLN H 300 -16.26 26.63 48.80
CA GLN H 300 -17.19 27.73 48.95
C GLN H 300 -16.78 28.97 48.17
N ASP H 301 -15.50 29.36 48.26
CA ASP H 301 -15.06 30.58 47.60
C ASP H 301 -15.13 30.47 46.08
N ILE H 302 -14.62 29.38 45.51
CA ILE H 302 -14.71 29.19 44.06
C ILE H 302 -16.16 29.14 43.63
N MET H 303 -17.03 28.55 44.45
CA MET H 303 -18.45 28.54 44.13
C MET H 303 -18.99 29.96 44.04
N ASN H 304 -18.69 30.79 45.05
CA ASN H 304 -19.17 32.16 45.02
C ASN H 304 -18.55 32.97 43.88
N ALA H 305 -17.39 32.57 43.38
CA ALA H 305 -16.84 33.23 42.20
C ALA H 305 -17.58 32.83 40.94
N MET H 306 -17.71 31.52 40.70
CA MET H 306 -18.37 31.08 39.48
C MET H 306 -19.84 31.45 39.43
N LEU H 307 -20.49 31.63 40.58
CA LEU H 307 -21.85 32.13 40.53
C LEU H 307 -21.91 33.59 40.13
N GLU H 308 -20.87 34.36 40.43
CA GLU H 308 -20.82 35.74 39.97
C GLU H 308 -20.40 35.86 38.51
N VAL H 309 -19.65 34.88 37.99
CA VAL H 309 -19.42 34.84 36.56
C VAL H 309 -20.68 34.44 35.82
N ILE H 310 -21.30 33.33 36.23
CA ILE H 310 -22.54 32.88 35.60
C ILE H 310 -23.60 33.96 35.68
N GLY H 311 -23.68 34.66 36.80
CA GLY H 311 -24.65 35.74 36.91
C GLY H 311 -24.48 36.79 35.84
N GLN H 312 -23.25 37.08 35.42
CA GLN H 312 -22.99 38.11 34.43
C GLN H 312 -22.91 37.59 33.00
N LEU H 313 -22.82 36.28 32.80
CA LEU H 313 -22.89 35.72 31.46
C LEU H 313 -24.29 35.24 31.09
N ASP H 314 -25.22 35.36 32.00
CA ASP H 314 -26.59 34.88 31.81
C ASP H 314 -27.51 35.99 31.31
N ILE H 315 -26.96 37.16 30.97
CA ILE H 315 -27.81 38.31 30.68
C ILE H 315 -28.64 38.10 29.43
N ARG H 316 -29.70 38.89 29.32
CA ARG H 316 -30.58 38.86 28.16
C ARG H 316 -29.88 39.45 26.95
N ARG H 317 -30.20 38.93 25.77
CA ARG H 317 -29.60 39.38 24.52
C ARG H 317 -30.62 40.24 23.78
N ALA H 318 -30.24 41.46 23.45
CA ALA H 318 -31.09 42.29 22.59
C ALA H 318 -31.14 41.68 21.20
N GLN H 319 -32.16 42.05 20.43
CA GLN H 319 -32.32 41.45 19.13
C GLN H 319 -32.62 42.51 18.07
N VAL H 320 -31.90 42.43 16.97
CA VAL H 320 -31.90 43.44 15.93
C VAL H 320 -32.87 43.03 14.83
N LEU H 321 -33.56 44.01 14.27
CA LEU H 321 -34.36 43.82 13.08
C LEU H 321 -33.62 44.45 11.91
N ILE H 322 -33.09 43.62 11.03
CA ILE H 322 -32.30 44.07 9.89
C ILE H 322 -33.21 44.20 8.70
N GLU H 323 -33.42 45.43 8.23
CA GLU H 323 -34.27 45.66 7.07
C GLU H 323 -33.41 46.22 5.95
N ALA H 324 -33.11 45.39 4.96
CA ALA H 324 -32.40 45.87 3.78
C ALA H 324 -33.37 46.57 2.84
N LEU H 325 -32.82 47.42 1.98
CA LEU H 325 -33.61 48.04 0.92
C LEU H 325 -32.79 48.01 -0.35
N ILE H 326 -33.33 47.41 -1.40
CA ILE H 326 -32.63 47.24 -2.66
C ILE H 326 -33.40 48.01 -3.72
N VAL H 327 -32.72 48.92 -4.41
CA VAL H 327 -33.36 49.72 -5.44
C VAL H 327 -32.59 49.51 -6.73
N GLU H 328 -33.29 49.03 -7.76
CA GLU H 328 -32.67 48.80 -9.06
C GLU H 328 -33.54 49.52 -10.08
N MET H 329 -33.01 50.57 -10.69
CA MET H 329 -33.74 51.34 -11.68
C MET H 329 -32.98 51.27 -12.99
N ALA H 330 -33.56 50.63 -13.98
CA ALA H 330 -32.95 50.55 -15.28
C ALA H 330 -33.74 51.41 -16.24
N GLU H 331 -33.07 51.88 -17.27
CA GLU H 331 -33.75 52.62 -18.32
C GLU H 331 -32.98 52.39 -19.60
N GLY H 332 -33.68 52.36 -20.71
CA GLY H 332 -33.01 52.11 -21.97
C GLY H 332 -33.74 52.81 -23.09
N ASP H 333 -33.01 53.06 -24.16
CA ASP H 333 -33.59 53.72 -25.31
C ASP H 333 -32.71 53.37 -26.51
N GLY H 334 -33.29 53.47 -27.69
CA GLY H 334 -32.50 53.36 -28.89
C GLY H 334 -33.32 53.74 -30.08
N ILE H 335 -32.68 54.24 -31.12
CA ILE H 335 -33.35 54.58 -32.36
C ILE H 335 -32.50 54.07 -33.49
N ASN H 336 -33.06 53.17 -34.28
CA ASN H 336 -32.35 52.53 -35.36
C ASN H 336 -33.11 52.84 -36.63
N LEU H 337 -32.54 53.67 -37.50
CA LEU H 337 -33.23 53.99 -38.74
C LEU H 337 -32.23 54.12 -39.86
N GLY H 338 -32.61 53.60 -41.03
CA GLY H 338 -31.76 53.68 -42.20
C GLY H 338 -32.49 53.15 -43.40
N VAL H 339 -32.01 53.56 -44.57
CA VAL H 339 -32.60 53.21 -45.85
C VAL H 339 -31.63 52.32 -46.59
N GLN H 340 -32.12 51.23 -47.15
CA GLN H 340 -31.32 50.31 -47.94
C GLN H 340 -31.87 50.30 -49.35
N TRP H 341 -31.05 49.88 -50.31
CA TRP H 341 -31.44 49.88 -51.70
C TRP H 341 -31.08 48.55 -52.32
N GLY H 342 -31.79 48.21 -53.39
CA GLY H 342 -31.40 47.02 -54.12
C GLY H 342 -32.01 46.90 -55.50
N SER H 343 -31.29 46.24 -56.39
CA SER H 343 -31.79 45.86 -57.70
C SER H 343 -31.32 44.44 -57.95
N LEU H 344 -32.28 43.53 -58.09
CA LEU H 344 -31.91 42.12 -58.18
C LEU H 344 -31.75 41.65 -59.61
N GLU H 345 -32.11 42.48 -60.60
CA GLU H 345 -31.90 42.11 -61.99
C GLU H 345 -30.41 42.01 -62.32
N SER H 346 -29.66 43.06 -62.04
CA SER H 346 -28.21 43.00 -61.95
C SER H 346 -27.89 43.30 -60.49
N GLY H 347 -27.49 42.27 -59.74
CA GLY H 347 -27.57 42.43 -58.31
C GLY H 347 -26.67 43.53 -57.83
N SER H 348 -27.30 44.59 -57.32
CA SER H 348 -26.58 45.73 -56.79
C SER H 348 -27.34 46.22 -55.58
N VAL H 349 -26.69 46.25 -54.43
CA VAL H 349 -27.38 46.56 -53.19
C VAL H 349 -26.62 47.65 -52.48
N ILE H 350 -27.36 48.49 -51.77
CA ILE H 350 -26.82 49.29 -50.68
C ILE H 350 -27.39 48.67 -49.42
N GLN H 351 -26.54 47.97 -48.68
CA GLN H 351 -26.95 47.02 -47.67
C GLN H 351 -26.25 47.30 -46.36
N TYR H 352 -26.93 47.06 -45.25
CA TYR H 352 -26.44 47.44 -43.95
C TYR H 352 -26.72 46.34 -42.93
N GLY H 353 -25.81 46.20 -41.97
CA GLY H 353 -25.96 45.22 -40.92
C GLY H 353 -26.54 45.77 -39.65
N ASN H 354 -26.51 47.10 -39.51
CA ASN H 354 -27.15 47.74 -38.36
C ASN H 354 -28.63 47.41 -38.31
N THR H 355 -29.27 47.31 -39.46
CA THR H 355 -30.70 47.15 -39.56
C THR H 355 -31.12 45.74 -39.17
N GLY H 356 -32.41 45.59 -38.87
CA GLY H 356 -32.97 44.31 -38.53
C GLY H 356 -32.75 43.25 -39.60
N ALA H 357 -33.16 43.53 -40.83
CA ALA H 357 -32.95 42.61 -41.94
C ALA H 357 -32.42 43.36 -43.14
N SER H 358 -31.60 42.68 -43.92
CA SER H 358 -30.88 43.26 -45.03
C SER H 358 -31.64 43.06 -46.33
N ILE H 359 -31.55 44.05 -47.21
CA ILE H 359 -32.31 44.06 -48.45
C ILE H 359 -32.10 42.80 -49.28
N GLY H 360 -30.94 42.16 -49.15
CA GLY H 360 -30.69 40.97 -49.93
C GLY H 360 -31.65 39.85 -49.62
N ASN H 361 -31.70 39.44 -48.34
CA ASN H 361 -32.60 38.37 -47.95
C ASN H 361 -34.06 38.74 -48.18
N VAL H 362 -34.41 40.02 -48.11
CA VAL H 362 -35.79 40.42 -48.32
C VAL H 362 -36.17 40.28 -49.78
N MET H 363 -35.35 40.78 -50.69
CA MET H 363 -35.69 40.63 -52.10
C MET H 363 -35.65 39.18 -52.54
N ILE H 364 -34.63 38.43 -52.11
CA ILE H 364 -34.59 37.00 -52.43
C ILE H 364 -35.84 36.31 -51.92
N GLY H 365 -36.24 36.60 -50.68
CA GLY H 365 -37.44 36.00 -50.14
C GLY H 365 -38.67 36.33 -50.95
N LEU H 366 -38.80 37.60 -51.36
CA LEU H 366 -39.96 38.00 -52.15
C LEU H 366 -39.98 37.30 -53.50
N GLU H 367 -38.81 37.05 -54.10
CA GLU H 367 -38.81 36.33 -55.36
C GLU H 367 -39.16 34.86 -55.17
N GLU H 368 -38.64 34.25 -54.10
CA GLU H 368 -39.02 32.87 -53.82
C GLU H 368 -40.50 32.74 -53.50
N ALA H 369 -41.12 33.78 -52.97
CA ALA H 369 -42.54 33.73 -52.65
C ALA H 369 -43.42 33.84 -53.88
N LYS H 370 -42.91 34.38 -54.99
CA LYS H 370 -43.74 34.52 -56.17
C LYS H 370 -44.12 33.15 -56.73
N ASP H 371 -45.21 33.14 -57.49
CA ASP H 371 -45.67 31.90 -58.11
C ASP H 371 -44.88 31.63 -59.37
N THR H 372 -44.18 30.50 -59.39
CA THR H 372 -43.35 30.12 -60.52
C THR H 372 -44.10 29.19 -61.47
N THR H 373 -43.83 29.35 -62.76
CA THR H 373 -44.43 28.51 -63.78
C THR H 373 -43.33 27.84 -64.57
N GLN H 374 -43.52 26.56 -64.89
CA GLN H 374 -42.53 25.74 -65.59
C GLN H 374 -43.17 25.16 -66.84
N THR H 375 -42.67 25.56 -68.00
CA THR H 375 -43.29 25.25 -69.27
C THR H 375 -42.44 24.25 -70.07
N LYS H 376 -43.09 23.24 -70.60
CA LYS H 376 -42.48 22.31 -71.55
C LYS H 376 -43.32 22.32 -72.82
N ALA H 377 -42.75 22.81 -73.91
CA ALA H 377 -43.48 22.92 -75.17
C ALA H 377 -43.21 21.70 -76.05
N VAL H 378 -43.85 21.69 -77.22
CA VAL H 378 -43.64 20.63 -78.21
C VAL H 378 -43.55 21.24 -79.60
N ASN H 388 -48.31 20.57 -75.33
CA ASN H 388 -47.80 21.87 -74.91
C ASN H 388 -48.05 22.08 -73.41
N GLU H 389 -47.32 21.34 -72.60
CA GLU H 389 -47.53 21.34 -71.15
C GLU H 389 -47.03 22.64 -70.54
N THR H 390 -47.83 23.23 -69.64
CA THR H 390 -47.41 24.36 -68.84
C THR H 390 -47.91 24.13 -67.42
N THR H 391 -47.01 24.04 -66.46
CA THR H 391 -47.39 23.85 -65.07
C THR H 391 -47.19 25.14 -64.29
N THR H 392 -48.04 25.34 -63.28
CA THR H 392 -47.90 26.46 -62.37
C THR H 392 -47.78 25.94 -60.95
N THR H 393 -47.01 26.65 -60.13
CA THR H 393 -46.72 26.20 -58.77
C THR H 393 -46.50 27.44 -57.91
N LYS H 394 -46.94 27.38 -56.66
CA LYS H 394 -46.75 28.48 -55.74
C LYS H 394 -45.48 28.28 -54.94
N GLY H 395 -44.73 29.38 -54.74
CA GLY H 395 -43.47 29.29 -54.07
C GLY H 395 -43.60 29.39 -52.56
N ASP H 396 -42.58 28.88 -51.87
CA ASP H 396 -42.58 28.87 -50.41
C ASP H 396 -42.23 30.25 -49.86
N TYR H 397 -42.72 30.52 -48.66
CA TYR H 397 -42.41 31.74 -47.95
C TYR H 397 -41.29 31.57 -46.93
N THR H 398 -40.71 30.37 -46.83
CA THR H 398 -39.78 30.09 -45.74
C THR H 398 -38.56 30.99 -45.75
N LYS H 399 -38.08 31.43 -46.91
CA LYS H 399 -36.98 32.38 -46.92
C LYS H 399 -37.45 33.77 -46.52
N LEU H 400 -38.59 34.20 -47.05
CA LEU H 400 -39.14 35.49 -46.62
C LEU H 400 -39.50 35.46 -45.15
N ALA H 401 -40.09 34.36 -44.68
CA ALA H 401 -40.39 34.25 -43.26
C ALA H 401 -39.12 34.28 -42.43
N SER H 402 -38.03 33.68 -42.94
CA SER H 402 -36.77 33.74 -42.22
C SER H 402 -36.19 35.15 -42.22
N ALA H 403 -36.49 35.95 -43.24
CA ALA H 403 -35.96 37.30 -43.31
C ALA H 403 -36.75 38.25 -42.41
N LEU H 404 -38.06 38.08 -42.34
CA LEU H 404 -38.90 38.99 -41.57
C LEU H 404 -38.91 38.68 -40.08
N SER H 405 -38.52 37.47 -39.68
CA SER H 405 -38.67 37.08 -38.29
C SER H 405 -37.86 37.98 -37.36
N SER H 406 -36.77 38.56 -37.86
CA SER H 406 -35.88 39.37 -37.03
C SER H 406 -36.24 40.84 -37.02
N ILE H 407 -37.23 41.26 -37.81
CA ILE H 407 -37.59 42.68 -37.86
C ILE H 407 -38.26 43.07 -36.55
N GLN H 408 -37.68 44.04 -35.87
CA GLN H 408 -38.33 44.78 -34.80
C GLN H 408 -38.41 46.21 -35.31
N GLY H 409 -39.57 46.64 -35.76
CA GLY H 409 -39.64 48.01 -36.21
C GLY H 409 -40.50 48.13 -37.43
N ALA H 410 -40.33 49.25 -38.12
CA ALA H 410 -40.95 49.47 -39.41
C ALA H 410 -39.97 49.15 -40.53
N ALA H 411 -40.26 48.10 -41.28
CA ALA H 411 -39.53 47.76 -42.50
C ALA H 411 -40.48 47.88 -43.67
N VAL H 412 -40.28 48.89 -44.51
CA VAL H 412 -41.23 49.25 -45.57
C VAL H 412 -40.49 49.26 -46.89
N SER H 413 -40.94 48.44 -47.83
CA SER H 413 -40.30 48.33 -49.14
C SER H 413 -41.04 49.22 -50.13
N ILE H 414 -40.37 50.25 -50.61
CA ILE H 414 -40.91 51.13 -51.65
C ILE H 414 -40.25 50.74 -52.95
N ALA H 415 -41.01 50.13 -53.86
CA ALA H 415 -40.47 49.68 -55.14
C ALA H 415 -40.66 50.78 -56.17
N MET H 416 -39.54 51.28 -56.71
CA MET H 416 -39.56 52.31 -57.74
C MET H 416 -38.59 51.91 -58.85
N GLY H 417 -39.13 51.69 -60.05
CA GLY H 417 -38.32 51.36 -61.21
C GLY H 417 -37.34 50.23 -60.97
N ASP H 418 -37.85 49.12 -60.44
CA ASP H 418 -37.13 47.87 -60.13
C ASP H 418 -36.07 48.06 -59.04
N TRP H 419 -35.88 49.30 -58.61
CA TRP H 419 -35.06 49.60 -57.44
C TRP H 419 -35.97 49.64 -56.23
N THR H 420 -35.83 48.68 -55.33
CA THR H 420 -36.66 48.58 -54.15
C THR H 420 -35.89 49.12 -52.96
N ALA H 421 -36.32 50.27 -52.45
CA ALA H 421 -35.71 50.88 -51.29
C ALA H 421 -36.42 50.40 -50.04
N LEU H 422 -35.71 49.75 -49.15
CA LEU H 422 -36.26 49.23 -47.91
C LEU H 422 -35.91 50.19 -46.79
N ILE H 423 -36.87 50.92 -46.30
CA ILE H 423 -36.69 51.83 -45.18
C ILE H 423 -36.95 51.03 -43.91
N ASN H 424 -36.15 51.27 -42.87
CA ASN H 424 -36.45 50.65 -41.60
C ASN H 424 -36.14 51.61 -40.48
N ALA H 425 -37.05 51.72 -39.53
CA ALA H 425 -36.88 52.65 -38.44
C ALA H 425 -37.61 52.13 -37.23
N VAL H 426 -37.02 52.31 -36.05
CA VAL H 426 -37.66 51.88 -34.81
C VAL H 426 -37.08 52.71 -33.67
N SER H 427 -37.88 52.90 -32.62
CA SER H 427 -37.42 53.49 -31.37
C SER H 427 -37.85 52.57 -30.25
N ASN H 428 -36.89 51.93 -29.61
CA ASN H 428 -37.16 51.02 -28.50
C ASN H 428 -36.90 51.77 -27.21
N ASP H 429 -37.96 52.02 -26.45
CA ASP H 429 -37.87 52.71 -25.18
C ASP H 429 -38.24 51.75 -24.07
N SER H 430 -37.28 51.44 -23.21
CA SER H 430 -37.49 50.48 -22.13
C SER H 430 -37.27 51.16 -20.80
N SER H 431 -37.84 50.56 -19.76
CA SER H 431 -37.67 51.06 -18.41
C SER H 431 -37.87 49.91 -17.45
N SER H 432 -37.29 50.04 -16.26
CA SER H 432 -37.46 49.06 -15.20
C SER H 432 -37.31 49.77 -13.86
N ASN H 433 -38.14 49.37 -12.91
CA ASN H 433 -38.07 49.94 -11.58
C ASN H 433 -38.34 48.82 -10.59
N ILE H 434 -37.44 48.62 -9.64
CA ILE H 434 -37.52 47.46 -8.74
C ILE H 434 -37.15 47.90 -7.34
N LEU H 435 -38.02 47.62 -6.37
CA LEU H 435 -37.68 47.74 -4.98
C LEU H 435 -37.99 46.40 -4.35
N SER H 436 -37.04 45.78 -3.69
CA SER H 436 -37.32 44.64 -2.84
C SER H 436 -36.53 44.90 -1.60
N SER H 437 -37.12 44.81 -0.40
CA SER H 437 -36.31 44.93 0.81
C SER H 437 -36.58 43.72 1.68
N PRO H 438 -35.59 42.93 2.02
CA PRO H 438 -35.80 41.78 2.91
C PRO H 438 -35.30 42.17 4.28
N SER H 439 -36.11 41.94 5.31
CA SER H 439 -35.73 42.14 6.71
C SER H 439 -35.69 40.81 7.46
N ILE H 440 -34.57 40.55 8.13
CA ILE H 440 -34.41 39.38 8.98
C ILE H 440 -34.21 39.89 10.40
N THR H 441 -34.93 39.28 11.34
CA THR H 441 -34.85 39.60 12.76
C THR H 441 -34.02 38.53 13.47
N VAL H 442 -33.01 38.99 14.20
CA VAL H 442 -31.87 38.20 14.66
C VAL H 442 -31.65 38.46 16.13
N MET H 443 -31.18 37.45 16.84
CA MET H 443 -30.65 37.68 18.17
C MET H 443 -29.28 38.32 18.01
N ASP H 444 -28.92 39.21 18.93
CA ASP H 444 -27.59 39.81 18.90
C ASP H 444 -26.51 38.74 18.87
N ASN H 445 -25.46 38.99 18.11
CA ASN H 445 -24.32 38.08 17.97
C ASN H 445 -24.70 36.77 17.28
N GLY H 446 -25.97 36.57 17.03
CA GLY H 446 -26.39 35.42 16.25
C GLY H 446 -26.48 35.74 14.78
N GLU H 447 -26.36 34.71 13.96
CA GLU H 447 -26.36 34.87 12.52
C GLU H 447 -27.70 34.41 11.95
N ALA H 448 -28.12 35.05 10.87
CA ALA H 448 -29.35 34.65 10.22
C ALA H 448 -29.18 34.64 8.72
N SER H 449 -29.75 33.62 8.09
CA SER H 449 -29.85 33.54 6.65
C SER H 449 -31.29 33.84 6.26
N PHE H 450 -31.46 34.45 5.11
CA PHE H 450 -32.77 34.73 4.55
C PHE H 450 -32.68 34.51 3.06
N ILE H 451 -33.53 33.65 2.53
CA ILE H 451 -33.54 33.40 1.10
C ILE H 451 -34.94 33.47 0.54
N VAL H 452 -35.13 34.28 -0.50
CA VAL H 452 -36.31 34.19 -1.32
C VAL H 452 -35.80 33.91 -2.72
N ALA H 453 -36.16 32.75 -3.25
CA ALA H 453 -35.69 32.37 -4.57
C ALA H 453 -36.58 31.34 -5.24
N GLU H 454 -36.48 31.28 -6.56
CA GLU H 454 -37.09 30.22 -7.34
C GLU H 454 -35.98 29.62 -8.19
N GLU H 455 -35.88 28.29 -8.22
CA GLU H 455 -34.79 27.67 -8.96
C GLU H 455 -35.25 27.16 -10.32
N VAL H 456 -34.74 27.77 -11.38
CA VAL H 456 -34.97 27.32 -12.73
C VAL H 456 -34.03 26.18 -13.06
N PRO H 457 -34.35 25.39 -14.08
CA PRO H 457 -33.47 24.28 -14.46
C PRO H 457 -32.23 24.78 -15.20
N VAL H 458 -31.09 24.15 -14.94
CA VAL H 458 -29.84 24.54 -15.60
C VAL H 458 -29.17 23.35 -16.29
N ILE H 459 -28.72 23.56 -17.52
CA ILE H 459 -28.04 22.51 -18.27
C ILE H 459 -26.57 22.88 -18.47
N THR H 460 -25.69 22.10 -17.84
CA THR H 460 -24.25 22.32 -17.97
C THR H 460 -23.65 21.30 -18.92
N GLY H 461 -24.50 20.64 -19.69
CA GLY H 461 -24.05 19.65 -20.65
C GLY H 461 -24.70 19.80 -22.01
N PHE H 472 -30.82 15.45 -25.49
CA PHE H 472 -30.59 14.99 -24.13
C PHE H 472 -29.54 15.83 -23.43
N GLN H 473 -29.97 16.88 -22.75
CA GLN H 473 -29.06 17.77 -22.03
C GLN H 473 -29.33 17.77 -20.54
N THR H 474 -28.28 17.61 -19.75
CA THR H 474 -28.40 17.58 -18.29
C THR H 474 -28.82 18.93 -17.73
N VAL H 475 -29.61 18.91 -16.66
CA VAL H 475 -30.08 20.11 -16.00
C VAL H 475 -29.69 20.16 -14.54
N ASP H 476 -29.14 21.30 -14.11
CA ASP H 476 -28.76 21.50 -12.72
C ASP H 476 -29.53 22.66 -12.11
N ARG H 477 -30.08 22.44 -10.92
CA ARG H 477 -30.89 23.46 -10.24
C ARG H 477 -29.95 24.37 -9.45
N LYS H 478 -30.14 25.67 -9.66
CA LYS H 478 -29.48 26.73 -8.91
C LYS H 478 -30.58 27.73 -8.58
N GLU H 479 -30.39 28.52 -7.53
CA GLU H 479 -31.45 29.41 -7.06
C GLU H 479 -31.17 30.89 -7.30
N VAL H 480 -32.15 31.57 -7.89
CA VAL H 480 -32.08 33.01 -8.10
C VAL H 480 -33.16 33.68 -7.28
N GLY H 481 -32.79 34.72 -6.55
CA GLY H 481 -33.69 35.35 -5.60
C GLY H 481 -32.90 36.30 -4.72
N ILE H 482 -33.54 36.78 -3.66
CA ILE H 482 -32.85 37.68 -2.74
C ILE H 482 -32.43 36.91 -1.49
N LYS H 483 -31.14 36.93 -1.20
CA LYS H 483 -30.64 36.30 0.01
C LYS H 483 -29.81 37.28 0.82
N LEU H 484 -30.03 37.27 2.11
CA LEU H 484 -29.42 38.19 3.06
C LEU H 484 -28.92 37.38 4.23
N LYS H 485 -27.60 37.35 4.42
CA LYS H 485 -27.01 36.64 5.55
C LYS H 485 -26.27 37.63 6.42
N VAL H 486 -26.77 37.84 7.64
CA VAL H 486 -26.28 38.94 8.45
C VAL H 486 -25.90 38.41 9.83
N VAL H 487 -24.85 39.00 10.41
CA VAL H 487 -24.37 38.60 11.73
C VAL H 487 -24.15 39.85 12.57
N PRO H 488 -25.18 40.41 13.20
CA PRO H 488 -25.00 41.66 13.92
C PRO H 488 -24.37 41.43 15.28
N GLN H 489 -23.67 42.45 15.76
CA GLN H 489 -23.36 42.56 17.17
C GLN H 489 -23.58 44.00 17.58
N ILE H 490 -24.08 44.19 18.79
CA ILE H 490 -24.58 45.49 19.21
C ILE H 490 -23.56 46.13 20.13
N ASN H 491 -23.05 47.29 19.73
CA ASN H 491 -22.46 48.21 20.68
C ASN H 491 -23.43 48.38 21.84
N GLU H 492 -22.92 48.41 23.06
CA GLU H 492 -23.77 48.24 24.22
C GLU H 492 -24.91 49.27 24.29
N GLY H 493 -24.89 50.27 23.42
CA GLY H 493 -26.10 51.02 23.12
C GLY H 493 -26.01 51.56 21.72
N ASN H 494 -27.18 51.80 21.12
CA ASN H 494 -27.25 52.33 19.76
C ASN H 494 -26.51 51.48 18.74
N SER H 495 -25.41 52.01 18.17
CA SER H 495 -24.89 51.51 16.91
C SER H 495 -24.75 49.99 16.88
N VAL H 496 -25.11 49.42 15.74
CA VAL H 496 -25.04 47.99 15.45
C VAL H 496 -23.97 47.77 14.41
N GLN H 497 -23.11 46.79 14.65
CA GLN H 497 -22.14 46.36 13.66
C GLN H 497 -22.68 45.17 12.90
N LEU H 498 -22.52 45.19 11.58
CA LEU H 498 -23.11 44.20 10.70
C LEU H 498 -22.03 43.59 9.82
N ASN H 499 -21.87 42.29 9.91
CA ASN H 499 -21.17 41.52 8.88
C ASN H 499 -22.26 40.99 7.97
N ILE H 500 -22.30 41.49 6.74
CA ILE H 500 -23.45 41.28 5.87
C ILE H 500 -22.98 40.70 4.55
N GLU H 501 -23.72 39.71 4.05
CA GLU H 501 -23.50 39.14 2.74
C GLU H 501 -24.85 39.17 2.03
N GLN H 502 -24.96 39.98 1.00
CA GLN H 502 -26.25 40.23 0.38
C GLN H 502 -26.18 39.96 -1.10
N GLU H 503 -27.08 39.14 -1.61
CA GLU H 503 -27.07 38.74 -3.00
C GLU H 503 -28.47 38.84 -3.58
N VAL H 504 -28.56 39.27 -4.83
CA VAL H 504 -29.86 39.38 -5.48
C VAL H 504 -29.89 38.51 -6.72
N SER H 505 -30.93 37.70 -6.86
CA SER H 505 -31.02 36.83 -8.02
C SER H 505 -32.08 37.34 -8.99
N ASN H 506 -31.63 37.65 -10.19
CA ASN H 506 -32.54 38.07 -11.26
C ASN H 506 -32.31 37.23 -12.49
N VAL H 507 -33.38 36.75 -13.10
CA VAL H 507 -33.24 35.88 -14.26
C VAL H 507 -34.19 36.22 -15.41
N LEU H 508 -33.66 36.28 -16.62
CA LEU H 508 -34.45 36.59 -17.80
C LEU H 508 -35.11 35.34 -18.38
N ASP H 515 -30.08 27.55 -21.57
CA ASP H 515 -29.69 28.77 -22.25
C ASP H 515 -30.41 29.98 -21.67
N VAL H 516 -30.40 30.09 -20.35
CA VAL H 516 -31.05 31.20 -19.68
C VAL H 516 -30.03 32.07 -18.95
N ARG H 517 -30.11 33.38 -19.16
CA ARG H 517 -29.18 34.30 -18.52
C ARG H 517 -29.85 35.09 -17.41
N PHE H 518 -29.25 35.06 -16.22
CA PHE H 518 -29.77 35.78 -15.07
C PHE H 518 -28.68 36.61 -14.43
N ALA H 519 -29.06 37.78 -13.90
CA ALA H 519 -28.08 38.68 -13.31
C ALA H 519 -28.09 38.59 -11.79
N LYS H 520 -26.89 38.44 -11.23
CA LYS H 520 -26.73 38.37 -9.78
C LYS H 520 -25.73 39.42 -9.32
N ARG H 521 -26.17 40.36 -8.49
CA ARG H 521 -25.31 41.42 -8.01
C ARG H 521 -25.24 41.40 -6.50
N GLN H 522 -24.16 40.84 -5.96
CA GLN H 522 -24.03 40.70 -4.52
C GLN H 522 -22.97 41.65 -4.02
N LEU H 523 -23.11 42.05 -2.78
CA LEU H 523 -22.07 42.75 -2.06
C LEU H 523 -22.05 42.20 -0.65
N ASN H 524 -20.86 41.86 -0.17
CA ASN H 524 -20.69 41.35 1.18
C ASN H 524 -19.60 42.16 1.86
N THR H 525 -19.99 42.91 2.88
CA THR H 525 -19.13 43.91 3.49
C THR H 525 -19.38 43.88 4.99
N SER H 526 -18.76 44.82 5.69
CA SER H 526 -18.94 44.98 7.13
C SER H 526 -19.15 46.45 7.40
N VAL H 527 -20.31 46.82 7.95
CA VAL H 527 -20.62 48.22 8.17
C VAL H 527 -21.01 48.41 9.63
N MET H 528 -21.03 49.66 10.05
CA MET H 528 -21.47 50.01 11.40
C MET H 528 -22.53 51.09 11.27
N VAL H 529 -23.75 50.76 11.64
CA VAL H 529 -24.91 51.60 11.39
C VAL H 529 -25.46 52.07 12.72
N GLN H 530 -25.95 53.30 12.79
CA GLN H 530 -26.62 53.74 13.99
C GLN H 530 -27.91 52.97 14.19
N ASP H 531 -28.44 53.02 15.40
CA ASP H 531 -29.59 52.24 15.80
C ASP H 531 -30.73 52.26 14.78
N GLY H 532 -31.40 53.39 14.65
CA GLY H 532 -32.57 53.47 13.78
C GLY H 532 -32.36 54.21 12.48
N GLN H 533 -31.13 54.40 12.03
CA GLN H 533 -30.86 55.19 10.85
C GLN H 533 -30.41 54.31 9.71
N MET H 534 -30.73 54.74 8.50
CA MET H 534 -30.41 54.01 7.29
C MET H 534 -28.99 54.32 6.84
N LEU H 535 -28.32 53.31 6.28
CA LEU H 535 -26.97 53.49 5.76
C LEU H 535 -26.85 52.76 4.44
N VAL H 536 -26.11 53.35 3.50
CA VAL H 536 -26.01 52.83 2.15
C VAL H 536 -24.80 51.90 2.06
N LEU H 537 -25.06 50.60 1.90
CA LEU H 537 -23.97 49.66 1.68
C LEU H 537 -23.34 49.87 0.32
N GLY H 538 -24.14 49.84 -0.73
CA GLY H 538 -23.52 49.71 -2.02
C GLY H 538 -24.33 50.37 -3.11
N GLY H 539 -23.79 50.31 -4.31
CA GLY H 539 -24.48 50.91 -5.44
C GLY H 539 -23.67 50.76 -6.70
N LEU H 540 -24.32 51.04 -7.81
CA LEU H 540 -23.70 51.11 -9.11
C LEU H 540 -24.47 52.15 -9.90
N ILE H 541 -23.78 52.98 -10.65
CA ILE H 541 -24.42 53.91 -11.56
C ILE H 541 -23.77 53.74 -12.91
N ASP H 542 -24.50 53.22 -13.87
CA ASP H 542 -23.92 52.84 -15.14
C ASP H 542 -24.64 53.59 -16.24
N GLU H 543 -23.88 54.10 -17.20
CA GLU H 543 -24.44 54.85 -18.31
C GLU H 543 -23.72 54.45 -19.56
N ARG H 544 -24.45 54.31 -20.66
CA ARG H 544 -23.86 53.90 -21.93
C ARG H 544 -24.52 54.65 -23.06
N ALA H 545 -23.71 55.05 -24.03
CA ALA H 545 -24.22 55.54 -25.30
C ALA H 545 -23.42 54.87 -26.41
N LEU H 546 -24.09 54.06 -27.21
CA LEU H 546 -23.46 53.40 -28.34
C LEU H 546 -24.09 53.92 -29.62
N GLU H 547 -23.32 54.69 -30.38
CA GLU H 547 -23.77 55.17 -31.67
C GLU H 547 -23.04 54.39 -32.74
N SER H 548 -23.72 54.16 -33.86
CA SER H 548 -23.15 53.45 -35.00
C SER H 548 -23.76 54.03 -36.25
N GLU H 549 -23.04 53.96 -37.36
CA GLU H 549 -23.50 54.54 -38.60
C GLU H 549 -22.84 53.83 -39.77
N SER H 550 -23.47 53.90 -40.92
CA SER H 550 -22.89 53.41 -42.16
C SER H 550 -23.41 54.29 -43.29
N LYS H 551 -22.57 54.54 -44.28
CA LYS H 551 -22.99 55.34 -45.41
C LYS H 551 -22.06 55.05 -46.58
N VAL H 552 -22.34 55.69 -47.70
CA VAL H 552 -21.71 55.33 -48.97
C VAL H 552 -20.20 55.56 -49.14
N PRO H 553 -19.58 56.60 -48.54
CA PRO H 553 -19.81 57.81 -47.75
C PRO H 553 -20.35 59.05 -48.44
N LEU H 554 -19.89 59.32 -49.66
CA LEU H 554 -19.99 60.68 -50.20
C LEU H 554 -21.43 61.14 -50.30
N LEU H 555 -22.32 60.27 -50.77
CA LEU H 555 -23.72 60.65 -50.91
C LEU H 555 -24.38 60.84 -49.55
N GLY H 556 -23.95 60.09 -48.55
CA GLY H 556 -24.56 60.22 -47.24
C GLY H 556 -24.17 61.50 -46.52
N ASP H 557 -23.25 62.26 -47.13
CA ASP H 557 -22.83 63.52 -46.53
C ASP H 557 -23.81 64.65 -46.83
N ILE H 558 -24.48 64.60 -47.98
CA ILE H 558 -25.41 65.65 -48.39
C ILE H 558 -26.45 65.85 -47.29
N PRO H 559 -26.77 67.08 -46.90
CA PRO H 559 -27.72 67.29 -45.80
C PRO H 559 -29.14 66.80 -46.10
N LEU H 560 -29.66 67.10 -47.28
CA LEU H 560 -31.06 66.80 -47.55
C LEU H 560 -31.26 65.33 -47.90
N LEU H 561 -30.47 64.81 -48.83
CA LEU H 561 -30.63 63.45 -49.30
C LEU H 561 -29.73 62.45 -48.60
N GLY H 562 -28.93 62.90 -47.64
CA GLY H 562 -28.01 61.99 -46.99
C GLY H 562 -28.71 60.88 -46.23
N GLN H 563 -29.90 61.18 -45.70
CA GLN H 563 -30.59 60.19 -44.88
C GLN H 563 -31.04 59.00 -45.72
N LEU H 564 -31.00 59.13 -47.04
CA LEU H 564 -31.38 58.02 -47.89
C LEU H 564 -30.27 56.97 -47.95
N PHE H 565 -29.03 57.39 -47.86
CA PHE H 565 -27.90 56.47 -47.98
C PHE H 565 -27.28 56.08 -46.64
N ARG H 566 -27.80 56.55 -45.52
CA ARG H 566 -27.23 56.27 -44.22
C ARG H 566 -28.05 55.24 -43.47
N SER H 567 -27.38 54.45 -42.64
CA SER H 567 -28.03 53.60 -41.65
C SER H 567 -27.43 53.93 -40.29
N THR H 568 -28.25 54.48 -39.41
CA THR H 568 -27.80 54.91 -38.10
C THR H 568 -28.45 54.06 -37.03
N SER H 569 -27.65 53.59 -36.08
CA SER H 569 -28.17 52.83 -34.94
C SER H 569 -27.64 53.46 -33.67
N SER H 570 -28.52 54.06 -32.89
CA SER H 570 -28.13 54.73 -31.66
C SER H 570 -28.79 54.05 -30.47
N GLN H 571 -28.07 54.03 -29.35
CA GLN H 571 -28.60 53.38 -28.16
C GLN H 571 -28.07 54.08 -26.92
N VAL H 572 -28.93 54.19 -25.90
CA VAL H 572 -28.57 54.80 -24.63
C VAL H 572 -29.11 53.92 -23.52
N GLU H 573 -28.22 53.40 -22.69
CA GLU H 573 -28.62 52.57 -21.56
C GLU H 573 -28.25 53.27 -20.27
N LYS H 574 -28.99 52.98 -19.22
CA LYS H 574 -28.72 53.60 -17.93
C LYS H 574 -29.20 52.65 -16.84
N LYS H 575 -28.48 52.63 -15.72
CA LYS H 575 -28.80 51.69 -14.66
C LYS H 575 -28.36 52.27 -13.33
N ASN H 576 -29.11 51.96 -12.29
CA ASN H 576 -28.85 52.44 -10.94
C ASN H 576 -29.15 51.32 -9.96
N LEU H 577 -28.26 51.13 -9.01
CA LEU H 577 -28.45 50.18 -7.93
C LEU H 577 -28.02 50.84 -6.64
N MET H 578 -28.91 50.92 -5.67
CA MET H 578 -28.48 51.25 -4.32
C MET H 578 -28.93 50.15 -3.40
N VAL H 579 -28.07 49.82 -2.43
CA VAL H 579 -28.39 48.87 -1.40
C VAL H 579 -28.19 49.58 -0.07
N PHE H 580 -29.27 49.75 0.68
CA PHE H 580 -29.34 50.42 1.96
C PHE H 580 -29.65 49.39 3.03
N ILE H 581 -29.34 49.72 4.28
CA ILE H 581 -29.72 48.84 5.37
C ILE H 581 -30.16 49.70 6.56
N LYS H 582 -31.28 49.33 7.17
CA LYS H 582 -31.72 49.93 8.42
C LYS H 582 -31.85 48.88 9.49
N PRO H 583 -30.98 48.85 10.48
CA PRO H 583 -31.23 48.04 11.68
C PRO H 583 -32.21 48.74 12.59
N THR H 584 -32.79 47.96 13.50
CA THR H 584 -33.55 48.52 14.61
C THR H 584 -33.33 47.64 15.82
N ILE H 585 -32.98 48.21 16.95
CA ILE H 585 -32.68 47.40 18.12
C ILE H 585 -33.95 47.18 18.93
N ILE H 586 -34.27 45.93 19.17
CA ILE H 586 -35.41 45.53 19.97
C ILE H 586 -34.87 45.04 21.30
N ARG H 587 -35.20 45.77 22.36
CA ARG H 587 -34.78 45.45 23.73
C ARG H 587 -35.96 45.04 24.59
N ASP H 588 -36.90 45.96 24.80
CA ASP H 588 -38.11 45.65 25.53
C ASP H 588 -39.03 44.76 24.69
N GLY H 589 -39.97 44.10 25.37
CA GLY H 589 -41.03 43.42 24.66
C GLY H 589 -42.02 44.35 24.00
N VAL H 590 -42.21 45.54 24.56
CA VAL H 590 -43.12 46.50 23.96
C VAL H 590 -42.62 47.02 22.62
N THR H 591 -41.30 47.04 22.40
CA THR H 591 -40.79 47.43 21.09
C THR H 591 -41.08 46.37 20.05
N ALA H 592 -40.78 45.11 20.35
CA ALA H 592 -41.09 44.02 19.43
C ALA H 592 -42.59 43.96 19.14
N ASP H 593 -43.41 44.17 20.15
CA ASP H 593 -44.85 44.21 19.92
C ASP H 593 -45.26 45.42 19.08
N GLY H 594 -44.56 46.53 19.22
CA GLY H 594 -44.86 47.71 18.41
C GLY H 594 -44.52 47.54 16.96
N ILE H 595 -43.41 46.88 16.67
CA ILE H 595 -43.02 46.62 15.29
C ILE H 595 -43.91 45.55 14.68
N THR H 596 -44.04 44.41 15.38
CA THR H 596 -44.88 43.33 14.90
C THR H 596 -46.31 43.79 14.68
N GLN H 597 -46.79 44.74 15.49
CA GLN H 597 -48.17 45.17 15.33
C GLN H 597 -48.35 45.96 14.04
N ARG H 598 -47.36 46.77 13.65
CA ARG H 598 -47.54 47.52 12.42
C ARG H 598 -47.26 46.67 11.19
N LYS H 599 -46.29 45.78 11.24
CA LYS H 599 -46.09 44.90 10.10
C LYS H 599 -47.23 43.90 9.95
N TYR H 600 -47.93 43.61 11.03
CA TYR H 600 -49.09 42.73 10.96
C TYR H 600 -50.31 43.48 10.44
N ASN H 601 -50.57 44.67 11.00
CA ASN H 601 -51.70 45.46 10.55
C ASN H 601 -51.56 45.96 9.13
N TYR H 602 -50.34 46.10 8.61
CA TYR H 602 -50.20 46.45 7.22
C TYR H 602 -50.76 45.36 6.32
N ILE H 603 -50.31 44.12 6.51
CA ILE H 603 -50.85 43.03 5.72
C ILE H 603 -52.34 42.86 5.95
N ARG H 604 -52.77 42.87 7.22
CA ARG H 604 -54.20 42.76 7.46
C ARG H 604 -54.99 43.83 6.72
N ALA H 605 -54.46 45.05 6.64
CA ALA H 605 -55.13 46.08 5.84
C ALA H 605 -55.19 45.69 4.37
N GLU H 606 -54.07 45.21 3.81
CA GLU H 606 -54.09 44.74 2.43
C GLU H 606 -55.16 43.69 2.21
N GLN H 607 -55.28 42.72 3.13
CA GLN H 607 -56.20 41.62 2.94
C GLN H 607 -57.65 42.06 3.09
N LEU H 608 -57.92 42.95 4.04
CA LEU H 608 -59.26 43.52 4.12
C LEU H 608 -59.64 44.23 2.83
N PHE H 609 -58.69 44.97 2.25
CA PHE H 609 -58.97 45.57 0.95
C PHE H 609 -59.21 44.51 -0.13
N ARG H 610 -58.49 43.40 -0.07
CA ARG H 610 -58.79 42.28 -0.96
C ARG H 610 -60.18 41.74 -0.74
N ALA H 611 -60.69 41.83 0.48
CA ALA H 611 -62.03 41.32 0.77
C ALA H 611 -63.12 42.30 0.39
N GLU H 612 -62.79 43.59 0.25
CA GLU H 612 -63.81 44.55 -0.15
C GLU H 612 -64.12 44.43 -1.64
N LYS H 613 -63.09 44.41 -2.48
CA LYS H 613 -63.26 43.98 -3.86
C LYS H 613 -62.75 42.55 -3.91
N GLY H 614 -63.68 41.61 -3.96
CA GLY H 614 -63.38 40.23 -3.68
C GLY H 614 -63.19 39.41 -4.94
N LEU H 615 -63.22 38.09 -4.75
CA LEU H 615 -63.24 37.20 -5.89
C LEU H 615 -64.54 37.40 -6.64
N ARG H 616 -64.45 37.68 -7.94
CA ARG H 616 -65.66 37.99 -8.69
C ARG H 616 -66.57 36.78 -8.82
N LEU H 617 -65.99 35.60 -9.00
CA LEU H 617 -66.80 34.42 -9.22
C LEU H 617 -67.13 33.67 -7.94
N LEU H 618 -66.50 34.00 -6.83
CA LEU H 618 -66.68 33.26 -5.59
C LEU H 618 -67.12 34.22 -4.48
N ASP H 619 -67.62 33.65 -3.39
CA ASP H 619 -68.08 34.44 -2.27
C ASP H 619 -66.91 35.14 -1.60
N ASP H 620 -67.12 36.39 -1.20
CA ASP H 620 -66.05 37.21 -0.63
C ASP H 620 -65.59 36.71 0.73
N ALA H 621 -66.28 35.77 1.35
CA ALA H 621 -65.83 35.21 2.61
C ALA H 621 -64.80 34.11 2.44
N SER H 622 -64.48 33.75 1.20
CA SER H 622 -63.51 32.71 0.94
C SER H 622 -62.08 33.21 0.84
N VAL H 623 -61.88 34.52 0.78
CA VAL H 623 -60.51 35.07 0.70
C VAL H 623 -59.89 35.04 2.09
N PRO H 624 -58.69 34.48 2.24
CA PRO H 624 -58.08 34.43 3.56
C PRO H 624 -57.70 35.81 4.04
N VAL H 625 -58.02 36.10 5.29
CA VAL H 625 -57.73 37.39 5.91
C VAL H 625 -57.26 37.14 7.33
N LEU H 626 -56.20 37.83 7.73
CA LEU H 626 -55.67 37.63 9.05
C LEU H 626 -56.70 38.05 10.10
N PRO H 627 -56.79 37.33 11.22
CA PRO H 627 -57.63 37.80 12.31
C PRO H 627 -57.06 39.07 12.91
N LYS H 628 -57.93 39.82 13.59
CA LYS H 628 -57.49 41.03 14.25
C LYS H 628 -56.41 40.69 15.26
N PHE H 629 -55.45 41.60 15.43
CA PHE H 629 -54.20 41.25 16.07
C PHE H 629 -54.42 40.72 17.48
N GLY H 630 -53.97 39.50 17.73
CA GLY H 630 -54.07 38.88 19.04
C GLY H 630 -55.29 38.00 19.26
N ASP H 631 -56.16 37.83 18.27
CA ASP H 631 -57.43 37.13 18.48
C ASP H 631 -57.40 35.67 18.06
N ASP H 632 -56.26 35.16 17.58
CA ASP H 632 -56.15 33.78 17.11
C ASP H 632 -57.22 33.43 16.08
N ARG H 633 -57.77 32.23 16.15
CA ARG H 633 -58.58 31.68 15.08
C ARG H 633 -60.07 32.00 15.18
N ARG H 634 -60.65 32.43 14.06
CA ARG H 634 -62.09 32.48 13.84
C ARG H 634 -62.85 31.63 12.87
N HIS H 635 -64.02 31.12 13.26
CA HIS H 635 -64.76 30.21 12.40
C HIS H 635 -65.23 31.12 11.27
N SER H 636 -65.53 30.50 10.13
CA SER H 636 -66.13 31.21 9.02
C SER H 636 -67.47 31.83 9.45
N PRO H 637 -67.93 32.83 8.73
CA PRO H 637 -69.20 33.46 9.14
C PRO H 637 -70.36 32.47 9.11
N GLU H 638 -70.47 31.69 8.03
CA GLU H 638 -71.53 30.68 7.94
C GLU H 638 -71.40 29.56 8.96
N ILE H 639 -70.18 29.08 9.16
CA ILE H 639 -69.91 28.04 10.13
C ILE H 639 -70.20 28.55 11.53
N GLN H 640 -69.83 29.80 11.78
CA GLN H 640 -70.07 30.41 13.07
C GLN H 640 -71.57 30.49 13.30
N ALA H 641 -72.31 30.85 12.25
CA ALA H 641 -73.75 30.94 12.34
C ALA H 641 -74.35 29.59 12.67
N PHE H 642 -73.82 28.54 12.03
CA PHE H 642 -74.27 27.17 12.28
C PHE H 642 -74.02 26.75 13.73
N ILE H 643 -72.86 27.13 14.25
CA ILE H 643 -72.45 26.67 15.58
C ILE H 643 -73.40 27.15 16.67
N GLU H 644 -73.83 28.41 16.54
CA GLU H 644 -74.71 29.02 17.52
C GLU H 644 -76.07 28.33 17.57
N GLN H 645 -76.54 27.80 16.44
CA GLN H 645 -77.82 27.10 16.43
C GLN H 645 -77.75 25.82 17.26
N MET H 646 -76.75 24.98 17.00
CA MET H 646 -76.58 23.74 17.74
C MET H 646 -76.25 24.01 19.21
N GLY I 97 -5.77 19.76 114.48
CA GLY I 97 -5.06 19.28 115.65
C GLY I 97 -3.73 18.63 115.35
N ASP I 98 -3.26 17.79 116.28
CA ASP I 98 -1.97 17.12 116.18
C ASP I 98 -2.05 15.69 115.63
N GLU I 99 -3.19 15.23 115.16
CA GLU I 99 -3.35 13.82 114.78
C GLU I 99 -2.43 13.48 113.61
N VAL I 100 -2.06 12.20 113.49
CA VAL I 100 -1.27 11.68 112.37
C VAL I 100 -2.21 10.95 111.41
N ILE I 101 -2.45 11.54 110.23
CA ILE I 101 -3.23 10.93 109.16
C ILE I 101 -2.46 11.11 107.86
N THR I 102 -2.78 10.29 106.87
CA THR I 102 -2.18 10.35 105.53
C THR I 102 -3.14 11.05 104.56
N GLN I 103 -2.59 11.93 103.71
CA GLN I 103 -3.42 12.61 102.72
C GLN I 103 -2.91 12.33 101.31
N VAL I 104 -3.84 11.98 100.44
CA VAL I 104 -3.57 11.61 99.06
C VAL I 104 -4.15 12.68 98.14
N VAL I 105 -3.29 13.45 97.49
CA VAL I 105 -3.74 14.57 96.65
C VAL I 105 -2.89 14.56 95.38
N ALA I 106 -3.40 15.18 94.31
CA ALA I 106 -2.77 15.09 93.01
C ALA I 106 -2.03 16.37 92.62
N VAL I 107 -0.96 16.20 91.84
CA VAL I 107 -0.41 17.25 90.99
C VAL I 107 -0.28 16.62 89.61
N LYS I 108 -1.12 17.05 88.67
CA LYS I 108 -1.08 16.43 87.35
C LYS I 108 0.01 17.05 86.48
N ASN I 109 0.35 18.30 86.75
CA ASN I 109 1.03 19.12 85.75
C ASN I 109 2.41 18.58 85.43
N VAL I 110 3.23 18.29 86.44
CA VAL I 110 4.53 17.66 86.23
C VAL I 110 4.80 16.74 87.42
N SER I 111 5.67 15.75 87.20
CA SER I 111 5.95 14.73 88.21
C SER I 111 6.38 15.36 89.53
N VAL I 112 5.83 14.83 90.64
CA VAL I 112 5.96 15.46 91.95
C VAL I 112 7.27 15.11 92.65
N ARG I 113 8.08 14.20 92.08
CA ARG I 113 9.43 14.00 92.59
C ARG I 113 10.19 15.31 92.66
N GLU I 114 9.83 16.25 91.78
CA GLU I 114 10.39 17.59 91.77
C GLU I 114 10.28 18.32 93.10
N LEU I 115 9.34 17.92 93.95
CA LEU I 115 9.15 18.55 95.25
C LEU I 115 9.80 17.79 96.40
N SER I 116 10.47 16.66 96.14
CA SER I 116 11.00 15.86 97.25
C SER I 116 11.90 16.64 98.21
N PRO I 117 12.83 17.50 97.78
CA PRO I 117 13.74 18.13 98.74
C PRO I 117 13.04 19.13 99.66
N LEU I 118 12.15 19.94 99.10
CA LEU I 118 11.53 21.03 99.85
C LEU I 118 10.41 20.49 100.72
N LEU I 119 9.72 19.45 100.26
CA LEU I 119 8.74 18.75 101.08
C LEU I 119 9.39 18.05 102.27
N ARG I 120 10.50 17.34 102.04
CA ARG I 120 11.28 16.86 103.18
C ARG I 120 11.85 18.00 104.01
N GLN I 121 11.81 19.23 103.49
CA GLN I 121 12.11 20.38 104.33
C GLN I 121 11.02 20.57 105.38
N LEU I 122 9.75 20.41 105.00
CA LEU I 122 8.67 20.36 105.99
C LEU I 122 8.62 19.03 106.74
N ILE I 123 9.27 17.98 106.23
CA ILE I 123 9.47 16.78 107.04
C ILE I 123 10.61 17.01 108.02
N ASP I 124 11.55 17.89 107.65
CA ASP I 124 12.59 18.38 108.56
C ASP I 124 12.12 19.56 109.43
N ASN I 125 11.37 20.53 108.86
CA ASN I 125 10.98 21.74 109.60
C ASN I 125 10.34 21.43 110.94
N ALA I 126 9.64 20.31 111.03
CA ALA I 126 9.02 19.85 112.27
C ALA I 126 9.30 18.36 112.43
N GLY I 127 8.65 17.74 113.41
CA GLY I 127 8.87 16.34 113.74
C GLY I 127 8.55 15.33 112.66
N ALA I 128 9.21 14.18 112.74
CA ALA I 128 9.07 13.12 111.73
C ALA I 128 8.06 12.08 112.23
N GLY I 129 7.99 10.95 111.54
CA GLY I 129 6.80 10.14 111.46
C GLY I 129 6.14 10.29 110.12
N ASN I 130 6.45 11.34 109.38
CA ASN I 130 5.91 11.64 108.06
C ASN I 130 6.43 10.64 107.04
N VAL I 131 5.68 10.54 105.94
CA VAL I 131 6.20 10.09 104.65
C VAL I 131 5.61 11.05 103.63
N VAL I 132 6.34 11.33 102.56
CA VAL I 132 5.72 11.86 101.37
C VAL I 132 6.27 11.03 100.21
N HIS I 133 5.39 10.27 99.57
CA HIS I 133 5.80 9.29 98.56
C HIS I 133 5.08 9.65 97.28
N TYR I 134 5.86 9.64 96.19
CA TYR I 134 5.44 10.18 94.90
C TYR I 134 5.25 9.04 93.94
N ASP I 135 4.02 8.72 93.65
CA ASP I 135 3.79 7.55 92.81
C ASP I 135 3.94 7.92 91.35
N PRO I 136 4.75 7.16 90.62
CA PRO I 136 4.94 7.45 89.19
C PRO I 136 3.66 7.38 88.37
N ALA I 137 2.60 6.82 88.92
CA ALA I 137 1.26 6.92 88.34
C ALA I 137 0.72 8.34 88.44
N ASN I 138 1.49 9.21 89.11
CA ASN I 138 1.17 10.61 89.37
C ASN I 138 -0.07 10.78 90.24
N ILE I 139 0.07 10.43 91.52
CA ILE I 139 -0.74 10.97 92.61
C ILE I 139 0.27 11.32 93.70
N ILE I 140 -0.20 11.64 94.90
CA ILE I 140 0.66 12.18 95.95
C ILE I 140 0.25 11.61 97.30
N LEU I 141 1.25 11.14 98.06
CA LEU I 141 1.06 10.61 99.41
C LEU I 141 1.79 11.46 100.46
N ILE I 142 1.07 11.85 101.50
CA ILE I 142 1.66 12.34 102.74
C ILE I 142 1.15 11.44 103.85
N THR I 143 1.92 11.34 104.93
CA THR I 143 1.49 10.74 106.18
C THR I 143 2.14 11.53 107.31
N GLY I 144 1.36 11.89 108.32
CA GLY I 144 1.94 12.61 109.44
C GLY I 144 0.92 13.55 110.07
N ARG I 145 1.44 14.49 110.84
CA ARG I 145 0.56 15.40 111.55
C ARG I 145 -0.23 16.26 110.59
N ALA I 146 -1.54 16.34 110.85
CA ALA I 146 -2.47 17.00 109.93
C ALA I 146 -2.05 18.43 109.63
N ALA I 147 -1.37 19.08 110.56
CA ALA I 147 -0.88 20.43 110.30
C ALA I 147 0.25 20.43 109.28
N VAL I 148 1.29 19.63 109.53
CA VAL I 148 2.44 19.61 108.63
C VAL I 148 2.09 18.87 107.35
N VAL I 149 1.21 17.88 107.45
CA VAL I 149 0.63 17.25 106.27
C VAL I 149 -0.19 18.26 105.48
N ASN I 150 -0.74 19.27 106.16
CA ASN I 150 -1.45 20.31 105.44
C ASN I 150 -0.46 21.21 104.69
N ARG I 151 0.42 21.90 105.41
CA ARG I 151 1.41 22.72 104.72
C ARG I 151 2.12 21.99 103.59
N LEU I 152 2.43 20.71 103.80
CA LEU I 152 2.95 19.86 102.72
C LEU I 152 1.96 19.75 101.57
N ALA I 153 0.68 19.50 101.87
CA ALA I 153 -0.31 19.40 100.80
C ALA I 153 -0.56 20.75 100.15
N GLU I 154 -0.11 21.83 100.79
CA GLU I 154 -0.28 23.20 100.30
C GLU I 154 0.83 23.56 99.34
N ILE I 155 2.06 23.16 99.66
CA ILE I 155 3.15 23.22 98.68
C ILE I 155 2.81 22.32 97.50
N ILE I 156 2.48 21.07 97.79
CA ILE I 156 2.07 20.11 96.79
C ILE I 156 0.99 20.68 95.88
N ARG I 157 -0.17 21.02 96.44
CA ARG I 157 -1.23 21.63 95.63
C ARG I 157 -0.77 22.98 95.07
N ARG I 158 0.36 23.50 95.55
CA ARG I 158 0.88 24.75 95.03
C ARG I 158 1.69 24.46 93.76
N VAL I 159 2.05 23.19 93.56
CA VAL I 159 2.50 22.77 92.23
C VAL I 159 1.38 22.08 91.43
N ASP I 160 0.29 21.65 92.09
CA ASP I 160 -0.93 21.26 91.36
C ASP I 160 -1.55 22.42 90.62
N GLN I 161 -2.11 23.33 91.39
CA GLN I 161 -2.90 24.45 90.89
C GLN I 161 -2.08 25.42 90.06
N ALA I 162 -0.76 25.41 90.22
CA ALA I 162 0.14 26.39 89.64
C ALA I 162 0.05 26.50 88.12
N GLY I 163 0.49 25.49 87.40
CA GLY I 163 0.87 25.59 86.01
C GLY I 163 -0.16 25.16 84.99
N ASP I 164 -1.45 25.25 85.31
CA ASP I 164 -2.49 24.43 84.70
C ASP I 164 -2.35 24.35 83.19
N LYS I 165 -2.53 23.15 82.64
CA LYS I 165 -2.40 22.93 81.21
C LYS I 165 -3.44 21.89 80.80
N GLU I 166 -4.27 22.22 79.81
CA GLU I 166 -5.16 21.26 79.18
C GLU I 166 -5.51 21.71 77.77
N ILE I 167 -6.54 21.06 77.23
CA ILE I 167 -6.94 21.17 75.82
C ILE I 167 -8.17 22.06 75.68
N GLU I 168 -8.20 22.83 74.60
CA GLU I 168 -9.38 23.58 74.18
C GLU I 168 -9.86 23.09 72.84
N VAL I 169 -11.14 23.34 72.56
CA VAL I 169 -11.72 23.14 71.25
C VAL I 169 -12.60 24.34 70.92
N VAL I 170 -12.21 25.09 69.90
CA VAL I 170 -12.92 26.32 69.55
C VAL I 170 -13.02 26.41 68.04
N GLU I 171 -14.24 26.69 67.56
CA GLU I 171 -14.52 26.76 66.15
C GLU I 171 -13.72 27.84 65.45
N LEU I 172 -13.16 27.47 64.31
CA LEU I 172 -12.59 28.42 63.36
C LEU I 172 -13.51 28.41 62.17
N ASN I 173 -14.31 29.45 62.00
CA ASN I 173 -15.31 29.41 60.95
C ASN I 173 -14.70 29.77 59.61
N ASN I 174 -13.62 30.54 59.64
CA ASN I 174 -13.22 31.23 58.43
C ASN I 174 -11.82 30.81 58.02
N ALA I 175 -10.83 31.34 58.73
CA ALA I 175 -9.45 31.02 58.42
C ALA I 175 -9.22 29.54 58.57
N SER I 176 -8.73 28.92 57.50
CA SER I 176 -8.53 27.48 57.50
C SER I 176 -7.73 27.08 58.72
N ALA I 177 -8.25 26.10 59.46
CA ALA I 177 -7.52 25.61 60.62
C ALA I 177 -6.09 25.31 60.25
N ALA I 178 -5.87 24.38 59.32
CA ALA I 178 -4.51 24.05 58.91
C ALA I 178 -3.70 25.29 58.64
N GLU I 179 -4.32 26.35 58.12
CA GLU I 179 -3.64 27.63 58.06
C GLU I 179 -3.37 28.18 59.45
N MET I 180 -4.40 28.24 60.31
CA MET I 180 -4.14 28.68 61.69
C MET I 180 -2.97 27.94 62.29
N VAL I 181 -2.94 26.63 62.12
CA VAL I 181 -1.84 25.75 62.46
C VAL I 181 -0.58 26.41 61.93
N ARG I 182 -0.42 26.44 60.61
CA ARG I 182 0.84 26.88 60.03
C ARG I 182 1.28 28.21 60.61
N ILE I 183 0.33 29.13 60.74
CA ILE I 183 0.67 30.52 61.01
C ILE I 183 0.98 30.72 62.49
N VAL I 184 0.54 29.76 63.31
CA VAL I 184 1.03 29.66 64.67
C VAL I 184 2.32 28.85 64.72
N GLU I 185 2.56 28.00 63.73
CA GLU I 185 3.66 27.06 63.82
C GLU I 185 4.96 27.84 63.96
N ALA I 186 5.07 28.93 63.19
CA ALA I 186 6.17 29.85 63.30
C ALA I 186 6.41 30.32 64.72
N LEU I 187 5.37 30.31 65.56
CA LEU I 187 5.51 30.72 66.94
C LEU I 187 6.22 29.60 67.69
N ASN I 188 7.07 29.96 68.63
CA ASN I 188 7.83 28.96 69.36
C ASN I 188 7.72 29.15 70.87
N LYS I 203 0.74 23.41 73.79
CA LYS I 203 0.95 23.34 72.37
C LYS I 203 -0.38 23.46 71.62
N PHE I 204 -0.44 23.04 70.35
CA PHE I 204 -1.51 23.47 69.45
C PHE I 204 -2.09 22.27 68.73
N VAL I 205 -3.40 22.30 68.48
CA VAL I 205 -4.04 21.39 67.53
C VAL I 205 -5.11 22.18 66.79
N ALA I 206 -5.72 21.55 65.80
CA ALA I 206 -6.96 21.99 65.17
C ALA I 206 -7.55 20.82 64.39
N ASP I 207 -8.81 20.95 63.98
CA ASP I 207 -9.39 19.96 63.09
C ASP I 207 -10.05 20.69 61.93
N GLU I 208 -9.77 20.23 60.70
CA GLU I 208 -10.52 20.81 59.61
C GLU I 208 -11.71 19.94 59.19
N ARG I 209 -12.00 18.87 59.91
CA ARG I 209 -13.39 18.44 59.90
C ARG I 209 -14.27 19.53 60.46
N THR I 210 -13.98 19.94 61.68
CA THR I 210 -14.64 21.03 62.37
C THR I 210 -14.08 22.38 61.98
N ASN I 211 -12.82 22.44 61.57
CA ASN I 211 -12.10 23.71 61.46
C ASN I 211 -12.15 24.44 62.80
N SER I 212 -11.40 23.88 63.76
CA SER I 212 -11.40 24.36 65.14
C SER I 212 -10.02 24.23 65.75
N ILE I 213 -9.52 25.30 66.34
CA ILE I 213 -8.30 25.26 67.13
C ILE I 213 -8.55 24.46 68.40
N LEU I 214 -7.68 23.51 68.65
CA LEU I 214 -7.63 22.78 69.90
C LEU I 214 -6.38 23.30 70.57
N ILE I 215 -6.33 23.27 71.90
CA ILE I 215 -5.12 23.77 72.52
C ILE I 215 -4.66 22.75 73.54
N SER I 216 -3.36 22.69 73.78
CA SER I 216 -2.82 21.95 74.90
C SER I 216 -1.89 22.87 75.69
N GLY I 217 -2.33 23.26 76.87
CA GLY I 217 -1.52 24.15 77.68
C GLY I 217 -2.37 25.08 78.54
N ASP I 218 -1.73 26.16 78.94
CA ASP I 218 -2.08 26.97 80.09
C ASP I 218 -3.46 27.60 79.97
N PRO I 219 -4.11 27.91 81.09
CA PRO I 219 -5.14 28.97 81.06
C PRO I 219 -4.56 30.35 80.81
N LYS I 220 -3.24 30.53 80.90
CA LYS I 220 -2.63 31.64 80.19
C LYS I 220 -2.56 31.37 78.70
N VAL I 221 -2.25 30.14 78.30
CA VAL I 221 -2.42 29.74 76.91
C VAL I 221 -3.88 29.81 76.52
N ARG I 222 -4.79 29.68 77.49
CA ARG I 222 -6.21 29.84 77.19
C ARG I 222 -6.57 31.30 77.01
N GLU I 223 -5.99 32.18 77.83
CA GLU I 223 -6.21 33.60 77.60
C GLU I 223 -5.63 34.05 76.28
N ARG I 224 -4.32 33.90 76.10
CA ARG I 224 -3.69 34.44 74.90
C ARG I 224 -4.12 33.67 73.67
N LEU I 225 -4.41 32.38 73.81
CA LEU I 225 -4.79 31.64 72.62
C LEU I 225 -6.28 31.57 72.40
N LYS I 226 -7.09 32.09 73.31
CA LYS I 226 -8.38 32.59 72.85
C LYS I 226 -8.22 33.94 72.19
N ARG I 227 -7.23 34.72 72.62
CA ARG I 227 -6.90 35.92 71.87
C ARG I 227 -6.54 35.59 70.43
N LEU I 228 -5.77 34.51 70.20
CA LEU I 228 -5.40 34.17 68.82
C LEU I 228 -6.41 33.25 68.17
N ILE I 229 -7.30 32.66 68.97
CA ILE I 229 -8.54 32.15 68.42
C ILE I 229 -9.25 33.26 67.67
N LYS I 230 -9.30 34.42 68.31
CA LYS I 230 -10.03 35.53 67.73
C LYS I 230 -9.20 36.28 66.69
N GLN I 231 -7.88 36.33 66.88
CA GLN I 231 -7.05 37.21 66.06
C GLN I 231 -7.13 36.86 64.60
N LEU I 232 -6.79 35.64 64.21
CA LEU I 232 -6.93 35.29 62.81
C LEU I 232 -8.13 34.38 62.77
N ASP I 233 -9.30 35.01 62.77
CA ASP I 233 -10.56 34.46 62.32
C ASP I 233 -11.06 35.15 61.08
N VAL I 234 -10.51 36.32 60.80
CA VAL I 234 -11.03 37.23 59.78
C VAL I 234 -10.95 36.67 58.36
N GLU I 235 -11.94 37.01 57.56
CA GLU I 235 -12.03 36.53 56.19
C GLU I 235 -11.87 37.71 55.24
N MET I 236 -10.96 37.58 54.29
CA MET I 236 -10.68 38.65 53.36
C MET I 236 -11.89 38.97 52.50
N ALA I 237 -12.09 40.26 52.23
CA ALA I 237 -13.19 40.70 51.38
C ALA I 237 -12.90 40.25 49.95
N ALA I 238 -13.96 40.02 49.17
CA ALA I 238 -13.78 39.54 47.82
C ALA I 238 -12.98 40.57 47.03
N LYS I 239 -12.05 40.07 46.22
CA LYS I 239 -11.13 40.93 45.47
C LYS I 239 -11.53 41.14 44.01
N GLY I 240 -12.65 40.56 43.60
CA GLY I 240 -13.03 40.61 42.20
C GLY I 240 -11.93 39.97 41.38
N ASN I 241 -11.36 38.91 41.96
CA ASN I 241 -10.27 38.17 41.35
C ASN I 241 -10.49 37.93 39.87
N ASN I 242 -11.73 37.63 39.49
CA ASN I 242 -12.05 37.49 38.07
C ASN I 242 -13.15 38.47 37.70
N ARG I 243 -13.17 38.87 36.42
CA ARG I 243 -14.11 39.86 35.96
C ARG I 243 -14.57 39.50 34.55
N VAL I 244 -15.86 39.63 34.31
CA VAL I 244 -16.45 39.43 33.00
C VAL I 244 -16.61 40.79 32.35
N VAL I 245 -15.96 40.99 31.21
CA VAL I 245 -15.96 42.29 30.55
C VAL I 245 -16.77 42.16 29.26
N TYR I 246 -17.66 43.13 29.05
CA TYR I 246 -18.53 43.16 27.87
C TYR I 246 -17.84 43.99 26.79
N LEU I 247 -17.43 43.34 25.72
CA LEU I 247 -16.78 44.06 24.64
C LEU I 247 -17.80 44.86 23.86
N LYS I 248 -17.52 46.15 23.69
CA LYS I 248 -18.43 46.99 22.92
C LYS I 248 -18.29 46.75 21.43
N TYR I 249 -17.07 46.71 20.94
CA TYR I 249 -16.82 46.64 19.50
C TYR I 249 -16.08 45.37 19.11
N ALA I 250 -14.88 45.16 19.61
CA ALA I 250 -14.07 44.03 19.17
C ALA I 250 -14.76 42.71 19.49
N LYS I 251 -14.43 41.68 18.71
CA LYS I 251 -14.96 40.35 18.96
C LYS I 251 -14.14 39.62 20.00
N ALA I 252 -14.82 38.85 20.84
CA ALA I 252 -14.16 38.13 21.91
C ALA I 252 -13.15 37.13 21.37
N GLU I 253 -13.49 36.45 20.27
CA GLU I 253 -12.60 35.45 19.72
C GLU I 253 -11.27 36.05 19.28
N ASP I 254 -11.32 37.20 18.62
CA ASP I 254 -10.09 37.89 18.23
C ASP I 254 -9.29 38.38 19.44
N LEU I 255 -10.00 38.87 20.44
CA LEU I 255 -9.42 39.51 21.61
C LEU I 255 -8.80 38.48 22.52
N VAL I 256 -9.44 37.34 22.70
CA VAL I 256 -8.89 36.31 23.57
C VAL I 256 -7.57 35.84 22.99
N GLU I 257 -7.53 35.66 21.67
CA GLU I 257 -6.29 35.20 21.08
C GLU I 257 -5.18 36.21 21.34
N VAL I 258 -5.49 37.50 21.14
CA VAL I 258 -4.48 38.53 21.33
C VAL I 258 -4.01 38.59 22.78
N LEU I 259 -4.94 38.40 23.71
CA LEU I 259 -4.68 38.64 25.13
C LEU I 259 -3.96 37.47 25.77
N LYS I 260 -3.84 36.35 25.07
CA LYS I 260 -3.15 35.19 25.62
C LYS I 260 -1.71 35.56 26.02
N GLY I 261 -1.01 36.19 25.08
CA GLY I 261 0.35 36.65 25.34
C GLY I 261 0.53 37.67 26.44
N VAL I 262 -0.40 38.63 26.51
CA VAL I 262 -0.35 39.64 27.57
C VAL I 262 -0.51 38.97 28.92
N SER I 263 -1.39 37.98 28.98
CA SER I 263 -1.61 37.25 30.22
C SER I 263 -0.33 36.55 30.64
N GLU I 264 0.36 35.97 29.67
CA GLU I 264 1.63 35.29 29.95
C GLU I 264 2.82 36.20 29.67
N VAL I 283 -3.78 32.86 35.44
CA VAL I 283 -4.42 33.65 34.39
C VAL I 283 -5.10 32.76 33.36
N MET I 284 -6.38 33.01 33.12
CA MET I 284 -7.09 32.33 32.05
C MET I 284 -8.07 33.31 31.42
N ILE I 285 -8.13 33.29 30.10
CA ILE I 285 -8.95 34.21 29.31
C ILE I 285 -9.88 33.35 28.49
N ALA I 286 -11.19 33.51 28.69
CA ALA I 286 -12.14 32.68 27.96
C ALA I 286 -13.16 33.56 27.27
N ALA I 287 -13.43 33.29 26.00
CA ALA I 287 -14.32 34.11 25.20
C ALA I 287 -15.71 33.51 25.21
N HIS I 288 -16.69 34.26 25.71
CA HIS I 288 -18.09 33.85 25.61
C HIS I 288 -18.67 34.52 24.38
N ALA I 289 -19.01 33.70 23.38
CA ALA I 289 -19.34 34.21 22.06
C ALA I 289 -20.71 34.87 22.05
N ASP I 290 -21.73 34.17 22.54
CA ASP I 290 -23.10 34.63 22.36
C ASP I 290 -23.33 35.98 23.00
N THR I 291 -22.77 36.22 24.17
CA THR I 291 -22.85 37.54 24.77
C THR I 291 -21.77 38.47 24.23
N ASN I 292 -20.81 37.94 23.47
CA ASN I 292 -19.65 38.70 23.03
C ASN I 292 -18.98 39.38 24.21
N SER I 293 -18.69 38.58 25.23
CA SER I 293 -18.07 39.10 26.43
C SER I 293 -17.00 38.11 26.84
N LEU I 294 -15.86 38.61 27.28
CA LEU I 294 -14.78 37.71 27.63
C LEU I 294 -14.54 37.74 29.12
N VAL I 295 -14.27 36.56 29.67
CA VAL I 295 -14.11 36.32 31.09
C VAL I 295 -12.62 36.27 31.39
N LEU I 296 -12.18 37.20 32.23
CA LEU I 296 -10.80 37.29 32.65
C LEU I 296 -10.68 36.72 34.05
N THR I 297 -9.67 35.88 34.28
CA THR I 297 -9.35 35.49 35.64
C THR I 297 -7.84 35.61 35.84
N ALA I 298 -7.44 36.41 36.82
CA ALA I 298 -6.05 36.74 37.04
C ALA I 298 -5.90 37.39 38.41
N PRO I 299 -4.68 37.69 38.87
CA PRO I 299 -4.54 38.52 40.07
C PRO I 299 -4.92 39.96 39.81
N GLN I 300 -4.71 40.84 40.79
CA GLN I 300 -5.21 42.21 40.66
C GLN I 300 -4.42 43.01 39.64
N ASP I 301 -3.08 42.96 39.70
CA ASP I 301 -2.27 43.78 38.81
C ASP I 301 -2.43 43.36 37.36
N ILE I 302 -2.33 42.06 37.06
CA ILE I 302 -2.53 41.59 35.69
C ILE I 302 -3.93 41.94 35.21
N MET I 303 -4.92 41.88 36.10
CA MET I 303 -6.26 42.28 35.72
C MET I 303 -6.29 43.74 35.29
N ASN I 304 -5.70 44.62 36.10
CA ASN I 304 -5.68 46.03 35.74
C ASN I 304 -4.87 46.30 34.49
N ALA I 305 -3.92 45.43 34.15
CA ALA I 305 -3.21 45.58 32.88
C ALA I 305 -4.09 45.18 31.70
N MET I 306 -4.66 43.98 31.75
CA MET I 306 -5.47 43.51 30.63
C MET I 306 -6.73 44.34 30.44
N LEU I 307 -7.24 44.98 31.48
CA LEU I 307 -8.35 45.89 31.25
C LEU I 307 -7.92 47.16 30.54
N GLU I 308 -6.67 47.58 30.71
CA GLU I 308 -6.17 48.72 29.95
C GLU I 308 -5.79 48.36 28.53
N VAL I 309 -5.43 47.09 28.28
CA VAL I 309 -5.26 46.65 26.90
C VAL I 309 -6.61 46.55 26.21
N ILE I 310 -7.55 45.84 26.81
CA ILE I 310 -8.89 45.69 26.25
C ILE I 310 -9.52 47.06 26.03
N GLY I 311 -9.32 47.99 26.97
CA GLY I 311 -9.86 49.32 26.78
C GLY I 311 -9.38 49.98 25.52
N GLN I 312 -8.14 49.72 25.11
CA GLN I 312 -7.58 50.36 23.93
C GLN I 312 -7.72 49.54 22.65
N LEU I 313 -8.09 48.27 22.76
CA LEU I 313 -8.38 47.47 21.57
C LEU I 313 -9.87 47.43 21.24
N ASP I 314 -10.69 48.06 22.07
CA ASP I 314 -12.13 48.05 21.92
C ASP I 314 -12.63 49.26 21.14
N ILE I 315 -11.74 50.05 20.58
CA ILE I 315 -12.15 51.34 20.00
C ILE I 315 -13.04 51.13 18.78
N ARG I 316 -13.77 52.19 18.45
CA ARG I 316 -14.65 52.20 17.29
C ARG I 316 -13.81 52.23 16.00
N ARG I 317 -14.33 51.59 14.96
CA ARG I 317 -13.67 51.53 13.67
C ARG I 317 -14.35 52.49 12.71
N ALA I 318 -13.59 53.40 12.13
CA ALA I 318 -14.13 54.24 11.08
C ALA I 318 -14.43 53.40 9.86
N GLN I 319 -15.28 53.91 8.97
CA GLN I 319 -15.68 53.12 7.83
C GLN I 319 -15.64 53.95 6.56
N VAL I 320 -15.02 53.38 5.52
CA VAL I 320 -14.70 54.08 4.29
C VAL I 320 -15.79 53.78 3.27
N LEU I 321 -16.13 54.78 2.47
CA LEU I 321 -16.98 54.61 1.31
C LEU I 321 -16.10 54.67 0.07
N ILE I 322 -15.92 53.53 -0.58
CA ILE I 322 -15.05 53.41 -1.74
C ILE I 322 -15.90 53.59 -2.98
N GLU I 323 -15.70 54.66 -3.72
CA GLU I 323 -16.46 54.90 -4.94
C GLU I 323 -15.49 54.87 -6.12
N ALA I 324 -15.52 53.79 -6.89
CA ALA I 324 -14.73 53.72 -8.10
C ALA I 324 -15.43 54.48 -9.22
N LEU I 325 -14.66 54.86 -10.22
CA LEU I 325 -15.21 55.46 -11.43
C LEU I 325 -14.48 54.87 -12.62
N ILE I 326 -15.23 54.27 -13.54
CA ILE I 326 -14.67 53.59 -14.70
C ILE I 326 -15.16 54.32 -15.93
N VAL I 327 -14.25 54.77 -16.77
CA VAL I 327 -14.60 55.48 -17.98
C VAL I 327 -13.99 54.74 -19.16
N GLU I 328 -14.84 54.30 -20.08
CA GLU I 328 -14.37 53.59 -21.27
C GLU I 328 -14.97 54.30 -22.47
N MET I 329 -14.14 54.95 -23.27
CA MET I 329 -14.60 55.68 -24.44
C MET I 329 -13.95 55.06 -25.66
N ALA I 330 -14.75 54.44 -26.51
CA ALA I 330 -14.24 53.87 -27.73
C ALA I 330 -14.72 54.71 -28.90
N GLU I 331 -13.96 54.69 -29.98
CA GLU I 331 -14.37 55.35 -31.19
C GLU I 331 -13.77 54.59 -32.35
N GLY I 332 -14.47 54.55 -33.46
CA GLY I 332 -13.98 53.81 -34.59
C GLY I 332 -14.46 54.45 -35.87
N ASP I 333 -13.71 54.18 -36.93
CA ASP I 333 -14.07 54.71 -38.24
C ASP I 333 -13.40 53.84 -39.28
N GLY I 334 -13.95 53.86 -40.47
CA GLY I 334 -13.28 53.22 -41.58
C GLY I 334 -13.96 53.57 -42.87
N ILE I 335 -13.22 53.58 -43.96
CA ILE I 335 -13.78 53.84 -45.28
C ILE I 335 -13.18 52.83 -46.22
N ASN I 336 -14.04 52.01 -46.82
CA ASN I 336 -13.62 50.95 -47.69
C ASN I 336 -14.28 51.21 -49.04
N LEU I 337 -13.48 51.57 -50.04
CA LEU I 337 -14.06 51.82 -51.35
C LEU I 337 -13.11 51.34 -52.43
N GLY I 338 -13.67 50.74 -53.46
CA GLY I 338 -12.89 50.26 -54.58
C GLY I 338 -13.79 49.74 -55.67
N VAL I 339 -13.24 49.70 -56.87
CA VAL I 339 -13.95 49.29 -58.07
C VAL I 339 -13.36 47.98 -58.55
N GLN I 340 -14.21 47.02 -58.87
CA GLN I 340 -13.80 45.74 -59.40
C GLN I 340 -14.36 45.60 -60.80
N TRP I 341 -13.76 44.71 -61.59
CA TRP I 341 -14.17 44.53 -62.97
C TRP I 341 -14.30 43.05 -63.27
N GLY I 342 -15.12 42.73 -64.26
CA GLY I 342 -15.17 41.36 -64.70
C GLY I 342 -15.84 41.15 -66.04
N SER I 343 -15.41 40.09 -66.72
CA SER I 343 -16.06 39.62 -67.94
C SER I 343 -16.10 38.11 -67.84
N LEU I 344 -17.32 37.56 -67.82
CA LEU I 344 -17.45 36.14 -67.57
C LEU I 344 -17.50 35.33 -68.86
N GLU I 345 -17.59 35.99 -70.02
CA GLU I 345 -17.57 35.27 -71.28
C GLU I 345 -16.22 34.59 -71.50
N SER I 346 -15.14 35.36 -71.43
CA SER I 346 -13.79 34.85 -71.27
C SER I 346 -13.34 35.33 -69.90
N GLY I 347 -13.30 34.44 -68.92
CA GLY I 347 -13.28 34.92 -67.56
C GLY I 347 -12.05 35.74 -67.29
N SER I 348 -12.25 37.03 -67.07
CA SER I 348 -11.17 37.95 -66.77
C SER I 348 -11.69 38.93 -65.74
N VAL I 349 -11.03 38.99 -64.59
CA VAL I 349 -11.52 39.80 -63.49
C VAL I 349 -10.42 40.70 -63.00
N ILE I 350 -10.82 41.87 -62.53
CA ILE I 350 -10.00 42.66 -61.63
C ILE I 350 -10.71 42.57 -60.28
N GLN I 351 -10.12 41.82 -59.37
CA GLN I 351 -10.81 41.31 -58.19
C GLN I 351 -10.00 41.62 -56.95
N TYR I 352 -10.69 41.88 -55.85
CA TYR I 352 -10.06 42.36 -54.64
C TYR I 352 -10.66 41.68 -53.42
N GLY I 353 -9.83 41.47 -52.40
CA GLY I 353 -10.27 40.85 -51.17
C GLY I 353 -10.59 41.85 -50.09
N ASN I 354 -10.10 43.08 -50.24
CA ASN I 354 -10.45 44.13 -49.29
C ASN I 354 -11.96 44.35 -49.24
N THR I 355 -12.62 44.21 -50.38
CA THR I 355 -14.03 44.53 -50.50
C THR I 355 -14.90 43.47 -49.83
N GLY I 356 -16.14 43.85 -49.57
CA GLY I 356 -17.10 42.93 -48.98
C GLY I 356 -17.29 41.66 -49.77
N ALA I 357 -17.61 41.77 -51.06
CA ALA I 357 -17.77 40.61 -51.92
C ALA I 357 -17.05 40.85 -53.23
N SER I 358 -16.54 39.76 -53.79
CA SER I 358 -15.69 39.80 -54.97
C SER I 358 -16.52 39.58 -56.23
N ILE I 359 -16.12 40.26 -57.30
CA ILE I 359 -16.87 40.25 -58.55
C ILE I 359 -17.13 38.84 -59.07
N GLY I 360 -16.26 37.89 -58.75
CA GLY I 360 -16.45 36.53 -59.23
C GLY I 360 -17.72 35.91 -58.72
N ASN I 361 -17.86 35.84 -57.39
CA ASN I 361 -19.06 35.27 -56.81
C ASN I 361 -20.32 36.04 -57.19
N VAL I 362 -20.20 37.34 -57.42
CA VAL I 362 -21.37 38.13 -57.79
C VAL I 362 -21.83 37.79 -59.19
N MET I 363 -20.91 37.78 -60.15
CA MET I 363 -21.32 37.43 -61.51
C MET I 363 -21.79 35.99 -61.61
N ILE I 364 -21.08 35.06 -60.98
CA ILE I 364 -21.53 33.67 -60.97
C ILE I 364 -22.93 33.57 -60.37
N GLY I 365 -23.16 34.25 -59.26
CA GLY I 365 -24.49 34.23 -58.66
C GLY I 365 -25.55 34.78 -59.57
N LEU I 366 -25.26 35.88 -60.26
CA LEU I 366 -26.23 36.46 -61.18
C LEU I 366 -26.54 35.52 -62.34
N GLU I 367 -25.54 34.76 -62.80
CA GLU I 367 -25.82 33.81 -63.88
C GLU I 367 -26.64 32.64 -63.38
N GLU I 368 -26.34 32.15 -62.18
CA GLU I 368 -27.15 31.08 -61.61
C GLU I 368 -28.58 31.53 -61.35
N ALA I 369 -28.78 32.82 -61.09
CA ALA I 369 -30.13 33.32 -60.84
C ALA I 369 -30.96 33.45 -62.10
N LYS I 370 -30.34 33.51 -63.27
CA LYS I 370 -31.09 33.65 -64.50
C LYS I 370 -31.93 32.41 -64.77
N ASP I 371 -32.99 32.58 -65.54
CA ASP I 371 -33.86 31.48 -65.90
C ASP I 371 -33.25 30.67 -67.03
N THR I 372 -32.98 29.40 -66.77
CA THR I 372 -32.36 28.51 -67.74
C THR I 372 -33.41 27.72 -68.49
N THR I 373 -33.14 27.47 -69.77
CA THR I 373 -34.03 26.68 -70.61
C THR I 373 -33.24 25.51 -71.18
N GLN I 374 -33.87 24.34 -71.21
CA GLN I 374 -33.24 23.10 -71.66
C GLN I 374 -34.08 22.51 -72.78
N THR I 375 -33.51 22.43 -73.97
CA THR I 375 -34.23 22.07 -75.17
C THR I 375 -33.80 20.70 -75.69
N LYS I 376 -34.77 19.86 -76.02
CA LYS I 376 -34.54 18.59 -76.70
C LYS I 376 -35.37 18.61 -77.98
N ALA I 377 -34.70 18.62 -79.12
CA ALA I 377 -35.38 18.68 -80.41
C ALA I 377 -35.58 17.28 -80.97
N VAL I 378 -36.22 17.21 -82.15
CA VAL I 378 -36.41 15.96 -82.87
C VAL I 378 -36.16 16.15 -84.36
N ASN I 388 -40.73 18.13 -80.27
CA ASN I 388 -39.79 19.24 -80.13
C ASN I 388 -39.92 19.85 -78.73
N GLU I 389 -39.45 19.10 -77.73
CA GLU I 389 -39.60 19.51 -76.34
C GLU I 389 -38.67 20.68 -76.01
N THR I 390 -39.20 21.68 -75.31
CA THR I 390 -38.40 22.76 -74.75
C THR I 390 -38.90 23.03 -73.34
N THR I 391 -38.05 22.85 -72.34
CA THR I 391 -38.44 23.13 -70.97
C THR I 391 -37.79 24.42 -70.49
N THR I 392 -38.47 25.12 -69.60
CA THR I 392 -37.94 26.30 -68.95
C THR I 392 -37.97 26.10 -67.43
N THR I 393 -36.98 26.67 -66.76
CA THR I 393 -36.80 26.48 -65.33
C THR I 393 -36.15 27.73 -64.76
N LYS I 394 -36.54 28.10 -63.55
CA LYS I 394 -35.97 29.26 -62.88
C LYS I 394 -34.81 28.82 -62.01
N GLY I 395 -33.73 29.61 -62.02
CA GLY I 395 -32.55 29.26 -61.28
C GLY I 395 -32.60 29.73 -59.83
N ASP I 396 -31.79 29.08 -59.01
CA ASP I 396 -31.75 29.40 -57.58
C ASP I 396 -30.93 30.66 -57.34
N TYR I 397 -31.27 31.35 -56.25
CA TYR I 397 -30.54 32.52 -55.81
C TYR I 397 -29.51 32.21 -54.73
N THR I 398 -29.37 30.94 -54.34
CA THR I 398 -28.57 30.62 -53.17
C THR I 398 -27.11 31.04 -53.32
N LYS I 399 -26.55 31.00 -54.53
CA LYS I 399 -25.18 31.50 -54.70
C LYS I 399 -25.14 33.01 -54.63
N LEU I 400 -26.07 33.68 -55.30
CA LEU I 400 -26.14 35.13 -55.20
C LEU I 400 -26.45 35.56 -53.77
N ALA I 401 -27.36 34.87 -53.10
CA ALA I 401 -27.64 35.18 -51.70
C ALA I 401 -26.41 34.97 -50.85
N SER I 402 -25.61 33.95 -51.16
CA SER I 402 -24.39 33.74 -50.40
C SER I 402 -23.36 34.82 -50.69
N ALA I 403 -23.40 35.42 -51.88
CA ALA I 403 -22.44 36.47 -52.21
C ALA I 403 -22.83 37.80 -51.60
N LEU I 404 -24.12 38.11 -51.55
CA LEU I 404 -24.58 39.40 -51.05
C LEU I 404 -24.64 39.45 -49.53
N SER I 405 -24.68 38.31 -48.85
CA SER I 405 -24.90 38.32 -47.41
C SER I 405 -23.81 39.06 -46.67
N SER I 406 -22.61 39.12 -47.23
CA SER I 406 -21.47 39.75 -46.56
C SER I 406 -21.30 41.21 -46.90
N ILE I 407 -22.11 41.75 -47.81
CA ILE I 407 -21.97 43.15 -48.19
C ILE I 407 -22.44 44.04 -47.03
N GLN I 408 -21.53 44.88 -46.56
CA GLN I 408 -21.87 46.02 -45.71
C GLN I 408 -21.47 47.23 -46.53
N GLY I 409 -22.42 47.92 -47.13
CA GLY I 409 -22.04 49.09 -47.87
C GLY I 409 -22.84 49.23 -49.13
N ALA I 410 -22.32 50.03 -50.04
CA ALA I 410 -22.86 50.14 -51.38
C ALA I 410 -22.08 49.27 -52.35
N ALA I 411 -22.74 48.24 -52.86
CA ALA I 411 -22.21 47.40 -53.94
C ALA I 411 -23.10 47.59 -55.15
N VAL I 412 -22.59 48.23 -56.18
CA VAL I 412 -23.39 48.66 -57.33
C VAL I 412 -22.74 48.12 -58.59
N SER I 413 -23.47 47.30 -59.35
CA SER I 413 -22.95 46.69 -60.56
C SER I 413 -23.38 47.53 -61.76
N ILE I 414 -22.41 48.14 -62.43
CA ILE I 414 -22.64 48.90 -63.66
C ILE I 414 -22.20 48.02 -64.81
N ALA I 415 -23.14 47.52 -65.60
CA ALA I 415 -22.84 46.62 -66.71
C ALA I 415 -22.67 47.47 -67.97
N MET I 416 -21.46 47.42 -68.55
CA MET I 416 -21.16 48.14 -69.79
C MET I 416 -20.42 47.19 -70.73
N GLY I 417 -21.04 46.91 -71.87
CA GLY I 417 -20.43 46.07 -72.89
C GLY I 417 -19.88 44.76 -72.37
N ASP I 418 -20.72 44.03 -71.63
CA ASP I 418 -20.47 42.72 -71.00
C ASP I 418 -19.37 42.78 -69.94
N TRP I 419 -18.75 43.95 -69.79
CA TRP I 419 -17.85 44.20 -68.67
C TRP I 419 -18.65 44.84 -67.55
N THR I 420 -18.81 44.10 -66.45
CA THR I 420 -19.60 44.56 -65.32
C THR I 420 -18.65 45.06 -64.25
N ALA I 421 -18.65 46.37 -64.03
CA ALA I 421 -17.83 46.98 -63.01
C ALA I 421 -18.63 47.07 -61.71
N LEU I 422 -18.14 46.43 -60.67
CA LEU I 422 -18.81 46.42 -59.37
C LEU I 422 -18.11 47.44 -58.48
N ILE I 423 -18.76 48.54 -58.21
CA ILE I 423 -18.25 49.56 -57.30
C ILE I 423 -18.71 49.21 -55.91
N ASN I 424 -17.85 49.39 -54.91
CA ASN I 424 -18.31 49.21 -53.55
C ASN I 424 -17.65 50.23 -52.66
N ALA I 425 -18.45 50.86 -51.80
CA ALA I 425 -17.93 51.91 -50.94
C ALA I 425 -18.76 51.94 -49.67
N VAL I 426 -18.11 52.18 -48.54
CA VAL I 426 -18.82 52.28 -47.28
C VAL I 426 -17.95 53.09 -46.32
N SER I 427 -18.61 53.78 -45.38
CA SER I 427 -17.93 54.45 -44.27
C SER I 427 -18.61 54.00 -43.00
N ASN I 428 -17.91 53.23 -42.18
CA ASN I 428 -18.44 52.74 -40.91
C ASN I 428 -17.90 53.63 -39.81
N ASP I 429 -18.78 54.39 -39.18
CA ASP I 429 -18.42 55.28 -38.09
C ASP I 429 -19.07 54.78 -36.82
N SER I 430 -18.25 54.37 -35.86
CA SER I 430 -18.74 53.81 -34.61
C SER I 430 -18.26 54.65 -33.45
N SER I 431 -18.97 54.53 -32.33
CA SER I 431 -18.60 55.23 -31.12
C SER I 431 -19.15 54.46 -29.93
N SER I 432 -18.52 54.66 -28.78
CA SER I 432 -18.98 54.06 -27.54
C SER I 432 -18.56 54.96 -26.39
N ASN I 433 -19.44 55.08 -25.42
CA ASN I 433 -19.15 55.89 -24.24
C ASN I 433 -19.75 55.18 -23.04
N ILE I 434 -18.94 54.90 -22.03
CA ILE I 434 -19.37 54.08 -20.90
C ILE I 434 -18.85 54.66 -19.61
N LEU I 435 -19.73 54.92 -18.65
CA LEU I 435 -19.32 55.23 -17.30
C LEU I 435 -20.05 54.26 -16.41
N SER I 436 -19.35 53.51 -15.58
CA SER I 436 -19.98 52.76 -14.51
C SER I 436 -19.10 53.03 -13.32
N SER I 437 -19.64 53.40 -12.17
CA SER I 437 -18.82 53.52 -10.97
C SER I 437 -19.45 52.70 -9.87
N PRO I 438 -18.77 51.71 -9.32
CA PRO I 438 -19.34 50.93 -8.21
C PRO I 438 -18.69 51.43 -6.93
N SER I 439 -19.50 51.73 -5.92
CA SER I 439 -19.03 52.10 -4.58
C SER I 439 -19.42 51.04 -3.55
N ILE I 440 -18.44 50.58 -2.79
CA ILE I 440 -18.66 49.64 -1.70
C ILE I 440 -18.25 50.36 -0.41
N THR I 441 -19.11 50.26 0.60
CA THR I 441 -18.88 50.85 1.92
C THR I 441 -18.44 49.75 2.88
N VAL I 442 -17.32 49.99 3.55
CA VAL I 442 -16.50 48.99 4.22
C VAL I 442 -16.16 49.48 5.60
N MET I 443 -16.03 48.57 6.55
CA MET I 443 -15.42 48.90 7.82
C MET I 443 -13.92 48.98 7.58
N ASP I 444 -13.25 49.87 8.30
CA ASP I 444 -11.80 49.97 8.20
C ASP I 444 -11.16 48.61 8.47
N ASN I 445 -10.10 48.31 7.72
CA ASN I 445 -9.34 47.07 7.83
C ASN I 445 -10.16 45.85 7.44
N GLY I 446 -11.43 46.04 7.17
CA GLY I 446 -12.25 44.96 6.66
C GLY I 446 -12.27 44.95 5.15
N GLU I 447 -12.52 43.78 4.58
CA GLU I 447 -12.52 43.61 3.14
C GLU I 447 -13.95 43.51 2.63
N ALA I 448 -14.17 43.99 1.42
CA ALA I 448 -15.48 43.88 0.82
C ALA I 448 -15.37 43.48 -0.64
N SER I 449 -16.27 42.60 -1.05
CA SER I 449 -16.44 42.24 -2.44
C SER I 449 -17.70 42.90 -2.96
N PHE I 450 -17.68 43.28 -4.23
CA PHE I 450 -18.84 43.85 -4.89
C PHE I 450 -18.87 43.28 -6.29
N ILE I 451 -19.98 42.65 -6.66
CA ILE I 451 -20.12 42.11 -7.99
C ILE I 451 -21.44 42.51 -8.62
N VAL I 452 -21.37 43.09 -9.82
CA VAL I 452 -22.53 43.23 -10.66
C VAL I 452 -22.19 42.48 -11.93
N ALA I 453 -22.94 41.42 -12.21
CA ALA I 453 -22.67 40.61 -13.39
C ALA I 453 -23.88 39.81 -13.85
N GLU I 454 -23.85 39.43 -15.12
CA GLU I 454 -24.80 38.50 -15.68
C GLU I 454 -23.98 37.38 -16.32
N GLU I 455 -24.34 36.13 -16.05
CA GLU I 455 -23.55 35.03 -16.58
C GLU I 455 -24.21 34.40 -17.81
N VAL I 456 -23.54 34.56 -18.95
CA VAL I 456 -23.96 33.92 -20.18
C VAL I 456 -23.48 32.47 -20.20
N PRO I 457 -24.08 31.64 -21.04
CA PRO I 457 -23.64 30.23 -21.11
C PRO I 457 -22.33 30.10 -21.87
N VAL I 458 -21.46 29.21 -21.43
CA VAL I 458 -20.18 28.99 -22.10
C VAL I 458 -19.98 27.53 -22.47
N ILE I 459 -19.51 27.29 -23.70
CA ILE I 459 -19.26 25.92 -24.16
C ILE I 459 -17.76 25.72 -24.36
N THR I 460 -17.17 24.85 -23.54
CA THR I 460 -15.76 24.54 -23.64
C THR I 460 -15.56 23.19 -24.31
N GLY I 461 -16.61 22.70 -24.96
CA GLY I 461 -16.55 21.41 -25.65
C GLY I 461 -17.15 21.47 -27.04
N PHE I 472 -24.50 18.79 -29.75
CA PHE I 472 -24.40 18.60 -28.31
C PHE I 472 -23.10 19.16 -27.77
N GLN I 473 -23.13 20.43 -27.37
CA GLN I 473 -21.94 21.10 -26.82
C GLN I 473 -22.15 21.53 -25.38
N THR I 474 -21.20 21.20 -24.52
CA THR I 474 -21.27 21.53 -23.11
C THR I 474 -21.19 23.04 -22.88
N VAL I 475 -21.91 23.52 -21.87
CA VAL I 475 -21.92 24.94 -21.52
C VAL I 475 -21.49 25.18 -20.09
N ASP I 476 -20.58 26.13 -19.90
CA ASP I 476 -20.10 26.50 -18.56
C ASP I 476 -20.41 27.97 -18.27
N ARG I 477 -20.97 28.21 -17.09
CA ARG I 477 -21.36 29.56 -16.70
C ARG I 477 -20.14 30.26 -16.08
N LYS I 478 -19.89 31.46 -16.58
CA LYS I 478 -18.89 32.38 -16.05
C LYS I 478 -19.57 33.74 -16.01
N GLU I 479 -19.08 34.63 -15.16
CA GLU I 479 -19.76 35.91 -14.95
C GLU I 479 -19.00 37.12 -15.50
N VAL I 480 -19.72 37.94 -16.26
CA VAL I 480 -19.16 39.17 -16.79
C VAL I 480 -19.93 40.34 -16.20
N GLY I 481 -19.20 41.33 -15.70
CA GLY I 481 -19.80 42.43 -14.96
C GLY I 481 -18.72 43.22 -14.27
N ILE I 482 -19.12 44.12 -13.38
CA ILE I 482 -18.13 44.91 -12.65
C ILE I 482 -17.97 44.36 -11.24
N LYS I 483 -16.74 44.01 -10.90
CA LYS I 483 -16.44 43.53 -9.56
C LYS I 483 -15.30 44.34 -8.96
N LEU I 484 -15.47 44.69 -7.70
CA LEU I 484 -14.56 45.54 -6.95
C LEU I 484 -14.32 44.88 -5.61
N LYS I 485 -13.09 44.45 -5.35
CA LYS I 485 -12.74 43.86 -4.06
C LYS I 485 -11.69 44.72 -3.40
N VAL I 486 -12.04 45.34 -2.29
CA VAL I 486 -11.19 46.37 -1.71
C VAL I 486 -10.97 46.07 -0.23
N VAL I 487 -9.77 46.39 0.25
CA VAL I 487 -9.40 46.16 1.64
C VAL I 487 -8.75 47.42 2.20
N PRO I 488 -9.50 48.41 2.63
CA PRO I 488 -8.89 49.66 3.07
C PRO I 488 -8.32 49.54 4.46
N GLN I 489 -7.31 50.35 4.75
CA GLN I 489 -6.94 50.67 6.11
C GLN I 489 -6.65 52.15 6.18
N ILE I 490 -7.01 52.76 7.28
CA ILE I 490 -7.03 54.21 7.38
C ILE I 490 -5.82 54.65 8.19
N ASN I 491 -4.96 55.45 7.57
CA ASN I 491 -4.07 56.31 8.32
C ASN I 491 -4.88 57.06 9.35
N GLU I 492 -4.35 57.19 10.56
CA GLU I 492 -5.17 57.59 11.69
C GLU I 492 -5.89 58.92 11.47
N GLY I 493 -5.56 59.63 10.41
CA GLY I 493 -6.45 60.66 9.89
C GLY I 493 -6.23 60.80 8.41
N ASN I 494 -7.26 61.28 7.71
CA ASN I 494 -7.19 61.49 6.27
C ASN I 494 -6.81 60.23 5.50
N SER I 495 -5.63 60.22 4.89
CA SER I 495 -5.33 59.30 3.79
C SER I 495 -5.73 57.85 4.10
N VAL I 496 -6.30 57.19 3.10
CA VAL I 496 -6.73 55.80 3.15
C VAL I 496 -5.82 55.00 2.24
N GLN I 497 -5.35 53.87 2.73
CA GLN I 497 -4.60 52.93 1.90
C GLN I 497 -5.55 51.84 1.41
N LEU I 498 -5.43 51.52 0.13
CA LEU I 498 -6.35 50.61 -0.54
C LEU I 498 -5.57 49.50 -1.21
N ASN I 499 -5.85 48.26 -0.83
CA ASN I 499 -5.49 47.10 -1.63
C ASN I 499 -6.72 46.78 -2.45
N ILE I 500 -6.63 46.97 -3.76
CA ILE I 500 -7.81 46.97 -4.61
C ILE I 500 -7.61 45.99 -5.75
N GLU I 501 -8.66 45.22 -6.04
CA GLU I 501 -8.69 44.32 -7.19
C GLU I 501 -9.96 44.64 -7.95
N GLN I 502 -9.82 45.19 -9.14
CA GLN I 502 -10.97 45.72 -9.87
C GLN I 502 -11.03 45.12 -11.24
N GLU I 503 -12.19 44.55 -11.59
CA GLU I 503 -12.35 43.87 -12.86
C GLU I 503 -13.64 44.31 -13.51
N VAL I 504 -13.63 44.45 -14.84
CA VAL I 504 -14.83 44.84 -15.55
C VAL I 504 -15.19 43.77 -16.57
N SER I 505 -16.45 43.35 -16.57
CA SER I 505 -16.87 42.33 -17.51
C SER I 505 -17.72 42.93 -18.62
N ASN I 506 -17.23 42.80 -19.85
CA ASN I 506 -17.97 43.25 -21.02
C ASN I 506 -18.07 42.12 -22.03
N VAL I 507 -19.27 41.90 -22.56
CA VAL I 507 -19.47 40.81 -23.49
C VAL I 507 -20.28 41.18 -24.73
N LEU I 508 -19.80 40.77 -25.90
CA LEU I 508 -20.48 41.07 -27.15
C LEU I 508 -21.54 40.01 -27.46
N ASP I 515 -19.56 30.47 -28.59
CA ASP I 515 -18.80 31.30 -29.51
C ASP I 515 -19.05 32.79 -29.25
N VAL I 516 -18.96 33.18 -28.00
CA VAL I 516 -19.18 34.57 -27.61
C VAL I 516 -17.90 35.17 -27.05
N ARG I 517 -17.53 36.35 -27.55
CA ARG I 517 -16.33 37.03 -27.09
C ARG I 517 -16.65 38.23 -26.21
N PHE I 518 -16.05 38.26 -25.02
CA PHE I 518 -16.27 39.35 -24.08
C PHE I 518 -14.94 39.90 -23.60
N ALA I 519 -14.88 41.20 -23.36
CA ALA I 519 -13.64 41.84 -22.93
C ALA I 519 -13.62 42.09 -21.44
N LYS I 520 -12.54 41.68 -20.79
CA LYS I 520 -12.37 41.90 -19.36
C LYS I 520 -11.05 42.61 -19.10
N ARG I 521 -11.13 43.80 -18.52
CA ARG I 521 -9.93 44.59 -18.25
C ARG I 521 -9.83 44.90 -16.77
N GLN I 522 -9.00 44.13 -16.06
CA GLN I 522 -8.87 44.29 -14.63
C GLN I 522 -7.54 44.91 -14.30
N LEU I 523 -7.49 45.61 -13.19
CA LEU I 523 -6.25 46.05 -12.59
C LEU I 523 -6.39 45.86 -11.10
N ASN I 524 -5.37 45.26 -10.49
CA ASN I 524 -5.34 45.04 -9.05
C ASN I 524 -4.02 45.57 -8.53
N THR I 525 -4.09 46.61 -7.72
CA THR I 525 -2.93 47.38 -7.30
C THR I 525 -3.13 47.78 -5.85
N SER I 526 -2.20 48.58 -5.35
CA SER I 526 -2.28 49.11 -3.99
C SER I 526 -1.96 50.59 -4.07
N VAL I 527 -2.90 51.43 -3.66
CA VAL I 527 -2.71 52.87 -3.78
C VAL I 527 -2.98 53.50 -2.42
N MET I 528 -2.56 54.75 -2.29
CA MET I 528 -2.81 55.52 -1.08
C MET I 528 -3.44 56.84 -1.50
N VAL I 529 -4.69 57.03 -1.12
CA VAL I 529 -5.50 58.15 -1.61
C VAL I 529 -5.81 59.06 -0.44
N GLN I 530 -5.85 60.36 -0.68
CA GLN I 530 -6.30 61.26 0.37
C GLN I 530 -7.77 61.03 0.67
N ASP I 531 -8.21 61.54 1.81
CA ASP I 531 -9.55 61.30 2.32
C ASP I 531 -10.64 61.47 1.27
N GLY I 532 -10.89 62.71 0.86
CA GLY I 532 -11.98 62.97 -0.06
C GLY I 532 -11.58 63.29 -1.49
N GLN I 533 -10.37 62.94 -1.91
CA GLN I 533 -9.89 63.31 -3.22
C GLN I 533 -9.79 62.09 -4.11
N MET I 534 -9.99 62.33 -5.40
CA MET I 534 -9.98 61.27 -6.40
C MET I 534 -8.55 60.97 -6.84
N LEU I 535 -8.27 59.71 -7.13
CA LEU I 535 -6.97 59.30 -7.61
C LEU I 535 -7.14 58.28 -8.73
N VAL I 536 -6.27 58.36 -9.74
CA VAL I 536 -6.40 57.55 -10.94
C VAL I 536 -5.59 56.27 -10.74
N LEU I 537 -6.28 55.14 -10.63
CA LEU I 537 -5.58 53.87 -10.58
C LEU I 537 -4.96 53.53 -11.92
N GLY I 538 -5.75 53.53 -12.98
CA GLY I 538 -5.25 52.92 -14.18
C GLY I 538 -5.82 53.54 -15.42
N GLY I 539 -5.37 53.04 -16.56
CA GLY I 539 -5.85 53.56 -17.82
C GLY I 539 -5.18 52.87 -18.97
N LEU I 540 -5.73 53.10 -20.15
CA LEU I 540 -5.16 52.66 -21.40
C LEU I 540 -5.56 53.69 -22.43
N ILE I 541 -4.65 54.04 -23.32
CA ILE I 541 -4.96 54.90 -24.44
C ILE I 541 -4.44 54.22 -25.69
N ASP I 542 -5.35 53.77 -26.54
CA ASP I 542 -4.97 52.95 -27.66
C ASP I 542 -5.42 53.63 -28.94
N GLU I 543 -4.56 53.62 -29.95
CA GLU I 543 -4.88 54.24 -31.22
C GLU I 543 -4.36 53.35 -32.33
N ARG I 544 -5.14 53.23 -33.39
CA ARG I 544 -4.76 52.37 -34.50
C ARG I 544 -5.15 53.01 -35.81
N ALA I 545 -4.30 52.89 -36.80
CA ALA I 545 -4.64 53.22 -38.18
C ALA I 545 -4.15 52.10 -39.07
N LEU I 546 -5.09 51.40 -39.70
CA LEU I 546 -4.76 50.33 -40.62
C LEU I 546 -5.20 50.73 -42.01
N GLU I 547 -4.25 51.00 -42.89
CA GLU I 547 -4.55 51.29 -44.27
C GLU I 547 -4.16 50.09 -45.11
N SER I 548 -4.90 49.86 -46.18
CA SER I 548 -4.64 48.77 -47.10
C SER I 548 -5.06 49.21 -48.48
N GLU I 549 -4.44 48.66 -49.51
CA GLU I 549 -4.72 49.07 -50.87
C GLU I 549 -4.38 47.92 -51.81
N SER I 550 -4.98 47.94 -52.99
CA SER I 550 -4.63 47.02 -54.05
C SER I 550 -4.86 47.74 -55.37
N LYS I 551 -4.02 47.47 -56.35
CA LYS I 551 -4.18 48.09 -57.66
C LYS I 551 -3.44 47.24 -58.68
N VAL I 552 -3.51 47.66 -59.93
CA VAL I 552 -3.09 46.84 -61.05
C VAL I 552 -1.59 46.51 -61.19
N PRO I 553 -0.65 47.38 -60.81
CA PRO I 553 -0.42 48.75 -60.32
C PRO I 553 -0.53 49.90 -61.30
N LEU I 554 -0.04 49.71 -62.53
CA LEU I 554 0.31 50.86 -63.36
C LEU I 554 -0.89 51.76 -63.63
N LEU I 555 -2.04 51.15 -63.93
CA LEU I 555 -3.22 51.94 -64.22
C LEU I 555 -3.73 52.65 -62.98
N GLY I 556 -3.56 52.03 -61.81
CA GLY I 556 -4.05 52.66 -60.59
C GLY I 556 -3.22 53.86 -60.16
N ASP I 557 -2.13 54.12 -60.88
CA ASP I 557 -1.27 55.25 -60.55
C ASP I 557 -1.82 56.55 -61.15
N ILE I 558 -2.50 56.46 -62.29
CA ILE I 558 -3.03 57.65 -62.96
C ILE I 558 -3.91 58.43 -61.98
N PRO I 559 -3.78 59.75 -61.90
CA PRO I 559 -4.57 60.51 -60.92
C PRO I 559 -6.08 60.48 -61.17
N LEU I 560 -6.50 60.67 -62.42
CA LEU I 560 -7.93 60.80 -62.68
C LEU I 560 -8.62 59.45 -62.70
N LEU I 561 -8.09 58.50 -63.46
CA LEU I 561 -8.72 57.19 -63.62
C LEU I 561 -8.19 56.14 -62.67
N GLY I 562 -7.25 56.49 -61.80
CA GLY I 562 -6.68 55.49 -60.92
C GLY I 562 -7.69 54.90 -59.96
N GLN I 563 -8.69 55.68 -59.57
CA GLN I 563 -9.65 55.20 -58.59
C GLN I 563 -10.51 54.09 -59.16
N LEU I 564 -10.46 53.88 -60.47
CA LEU I 564 -11.22 52.80 -61.07
C LEU I 564 -10.55 51.46 -60.83
N PHE I 565 -9.22 51.45 -60.79
CA PHE I 565 -8.49 50.20 -60.64
C PHE I 565 -7.99 49.93 -59.22
N ARG I 566 -8.28 50.79 -58.26
CA ARG I 566 -7.81 50.63 -56.90
C ARG I 566 -8.91 50.14 -55.98
N SER I 567 -8.52 49.38 -54.97
CA SER I 567 -9.39 49.05 -53.85
C SER I 567 -8.68 49.45 -52.57
N THR I 568 -9.23 50.44 -51.87
CA THR I 568 -8.62 50.97 -50.67
C THR I 568 -9.49 50.65 -49.48
N SER I 569 -8.87 50.16 -48.40
CA SER I 569 -9.58 49.90 -47.15
C SER I 569 -8.83 50.59 -46.03
N SER I 570 -9.42 51.62 -45.45
CA SER I 570 -8.80 52.37 -44.38
C SER I 570 -9.60 52.24 -43.10
N GLN I 571 -8.91 52.23 -41.97
CA GLN I 571 -9.58 52.08 -40.69
C GLN I 571 -8.81 52.82 -39.61
N VAL I 572 -9.54 53.44 -38.69
CA VAL I 572 -8.96 54.17 -37.57
C VAL I 572 -9.73 53.80 -36.32
N GLU I 573 -9.05 53.21 -35.35
CA GLU I 573 -9.67 52.84 -34.09
C GLU I 573 -9.04 53.64 -32.97
N LYS I 574 -9.80 53.87 -31.92
CA LYS I 574 -9.31 54.64 -30.78
C LYS I 574 -10.04 54.18 -29.54
N LYS I 575 -9.35 54.17 -28.41
CA LYS I 575 -9.93 53.66 -27.18
C LYS I 575 -9.28 54.34 -26.00
N ASN I 576 -10.06 54.54 -24.95
CA ASN I 576 -9.62 55.20 -23.72
C ASN I 576 -10.24 54.49 -22.54
N LEU I 577 -9.44 54.24 -21.53
CA LEU I 577 -9.90 53.68 -20.27
C LEU I 577 -9.23 54.43 -19.15
N MET I 578 -10.02 55.01 -18.26
CA MET I 578 -9.46 55.47 -17.00
C MET I 578 -10.22 54.82 -15.88
N VAL I 579 -9.50 54.47 -14.82
CA VAL I 579 -10.10 53.93 -13.61
C VAL I 579 -9.62 54.81 -12.48
N PHE I 580 -10.56 55.51 -11.84
CA PHE I 580 -10.36 56.44 -10.74
C PHE I 580 -10.97 55.84 -9.48
N ILE I 581 -10.52 56.31 -8.33
CA ILE I 581 -11.15 55.89 -7.08
C ILE I 581 -11.23 57.07 -6.14
N LYS I 582 -12.39 57.26 -5.52
CA LYS I 582 -12.56 58.25 -4.46
C LYS I 582 -13.01 57.56 -3.19
N PRO I 583 -12.16 57.47 -2.17
CA PRO I 583 -12.64 57.09 -0.84
C PRO I 583 -13.30 58.26 -0.15
N THR I 584 -14.08 57.96 0.88
CA THR I 584 -14.56 58.97 1.79
C THR I 584 -14.62 58.36 3.18
N ILE I 585 -14.06 59.03 4.17
CA ILE I 585 -14.03 58.44 5.51
C ILE I 585 -15.26 58.87 6.28
N ILE I 586 -15.99 57.89 6.78
CA ILE I 586 -17.17 58.08 7.59
C ILE I 586 -16.78 57.75 9.02
N ARG I 587 -16.82 58.77 9.88
CA ARG I 587 -16.48 58.64 11.30
C ARG I 587 -17.71 58.86 12.17
N ASP I 588 -18.27 60.07 12.13
CA ASP I 588 -19.49 60.36 12.84
C ASP I 588 -20.68 59.67 12.18
N GLY I 589 -21.77 59.54 12.94
CA GLY I 589 -23.02 59.11 12.35
C GLY I 589 -23.65 60.14 11.45
N VAL I 590 -23.40 61.43 11.72
CA VAL I 590 -23.96 62.49 10.89
C VAL I 590 -23.35 62.47 9.49
N THR I 591 -22.12 62.00 9.33
CA THR I 591 -21.54 61.88 8.00
C THR I 591 -22.21 60.78 7.20
N ALA I 592 -22.34 59.59 7.79
CA ALA I 592 -23.04 58.50 7.12
C ALA I 592 -24.47 58.89 6.78
N ASP I 593 -25.15 59.59 7.68
CA ASP I 593 -26.48 60.06 7.38
C ASP I 593 -26.49 61.11 6.28
N GLY I 594 -25.45 61.93 6.19
CA GLY I 594 -25.36 62.92 5.13
C GLY I 594 -25.14 62.32 3.77
N ILE I 595 -24.32 61.27 3.69
CA ILE I 595 -24.10 60.60 2.42
C ILE I 595 -25.32 59.77 2.02
N THR I 596 -25.80 58.95 2.95
CA THR I 596 -26.98 58.13 2.68
C THR I 596 -28.17 58.99 2.29
N GLN I 597 -28.27 60.19 2.85
CA GLN I 597 -29.41 61.03 2.53
C GLN I 597 -29.36 61.50 1.09
N ARG I 598 -28.17 61.83 0.58
CA ARG I 598 -28.12 62.30 -0.79
C ARG I 598 -28.19 61.16 -1.79
N LYS I 599 -27.58 60.01 -1.49
CA LYS I 599 -27.73 58.88 -2.39
C LYS I 599 -29.14 58.33 -2.38
N TYR I 600 -29.86 58.54 -1.30
CA TYR I 600 -31.25 58.12 -1.22
C TYR I 600 -32.16 59.10 -1.95
N ASN I 601 -31.98 60.40 -1.70
CA ASN I 601 -32.79 61.40 -2.36
C ASN I 601 -32.53 61.50 -3.84
N TYR I 602 -31.36 61.08 -4.32
CA TYR I 602 -31.15 61.04 -5.75
C TYR I 602 -32.07 60.04 -6.41
N ILE I 603 -32.07 58.80 -5.93
CA ILE I 603 -32.97 57.80 -6.48
C ILE I 603 -34.42 58.21 -6.29
N ARG I 604 -34.78 58.64 -5.08
CA ARG I 604 -36.16 59.09 -4.88
C ARG I 604 -36.55 60.15 -5.89
N ALA I 605 -35.65 61.08 -6.21
CA ALA I 605 -35.96 62.06 -7.24
C ALA I 605 -36.19 61.39 -8.59
N GLU I 606 -35.32 60.45 -8.98
CA GLU I 606 -35.53 59.72 -10.22
C GLU I 606 -36.91 59.06 -10.25
N GLN I 607 -37.32 58.42 -9.15
CA GLN I 607 -38.57 57.69 -9.13
C GLN I 607 -39.76 58.62 -9.16
N LEU I 608 -39.69 59.75 -8.44
CA LEU I 608 -40.76 60.73 -8.55
C LEU I 608 -40.91 61.21 -9.99
N PHE I 609 -39.79 61.44 -10.68
CA PHE I 609 -39.88 61.79 -12.08
C PHE I 609 -40.50 60.66 -12.91
N ARG I 610 -40.21 59.41 -12.56
CA ARG I 610 -40.89 58.30 -13.20
C ARG I 610 -42.38 58.32 -12.93
N ALA I 611 -42.79 58.84 -11.79
CA ALA I 611 -44.21 58.90 -11.47
C ALA I 611 -44.91 60.09 -12.11
N GLU I 612 -44.17 61.12 -12.51
CA GLU I 612 -44.82 62.25 -13.16
C GLU I 612 -45.19 61.91 -14.60
N LYS I 613 -44.26 61.35 -15.36
CA LYS I 613 -44.60 60.70 -16.63
C LYS I 613 -44.61 59.22 -16.32
N GLY I 614 -45.81 58.66 -16.22
CA GLY I 614 -45.99 57.36 -15.62
C GLY I 614 -46.13 56.25 -16.65
N LEU I 615 -46.60 55.11 -16.18
CA LEU I 615 -46.96 54.04 -17.09
C LEU I 615 -48.14 54.50 -17.92
N ARG I 616 -48.00 54.43 -19.25
CA ARG I 616 -49.05 54.96 -20.11
C ARG I 616 -50.32 54.13 -20.01
N LEU I 617 -50.18 52.82 -19.90
CA LEU I 617 -51.35 51.96 -19.88
C LEU I 617 -51.88 51.67 -18.48
N LEU I 618 -51.14 52.00 -17.45
CA LEU I 618 -51.53 51.69 -16.08
C LEU I 618 -51.58 52.95 -15.24
N ASP I 619 -52.20 52.84 -14.08
CA ASP I 619 -52.33 53.98 -13.19
C ASP I 619 -50.97 54.37 -12.63
N ASP I 620 -50.73 55.68 -12.53
CA ASP I 620 -49.43 56.19 -12.11
C ASP I 620 -49.12 55.89 -10.65
N ALA I 621 -50.08 55.39 -9.87
CA ALA I 621 -49.81 55.03 -8.49
C ALA I 621 -49.21 53.63 -8.37
N SER I 622 -49.07 52.91 -9.48
CA SER I 622 -48.53 51.56 -9.45
C SER I 622 -47.01 51.53 -9.59
N VAL I 623 -46.38 52.65 -9.93
CA VAL I 623 -44.92 52.66 -10.07
C VAL I 623 -44.30 52.73 -8.68
N PRO I 624 -43.34 51.86 -8.35
CA PRO I 624 -42.76 51.90 -7.01
C PRO I 624 -41.91 53.15 -6.84
N VAL I 625 -42.08 53.80 -5.70
CA VAL I 625 -41.35 55.01 -5.38
C VAL I 625 -40.95 54.96 -3.91
N LEU I 626 -39.71 55.31 -3.63
CA LEU I 626 -39.23 55.25 -2.26
C LEU I 626 -40.02 56.21 -1.39
N PRO I 627 -40.31 55.85 -0.15
CA PRO I 627 -40.92 56.80 0.78
C PRO I 627 -39.93 57.91 1.11
N LYS I 628 -40.47 59.04 1.55
CA LYS I 628 -39.62 60.15 1.94
C LYS I 628 -38.70 59.70 3.06
N PHE I 629 -37.49 60.25 3.07
CA PHE I 629 -36.40 59.65 3.83
C PHE I 629 -36.75 59.56 5.31
N GLY I 630 -36.73 58.34 5.84
CA GLY I 630 -37.00 58.10 7.25
C GLY I 630 -38.43 57.76 7.61
N ASP I 631 -39.34 57.69 6.64
CA ASP I 631 -40.76 57.52 6.94
C ASP I 631 -41.25 56.07 6.86
N ASP I 632 -40.37 55.13 6.56
CA ASP I 632 -40.75 53.72 6.42
C ASP I 632 -41.91 53.53 5.44
N ARG I 633 -42.83 52.63 5.75
CA ARG I 633 -43.80 52.16 4.78
C ARG I 633 -45.09 52.98 4.74
N ARG I 634 -45.53 53.31 3.52
CA ARG I 634 -46.87 53.79 3.23
C ARG I 634 -47.90 53.05 2.43
N HIS I 635 -49.16 53.08 2.87
CA HIS I 635 -50.20 52.30 2.21
C HIS I 635 -50.36 53.04 0.88
N SER I 636 -50.89 52.32 -0.11
CA SER I 636 -51.25 52.92 -1.38
C SER I 636 -52.27 54.03 -1.17
N PRO I 637 -52.40 54.95 -2.11
CA PRO I 637 -53.36 56.03 -1.91
C PRO I 637 -54.80 55.52 -1.78
N GLU I 638 -55.20 54.60 -2.65
CA GLU I 638 -56.54 54.01 -2.58
C GLU I 638 -56.76 53.18 -1.33
N ILE I 639 -55.78 52.37 -0.97
CA ILE I 639 -55.85 51.54 0.23
C ILE I 639 -55.90 52.43 1.47
N GLN I 640 -55.12 53.50 1.45
CA GLN I 640 -55.10 54.44 2.55
C GLN I 640 -56.47 55.07 2.68
N ALA I 641 -57.08 55.41 1.55
CA ALA I 641 -58.40 56.01 1.55
C ALA I 641 -59.41 55.03 2.13
N PHE I 642 -59.29 53.76 1.78
CA PHE I 642 -60.17 52.72 2.30
C PHE I 642 -60.03 52.58 3.82
N ILE I 643 -58.79 52.64 4.29
CA ILE I 643 -58.53 52.39 5.71
C ILE I 643 -59.23 53.40 6.62
N GLU I 644 -59.21 54.66 6.19
CA GLU I 644 -59.80 55.74 6.97
C GLU I 644 -61.31 55.58 7.11
N GLN I 645 -61.96 55.00 6.10
CA GLN I 645 -63.40 54.78 6.18
C GLN I 645 -63.75 53.79 7.28
N MET I 646 -63.11 52.62 7.27
CA MET I 646 -63.34 51.60 8.27
C MET I 646 -62.89 52.06 9.65
N GLY J 97 4.84 45.85 106.79
CA GLY J 97 5.38 45.44 108.08
C GLY J 97 6.41 44.33 107.99
N ASP J 98 6.59 43.60 109.10
CA ASP J 98 7.57 42.53 109.22
C ASP J 98 6.99 41.13 108.99
N GLU J 99 5.74 40.98 108.59
CA GLU J 99 5.11 39.67 108.52
C GLU J 99 5.82 38.78 107.50
N VAL J 100 5.73 37.46 107.69
CA VAL J 100 6.25 36.47 106.75
C VAL J 100 5.08 35.90 105.94
N ILE J 101 5.04 36.25 104.65
CA ILE J 101 4.06 35.72 103.70
C ILE J 101 4.81 35.33 102.42
N THR J 102 4.19 34.46 101.63
CA THR J 102 4.73 34.02 100.35
C THR J 102 4.05 34.77 99.20
N GLN J 103 4.84 35.18 98.20
CA GLN J 103 4.25 35.86 97.05
C GLN J 103 4.60 35.12 95.76
N VAL J 104 3.58 34.93 94.94
CA VAL J 104 3.65 34.17 93.70
C VAL J 104 3.44 35.14 92.54
N VAL J 105 4.50 35.42 91.78
CA VAL J 105 4.44 36.39 90.69
C VAL J 105 5.19 35.81 89.49
N ALA J 106 4.88 36.31 88.29
CA ALA J 106 5.41 35.71 87.06
C ALA J 106 6.53 36.55 86.44
N VAL J 107 7.44 35.85 85.78
CA VAL J 107 8.29 36.43 84.74
C VAL J 107 8.17 35.51 83.53
N LYS J 108 7.49 35.97 82.49
CA LYS J 108 7.27 35.10 81.34
C LYS J 108 8.48 35.09 80.41
N ASN J 109 9.24 36.18 80.41
CA ASN J 109 10.12 36.48 79.29
C ASN J 109 11.24 35.45 79.16
N VAL J 110 11.93 35.12 80.25
CA VAL J 110 12.94 34.07 80.25
C VAL J 110 12.91 33.40 81.63
N SER J 111 13.38 32.14 81.67
CA SER J 111 13.33 31.36 82.90
C SER J 111 14.00 32.08 84.06
N VAL J 112 13.34 32.03 85.23
CA VAL J 112 13.71 32.87 86.38
C VAL J 112 14.84 32.26 87.20
N ARG J 113 15.27 31.02 86.89
CA ARG J 113 16.49 30.50 87.49
C ARG J 113 17.65 31.46 87.31
N GLU J 114 17.61 32.24 86.23
CA GLU J 114 18.59 33.28 85.93
C GLU J 114 18.77 34.27 87.07
N LEU J 115 17.78 34.43 87.94
CA LEU J 115 17.86 35.36 89.06
C LEU J 115 18.24 34.69 90.39
N SER J 116 18.48 33.38 90.42
CA SER J 116 18.74 32.72 91.70
C SER J 116 19.88 33.35 92.50
N PRO J 117 21.04 33.72 91.93
CA PRO J 117 22.14 34.21 92.77
C PRO J 117 21.84 35.55 93.42
N LEU J 118 21.26 36.48 92.65
CA LEU J 118 21.09 37.85 93.10
C LEU J 118 19.87 37.94 94.02
N LEU J 119 18.85 37.11 93.77
CA LEU J 119 17.72 37.00 94.68
C LEU J 119 18.13 36.39 96.01
N ARG J 120 18.93 35.33 96.01
CA ARG J 120 19.53 34.87 97.26
C ARG J 120 20.48 35.91 97.84
N GLN J 121 20.85 36.94 97.06
CA GLN J 121 21.54 38.08 97.63
C GLN J 121 20.61 38.85 98.57
N LEU J 122 19.35 39.05 98.17
CA LEU J 122 18.35 39.59 99.09
C LEU J 122 17.88 38.56 100.11
N ILE J 123 18.12 37.27 99.88
CA ILE J 123 17.91 36.29 100.96
C ILE J 123 19.10 36.34 101.91
N ASP J 124 20.27 36.73 101.40
CA ASP J 124 21.44 37.04 102.23
C ASP J 124 21.42 38.47 102.79
N ASN J 125 21.04 39.49 101.98
CA ASN J 125 21.11 40.89 102.41
C ASN J 125 20.44 41.13 103.75
N ALA J 126 19.41 40.36 104.06
CA ALA J 126 18.70 40.43 105.34
C ALA J 126 18.47 39.01 105.84
N GLY J 127 17.67 38.88 106.90
CA GLY J 127 17.41 37.61 107.55
C GLY J 127 16.73 36.55 106.71
N ALA J 128 16.96 35.29 107.06
CA ALA J 128 16.44 34.14 106.31
C ALA J 128 15.16 33.64 106.98
N GLY J 129 14.68 32.49 106.56
CA GLY J 129 13.29 32.13 106.60
C GLY J 129 12.67 32.19 105.23
N ASN J 130 13.31 32.87 104.29
CA ASN J 130 12.86 33.02 102.92
C ASN J 130 12.97 31.71 102.17
N VAL J 131 12.20 31.62 101.09
CA VAL J 131 12.49 30.75 99.96
C VAL J 131 12.24 31.59 98.71
N VAL J 132 12.99 31.36 97.65
CA VAL J 132 12.54 31.77 96.34
C VAL J 132 12.75 30.58 95.42
N HIS J 133 11.63 30.03 94.93
CA HIS J 133 11.65 28.78 94.18
C HIS J 133 11.07 29.06 92.81
N TYR J 134 11.76 28.54 91.79
CA TYR J 134 11.52 28.89 90.40
C TYR J 134 10.92 27.69 89.71
N ASP J 135 9.64 27.74 89.44
CA ASP J 135 9.00 26.57 88.87
C ASP J 135 9.22 26.53 87.38
N PRO J 136 9.71 25.39 86.87
CA PRO J 136 9.94 25.27 85.42
C PRO J 136 8.69 25.45 84.58
N ALA J 137 7.50 25.43 85.19
CA ALA J 137 6.28 25.83 84.53
C ALA J 137 6.25 27.35 84.30
N ASN J 138 7.29 28.03 84.79
CA ASN J 138 7.47 29.48 84.72
C ASN J 138 6.40 30.25 85.46
N ILE J 139 6.44 30.16 86.79
CA ILE J 139 5.90 31.17 87.70
C ILE J 139 7.00 31.40 88.73
N ILE J 140 6.70 32.12 89.81
CA ILE J 140 7.73 32.57 90.75
C ILE J 140 7.19 32.49 92.17
N LEU J 141 8.00 31.89 93.07
CA LEU J 141 7.69 31.78 94.49
C LEU J 141 8.69 32.54 95.35
N ILE J 142 8.17 33.37 96.25
CA ILE J 142 8.94 33.89 97.37
C ILE J 142 8.18 33.51 98.63
N THR J 143 8.91 33.40 99.74
CA THR J 143 8.34 33.27 101.06
C THR J 143 9.26 34.03 102.02
N GLY J 144 8.68 34.85 102.88
CA GLY J 144 9.49 35.58 103.85
C GLY J 144 8.87 36.91 104.20
N ARG J 145 9.71 37.77 104.76
CA ARG J 145 9.21 39.06 105.22
C ARG J 145 8.74 39.91 104.05
N ALA J 146 7.54 40.48 104.22
CA ALA J 146 6.86 41.18 103.14
C ALA J 146 7.73 42.27 102.54
N ALA J 147 8.62 42.85 103.34
CA ALA J 147 9.53 43.87 102.81
C ALA J 147 10.57 43.25 101.88
N VAL J 148 11.28 42.22 102.34
CA VAL J 148 12.33 41.61 101.52
C VAL J 148 11.70 40.77 100.42
N VAL J 149 10.53 40.17 100.71
CA VAL J 149 9.75 39.53 99.66
C VAL J 149 9.29 40.55 98.63
N ASN J 150 9.14 41.81 99.04
CA ASN J 150 8.81 42.85 98.07
C ASN J 150 10.02 43.16 97.19
N ARG J 151 11.11 43.66 97.78
CA ARG J 151 12.30 43.92 96.97
C ARG J 151 12.68 42.75 96.07
N LEU J 152 12.55 41.52 96.57
CA LEU J 152 12.71 40.34 95.74
C LEU J 152 11.70 40.31 94.60
N ALA J 153 10.43 40.58 94.88
CA ALA J 153 9.43 40.58 93.82
C ALA J 153 9.63 41.76 92.87
N GLU J 154 10.44 42.74 93.28
CA GLU J 154 10.73 43.93 92.49
C GLU J 154 11.87 43.67 91.52
N ILE J 155 12.90 42.96 91.99
CA ILE J 155 13.91 42.42 91.07
C ILE J 155 13.25 41.46 90.10
N ILE J 156 12.52 40.49 90.65
CA ILE J 156 11.77 39.51 89.87
C ILE J 156 10.93 40.20 88.80
N ARG J 157 9.97 41.03 89.21
CA ARG J 157 9.17 41.77 88.23
C ARG J 157 10.04 42.71 87.41
N ARG J 158 11.29 42.91 87.83
CA ARG J 158 12.19 43.77 87.06
C ARG J 158 12.80 42.94 85.94
N VAL J 159 12.71 41.61 86.03
CA VAL J 159 12.94 40.77 84.86
C VAL J 159 11.63 40.35 84.18
N ASP J 160 10.49 40.47 84.86
CA ASP J 160 9.19 40.35 84.18
C ASP J 160 8.98 41.45 83.17
N GLN J 161 8.79 42.67 83.68
CA GLN J 161 8.42 43.84 82.91
C GLN J 161 9.49 44.26 81.93
N ALA J 162 10.72 43.84 82.16
CA ALA J 162 11.88 44.30 81.41
C ALA J 162 11.79 44.09 79.91
N GLY J 163 11.84 42.85 79.45
CA GLY J 163 12.18 42.50 78.10
C GLY J 163 11.04 42.23 77.15
N ASP J 164 9.87 42.82 77.38
CA ASP J 164 8.59 42.28 76.92
C ASP J 164 8.64 41.82 75.47
N LYS J 165 8.06 40.67 75.19
CA LYS J 165 8.05 40.09 73.85
C LYS J 165 6.72 39.40 73.64
N GLU J 166 6.02 39.77 72.55
CA GLU J 166 4.84 39.03 72.11
C GLU J 166 4.61 39.25 70.62
N ILE J 167 3.41 38.89 70.19
CA ILE J 167 3.02 38.80 68.78
C ILE J 167 2.16 40.00 68.38
N GLU J 168 2.37 40.48 67.15
CA GLU J 168 1.50 41.46 66.53
C GLU J 168 0.84 40.88 65.30
N VAL J 169 -0.28 41.48 64.91
CA VAL J 169 -0.95 41.18 63.66
C VAL J 169 -1.36 42.50 63.02
N VAL J 170 -0.78 42.83 61.89
CA VAL J 170 -1.04 44.11 61.24
C VAL J 170 -1.15 43.90 59.74
N GLU J 171 -2.21 44.45 59.16
CA GLU J 171 -2.50 44.29 57.74
C GLU J 171 -1.39 44.85 56.87
N LEU J 172 -1.03 44.06 55.87
CA LEU J 172 -0.20 44.53 54.76
C LEU J 172 -1.11 44.56 53.56
N ASN J 173 -1.51 45.74 53.12
CA ASN J 173 -2.49 45.80 52.05
C ASN J 173 -1.84 45.62 50.70
N ASN J 174 -0.57 45.98 50.61
CA ASN J 174 0.01 46.19 49.30
C ASN J 174 1.17 45.25 49.06
N ALA J 175 2.31 45.55 49.68
CA ALA J 175 3.49 44.72 49.52
C ALA J 175 3.19 43.32 50.00
N SER J 176 3.41 42.35 49.13
CA SER J 176 3.11 40.97 49.46
C SER J 176 3.77 40.60 50.77
N ALA J 177 2.97 40.06 51.69
CA ALA J 177 3.52 39.63 52.96
C ALA J 177 4.76 38.78 52.73
N ALA J 178 4.61 37.65 52.04
CA ALA J 178 5.76 36.79 51.78
C ALA J 178 6.95 37.60 51.28
N GLU J 179 6.70 38.65 50.52
CA GLU J 179 7.78 39.57 50.20
C GLU J 179 8.26 40.30 51.45
N MET J 180 7.34 40.90 52.23
CA MET J 180 7.78 41.53 53.48
C MET J 180 8.65 40.59 54.29
N VAL J 181 8.22 39.34 54.41
CA VAL J 181 8.96 38.25 54.99
C VAL J 181 10.36 38.31 54.39
N ARG J 182 10.47 37.98 53.11
CA ARG J 182 11.79 37.82 52.51
C ARG J 182 12.67 39.02 52.80
N ILE J 183 12.11 40.21 52.67
CA ILE J 183 12.90 41.43 52.64
C ILE J 183 13.31 41.84 54.05
N VAL J 184 12.58 41.30 55.05
CA VAL J 184 13.06 41.35 56.42
C VAL J 184 14.00 40.18 56.71
N GLU J 185 13.90 39.10 55.95
CA GLU J 185 14.63 37.89 56.29
C GLU J 185 16.11 38.19 56.32
N ALA J 186 16.55 38.98 55.34
CA ALA J 186 17.92 39.48 55.29
C ALA J 186 18.34 40.14 56.59
N LEU J 187 17.39 40.68 57.34
CA LEU J 187 17.70 41.31 58.61
C LEU J 187 18.01 40.21 59.62
N ASN J 188 18.95 40.47 60.50
CA ASN J 188 19.36 39.46 61.47
C ASN J 188 19.37 40.03 62.88
N LYS J 203 10.94 37.80 66.68
CA LYS J 203 11.07 37.34 65.31
C LYS J 203 9.84 37.73 64.50
N PHE J 204 9.59 37.08 63.36
CA PHE J 204 8.72 37.63 62.32
C PHE J 204 7.74 36.57 61.86
N VAL J 205 6.50 36.98 61.55
CA VAL J 205 5.58 36.15 60.80
C VAL J 205 4.82 37.07 59.85
N ALA J 206 4.00 36.48 58.99
CA ALA J 206 2.96 37.16 58.22
C ALA J 206 1.99 36.11 57.69
N ASP J 207 0.83 36.56 57.21
CA ASP J 207 -0.08 35.65 56.53
C ASP J 207 -0.49 36.28 55.21
N GLU J 208 -0.42 35.49 54.13
CA GLU J 208 -0.96 36.02 52.89
C GLU J 208 -2.38 35.54 52.62
N ARG J 209 -3.00 34.82 53.55
CA ARG J 209 -4.46 34.89 53.57
C ARG J 209 -4.89 36.32 53.83
N THR J 210 -4.45 36.86 54.95
CA THR J 210 -4.67 38.24 55.33
C THR J 210 -3.70 39.20 54.69
N ASN J 211 -2.50 38.74 54.33
CA ASN J 211 -1.40 39.62 53.97
C ASN J 211 -1.16 40.62 55.12
N SER J 212 -0.62 40.07 56.22
CA SER J 212 -0.41 40.82 57.45
C SER J 212 0.87 40.37 58.14
N ILE J 213 1.71 41.32 58.50
CA ILE J 213 2.87 41.03 59.34
C ILE J 213 2.40 40.67 60.74
N LEU J 214 2.91 39.57 61.23
CA LEU J 214 2.74 39.18 62.61
C LEU J 214 4.12 39.37 63.22
N ILE J 215 4.20 39.63 64.52
CA ILE J 215 5.52 39.82 65.08
C ILE J 215 5.63 38.96 66.32
N SER J 216 6.85 38.52 66.62
CA SER J 216 7.13 37.92 67.91
C SER J 216 8.35 38.61 68.52
N GLY J 217 8.10 39.39 69.56
CA GLY J 217 9.19 40.11 70.19
C GLY J 217 8.74 41.44 70.78
N ASP J 218 9.72 42.30 70.95
CA ASP J 218 9.71 43.42 71.88
C ASP J 218 8.61 44.43 71.56
N PRO J 219 8.14 45.19 72.54
CA PRO J 219 7.54 46.49 72.23
C PRO J 219 8.54 47.51 71.71
N LYS J 220 9.84 47.24 71.82
CA LYS J 220 10.78 47.89 70.91
C LYS J 220 10.70 47.29 69.52
N VAL J 221 10.56 45.97 69.43
CA VAL J 221 10.23 45.35 68.15
C VAL J 221 8.86 45.82 67.68
N ARG J 222 7.99 46.22 68.61
CA ARG J 222 6.70 46.78 68.21
C ARG J 222 6.86 48.21 67.70
N GLU J 223 7.74 48.99 68.33
CA GLU J 223 7.99 50.32 67.78
C GLU J 223 8.66 50.22 66.41
N ARG J 224 9.83 49.61 66.34
CA ARG J 224 10.57 49.62 65.08
C ARG J 224 9.87 48.78 64.03
N LEU J 225 9.16 47.74 64.44
CA LEU J 225 8.51 46.92 63.43
C LEU J 225 7.08 47.31 63.17
N LYS J 226 6.52 48.26 63.90
CA LYS J 226 5.46 49.05 63.27
C LYS J 226 6.06 50.09 62.33
N ARG J 227 7.26 50.56 62.63
CA ARG J 227 7.96 51.38 61.65
C ARG J 227 8.15 50.63 60.34
N LEU J 228 8.49 49.33 60.39
CA LEU J 228 8.68 48.57 59.14
C LEU J 228 7.39 47.93 58.67
N ILE J 229 6.39 47.87 59.54
CA ILE J 229 5.02 47.70 59.05
C ILE J 229 4.71 48.80 58.04
N LYS J 230 5.08 50.01 58.40
CA LYS J 230 4.77 51.15 57.55
C LYS J 230 5.76 51.31 56.42
N GLN J 231 7.03 50.95 56.65
CA GLN J 231 8.08 51.30 55.69
C GLN J 231 7.84 50.67 54.35
N LEU J 232 7.72 49.36 54.26
CA LEU J 232 7.44 48.77 52.97
C LEU J 232 6.00 48.33 53.07
N ASP J 233 5.11 49.30 52.87
CA ASP J 233 3.73 49.12 52.50
C ASP J 233 3.45 49.64 51.11
N VAL J 234 4.36 50.46 50.60
CA VAL J 234 4.15 51.24 49.38
C VAL J 234 4.00 50.38 48.13
N GLU J 235 3.15 50.84 47.22
CA GLU J 235 2.87 50.13 45.99
C GLU J 235 3.38 50.94 44.81
N MET J 236 4.16 50.30 43.97
CA MET J 236 4.78 50.97 42.82
C MET J 236 3.71 51.48 41.86
N ALA J 237 3.95 52.65 41.31
CA ALA J 237 3.04 53.24 40.33
C ALA J 237 3.12 52.42 39.05
N ALA J 238 2.02 52.39 38.29
CA ALA J 238 1.99 51.58 37.09
C ALA J 238 3.05 52.06 36.13
N LYS J 239 3.74 51.11 35.50
CA LYS J 239 4.87 51.42 34.62
C LYS J 239 4.52 51.42 33.14
N GLY J 240 3.26 51.17 32.81
CA GLY J 240 2.87 51.04 31.42
C GLY J 240 3.67 49.89 30.82
N ASN J 241 3.87 48.86 31.64
CA ASN J 241 4.62 47.68 31.27
C ASN J 241 4.29 47.20 29.87
N ASN J 242 3.00 47.27 29.50
CA ASN J 242 2.61 46.93 28.14
C ASN J 242 1.90 48.11 27.50
N ARG J 243 1.97 48.18 26.18
CA ARG J 243 1.41 49.30 25.45
C ARG J 243 0.82 48.81 24.14
N VAL J 244 -0.36 49.31 23.82
CA VAL J 244 -1.02 49.03 22.55
C VAL J 244 -0.72 50.18 21.61
N VAL J 245 -0.08 49.90 20.49
CA VAL J 245 0.33 50.93 19.56
C VAL J 245 -0.51 50.80 18.29
N TYR J 246 -1.02 51.93 17.82
CA TYR J 246 -1.87 51.99 16.63
C TYR J 246 -0.97 52.27 15.43
N LEU J 247 -0.83 51.30 14.55
CA LEU J 247 -0.02 51.48 13.37
C LEU J 247 -0.73 52.40 12.38
N LYS J 248 -0.03 53.44 11.94
CA LYS J 248 -0.63 54.34 10.97
C LYS J 248 -0.62 53.73 9.58
N TYR J 249 0.51 53.18 9.15
CA TYR J 249 0.67 52.70 7.79
C TYR J 249 0.92 51.21 7.72
N ALA J 250 1.99 50.72 8.32
CA ALA J 250 2.35 49.31 8.18
C ALA J 250 1.26 48.41 8.76
N LYS J 251 1.20 47.19 8.24
CA LYS J 251 0.25 46.21 8.75
C LYS J 251 0.82 45.49 9.97
N ALA J 252 -0.06 45.20 10.92
CA ALA J 252 0.34 44.56 12.16
C ALA J 252 0.94 43.19 11.90
N GLU J 253 0.35 42.45 10.97
CA GLU J 253 0.83 41.10 10.70
C GLU J 253 2.28 41.10 10.19
N ASP J 254 2.61 42.02 9.29
CA ASP J 254 3.98 42.15 8.82
C ASP J 254 4.93 42.59 9.93
N LEU J 255 4.46 43.51 10.76
CA LEU J 255 5.26 44.16 11.79
C LEU J 255 5.52 43.21 12.94
N VAL J 256 4.53 42.44 13.34
CA VAL J 256 4.74 41.50 14.43
C VAL J 256 5.80 40.49 14.03
N GLU J 257 5.73 40.02 12.80
CA GLU J 257 6.73 39.04 12.38
C GLU J 257 8.12 39.66 12.46
N VAL J 258 8.26 40.89 11.97
CA VAL J 258 9.56 41.54 11.98
C VAL J 258 10.07 41.75 13.40
N LEU J 259 9.16 42.10 14.30
CA LEU J 259 9.52 42.55 15.64
C LEU J 259 9.83 41.38 16.56
N LYS J 260 9.54 40.16 16.13
CA LYS J 260 9.80 39.00 16.96
C LYS J 260 11.29 38.94 17.34
N GLY J 261 12.14 39.07 16.32
CA GLY J 261 13.58 39.09 16.53
C GLY J 261 14.13 40.20 17.38
N VAL J 262 13.59 41.41 17.19
CA VAL J 262 14.01 42.56 18.00
C VAL J 262 13.68 42.31 19.46
N SER J 263 12.51 41.71 19.69
CA SER J 263 12.10 41.40 21.06
C SER J 263 13.08 40.42 21.68
N GLU J 264 13.51 39.44 20.90
CA GLU J 264 14.47 38.45 21.38
C GLU J 264 15.89 38.82 20.97
N VAL J 283 8.73 39.30 27.01
CA VAL J 283 8.36 40.00 25.78
C VAL J 283 7.39 39.18 24.95
N MET J 284 6.27 39.79 24.59
CA MET J 284 5.33 39.18 23.67
C MET J 284 4.72 40.26 22.79
N ILE J 285 4.62 39.95 21.50
CA ILE J 285 4.14 40.89 20.49
C ILE J 285 2.94 40.24 19.83
N ALA J 286 1.78 40.87 19.93
CA ALA J 286 0.58 40.27 19.36
C ALA J 286 -0.11 41.27 18.44
N ALA J 287 -0.49 40.83 17.26
CA ALA J 287 -1.07 41.70 16.25
C ALA J 287 -2.59 41.61 16.33
N HIS J 288 -3.23 42.74 16.60
CA HIS J 288 -4.69 42.84 16.52
C HIS J 288 -5.04 43.36 15.14
N ALA J 289 -5.67 42.49 14.34
CA ALA J 289 -5.86 42.78 12.92
C ALA J 289 -6.92 43.84 12.70
N ASP J 290 -8.09 43.65 13.29
CA ASP J 290 -9.24 44.49 12.94
C ASP J 290 -8.97 45.95 13.26
N THR J 291 -8.32 46.24 14.36
CA THR J 291 -7.93 47.62 14.65
C THR J 291 -6.62 47.98 13.97
N ASN J 292 -5.92 47.01 13.39
CA ASN J 292 -4.58 47.19 12.85
C ASN J 292 -3.68 47.86 13.88
N SER J 293 -3.65 47.27 15.07
CA SER J 293 -2.86 47.80 16.16
C SER J 293 -2.18 46.63 16.82
N LEU J 294 -0.93 46.80 17.20
CA LEU J 294 -0.20 45.68 17.79
C LEU J 294 0.08 45.97 19.25
N VAL J 295 -0.05 44.92 20.06
CA VAL J 295 0.06 44.97 21.50
C VAL J 295 1.45 44.49 21.87
N LEU J 296 2.21 45.37 22.51
CA LEU J 296 3.55 45.10 22.96
C LEU J 296 3.51 44.85 24.46
N THR J 297 4.18 43.79 24.92
CA THR J 297 4.40 43.62 26.35
C THR J 297 5.86 43.28 26.59
N ALA J 298 6.54 44.09 27.38
CA ALA J 298 7.96 43.98 27.60
C ALA J 298 8.36 44.82 28.79
N PRO J 299 9.63 44.79 29.23
CA PRO J 299 10.08 45.77 30.23
C PRO J 299 10.20 47.16 29.63
N GLN J 300 10.73 48.11 30.40
CA GLN J 300 10.73 49.50 29.94
C GLN J 300 11.71 49.74 28.80
N ASP J 301 12.95 49.26 28.95
CA ASP J 301 13.96 49.51 27.93
C ASP J 301 13.63 48.86 26.60
N ILE J 302 13.27 47.58 26.61
CA ILE J 302 12.88 46.91 25.37
C ILE J 302 11.68 47.59 24.76
N MET J 303 10.75 48.07 25.58
CA MET J 303 9.61 48.80 25.06
C MET J 303 10.06 50.05 24.33
N ASN J 304 10.94 50.84 24.94
CA ASN J 304 11.43 52.04 24.28
C ASN J 304 12.25 51.73 23.03
N ALA J 305 12.84 50.53 22.95
CA ALA J 305 13.50 50.15 21.71
C ALA J 305 12.52 49.81 20.61
N MET J 306 11.56 48.92 20.90
CA MET J 306 10.61 48.52 19.88
C MET J 306 9.71 49.66 19.44
N LEU J 307 9.48 50.65 20.28
CA LEU J 307 8.73 51.81 19.81
C LEU J 307 9.55 52.66 18.85
N GLU J 308 10.88 52.65 18.98
CA GLU J 308 11.71 53.36 18.01
C GLU J 308 11.90 52.57 16.73
N VAL J 309 11.80 51.24 16.79
CA VAL J 309 11.77 50.48 15.55
C VAL J 309 10.44 50.68 14.84
N ILE J 310 9.32 50.49 15.54
CA ILE J 310 8.01 50.68 14.96
C ILE J 310 7.87 52.09 14.41
N GLY J 311 8.41 53.08 15.12
CA GLY J 311 8.35 54.43 14.62
C GLY J 311 8.99 54.59 13.26
N GLN J 312 10.05 53.85 12.99
CA GLN J 312 10.76 53.97 11.72
C GLN J 312 10.31 52.98 10.66
N LEU J 313 9.53 51.97 11.02
CA LEU J 313 8.94 51.07 10.03
C LEU J 313 7.52 51.47 9.65
N ASP J 314 6.99 52.50 10.27
CA ASP J 314 5.62 52.94 10.06
C ASP J 314 5.54 54.05 9.01
N ILE J 315 6.64 54.35 8.32
CA ILE J 315 6.67 55.53 7.45
C ILE J 315 5.72 55.37 6.27
N ARG J 316 5.38 56.51 5.68
CA ARG J 316 4.54 56.54 4.50
C ARG J 316 5.28 56.00 3.29
N ARG J 317 4.55 55.36 2.39
CA ARG J 317 5.11 54.78 1.18
C ARG J 317 4.76 55.67 0.00
N ALA J 318 5.77 56.12 -0.73
CA ALA J 318 5.52 56.84 -1.97
C ALA J 318 4.92 55.89 -2.99
N GLN J 319 4.25 56.44 -4.00
CA GLN J 319 3.59 55.60 -4.97
C GLN J 319 3.87 56.05 -6.39
N VAL J 320 4.22 55.10 -7.23
CA VAL J 320 4.72 55.35 -8.57
C VAL J 320 3.56 55.21 -9.56
N LEU J 321 3.56 56.06 -10.57
CA LEU J 321 2.67 55.93 -11.70
C LEU J 321 3.47 55.41 -12.88
N ILE J 322 3.25 54.15 -13.25
CA ILE J 322 3.98 53.50 -14.32
C ILE J 322 3.19 53.65 -15.60
N GLU J 323 3.73 54.41 -16.56
CA GLU J 323 3.06 54.60 -17.83
C GLU J 323 3.93 53.98 -18.93
N ALA J 324 3.51 52.83 -19.43
CA ALA J 324 4.19 52.23 -20.56
C ALA J 324 3.75 52.91 -21.85
N LEU J 325 4.58 52.77 -22.87
CA LEU J 325 4.23 53.23 -24.21
C LEU J 325 4.67 52.17 -25.21
N ILE J 326 3.73 51.68 -26.00
CA ILE J 326 4.00 50.61 -26.95
C ILE J 326 3.74 51.16 -28.34
N VAL J 327 4.73 51.06 -29.21
CA VAL J 327 4.60 51.56 -30.57
C VAL J 327 4.89 50.42 -31.52
N GLU J 328 3.92 50.09 -32.37
CA GLU J 328 4.07 49.03 -33.34
C GLU J 328 3.71 49.60 -34.70
N MET J 329 4.69 49.73 -35.57
CA MET J 329 4.48 50.29 -36.90
C MET J 329 4.84 49.24 -37.93
N ALA J 330 3.84 48.74 -38.65
CA ALA J 330 4.09 47.77 -39.69
C ALA J 330 3.89 48.43 -41.03
N GLU J 331 4.56 47.91 -42.04
CA GLU J 331 4.36 48.39 -43.39
C GLU J 331 4.64 47.23 -44.32
N GLY J 332 3.93 47.18 -45.42
CA GLY J 332 4.11 46.08 -46.34
C GLY J 332 3.84 46.54 -47.76
N ASP J 333 4.41 45.80 -48.69
CA ASP J 333 4.21 46.11 -50.09
C ASP J 333 4.52 44.85 -50.88
N GLY J 334 3.97 44.79 -52.08
CA GLY J 334 4.34 43.72 -52.98
C GLY J 334 3.78 43.99 -54.34
N ILE J 335 4.45 43.50 -55.37
CA ILE J 335 3.98 43.63 -56.74
C ILE J 335 4.16 42.29 -57.40
N ASN J 336 3.06 41.71 -57.85
CA ASN J 336 3.07 40.38 -58.44
C ASN J 336 2.49 40.54 -59.84
N LEU J 337 3.33 40.39 -60.86
CA LEU J 337 2.84 40.50 -62.22
C LEU J 337 3.53 39.50 -63.11
N GLY J 338 2.76 38.91 -64.02
CA GLY J 338 3.30 37.95 -64.96
C GLY J 338 2.24 37.54 -65.95
N VAL J 339 2.71 37.05 -67.09
CA VAL J 339 1.87 36.63 -68.20
C VAL J 339 1.96 35.13 -68.34
N GLN J 340 0.82 34.48 -68.48
CA GLN J 340 0.77 33.05 -68.69
C GLN J 340 0.14 32.78 -70.05
N TRP J 341 0.38 31.60 -70.59
CA TRP J 341 -0.11 31.26 -71.91
C TRP J 341 -0.75 29.89 -71.88
N GLY J 342 -1.65 29.65 -72.82
CA GLY J 342 -2.19 28.31 -72.94
C GLY J 342 -2.93 28.04 -74.23
N SER J 343 -2.91 26.78 -74.64
CA SER J 343 -3.71 26.29 -75.75
C SER J 343 -4.26 24.95 -75.33
N LEU J 344 -5.59 24.87 -75.24
CA LEU J 344 -6.20 23.67 -74.69
C LEU J 344 -6.56 22.65 -75.77
N GLU J 345 -6.45 23.02 -77.05
CA GLU J 345 -6.72 22.07 -78.11
C GLU J 345 -5.68 20.95 -78.11
N SER J 346 -4.40 21.30 -78.16
CA SER J 346 -3.31 20.41 -77.82
C SER J 346 -2.68 21.02 -76.57
N GLY J 347 -2.91 20.40 -75.42
CA GLY J 347 -2.68 21.14 -74.20
C GLY J 347 -1.23 21.53 -74.06
N SER J 348 -0.99 22.84 -74.14
CA SER J 348 0.35 23.38 -74.01
C SER J 348 0.24 24.68 -73.25
N VAL J 349 0.91 24.78 -72.11
CA VAL J 349 0.74 25.92 -71.24
C VAL J 349 2.10 26.49 -70.91
N ILE J 350 2.16 27.79 -70.73
CA ILE J 350 3.21 28.44 -69.99
C ILE J 350 2.56 28.91 -68.69
N GLN J 351 2.88 28.22 -67.61
CA GLN J 351 2.10 28.26 -66.38
C GLN J 351 3.00 28.56 -65.20
N TYR J 352 2.47 29.28 -64.22
CA TYR J 352 3.27 29.77 -63.12
C TYR J 352 2.51 29.62 -61.81
N GLY J 353 3.25 29.38 -60.73
CA GLY J 353 2.67 29.24 -59.42
C GLY J 353 2.73 30.51 -58.60
N ASN J 354 3.61 31.44 -59.00
CA ASN J 354 3.67 32.73 -58.33
C ASN J 354 2.34 33.45 -58.40
N THR J 355 1.62 33.29 -59.51
CA THR J 355 0.41 34.03 -59.77
C THR J 355 -0.74 33.50 -58.92
N GLY J 356 -1.78 34.32 -58.81
CA GLY J 356 -2.97 33.95 -58.08
C GLY J 356 -3.61 32.66 -58.58
N ALA J 357 -3.92 32.60 -59.87
CA ALA J 357 -4.48 31.40 -60.46
C ALA J 357 -3.77 31.07 -61.75
N SER J 358 -3.67 29.77 -62.04
CA SER J 358 -2.90 29.26 -63.15
C SER J 358 -3.80 29.06 -64.36
N ILE J 359 -3.22 29.30 -65.54
CA ILE J 359 -3.96 29.26 -66.79
C ILE J 359 -4.71 27.94 -66.99
N GLY J 360 -4.20 26.85 -66.43
CA GLY J 360 -4.85 25.57 -66.61
C GLY J 360 -6.26 25.54 -66.03
N ASN J 361 -6.37 25.83 -64.73
CA ASN J 361 -7.68 25.84 -64.09
C ASN J 361 -8.60 26.88 -64.69
N VAL J 362 -8.05 27.98 -65.21
CA VAL J 362 -8.90 29.01 -65.79
C VAL J 362 -9.49 28.55 -67.10
N MET J 363 -8.66 28.00 -68.00
CA MET J 363 -9.20 27.52 -69.26
C MET J 363 -10.13 26.34 -69.06
N ILE J 364 -9.76 25.39 -68.20
CA ILE J 364 -10.66 24.28 -67.90
C ILE J 364 -11.99 24.80 -67.37
N GLY J 365 -11.95 25.75 -66.45
CA GLY J 365 -13.18 26.32 -65.92
C GLY J 365 -14.02 26.97 -66.99
N LEU J 366 -13.39 27.73 -67.89
CA LEU J 366 -14.14 28.37 -68.96
C LEU J 366 -14.78 27.35 -69.89
N GLU J 367 -14.12 26.23 -70.13
CA GLU J 367 -14.73 25.21 -70.98
C GLU J 367 -15.89 24.52 -70.27
N GLU J 368 -15.73 24.24 -68.98
CA GLU J 368 -16.84 23.67 -68.23
C GLU J 368 -18.02 24.62 -68.14
N ALA J 369 -17.77 25.93 -68.19
CA ALA J 369 -18.86 26.89 -68.12
C ALA J 369 -19.64 27.01 -69.42
N LYS J 370 -19.06 26.59 -70.54
CA LYS J 370 -19.77 26.70 -71.81
C LYS J 370 -20.98 25.78 -71.83
N ASP J 371 -21.94 26.13 -72.68
CA ASP J 371 -23.16 25.33 -72.82
C ASP J 371 -22.88 24.14 -73.71
N THR J 372 -23.06 22.94 -73.15
CA THR J 372 -22.80 21.70 -73.88
C THR J 372 -24.09 21.16 -74.48
N THR J 373 -23.96 20.56 -75.66
CA THR J 373 -25.08 19.94 -76.34
C THR J 373 -24.77 18.47 -76.60
N GLN J 374 -25.76 17.61 -76.40
CA GLN J 374 -25.59 16.17 -76.53
C GLN J 374 -26.62 15.67 -77.53
N THR J 375 -26.14 15.12 -78.64
CA THR J 375 -26.99 14.77 -79.77
C THR J 375 -27.06 13.26 -79.95
N LYS J 376 -28.28 12.75 -80.12
CA LYS J 376 -28.51 11.36 -80.50
C LYS J 376 -29.32 11.37 -81.78
N ALA J 377 -28.72 10.88 -82.87
CA ALA J 377 -29.38 10.88 -84.17
C ALA J 377 -30.07 9.54 -84.42
N VAL J 378 -30.72 9.43 -85.58
CA VAL J 378 -31.35 8.18 -86.01
C VAL J 378 -31.10 7.95 -87.49
N ASN J 388 -34.59 12.22 -84.17
CA ASN J 388 -33.33 12.95 -84.23
C ASN J 388 -33.20 13.87 -83.01
N GLU J 389 -32.98 13.25 -81.86
CA GLU J 389 -32.94 13.99 -80.60
C GLU J 389 -31.66 14.81 -80.49
N THR J 390 -31.79 16.07 -80.06
CA THR J 390 -30.65 16.91 -79.72
C THR J 390 -30.99 17.65 -78.43
N THR J 391 -30.22 17.42 -77.38
CA THR J 391 -30.44 18.11 -76.12
C THR J 391 -29.37 19.18 -75.91
N THR J 392 -29.76 20.25 -75.22
CA THR J 392 -28.84 21.29 -74.83
C THR J 392 -28.88 21.46 -73.32
N THR J 393 -27.75 21.80 -72.74
CA THR J 393 -27.60 21.89 -71.29
C THR J 393 -26.54 22.94 -70.98
N LYS J 394 -26.75 23.68 -69.91
CA LYS J 394 -25.79 24.70 -69.49
C LYS J 394 -24.82 24.11 -68.48
N GLY J 395 -23.55 24.46 -68.61
CA GLY J 395 -22.53 23.90 -67.76
C GLY J 395 -22.37 24.68 -66.46
N ASP J 396 -21.81 24.00 -65.47
CA ASP J 396 -21.61 24.59 -64.15
C ASP J 396 -20.41 25.53 -64.16
N TYR J 397 -20.46 26.51 -63.26
CA TYR J 397 -19.35 27.44 -63.07
C TYR J 397 -18.47 27.05 -61.90
N THR J 398 -18.75 25.94 -61.23
CA THR J 398 -18.07 25.64 -59.98
C THR J 398 -16.56 25.49 -60.14
N LYS J 399 -16.09 24.99 -61.28
CA LYS J 399 -14.64 24.94 -61.49
C LYS J 399 -14.09 26.33 -61.76
N LEU J 400 -14.75 27.11 -62.61
CA LEU J 400 -14.33 28.48 -62.84
C LEU J 400 -14.42 29.30 -61.56
N ALA J 401 -15.50 29.12 -60.79
CA ALA J 401 -15.61 29.82 -59.52
C ALA J 401 -14.49 29.40 -58.58
N SER J 402 -14.10 28.13 -58.61
CA SER J 402 -12.99 27.69 -57.78
C SER J 402 -11.67 28.27 -58.24
N ALA J 403 -11.54 28.56 -59.53
CA ALA J 403 -10.29 29.11 -60.05
C ALA J 403 -10.19 30.61 -59.76
N LEU J 404 -11.30 31.34 -59.85
CA LEU J 404 -11.27 32.78 -59.67
C LEU J 404 -11.27 33.19 -58.21
N SER J 405 -11.67 32.32 -57.29
CA SER J 405 -11.83 32.72 -55.90
C SER J 405 -10.52 33.21 -55.30
N SER J 406 -9.39 32.72 -55.80
CA SER J 406 -8.10 33.06 -55.23
C SER J 406 -7.45 34.27 -55.87
N ILE J 407 -8.05 34.84 -56.92
CA ILE J 407 -7.46 35.98 -57.59
C ILE J 407 -7.55 37.20 -56.69
N GLN J 408 -6.40 37.78 -56.37
CA GLN J 408 -6.30 39.12 -55.82
C GLN J 408 -5.54 39.92 -56.87
N GLY J 409 -6.22 40.72 -57.65
CA GLY J 409 -5.48 41.50 -58.61
C GLY J 409 -6.23 41.61 -59.90
N ALA J 410 -5.49 41.96 -60.95
CA ALA J 410 -6.01 41.95 -62.30
C ALA J 410 -5.61 40.67 -63.01
N ALA J 411 -6.59 39.83 -63.32
CA ALA J 411 -6.41 38.65 -64.15
C ALA J 411 -7.22 38.84 -65.41
N VAL J 412 -6.56 39.03 -66.54
CA VAL J 412 -7.20 39.42 -67.79
C VAL J 412 -6.81 38.42 -68.87
N SER J 413 -7.80 37.76 -69.45
CA SER J 413 -7.55 36.76 -70.48
C SER J 413 -7.71 37.39 -71.85
N ILE J 414 -6.61 37.47 -72.59
CA ILE J 414 -6.61 37.96 -73.97
C ILE J 414 -6.53 36.74 -74.87
N ALA J 415 -7.61 36.44 -75.57
CA ALA J 415 -7.66 35.27 -76.45
C ALA J 415 -7.25 35.69 -77.85
N MET J 416 -6.16 35.11 -78.34
CA MET J 416 -5.66 35.38 -79.70
C MET J 416 -5.32 34.06 -80.37
N GLY J 417 -6.03 33.75 -81.45
CA GLY J 417 -5.77 32.54 -82.22
C GLY J 417 -5.69 31.28 -81.39
N ASP J 418 -6.71 31.06 -80.55
CA ASP J 418 -6.89 29.92 -79.64
C ASP J 418 -5.81 29.85 -78.57
N TRP J 419 -4.83 30.73 -78.64
CA TRP J 419 -3.85 30.91 -77.57
C TRP J 419 -4.36 32.02 -76.66
N THR J 420 -4.72 31.65 -75.44
CA THR J 420 -5.28 32.59 -74.47
C THR J 420 -4.18 32.97 -73.49
N ALA J 421 -3.72 34.22 -73.57
CA ALA J 421 -2.72 34.73 -72.67
C ALA J 421 -3.39 35.38 -71.48
N LEU J 422 -3.12 34.87 -70.30
CA LEU J 422 -3.71 35.38 -69.06
C LEU J 422 -2.68 36.26 -68.38
N ILE J 423 -2.90 37.55 -68.40
CA ILE J 423 -2.05 38.51 -67.72
C ILE J 423 -2.57 38.66 -66.30
N ASN J 424 -1.67 38.76 -65.33
CA ASN J 424 -2.12 39.07 -63.98
C ASN J 424 -1.12 39.98 -63.32
N ALA J 425 -1.63 41.01 -62.65
CA ALA J 425 -0.76 41.98 -62.03
C ALA J 425 -1.49 42.58 -60.84
N VAL J 426 -0.77 42.83 -59.76
CA VAL J 426 -1.35 43.45 -58.59
C VAL J 426 -0.24 44.12 -57.79
N SER J 427 -0.59 45.18 -57.06
CA SER J 427 0.31 45.81 -56.10
C SER J 427 -0.45 45.93 -54.79
N ASN J 428 -0.02 45.17 -53.79
CA ASN J 428 -0.64 45.19 -52.47
C ASN J 428 0.19 46.07 -51.57
N ASP J 429 -0.36 47.20 -51.16
CA ASP J 429 0.31 48.14 -50.29
C ASP J 429 -0.42 48.19 -48.96
N SER J 430 0.24 47.75 -47.91
CA SER J 430 -0.37 47.68 -46.59
C SER J 430 0.40 48.55 -45.62
N SER J 431 -0.26 48.94 -44.55
CA SER J 431 0.36 49.73 -43.50
C SER J 431 -0.39 49.47 -42.20
N SER J 432 0.31 49.70 -41.10
CA SER J 432 -0.29 49.59 -39.77
C SER J 432 0.45 50.53 -38.83
N ASN J 433 -0.31 51.16 -37.95
CA ASN J 433 0.28 52.06 -36.97
C ASN J 433 -0.50 51.89 -35.68
N ILE J 434 0.21 51.59 -34.59
CA ILE J 434 -0.45 51.24 -33.33
C ILE J 434 0.28 51.89 -32.18
N LEU J 435 -0.43 52.64 -31.35
CA LEU J 435 0.10 53.09 -30.08
C LEU J 435 -0.89 52.65 -29.03
N SER J 436 -0.45 51.92 -28.03
CA SER J 436 -1.26 51.68 -26.85
C SER J 436 -0.32 51.90 -25.71
N SER J 437 -0.67 52.68 -24.69
CA SER J 437 0.19 52.77 -23.51
C SER J 437 -0.65 52.50 -22.29
N PRO J 438 -0.34 51.49 -21.50
CA PRO J 438 -1.09 51.22 -20.27
C PRO J 438 -0.28 51.75 -19.11
N SER J 439 -0.90 52.52 -18.23
CA SER J 439 -0.29 53.00 -16.99
C SER J 439 -1.00 52.40 -15.76
N ILE J 440 -0.20 51.82 -14.87
CA ILE J 440 -0.69 51.28 -13.61
C ILE J 440 -0.03 52.08 -12.49
N THR J 441 -0.84 52.52 -11.53
CA THR J 441 -0.38 53.28 -10.37
C THR J 441 -0.31 52.33 -9.16
N VAL J 442 0.85 52.32 -8.51
CA VAL J 442 1.29 51.29 -7.60
C VAL J 442 1.82 51.94 -6.35
N MET J 443 1.66 51.28 -5.21
CA MET J 443 2.40 51.65 -4.03
C MET J 443 3.83 51.17 -4.19
N ASP J 444 4.77 51.92 -3.67
CA ASP J 444 6.17 51.48 -3.71
C ASP J 444 6.32 50.09 -3.12
N ASN J 445 7.20 49.29 -3.74
CA ASN J 445 7.48 47.93 -3.30
C ASN J 445 6.29 47.01 -3.46
N GLY J 446 5.15 47.54 -3.82
CA GLY J 446 4.00 46.72 -4.12
C GLY J 446 3.92 46.38 -5.58
N GLU J 447 3.27 45.27 -5.89
CA GLU J 447 3.17 44.78 -7.25
C GLU J 447 1.78 45.06 -7.80
N ALA J 448 1.70 45.30 -9.10
CA ALA J 448 0.41 45.51 -9.73
C ALA J 448 0.33 44.77 -11.05
N SER J 449 -0.83 44.18 -11.30
CA SER J 449 -1.14 43.60 -12.58
C SER J 449 -2.13 44.52 -13.29
N PHE J 450 -2.02 44.56 -14.60
CA PHE J 450 -2.94 45.32 -15.43
C PHE J 450 -3.20 44.50 -16.68
N ILE J 451 -4.47 44.23 -16.95
CA ILE J 451 -4.82 43.47 -18.13
C ILE J 451 -5.95 44.15 -18.90
N VAL J 452 -5.72 44.37 -20.19
CA VAL J 452 -6.79 44.71 -21.10
C VAL J 452 -6.77 43.62 -22.15
N ALA J 453 -7.84 42.84 -22.22
CA ALA J 453 -7.89 41.75 -23.18
C ALA J 453 -9.31 41.33 -23.52
N GLU J 454 -9.46 40.68 -24.66
CA GLU J 454 -10.69 40.02 -25.04
C GLU J 454 -10.32 38.59 -25.38
N GLU J 455 -11.08 37.62 -24.86
CA GLU J 455 -10.73 36.23 -25.08
C GLU J 455 -11.60 35.61 -26.17
N VAL J 456 -10.95 35.26 -27.28
CA VAL J 456 -11.60 34.53 -28.36
C VAL J 456 -11.63 33.05 -28.04
N PRO J 457 -12.51 32.30 -28.69
CA PRO J 457 -12.59 30.85 -28.43
C PRO J 457 -11.42 30.11 -29.09
N VAL J 458 -10.89 29.11 -28.42
CA VAL J 458 -9.78 28.33 -28.96
C VAL J 458 -10.10 26.83 -28.99
N ILE J 459 -9.79 26.18 -30.09
CA ILE J 459 -10.02 24.74 -30.23
C ILE J 459 -8.69 24.00 -30.31
N THR J 460 -8.41 23.21 -29.28
CA THR J 460 -7.19 22.41 -29.25
C THR J 460 -7.49 20.96 -29.58
N GLY J 461 -8.66 20.72 -30.16
CA GLY J 461 -9.07 19.38 -30.54
C GLY J 461 -9.65 19.31 -31.94
N PHE J 472 -17.55 18.73 -34.34
CA PHE J 472 -17.48 18.85 -32.89
C PHE J 472 -16.04 19.05 -32.43
N GLN J 473 -15.63 20.31 -32.32
CA GLN J 473 -14.27 20.63 -31.88
C GLN J 473 -14.28 21.43 -30.58
N THR J 474 -13.46 21.00 -29.63
CA THR J 474 -13.37 21.65 -28.33
C THR J 474 -12.77 23.06 -28.44
N VAL J 475 -13.26 23.96 -27.60
CA VAL J 475 -12.78 25.34 -27.57
C VAL J 475 -12.25 25.74 -26.20
N ASP J 476 -11.06 26.35 -26.19
CA ASP J 476 -10.45 26.82 -24.95
C ASP J 476 -10.23 28.33 -25.00
N ARG J 477 -10.63 29.01 -23.94
CA ARG J 477 -10.53 30.47 -23.88
C ARG J 477 -9.13 30.83 -23.37
N LYS J 478 -8.49 31.73 -24.12
CA LYS J 478 -7.23 32.34 -23.76
C LYS J 478 -7.40 33.82 -24.05
N GLU J 479 -6.62 34.68 -23.40
CA GLU J 479 -6.82 36.11 -23.50
C GLU J 479 -5.71 36.83 -24.28
N VAL J 480 -6.12 37.66 -25.24
CA VAL J 480 -5.20 38.48 -26.00
C VAL J 480 -5.51 39.95 -25.72
N GLY J 481 -4.47 40.71 -25.42
CA GLY J 481 -4.63 42.08 -24.97
C GLY J 481 -3.32 42.59 -24.43
N ILE J 482 -3.36 43.75 -23.78
CA ILE J 482 -2.15 44.31 -23.19
C ILE J 482 -2.14 44.06 -21.69
N LYS J 483 -1.09 43.40 -21.22
CA LYS J 483 -0.93 43.17 -19.80
C LYS J 483 0.43 43.65 -19.33
N LEU J 484 0.42 44.32 -18.19
CA LEU J 484 1.60 44.95 -17.61
C LEU J 484 1.64 44.58 -16.15
N LYS J 485 2.66 43.84 -15.74
CA LYS J 485 2.82 43.46 -14.34
C LYS J 485 4.13 44.04 -13.84
N VAL J 486 4.04 44.98 -12.91
CA VAL J 486 5.21 45.77 -12.53
C VAL J 486 5.36 45.74 -11.01
N VAL J 487 6.61 45.73 -10.56
CA VAL J 487 6.92 45.72 -9.13
C VAL J 487 7.98 46.77 -8.84
N PRO J 488 7.63 48.03 -8.67
CA PRO J 488 8.64 49.06 -8.49
C PRO J 488 9.17 49.08 -7.08
N GLN J 489 10.40 49.54 -6.94
CA GLN J 489 10.91 50.01 -5.67
C GLN J 489 11.69 51.28 -5.92
N ILE J 490 11.60 52.22 -4.99
CA ILE J 490 12.07 53.57 -5.22
C ILE J 490 13.38 53.75 -4.48
N ASN J 491 14.45 54.05 -5.22
CA ASN J 491 15.60 54.70 -4.64
C ASN J 491 15.12 55.89 -3.83
N GLU J 492 15.70 56.10 -2.66
CA GLU J 492 15.09 57.00 -1.69
C GLU J 492 14.87 58.41 -2.23
N GLY J 493 15.39 58.72 -3.41
CA GLY J 493 14.89 59.84 -4.19
C GLY J 493 15.10 59.55 -5.65
N ASN J 494 14.27 60.18 -6.49
CA ASN J 494 14.36 60.03 -7.93
C ASN J 494 14.27 58.57 -8.39
N SER J 495 15.35 58.01 -8.92
CA SER J 495 15.28 56.83 -9.77
C SER J 495 14.43 55.71 -9.16
N VAL J 496 13.64 55.09 -10.02
CA VAL J 496 12.76 53.97 -9.68
C VAL J 496 13.31 52.72 -10.35
N GLN J 497 13.39 51.64 -9.59
CA GLN J 497 13.74 50.34 -10.15
C GLN J 497 12.47 49.56 -10.44
N LEU J 498 12.43 48.93 -11.61
CA LEU J 498 11.24 48.26 -12.10
C LEU J 498 11.57 46.83 -12.47
N ASN J 499 10.90 45.88 -11.84
CA ASN J 499 10.81 44.52 -12.33
C ASN J 499 9.53 44.45 -13.12
N ILE J 500 9.63 44.30 -14.43
CA ILE J 500 8.50 44.51 -15.32
C ILE J 500 8.32 43.29 -16.20
N GLU J 501 7.07 42.88 -16.37
CA GLU J 501 6.69 41.80 -17.28
C GLU J 501 5.59 42.37 -18.16
N GLN J 502 5.86 42.55 -19.44
CA GLN J 502 4.95 43.25 -20.31
C GLN J 502 4.63 42.41 -21.52
N GLU J 503 3.35 42.21 -21.80
CA GLU J 503 2.93 41.35 -22.89
C GLU J 503 1.84 42.04 -23.69
N VAL J 504 1.86 41.86 -25.00
CA VAL J 504 0.84 42.47 -25.84
C VAL J 504 0.11 41.38 -26.61
N SER J 505 -1.22 41.43 -26.59
CA SER J 505 -1.99 40.42 -27.30
C SER J 505 -2.62 41.01 -28.55
N ASN J 506 -2.24 40.45 -29.69
CA ASN J 506 -2.82 40.84 -30.97
C ASN J 506 -3.34 39.63 -31.70
N VAL J 507 -4.56 39.71 -32.23
CA VAL J 507 -5.14 38.57 -32.90
C VAL J 507 -5.82 38.90 -34.23
N LEU J 508 -5.54 38.10 -35.25
CA LEU J 508 -6.11 38.32 -36.57
C LEU J 508 -7.47 37.64 -36.70
N ASP J 515 -8.90 28.00 -35.57
CA ASP J 515 -7.93 28.30 -36.62
C ASP J 515 -7.66 29.79 -36.71
N VAL J 516 -7.39 30.41 -35.57
CA VAL J 516 -7.11 31.84 -35.51
C VAL J 516 -5.68 32.09 -35.04
N ARG J 517 -4.96 32.92 -35.76
CA ARG J 517 -3.58 33.23 -35.41
C ARG J 517 -3.45 34.63 -34.84
N PHE J 518 -2.84 34.74 -33.66
CA PHE J 518 -2.64 36.02 -33.00
C PHE J 518 -1.19 36.17 -32.58
N ALA J 519 -0.68 37.40 -32.64
CA ALA J 519 0.71 37.66 -32.31
C ALA J 519 0.85 38.23 -30.91
N LYS J 520 1.75 37.62 -30.13
CA LYS J 520 2.03 38.08 -28.78
C LYS J 520 3.52 38.35 -28.62
N ARG J 521 3.88 39.60 -28.33
CA ARG J 521 5.28 39.98 -28.18
C ARG J 521 5.52 40.56 -26.80
N GLN J 522 6.07 39.74 -25.90
CA GLN J 522 6.28 40.17 -24.53
C GLN J 522 7.76 40.34 -24.29
N LEU J 523 8.07 41.22 -23.35
CA LEU J 523 9.41 41.35 -22.82
C LEU J 523 9.26 41.55 -21.32
N ASN J 524 10.03 40.80 -20.55
CA ASN J 524 10.03 40.91 -19.10
C ASN J 524 11.47 41.07 -18.64
N THR J 525 11.78 42.22 -18.09
CA THR J 525 13.14 42.62 -17.80
C THR J 525 13.14 43.38 -16.49
N SER J 526 14.30 43.92 -16.13
CA SER J 526 14.45 44.73 -14.93
C SER J 526 15.24 45.96 -15.32
N VAL J 527 14.66 47.14 -15.16
CA VAL J 527 15.32 48.37 -15.58
C VAL J 527 15.34 49.33 -14.41
N MET J 528 16.16 50.37 -14.54
CA MET J 528 16.22 51.43 -13.54
C MET J 528 16.07 52.76 -14.28
N VAL J 529 14.97 53.45 -14.02
CA VAL J 529 14.56 54.62 -14.77
C VAL J 529 14.62 55.82 -13.86
N GLN J 530 15.02 56.96 -14.38
CA GLN J 530 14.95 58.17 -13.58
C GLN J 530 13.49 58.53 -13.32
N ASP J 531 13.29 59.40 -12.34
CA ASP J 531 11.95 59.75 -11.85
C ASP J 531 10.96 60.05 -12.96
N GLY J 532 11.13 61.17 -13.66
CA GLY J 532 10.17 61.57 -14.66
C GLY J 532 10.60 61.39 -16.10
N GLN J 533 11.62 60.59 -16.37
CA GLN J 533 12.15 60.46 -17.71
C GLN J 533 11.80 59.10 -18.31
N MET J 534 11.65 59.10 -19.62
CA MET J 534 11.28 57.90 -20.36
C MET J 534 12.51 57.05 -20.65
N LEU J 535 12.32 55.74 -20.63
CA LEU J 535 13.39 54.81 -20.95
C LEU J 535 12.86 53.69 -21.82
N VAL J 536 13.66 53.24 -22.77
CA VAL J 536 13.23 52.26 -23.77
C VAL J 536 13.57 50.87 -23.26
N LEU J 537 12.54 50.10 -22.93
CA LEU J 537 12.76 48.70 -22.56
C LEU J 537 13.19 47.89 -23.76
N GLY J 538 12.41 47.93 -24.83
CA GLY J 538 12.63 46.92 -25.84
C GLY J 538 12.27 47.40 -27.21
N GLY J 539 12.48 46.54 -28.18
CA GLY J 539 12.18 46.89 -29.55
C GLY J 539 12.54 45.76 -30.49
N LEU J 540 12.06 45.90 -31.72
CA LEU J 540 12.40 45.02 -32.80
C LEU J 540 12.35 45.86 -34.06
N ILE J 541 13.30 45.68 -34.96
CA ILE J 541 13.26 46.32 -36.26
C ILE J 541 13.48 45.24 -37.30
N ASP J 542 12.46 44.95 -38.08
CA ASP J 542 12.50 43.81 -38.96
C ASP J 542 12.27 44.29 -40.38
N GLU J 543 13.04 43.77 -41.32
CA GLU J 543 12.91 44.16 -42.71
C GLU J 543 13.05 42.91 -43.56
N ARG J 544 12.25 42.82 -44.61
CA ARG J 544 12.28 41.67 -45.49
C ARG J 544 12.09 42.09 -46.92
N ALA J 545 12.82 41.46 -47.82
CA ALA J 545 12.56 41.57 -49.25
C ALA J 545 12.61 40.18 -49.84
N LEU J 546 11.48 39.71 -50.34
CA LEU J 546 11.40 38.41 -50.98
C LEU J 546 11.07 38.62 -52.45
N GLU J 547 12.03 38.34 -53.32
CA GLU J 547 11.81 38.41 -54.75
C GLU J 547 11.75 36.99 -55.28
N SER J 548 10.93 36.78 -56.30
CA SER J 548 10.78 35.48 -56.94
C SER J 548 10.49 35.73 -58.40
N GLU J 549 10.85 34.78 -59.25
CA GLU J 549 10.69 34.93 -60.69
C GLU J 549 10.60 33.57 -61.33
N SER J 550 10.00 33.52 -62.51
CA SER J 550 9.98 32.33 -63.33
C SER J 550 9.96 32.77 -64.78
N LYS J 551 10.63 32.01 -65.63
CA LYS J 551 10.66 32.33 -67.05
C LYS J 551 11.03 31.07 -67.82
N VAL J 552 11.06 31.21 -69.13
CA VAL J 552 11.16 30.06 -70.03
C VAL J 552 12.44 29.21 -70.01
N PRO J 553 13.64 29.77 -69.79
CA PRO J 553 14.33 31.05 -69.61
C PRO J 553 14.59 31.92 -70.82
N LEU J 554 14.95 31.31 -71.95
CA LEU J 554 15.65 32.05 -73.00
C LEU J 554 14.81 33.22 -73.51
N LEU J 555 13.52 32.99 -73.74
CA LEU J 555 12.66 34.04 -74.25
C LEU J 555 12.45 35.15 -73.22
N GLY J 556 12.45 34.80 -71.94
CA GLY J 556 12.25 35.80 -70.92
C GLY J 556 13.44 36.71 -70.73
N ASP J 557 14.54 36.42 -71.43
CA ASP J 557 15.73 37.24 -71.32
C ASP J 557 15.64 38.47 -72.21
N ILE J 558 14.94 38.36 -73.34
CA ILE J 558 14.82 39.48 -74.29
C ILE J 558 14.29 40.71 -73.55
N PRO J 559 14.87 41.89 -73.76
CA PRO J 559 14.42 43.07 -73.01
C PRO J 559 12.98 43.50 -73.32
N LEU J 560 12.61 43.53 -74.60
CA LEU J 560 11.30 44.08 -74.95
C LEU J 560 10.19 43.08 -74.70
N LEU J 561 10.34 41.85 -75.20
CA LEU J 561 9.30 40.84 -75.10
C LEU J 561 9.47 39.92 -73.92
N GLY J 562 10.49 40.11 -73.10
CA GLY J 562 10.72 39.20 -71.99
C GLY J 562 9.60 39.23 -70.98
N GLN J 563 8.94 40.37 -70.82
CA GLN J 563 7.91 40.47 -69.81
C GLN J 563 6.70 39.61 -70.15
N LEU J 564 6.63 39.12 -71.39
CA LEU J 564 5.53 38.25 -71.76
C LEU J 564 5.72 36.85 -71.20
N PHE J 565 6.95 36.40 -71.08
CA PHE J 565 7.23 35.04 -70.63
C PHE J 565 7.65 34.95 -69.17
N ARG J 566 7.70 36.06 -68.44
CA ARG J 566 8.14 36.05 -67.06
C ARG J 566 6.95 36.19 -66.10
N SER J 567 7.09 35.59 -64.93
CA SER J 567 6.20 35.83 -63.81
C SER J 567 7.05 36.25 -62.62
N THR J 568 6.88 37.48 -62.18
CA THR J 568 7.68 38.05 -61.11
C THR J 568 6.78 38.31 -59.91
N SER J 569 7.24 37.91 -58.72
CA SER J 569 6.53 38.19 -57.48
C SER J 569 7.50 38.81 -56.51
N SER J 570 7.31 40.09 -56.20
CA SER J 570 8.18 40.80 -55.30
C SER J 570 7.42 41.24 -54.06
N GLN J 571 8.11 41.25 -52.92
CA GLN J 571 7.46 41.64 -51.68
C GLN J 571 8.47 42.30 -50.76
N VAL J 572 8.02 43.32 -50.03
CA VAL J 572 8.85 44.04 -49.07
C VAL J 572 8.04 44.24 -47.82
N GLU J 573 8.51 43.69 -46.71
CA GLU J 573 7.83 43.86 -45.42
C GLU J 573 8.74 44.62 -44.49
N LYS J 574 8.13 45.34 -43.55
CA LYS J 574 8.89 46.12 -42.59
C LYS J 574 8.09 46.23 -41.31
N LYS J 575 8.78 46.24 -40.17
CA LYS J 575 8.09 46.24 -38.89
C LYS J 575 8.97 46.92 -37.86
N ASN J 576 8.33 47.60 -36.92
CA ASN J 576 9.02 48.32 -35.86
C ASN J 576 8.23 48.17 -34.57
N LEU J 577 8.92 47.87 -33.49
CA LEU J 577 8.33 47.81 -32.17
C LEU J 577 9.26 48.53 -31.21
N MET J 578 8.74 49.53 -30.51
CA MET J 578 9.47 50.04 -29.37
C MET J 578 8.56 49.96 -28.16
N VAL J 579 9.15 49.62 -27.02
CA VAL J 579 8.45 49.61 -25.75
C VAL J 579 9.23 50.51 -24.82
N PHE J 580 8.60 51.61 -24.39
CA PHE J 580 9.14 52.64 -23.52
C PHE J 580 8.41 52.59 -22.20
N ILE J 581 9.02 53.12 -21.15
CA ILE J 581 8.32 53.23 -19.88
C ILE J 581 8.68 54.56 -19.23
N LYS J 582 7.68 55.26 -18.73
CA LYS J 582 7.88 56.46 -17.92
C LYS J 582 7.26 56.27 -16.55
N PRO J 583 8.06 56.13 -15.50
CA PRO J 583 7.52 56.24 -14.14
C PRO J 583 7.33 57.69 -13.76
N THR J 584 6.52 57.91 -12.73
CA THR J 584 6.43 59.21 -12.09
C THR J 584 6.22 58.99 -10.61
N ILE J 585 7.00 59.63 -9.76
CA ILE J 585 6.87 59.38 -8.33
C ILE J 585 5.88 60.36 -7.73
N ILE J 586 4.88 59.83 -7.06
CA ILE J 586 3.86 60.58 -6.37
C ILE J 586 4.16 60.47 -4.88
N ARG J 587 4.51 61.61 -4.28
CA ARG J 587 4.82 61.70 -2.86
C ARG J 587 3.76 62.51 -2.11
N ASP J 588 3.64 63.79 -2.45
CA ASP J 588 2.61 64.64 -1.88
C ASP J 588 1.24 64.26 -2.42
N GLY J 589 0.20 64.68 -1.71
CA GLY J 589 -1.14 64.58 -2.25
C GLY J 589 -1.41 65.54 -3.39
N VAL J 590 -0.73 66.68 -3.40
CA VAL J 590 -0.92 67.65 -4.47
C VAL J 590 -0.39 67.12 -5.80
N THR J 591 0.60 66.23 -5.79
CA THR J 591 1.06 65.64 -7.04
C THR J 591 0.03 64.67 -7.59
N ALA J 592 -0.48 63.76 -6.76
CA ALA J 592 -1.53 62.85 -7.21
C ALA J 592 -2.75 63.61 -7.69
N ASP J 593 -3.11 64.68 -7.01
CA ASP J 593 -4.23 65.49 -7.47
C ASP J 593 -3.91 66.20 -8.78
N GLY J 594 -2.65 66.57 -9.00
CA GLY J 594 -2.26 67.22 -10.24
C GLY J 594 -2.30 66.28 -11.43
N ILE J 595 -1.90 65.03 -11.23
CA ILE J 595 -1.96 64.06 -12.30
C ILE J 595 -3.39 63.62 -12.57
N THR J 596 -4.10 63.25 -11.50
CA THR J 596 -5.48 62.83 -11.64
C THR J 596 -6.33 63.94 -12.26
N GLN J 597 -6.00 65.20 -12.00
CA GLN J 597 -6.80 66.27 -12.55
C GLN J 597 -6.63 66.38 -14.06
N ARG J 598 -5.42 66.14 -14.56
CA ARG J 598 -5.25 66.25 -16.01
C ARG J 598 -5.73 65.00 -16.73
N LYS J 599 -5.54 63.82 -16.15
CA LYS J 599 -6.09 62.63 -16.79
C LYS J 599 -7.61 62.60 -16.72
N TYR J 600 -8.19 63.30 -15.74
CA TYR J 600 -9.63 63.39 -15.64
C TYR J 600 -10.17 64.43 -16.62
N ASN J 601 -9.56 65.61 -16.65
CA ASN J 601 -10.00 66.66 -17.56
C ASN J 601 -9.76 66.32 -19.01
N TYR J 602 -8.82 65.43 -19.33
CA TYR J 602 -8.67 65.00 -20.71
C TYR J 602 -9.91 64.25 -21.16
N ILE J 603 -10.31 63.22 -20.42
CA ILE J 603 -11.52 62.49 -20.77
C ILE J 603 -12.73 63.39 -20.75
N ARG J 604 -12.88 64.19 -19.69
CA ARG J 604 -14.03 65.11 -19.66
C ARG J 604 -14.06 65.99 -20.90
N ALA J 605 -12.91 66.45 -21.37
CA ALA J 605 -12.89 67.22 -22.62
C ALA J 605 -13.39 66.38 -23.79
N GLU J 606 -12.89 65.14 -23.92
CA GLU J 606 -13.39 64.27 -24.97
C GLU J 606 -14.90 64.13 -24.92
N GLN J 607 -15.47 63.93 -23.73
CA GLN J 607 -16.90 63.69 -23.61
C GLN J 607 -17.70 64.94 -23.90
N LEU J 608 -17.23 66.10 -23.45
CA LEU J 608 -17.90 67.34 -23.83
C LEU J 608 -17.92 67.51 -25.34
N PHE J 609 -16.81 67.18 -26.01
CA PHE J 609 -16.83 67.22 -27.46
C PHE J 609 -17.81 66.21 -28.04
N ARG J 610 -17.96 65.05 -27.41
CA ARG J 610 -19.00 64.11 -27.82
C ARG J 610 -20.38 64.70 -27.64
N ALA J 611 -20.55 65.58 -26.66
CA ALA J 611 -21.86 66.18 -26.42
C ALA J 611 -22.14 67.35 -27.35
N GLU J 612 -21.09 67.96 -27.93
CA GLU J 612 -21.35 69.06 -28.85
C GLU J 612 -21.85 68.55 -30.19
N LYS J 613 -21.19 67.55 -30.76
CA LYS J 613 -21.76 66.79 -31.87
C LYS J 613 -22.28 65.51 -31.25
N GLY J 614 -23.59 65.42 -31.07
CA GLY J 614 -24.19 64.43 -30.21
C GLY J 614 -24.72 63.24 -30.97
N LEU J 615 -25.54 62.45 -30.28
CA LEU J 615 -26.27 61.39 -30.95
C LEU J 615 -27.24 62.03 -31.93
N ARG J 616 -27.18 61.61 -33.19
CA ARG J 616 -28.01 62.25 -34.19
C ARG J 616 -29.49 61.95 -33.98
N LEU J 617 -29.81 60.73 -33.57
CA LEU J 617 -31.19 60.35 -33.42
C LEU J 617 -31.75 60.58 -32.02
N LEU J 618 -30.90 60.87 -31.05
CA LEU J 618 -31.32 61.02 -29.67
C LEU J 618 -30.92 62.39 -29.14
N ASP J 619 -31.51 62.75 -28.01
CA ASP J 619 -31.21 64.04 -27.40
C ASP J 619 -29.79 64.06 -26.88
N ASP J 620 -29.12 65.19 -27.06
CA ASP J 620 -27.71 65.31 -26.69
C ASP J 620 -27.47 65.27 -25.19
N ALA J 621 -28.52 65.32 -24.37
CA ALA J 621 -28.35 65.20 -22.93
C ALA J 621 -28.26 63.75 -22.47
N SER J 622 -28.41 62.80 -23.38
CA SER J 622 -28.35 61.39 -23.04
C SER J 622 -26.94 60.82 -23.09
N VAL J 623 -25.98 61.54 -23.64
CA VAL J 623 -24.61 61.03 -23.70
C VAL J 623 -23.95 61.21 -22.34
N PRO J 624 -23.35 60.16 -21.78
CA PRO J 624 -22.74 60.29 -20.46
C PRO J 624 -21.51 61.19 -20.53
N VAL J 625 -21.42 62.10 -19.57
CA VAL J 625 -20.30 63.03 -19.49
C VAL J 625 -19.91 63.18 -18.03
N LEU J 626 -18.61 63.15 -17.77
CA LEU J 626 -18.13 63.23 -16.41
C LEU J 626 -18.53 64.59 -15.81
N PRO J 627 -18.89 64.62 -14.53
CA PRO J 627 -19.10 65.91 -13.88
C PRO J 627 -17.79 66.66 -13.75
N LYS J 628 -17.90 67.98 -13.59
CA LYS J 628 -16.71 68.80 -13.42
C LYS J 628 -15.96 68.31 -12.19
N PHE J 629 -14.63 68.40 -12.24
CA PHE J 629 -13.79 67.67 -11.31
C PHE J 629 -14.11 68.04 -9.87
N GLY J 630 -14.48 67.05 -9.08
CA GLY J 630 -14.77 67.23 -7.67
C GLY J 630 -16.22 67.49 -7.32
N ASP J 631 -17.14 67.51 -8.28
CA ASP J 631 -18.51 67.90 -8.03
C ASP J 631 -19.47 66.73 -7.81
N ASP J 632 -18.98 65.49 -7.84
CA ASP J 632 -19.81 64.31 -7.69
C ASP J 632 -21.00 64.30 -8.66
N ARG J 633 -22.16 63.87 -8.20
CA ARG J 633 -23.27 63.54 -9.08
C ARG J 633 -24.20 64.72 -9.37
N ARG J 634 -24.54 64.90 -10.65
CA ARG J 634 -25.64 65.73 -11.11
C ARG J 634 -26.90 65.22 -11.76
N HIS J 635 -28.05 65.77 -11.41
CA HIS J 635 -29.30 65.26 -11.94
C HIS J 635 -29.26 65.69 -13.39
N SER J 636 -30.02 64.99 -14.22
CA SER J 636 -30.20 65.37 -15.61
C SER J 636 -30.78 66.78 -15.70
N PRO J 637 -30.62 67.44 -16.83
CA PRO J 637 -31.14 68.81 -16.93
C PRO J 637 -32.66 68.85 -16.75
N GLU J 638 -33.38 67.95 -17.42
CA GLU J 638 -34.83 67.89 -17.28
C GLU J 638 -35.29 67.48 -15.89
N ILE J 639 -34.62 66.49 -15.31
CA ILE J 639 -34.94 66.04 -13.96
C ILE J 639 -34.65 67.14 -12.96
N GLN J 640 -33.55 67.85 -13.18
CA GLN J 640 -33.18 68.94 -12.31
C GLN J 640 -34.25 70.02 -12.39
N ALA J 641 -34.73 70.27 -13.60
CA ALA J 641 -35.78 71.26 -13.79
C ALA J 641 -37.05 70.86 -13.05
N PHE J 642 -37.37 69.57 -13.12
CA PHE J 642 -38.54 69.04 -12.42
C PHE J 642 -38.40 69.20 -10.91
N ILE J 643 -37.21 68.95 -10.39
CA ILE J 643 -37.00 68.95 -8.95
C ILE J 643 -37.28 70.30 -8.32
N GLU J 644 -36.86 71.37 -9.01
CA GLU J 644 -37.02 72.72 -8.52
C GLU J 644 -38.49 73.12 -8.42
N GLN J 645 -39.34 72.58 -9.31
CA GLN J 645 -40.75 72.89 -9.26
C GLN J 645 -41.38 72.34 -7.98
N MET J 646 -41.18 71.06 -7.70
CA MET J 646 -41.72 70.43 -6.51
C MET J 646 -41.09 71.02 -5.25
N GLY K 97 23.45 64.36 94.01
CA GLY K 97 23.86 64.09 95.38
C GLY K 97 24.44 62.70 95.60
N ASP K 98 24.40 62.24 96.84
CA ASP K 98 24.96 60.96 97.25
C ASP K 98 23.93 59.81 97.31
N GLU K 99 22.69 60.02 96.89
CA GLU K 99 21.66 59.01 97.09
C GLU K 99 21.99 57.73 96.32
N VAL K 100 21.46 56.60 96.80
CA VAL K 100 21.59 55.31 96.13
C VAL K 100 20.27 54.99 95.41
N ILE K 101 20.30 55.04 94.07
CA ILE K 101 19.18 54.67 93.21
C ILE K 101 19.71 53.78 92.09
N THR K 102 18.81 53.01 91.49
CA THR K 102 19.13 52.13 90.37
C THR K 102 18.70 52.78 89.05
N GLN K 103 19.55 52.68 88.02
CA GLN K 103 19.20 53.23 86.72
C GLN K 103 19.24 52.15 85.64
N VAL K 104 18.18 52.13 84.84
CA VAL K 104 17.96 51.14 83.80
C VAL K 104 18.05 51.83 82.45
N VAL K 105 19.12 51.55 81.70
CA VAL K 105 19.36 52.22 80.42
C VAL K 105 19.82 51.17 79.42
N ALA K 106 19.67 51.45 78.12
CA ALA K 106 19.93 50.45 77.09
C ALA K 106 21.24 50.69 76.35
N VAL K 107 21.85 49.60 75.90
CA VAL K 107 22.81 49.60 74.80
C VAL K 107 22.33 48.53 73.83
N LYS K 108 21.84 48.95 72.67
CA LYS K 108 21.30 47.96 71.74
C LYS K 108 22.39 47.34 70.90
N ASN K 109 23.48 48.08 70.69
CA ASN K 109 24.38 47.80 69.58
C ASN K 109 25.06 46.45 69.73
N VAL K 110 25.65 46.17 70.90
CA VAL K 110 26.23 44.86 71.19
C VAL K 110 26.02 44.58 72.67
N SER K 111 26.04 43.28 73.02
CA SER K 111 25.76 42.85 74.39
C SER K 111 26.67 43.55 75.39
N VAL K 112 26.07 44.00 76.51
CA VAL K 112 26.74 44.89 77.46
C VAL K 112 27.62 44.14 78.45
N ARG K 113 27.60 42.79 78.44
CA ARG K 113 28.58 42.03 79.20
C ARG K 113 29.99 42.48 78.87
N GLU K 114 30.19 42.97 77.64
CA GLU K 114 31.45 43.51 77.17
C GLU K 114 32.00 44.61 78.06
N LEU K 115 31.15 45.29 78.83
CA LEU K 115 31.57 46.36 79.72
C LEU K 115 31.75 45.93 81.17
N SER K 116 31.53 44.66 81.51
CA SER K 116 31.58 44.26 82.92
C SER K 116 32.89 44.62 83.61
N PRO K 117 34.09 44.43 83.03
CA PRO K 117 35.31 44.71 83.80
C PRO K 117 35.52 46.19 84.10
N LEU K 118 35.26 47.05 83.12
CA LEU K 118 35.57 48.46 83.25
C LEU K 118 34.49 49.16 84.07
N LEU K 119 33.25 48.68 83.95
CA LEU K 119 32.17 49.18 84.81
C LEU K 119 32.39 48.79 86.27
N ARG K 120 32.78 47.54 86.53
CA ARG K 120 33.23 47.21 87.89
C ARG K 120 34.49 47.97 88.27
N GLN K 121 35.16 48.60 87.29
CA GLN K 121 36.22 49.54 87.64
C GLN K 121 35.64 50.77 88.33
N LEU K 122 34.51 51.29 87.84
CA LEU K 122 33.78 52.33 88.57
C LEU K 122 33.02 51.78 89.77
N ILE K 123 32.80 50.47 89.84
CA ILE K 123 32.31 49.88 91.09
C ILE K 123 33.46 49.74 92.07
N ASP K 124 34.69 49.59 91.54
CA ASP K 124 35.91 49.67 92.34
C ASP K 124 36.41 51.11 92.56
N ASN K 125 36.36 51.98 91.53
CA ASN K 125 36.92 53.34 91.64
C ASN K 125 36.41 54.08 92.86
N ALA K 126 35.18 53.79 93.29
CA ALA K 126 34.60 54.38 94.47
C ALA K 126 33.91 53.28 95.27
N GLY K 127 33.15 53.68 96.29
CA GLY K 127 32.49 52.74 97.19
C GLY K 127 31.46 51.81 96.58
N ALA K 128 31.26 50.67 97.22
CA ALA K 128 30.36 49.63 96.71
C ALA K 128 29.00 49.75 97.41
N GLY K 129 28.15 48.76 97.23
CA GLY K 129 26.72 48.92 97.29
C GLY K 129 26.12 48.87 95.91
N ASN K 130 26.92 49.07 94.88
CA ASN K 130 26.51 49.05 93.48
C ASN K 130 26.14 47.64 93.05
N VAL K 131 25.35 47.58 91.98
CA VAL K 131 25.30 46.43 91.09
C VAL K 131 25.30 47.00 89.68
N VAL K 132 25.89 46.30 88.73
CA VAL K 132 25.58 46.53 87.34
C VAL K 132 25.33 45.17 86.72
N HIS K 133 24.09 44.93 86.31
CA HIS K 133 23.66 43.61 85.86
C HIS K 133 23.16 43.75 84.44
N TYR K 134 23.60 42.81 83.60
CA TYR K 134 23.45 42.91 82.15
C TYR K 134 22.46 41.86 81.72
N ASP K 135 21.27 42.27 81.38
CA ASP K 135 20.25 41.29 81.06
C ASP K 135 20.39 40.84 79.63
N PRO K 136 20.45 39.52 79.40
CA PRO K 136 20.58 39.00 78.03
C PRO K 136 19.44 39.41 77.11
N ALA K 137 18.35 39.92 77.65
CA ALA K 137 17.30 40.56 76.87
C ALA K 137 17.79 41.89 76.29
N ASN K 138 19.01 42.28 76.67
CA ASN K 138 19.68 43.52 76.28
C ASN K 138 18.95 44.77 76.79
N ILE K 139 19.00 44.97 78.11
CA ILE K 139 18.87 46.28 78.74
C ILE K 139 20.01 46.35 79.75
N ILE K 140 20.01 47.35 80.62
CA ILE K 140 21.15 47.62 81.48
C ILE K 140 20.66 48.06 82.86
N LEU K 141 21.25 47.44 83.91
CA LEU K 141 20.96 47.76 85.30
C LEU K 141 22.19 48.31 86.02
N ILE K 142 22.02 49.46 86.68
CA ILE K 142 22.95 49.92 87.70
C ILE K 142 22.14 50.11 88.98
N THR K 143 22.83 50.02 90.11
CA THR K 143 22.29 50.39 91.40
C THR K 143 23.44 50.99 92.21
N GLY K 144 23.20 52.13 92.84
CA GLY K 144 24.24 52.73 93.66
C GLY K 144 24.12 54.24 93.68
N ARG K 145 25.22 54.88 94.07
CA ARG K 145 25.20 56.32 94.20
C ARG K 145 25.01 56.99 92.85
N ALA K 146 24.09 57.96 92.84
CA ALA K 146 23.65 58.58 91.59
C ALA K 146 24.82 59.15 90.81
N ALA K 147 25.89 59.56 91.50
CA ALA K 147 27.06 60.06 90.80
C ALA K 147 27.80 58.94 90.08
N VAL K 148 28.14 57.86 90.80
CA VAL K 148 28.88 56.76 90.19
C VAL K 148 27.97 55.95 89.28
N VAL K 149 26.69 55.88 89.62
CA VAL K 149 25.70 55.31 88.71
C VAL K 149 25.58 56.17 87.46
N ASN K 150 25.88 57.46 87.57
CA ASN K 150 25.89 58.31 86.38
C ASN K 150 27.10 57.98 85.52
N ARG K 151 28.32 58.20 86.03
CA ARG K 151 29.50 57.86 85.24
C ARG K 151 29.43 56.46 84.64
N LEU K 152 28.91 55.49 85.40
CA LEU K 152 28.63 54.16 84.86
C LEU K 152 27.64 54.22 83.70
N ALA K 153 26.54 54.96 83.86
CA ALA K 153 25.57 55.06 82.77
C ALA K 153 26.14 55.86 81.60
N GLU K 154 27.24 56.57 81.82
CA GLU K 154 27.89 57.38 80.80
C GLU K 154 28.85 56.53 79.97
N ILE K 155 29.59 55.64 80.63
CA ILE K 155 30.32 54.61 79.91
C ILE K 155 29.35 53.73 79.15
N ILE K 156 28.35 53.22 79.86
CA ILE K 156 27.29 52.40 79.28
C ILE K 156 26.70 53.07 78.05
N ARG K 157 26.09 54.25 78.22
CA ARG K 157 25.56 54.98 77.06
C ARG K 157 26.67 55.36 76.09
N ARG K 158 27.93 55.21 76.51
CA ARG K 158 29.04 55.51 75.62
C ARG K 158 29.30 54.29 74.74
N VAL K 159 28.77 53.13 75.12
CA VAL K 159 28.66 52.03 74.18
C VAL K 159 27.26 51.93 73.55
N ASP K 160 26.26 52.58 74.12
CA ASP K 160 24.97 52.76 73.43
C ASP K 160 25.12 53.61 72.19
N GLN K 161 25.36 54.89 72.41
CA GLN K 161 25.39 55.92 71.38
C GLN K 161 26.51 55.71 70.38
N ALA K 162 27.54 54.97 70.76
CA ALA K 162 28.76 54.82 69.99
C ALA K 162 28.56 54.34 68.56
N GLY K 163 28.17 53.08 68.40
CA GLY K 163 28.33 52.34 67.17
C GLY K 163 27.13 52.26 66.25
N ASP K 164 26.24 53.25 66.29
CA ASP K 164 24.83 53.08 65.90
C ASP K 164 24.69 52.32 64.59
N LYS K 165 23.74 51.40 64.55
CA LYS K 165 23.50 50.58 63.37
C LYS K 165 22.00 50.35 63.25
N GLU K 166 21.42 50.67 62.09
CA GLU K 166 20.05 50.31 61.76
C GLU K 166 19.88 50.24 60.25
N ILE K 167 18.61 50.21 59.85
CA ILE K 167 18.18 49.96 58.48
C ILE K 167 17.75 51.25 57.79
N GLU K 168 18.08 51.33 56.49
CA GLU K 168 17.58 52.39 55.62
C GLU K 168 16.73 51.80 54.52
N VAL K 169 15.85 52.64 53.96
CA VAL K 169 15.10 52.31 52.77
C VAL K 169 15.13 53.51 51.84
N VAL K 170 15.75 53.37 50.69
CA VAL K 170 15.93 54.48 49.76
C VAL K 170 15.71 53.97 48.34
N GLU K 171 14.88 54.70 47.60
CA GLU K 171 14.51 54.35 46.24
C GLU K 171 15.71 54.28 45.32
N LEU K 172 15.76 53.21 44.54
CA LEU K 172 16.66 53.11 43.40
C LEU K 172 15.78 53.17 42.18
N ASN K 173 15.78 54.30 41.47
CA ASN K 173 14.85 54.45 40.37
C ASN K 173 15.36 53.75 39.13
N ASN K 174 16.68 53.62 39.01
CA ASN K 174 17.25 53.32 37.72
C ASN K 174 18.01 52.01 37.76
N ALA K 175 19.20 52.06 38.35
CA ALA K 175 20.03 50.86 38.43
C ALA K 175 19.29 49.78 39.20
N SER K 176 19.14 48.63 38.57
CA SER K 176 18.40 47.55 39.19
C SER K 176 18.93 47.28 40.58
N ALA K 177 18.02 47.26 41.56
CA ALA K 177 18.43 46.97 42.92
C ALA K 177 19.29 45.72 42.95
N ALA K 178 18.75 44.59 42.52
CA ALA K 178 19.54 43.35 42.51
C ALA K 178 20.91 43.58 41.90
N GLU K 179 21.01 44.46 40.91
CA GLU K 179 22.33 44.85 40.45
C GLU K 179 23.06 45.63 41.53
N MET K 180 22.43 46.67 42.11
CA MET K 180 23.09 47.38 43.21
C MET K 180 23.61 46.41 44.25
N VAL K 181 22.80 45.45 44.62
CA VAL K 181 23.15 44.33 45.46
C VAL K 181 24.45 43.78 44.94
N ARG K 182 24.41 43.14 43.77
CA ARG K 182 25.57 42.43 43.28
C ARG K 182 26.82 43.28 43.33
N ILE K 183 26.69 44.53 42.92
CA ILE K 183 27.85 45.36 42.66
C ILE K 183 28.41 45.92 43.97
N VAL K 184 27.59 45.90 45.01
CA VAL K 184 28.10 46.10 46.37
C VAL K 184 28.58 44.78 46.96
N GLU K 185 28.10 43.65 46.45
CA GLU K 185 28.38 42.37 47.09
C GLU K 185 29.88 42.16 47.12
N ALA K 186 30.53 42.50 46.01
CA ALA K 186 31.98 42.48 45.92
C ALA K 186 32.65 43.24 47.05
N LEU K 187 31.96 44.23 47.63
CA LEU K 187 32.51 44.98 48.73
C LEU K 187 32.45 44.11 49.98
N ASN K 188 33.46 44.22 50.82
CA ASN K 188 33.53 43.39 52.01
C ASN K 188 33.77 44.21 53.26
N LYS K 203 25.21 45.88 57.04
CA LYS K 203 25.13 45.11 55.82
C LYS K 203 24.08 45.70 54.88
N PHE K 204 23.60 44.93 53.90
CA PHE K 204 22.93 45.50 52.73
C PHE K 204 21.63 44.76 52.47
N VAL K 205 20.60 45.48 52.02
CA VAL K 205 19.42 44.86 51.42
C VAL K 205 18.99 45.75 50.26
N ALA K 206 17.99 45.30 49.51
CA ALA K 206 17.23 46.09 48.56
C ALA K 206 15.95 45.34 48.23
N ASP K 207 14.99 46.04 47.61
CA ASP K 207 13.81 45.36 47.10
C ASP K 207 13.59 45.77 45.66
N GLU K 208 13.36 44.79 44.78
CA GLU K 208 12.99 45.17 43.43
C GLU K 208 11.48 45.15 43.21
N ARG K 209 10.68 44.92 44.25
CA ARG K 209 9.34 45.47 44.17
C ARG K 209 9.43 46.99 44.09
N THR K 210 10.06 47.58 45.08
CA THR K 210 10.33 49.00 45.14
C THR K 210 11.56 49.41 44.34
N ASN K 211 12.51 48.51 44.16
CA ASN K 211 13.83 48.86 43.67
C ASN K 211 14.44 49.94 44.57
N SER K 212 14.79 49.51 45.79
CA SER K 212 15.28 50.40 46.83
C SER K 212 16.35 49.71 47.66
N ILE K 213 17.48 50.38 47.85
CA ILE K 213 18.49 49.92 48.79
C ILE K 213 17.97 50.06 50.21
N LEU K 214 18.09 48.99 50.96
CA LEU K 214 17.85 49.00 52.38
C LEU K 214 19.23 48.85 52.99
N ILE K 215 19.42 49.35 54.21
CA ILE K 215 20.75 49.20 54.77
C ILE K 215 20.60 48.66 56.18
N SER K 216 21.61 47.92 56.62
CA SER K 216 21.71 47.56 58.03
C SER K 216 23.10 47.92 58.53
N GLY K 217 23.17 48.95 59.35
CA GLY K 217 24.46 49.39 59.86
C GLY K 217 24.51 50.87 60.11
N ASP K 218 25.73 51.37 60.14
CA ASP K 218 26.13 52.62 60.79
C ASP K 218 25.43 53.83 60.20
N PRO K 219 25.28 54.91 60.97
CA PRO K 219 25.14 56.23 60.34
C PRO K 219 26.41 56.70 59.66
N LYS K 220 27.55 56.05 59.89
CA LYS K 220 28.62 56.12 58.91
C LYS K 220 28.30 55.28 57.68
N VAL K 221 27.72 54.10 57.88
CA VAL K 221 27.16 53.35 56.76
C VAL K 221 26.01 54.14 56.13
N ARG K 222 25.36 55.01 56.91
CA ARG K 222 24.33 55.87 56.33
C ARG K 222 24.95 57.00 55.52
N GLU K 223 26.06 57.56 56.00
CA GLU K 223 26.73 58.57 55.18
C GLU K 223 27.28 57.95 53.91
N ARG K 224 28.17 56.98 54.03
CA ARG K 224 28.83 56.45 52.84
C ARG K 224 27.86 55.68 51.97
N LEU K 225 26.84 55.07 52.57
CA LEU K 225 25.93 54.30 51.73
C LEU K 225 24.71 55.08 51.32
N LYS K 226 24.53 56.31 51.79
CA LYS K 226 23.78 57.25 50.95
C LYS K 226 24.66 57.78 49.84
N ARG K 227 25.97 57.88 50.08
CA ARG K 227 26.87 58.16 48.98
C ARG K 227 26.75 57.11 47.88
N LEU K 228 26.63 55.82 48.23
CA LEU K 228 26.52 54.80 47.19
C LEU K 228 25.08 54.54 46.81
N ILE K 229 24.13 55.01 47.62
CA ILE K 229 22.78 55.21 47.12
C ILE K 229 22.83 56.09 45.88
N LYS K 230 23.60 57.16 45.98
CA LYS K 230 23.66 58.11 44.89
C LYS K 230 24.63 57.66 43.79
N GLN K 231 25.70 56.96 44.15
CA GLN K 231 26.77 56.70 43.20
C GLN K 231 26.29 55.90 42.02
N LEU K 232 25.73 54.72 42.22
CA LEU K 232 25.23 53.99 41.08
C LEU K 232 23.72 54.11 41.21
N ASP K 233 23.22 55.25 40.75
CA ASP K 233 21.84 55.47 40.36
C ASP K 233 21.72 55.72 38.88
N VAL K 234 22.84 56.05 38.25
CA VAL K 234 22.86 56.56 36.88
C VAL K 234 22.38 55.54 35.85
N GLU K 235 21.72 56.04 34.82
CA GLU K 235 21.17 55.21 33.76
C GLU K 235 21.90 55.51 32.46
N MET K 236 22.39 54.46 31.81
CA MET K 236 23.15 54.62 30.59
C MET K 236 22.30 55.21 29.48
N ALA K 237 22.91 56.10 28.70
CA ALA K 237 22.22 56.71 27.56
C ALA K 237 21.97 55.65 26.51
N ALA K 238 20.91 55.82 25.72
CA ALA K 238 20.56 54.82 24.73
C ALA K 238 21.71 54.68 23.73
N LYS K 239 22.01 53.45 23.37
CA LYS K 239 23.15 53.14 22.50
C LYS K 239 22.77 52.92 21.04
N GLY K 240 21.49 53.06 20.72
CA GLY K 240 21.04 52.75 19.37
C GLY K 240 21.37 51.30 19.08
N ASN K 241 21.24 50.48 20.12
CA ASN K 241 21.53 49.05 20.06
C ASN K 241 21.01 48.42 18.79
N ASN K 242 19.82 48.82 18.35
CA ASN K 242 19.29 48.34 17.08
C ASN K 242 19.01 49.52 16.16
N ARG K 243 19.07 49.25 14.86
CA ARG K 243 18.89 50.31 13.88
C ARG K 243 18.13 49.77 12.68
N VAL K 244 17.18 50.55 12.20
CA VAL K 244 16.42 50.24 10.99
C VAL K 244 17.07 50.97 9.84
N VAL K 245 17.54 50.24 8.84
CA VAL K 245 18.25 50.83 7.72
C VAL K 245 17.38 50.71 6.48
N TYR K 246 17.26 51.81 5.74
CA TYR K 246 16.45 51.89 4.53
C TYR K 246 17.35 51.56 3.34
N LEU K 247 17.13 50.43 2.71
CA LEU K 247 17.92 50.06 1.55
C LEU K 247 17.53 50.91 0.35
N LYS K 248 18.52 51.53 -0.27
CA LYS K 248 18.25 52.33 -1.45
C LYS K 248 18.00 51.46 -2.67
N TYR K 249 18.85 50.47 -2.90
CA TYR K 249 18.80 49.68 -4.11
C TYR K 249 18.52 48.21 -3.83
N ALA K 250 19.39 47.53 -3.09
CA ALA K 250 19.24 46.10 -2.90
C ALA K 250 17.93 45.78 -2.19
N LYS K 251 17.44 44.56 -2.42
CA LYS K 251 16.23 44.11 -1.76
C LYS K 251 16.56 43.54 -0.38
N ALA K 252 15.66 43.79 0.57
CA ALA K 252 15.87 43.34 1.94
C ALA K 252 15.95 41.82 2.02
N GLU K 253 15.11 41.13 1.24
CA GLU K 253 15.10 39.68 1.30
C GLU K 253 16.45 39.08 0.88
N ASP K 254 17.03 39.61 -0.18
CA ASP K 254 18.36 39.15 -0.60
C ASP K 254 19.44 39.48 0.43
N LEU K 255 19.33 40.68 1.01
CA LEU K 255 20.34 41.23 1.90
C LEU K 255 20.30 40.53 3.24
N VAL K 256 19.11 40.24 3.76
CA VAL K 256 19.02 39.58 5.04
C VAL K 256 19.66 38.20 4.94
N GLU K 257 19.40 37.51 3.83
CA GLU K 257 19.99 36.19 3.69
C GLU K 257 21.51 36.30 3.70
N VAL K 258 22.04 37.26 2.96
CA VAL K 258 23.49 37.42 2.88
C VAL K 258 24.08 37.76 4.24
N LEU K 259 23.38 38.60 4.99
CA LEU K 259 23.92 39.19 6.22
C LEU K 259 23.84 38.22 7.39
N LYS K 260 23.13 37.11 7.23
CA LYS K 260 23.02 36.15 8.31
C LYS K 260 24.41 35.67 8.76
N GLY K 261 25.21 35.27 7.78
CA GLY K 261 26.57 34.85 8.05
C GLY K 261 27.51 35.88 8.66
N VAL K 262 27.39 37.12 8.18
CA VAL K 262 28.21 38.20 8.73
C VAL K 262 27.85 38.42 10.20
N SER K 263 26.57 38.31 10.50
CA SER K 263 26.11 38.48 11.88
C SER K 263 26.71 37.40 12.75
N GLU K 264 26.75 36.18 12.23
CA GLU K 264 27.34 35.06 12.96
C GLU K 264 28.79 34.82 12.55
N VAL K 283 22.41 39.04 17.97
CA VAL K 283 22.26 39.54 16.60
C VAL K 283 21.05 38.93 15.92
N MET K 284 20.19 39.78 15.39
CA MET K 284 19.07 39.33 14.59
C MET K 284 18.84 40.33 13.46
N ILE K 285 18.60 39.79 12.27
CA ILE K 285 18.44 40.59 11.05
C ILE K 285 17.08 40.24 10.50
N ALA K 286 16.20 41.23 10.39
CA ALA K 286 14.85 40.97 9.91
C ALA K 286 14.51 41.90 8.77
N ALA K 287 13.97 41.36 7.69
CA ALA K 287 13.69 42.13 6.49
C ALA K 287 12.24 42.58 6.51
N HIS K 288 12.02 43.89 6.49
CA HIS K 288 10.68 44.45 6.33
C HIS K 288 10.48 44.73 4.85
N ALA K 289 9.57 43.98 4.23
CA ALA K 289 9.45 43.98 2.78
C ALA K 289 8.81 45.25 2.27
N ASP K 290 7.66 45.62 2.83
CA ASP K 290 6.86 46.69 2.25
C ASP K 290 7.62 48.01 2.24
N THR K 291 8.36 48.30 3.29
CA THR K 291 9.21 49.50 3.27
C THR K 291 10.54 49.23 2.61
N ASN K 292 10.84 47.96 2.29
CA ASN K 292 12.15 47.56 1.79
C ASN K 292 13.25 48.10 2.69
N SER K 293 13.11 47.83 3.97
CA SER K 293 14.08 48.28 4.95
C SER K 293 14.34 47.13 5.89
N LEU K 294 15.59 46.95 6.28
CA LEU K 294 15.91 45.82 7.14
C LEU K 294 16.32 46.31 8.51
N VAL K 295 15.87 45.59 9.52
CA VAL K 295 16.03 45.92 10.92
C VAL K 295 17.18 45.09 11.46
N LEU K 296 18.21 45.79 11.93
CA LEU K 296 19.39 45.18 12.49
C LEU K 296 19.31 45.31 14.01
N THR K 297 19.60 44.22 14.72
CA THR K 297 19.79 44.32 16.16
C THR K 297 21.06 43.56 16.54
N ALA K 298 21.99 44.26 17.17
CA ALA K 298 23.30 43.71 17.46
C ALA K 298 24.01 44.62 18.46
N PRO K 299 25.20 44.26 18.96
CA PRO K 299 25.99 45.23 19.73
C PRO K 299 26.56 46.31 18.84
N GLN K 300 27.40 47.19 19.41
CA GLN K 300 27.85 48.35 18.66
C GLN K 300 28.83 47.98 17.54
N ASP K 301 29.83 47.16 17.85
CA ASP K 301 30.84 46.82 16.85
C ASP K 301 30.26 46.03 15.69
N ILE K 302 29.48 44.99 15.97
CA ILE K 302 28.86 44.23 14.88
C ILE K 302 27.93 45.12 14.08
N MET K 303 27.25 46.05 14.73
CA MET K 303 26.41 47.00 14.01
C MET K 303 27.24 47.81 13.03
N ASN K 304 28.35 48.38 13.50
CA ASN K 304 29.20 49.16 12.61
C ASN K 304 29.83 48.32 11.51
N ALA K 305 29.97 47.01 11.72
CA ALA K 305 30.44 46.15 10.63
C ALA K 305 29.35 45.93 9.59
N MET K 306 28.16 45.50 10.02
CA MET K 306 27.10 45.22 9.07
C MET K 306 26.62 46.47 8.34
N LEU K 307 26.77 47.65 8.93
CA LEU K 307 26.45 48.85 8.18
C LEU K 307 27.48 49.14 7.10
N GLU K 308 28.73 48.71 7.29
CA GLU K 308 29.72 48.85 6.24
C GLU K 308 29.59 47.78 5.17
N VAL K 309 29.05 46.61 5.51
CA VAL K 309 28.71 45.64 4.48
C VAL K 309 27.52 46.11 3.67
N ILE K 310 26.42 46.47 4.35
CA ILE K 310 25.24 46.96 3.67
C ILE K 310 25.57 48.18 2.82
N GLY K 311 26.43 49.06 3.32
CA GLY K 311 26.82 50.20 2.53
C GLY K 311 27.43 49.83 1.20
N GLN K 312 28.17 48.72 1.15
CA GLN K 312 28.84 48.32 -0.08
C GLN K 312 28.04 47.32 -0.91
N LEU K 313 26.98 46.74 -0.38
CA LEU K 313 26.09 45.90 -1.17
C LEU K 313 24.88 46.65 -1.70
N ASP K 314 24.75 47.91 -1.35
CA ASP K 314 23.62 48.74 -1.72
C ASP K 314 23.88 49.54 -2.99
N ILE K 315 24.99 49.28 -3.67
CA ILE K 315 25.40 50.15 -4.78
C ILE K 315 24.42 50.06 -5.94
N ARG K 316 24.46 51.09 -6.79
CA ARG K 316 23.64 51.14 -7.99
C ARG K 316 24.13 50.11 -9.01
N ARG K 317 23.19 49.57 -9.78
CA ARG K 317 23.49 48.59 -10.80
C ARG K 317 23.42 49.25 -12.17
N ALA K 318 24.51 49.15 -12.93
CA ALA K 318 24.47 49.62 -14.31
C ALA K 318 23.55 48.72 -15.11
N GLN K 319 23.09 49.22 -16.26
CA GLN K 319 22.13 48.46 -17.03
C GLN K 319 22.52 48.46 -18.51
N VAL K 320 22.50 47.28 -19.10
CA VAL K 320 23.01 47.03 -20.44
C VAL K 320 21.85 47.07 -21.43
N LEU K 321 22.09 47.62 -22.60
CA LEU K 321 21.17 47.56 -23.72
C LEU K 321 21.72 46.54 -24.71
N ILE K 322 21.07 45.39 -24.80
CA ILE K 322 21.51 44.29 -25.66
C ILE K 322 20.78 44.42 -26.98
N GLU K 323 21.51 44.71 -28.05
CA GLU K 323 20.91 44.82 -29.37
C GLU K 323 21.47 43.72 -30.25
N ALA K 324 20.68 42.69 -30.51
CA ALA K 324 21.07 41.66 -31.44
C ALA K 324 20.86 42.13 -32.87
N LEU K 325 21.56 41.50 -33.80
CA LEU K 325 21.35 41.74 -35.22
C LEU K 325 21.37 40.40 -35.93
N ILE K 326 20.29 40.08 -36.64
CA ILE K 326 20.15 38.80 -37.32
C ILE K 326 20.05 39.07 -38.80
N VAL K 327 20.92 38.46 -39.58
CA VAL K 327 20.93 38.65 -41.02
C VAL K 327 20.78 37.30 -41.68
N GLU K 328 19.73 37.14 -42.48
CA GLU K 328 19.48 35.88 -43.18
C GLU K 328 19.29 36.23 -44.65
N MET K 329 20.23 35.82 -45.48
CA MET K 329 20.19 36.10 -46.91
C MET K 329 20.13 34.78 -47.65
N ALA K 330 19.01 34.51 -48.30
CA ALA K 330 18.88 33.30 -49.08
C ALA K 330 18.88 33.68 -50.55
N GLU K 331 19.30 32.75 -51.38
CA GLU K 331 19.22 32.95 -52.81
C GLU K 331 19.06 31.58 -53.45
N GLY K 332 18.35 31.52 -54.54
CA GLY K 332 18.11 30.24 -55.18
C GLY K 332 17.96 30.44 -56.67
N ASP K 333 18.23 29.37 -57.39
CA ASP K 333 18.10 29.40 -58.83
C ASP K 333 17.93 27.97 -59.31
N GLY K 334 17.36 27.82 -60.48
CA GLY K 334 17.32 26.52 -61.11
C GLY K 334 16.85 26.64 -62.53
N ILE K 335 17.28 25.73 -63.38
CA ILE K 335 16.83 25.71 -64.77
C ILE K 335 16.53 24.27 -65.10
N ASN K 336 15.28 24.00 -65.46
CA ASN K 336 14.82 22.66 -65.74
C ASN K 336 14.29 22.68 -67.17
N LEU K 337 15.00 22.02 -68.09
CA LEU K 337 14.52 21.99 -69.46
C LEU K 337 14.81 20.65 -70.08
N GLY K 338 13.86 20.16 -70.86
CA GLY K 338 14.01 18.89 -71.54
C GLY K 338 12.84 18.65 -72.46
N VAL K 339 13.08 17.78 -73.44
CA VAL K 339 12.11 17.45 -74.46
C VAL K 339 11.69 16.01 -74.27
N GLN K 340 10.39 15.76 -74.31
CA GLN K 340 9.83 14.43 -74.20
C GLN K 340 9.12 14.09 -75.50
N TRP K 341 8.93 12.81 -75.76
CA TRP K 341 8.31 12.37 -76.99
C TRP K 341 7.24 11.34 -76.68
N GLY K 342 6.28 11.21 -77.59
CA GLY K 342 5.33 10.14 -77.43
C GLY K 342 4.50 9.86 -78.66
N SER K 343 4.08 8.60 -78.78
CA SER K 343 3.13 8.18 -79.80
C SER K 343 2.15 7.24 -79.10
N LEU K 344 0.89 7.62 -79.07
CA LEU K 344 -0.08 6.86 -78.29
C LEU K 344 -0.80 5.82 -79.13
N GLU K 345 -0.61 5.82 -80.46
CA GLU K 345 -1.22 4.80 -81.30
C GLU K 345 -0.62 3.42 -81.00
N SER K 346 0.70 3.31 -81.06
CA SER K 346 1.43 2.20 -80.48
C SER K 346 2.27 2.82 -79.36
N GLY K 347 1.88 2.60 -78.12
CA GLY K 347 2.38 3.47 -77.08
C GLY K 347 3.88 3.38 -76.97
N SER K 348 4.55 4.45 -77.32
CA SER K 348 6.00 4.53 -77.25
C SER K 348 6.35 5.93 -76.80
N VAL K 349 7.05 6.05 -75.68
CA VAL K 349 7.32 7.35 -75.10
C VAL K 349 8.80 7.48 -74.84
N ILE K 350 9.30 8.69 -74.96
CA ILE K 350 10.54 9.10 -74.32
C ILE K 350 10.12 10.03 -73.20
N GLN K 351 10.22 9.55 -71.97
CA GLN K 351 9.54 10.12 -70.83
C GLN K 351 10.53 10.35 -69.70
N TYR K 352 10.30 11.42 -68.93
CA TYR K 352 11.26 11.84 -67.93
C TYR K 352 10.53 12.27 -66.66
N GLY K 353 11.18 12.02 -65.52
CA GLY K 353 10.61 12.40 -64.23
C GLY K 353 11.14 13.72 -63.71
N ASN K 354 12.27 14.18 -64.27
CA ASN K 354 12.78 15.50 -63.90
C ASN K 354 11.77 16.59 -64.19
N THR K 355 11.01 16.43 -65.27
CA THR K 355 10.11 17.46 -65.75
C THR K 355 8.88 17.57 -64.86
N GLY K 356 8.19 18.69 -64.99
CA GLY K 356 6.96 18.91 -64.25
C GLY K 356 5.91 17.84 -64.48
N ALA K 357 5.56 17.58 -65.74
CA ALA K 357 4.60 16.55 -66.07
C ALA K 357 5.12 15.71 -67.23
N SER K 358 4.77 14.44 -67.21
CA SER K 358 5.28 13.46 -68.14
C SER K 358 4.33 13.30 -69.32
N ILE K 359 4.92 13.06 -70.50
CA ILE K 359 4.17 12.99 -71.74
C ILE K 359 3.02 12.00 -71.68
N GLY K 360 3.14 10.96 -70.86
CA GLY K 360 2.08 9.97 -70.79
C GLY K 360 0.78 10.54 -70.29
N ASN K 361 0.80 11.14 -69.08
CA ASN K 361 -0.40 11.73 -68.53
C ASN K 361 -0.93 12.87 -69.40
N VAL K 362 -0.07 13.57 -70.11
CA VAL K 362 -0.52 14.67 -70.95
C VAL K 362 -1.28 14.14 -72.15
N MET K 363 -0.71 13.16 -72.86
CA MET K 363 -1.42 12.62 -74.02
C MET K 363 -2.70 11.90 -73.60
N ILE K 364 -2.65 11.11 -72.53
CA ILE K 364 -3.86 10.47 -72.04
C ILE K 364 -4.92 11.50 -71.70
N GLY K 365 -4.52 12.57 -71.01
CA GLY K 365 -5.47 13.62 -70.69
C GLY K 365 -6.07 14.26 -71.91
N LEU K 366 -5.25 14.54 -72.93
CA LEU K 366 -5.77 15.14 -74.15
C LEU K 366 -6.74 14.21 -74.86
N GLU K 367 -6.51 12.90 -74.81
CA GLU K 367 -7.47 11.99 -75.44
C GLU K 367 -8.76 11.92 -74.65
N GLU K 368 -8.67 11.90 -73.32
CA GLU K 368 -9.88 11.92 -72.52
C GLU K 368 -10.67 13.20 -72.71
N ALA K 369 -9.98 14.30 -73.03
CA ALA K 369 -10.67 15.57 -73.23
C ALA K 369 -11.41 15.64 -74.56
N LYS K 370 -11.04 14.82 -75.53
CA LYS K 370 -11.71 14.87 -76.82
C LYS K 370 -13.17 14.44 -76.70
N ASP K 371 -13.98 14.89 -77.65
CA ASP K 371 -15.39 14.54 -77.66
C ASP K 371 -15.57 13.15 -78.25
N THR K 372 -16.13 12.25 -77.46
CA THR K 372 -16.33 10.86 -77.87
C THR K 372 -17.73 10.67 -78.40
N THR K 373 -17.86 9.80 -79.41
CA THR K 373 -19.15 9.47 -79.99
C THR K 373 -19.35 7.97 -79.90
N GLN K 374 -20.57 7.56 -79.56
CA GLN K 374 -20.92 6.15 -79.36
C GLN K 374 -22.08 5.81 -80.27
N THR K 375 -21.85 4.90 -81.21
CA THR K 375 -22.80 4.62 -82.27
C THR K 375 -23.39 3.21 -82.11
N LYS K 376 -24.71 3.13 -82.23
CA LYS K 376 -25.41 1.85 -82.30
C LYS K 376 -26.21 1.83 -83.59
N ALA K 377 -25.85 0.96 -84.51
CA ALA K 377 -26.51 0.88 -85.81
C ALA K 377 -27.62 -0.17 -85.79
N VAL K 378 -28.31 -0.31 -86.92
CA VAL K 378 -29.33 -1.34 -87.09
C VAL K 378 -29.22 -1.96 -88.47
N ASN K 388 -30.95 3.87 -86.36
CA ASN K 388 -29.52 4.08 -86.52
C ASN K 388 -29.05 5.15 -85.53
N GLU K 389 -29.02 4.78 -84.26
CA GLU K 389 -28.69 5.73 -83.19
C GLU K 389 -27.20 6.07 -83.21
N THR K 390 -26.89 7.36 -83.07
CA THR K 390 -25.52 7.82 -82.87
C THR K 390 -25.54 8.90 -81.80
N THR K 391 -24.86 8.67 -80.69
CA THR K 391 -24.81 9.66 -79.63
C THR K 391 -23.43 10.32 -79.60
N THR K 392 -23.40 11.59 -79.20
CA THR K 392 -22.17 12.31 -79.00
C THR K 392 -22.11 12.83 -77.57
N THR K 393 -20.90 12.88 -77.03
CA THR K 393 -20.69 13.24 -75.63
C THR K 393 -19.33 13.91 -75.51
N LYS K 394 -19.24 14.91 -74.64
CA LYS K 394 -17.98 15.60 -74.41
C LYS K 394 -17.24 14.96 -73.25
N GLY K 395 -15.92 14.83 -73.40
CA GLY K 395 -15.14 14.17 -72.39
C GLY K 395 -14.68 15.11 -71.29
N ASP K 396 -14.35 14.52 -70.15
CA ASP K 396 -13.92 15.29 -69.00
C ASP K 396 -12.48 15.74 -69.14
N TYR K 397 -12.16 16.86 -68.50
CA TYR K 397 -10.80 17.38 -68.46
C TYR K 397 -10.06 16.98 -67.19
N THR K 398 -10.68 16.22 -66.30
CA THR K 398 -10.11 15.99 -64.99
C THR K 398 -8.75 15.31 -65.04
N LYS K 399 -8.51 14.44 -66.02
CA LYS K 399 -7.18 13.86 -66.14
C LYS K 399 -6.18 14.87 -66.69
N LEU K 400 -6.58 15.62 -67.71
CA LEU K 400 -5.72 16.68 -68.22
C LEU K 400 -5.49 17.75 -67.16
N ALA K 401 -6.54 18.13 -66.43
CA ALA K 401 -6.36 19.08 -65.35
C ALA K 401 -5.42 18.54 -64.29
N SER K 402 -5.49 17.24 -64.01
CA SER K 402 -4.57 16.65 -63.05
C SER K 402 -3.14 16.63 -63.57
N ALA K 403 -2.97 16.55 -64.89
CA ALA K 403 -1.62 16.52 -65.45
C ALA K 403 -1.00 17.92 -65.50
N LEU K 404 -1.80 18.94 -65.80
CA LEU K 404 -1.28 20.29 -65.94
C LEU K 404 -1.09 21.00 -64.61
N SER K 405 -1.74 20.54 -63.55
CA SER K 405 -1.71 21.28 -62.29
C SER K 405 -0.30 21.42 -61.74
N SER K 406 0.58 20.48 -62.07
CA SER K 406 1.94 20.47 -61.53
C SER K 406 2.94 21.21 -62.40
N ILE K 407 2.52 21.70 -63.57
CA ILE K 407 3.45 22.39 -64.45
C ILE K 407 3.81 23.74 -63.84
N GLN K 408 5.09 23.95 -63.61
CA GLN K 408 5.67 25.27 -63.36
C GLN K 408 6.62 25.50 -64.52
N GLY K 409 6.23 26.30 -65.50
CA GLY K 409 7.15 26.54 -66.57
C GLY K 409 6.45 26.59 -67.90
N ALA K 410 7.23 26.44 -68.96
CA ALA K 410 6.70 26.30 -70.29
C ALA K 410 6.62 24.83 -70.68
N ALA K 411 5.40 24.33 -70.83
CA ALA K 411 5.15 22.99 -71.38
C ALA K 411 4.41 23.16 -72.69
N VAL K 412 5.06 22.86 -73.79
CA VAL K 412 4.55 23.14 -75.13
C VAL K 412 4.55 21.85 -75.94
N SER K 413 3.38 21.46 -76.42
CA SER K 413 3.23 20.22 -77.17
C SER K 413 3.26 20.55 -78.66
N ILE K 414 4.29 20.08 -79.34
CA ILE K 414 4.42 20.22 -80.79
C ILE K 414 4.06 18.87 -81.40
N ALA K 415 2.91 18.80 -82.07
CA ALA K 415 2.44 17.56 -82.66
C ALA K 415 2.92 17.48 -84.10
N MET K 416 3.74 16.47 -84.40
CA MET K 416 4.25 16.25 -85.75
C MET K 416 4.11 14.78 -86.09
N GLY K 417 3.29 14.48 -87.11
CA GLY K 417 3.11 13.13 -87.59
C GLY K 417 2.78 12.13 -86.49
N ASP K 418 1.78 12.46 -85.67
CA ASP K 418 1.24 11.69 -84.54
C ASP K 418 2.27 11.50 -83.43
N TRP K 419 3.50 11.96 -83.65
CA TRP K 419 4.50 12.04 -82.60
C TRP K 419 4.42 13.42 -81.98
N THR K 420 3.99 13.49 -80.72
CA THR K 420 3.82 14.75 -80.02
C THR K 420 5.02 14.95 -79.10
N ALA K 421 5.87 15.92 -79.44
CA ALA K 421 7.02 16.24 -78.62
C ALA K 421 6.64 17.34 -77.63
N LEU K 422 6.75 17.04 -76.36
CA LEU K 422 6.42 17.99 -75.30
C LEU K 422 7.70 18.60 -74.78
N ILE K 423 7.93 19.86 -75.10
CA ILE K 423 9.08 20.60 -74.61
C ILE K 423 8.70 21.22 -73.29
N ASN K 424 9.61 21.23 -72.32
CA ASN K 424 9.33 21.97 -71.10
C ASN K 424 10.59 22.61 -70.60
N ALA K 425 10.49 23.88 -70.22
CA ALA K 425 11.65 24.61 -69.78
C ALA K 425 11.21 25.67 -68.80
N VAL K 426 12.01 25.90 -67.76
CA VAL K 426 11.70 26.94 -66.78
C VAL K 426 13.00 27.34 -66.10
N SER K 427 13.05 28.59 -65.64
CA SER K 427 14.14 29.08 -64.80
C SER K 427 13.52 29.74 -63.59
N ASN K 428 13.68 29.13 -62.43
CA ASN K 428 13.15 29.66 -61.18
C ASN K 428 14.27 30.38 -60.46
N ASP K 429 14.15 31.69 -60.34
CA ASP K 429 15.13 32.52 -59.67
C ASP K 429 14.48 33.11 -58.42
N SER K 430 14.99 32.73 -57.26
CA SER K 430 14.44 33.17 -56.00
C SER K 430 15.49 33.92 -55.21
N SER K 431 15.02 34.74 -54.28
CA SER K 431 15.91 35.49 -53.41
C SER K 431 15.17 35.81 -52.12
N SER K 432 15.93 36.03 -51.06
CA SER K 432 15.38 36.43 -49.78
C SER K 432 16.42 37.25 -49.04
N ASN K 433 15.95 38.28 -48.36
CA ASN K 433 16.83 39.12 -47.58
C ASN K 433 16.09 39.51 -46.32
N ILE K 434 16.68 39.26 -45.15
CA ILE K 434 15.98 39.45 -43.88
C ILE K 434 16.93 40.05 -42.87
N LEU K 435 16.54 41.16 -42.26
CA LEU K 435 17.23 41.68 -41.10
C LEU K 435 16.19 41.85 -40.03
N SER K 436 16.37 41.26 -38.87
CA SER K 436 15.57 41.58 -37.71
C SER K 436 16.57 41.72 -36.60
N SER K 437 16.54 42.78 -35.80
CA SER K 437 17.41 42.84 -34.63
C SER K 437 16.56 43.15 -33.42
N PRO K 438 16.54 42.30 -32.41
CA PRO K 438 15.78 42.59 -31.19
C PRO K 438 16.76 43.06 -30.14
N SER K 439 16.46 44.18 -29.48
CA SER K 439 17.23 44.69 -28.35
C SER K 439 16.41 44.65 -27.06
N ILE K 440 16.99 44.05 -26.03
CA ILE K 440 16.38 44.01 -24.70
C ILE K 440 17.31 44.78 -23.76
N THR K 441 16.73 45.66 -22.96
CA THR K 441 17.45 46.46 -21.97
C THR K 441 17.23 45.85 -20.59
N VAL K 442 18.34 45.60 -19.90
CA VAL K 442 18.44 44.70 -18.75
C VAL K 442 19.19 45.40 -17.65
N MET K 443 18.85 45.10 -16.41
CA MET K 443 19.71 45.47 -15.31
C MET K 443 20.87 44.50 -15.28
N ASP K 444 22.04 44.98 -14.90
CA ASP K 444 23.20 44.11 -14.77
C ASP K 444 22.89 42.92 -13.88
N ASN K 445 23.42 41.76 -14.26
CA ASN K 445 23.24 40.51 -13.52
C ASN K 445 21.79 40.04 -13.52
N GLY K 446 20.90 40.83 -14.05
CA GLY K 446 19.53 40.40 -14.22
C GLY K 446 19.30 39.78 -15.58
N GLU K 447 18.30 38.93 -15.66
CA GLU K 447 17.99 38.20 -16.87
C GLU K 447 16.76 38.80 -17.54
N ALA K 448 16.73 38.75 -18.86
CA ALA K 448 15.57 39.24 -19.58
C ALA K 448 15.21 38.29 -20.71
N SER K 449 13.91 38.09 -20.87
CA SER K 449 13.37 37.38 -22.01
C SER K 449 12.74 38.39 -22.95
N PHE K 450 12.81 38.10 -24.24
CA PHE K 450 12.19 38.92 -25.26
C PHE K 450 11.61 37.97 -26.30
N ILE K 451 10.32 38.09 -26.56
CA ILE K 451 9.70 37.26 -27.57
C ILE K 451 8.85 38.07 -28.52
N VAL K 452 9.10 37.91 -29.81
CA VAL K 452 8.17 38.38 -30.82
C VAL K 452 7.80 37.14 -31.61
N ALA K 453 6.53 36.77 -31.56
CA ALA K 453 6.07 35.58 -32.25
C ALA K 453 4.58 35.60 -32.54
N GLU K 454 4.19 34.80 -33.53
CA GLU K 454 2.80 34.52 -33.81
C GLU K 454 2.64 33.02 -33.80
N GLU K 455 1.63 32.50 -33.11
CA GLU K 455 1.46 31.07 -33.01
C GLU K 455 0.41 30.54 -33.97
N VAL K 456 0.86 29.76 -34.95
CA VAL K 456 -0.02 29.07 -35.87
C VAL K 456 -0.55 27.80 -35.22
N PRO K 457 -1.66 27.26 -35.73
CA PRO K 457 -2.21 26.02 -35.16
C PRO K 457 -1.38 24.81 -35.58
N VAL K 458 -1.21 23.86 -34.67
CA VAL K 458 -0.45 22.65 -34.97
C VAL K 458 -1.26 21.39 -34.69
N ILE K 459 -1.22 20.43 -35.60
CA ILE K 459 -1.93 19.17 -35.43
C ILE K 459 -0.93 18.03 -35.28
N THR K 460 -0.91 17.43 -34.09
CA THR K 460 -0.03 16.31 -33.81
C THR K 460 -0.82 15.00 -33.84
N GLY K 461 -2.02 15.05 -34.40
CA GLY K 461 -2.86 13.87 -34.49
C GLY K 461 -3.48 13.70 -35.87
N PHE K 472 -11.18 15.30 -38.46
CA PHE K 472 -11.03 15.72 -37.07
C PHE K 472 -9.60 15.51 -36.60
N GLN K 473 -8.78 16.55 -36.75
CA GLN K 473 -7.38 16.49 -36.33
C GLN K 473 -7.07 17.50 -35.24
N THR K 474 -6.43 17.05 -34.18
CA THR K 474 -6.08 17.92 -33.05
C THR K 474 -5.04 18.96 -33.44
N VAL K 475 -5.17 20.14 -32.85
CA VAL K 475 -4.24 21.25 -33.10
C VAL K 475 -3.56 21.75 -31.84
N ASP K 476 -2.24 21.90 -31.90
CA ASP K 476 -1.47 22.40 -30.77
C ASP K 476 -0.75 23.70 -31.15
N ARG K 477 -0.86 24.70 -30.28
CA ARG K 477 -0.26 26.01 -30.55
C ARG K 477 1.18 25.98 -30.06
N LYS K 478 2.07 26.42 -30.96
CA LYS K 478 3.48 26.63 -30.69
C LYS K 478 3.82 27.98 -31.31
N GLU K 479 4.85 28.64 -30.82
CA GLU K 479 5.16 30.00 -31.26
C GLU K 479 6.42 30.11 -32.12
N VAL K 480 6.28 30.77 -33.26
CA VAL K 480 7.41 31.04 -34.14
C VAL K 480 7.63 32.55 -34.21
N GLY K 481 8.87 32.97 -34.03
CA GLY K 481 9.19 34.37 -33.91
C GLY K 481 10.62 34.53 -33.43
N ILE K 482 11.00 35.74 -33.06
CA ILE K 482 12.34 35.97 -32.55
C ILE K 482 12.31 36.08 -31.04
N LYS K 483 13.09 35.24 -30.38
CA LYS K 483 13.21 35.29 -28.93
C LYS K 483 14.67 35.38 -28.52
N LEU K 484 14.92 36.25 -27.56
CA LEU K 484 16.26 36.55 -27.08
C LEU K 484 16.21 36.52 -25.57
N LYS K 485 16.93 35.60 -24.95
CA LYS K 485 17.00 35.51 -23.50
C LYS K 485 18.44 35.72 -23.07
N VAL K 486 18.71 36.82 -22.38
CA VAL K 486 20.08 37.22 -22.14
C VAL K 486 20.27 37.49 -20.65
N VAL K 487 21.45 37.16 -20.14
CA VAL K 487 21.78 37.36 -18.73
C VAL K 487 23.15 38.03 -18.63
N PRO K 488 23.24 39.35 -18.77
CA PRO K 488 24.56 39.99 -18.78
C PRO K 488 25.10 40.14 -17.38
N GLN K 489 26.43 40.17 -17.28
CA GLN K 489 27.09 40.72 -16.12
C GLN K 489 28.25 41.56 -16.61
N ILE K 490 28.51 42.66 -15.92
CA ILE K 490 29.42 43.68 -16.42
C ILE K 490 30.73 43.56 -15.67
N ASN K 491 31.81 43.31 -16.41
CA ASN K 491 33.13 43.65 -15.93
C ASN K 491 33.11 45.09 -15.44
N GLU K 492 33.76 45.34 -14.31
CA GLU K 492 33.53 46.60 -13.59
C GLU K 492 33.78 47.83 -14.45
N GLY K 493 34.34 47.67 -15.65
CA GLY K 493 34.22 48.68 -16.67
C GLY K 493 34.28 48.03 -18.02
N ASN K 494 33.69 48.69 -19.02
CA ASN K 494 33.68 48.19 -20.39
C ASN K 494 33.09 46.79 -20.51
N SER K 495 33.90 45.79 -20.86
CA SER K 495 33.40 44.54 -21.41
C SER K 495 32.24 43.95 -20.62
N VAL K 496 31.26 43.45 -21.35
CA VAL K 496 30.06 42.81 -20.82
C VAL K 496 30.14 41.32 -21.17
N GLN K 497 29.86 40.48 -20.19
CA GLN K 497 29.73 39.05 -20.42
C GLN K 497 28.26 38.70 -20.59
N LEU K 498 27.98 37.88 -21.59
CA LEU K 498 26.61 37.56 -21.98
C LEU K 498 26.43 36.05 -22.01
N ASN K 499 25.49 35.57 -21.21
CA ASN K 499 24.94 34.24 -21.39
C ASN K 499 23.68 34.43 -22.21
N ILE K 500 23.68 33.96 -23.45
CA ILE K 500 22.66 34.33 -24.41
C ILE K 500 22.05 33.07 -25.01
N GLU K 501 20.72 33.09 -25.14
CA GLU K 501 19.99 32.02 -25.81
C GLU K 501 19.11 32.72 -26.85
N GLN K 502 19.39 32.50 -28.12
CA GLN K 502 18.74 33.25 -29.17
C GLN K 502 18.12 32.32 -30.17
N GLU K 503 16.84 32.50 -30.46
CA GLU K 503 16.11 31.63 -31.34
C GLU K 503 15.30 32.44 -32.33
N VAL K 504 15.22 31.98 -33.57
CA VAL K 504 14.45 32.68 -34.58
C VAL K 504 13.37 31.76 -35.12
N SER K 505 12.13 32.25 -35.17
CA SER K 505 11.04 31.44 -35.67
C SER K 505 10.61 31.90 -37.06
N ASN K 506 10.74 31.01 -38.02
CA ASN K 506 10.29 31.28 -39.38
C ASN K 506 9.37 30.17 -39.85
N VAL K 507 8.24 30.54 -40.44
CA VAL K 507 7.27 29.54 -40.87
C VAL K 507 6.72 29.78 -42.27
N LEU K 508 6.68 28.73 -43.08
CA LEU K 508 6.17 28.81 -44.43
C LEU K 508 4.65 28.62 -44.47
N ASP K 515 0.07 20.56 -41.30
CA ASP K 515 1.04 20.27 -42.34
C ASP K 515 1.81 21.51 -42.75
N VAL K 516 2.30 22.26 -41.76
CA VAL K 516 3.05 23.48 -42.01
C VAL K 516 4.49 23.32 -41.53
N ARG K 517 5.44 23.68 -42.40
CA ARG K 517 6.85 23.58 -42.05
C ARG K 517 7.47 24.95 -41.80
N PHE K 518 8.11 25.10 -40.65
CA PHE K 518 8.75 26.35 -40.28
C PHE K 518 10.18 26.09 -39.83
N ALA K 519 11.07 27.03 -40.14
CA ALA K 519 12.48 26.87 -39.80
C ALA K 519 12.85 27.65 -38.56
N LYS K 520 13.52 26.98 -37.63
CA LYS K 520 13.98 27.61 -36.40
C LYS K 520 15.48 27.38 -36.24
N ARG K 521 16.24 28.47 -36.20
CA ARG K 521 17.69 28.37 -36.08
C ARG K 521 18.16 29.13 -34.85
N GLN K 522 18.42 28.40 -33.77
CA GLN K 522 18.82 29.03 -32.53
C GLN K 522 20.27 28.75 -32.26
N LEU K 523 20.89 29.66 -31.53
CA LEU K 523 22.21 29.44 -30.96
C LEU K 523 22.19 30.02 -29.56
N ASN K 524 22.67 29.24 -28.60
CA ASN K 524 22.76 29.67 -27.22
C ASN K 524 24.18 29.43 -26.74
N THR K 525 24.88 30.51 -26.44
CA THR K 525 26.30 30.48 -26.18
C THR K 525 26.59 31.47 -25.07
N SER K 526 27.89 31.65 -24.79
CA SER K 526 28.35 32.61 -23.80
C SER K 526 29.50 33.38 -24.41
N VAL K 527 29.35 34.69 -24.54
CA VAL K 527 30.38 35.49 -25.19
C VAL K 527 30.75 36.63 -24.27
N MET K 528 31.88 37.26 -24.59
CA MET K 528 32.33 38.44 -23.85
C MET K 528 32.60 39.54 -24.86
N VAL K 529 31.82 40.60 -24.82
CA VAL K 529 31.82 41.63 -25.84
C VAL K 529 32.31 42.93 -25.21
N GLN K 530 33.06 43.72 -25.95
CA GLN K 530 33.42 45.02 -25.45
C GLN K 530 32.18 45.90 -25.34
N ASP K 531 32.32 46.99 -24.59
CA ASP K 531 31.20 47.87 -24.26
C ASP K 531 30.33 48.22 -25.46
N GLY K 532 30.85 49.04 -26.37
CA GLY K 532 30.06 49.50 -27.49
C GLY K 532 30.37 48.87 -28.83
N GLN K 533 31.03 47.72 -28.86
CA GLN K 533 31.45 47.12 -30.11
C GLN K 533 30.64 45.87 -30.41
N MET K 534 30.46 45.62 -31.69
CA MET K 534 29.67 44.48 -32.16
C MET K 534 30.52 43.23 -32.19
N LEU K 535 29.91 42.09 -31.90
CA LEU K 535 30.59 40.82 -31.95
C LEU K 535 29.67 39.77 -32.57
N VAL K 536 30.25 38.87 -33.36
CA VAL K 536 29.49 37.91 -34.14
C VAL K 536 29.34 36.64 -33.31
N LEU K 537 28.12 36.35 -32.87
CA LEU K 537 27.87 35.08 -32.19
C LEU K 537 27.96 33.93 -33.16
N GLY K 538 27.21 33.98 -34.24
CA GLY K 538 27.04 32.76 -34.99
C GLY K 538 26.83 33.02 -36.46
N GLY K 539 26.70 31.93 -37.20
CA GLY K 539 26.49 32.04 -38.62
C GLY K 539 26.41 30.69 -39.27
N LEU K 540 25.97 30.70 -40.51
CA LEU K 540 25.96 29.52 -41.36
C LEU K 540 26.16 30.03 -42.77
N ILE K 541 26.96 29.34 -43.56
CA ILE K 541 27.11 29.65 -44.97
C ILE K 541 26.92 28.35 -45.74
N ASP K 542 25.82 28.26 -46.47
CA ASP K 542 25.45 27.00 -47.08
C ASP K 542 25.36 27.20 -48.58
N GLU K 543 25.87 26.25 -49.34
CA GLU K 543 25.84 26.33 -50.79
C GLU K 543 25.52 24.96 -51.33
N ARG K 544 24.71 24.91 -52.38
CA ARG K 544 24.31 23.65 -52.96
C ARG K 544 24.24 23.78 -54.47
N ALA K 545 24.68 22.74 -55.17
CA ALA K 545 24.43 22.61 -56.59
C ALA K 545 23.98 21.19 -56.86
N LEU K 546 22.75 21.04 -57.30
CA LEU K 546 22.21 19.73 -57.64
C LEU K 546 21.92 19.69 -59.13
N GLU K 547 22.71 18.92 -59.87
CA GLU K 547 22.48 18.73 -61.28
C GLU K 547 21.92 17.34 -61.48
N SER K 548 21.05 17.20 -62.48
CA SER K 548 20.44 15.92 -62.82
C SER K 548 20.21 15.91 -64.31
N GLU K 549 20.20 14.73 -64.91
CA GLU K 549 20.05 14.60 -66.34
C GLU K 549 19.48 13.24 -66.67
N SER K 550 18.86 13.13 -67.83
CA SER K 550 18.42 11.87 -68.37
C SER K 550 18.52 11.94 -69.89
N LYS K 551 18.85 10.83 -70.51
CA LYS K 551 18.94 10.79 -71.96
C LYS K 551 18.84 9.35 -72.42
N VAL K 552 18.88 9.16 -73.72
CA VAL K 552 18.54 7.88 -74.33
C VAL K 552 19.47 6.68 -74.07
N PRO K 553 20.79 6.84 -73.92
CA PRO K 553 21.88 7.81 -73.99
C PRO K 553 22.39 8.24 -75.36
N LEU K 554 22.48 7.31 -76.31
CA LEU K 554 23.36 7.52 -77.45
C LEU K 554 22.95 8.75 -78.26
N LEU K 555 21.65 8.92 -78.48
CA LEU K 555 21.18 10.06 -79.26
C LEU K 555 21.40 11.36 -78.51
N GLY K 556 21.32 11.33 -77.19
CA GLY K 556 21.49 12.55 -76.42
C GLY K 556 22.94 13.02 -76.39
N ASP K 557 23.84 12.22 -76.95
CA ASP K 557 25.26 12.60 -76.97
C ASP K 557 25.56 13.56 -78.12
N ILE K 558 24.83 13.44 -79.23
CA ILE K 558 25.07 14.29 -80.40
C ILE K 558 25.01 15.76 -79.99
N PRO K 559 25.95 16.60 -80.42
CA PRO K 559 25.95 18.00 -79.98
C PRO K 559 24.74 18.80 -80.45
N LEU K 560 24.36 18.66 -81.72
CA LEU K 560 23.31 19.53 -82.24
C LEU K 560 21.93 19.04 -81.83
N LEU K 561 21.64 17.76 -82.04
CA LEU K 561 20.32 17.21 -81.76
C LEU K 561 20.19 16.57 -80.39
N GLY K 562 21.25 16.60 -79.60
CA GLY K 562 21.20 15.94 -78.31
C GLY K 562 20.18 16.57 -77.38
N GLN K 563 19.95 17.87 -77.51
CA GLN K 563 19.05 18.55 -76.59
C GLN K 563 17.61 18.09 -76.80
N LEU K 564 17.34 17.38 -77.90
CA LEU K 564 16.00 16.87 -78.12
C LEU K 564 15.71 15.66 -77.25
N PHE K 565 16.73 14.85 -76.98
CA PHE K 565 16.54 13.63 -76.22
C PHE K 565 16.95 13.73 -74.76
N ARG K 566 17.39 14.89 -74.29
CA ARG K 566 17.84 15.05 -72.93
C ARG K 566 16.81 15.79 -72.08
N SER K 567 16.77 15.46 -70.80
CA SER K 567 16.05 16.23 -69.81
C SER K 567 17.03 16.60 -68.70
N THR K 568 17.30 17.88 -68.55
CA THR K 568 18.28 18.37 -67.60
C THR K 568 17.57 19.18 -66.53
N SER K 569 17.89 18.93 -65.27
CA SER K 569 17.35 19.70 -64.15
C SER K 569 18.51 20.17 -63.30
N SER K 570 18.77 21.47 -63.29
CA SER K 570 19.87 22.02 -62.53
C SER K 570 19.33 22.96 -61.46
N GLN K 571 20.02 23.01 -60.32
CA GLN K 571 19.58 23.85 -59.22
C GLN K 571 20.78 24.32 -58.42
N VAL K 572 20.73 25.57 -57.97
CA VAL K 572 21.79 26.16 -57.16
C VAL K 572 21.13 26.91 -56.01
N GLU K 573 21.42 26.49 -54.79
CA GLU K 573 20.89 27.16 -53.61
C GLU K 573 22.03 27.77 -52.82
N LYS K 574 21.72 28.83 -52.10
CA LYS K 574 22.73 29.51 -51.30
C LYS K 574 22.05 30.17 -50.12
N LYS K 575 22.74 30.20 -48.99
CA LYS K 575 22.14 30.73 -47.77
C LYS K 575 23.22 31.28 -46.87
N ASN K 576 22.89 32.34 -46.14
CA ASN K 576 23.80 33.00 -45.23
C ASN K 576 23.05 33.41 -43.98
N LEU K 577 23.64 33.16 -42.83
CA LEU K 577 23.11 33.60 -41.56
C LEU K 577 24.24 34.16 -40.74
N MET K 578 24.12 35.40 -40.31
CA MET K 578 25.02 35.89 -39.27
C MET K 578 24.18 36.39 -38.13
N VAL K 579 24.65 36.15 -36.92
CA VAL K 579 24.03 36.66 -35.71
C VAL K 579 25.09 37.42 -34.96
N PHE K 580 24.89 38.73 -34.83
CA PHE K 580 25.78 39.68 -34.18
C PHE K 580 25.11 40.18 -32.91
N ILE K 581 25.90 40.71 -31.98
CA ILE K 581 25.32 41.33 -30.80
C ILE K 581 26.13 42.57 -30.45
N LYS K 582 25.44 43.66 -30.16
CA LYS K 582 26.06 44.87 -29.63
C LYS K 582 25.46 45.21 -28.29
N PRO K 583 26.19 45.06 -27.20
CA PRO K 583 25.77 45.64 -25.92
C PRO K 583 26.09 47.13 -25.89
N THR K 584 25.44 47.82 -24.97
CA THR K 584 25.82 49.19 -24.63
C THR K 584 25.59 49.39 -23.16
N ILE K 585 26.56 49.90 -22.44
CA ILE K 585 26.41 50.05 -20.99
C ILE K 585 25.83 51.41 -20.68
N ILE K 586 24.73 51.40 -19.95
CA ILE K 586 24.05 52.61 -19.50
C ILE K 586 24.34 52.74 -18.02
N ARG K 587 25.06 53.79 -17.66
CA ARG K 587 25.43 54.09 -16.28
C ARG K 587 24.75 55.36 -15.79
N ASP K 588 25.06 56.49 -16.41
CA ASP K 588 24.40 57.74 -16.09
C ASP K 588 22.97 57.74 -16.60
N GLY K 589 22.15 58.64 -16.05
CA GLY K 589 20.84 58.87 -16.62
C GLY K 589 20.87 59.58 -17.95
N VAL K 590 21.90 60.40 -18.19
CA VAL K 590 22.02 61.10 -19.46
C VAL K 590 22.29 60.14 -20.61
N THR K 591 22.92 59.00 -20.35
CA THR K 591 23.12 58.02 -21.41
C THR K 591 21.80 57.36 -21.78
N ALA K 592 21.04 56.89 -20.80
CA ALA K 592 19.73 56.31 -21.08
C ALA K 592 18.82 57.31 -21.78
N ASP K 593 18.87 58.56 -21.37
CA ASP K 593 18.09 59.57 -22.06
C ASP K 593 18.58 59.82 -23.47
N GLY K 594 19.88 59.69 -23.71
CA GLY K 594 20.43 59.87 -25.04
C GLY K 594 20.04 58.76 -25.99
N ILE K 595 20.00 57.52 -25.50
CA ILE K 595 19.59 56.40 -26.34
C ILE K 595 18.08 56.44 -26.57
N THR K 596 17.32 56.57 -25.48
CA THR K 596 15.87 56.64 -25.59
C THR K 596 15.43 57.78 -26.48
N GLN K 597 16.17 58.89 -26.48
CA GLN K 597 15.77 60.01 -27.30
C GLN K 597 15.92 59.70 -28.79
N ARG K 598 16.97 58.98 -29.17
CA ARG K 598 17.12 58.69 -30.59
C ARG K 598 16.21 57.55 -31.03
N LYS K 599 16.01 56.53 -30.20
CA LYS K 599 15.07 55.49 -30.59
C LYS K 599 13.64 55.99 -30.58
N TYR K 600 13.36 57.04 -29.82
CA TYR K 600 12.04 57.64 -29.81
C TYR K 600 11.85 58.55 -31.02
N ASN K 601 12.83 59.42 -31.28
CA ASN K 601 12.74 60.31 -32.42
C ASN K 601 12.80 59.59 -33.75
N TYR K 602 13.39 58.41 -33.81
CA TYR K 602 13.33 57.65 -35.05
C TYR K 602 11.89 57.27 -35.39
N ILE K 603 11.20 56.64 -34.46
CA ILE K 603 9.80 56.29 -34.70
C ILE K 603 8.97 57.55 -34.93
N ARG K 604 9.13 58.56 -34.08
CA ARG K 604 8.37 59.78 -34.32
C ARG K 604 8.59 60.33 -35.72
N ALA K 605 9.82 60.26 -36.23
CA ALA K 605 10.06 60.66 -37.61
C ALA K 605 9.27 59.81 -38.59
N GLU K 606 9.31 58.49 -38.41
CA GLU K 606 8.52 57.61 -39.27
C GLU K 606 7.04 58.00 -39.26
N GLN K 607 6.48 58.28 -38.09
CA GLN K 607 5.07 58.57 -37.99
C GLN K 607 4.72 59.92 -38.58
N LEU K 608 5.58 60.92 -38.38
CA LEU K 608 5.36 62.20 -39.06
C LEU K 608 5.35 62.02 -40.58
N PHE K 609 6.25 61.19 -41.09
CA PHE K 609 6.21 60.90 -42.51
C PHE K 609 4.92 60.18 -42.90
N ARG K 610 4.41 59.31 -42.04
CA ARG K 610 3.11 58.71 -42.28
C ARG K 610 2.01 59.76 -42.30
N ALA K 611 2.17 60.84 -41.55
CA ALA K 611 1.16 61.89 -41.52
C ALA K 611 1.27 62.85 -42.70
N GLU K 612 2.43 62.92 -43.34
CA GLU K 612 2.54 63.79 -44.50
C GLU K 612 1.87 63.21 -45.72
N LYS K 613 2.12 61.94 -46.02
CA LYS K 613 1.29 61.19 -46.96
C LYS K 613 0.39 60.33 -46.09
N GLY K 614 -0.87 60.74 -45.96
CA GLY K 614 -1.74 60.22 -44.93
C GLY K 614 -2.67 59.15 -45.44
N LEU K 615 -3.68 58.85 -44.63
CA LEU K 615 -4.75 57.99 -45.08
C LEU K 615 -5.48 58.67 -46.22
N ARG K 616 -5.61 57.99 -47.35
CA ARG K 616 -6.20 58.63 -48.51
C ARG K 616 -7.68 58.90 -48.31
N LEU K 617 -8.38 57.99 -47.66
CA LEU K 617 -9.82 58.14 -47.49
C LEU K 617 -10.20 58.86 -46.21
N LEU K 618 -9.28 59.06 -45.29
CA LEU K 618 -9.60 59.64 -43.99
C LEU K 618 -8.73 60.87 -43.76
N ASP K 619 -9.13 61.66 -42.77
CA ASP K 619 -8.39 62.88 -42.45
C ASP K 619 -7.02 62.54 -41.88
N ASP K 620 -6.01 63.30 -42.27
CA ASP K 620 -4.64 63.03 -41.87
C ASP K 620 -4.39 63.24 -40.39
N ALA K 621 -5.32 63.82 -39.66
CA ALA K 621 -5.16 63.98 -38.22
C ALA K 621 -5.56 62.73 -37.45
N SER K 622 -6.05 61.70 -38.13
CA SER K 622 -6.46 60.48 -37.48
C SER K 622 -5.34 59.46 -37.33
N VAL K 623 -4.21 59.67 -37.98
CA VAL K 623 -3.09 58.73 -37.86
C VAL K 623 -2.38 58.98 -36.54
N PRO K 624 -2.14 57.93 -35.74
CA PRO K 624 -1.48 58.15 -34.45
C PRO K 624 -0.03 58.55 -34.65
N VAL K 625 0.40 59.56 -33.92
CA VAL K 625 1.77 60.05 -34.00
C VAL K 625 2.24 60.38 -32.59
N LEU K 626 3.46 59.97 -32.27
CA LEU K 626 3.97 60.20 -30.94
C LEU K 626 4.08 61.70 -30.67
N PRO K 627 3.79 62.14 -29.46
CA PRO K 627 4.05 63.54 -29.11
C PRO K 627 5.54 63.82 -29.10
N LYS K 628 5.89 65.09 -29.24
CA LYS K 628 7.29 65.47 -29.19
C LYS K 628 7.87 65.06 -27.85
N PHE K 629 9.15 64.68 -27.86
CA PHE K 629 9.72 63.94 -26.75
C PHE K 629 9.59 64.71 -25.44
N GLY K 630 8.92 64.10 -24.47
CA GLY K 630 8.76 64.69 -23.15
C GLY K 630 7.49 65.50 -22.93
N ASP K 631 6.61 65.60 -23.93
CA ASP K 631 5.46 66.48 -23.83
C ASP K 631 4.17 65.79 -23.41
N ASP K 632 4.21 64.48 -23.13
CA ASP K 632 3.03 63.72 -22.77
C ASP K 632 1.88 63.89 -23.76
N ARG K 633 0.65 63.99 -23.28
CA ARG K 633 -0.53 63.88 -24.12
C ARG K 633 -1.01 65.20 -24.71
N ARG K 634 -1.30 65.19 -26.01
CA ARG K 634 -2.07 66.21 -26.69
C ARG K 634 -3.44 66.02 -27.28
N HIS K 635 -4.33 67.00 -27.11
CA HIS K 635 -5.70 66.84 -27.57
C HIS K 635 -5.55 66.88 -29.09
N SER K 636 -6.54 66.31 -29.77
CA SER K 636 -6.62 66.41 -31.22
C SER K 636 -6.68 67.88 -31.65
N PRO K 637 -6.34 68.18 -32.89
CA PRO K 637 -6.38 69.58 -33.31
C PRO K 637 -7.79 70.18 -33.22
N GLU K 638 -8.79 69.44 -33.70
CA GLU K 638 -10.17 69.91 -33.63
C GLU K 638 -10.69 70.01 -32.21
N ILE K 639 -10.39 69.00 -31.39
CA ILE K 639 -10.80 69.00 -29.99
C ILE K 639 -10.12 70.13 -29.24
N GLN K 640 -8.85 70.36 -29.56
CA GLN K 640 -8.10 71.44 -28.95
C GLN K 640 -8.75 72.76 -29.31
N ALA K 641 -9.15 72.88 -30.57
CA ALA K 641 -9.80 74.10 -31.03
C ALA K 641 -11.11 74.32 -30.28
N PHE K 642 -11.86 73.24 -30.07
CA PHE K 642 -13.11 73.30 -29.33
C PHE K 642 -12.88 73.75 -27.89
N ILE K 643 -11.83 73.23 -27.28
CA ILE K 643 -11.59 73.48 -25.85
C ILE K 643 -11.37 74.97 -25.56
N GLU K 644 -10.63 75.63 -26.45
CA GLU K 644 -10.31 77.03 -26.28
C GLU K 644 -11.55 77.91 -26.34
N GLN K 645 -12.55 77.51 -27.13
CA GLN K 645 -13.78 78.29 -27.22
C GLN K 645 -14.52 78.29 -25.88
N MET K 646 -14.76 77.11 -25.32
CA MET K 646 -15.44 76.98 -24.04
C MET K 646 -14.61 77.60 -22.91
N GLY L 97 46.85 72.08 78.35
CA GLY L 97 47.18 72.01 79.76
C GLY L 97 47.26 70.59 80.31
N ASP L 98 47.11 70.47 81.63
CA ASP L 98 47.21 69.20 82.34
C ASP L 98 45.85 68.52 82.60
N GLU L 99 44.75 69.03 82.08
CA GLU L 99 43.44 68.50 82.45
C GLU L 99 43.29 67.04 82.01
N VAL L 100 42.42 66.30 82.70
CA VAL L 100 42.08 64.93 82.34
C VAL L 100 40.72 64.92 81.64
N ILE L 101 40.72 64.65 80.33
CA ILE L 101 39.51 64.51 79.52
C ILE L 101 39.67 63.25 78.66
N THR L 102 38.55 62.72 78.19
CA THR L 102 38.50 61.56 77.32
C THR L 102 38.29 62.00 75.87
N GLN L 103 39.03 61.38 74.93
CA GLN L 103 38.84 61.71 73.52
C GLN L 103 38.47 60.47 72.72
N VAL L 104 37.45 60.63 71.89
CA VAL L 104 36.87 59.56 71.09
C VAL L 104 37.15 59.86 69.62
N VAL L 105 38.03 59.07 69.00
CA VAL L 105 38.45 59.31 67.62
C VAL L 105 38.50 57.97 66.90
N ALA L 106 38.42 57.99 65.56
CA ALA L 106 38.28 56.75 64.80
C ALA L 106 39.57 56.36 64.09
N VAL L 107 39.76 55.05 63.92
CA VAL L 107 40.63 54.49 62.90
C VAL L 107 39.79 53.46 62.17
N LYS L 108 39.42 53.74 60.93
CA LYS L 108 38.55 52.82 60.21
C LYS L 108 39.35 51.68 59.58
N ASN L 109 40.61 51.94 59.27
CA ASN L 109 41.33 51.12 58.29
C ASN L 109 41.52 49.70 58.78
N VAL L 110 42.01 49.51 60.00
CA VAL L 110 42.12 48.18 60.60
C VAL L 110 41.88 48.33 62.10
N SER L 111 41.46 47.22 62.73
CA SER L 111 41.10 47.23 64.14
C SER L 111 42.22 47.79 65.01
N VAL L 112 41.84 48.65 65.97
CA VAL L 112 42.79 49.45 66.73
C VAL L 112 43.41 48.69 67.90
N ARG L 113 42.92 47.47 68.19
CA ARG L 113 43.61 46.62 69.15
C ARG L 113 45.08 46.46 68.80
N GLU L 114 45.39 46.57 67.50
CA GLU L 114 46.75 46.54 66.98
C GLU L 114 47.67 47.56 67.63
N LEU L 115 47.12 48.63 68.18
CA LEU L 115 47.91 49.67 68.83
C LEU L 115 47.97 49.55 70.36
N SER L 116 47.35 48.53 70.95
CA SER L 116 47.31 48.46 72.42
C SER L 116 48.69 48.52 73.08
N PRO L 117 49.73 47.81 72.61
CA PRO L 117 50.99 47.82 73.35
C PRO L 117 51.70 49.16 73.34
N LEU L 118 51.73 49.82 72.17
CA LEU L 118 52.50 51.04 72.00
C LEU L 118 51.74 52.23 72.59
N LEU L 119 50.42 52.19 72.52
CA LEU L 119 49.59 53.19 73.19
C LEU L 119 49.71 53.09 74.71
N ARG L 120 49.66 51.88 75.27
CA ARG L 120 50.01 51.73 76.68
C ARG L 120 51.47 52.08 76.95
N GLN L 121 52.28 52.21 75.89
CA GLN L 121 53.61 52.79 76.07
C GLN L 121 53.51 54.27 76.43
N LEU L 122 52.60 55.01 75.79
CA LEU L 122 52.30 56.37 76.23
C LEU L 122 51.43 56.40 77.48
N ILE L 123 50.77 55.29 77.84
CA ILE L 123 50.16 55.21 79.16
C ILE L 123 51.23 54.91 80.20
N ASP L 124 52.31 54.24 79.78
CA ASP L 124 53.50 54.07 80.60
C ASP L 124 54.47 55.26 80.52
N ASN L 125 54.70 55.85 79.32
CA ASN L 125 55.68 56.92 79.14
C ASN L 125 55.50 58.05 80.15
N ALA L 126 54.26 58.30 80.56
CA ALA L 126 53.94 59.31 81.56
C ALA L 126 52.94 58.71 82.55
N GLY L 127 52.39 59.56 83.42
CA GLY L 127 51.49 59.14 84.47
C GLY L 127 50.19 58.49 84.03
N ALA L 128 49.63 57.66 84.90
CA ALA L 128 48.42 56.90 84.59
C ALA L 128 47.20 57.64 85.18
N GLY L 129 46.05 56.97 85.19
CA GLY L 129 44.76 57.61 85.14
C GLY L 129 44.14 57.46 83.78
N ASN L 130 44.93 57.14 82.76
CA ASN L 130 44.50 56.95 81.39
C ASN L 130 43.66 55.69 81.27
N VAL L 131 42.86 55.66 80.20
CA VAL L 131 42.40 54.43 79.58
C VAL L 131 42.55 54.63 78.09
N VAL L 132 42.83 53.57 77.35
CA VAL L 132 42.58 53.58 75.92
C VAL L 132 41.86 52.27 75.62
N HIS L 133 40.60 52.38 75.21
CA HIS L 133 39.73 51.23 75.05
C HIS L 133 39.27 51.20 73.61
N TYR L 134 39.33 50.00 73.02
CA TYR L 134 39.18 49.81 71.58
C TYR L 134 37.87 49.08 71.35
N ASP L 135 36.89 49.80 70.86
CA ASP L 135 35.59 49.17 70.72
C ASP L 135 35.52 48.39 69.43
N PRO L 136 35.12 47.11 69.51
CA PRO L 136 35.03 46.28 68.30
C PRO L 136 34.07 46.83 67.25
N ALA L 137 33.23 47.80 67.61
CA ALA L 137 32.43 48.56 66.66
C ALA L 137 33.33 49.48 65.82
N ASN L 138 34.63 49.51 66.16
CA ASN L 138 35.66 50.32 65.54
C ASN L 138 35.41 51.83 65.73
N ILE L 139 35.57 52.29 66.97
CA ILE L 139 35.91 53.67 67.28
C ILE L 139 37.04 53.58 68.30
N ILE L 140 37.41 54.69 68.93
CA ILE L 140 38.61 54.75 69.77
C ILE L 140 38.33 55.62 70.99
N LEU L 141 38.71 55.10 72.17
CA LEU L 141 38.59 55.80 73.45
C LEU L 141 39.95 56.04 74.08
N ILE L 142 40.20 57.30 74.46
CA ILE L 142 41.27 57.65 75.39
C ILE L 142 40.61 58.38 76.56
N THR L 143 41.26 58.32 77.72
CA THR L 143 40.92 59.13 78.87
C THR L 143 42.22 59.47 79.58
N GLY L 144 42.41 60.74 79.93
CA GLY L 144 43.62 61.11 80.64
C GLY L 144 44.02 62.54 80.31
N ARG L 145 45.28 62.83 80.61
CA ARG L 145 45.76 64.20 80.41
C ARG L 145 45.77 64.57 78.94
N ALA L 146 45.22 65.76 78.67
CA ALA L 146 44.99 66.20 77.29
C ALA L 146 46.26 66.15 76.46
N ALA L 147 47.42 66.31 77.09
CA ALA L 147 48.68 66.22 76.36
C ALA L 147 48.96 64.77 75.94
N VAL L 148 48.94 63.84 76.90
CA VAL L 148 49.25 62.45 76.58
C VAL L 148 48.09 61.81 75.83
N VAL L 149 46.87 62.25 76.12
CA VAL L 149 45.72 61.87 75.31
C VAL L 149 45.86 62.41 73.90
N ASN L 150 46.59 63.51 73.73
CA ASN L 150 46.85 64.01 72.39
C ASN L 150 47.85 63.11 71.68
N ARG L 151 49.08 63.01 72.18
CA ARG L 151 50.06 62.12 71.55
C ARG L 151 49.48 60.73 71.28
N LEU L 152 48.69 60.20 72.21
CA LEU L 152 47.96 58.95 71.97
C LEU L 152 47.01 59.08 70.78
N ALA L 153 46.24 60.17 70.71
CA ALA L 153 45.33 60.34 69.58
C ALA L 153 46.09 60.61 68.29
N GLU L 154 47.38 60.93 68.40
CA GLU L 154 48.23 61.22 67.25
C GLU L 154 48.83 59.94 66.68
N ILE L 155 49.24 59.02 67.56
CA ILE L 155 49.55 57.67 67.12
C ILE L 155 48.31 57.02 66.53
N ILE L 156 47.22 57.06 67.29
CA ILE L 156 45.94 56.54 66.85
C ILE L 156 45.57 57.07 65.48
N ARG L 157 45.40 58.40 65.35
CA ARG L 157 45.11 58.97 64.04
C ARG L 157 46.25 58.73 63.06
N ARG L 158 47.40 58.27 63.56
CA ARG L 158 48.52 57.96 62.69
C ARG L 158 48.32 56.56 62.11
N VAL L 159 47.44 55.77 62.72
CA VAL L 159 46.94 54.58 62.04
C VAL L 159 45.57 54.83 61.37
N ASP L 160 44.86 55.90 61.75
CA ASP L 160 43.69 56.33 60.97
C ASP L 160 44.08 56.77 59.57
N GLN L 161 44.75 57.92 59.52
CA GLN L 161 45.10 58.62 58.29
C GLN L 161 46.05 57.82 57.42
N ALA L 162 46.78 56.88 57.99
CA ALA L 162 47.85 56.16 57.34
C ALA L 162 47.45 55.46 56.05
N GLY L 163 46.65 54.41 56.15
CA GLY L 163 46.51 53.40 55.13
C GLY L 163 45.33 53.52 54.20
N ASP L 164 44.82 54.73 53.97
CA ASP L 164 43.44 54.97 53.56
C ASP L 164 43.00 54.02 52.45
N LYS L 165 41.79 53.50 52.57
CA LYS L 165 41.25 52.56 51.59
C LYS L 165 39.77 52.84 51.45
N GLU L 166 39.31 53.06 50.21
CA GLU L 166 37.88 53.12 49.91
C GLU L 166 37.64 52.77 48.45
N ILE L 167 36.43 53.09 48.00
CA ILE L 167 35.89 52.69 46.70
C ILE L 167 35.91 53.85 45.72
N GLU L 168 36.20 53.53 44.46
CA GLU L 168 36.07 54.47 43.35
C GLU L 168 35.03 53.97 42.37
N VAL L 169 34.48 54.90 41.59
CA VAL L 169 33.63 54.60 40.46
C VAL L 169 34.03 55.47 39.30
N VAL L 170 34.54 54.86 38.24
CA VAL L 170 35.05 55.61 37.10
C VAL L 170 34.63 54.91 35.81
N GLU L 171 34.07 55.69 34.89
CA GLU L 171 33.56 55.17 33.64
C GLU L 171 34.64 54.51 32.81
N LEU L 172 34.30 53.34 32.28
CA LEU L 172 35.07 52.68 31.24
C LEU L 172 34.22 52.76 30.00
N ASN L 173 34.60 53.62 29.06
CA ASN L 173 33.73 53.83 27.91
C ASN L 173 33.94 52.74 26.88
N ASN L 174 35.13 52.15 26.86
CA ASN L 174 35.53 51.40 25.70
C ASN L 174 35.80 49.95 26.06
N ALA L 175 36.95 49.72 26.68
CA ALA L 175 37.32 48.37 27.07
C ALA L 175 36.28 47.81 28.02
N SER L 176 35.73 46.66 27.66
CA SER L 176 34.68 46.07 28.47
C SER L 176 35.13 45.95 29.91
N ALA L 177 34.30 46.46 30.82
CA ALA L 177 34.63 46.36 32.23
C ALA L 177 35.02 44.94 32.58
N ALA L 178 34.11 43.99 32.39
CA ALA L 178 34.43 42.60 32.69
C ALA L 178 35.77 42.20 32.11
N GLU L 179 36.14 42.74 30.96
CA GLU L 179 37.50 42.56 30.48
C GLU L 179 38.49 43.27 31.40
N MET L 180 38.27 44.56 31.70
CA MET L 180 39.16 45.23 32.65
C MET L 180 39.36 44.40 33.90
N VAL L 181 38.27 43.89 34.44
CA VAL L 181 38.24 42.93 35.52
C VAL L 181 39.26 41.86 35.20
N ARG L 182 38.97 41.04 34.20
CA ARG L 182 39.81 39.87 33.94
C ARG L 182 41.27 40.25 33.87
N ILE L 183 41.56 41.35 33.18
CA ILE L 183 42.94 41.65 32.79
C ILE L 183 43.69 42.27 33.97
N VAL L 184 42.94 42.77 34.95
CA VAL L 184 43.52 43.07 36.25
C VAL L 184 43.55 41.84 37.14
N GLU L 185 42.70 40.85 36.87
CA GLU L 185 42.55 39.74 37.79
C GLU L 185 43.89 39.04 37.95
N ALA L 186 44.58 38.89 36.82
CA ALA L 186 45.94 38.36 36.80
C ALA L 186 46.86 39.08 37.77
N LEU L 187 46.56 40.34 38.08
CA LEU L 187 47.37 41.10 39.01
C LEU L 187 47.06 40.60 40.42
N ASN L 188 48.06 40.55 41.27
CA ASN L 188 47.88 40.04 42.61
C ASN L 188 48.42 40.99 43.66
N LYS L 203 41.07 46.26 46.55
CA LYS L 203 40.70 45.31 45.53
C LYS L 203 39.88 46.00 44.43
N PHE L 204 39.13 45.23 43.63
CA PHE L 204 38.66 45.72 42.33
C PHE L 204 37.18 45.41 42.18
N VAL L 205 36.45 46.32 41.52
CA VAL L 205 35.11 46.03 41.03
C VAL L 205 34.97 46.71 39.67
N ALA L 206 33.86 46.47 39.00
CA ALA L 206 33.37 47.24 37.86
C ALA L 206 31.90 46.92 37.64
N ASP L 207 31.22 47.74 36.83
CA ASP L 207 29.87 47.41 36.43
C ASP L 207 29.76 47.52 34.93
N GLU L 208 29.18 46.51 34.29
CA GLU L 208 28.93 46.68 32.87
C GLU L 208 27.49 47.11 32.58
N ARG L 209 26.69 47.42 33.61
CA ARG L 209 25.62 48.36 33.34
C ARG L 209 26.21 49.69 32.93
N THR L 210 27.05 50.25 33.78
CA THR L 210 27.78 51.46 33.55
C THR L 210 29.04 51.24 32.74
N ASN L 211 29.62 50.05 32.81
CA ASN L 211 30.98 49.81 32.32
C ASN L 211 31.94 50.80 32.99
N SER L 212 32.16 50.56 34.28
CA SER L 212 32.96 51.44 35.12
C SER L 212 33.75 50.64 36.14
N ILE L 213 35.05 50.91 36.23
CA ILE L 213 35.88 50.36 37.29
C ILE L 213 35.48 50.98 38.61
N LEU L 214 35.25 50.14 39.59
CA LEU L 214 35.07 50.55 40.96
C LEU L 214 36.33 50.10 41.66
N ILE L 215 36.72 50.75 42.74
CA ILE L 215 37.94 50.30 43.38
C ILE L 215 37.66 50.17 44.87
N SER L 216 38.36 49.25 45.52
CA SER L 216 38.38 49.20 46.97
C SER L 216 39.83 49.18 47.44
N GLY L 217 40.27 50.28 48.02
CA GLY L 217 41.64 50.35 48.48
C GLY L 217 42.20 51.76 48.40
N ASP L 218 43.52 51.81 48.37
CA ASP L 218 44.34 52.96 48.75
C ASP L 218 44.08 54.17 47.87
N PRO L 219 44.33 55.38 48.37
CA PRO L 219 44.63 56.49 47.46
C PRO L 219 45.96 56.33 46.75
N LYS L 220 46.81 55.40 47.18
CA LYS L 220 47.82 54.89 46.26
C LYS L 220 47.19 53.96 45.24
N VAL L 221 46.25 53.12 45.66
CA VAL L 221 45.43 52.37 44.71
C VAL L 221 44.60 53.34 43.86
N ARG L 222 44.31 54.53 44.40
CA ARG L 222 43.62 55.52 43.59
C ARG L 222 44.56 56.17 42.59
N GLU L 223 45.80 56.42 42.98
CA GLU L 223 46.76 56.92 41.99
C GLU L 223 47.03 55.88 40.92
N ARG L 224 47.54 54.72 41.29
CA ARG L 224 47.94 53.75 40.29
C ARG L 224 46.74 53.18 39.56
N LEU L 225 45.59 53.09 40.23
CA LEU L 225 44.44 52.52 39.55
C LEU L 225 43.54 53.55 38.91
N LYS L 226 43.82 54.84 39.08
CA LYS L 226 43.41 55.75 38.02
C LYS L 226 44.39 55.70 36.86
N ARG L 227 45.65 55.39 37.14
CA ARG L 227 46.57 55.10 36.05
C ARG L 227 46.06 53.94 35.21
N LEU L 228 45.52 52.88 35.83
CA LEU L 228 45.03 51.74 35.04
C LEU L 228 43.57 51.91 34.66
N ILE L 229 42.87 52.85 35.30
CA ILE L 229 41.65 53.37 34.70
C ILE L 229 41.96 53.87 33.30
N LYS L 230 43.06 54.61 33.19
CA LYS L 230 43.40 55.21 31.92
C LYS L 230 44.12 54.23 31.00
N GLN L 231 44.90 53.32 31.56
CA GLN L 231 45.79 52.50 30.74
C GLN L 231 45.04 51.67 29.74
N LEU L 232 44.11 50.82 30.18
CA LEU L 232 43.35 50.07 29.21
C LEU L 232 41.99 50.71 29.23
N ASP L 233 41.89 51.82 28.51
CA ASP L 233 40.65 52.40 28.02
C ASP L 233 40.57 52.34 26.51
N VAL L 234 41.72 52.12 25.88
CA VAL L 234 41.87 52.26 24.43
C VAL L 234 41.05 51.25 23.62
N GLU L 235 40.56 51.72 22.48
CA GLU L 235 39.74 50.90 21.61
C GLU L 235 40.47 50.63 20.31
N MET L 236 40.56 49.36 19.94
CA MET L 236 41.29 48.98 18.75
C MET L 236 40.66 49.56 17.50
N ALA L 237 41.50 49.98 16.57
CA ALA L 237 41.04 50.52 15.29
C ALA L 237 40.41 49.39 14.49
N ALA L 238 39.44 49.73 13.63
CA ALA L 238 38.74 48.71 12.88
C ALA L 238 39.74 47.97 11.99
N LYS L 239 39.59 46.66 11.93
CA LYS L 239 40.53 45.81 11.20
C LYS L 239 40.06 45.40 9.81
N GLY L 240 38.90 45.87 9.40
CA GLY L 240 38.32 45.44 8.15
C GLY L 240 38.14 43.94 8.20
N ASN L 241 37.76 43.48 9.38
CA ASN L 241 37.55 42.05 9.65
C ASN L 241 36.80 41.36 8.54
N ASN L 242 35.81 42.04 7.96
CA ASN L 242 35.11 41.50 6.81
C ASN L 242 35.21 42.46 5.63
N ARG L 243 35.14 41.91 4.43
CA ARG L 243 35.30 42.71 3.23
C ARG L 243 34.37 42.19 2.15
N VAL L 244 33.72 43.13 1.46
CA VAL L 244 32.86 42.82 0.32
C VAL L 244 33.69 43.02 -0.94
N VAL L 245 33.85 41.96 -1.72
CA VAL L 245 34.69 42.01 -2.91
C VAL L 245 33.79 41.91 -4.14
N TYR L 246 34.04 42.79 -5.10
CA TYR L 246 33.25 42.85 -6.34
C TYR L 246 33.95 41.99 -7.38
N LEU L 247 33.34 40.90 -7.76
CA LEU L 247 33.93 40.03 -8.76
C LEU L 247 33.81 40.66 -10.14
N LYS L 248 34.93 40.75 -10.83
CA LYS L 248 34.91 41.32 -12.18
C LYS L 248 34.34 40.33 -13.18
N TYR L 249 34.81 39.09 -13.14
CA TYR L 249 34.45 38.10 -14.15
C TYR L 249 33.70 36.92 -13.57
N ALA L 250 34.30 36.17 -12.65
CA ALA L 250 33.68 34.96 -12.15
C ALA L 250 32.36 35.26 -11.45
N LYS L 251 31.48 34.27 -11.43
CA LYS L 251 30.21 34.41 -10.74
C LYS L 251 30.37 34.09 -9.26
N ALA L 252 29.64 34.83 -8.43
CA ALA L 252 29.73 34.67 -7.00
C ALA L 252 29.28 33.27 -6.57
N GLU L 253 28.24 32.75 -7.21
CA GLU L 253 27.74 31.44 -6.83
C GLU L 253 28.78 30.35 -7.04
N ASP L 254 29.48 30.38 -8.16
CA ASP L 254 30.56 29.43 -8.41
C ASP L 254 31.72 29.60 -7.43
N LEU L 255 32.05 30.85 -7.13
CA LEU L 255 33.20 31.22 -6.33
C LEU L 255 32.97 30.90 -4.88
N VAL L 256 31.77 31.15 -4.37
CA VAL L 256 31.50 30.86 -2.97
C VAL L 256 31.63 29.36 -2.74
N GLU L 257 31.11 28.58 -3.68
CA GLU L 257 31.22 27.13 -3.49
C GLU L 257 32.68 26.72 -3.43
N VAL L 258 33.49 27.25 -4.35
CA VAL L 258 34.90 26.89 -4.38
C VAL L 258 35.61 27.31 -3.10
N LEU L 259 35.26 28.48 -2.59
CA LEU L 259 36.00 29.11 -1.51
C LEU L 259 35.64 28.52 -0.16
N LYS L 260 34.58 27.71 -0.10
CA LYS L 260 34.19 27.11 1.16
C LYS L 260 35.35 26.32 1.77
N GLY L 261 35.93 25.45 0.95
CA GLY L 261 37.08 24.66 1.37
C GLY L 261 38.33 25.43 1.78
N VAL L 262 38.63 26.49 1.04
CA VAL L 262 39.77 27.33 1.37
C VAL L 262 39.57 27.98 2.73
N SER L 263 38.33 28.39 2.98
CA SER L 263 38.00 29.01 4.26
C SER L 263 38.23 28.01 5.39
N GLU L 264 37.83 26.77 5.15
CA GLU L 264 38.02 25.70 6.15
C GLU L 264 39.29 24.91 5.87
N VAL L 283 34.90 32.15 9.90
CA VAL L 283 34.90 32.34 8.45
C VAL L 283 33.52 32.04 7.86
N MET L 284 32.99 33.00 7.11
CA MET L 284 31.76 32.77 6.37
C MET L 284 31.85 33.51 5.05
N ILE L 285 31.41 32.84 3.99
CA ILE L 285 31.48 33.34 2.62
C ILE L 285 30.06 33.36 2.10
N ALA L 286 29.57 34.54 1.73
CA ALA L 286 28.20 34.65 1.25
C ALA L 286 28.17 35.35 -0.09
N ALA L 287 27.44 34.79 -1.04
CA ALA L 287 27.40 35.32 -2.40
C ALA L 287 26.20 36.23 -2.55
N HIS L 288 26.44 37.49 -2.87
CA HIS L 288 25.36 38.41 -3.22
C HIS L 288 25.22 38.42 -4.73
N ALA L 289 24.10 37.90 -5.21
CA ALA L 289 23.93 37.61 -6.63
C ALA L 289 23.74 38.88 -7.43
N ASP L 290 22.81 39.73 -7.03
CA ASP L 290 22.41 40.85 -7.87
C ASP L 290 23.57 41.79 -8.14
N THR L 291 24.40 42.04 -7.15
CA THR L 291 25.59 42.84 -7.38
C THR L 291 26.74 42.00 -7.91
N ASN L 292 26.58 40.67 -7.92
CA ASN L 292 27.66 39.75 -8.26
C ASN L 292 28.91 40.07 -7.45
N SER L 293 28.72 40.15 -6.14
CA SER L 293 29.82 40.47 -5.24
C SER L 293 29.70 39.53 -4.06
N LEU L 294 30.82 39.04 -3.57
CA LEU L 294 30.77 38.09 -2.47
C LEU L 294 31.36 38.72 -1.23
N VAL L 295 30.72 38.43 -0.10
CA VAL L 295 31.02 39.00 1.19
C VAL L 295 31.85 37.98 1.96
N LEU L 296 33.07 38.36 2.31
CA LEU L 296 33.99 37.54 3.05
C LEU L 296 34.00 38.02 4.49
N THR L 297 33.93 37.09 5.44
CA THR L 297 34.19 37.44 6.83
C THR L 297 35.13 36.41 7.43
N ALA L 298 36.26 36.87 7.93
CA ALA L 298 37.31 35.99 8.41
C ALA L 298 38.32 36.81 9.21
N PRO L 299 39.33 36.19 9.83
CA PRO L 299 40.42 36.98 10.41
C PRO L 299 41.30 37.58 9.33
N GLN L 300 42.41 38.22 9.73
CA GLN L 300 43.21 38.96 8.75
C GLN L 300 43.96 38.04 7.80
N ASP L 301 44.63 37.02 8.33
CA ASP L 301 45.44 36.14 7.48
C ASP L 301 44.59 35.37 6.49
N ILE L 302 43.51 34.73 6.96
CA ILE L 302 42.63 34.01 6.05
C ILE L 302 42.04 34.95 5.03
N MET L 303 41.74 36.18 5.42
CA MET L 303 41.25 37.16 4.46
C MET L 303 42.27 37.41 3.37
N ASN L 304 43.53 37.65 3.75
CA ASN L 304 44.56 37.88 2.75
C ASN L 304 44.83 36.66 1.90
N ALA L 305 44.52 35.45 2.40
CA ALA L 305 44.64 34.27 1.55
C ALA L 305 43.51 34.20 0.54
N MET L 306 42.26 34.30 1.00
CA MET L 306 41.14 34.20 0.08
C MET L 306 41.09 35.34 -0.93
N LEU L 307 41.65 36.50 -0.61
CA LEU L 307 41.74 37.53 -1.63
C LEU L 307 42.76 37.20 -2.69
N GLU L 308 43.80 36.43 -2.35
CA GLU L 308 44.74 35.98 -3.36
C GLU L 308 44.23 34.80 -4.16
N VAL L 309 43.33 34.00 -3.60
CA VAL L 309 42.66 33.00 -4.41
C VAL L 309 41.67 33.65 -5.35
N ILE L 310 40.78 34.50 -4.83
CA ILE L 310 39.81 35.20 -5.65
C ILE L 310 40.51 36.00 -6.74
N GLY L 311 41.63 36.63 -6.40
CA GLY L 311 42.37 37.36 -7.42
C GLY L 311 42.78 36.52 -8.60
N GLN L 312 43.09 35.24 -8.36
CA GLN L 312 43.54 34.37 -9.43
C GLN L 312 42.43 33.54 -10.06
N LEU L 313 41.25 33.49 -9.46
CA LEU L 313 40.11 32.84 -10.09
C LEU L 313 39.21 33.81 -10.83
N ASP L 314 39.53 35.10 -10.77
CA ASP L 314 38.73 36.15 -11.37
C ASP L 314 39.21 36.51 -12.78
N ILE L 315 40.14 35.74 -13.33
CA ILE L 315 40.79 36.15 -14.59
C ILE L 315 39.80 36.13 -15.74
N ARG L 316 40.17 36.86 -16.79
CA ARG L 316 39.38 36.92 -18.01
C ARG L 316 39.45 35.60 -18.75
N ARG L 317 38.36 35.24 -19.43
CA ARG L 317 38.27 34.01 -20.19
C ARG L 317 38.40 34.32 -21.67
N ALA L 318 39.36 33.70 -22.34
CA ALA L 318 39.44 33.82 -23.79
C ALA L 318 38.25 33.13 -24.42
N GLN L 319 37.94 33.49 -25.67
CA GLN L 319 36.77 32.94 -26.30
C GLN L 319 37.08 32.48 -27.72
N VAL L 320 36.63 31.27 -28.03
CA VAL L 320 36.99 30.57 -29.25
C VAL L 320 35.89 30.78 -30.28
N LEU L 321 36.27 30.93 -31.53
CA LEU L 321 35.35 30.93 -32.65
C LEU L 321 35.49 29.59 -33.37
N ILE L 322 34.48 28.74 -33.23
CA ILE L 322 34.50 27.40 -33.80
C ILE L 322 33.81 27.46 -35.15
N GLU L 323 34.56 27.23 -36.22
CA GLU L 323 33.99 27.24 -37.56
C GLU L 323 34.13 25.85 -38.15
N ALA L 324 33.02 25.13 -38.21
CA ALA L 324 33.02 23.83 -38.87
C ALA L 324 32.92 24.01 -40.37
N LEU L 325 33.34 22.99 -41.10
CA LEU L 325 33.17 22.96 -42.55
C LEU L 325 32.72 21.57 -42.95
N ILE L 326 31.57 21.48 -43.61
CA ILE L 326 30.99 20.21 -44.00
C ILE L 326 30.94 20.16 -45.51
N VAL L 327 31.52 19.12 -46.08
CA VAL L 327 31.55 18.98 -47.53
C VAL L 327 30.93 17.64 -47.87
N GLU L 328 29.87 17.66 -48.67
CA GLU L 328 29.18 16.45 -49.08
C GLU L 328 29.08 16.50 -50.60
N MET L 329 29.80 15.61 -51.28
CA MET L 329 29.80 15.56 -52.73
C MET L 329 29.27 14.21 -53.16
N ALA L 330 28.11 14.19 -53.78
CA ALA L 330 27.56 12.96 -54.28
C ALA L 330 27.63 12.97 -55.80
N GLU L 331 27.69 11.79 -56.38
CA GLU L 331 27.64 11.67 -57.82
C GLU L 331 27.00 10.34 -58.14
N GLY L 332 26.28 10.28 -59.23
CA GLY L 332 25.60 9.05 -59.58
C GLY L 332 25.49 8.94 -61.09
N ASP L 333 25.35 7.70 -61.54
CA ASP L 333 25.20 7.44 -62.95
C ASP L 333 24.54 6.10 -63.10
N GLY L 334 23.91 5.89 -64.24
CA GLY L 334 23.41 4.58 -64.56
C GLY L 334 22.96 4.52 -65.99
N ILE L 335 23.03 3.36 -66.61
CA ILE L 335 22.56 3.18 -67.97
C ILE L 335 21.78 1.89 -67.99
N ASN L 336 20.50 1.99 -68.34
CA ASN L 336 19.60 0.85 -68.34
C ASN L 336 19.07 0.73 -69.76
N LEU L 337 19.48 -0.32 -70.47
CA LEU L 337 18.99 -0.50 -71.83
C LEU L 337 18.78 -1.96 -72.11
N GLY L 338 17.69 -2.26 -72.81
CA GLY L 338 17.38 -3.63 -73.18
C GLY L 338 16.18 -3.66 -74.09
N VAL L 339 16.07 -4.76 -74.83
CA VAL L 339 15.02 -4.96 -75.80
C VAL L 339 14.13 -6.09 -75.31
N GLN L 340 12.83 -5.90 -75.36
CA GLN L 340 11.86 -6.90 -74.99
C GLN L 340 11.03 -7.26 -76.20
N TRP L 341 10.40 -8.42 -76.18
CA TRP L 341 9.63 -8.90 -77.31
C TRP L 341 8.29 -9.41 -76.83
N GLY L 342 7.32 -9.40 -77.73
CA GLY L 342 6.07 -10.01 -77.39
C GLY L 342 5.15 -10.28 -78.57
N SER L 343 4.32 -11.31 -78.42
CA SER L 343 3.24 -11.61 -79.36
C SER L 343 2.04 -11.97 -78.53
N LEU L 344 0.98 -11.18 -78.64
CA LEU L 344 -0.16 -11.38 -77.77
C LEU L 344 -1.22 -12.28 -78.38
N GLU L 345 -1.07 -12.63 -79.67
CA GLU L 345 -2.02 -13.55 -80.29
C GLU L 345 -1.92 -14.94 -79.66
N SER L 346 -0.72 -15.52 -79.63
CA SER L 346 -0.40 -16.64 -78.78
C SER L 346 0.64 -16.10 -77.80
N GLY L 347 0.23 -15.89 -76.55
CA GLY L 347 1.04 -15.03 -75.71
C GLY L 347 2.41 -15.60 -75.51
N SER L 348 3.40 -14.92 -76.06
CA SER L 348 4.79 -15.33 -75.93
C SER L 348 5.62 -14.06 -75.80
N VAL L 349 6.35 -13.94 -74.70
CA VAL L 349 7.06 -12.72 -74.41
C VAL L 349 8.50 -13.04 -74.10
N ILE L 350 9.38 -12.12 -74.47
CA ILE L 350 10.70 -12.02 -73.88
C ILE L 350 10.66 -10.78 -73.01
N GLN L 351 10.63 -10.98 -71.71
CA GLN L 351 10.21 -9.97 -70.75
C GLN L 351 11.26 -9.83 -69.66
N TYR L 352 11.44 -8.62 -69.16
CA TYR L 352 12.51 -8.33 -68.23
C TYR L 352 12.01 -7.41 -67.12
N GLY L 353 12.57 -7.58 -65.93
CA GLY L 353 12.22 -6.76 -64.79
C GLY L 353 13.17 -5.62 -64.55
N ASN L 354 14.36 -5.70 -65.14
CA ASN L 354 15.31 -4.60 -65.05
C ASN L 354 14.72 -3.32 -65.63
N THR L 355 13.93 -3.45 -66.68
CA THR L 355 13.41 -2.32 -67.41
C THR L 355 12.32 -1.60 -66.64
N GLY L 356 12.04 -0.37 -67.04
CA GLY L 356 11.00 0.42 -66.44
C GLY L 356 9.64 -0.26 -66.47
N ALA L 357 9.18 -0.65 -67.66
CA ALA L 357 7.91 -1.35 -67.80
C ALA L 357 8.09 -2.55 -68.71
N SER L 358 7.31 -3.59 -68.42
CA SER L 358 7.43 -4.87 -69.09
C SER L 358 6.45 -4.96 -70.25
N ILE L 359 6.88 -5.64 -71.31
CA ILE L 359 6.12 -5.73 -72.54
C ILE L 359 4.71 -6.24 -72.33
N GLY L 360 4.48 -7.04 -71.28
CA GLY L 360 3.16 -7.58 -71.04
C GLY L 360 2.14 -6.49 -70.74
N ASN L 361 2.41 -5.70 -69.71
CA ASN L 361 1.50 -4.61 -69.36
C ASN L 361 1.36 -3.59 -70.48
N VAL L 362 2.39 -3.41 -71.29
CA VAL L 362 2.30 -2.44 -72.37
C VAL L 362 1.38 -2.94 -73.47
N MET L 363 1.56 -4.18 -73.91
CA MET L 363 0.67 -4.70 -74.95
C MET L 363 -0.76 -4.83 -74.44
N ILE L 364 -0.95 -5.33 -73.22
CA ILE L 364 -2.29 -5.40 -72.66
C ILE L 364 -2.93 -4.02 -72.62
N GLY L 365 -2.16 -3.03 -72.16
CA GLY L 365 -2.69 -1.66 -72.13
C GLY L 365 -3.07 -1.16 -73.49
N LEU L 366 -2.24 -1.41 -74.50
CA LEU L 366 -2.56 -0.97 -75.85
C LEU L 366 -3.81 -1.63 -76.38
N GLU L 367 -4.04 -2.90 -76.03
CA GLU L 367 -5.27 -3.55 -76.49
C GLU L 367 -6.48 -3.00 -75.77
N GLU L 368 -6.37 -2.76 -74.46
CA GLU L 368 -7.47 -2.14 -73.75
C GLU L 368 -7.77 -0.74 -74.26
N ALA L 369 -6.77 -0.03 -74.78
CA ALA L 369 -7.00 1.30 -75.29
C ALA L 369 -7.70 1.32 -76.64
N LYS L 370 -7.67 0.22 -77.38
CA LYS L 370 -8.32 0.20 -78.68
C LYS L 370 -9.83 0.34 -78.53
N ASP L 371 -10.47 0.81 -79.60
CA ASP L 371 -11.92 0.96 -79.61
C ASP L 371 -12.58 -0.38 -79.88
N THR L 372 -13.38 -0.85 -78.93
CA THR L 372 -14.05 -2.13 -79.04
C THR L 372 -15.47 -1.95 -79.57
N THR L 373 -15.90 -2.93 -80.37
CA THR L 373 -17.25 -2.92 -80.92
C THR L 373 -17.95 -4.22 -80.51
N GLN L 374 -19.22 -4.10 -80.15
CA GLN L 374 -20.01 -5.22 -79.66
C GLN L 374 -21.26 -5.34 -80.52
N THR L 375 -21.37 -6.46 -81.23
CA THR L 375 -22.41 -6.64 -82.24
C THR L 375 -23.42 -7.68 -81.80
N LYS L 376 -24.70 -7.35 -81.96
CA LYS L 376 -25.79 -8.29 -81.78
C LYS L 376 -26.60 -8.32 -83.07
N ALA L 377 -26.58 -9.46 -83.76
CA ALA L 377 -27.27 -9.60 -85.04
C ALA L 377 -28.67 -10.18 -84.83
N VAL L 378 -29.39 -10.33 -85.94
CA VAL L 378 -30.72 -10.96 -85.93
C VAL L 378 -30.86 -11.88 -87.12
N ASN L 388 -30.45 -5.50 -86.45
CA ASN L 388 -29.03 -5.81 -86.58
C ASN L 388 -28.19 -4.78 -85.84
N GLU L 389 -28.25 -4.83 -84.52
CA GLU L 389 -27.59 -3.84 -83.67
C GLU L 389 -26.07 -4.03 -83.69
N THR L 390 -25.33 -2.93 -83.83
CA THR L 390 -23.88 -2.93 -83.67
C THR L 390 -23.50 -1.70 -82.88
N THR L 391 -22.91 -1.89 -81.70
CA THR L 391 -22.48 -0.76 -80.89
C THR L 391 -20.97 -0.62 -80.95
N THR L 392 -20.50 0.62 -80.83
CA THR L 392 -19.08 0.91 -80.75
C THR L 392 -18.81 1.69 -79.46
N THR L 393 -17.64 1.45 -78.88
CA THR L 393 -17.28 2.02 -77.59
C THR L 393 -15.78 2.20 -77.56
N LYS L 394 -15.32 3.28 -76.93
CA LYS L 394 -13.89 3.54 -76.80
C LYS L 394 -13.38 2.97 -75.49
N GLY L 395 -12.19 2.36 -75.54
CA GLY L 395 -11.64 1.72 -74.38
C GLY L 395 -10.85 2.68 -73.50
N ASP L 396 -10.71 2.29 -72.24
CA ASP L 396 -10.01 3.11 -71.26
C ASP L 396 -8.51 3.00 -71.44
N TYR L 397 -7.81 4.06 -71.04
CA TYR L 397 -6.36 4.08 -71.05
C TYR L 397 -5.75 3.75 -69.69
N THR L 398 -6.57 3.46 -68.69
CA THR L 398 -6.07 3.36 -67.32
C THR L 398 -5.03 2.26 -67.16
N LYS L 399 -5.12 1.16 -67.91
CA LYS L 399 -4.07 0.16 -67.83
C LYS L 399 -2.82 0.63 -68.54
N LEU L 400 -2.96 1.21 -69.73
CA LEU L 400 -1.81 1.77 -70.41
C LEU L 400 -1.19 2.90 -69.61
N ALA L 401 -2.03 3.76 -69.04
CA ALA L 401 -1.50 4.84 -68.19
C ALA L 401 -0.77 4.26 -66.99
N SER L 402 -1.28 3.15 -66.44
CA SER L 402 -0.58 2.53 -65.32
C SER L 402 0.74 1.90 -65.76
N ALA L 403 0.84 1.48 -67.01
CA ALA L 403 2.07 0.87 -67.49
C ALA L 403 3.12 1.92 -67.81
N LEU L 404 2.71 3.06 -68.37
CA LEU L 404 3.66 4.09 -68.79
C LEU L 404 4.12 4.96 -67.64
N SER L 405 3.39 5.01 -66.53
CA SER L 405 3.70 5.96 -65.47
C SER L 405 5.10 5.72 -64.90
N SER L 406 5.59 4.49 -64.97
CA SER L 406 6.88 4.16 -64.37
C SER L 406 8.04 4.30 -65.33
N ILE L 407 7.79 4.62 -66.60
CA ILE L 407 8.87 4.74 -67.57
C ILE L 407 9.69 5.99 -67.27
N GLN L 408 10.97 5.80 -67.02
CA GLN L 408 11.97 6.87 -67.05
C GLN L 408 12.90 6.49 -68.18
N GLY L 409 12.78 7.13 -69.33
CA GLY L 409 13.70 6.80 -70.38
C GLY L 409 13.01 6.79 -71.72
N ALA L 410 13.66 6.14 -72.68
CA ALA L 410 13.07 5.88 -73.97
C ALA L 410 12.49 4.49 -74.03
N ALA L 411 11.16 4.40 -74.12
CA ALA L 411 10.46 3.15 -74.37
C ALA L 411 9.77 3.26 -75.72
N VAL L 412 10.25 2.51 -76.70
CA VAL L 412 9.83 2.65 -78.09
C VAL L 412 9.37 1.29 -78.59
N SER L 413 8.11 1.21 -79.01
CA SER L 413 7.54 -0.04 -79.49
C SER L 413 7.62 -0.09 -81.01
N ILE L 414 8.42 -1.02 -81.52
CA ILE L 414 8.53 -1.26 -82.95
C ILE L 414 7.72 -2.51 -83.26
N ALA L 415 6.59 -2.33 -83.95
CA ALA L 415 5.71 -3.45 -84.27
C ALA L 415 6.10 -4.00 -85.64
N MET L 416 6.51 -5.27 -85.66
CA MET L 416 6.87 -5.95 -86.90
C MET L 416 6.23 -7.32 -86.92
N GLY L 417 5.34 -7.55 -87.88
CA GLY L 417 4.68 -8.83 -88.05
C GLY L 417 4.07 -9.38 -86.78
N ASP L 418 3.26 -8.55 -86.10
CA ASP L 418 2.54 -8.83 -84.86
C ASP L 418 3.47 -9.09 -83.69
N TRP L 419 4.76 -9.14 -83.94
CA TRP L 419 5.77 -9.17 -82.89
C TRP L 419 6.19 -7.74 -82.59
N THR L 420 5.85 -7.25 -81.41
CA THR L 420 6.14 -5.88 -81.02
C THR L 420 7.36 -5.90 -80.11
N ALA L 421 8.47 -5.38 -80.60
CA ALA L 421 9.69 -5.28 -79.83
C ALA L 421 9.74 -3.93 -79.13
N LEU L 422 9.78 -3.95 -77.81
CA LEU L 422 9.82 -2.73 -77.01
C LEU L 422 11.26 -2.50 -76.58
N ILE L 423 11.89 -1.49 -77.16
CA ILE L 423 13.24 -1.10 -76.79
C ILE L 423 13.12 -0.10 -75.66
N ASN L 424 14.01 -0.18 -74.68
CA ASN L 424 14.04 0.86 -73.67
C ASN L 424 15.47 1.13 -73.26
N ALA L 425 15.81 2.41 -73.17
CA ALA L 425 17.17 2.78 -72.86
C ALA L 425 17.15 4.14 -72.16
N VAL L 426 18.01 4.31 -71.16
CA VAL L 426 18.10 5.57 -70.45
C VAL L 426 19.48 5.67 -69.82
N SER L 427 19.97 6.89 -69.65
CA SER L 427 21.18 7.17 -68.89
C SER L 427 20.85 8.24 -67.88
N ASN L 428 20.85 7.89 -66.61
CA ASN L 428 20.57 8.83 -65.54
C ASN L 428 21.88 9.28 -64.94
N ASP L 429 22.21 10.55 -65.12
CA ASP L 429 23.44 11.12 -64.60
C ASP L 429 23.08 12.16 -63.56
N SER L 430 23.46 11.90 -62.32
CA SER L 430 23.13 12.78 -61.21
C SER L 430 24.40 13.29 -60.56
N SER L 431 24.27 14.40 -59.86
CA SER L 431 25.38 14.99 -59.13
C SER L 431 24.83 15.81 -57.98
N SER L 432 25.65 16.00 -56.96
CA SER L 432 25.31 16.84 -55.84
C SER L 432 26.58 17.41 -55.24
N ASN L 433 26.52 18.66 -54.83
CA ASN L 433 27.67 19.30 -54.22
C ASN L 433 27.14 20.21 -53.11
N ILE L 434 27.64 20.03 -51.89
CA ILE L 434 27.08 20.73 -50.73
C ILE L 434 28.21 21.18 -49.84
N LEU L 435 28.25 22.47 -49.51
CA LEU L 435 29.11 22.97 -48.46
C LEU L 435 28.22 23.72 -47.51
N SER L 436 28.23 23.38 -46.23
CA SER L 436 27.62 24.21 -45.22
C SER L 436 28.64 24.25 -44.12
N SER L 437 28.99 25.41 -43.58
CA SER L 437 29.87 25.44 -42.41
C SER L 437 29.22 26.28 -41.34
N PRO L 438 28.94 25.73 -40.17
CA PRO L 438 28.36 26.54 -39.09
C PRO L 438 29.47 26.87 -38.12
N SER L 439 29.59 28.14 -37.74
CA SER L 439 30.52 28.59 -36.71
C SER L 439 29.78 29.13 -35.49
N ILE L 440 30.15 28.63 -34.32
CA ILE L 440 29.61 29.09 -33.05
C ILE L 440 30.77 29.68 -32.26
N THR L 441 30.54 30.87 -31.70
CA THR L 441 31.53 31.58 -30.89
C THR L 441 31.16 31.41 -29.41
N VAL L 442 32.14 30.95 -28.63
CA VAL L 442 31.96 30.38 -27.31
C VAL L 442 32.94 31.01 -26.36
N MET L 443 32.56 31.13 -25.10
CA MET L 443 33.52 31.42 -24.07
C MET L 443 34.29 30.15 -23.78
N ASP L 444 35.56 30.28 -23.44
CA ASP L 444 36.36 29.11 -23.08
C ASP L 444 35.70 28.34 -21.96
N ASN L 445 35.78 27.01 -22.04
CA ASN L 445 35.21 26.10 -21.06
C ASN L 445 33.69 26.15 -21.02
N GLY L 446 33.10 27.07 -21.76
CA GLY L 446 31.66 27.10 -21.89
C GLY L 446 31.20 26.31 -23.08
N GLU L 447 29.95 25.83 -23.02
CA GLU L 447 29.39 25.01 -24.06
C GLU L 447 28.42 25.82 -24.90
N ALA L 448 28.33 25.48 -26.18
CA ALA L 448 27.38 26.17 -27.05
C ALA L 448 26.68 25.17 -27.95
N SER L 449 25.39 25.38 -28.13
CA SER L 449 24.61 24.66 -29.10
C SER L 449 24.33 25.58 -30.28
N PHE L 450 24.26 25.00 -31.46
CA PHE L 450 23.92 25.73 -32.67
C PHE L 450 23.03 24.83 -33.50
N ILE L 451 21.84 25.32 -33.84
CA ILE L 451 20.94 24.53 -34.66
C ILE L 451 20.40 25.36 -35.81
N VAL L 452 20.53 24.83 -37.02
CA VAL L 452 19.79 25.34 -38.16
C VAL L 452 18.99 24.16 -38.66
N ALA L 453 17.68 24.26 -38.60
CA ALA L 453 16.81 23.17 -39.02
C ALA L 453 15.41 23.62 -39.39
N GLU L 454 14.75 22.80 -40.19
CA GLU L 454 13.33 22.96 -40.47
C GLU L 454 12.67 21.64 -40.13
N GLU L 455 11.56 21.67 -39.40
CA GLU L 455 10.93 20.43 -38.98
C GLU L 455 9.73 20.10 -39.86
N VAL L 456 9.85 19.00 -40.61
CA VAL L 456 8.76 18.46 -41.40
C VAL L 456 7.85 17.64 -40.51
N PRO L 457 6.61 17.41 -40.94
CA PRO L 457 5.69 16.59 -40.13
C PRO L 457 6.05 15.10 -40.24
N VAL L 458 5.91 14.38 -39.13
CA VAL L 458 6.20 12.94 -39.12
C VAL L 458 5.02 12.13 -38.59
N ILE L 459 4.70 11.05 -39.28
CA ILE L 459 3.61 10.17 -38.86
C ILE L 459 4.17 8.82 -38.41
N THR L 460 4.02 8.54 -37.12
CA THR L 460 4.48 7.28 -36.56
C THR L 460 3.29 6.34 -36.33
N GLY L 461 2.16 6.66 -36.94
CA GLY L 461 0.96 5.86 -36.81
C GLY L 461 0.28 5.60 -38.14
N PHE L 472 -6.49 9.07 -41.40
CA PHE L 472 -6.17 9.71 -40.13
C PHE L 472 -4.87 9.15 -39.55
N GLN L 473 -3.76 9.79 -39.89
CA GLN L 473 -2.45 9.36 -39.40
C GLN L 473 -1.78 10.43 -38.55
N THR L 474 -1.29 10.04 -37.39
CA THR L 474 -0.64 10.96 -36.47
C THR L 474 0.69 11.48 -37.03
N VAL L 475 0.99 12.74 -36.72
CA VAL L 475 2.22 13.37 -37.17
C VAL L 475 3.07 13.88 -36.02
N ASP L 476 4.36 13.55 -36.05
CA ASP L 476 5.29 14.01 -35.02
C ASP L 476 6.39 14.87 -35.64
N ARG L 477 6.66 16.02 -35.03
CA ARG L 477 7.65 16.95 -35.54
C ARG L 477 9.03 16.54 -35.00
N LYS L 478 9.97 16.45 -35.92
CA LYS L 478 11.38 16.23 -35.64
C LYS L 478 12.13 17.20 -36.53
N GLU L 479 13.36 17.56 -36.15
CA GLU L 479 14.09 18.60 -36.87
C GLU L 479 15.28 18.08 -37.66
N VAL L 480 15.35 18.49 -38.93
CA VAL L 480 16.47 18.15 -39.79
C VAL L 480 17.19 19.43 -40.18
N GLY L 481 18.50 19.43 -40.04
CA GLY L 481 19.29 20.64 -40.22
C GLY L 481 20.69 20.40 -39.72
N ILE L 482 21.48 21.47 -39.61
CA ILE L 482 22.83 21.34 -39.10
C ILE L 482 22.89 21.79 -37.65
N LYS L 483 23.35 20.91 -36.78
CA LYS L 483 23.52 21.24 -35.38
C LYS L 483 24.94 20.92 -34.93
N LEU L 484 25.51 21.85 -34.18
CA LEU L 484 26.89 21.78 -33.71
C LEU L 484 26.88 22.11 -32.24
N LYS L 485 27.26 21.16 -31.40
CA LYS L 485 27.33 21.39 -29.96
C LYS L 485 28.77 21.19 -29.52
N VAL L 486 29.42 22.25 -29.08
CA VAL L 486 30.85 22.21 -28.86
C VAL L 486 31.17 22.73 -27.47
N VAL L 487 32.19 22.15 -26.84
CA VAL L 487 32.60 22.54 -25.50
C VAL L 487 34.12 22.72 -25.48
N PRO L 488 34.65 23.85 -25.90
CA PRO L 488 36.10 23.99 -25.99
C PRO L 488 36.71 24.26 -24.64
N GLN L 489 37.97 23.86 -24.49
CA GLN L 489 38.82 24.40 -23.45
C GLN L 489 40.18 24.67 -24.05
N ILE L 490 40.82 25.73 -23.61
CA ILE L 490 42.00 26.25 -24.29
C ILE L 490 43.22 25.87 -23.47
N ASN L 491 44.12 25.11 -24.08
CA ASN L 491 45.50 25.07 -23.62
C ASN L 491 45.98 26.51 -23.46
N GLU L 492 46.72 26.77 -22.39
CA GLU L 492 46.95 28.16 -21.98
C GLU L 492 47.58 29.01 -23.08
N GLY L 493 48.01 28.41 -24.18
CA GLY L 493 48.22 29.14 -25.41
C GLY L 493 48.00 28.21 -26.58
N ASN L 494 47.64 28.80 -27.72
CA ASN L 494 47.42 28.02 -28.95
C ASN L 494 46.38 26.93 -28.78
N SER L 495 46.79 25.67 -28.85
CA SER L 495 45.88 24.57 -29.15
C SER L 495 44.62 24.59 -28.30
N VAL L 496 43.50 24.30 -28.94
CA VAL L 496 42.17 24.23 -28.34
C VAL L 496 41.73 22.79 -28.34
N GLN L 497 41.22 22.32 -27.22
CA GLN L 497 40.60 21.01 -27.13
C GLN L 497 39.10 21.14 -27.30
N LEU L 498 38.51 20.26 -28.10
CA LEU L 498 37.11 20.35 -28.47
C LEU L 498 36.43 19.03 -28.17
N ASN L 499 35.41 19.08 -27.33
CA ASN L 499 34.42 18.01 -27.24
C ASN L 499 33.28 18.43 -28.14
N ILE L 500 33.10 17.73 -29.25
CA ILE L 500 32.22 18.18 -30.31
C ILE L 500 31.21 17.12 -30.64
N GLU L 501 29.97 17.54 -30.84
CA GLU L 501 28.88 16.68 -31.29
C GLU L 501 28.26 17.37 -32.49
N GLN L 502 28.41 16.78 -33.67
CA GLN L 502 28.03 17.46 -34.89
C GLN L 502 27.10 16.59 -35.70
N GLU L 503 25.94 17.13 -36.07
CA GLU L 503 24.94 16.37 -36.78
C GLU L 503 24.42 17.16 -37.96
N VAL L 504 24.15 16.49 -39.07
CA VAL L 504 23.63 17.17 -40.24
C VAL L 504 22.28 16.57 -40.62
N SER L 505 21.30 17.42 -40.84
CA SER L 505 19.97 16.95 -41.19
C SER L 505 19.69 17.19 -42.67
N ASN L 506 19.47 16.12 -43.40
CA ASN L 506 19.09 16.20 -44.81
C ASN L 506 17.84 15.40 -45.06
N VAL L 507 16.89 15.98 -45.78
CA VAL L 507 15.63 15.30 -46.02
C VAL L 507 15.14 15.40 -47.46
N LEU L 508 14.72 14.26 -48.01
CA LEU L 508 14.22 14.21 -49.38
C LEU L 508 12.74 14.54 -49.45
N ASP L 515 5.78 9.44 -44.79
CA ASP L 515 6.57 8.60 -45.68
C ASP L 515 7.70 9.39 -46.32
N VAL L 516 8.45 10.12 -45.50
CA VAL L 516 9.56 10.92 -45.98
C VAL L 516 10.88 10.41 -45.41
N ARG L 517 11.87 10.23 -46.29
CA ARG L 517 13.16 9.73 -45.86
C ARG L 517 14.21 10.83 -45.89
N PHE L 518 14.90 11.01 -44.77
CA PHE L 518 15.95 12.02 -44.66
C PHE L 518 17.22 11.40 -44.10
N ALA L 519 18.37 11.89 -44.56
CA ALA L 519 19.64 11.34 -44.13
C ALA L 519 20.30 12.22 -43.08
N LYS L 520 20.73 11.58 -41.99
CA LYS L 520 21.41 12.28 -40.91
C LYS L 520 22.75 11.60 -40.63
N ARG L 521 23.83 12.34 -40.80
CA ARG L 521 25.17 11.80 -40.59
C ARG L 521 25.90 12.61 -39.54
N GLN L 522 25.93 12.10 -38.31
CA GLN L 522 26.55 12.82 -37.22
C GLN L 522 27.84 12.12 -36.83
N LEU L 523 28.74 12.92 -36.28
CA LEU L 523 29.93 12.40 -35.62
C LEU L 523 30.16 13.24 -34.39
N ASN L 524 30.37 12.59 -33.26
CA ASN L 524 30.65 13.27 -32.01
C ASN L 524 31.90 12.67 -31.41
N THR L 525 32.95 13.49 -31.33
CA THR L 525 34.28 13.04 -31.00
C THR L 525 34.93 14.09 -30.12
N SER L 526 36.21 13.89 -29.82
CA SER L 526 36.99 14.83 -29.05
C SER L 526 38.33 15.01 -29.77
N VAL L 527 38.63 16.22 -30.19
CA VAL L 527 39.85 16.47 -30.96
C VAL L 527 40.62 17.58 -30.29
N MET L 528 41.88 17.72 -30.69
CA MET L 528 42.73 18.80 -30.21
C MET L 528 43.33 19.48 -31.43
N VAL L 529 42.95 20.73 -31.65
CA VAL L 529 43.27 21.44 -32.88
C VAL L 529 44.19 22.60 -32.53
N GLN L 530 45.15 22.90 -33.40
CA GLN L 530 45.94 24.09 -33.18
C GLN L 530 45.09 25.33 -33.33
N ASP L 531 45.60 26.45 -32.83
CA ASP L 531 44.87 27.71 -32.77
C ASP L 531 44.13 28.05 -34.05
N GLY L 532 44.86 28.41 -35.09
CA GLY L 532 44.24 28.85 -36.32
C GLY L 532 44.28 27.87 -37.47
N GLN L 533 44.51 26.59 -37.22
CA GLN L 533 44.66 25.62 -38.28
C GLN L 533 43.47 24.69 -38.33
N MET L 534 43.17 24.23 -39.54
CA MET L 534 42.03 23.35 -39.78
C MET L 534 42.40 21.91 -39.49
N LEU L 535 41.45 21.14 -38.98
CA LEU L 535 41.65 19.73 -38.70
C LEU L 535 40.42 18.95 -39.13
N VAL L 536 40.63 17.75 -39.67
CA VAL L 536 39.56 16.96 -40.25
C VAL L 536 39.02 16.03 -39.17
N LEU L 537 37.78 16.28 -38.73
CA LEU L 537 37.13 15.36 -37.80
C LEU L 537 36.80 14.05 -38.48
N GLY L 538 36.08 14.11 -39.59
CA GLY L 538 35.48 12.88 -40.05
C GLY L 538 35.32 12.86 -41.54
N GLY L 539 34.81 11.75 -42.03
CA GLY L 539 34.61 11.59 -43.45
C GLY L 539 34.06 10.23 -43.79
N LEU L 540 33.60 10.11 -45.02
CA LEU L 540 33.17 8.86 -45.58
C LEU L 540 33.48 8.93 -47.06
N ILE L 541 33.98 7.86 -47.64
CA ILE L 541 34.17 7.77 -49.07
C ILE L 541 33.53 6.48 -49.54
N ASP L 542 32.45 6.59 -50.29
CA ASP L 542 31.65 5.43 -50.62
C ASP L 542 31.58 5.31 -52.13
N GLU L 543 31.72 4.09 -52.63
CA GLU L 543 31.68 3.85 -54.06
C GLU L 543 30.89 2.58 -54.30
N ARG L 544 30.08 2.57 -55.34
CA ARG L 544 29.25 1.43 -55.65
C ARG L 544 29.18 1.23 -57.15
N ALA L 545 29.23 -0.02 -57.58
CA ALA L 545 28.91 -0.38 -58.95
C ALA L 545 28.00 -1.59 -58.92
N LEU L 546 26.77 -1.42 -59.37
CA LEU L 546 25.80 -2.50 -59.44
C LEU L 546 25.48 -2.77 -60.89
N GLU L 547 25.93 -3.90 -61.40
CA GLU L 547 25.61 -4.32 -62.75
C GLU L 547 24.60 -5.46 -62.67
N SER L 548 23.70 -5.51 -63.64
CA SER L 548 22.69 -6.54 -63.72
C SER L 548 22.42 -6.82 -65.18
N GLU L 549 21.99 -8.03 -65.50
CA GLU L 549 21.77 -8.42 -66.88
C GLU L 549 20.75 -9.54 -66.92
N SER L 550 20.10 -9.70 -68.06
CA SER L 550 19.23 -10.83 -68.32
C SER L 550 19.30 -11.13 -69.80
N LYS L 551 19.23 -12.40 -70.16
CA LYS L 551 19.25 -12.79 -71.55
C LYS L 551 18.65 -14.17 -71.68
N VAL L 552 18.58 -14.66 -72.90
CA VAL L 552 17.81 -15.86 -73.23
C VAL L 552 18.28 -17.21 -72.66
N PRO L 553 19.58 -17.47 -72.48
CA PRO L 553 20.94 -16.96 -72.73
C PRO L 553 21.52 -17.05 -74.12
N LEU L 554 21.26 -18.15 -74.83
CA LEU L 554 22.11 -18.51 -75.95
C LEU L 554 22.13 -17.44 -77.03
N LEU L 555 20.95 -16.89 -77.35
CA LEU L 555 20.88 -15.87 -78.39
C LEU L 555 21.56 -14.58 -77.94
N GLY L 556 21.51 -14.28 -76.65
CA GLY L 556 22.11 -13.06 -76.17
C GLY L 556 23.63 -13.10 -76.16
N ASP L 557 24.19 -14.27 -76.49
CA ASP L 557 25.64 -14.40 -76.52
C ASP L 557 26.22 -13.90 -77.84
N ILE L 558 25.46 -14.00 -78.93
CA ILE L 558 25.94 -13.58 -80.25
C ILE L 558 26.39 -12.12 -80.17
N PRO L 559 27.55 -11.77 -80.74
CA PRO L 559 28.04 -10.39 -80.62
C PRO L 559 27.15 -9.35 -81.31
N LEU L 560 26.72 -9.63 -82.54
CA LEU L 560 26.01 -8.61 -83.29
C LEU L 560 24.55 -8.49 -82.85
N LEU L 561 23.84 -9.61 -82.78
CA LEU L 561 22.42 -9.60 -82.46
C LEU L 561 22.14 -9.83 -80.99
N GLY L 562 23.16 -10.00 -80.17
CA GLY L 562 22.92 -10.28 -78.76
C GLY L 562 22.21 -9.15 -78.05
N GLN L 563 22.43 -7.92 -78.48
CA GLN L 563 21.84 -6.79 -77.78
C GLN L 563 20.33 -6.77 -77.95
N LEU L 564 19.80 -7.57 -78.87
CA LEU L 564 18.36 -7.62 -79.04
C LEU L 564 17.71 -8.46 -77.95
N PHE L 565 18.39 -9.47 -77.45
CA PHE L 565 17.82 -10.35 -76.45
C PHE L 565 18.29 -10.07 -75.03
N ARG L 566 19.11 -9.06 -74.80
CA ARG L 566 19.64 -8.74 -73.49
C ARG L 566 18.94 -7.54 -72.89
N SER L 567 18.83 -7.54 -71.57
CA SER L 567 18.45 -6.36 -70.80
C SER L 567 19.53 -6.10 -69.76
N THR L 568 20.22 -4.99 -69.89
CA THR L 568 21.34 -4.67 -69.02
C THR L 568 20.98 -3.44 -68.20
N SER L 569 21.23 -3.49 -66.89
CA SER L 569 21.03 -2.35 -66.01
C SER L 569 22.30 -2.12 -65.22
N SER L 570 22.99 -1.02 -65.49
CA SER L 570 24.24 -0.71 -64.83
C SER L 570 24.09 0.57 -64.02
N GLN L 571 24.78 0.63 -62.88
CA GLN L 571 24.69 1.80 -62.03
C GLN L 571 26.01 2.01 -61.29
N VAL L 572 26.40 3.27 -61.13
CA VAL L 572 27.61 3.63 -60.42
C VAL L 572 27.29 4.79 -59.50
N GLU L 573 27.45 4.60 -58.21
CA GLU L 573 27.21 5.65 -57.24
C GLU L 573 28.52 6.00 -56.55
N LYS L 574 28.62 7.24 -56.09
CA LYS L 574 29.82 7.69 -55.41
C LYS L 574 29.44 8.79 -54.45
N LYS L 575 30.14 8.84 -53.32
CA LYS L 575 29.79 9.80 -52.28
C LYS L 575 31.02 10.14 -51.48
N ASN L 576 31.09 11.39 -51.01
CA ASN L 576 32.21 11.89 -50.23
C ASN L 576 31.67 12.80 -49.14
N LEU L 577 32.18 12.63 -47.95
CA LEU L 577 31.87 13.50 -46.82
C LEU L 577 33.15 13.81 -46.10
N MET L 578 33.47 15.08 -45.96
CA MET L 578 34.51 15.46 -45.01
C MET L 578 33.92 16.47 -44.05
N VAL L 579 34.33 16.35 -42.79
CA VAL L 579 33.95 17.31 -41.76
C VAL L 579 35.23 17.81 -41.15
N PHE L 580 35.49 19.11 -41.32
CA PHE L 580 36.68 19.82 -40.86
C PHE L 580 36.26 20.79 -39.77
N ILE L 581 37.21 21.21 -38.95
CA ILE L 581 36.91 22.24 -37.96
C ILE L 581 38.10 23.18 -37.85
N LYS L 582 37.83 24.48 -37.85
CA LYS L 582 38.85 25.49 -37.58
C LYS L 582 38.44 26.31 -36.37
N PRO L 583 39.11 26.16 -35.24
CA PRO L 583 38.95 27.13 -34.15
C PRO L 583 39.76 28.39 -34.43
N THR L 584 39.41 29.45 -33.72
CA THR L 584 40.25 30.64 -33.69
C THR L 584 40.13 31.24 -32.29
N ILE L 585 41.25 31.54 -31.66
CA ILE L 585 41.20 32.05 -30.30
C ILE L 585 41.13 33.57 -30.33
N ILE L 586 40.12 34.10 -29.67
CA ILE L 586 39.90 35.52 -29.53
C ILE L 586 40.26 35.89 -28.10
N ARG L 587 41.31 36.68 -27.95
CA ARG L 587 41.80 37.14 -26.66
C ARG L 587 41.61 38.64 -26.50
N ASP L 588 42.27 39.43 -27.34
CA ASP L 588 42.08 40.87 -27.33
C ASP L 588 40.72 41.23 -27.90
N GLY L 589 40.27 42.45 -27.61
CA GLY L 589 39.11 42.99 -28.28
C GLY L 589 39.34 43.32 -29.73
N VAL L 590 40.58 43.67 -30.09
CA VAL L 590 40.88 43.98 -31.48
C VAL L 590 40.78 42.75 -32.37
N THR L 591 40.99 41.56 -31.83
CA THR L 591 40.80 40.35 -32.64
C THR L 591 39.33 40.10 -32.92
N ALA L 592 38.49 40.16 -31.89
CA ALA L 592 37.05 40.01 -32.10
C ALA L 592 36.52 41.07 -33.05
N ASP L 593 37.00 42.30 -32.93
CA ASP L 593 36.59 43.33 -33.86
C ASP L 593 37.10 43.06 -35.27
N GLY L 594 38.27 42.45 -35.40
CA GLY L 594 38.79 42.13 -36.72
C GLY L 594 38.03 41.04 -37.41
N ILE L 595 37.59 40.02 -36.67
CA ILE L 595 36.79 38.96 -37.25
C ILE L 595 35.37 39.45 -37.55
N THR L 596 34.73 40.07 -36.56
CA THR L 596 33.40 40.60 -36.75
C THR L 596 33.35 41.59 -37.90
N GLN L 597 34.42 42.35 -38.11
CA GLN L 597 34.40 43.33 -39.18
C GLN L 597 34.39 42.66 -40.55
N ARG L 598 35.11 41.56 -40.71
CA ARG L 598 35.11 40.93 -42.02
C ARG L 598 33.86 40.09 -42.24
N LYS L 599 33.35 39.42 -41.21
CA LYS L 599 32.11 38.69 -41.40
C LYS L 599 30.93 39.63 -41.58
N TYR L 600 31.04 40.86 -41.08
CA TYR L 600 30.01 41.86 -41.27
C TYR L 600 30.10 42.48 -42.66
N ASN L 601 31.31 42.88 -43.06
CA ASN L 601 31.50 43.48 -44.38
C ASN L 601 31.27 42.50 -45.50
N TYR L 602 31.41 41.20 -45.28
CA TYR L 602 31.06 40.24 -46.32
C TYR L 602 29.57 40.31 -46.63
N ILE L 603 28.73 40.18 -45.61
CA ILE L 603 27.30 40.28 -45.84
C ILE L 603 26.93 41.66 -46.39
N ARG L 604 27.45 42.72 -45.78
CA ARG L 604 27.15 44.04 -46.32
C ARG L 604 27.50 44.15 -47.79
N ALA L 605 28.61 43.55 -48.21
CA ALA L 605 28.94 43.53 -49.64
C ALA L 605 27.87 42.79 -50.44
N GLU L 606 27.46 41.61 -49.97
CA GLU L 606 26.40 40.89 -50.65
C GLU L 606 25.15 41.74 -50.80
N GLN L 607 24.76 42.45 -49.75
CA GLN L 607 23.52 43.22 -49.78
C GLN L 607 23.64 44.44 -50.68
N LEU L 608 24.78 45.11 -50.66
CA LEU L 608 24.99 46.19 -51.62
C LEU L 608 24.88 45.69 -53.05
N PHE L 609 25.43 44.51 -53.33
CA PHE L 609 25.25 43.94 -54.65
C PHE L 609 23.78 43.63 -54.94
N ARG L 610 23.02 43.20 -53.92
CA ARG L 610 21.59 43.04 -54.09
C ARG L 610 20.92 44.37 -54.40
N ALA L 611 21.46 45.47 -53.90
CA ALA L 611 20.87 46.77 -54.15
C ALA L 611 21.26 47.35 -55.50
N GLU L 612 22.36 46.87 -56.09
CA GLU L 612 22.73 47.38 -57.40
C GLU L 612 21.85 46.79 -58.50
N LYS L 613 21.65 45.48 -58.49
CA LYS L 613 20.58 44.86 -59.28
C LYS L 613 19.47 44.58 -58.28
N GLY L 614 18.43 45.40 -58.32
CA GLY L 614 17.47 45.46 -57.24
C GLY L 614 16.21 44.68 -57.54
N LEU L 615 15.19 44.95 -56.74
CA LEU L 615 13.88 44.41 -57.03
C LEU L 615 13.39 45.02 -58.33
N ARG L 616 13.00 44.18 -59.29
CA ARG L 616 12.63 44.71 -60.59
C ARG L 616 11.33 45.51 -60.52
N LEU L 617 10.38 45.06 -59.71
CA LEU L 617 9.10 45.72 -59.66
C LEU L 617 9.01 46.79 -58.59
N LEU L 618 9.97 46.88 -57.69
CA LEU L 618 9.92 47.80 -56.58
C LEU L 618 11.16 48.69 -56.58
N ASP L 619 11.09 49.77 -55.82
CA ASP L 619 12.20 50.71 -55.74
C ASP L 619 13.38 50.05 -55.04
N ASP L 620 14.58 50.33 -55.54
CA ASP L 620 15.80 49.69 -55.03
C ASP L 620 16.15 50.13 -53.62
N ALA L 621 15.49 51.15 -53.08
CA ALA L 621 15.73 51.57 -51.71
C ALA L 621 14.96 50.74 -50.70
N SER L 622 14.13 49.81 -51.16
CA SER L 622 13.35 48.98 -50.27
C SER L 622 14.06 47.70 -49.84
N VAL L 623 15.19 47.37 -50.47
CA VAL L 623 15.92 46.16 -50.09
C VAL L 623 16.70 46.44 -48.82
N PRO L 624 16.60 45.59 -47.79
CA PRO L 624 17.33 45.85 -46.56
C PRO L 624 18.82 45.68 -46.77
N VAL L 625 19.60 46.62 -46.27
CA VAL L 625 21.05 46.59 -46.38
C VAL L 625 21.64 47.05 -45.06
N LEU L 626 22.66 46.34 -44.60
CA LEU L 626 23.26 46.67 -43.33
C LEU L 626 23.88 48.07 -43.40
N PRO L 627 23.81 48.84 -42.33
CA PRO L 627 24.54 50.11 -42.30
C PRO L 627 26.03 49.86 -42.27
N LYS L 628 26.78 50.87 -42.67
CA LYS L 628 28.23 50.76 -42.64
C LYS L 628 28.68 50.49 -41.22
N PHE L 629 29.75 49.71 -41.08
CA PHE L 629 30.06 49.08 -39.81
C PHE L 629 30.25 50.13 -38.71
N GLY L 630 29.45 50.02 -37.66
CA GLY L 630 29.53 50.91 -36.52
C GLY L 630 28.62 52.12 -36.55
N ASP L 631 27.80 52.29 -37.58
CA ASP L 631 27.02 53.51 -37.74
C ASP L 631 25.58 53.41 -37.23
N ASP L 632 25.18 52.27 -36.68
CA ASP L 632 23.82 52.05 -36.20
C ASP L 632 22.77 52.37 -37.27
N ARG L 633 21.67 52.99 -36.88
CA ARG L 633 20.50 53.10 -37.73
C ARG L 633 20.48 54.33 -38.62
N ARG L 634 20.15 54.13 -39.90
CA ARG L 634 19.76 55.17 -40.83
C ARG L 634 18.39 55.33 -41.43
N HIS L 635 17.89 56.56 -41.53
CA HIS L 635 16.53 56.76 -42.00
C HIS L 635 16.65 56.42 -43.48
N SER L 636 15.50 56.08 -44.07
CA SER L 636 15.41 55.87 -45.51
C SER L 636 15.83 57.12 -46.25
N PRO L 637 16.22 57.01 -47.51
CA PRO L 637 16.65 58.21 -48.23
C PRO L 637 15.54 59.24 -48.35
N GLU L 638 14.34 58.80 -48.71
CA GLU L 638 13.20 59.71 -48.80
C GLU L 638 12.78 60.31 -47.47
N ILE L 639 12.75 59.46 -46.43
CA ILE L 639 12.41 59.91 -45.09
C ILE L 639 13.45 60.90 -44.58
N GLN L 640 14.71 60.60 -44.88
CA GLN L 640 15.81 61.47 -44.48
C GLN L 640 15.64 62.81 -45.16
N ALA L 641 15.26 62.78 -46.43
CA ALA L 641 15.05 64.00 -47.19
C ALA L 641 13.91 64.81 -46.57
N PHE L 642 12.85 64.13 -46.16
CA PHE L 642 11.72 64.78 -45.52
C PHE L 642 12.13 65.44 -44.20
N ILE L 643 12.96 64.75 -43.43
CA ILE L 643 13.32 65.22 -42.10
C ILE L 643 14.04 66.57 -42.13
N GLU L 644 14.92 66.72 -43.10
CA GLU L 644 15.72 67.93 -43.24
C GLU L 644 14.85 69.14 -43.56
N GLN L 645 13.74 68.94 -44.29
CA GLN L 645 12.85 70.04 -44.60
C GLN L 645 12.20 70.59 -43.33
N MET L 646 11.59 69.72 -42.53
CA MET L 646 10.95 70.13 -41.30
C MET L 646 11.97 70.66 -40.29
N GLY M 97 70.99 67.70 62.52
CA GLY M 97 71.32 67.83 63.93
C GLY M 97 70.93 66.64 64.78
N ASP M 98 70.78 66.87 66.08
CA ASP M 98 70.46 65.84 67.06
C ASP M 98 68.97 65.73 67.40
N GLU M 99 68.09 66.46 66.73
CA GLU M 99 66.68 66.50 67.14
C GLU M 99 66.03 65.12 67.03
N VAL M 100 64.98 64.89 67.83
CA VAL M 100 64.18 63.66 67.76
C VAL M 100 62.88 63.97 67.02
N ILE M 101 62.75 63.42 65.80
CA ILE M 101 61.54 63.51 65.00
C ILE M 101 61.24 62.12 64.44
N THR M 102 59.99 61.91 64.05
CA THR M 102 59.53 60.66 63.45
C THR M 102 59.44 60.81 61.92
N GLN M 103 59.88 59.79 61.19
CA GLN M 103 59.77 59.83 59.74
C GLN M 103 58.98 58.65 59.21
N VAL M 104 58.05 58.95 58.32
CA VAL M 104 57.11 57.99 57.75
C VAL M 104 57.44 57.84 56.27
N VAL M 105 57.98 56.68 55.88
CA VAL M 105 58.41 56.45 54.50
C VAL M 105 57.97 55.03 54.11
N ALA M 106 57.86 54.78 52.80
CA ALA M 106 57.29 53.53 52.32
C ALA M 106 58.35 52.57 51.78
N VAL M 107 58.08 51.27 51.92
CA VAL M 107 58.67 50.24 51.09
C VAL M 107 57.51 49.40 50.57
N LYS M 108 57.23 49.52 49.28
CA LYS M 108 56.07 48.80 48.74
C LYS M 108 56.41 47.35 48.42
N ASN M 109 57.68 47.09 48.12
CA ASN M 109 58.04 45.89 47.38
C ASN M 109 57.75 44.63 48.19
N VAL M 110 58.18 44.57 49.45
CA VAL M 110 57.85 43.45 50.33
C VAL M 110 57.72 44.00 51.74
N SER M 111 56.97 43.27 52.58
CA SER M 111 56.68 43.72 53.94
C SER M 111 57.95 44.06 54.71
N VAL M 112 57.92 45.18 55.43
CA VAL M 112 59.11 45.76 56.04
C VAL M 112 59.46 45.13 57.39
N ARG M 113 58.60 44.24 57.92
CA ARG M 113 58.99 43.45 59.07
C ARG M 113 60.31 42.73 58.83
N GLU M 114 60.60 42.43 57.56
CA GLU M 114 61.84 41.82 57.14
C GLU M 114 63.08 42.59 57.58
N LEU M 115 62.95 43.89 57.85
CA LEU M 115 64.06 44.71 58.29
C LEU M 115 64.12 44.93 59.80
N SER M 116 63.20 44.34 60.58
CA SER M 116 63.20 44.63 62.02
C SER M 116 64.52 44.36 62.72
N PRO M 117 65.24 43.24 62.48
CA PRO M 117 66.47 43.00 63.25
C PRO M 117 67.58 43.99 62.97
N LEU M 118 67.80 44.31 61.70
CA LEU M 118 68.93 45.12 61.30
C LEU M 118 68.65 46.59 61.56
N LEU M 119 67.38 47.00 61.44
CA LEU M 119 66.97 48.34 61.84
C LEU M 119 67.10 48.56 63.34
N ARG M 120 66.65 47.59 64.15
CA ARG M 120 66.97 47.66 65.58
C ARG M 120 68.48 47.54 65.82
N GLN M 121 69.25 47.15 64.81
CA GLN M 121 70.70 47.26 64.92
C GLN M 121 71.11 48.73 64.94
N LEU M 122 70.50 49.57 64.10
CA LEU M 122 70.69 51.01 64.21
C LEU M 122 69.93 51.62 65.38
N ILE M 123 68.94 50.91 65.95
CA ILE M 123 68.37 51.34 67.22
C ILE M 123 69.31 50.94 68.35
N ASP M 124 70.08 49.87 68.15
CA ASP M 124 71.18 49.50 69.04
C ASP M 124 72.49 50.25 68.74
N ASN M 125 72.86 50.43 67.46
CA ASN M 125 74.15 51.04 67.10
C ASN M 125 74.39 52.35 67.81
N ALA M 126 73.33 53.10 68.10
CA ALA M 126 73.40 54.35 68.83
C ALA M 126 72.29 54.37 69.88
N GLY M 127 72.09 55.53 70.51
CA GLY M 127 71.12 55.68 71.59
C GLY M 127 69.67 55.44 71.24
N ALA M 128 68.89 55.05 72.24
CA ALA M 128 67.48 54.71 72.05
C ALA M 128 66.61 55.92 72.40
N GLY M 129 65.30 55.70 72.51
CA GLY M 129 64.31 56.71 72.25
C GLY M 129 63.63 56.48 70.93
N ASN M 130 64.24 55.69 70.05
CA ASN M 130 63.72 55.34 68.73
C ASN M 130 62.49 54.45 68.86
N VAL M 131 61.71 54.45 67.78
CA VAL M 131 60.82 53.36 67.43
C VAL M 131 60.98 53.15 65.94
N VAL M 132 60.88 51.91 65.47
CA VAL M 132 60.59 51.69 64.07
C VAL M 132 59.47 50.66 64.03
N HIS M 133 58.30 51.10 63.55
CA HIS M 133 57.09 50.30 63.60
C HIS M 133 56.60 50.11 62.18
N TYR M 134 56.23 48.86 61.88
CA TYR M 134 55.99 48.42 60.51
C TYR M 134 54.51 48.14 60.38
N ASP M 135 53.81 49.01 59.70
CA ASP M 135 52.37 48.85 59.64
C ASP M 135 52.00 47.86 58.56
N PRO M 136 51.19 46.86 58.90
CA PRO M 136 50.78 45.85 57.90
C PRO M 136 50.04 46.44 56.71
N ALA M 137 49.59 47.69 56.81
CA ALA M 137 49.07 48.43 55.67
C ALA M 137 50.20 48.79 54.69
N ASN M 138 51.43 48.45 55.09
CA ASN M 138 52.66 48.71 54.35
C ASN M 138 52.95 50.21 54.19
N ILE M 139 53.30 50.86 55.29
CA ILE M 139 54.10 52.08 55.31
C ILE M 139 55.15 51.84 56.38
N ILE M 140 55.90 52.87 56.76
CA ILE M 140 57.07 52.71 57.62
C ILE M 140 57.15 53.87 58.60
N LEU M 141 57.36 53.54 59.89
CA LEU M 141 57.52 54.50 60.97
C LEU M 141 58.91 54.41 61.60
N ILE M 142 59.58 55.56 61.70
CA ILE M 142 60.73 55.72 62.58
C ILE M 142 60.40 56.88 63.52
N THR M 143 61.02 56.86 64.69
CA THR M 143 61.02 57.99 65.62
C THR M 143 62.38 58.02 66.30
N GLY M 144 63.00 59.18 66.36
CA GLY M 144 64.29 59.28 67.03
C GLY M 144 65.14 60.37 66.41
N ARG M 145 66.44 60.29 66.70
CA ARG M 145 67.34 61.32 66.23
C ARG M 145 67.42 61.33 64.71
N ALA M 146 67.31 62.54 64.16
CA ALA M 146 67.20 62.71 62.70
C ALA M 146 68.35 62.05 61.97
N ALA M 147 69.51 61.95 62.61
CA ALA M 147 70.65 61.27 61.97
C ALA M 147 70.41 59.76 61.91
N VAL M 148 70.10 59.13 63.04
CA VAL M 148 69.90 57.69 63.06
C VAL M 148 68.58 57.33 62.41
N VAL M 149 67.58 58.20 62.54
CA VAL M 149 66.35 58.06 61.78
C VAL M 149 66.62 58.18 60.29
N ASN M 150 67.67 58.91 59.92
CA ASN M 150 68.05 58.98 58.51
C ASN M 150 68.66 57.66 58.07
N ARG M 151 69.81 57.26 58.64
CA ARG M 151 70.39 55.97 58.28
C ARG M 151 69.38 54.83 58.29
N LEU M 152 68.48 54.83 59.27
CA LEU M 152 67.36 53.88 59.28
C LEU M 152 66.48 54.05 58.05
N ALA M 153 66.12 55.29 57.70
CA ALA M 153 65.29 55.51 56.52
C ALA M 153 66.05 55.20 55.24
N GLU M 154 67.38 55.08 55.34
CA GLU M 154 68.25 54.79 54.19
C GLU M 154 68.35 53.30 53.95
N ILE M 155 68.45 52.52 55.03
CA ILE M 155 68.27 51.08 54.93
C ILE M 155 66.86 50.78 54.44
N ILE M 156 65.87 51.35 55.11
CA ILE M 156 64.48 51.21 54.74
C ILE M 156 64.27 51.51 53.26
N ARG M 157 64.56 52.74 52.84
CA ARG M 157 64.45 53.07 51.42
C ARG M 157 65.40 52.25 50.58
N ARG M 158 66.34 51.54 51.22
CA ARG M 158 67.27 50.69 50.49
C ARG M 158 66.59 49.35 50.23
N VAL M 159 65.50 49.06 50.96
CA VAL M 159 64.60 47.99 50.54
C VAL M 159 63.38 48.52 49.77
N ASP M 160 63.09 49.83 49.86
CA ASP M 160 62.12 50.45 48.95
C ASP M 160 62.59 50.41 47.51
N GLN M 161 63.61 51.22 47.23
CA GLN M 161 64.13 51.46 45.90
C GLN M 161 64.74 50.21 45.27
N ALA M 162 65.11 49.23 46.08
CA ALA M 162 65.86 48.06 45.65
C ALA M 162 65.20 47.26 44.54
N GLY M 163 64.09 46.60 44.83
CA GLY M 163 63.58 45.49 44.06
C GLY M 163 62.49 45.80 43.05
N ASP M 164 62.42 47.02 42.54
CA ASP M 164 61.19 47.62 42.03
C ASP M 164 60.42 46.66 41.13
N LYS M 165 59.11 46.61 41.30
CA LYS M 165 58.25 45.71 40.54
C LYS M 165 56.94 46.44 40.27
N GLU M 166 56.55 46.52 38.99
CA GLU M 166 55.21 46.98 38.61
C GLU M 166 54.83 46.42 37.25
N ILE M 167 53.79 47.02 36.69
CA ILE M 167 53.10 46.55 35.49
C ILE M 167 53.49 47.38 34.27
N GLU M 168 53.62 46.70 33.13
CA GLU M 168 53.78 47.35 31.83
C GLU M 168 52.60 47.03 30.94
N VAL M 169 52.38 47.89 29.95
CA VAL M 169 51.43 47.65 28.88
C VAL M 169 52.08 48.05 27.56
N VAL M 170 52.31 47.08 26.69
CA VAL M 170 53.01 47.33 25.45
C VAL M 170 52.33 46.54 24.34
N GLU M 171 52.05 47.23 23.23
CA GLU M 171 51.36 46.65 22.10
C GLU M 171 52.12 45.49 21.49
N LEU M 172 51.38 44.42 21.23
CA LEU M 172 51.85 43.32 20.39
C LEU M 172 51.04 43.40 19.13
N ASN M 173 51.66 43.85 18.04
CA ASN M 173 50.88 44.07 16.83
C ASN M 173 50.68 42.77 16.08
N ASN M 174 51.60 41.83 16.25
CA ASN M 174 51.68 40.74 15.30
C ASN M 174 51.44 39.40 16.00
N ALA M 175 52.47 38.95 16.71
CA ALA M 175 52.37 37.67 17.41
C ALA M 175 51.24 37.73 18.41
N SER M 176 50.31 36.78 18.29
CA SER M 176 49.15 36.78 19.15
C SER M 176 49.58 36.86 20.60
N ALA M 177 48.99 37.80 21.34
CA ALA M 177 49.32 37.92 22.75
C ALA M 177 49.22 36.57 23.41
N ALA M 178 48.03 35.96 23.40
CA ALA M 178 47.86 34.65 24.02
C ALA M 178 48.97 33.70 23.62
N GLU M 179 49.46 33.82 22.39
CA GLU M 179 50.67 33.08 22.03
C GLU M 179 51.87 33.59 22.81
N MET M 180 52.11 34.92 22.81
CA MET M 180 53.21 35.44 23.63
C MET M 180 53.15 34.90 25.03
N VAL M 181 51.96 34.93 25.62
CA VAL M 181 51.65 34.31 26.89
C VAL M 181 52.24 32.91 26.86
N ARG M 182 51.65 32.03 26.06
CA ARG M 182 52.03 30.62 26.11
C ARG M 182 53.54 30.46 26.02
N ILE M 183 54.16 31.21 25.12
CA ILE M 183 55.54 30.93 24.74
C ILE M 183 56.49 31.51 25.79
N VAL M 184 55.99 32.44 26.60
CA VAL M 184 56.68 32.82 27.83
C VAL M 184 56.32 31.88 28.96
N GLU M 185 55.17 31.21 28.89
CA GLU M 185 54.69 30.45 30.02
C GLU M 185 55.71 29.39 30.39
N ALA M 186 56.27 28.76 29.36
CA ALA M 186 57.37 27.82 29.52
C ALA M 186 58.50 28.39 30.35
N LEU M 187 58.66 29.70 30.36
CA LEU M 187 59.71 30.34 31.14
C LEU M 187 59.29 30.30 32.60
N ASN M 188 60.24 30.11 33.49
CA ASN M 188 59.94 30.01 34.91
C ASN M 188 60.81 30.93 35.74
N LYS M 203 55.78 38.89 37.03
CA LYS M 203 55.08 37.91 36.22
C LYS M 203 54.50 38.56 34.96
N PHE M 204 53.52 37.93 34.31
CA PHE M 204 53.20 38.24 32.92
C PHE M 204 51.70 38.44 32.76
N VAL M 205 51.30 39.37 31.89
CA VAL M 205 49.93 39.44 31.41
C VAL M 205 49.99 39.81 29.93
N ALA M 206 48.84 39.81 29.27
CA ALA M 206 48.61 40.41 27.97
C ALA M 206 47.11 40.57 27.76
N ASP M 207 46.72 41.36 26.76
CA ASP M 207 45.33 41.43 26.37
C ASP M 207 45.23 41.23 24.88
N GLU M 208 44.31 40.36 24.45
CA GLU M 208 44.09 40.29 23.01
C GLU M 208 42.88 41.10 22.57
N ARG M 209 42.26 41.87 23.46
CA ARG M 209 41.57 43.04 22.94
C ARG M 209 42.56 43.96 22.27
N THR M 210 43.56 44.38 23.03
CA THR M 210 44.66 45.20 22.56
C THR M 210 45.75 44.39 21.88
N ASN M 211 45.89 43.11 22.24
CA ASN M 211 47.07 42.32 21.88
C ASN M 211 48.32 43.05 22.36
N SER M 212 48.49 43.05 23.69
CA SER M 212 49.57 43.78 24.35
C SER M 212 50.08 43.01 25.56
N ILE M 213 51.39 42.83 25.64
CA ILE M 213 52.01 42.29 26.84
C ILE M 213 51.89 43.29 27.97
N LEU M 214 51.41 42.82 29.10
CA LEU M 214 51.43 43.57 30.33
C LEU M 214 52.48 42.88 31.18
N ILE M 215 53.11 43.59 32.10
CA ILE M 215 54.11 42.91 32.89
C ILE M 215 53.85 43.22 34.35
N SER M 216 54.22 42.29 35.22
CA SER M 216 54.27 42.57 36.65
C SER M 216 55.64 42.17 37.18
N GLY M 217 56.44 43.15 37.52
CA GLY M 217 57.77 42.86 38.02
C GLY M 217 58.77 43.94 37.65
N ASP M 218 60.03 43.53 37.68
CA ASP M 218 61.19 44.39 37.84
C ASP M 218 61.34 45.39 36.69
N PRO M 219 62.00 46.52 36.92
CA PRO M 219 62.63 47.23 35.81
C PRO M 219 63.81 46.47 35.22
N LYS M 220 64.31 45.44 35.88
CA LYS M 220 65.05 44.42 35.14
C LYS M 220 64.11 43.54 34.33
N VAL M 221 62.95 43.19 34.88
CA VAL M 221 61.90 42.57 34.08
C VAL M 221 61.42 43.54 33.01
N ARG M 222 61.58 44.85 33.24
CA ARG M 222 61.24 45.81 32.21
C ARG M 222 62.31 45.86 31.13
N GLU M 223 63.58 45.76 31.51
CA GLU M 223 64.61 45.66 30.48
C GLU M 223 64.48 44.39 29.68
N ARG M 224 64.57 43.24 30.33
CA ARG M 224 64.60 41.99 29.58
C ARG M 224 63.24 41.70 28.95
N LEU M 225 62.16 42.17 29.57
CA LEU M 225 60.86 41.88 28.97
C LEU M 225 60.35 42.98 28.08
N LYS M 226 61.05 44.10 27.97
CA LYS M 226 60.95 44.84 26.72
C LYS M 226 61.80 44.20 25.65
N ARG M 227 62.90 43.55 26.05
CA ARG M 227 63.63 42.72 25.10
C ARG M 227 62.73 41.65 24.51
N LEU M 228 61.88 41.01 25.32
CA LEU M 228 61.01 39.95 24.79
C LEU M 228 59.69 40.51 24.31
N ILE M 229 59.37 41.74 24.69
CA ILE M 229 58.38 42.51 23.93
C ILE M 229 58.80 42.54 22.47
N LYS M 230 60.08 42.83 22.25
CA LYS M 230 60.56 42.97 20.89
C LYS M 230 60.87 41.62 20.26
N GLN M 231 61.31 40.65 21.05
CA GLN M 231 61.85 39.42 20.47
C GLN M 231 60.83 38.69 19.64
N LEU M 232 59.69 38.33 20.21
CA LEU M 232 58.68 37.67 19.40
C LEU M 232 57.62 38.72 19.21
N ASP M 233 57.88 39.61 18.26
CA ASP M 233 56.90 40.44 17.59
C ASP M 233 56.76 40.08 16.13
N VAL M 234 57.75 39.35 15.62
CA VAL M 234 57.89 39.10 14.19
C VAL M 234 56.74 38.27 13.59
N GLU M 235 56.42 38.60 12.35
CA GLU M 235 55.33 37.93 11.65
C GLU M 235 55.90 37.15 10.47
N MET M 236 55.53 35.88 10.40
CA MET M 236 56.05 35.00 9.36
C MET M 236 55.62 35.47 7.98
N ALA M 237 56.53 35.36 7.02
CA ALA M 237 56.23 35.72 5.64
C ALA M 237 55.23 34.73 5.08
N ALA M 238 54.41 35.17 4.12
CA ALA M 238 53.39 34.30 3.57
C ALA M 238 54.04 33.09 2.93
N LYS M 239 53.46 31.93 3.15
CA LYS M 239 54.03 30.67 2.68
C LYS M 239 53.41 30.15 1.39
N GLY M 240 52.46 30.88 0.84
CA GLY M 240 51.73 30.40 -0.32
C GLY M 240 51.05 29.10 0.05
N ASN M 241 50.57 29.06 1.29
CA ASN M 241 49.90 27.91 1.86
C ASN M 241 48.93 27.27 0.89
N ASN M 242 48.21 28.10 0.13
CA ASN M 242 47.33 27.57 -0.90
C ASN M 242 47.72 28.15 -2.25
N ARG M 243 47.42 27.40 -3.31
CA ARG M 243 47.81 27.81 -4.64
C ARG M 243 46.72 27.42 -5.63
N VAL M 244 46.42 28.32 -6.54
CA VAL M 244 45.47 28.07 -7.63
C VAL M 244 46.27 27.70 -8.85
N VAL M 245 46.04 26.50 -9.37
CA VAL M 245 46.80 25.99 -10.50
C VAL M 245 45.89 25.92 -11.72
N TYR M 246 46.39 26.43 -12.84
CA TYR M 246 45.64 26.47 -14.10
C TYR M 246 45.98 25.22 -14.89
N LEU M 247 45.01 24.33 -15.04
CA LEU M 247 45.23 23.11 -15.79
C LEU M 247 45.29 23.43 -17.28
N LYS M 248 46.36 22.96 -17.92
CA LYS M 248 46.49 23.18 -19.36
C LYS M 248 45.59 22.25 -20.14
N TYR M 249 45.60 20.96 -19.80
CA TYR M 249 44.91 19.95 -20.59
C TYR M 249 43.81 19.26 -19.79
N ALA M 250 44.16 18.59 -18.70
CA ALA M 250 43.18 17.79 -17.97
C ALA M 250 42.06 18.68 -17.43
N LYS M 251 40.90 18.08 -17.23
CA LYS M 251 39.77 18.79 -16.65
C LYS M 251 39.85 18.78 -15.13
N ALA M 252 39.45 19.89 -14.52
CA ALA M 252 39.52 20.04 -13.08
C ALA M 252 38.64 19.01 -12.38
N GLU M 253 37.47 18.74 -12.94
CA GLU M 253 36.55 17.80 -12.30
C GLU M 253 37.16 16.40 -12.21
N ASP M 254 37.79 15.94 -13.28
CA ASP M 254 38.47 14.65 -13.25
C ASP M 254 39.64 14.64 -12.27
N LEU M 255 40.39 15.74 -12.25
CA LEU M 255 41.63 15.86 -11.51
C LEU M 255 41.35 15.97 -10.03
N VAL M 256 40.33 16.73 -9.65
CA VAL M 256 40.01 16.87 -8.23
C VAL M 256 39.63 15.51 -7.67
N GLU M 257 38.85 14.75 -8.43
CA GLU M 257 38.46 13.44 -7.92
C GLU M 257 39.70 12.58 -7.70
N VAL M 258 40.61 12.59 -8.68
CA VAL M 258 41.81 11.77 -8.56
C VAL M 258 42.67 12.20 -7.38
N LEU M 259 42.75 13.50 -7.15
CA LEU M 259 43.70 14.08 -6.20
C LEU M 259 43.19 13.96 -4.77
N LYS M 260 41.93 13.59 -4.58
CA LYS M 260 41.39 13.47 -3.24
C LYS M 260 42.23 12.48 -2.41
N GLY M 261 42.46 11.31 -3.00
CA GLY M 261 43.29 10.30 -2.35
C GLY M 261 44.73 10.66 -2.06
N VAL M 262 45.35 11.37 -3.01
CA VAL M 262 46.73 11.83 -2.82
C VAL M 262 46.79 12.79 -1.65
N SER M 263 45.78 13.65 -1.56
CA SER M 263 45.71 14.61 -0.46
C SER M 263 45.62 13.88 0.87
N GLU M 264 44.82 12.82 0.90
CA GLU M 264 44.68 12.01 2.10
C GLU M 264 45.59 10.79 2.08
N VAL M 283 44.05 19.80 4.17
CA VAL M 283 44.06 19.65 2.72
C VAL M 283 42.65 19.70 2.15
N MET M 284 42.45 20.59 1.18
CA MET M 284 41.20 20.64 0.45
C MET M 284 41.49 20.98 -1.00
N ILE M 285 40.81 20.28 -1.90
CA ILE M 285 41.01 20.40 -3.34
C ILE M 285 39.67 20.78 -3.93
N ALA M 286 39.60 21.94 -4.57
CA ALA M 286 38.34 22.39 -5.12
C ALA M 286 38.50 22.75 -6.59
N ALA M 287 37.60 22.27 -7.43
CA ALA M 287 37.70 22.46 -8.87
C ALA M 287 36.87 23.66 -9.27
N HIS M 288 37.51 24.67 -9.86
CA HIS M 288 36.81 25.79 -10.45
C HIS M 288 36.63 25.50 -11.93
N ALA M 289 35.38 25.29 -12.33
CA ALA M 289 35.09 24.76 -13.66
C ALA M 289 35.32 25.81 -14.74
N ASP M 290 34.74 26.99 -14.58
CA ASP M 290 34.72 27.96 -15.67
C ASP M 290 36.12 28.38 -16.08
N THR M 291 37.01 28.54 -15.13
CA THR M 291 38.41 28.82 -15.48
C THR M 291 39.17 27.54 -15.75
N ASN M 292 38.58 26.38 -15.47
CA ASN M 292 39.27 25.10 -15.55
C ASN M 292 40.57 25.15 -14.77
N SER M 293 40.47 25.58 -13.52
CA SER M 293 41.63 25.70 -12.66
C SER M 293 41.24 25.16 -11.31
N LEU M 294 42.14 24.43 -10.67
CA LEU M 294 41.80 23.83 -9.40
C LEU M 294 42.61 24.48 -8.29
N VAL M 295 41.95 24.69 -7.16
CA VAL M 295 42.46 25.40 -6.01
C VAL M 295 42.92 24.36 -5.00
N LEU M 296 44.20 24.39 -4.69
CA LEU M 296 44.81 23.49 -3.74
C LEU M 296 45.03 24.24 -2.44
N THR M 297 44.67 23.64 -1.31
CA THR M 297 45.08 24.18 -0.03
C THR M 297 45.63 23.05 0.84
N ALA M 298 46.87 23.21 1.27
CA ALA M 298 47.58 22.16 1.99
C ALA M 298 48.83 22.75 2.63
N PRO M 299 49.58 21.98 3.42
CA PRO M 299 50.90 22.46 3.86
C PRO M 299 51.89 22.48 2.72
N GLN M 300 53.17 22.78 3.03
CA GLN M 300 54.13 22.96 1.95
C GLN M 300 54.50 21.65 1.26
N ASP M 301 54.80 20.61 2.04
CA ASP M 301 55.24 19.34 1.45
C ASP M 301 54.14 18.69 0.62
N ILE M 302 52.93 18.59 1.16
CA ILE M 302 51.82 18.02 0.39
C ILE M 302 51.56 18.84 -0.85
N MET M 303 51.71 20.16 -0.75
CA MET M 303 51.55 21.01 -1.93
C MET M 303 52.57 20.64 -3.00
N ASN M 304 53.84 20.53 -2.61
CA ASN M 304 54.86 20.15 -3.59
C ASN M 304 54.66 18.75 -4.13
N ALA M 305 53.98 17.87 -3.39
CA ALA M 305 53.66 16.56 -3.95
C ALA M 305 52.55 16.64 -4.98
N MET M 306 51.42 17.27 -4.61
CA MET M 306 50.30 17.35 -5.54
C MET M 306 50.61 18.17 -6.77
N LEU M 307 51.54 19.11 -6.69
CA LEU M 307 51.94 19.80 -7.91
C LEU M 307 52.76 18.91 -8.82
N GLU M 308 53.48 17.94 -8.27
CA GLU M 308 54.19 16.98 -9.11
C GLU M 308 53.29 15.90 -9.66
N VAL M 309 52.18 15.60 -8.97
CA VAL M 309 51.18 14.72 -9.57
C VAL M 309 50.45 15.44 -10.68
N ILE M 310 49.92 16.64 -10.40
CA ILE M 310 49.22 17.42 -11.41
C ILE M 310 50.12 17.67 -12.61
N GLY M 311 51.39 17.94 -12.37
CA GLY M 311 52.31 18.13 -13.48
C GLY M 311 52.36 16.95 -14.42
N GLN M 312 52.24 15.74 -13.90
CA GLN M 312 52.33 14.54 -14.72
C GLN M 312 50.99 14.02 -15.21
N LEU M 313 49.87 14.51 -14.67
CA LEU M 313 48.56 14.16 -15.19
C LEU M 313 48.02 15.19 -16.17
N ASP M 314 48.76 16.27 -16.38
CA ASP M 314 48.34 17.36 -17.24
C ASP M 314 48.88 17.21 -18.67
N ILE M 315 49.48 16.06 -18.99
CA ILE M 315 50.18 15.94 -20.26
C ILE M 315 49.21 16.00 -21.44
N ARG M 316 49.77 16.30 -22.60
CA ARG M 316 49.01 16.34 -23.84
C ARG M 316 48.61 14.94 -24.27
N ARG M 317 47.45 14.83 -24.90
CA ARG M 317 46.92 13.56 -25.37
C ARG M 317 47.09 13.47 -26.88
N ALA M 318 47.76 12.43 -27.34
CA ALA M 318 47.84 12.18 -28.77
C ALA M 318 46.46 11.83 -29.29
N GLN M 319 46.27 11.97 -30.61
CA GLN M 319 44.95 11.72 -31.15
C GLN M 319 45.04 10.88 -32.42
N VAL M 320 44.20 9.85 -32.47
CA VAL M 320 44.26 8.81 -33.49
C VAL M 320 43.26 9.15 -34.59
N LEU M 321 43.64 8.87 -35.83
CA LEU M 321 42.74 8.93 -36.96
C LEU M 321 42.39 7.49 -37.35
N ILE M 322 41.16 7.10 -37.08
CA ILE M 322 40.69 5.74 -37.34
C ILE M 322 40.04 5.71 -38.70
N GLU M 323 40.63 5.02 -39.65
CA GLU M 323 40.06 4.91 -40.98
C GLU M 323 39.69 3.46 -41.24
N ALA M 324 38.40 3.16 -41.20
CA ALA M 324 37.93 1.83 -41.55
C ALA M 324 37.87 1.69 -43.06
N LEU M 325 37.89 0.45 -43.52
CA LEU M 325 37.67 0.15 -44.93
C LEU M 325 36.76 -1.05 -45.03
N ILE M 326 35.63 -0.90 -45.71
CA ILE M 326 34.64 -1.95 -45.83
C ILE M 326 34.53 -2.32 -47.30
N VAL M 327 34.71 -3.60 -47.60
CA VAL M 327 34.64 -4.07 -48.97
C VAL M 327 33.59 -5.15 -49.03
N GLU M 328 32.57 -4.94 -49.86
CA GLU M 328 31.51 -5.92 -50.04
C GLU M 328 31.38 -6.19 -51.53
N MET M 329 31.73 -7.39 -51.96
CA MET M 329 31.68 -7.76 -53.36
C MET M 329 30.71 -8.92 -53.51
N ALA M 330 29.59 -8.69 -54.17
CA ALA M 330 28.63 -9.74 -54.40
C ALA M 330 28.66 -10.09 -55.88
N GLU M 331 28.29 -11.33 -56.18
CA GLU M 331 28.17 -11.74 -57.56
C GLU M 331 27.10 -12.81 -57.61
N GLY M 332 26.36 -12.87 -58.68
CA GLY M 332 25.30 -13.84 -58.79
C GLY M 332 25.11 -14.24 -60.23
N ASP M 333 24.54 -15.43 -60.40
CA ASP M 333 24.27 -15.93 -61.73
C ASP M 333 23.18 -16.97 -61.61
N GLY M 334 22.49 -17.21 -62.70
CA GLY M 334 21.56 -18.31 -62.74
C GLY M 334 21.08 -18.53 -64.15
N ILE M 335 20.73 -19.76 -64.48
CA ILE M 335 20.18 -20.08 -65.79
C ILE M 335 19.00 -20.99 -65.56
N ASN M 336 17.83 -20.55 -65.99
CA ASN M 336 16.60 -21.28 -65.78
C ASN M 336 16.02 -21.53 -67.16
N LEU M 337 16.03 -22.79 -67.60
CA LEU M 337 15.46 -23.08 -68.91
C LEU M 337 14.75 -24.42 -68.86
N GLY M 338 13.60 -24.49 -69.53
CA GLY M 338 12.84 -25.71 -69.60
C GLY M 338 11.67 -25.54 -70.54
N VAL M 339 11.17 -26.68 -71.02
CA VAL M 339 10.08 -26.73 -71.98
C VAL M 339 8.88 -27.34 -71.28
N GLN M 340 7.72 -26.73 -71.45
CA GLN M 340 6.48 -27.24 -70.90
C GLN M 340 5.55 -27.56 -72.05
N TRP M 341 4.56 -28.41 -71.79
CA TRP M 341 3.64 -28.84 -72.83
C TRP M 341 2.22 -28.74 -72.32
N GLY M 342 1.28 -28.61 -73.24
CA GLY M 342 -0.11 -28.67 -72.83
C GLY M 342 -1.08 -28.87 -73.97
N SER M 343 -2.21 -29.49 -73.64
CA SER M 343 -3.35 -29.61 -74.54
C SER M 343 -4.58 -29.35 -73.70
N LEU M 344 -5.32 -28.31 -74.04
CA LEU M 344 -6.43 -27.89 -73.19
C LEU M 344 -7.75 -28.50 -73.65
N GLU M 345 -7.78 -29.16 -74.81
CA GLU M 345 -9.00 -29.83 -75.26
C GLU M 345 -9.36 -30.98 -74.33
N SER M 346 -8.42 -31.90 -74.12
CA SER M 346 -8.47 -32.85 -73.02
C SER M 346 -7.29 -32.48 -72.13
N GLY M 347 -7.56 -31.88 -70.98
CA GLY M 347 -6.48 -31.17 -70.33
C GLY M 347 -5.38 -32.11 -69.93
N SER M 348 -4.23 -31.96 -70.57
CA SER M 348 -3.06 -32.76 -70.29
C SER M 348 -1.85 -31.86 -70.39
N VAL M 349 -1.09 -31.75 -69.32
CA VAL M 349 0.01 -30.80 -69.28
C VAL M 349 1.26 -31.51 -68.84
N ILE M 350 2.39 -31.06 -69.36
CA ILE M 350 3.68 -31.28 -68.74
C ILE M 350 4.09 -29.93 -68.17
N GLN M 351 4.03 -29.82 -66.86
CA GLN M 351 4.02 -28.53 -66.17
C GLN M 351 5.09 -28.52 -65.09
N TYR M 352 5.68 -27.36 -64.87
CA TYR M 352 6.81 -27.23 -63.98
C TYR M 352 6.69 -25.98 -63.12
N GLY M 353 7.20 -26.07 -61.90
CA GLY M 353 7.17 -24.94 -60.99
C GLY M 353 8.47 -24.16 -60.96
N ASN M 354 9.54 -24.78 -61.46
CA ASN M 354 10.81 -24.06 -61.57
C ASN M 354 10.67 -22.83 -62.44
N THR M 355 9.85 -22.91 -63.48
CA THR M 355 9.74 -21.88 -64.48
C THR M 355 8.97 -20.68 -63.93
N GLY M 356 9.12 -19.54 -64.61
CA GLY M 356 8.42 -18.33 -64.25
C GLY M 356 6.91 -18.51 -64.20
N ALA M 357 6.31 -18.98 -65.29
CA ALA M 357 4.88 -19.21 -65.33
C ALA M 357 4.61 -20.57 -65.94
N SER M 358 3.54 -21.20 -65.47
CA SER M 358 3.19 -22.56 -65.83
C SER M 358 2.21 -22.57 -66.99
N ILE M 359 2.34 -23.58 -67.84
CA ILE M 359 1.56 -23.68 -69.06
C ILE M 359 0.06 -23.62 -68.80
N GLY M 360 -0.39 -24.05 -67.62
CA GLY M 360 -1.81 -24.03 -67.33
C GLY M 360 -2.38 -22.62 -67.33
N ASN M 361 -1.83 -21.75 -66.49
CA ASN M 361 -2.31 -20.38 -66.43
C ASN M 361 -2.13 -19.65 -67.76
N VAL M 362 -1.12 -20.02 -68.54
CA VAL M 362 -0.90 -19.34 -69.82
C VAL M 362 -1.97 -19.74 -70.81
N MET M 363 -2.24 -21.03 -70.96
CA MET M 363 -3.28 -21.44 -71.90
C MET M 363 -4.66 -20.95 -71.45
N ILE M 364 -4.97 -21.08 -70.16
CA ILE M 364 -6.24 -20.56 -69.66
C ILE M 364 -6.36 -19.08 -69.95
N GLY M 365 -5.30 -18.32 -69.69
CA GLY M 365 -5.33 -16.90 -69.98
C GLY M 365 -5.56 -16.60 -71.45
N LEU M 366 -4.89 -17.34 -72.34
CA LEU M 366 -5.09 -17.14 -73.76
C LEU M 366 -6.50 -17.44 -74.20
N GLU M 367 -7.14 -18.44 -73.58
CA GLU M 367 -8.52 -18.73 -73.94
C GLU M 367 -9.46 -17.66 -73.42
N GLU M 368 -9.23 -17.17 -72.20
CA GLU M 368 -10.03 -16.07 -71.70
C GLU M 368 -9.85 -14.81 -72.52
N ALA M 369 -8.69 -14.63 -73.13
CA ALA M 369 -8.46 -13.44 -73.94
C ALA M 369 -9.16 -13.49 -75.29
N LYS M 370 -9.53 -14.66 -75.77
CA LYS M 370 -10.19 -14.76 -77.06
C LYS M 370 -11.56 -14.10 -77.02
N ASP M 371 -12.03 -13.69 -78.20
CA ASP M 371 -13.34 -13.07 -78.30
C ASP M 371 -14.43 -14.13 -78.30
N THR M 372 -15.31 -14.06 -77.31
CA THR M 372 -16.38 -15.03 -77.16
C THR M 372 -17.66 -14.52 -77.80
N THR M 373 -18.42 -15.43 -78.38
CA THR M 373 -19.71 -15.11 -78.98
C THR M 373 -20.79 -15.95 -78.33
N GLN M 374 -21.94 -15.34 -78.07
CA GLN M 374 -23.05 -15.97 -77.38
C GLN M 374 -24.28 -15.86 -78.25
N THR M 375 -24.80 -17.00 -78.69
CA THR M 375 -25.86 -17.05 -79.69
C THR M 375 -27.16 -17.57 -79.08
N LYS M 376 -28.25 -16.86 -79.37
CA LYS M 376 -29.59 -17.31 -79.03
C LYS M 376 -30.40 -17.36 -80.32
N ALA M 377 -30.80 -18.56 -80.74
CA ALA M 377 -31.52 -18.74 -81.99
C ALA M 377 -33.03 -18.75 -81.73
N VAL M 378 -33.80 -18.90 -82.81
CA VAL M 378 -35.25 -19.02 -82.72
C VAL M 378 -35.75 -20.08 -83.68
N ASN M 388 -33.15 -14.23 -84.43
CA ASN M 388 -31.94 -15.03 -84.42
C ASN M 388 -30.77 -14.21 -83.89
N GLU M 389 -30.80 -13.94 -82.59
CA GLU M 389 -29.82 -13.06 -81.95
C GLU M 389 -28.47 -13.77 -81.86
N THR M 390 -27.40 -13.04 -82.20
CA THR M 390 -26.03 -13.49 -81.98
C THR M 390 -25.23 -12.31 -81.46
N THR M 391 -24.70 -12.41 -80.25
CA THR M 391 -23.89 -11.35 -79.69
C THR M 391 -22.42 -11.74 -79.70
N THR M 392 -21.56 -10.74 -79.84
CA THR M 392 -20.12 -10.94 -79.75
C THR M 392 -19.56 -10.03 -78.66
N THR M 393 -18.52 -10.52 -77.99
CA THR M 393 -17.95 -9.83 -76.84
C THR M 393 -16.47 -10.16 -76.77
N LYS M 394 -15.66 -9.19 -76.38
CA LYS M 394 -14.22 -9.41 -76.24
C LYS M 394 -13.89 -9.81 -74.82
N GLY M 395 -12.99 -10.77 -74.67
CA GLY M 395 -12.66 -11.28 -73.37
C GLY M 395 -11.56 -10.47 -72.69
N ASP M 396 -11.52 -10.60 -71.37
CA ASP M 396 -10.56 -9.86 -70.56
C ASP M 396 -9.19 -10.51 -70.64
N TYR M 397 -8.15 -9.69 -70.45
CA TYR M 397 -6.78 -10.16 -70.40
C TYR M 397 -6.28 -10.36 -68.97
N THR M 398 -7.12 -10.12 -67.97
CA THR M 398 -6.64 -10.07 -66.60
C THR M 398 -6.03 -11.39 -66.14
N LYS M 399 -6.51 -12.53 -66.63
CA LYS M 399 -5.87 -13.79 -66.28
C LYS M 399 -4.55 -13.94 -67.02
N LEU M 400 -4.52 -13.63 -68.31
CA LEU M 400 -3.27 -13.66 -69.04
C LEU M 400 -2.28 -12.65 -68.49
N ALA M 401 -2.76 -11.45 -68.16
CA ALA M 401 -1.88 -10.47 -67.54
C ALA M 401 -1.35 -10.97 -66.21
N SER M 402 -2.18 -11.68 -65.45
CA SER M 402 -1.71 -12.24 -64.19
C SER M 402 -0.69 -13.36 -64.41
N ALA M 403 -0.78 -14.06 -65.54
CA ALA M 403 0.16 -15.14 -65.80
C ALA M 403 1.50 -14.61 -66.31
N LEU M 404 1.48 -13.56 -67.13
CA LEU M 404 2.70 -13.04 -67.71
C LEU M 404 3.48 -12.12 -66.77
N SER M 405 2.83 -11.59 -65.73
CA SER M 405 3.48 -10.59 -64.90
C SER M 405 4.74 -11.15 -64.22
N SER M 406 4.78 -12.45 -63.99
CA SER M 406 5.90 -13.06 -63.27
C SER M 406 7.00 -13.54 -64.18
N ILE M 407 6.84 -13.45 -65.50
CA ILE M 407 7.87 -13.92 -66.42
C ILE M 407 9.06 -12.99 -66.36
N GLN M 408 10.22 -13.54 -66.02
CA GLN M 408 11.51 -12.90 -66.23
C GLN M 408 12.23 -13.83 -67.21
N GLY M 409 12.30 -13.45 -68.47
CA GLY M 409 13.01 -14.31 -69.38
C GLY M 409 12.32 -14.39 -70.71
N ALA M 410 12.68 -15.42 -71.47
CA ALA M 410 12.00 -15.75 -72.70
C ALA M 410 10.97 -16.84 -72.48
N ALA M 411 9.70 -16.49 -72.61
CA ALA M 411 8.60 -17.45 -72.60
C ALA M 411 7.95 -17.42 -73.97
N VAL M 412 8.12 -18.49 -74.74
CA VAL M 412 7.73 -18.54 -76.15
C VAL M 412 6.81 -19.73 -76.35
N SER M 413 5.59 -19.48 -76.81
CA SER M 413 4.61 -20.54 -77.02
C SER M 413 4.63 -20.94 -78.49
N ILE M 414 5.04 -22.18 -78.74
CA ILE M 414 5.02 -22.77 -80.08
C ILE M 414 3.83 -23.69 -80.14
N ALA M 415 2.81 -23.31 -80.90
CA ALA M 415 1.59 -24.10 -81.01
C ALA M 415 1.72 -25.05 -82.20
N MET M 416 1.68 -26.35 -81.92
CA MET M 416 1.75 -27.37 -82.96
C MET M 416 0.67 -28.42 -82.70
N GLY M 417 -0.27 -28.53 -83.63
CA GLY M 417 -1.33 -29.52 -83.55
C GLY M 417 -2.05 -29.53 -82.21
N ASP M 418 -2.51 -28.36 -81.78
CA ASP M 418 -3.25 -28.07 -80.54
C ASP M 418 -2.43 -28.37 -79.29
N TRP M 419 -1.23 -28.91 -79.47
CA TRP M 419 -0.26 -29.05 -78.39
C TRP M 419 0.63 -27.81 -78.40
N THR M 420 0.51 -26.98 -77.37
CA THR M 420 1.27 -25.74 -77.28
C THR M 420 2.43 -25.96 -76.33
N ALA M 421 3.65 -25.97 -76.88
CA ALA M 421 4.85 -26.13 -76.08
C ALA M 421 5.37 -24.75 -75.70
N LEU M 422 5.45 -24.48 -74.41
CA LEU M 422 5.92 -23.20 -73.90
C LEU M 422 7.36 -23.37 -73.47
N ILE M 423 8.28 -22.81 -74.22
CA ILE M 423 9.69 -22.81 -73.88
C ILE M 423 9.96 -21.61 -73.01
N ASN M 424 10.80 -21.76 -71.99
CA ASN M 424 11.21 -20.59 -71.24
C ASN M 424 12.66 -20.73 -70.84
N ALA M 425 13.41 -19.66 -71.02
CA ALA M 425 14.83 -19.71 -70.73
C ALA M 425 15.29 -18.30 -70.35
N VAL M 426 16.18 -18.22 -69.37
CA VAL M 426 16.73 -16.93 -68.96
C VAL M 426 18.08 -17.17 -68.30
N SER M 427 18.96 -16.18 -68.38
CA SER M 427 20.22 -16.17 -67.64
C SER M 427 20.31 -14.85 -66.92
N ASN M 428 20.22 -14.88 -65.60
CA ASN M 428 20.30 -13.67 -64.78
C ASN M 428 21.71 -13.58 -64.23
N ASP M 429 22.45 -12.58 -64.68
CA ASP M 429 23.81 -12.35 -64.24
C ASP M 429 23.86 -11.04 -63.47
N SER M 430 24.18 -11.13 -62.19
CA SER M 430 24.19 -9.96 -61.32
C SER M 430 25.58 -9.78 -60.74
N SER M 431 25.85 -8.56 -60.31
CA SER M 431 27.12 -8.24 -59.68
C SER M 431 26.92 -7.04 -58.77
N SER M 432 27.79 -6.92 -57.78
CA SER M 432 27.79 -5.78 -56.89
C SER M 432 29.20 -5.56 -56.37
N ASN M 433 29.58 -4.30 -56.26
CA ASN M 433 30.89 -3.96 -55.75
C ASN M 433 30.74 -2.72 -54.90
N ILE M 434 31.19 -2.76 -53.65
CA ILE M 434 30.94 -1.69 -52.70
C ILE M 434 32.18 -1.44 -51.87
N LEU M 435 32.66 -0.20 -51.83
CA LEU M 435 33.68 0.20 -50.88
C LEU M 435 33.12 1.41 -50.17
N SER M 436 33.06 1.37 -48.85
CA SER M 436 32.79 2.57 -48.07
C SER M 436 33.80 2.51 -46.96
N SER M 437 34.55 3.57 -46.68
CA SER M 437 35.42 3.56 -45.51
C SER M 437 35.13 4.80 -44.69
N PRO M 438 34.71 4.65 -43.44
CA PRO M 438 34.47 5.82 -42.59
C PRO M 438 35.65 5.97 -41.66
N SER M 439 36.22 7.18 -41.57
CA SER M 439 37.29 7.52 -40.63
C SER M 439 36.80 8.53 -39.59
N ILE M 440 37.01 8.21 -38.33
CA ILE M 440 36.70 9.10 -37.22
C ILE M 440 38.02 9.43 -36.53
N THR M 441 38.24 10.72 -36.26
CA THR M 441 39.43 11.22 -35.57
C THR M 441 39.06 11.51 -34.12
N VAL M 442 39.85 10.95 -33.21
CA VAL M 442 39.52 10.77 -31.80
C VAL M 442 40.70 11.24 -30.97
N MET M 443 40.41 11.76 -29.79
CA MET M 443 41.45 11.94 -28.80
C MET M 443 41.75 10.58 -28.20
N ASP M 444 43.00 10.34 -27.84
CA ASP M 444 43.37 9.09 -27.19
C ASP M 444 42.51 8.86 -25.96
N ASN M 445 42.14 7.60 -25.74
CA ASN M 445 41.32 7.18 -24.60
C ASN M 445 39.91 7.75 -24.66
N GLY M 446 39.64 8.63 -25.60
CA GLY M 446 38.30 9.11 -25.81
C GLY M 446 37.56 8.27 -26.82
N GLU M 447 36.23 8.27 -26.71
CA GLU M 447 35.39 7.48 -27.57
C GLU M 447 34.73 8.35 -28.62
N ALA M 448 34.49 7.80 -29.79
CA ALA M 448 33.80 8.53 -30.83
C ALA M 448 32.78 7.67 -31.52
N SER M 449 31.63 8.26 -31.81
CA SER M 449 30.62 7.64 -32.63
C SER M 449 30.63 8.30 -33.99
N PHE M 450 30.33 7.53 -35.02
CA PHE M 450 30.22 8.04 -36.38
C PHE M 450 29.05 7.33 -37.02
N ILE M 451 28.10 8.10 -37.53
CA ILE M 451 26.96 7.50 -38.20
C ILE M 451 26.69 8.18 -39.52
N VAL M 452 26.60 7.38 -40.58
CA VAL M 452 26.04 7.84 -41.83
C VAL M 452 24.87 6.92 -42.10
N ALA M 453 23.67 7.48 -42.13
CA ALA M 453 22.48 6.67 -42.34
C ALA M 453 21.31 7.48 -42.87
N GLU M 454 20.38 6.78 -43.49
CA GLU M 454 19.09 7.33 -43.87
C GLU M 454 18.03 6.42 -43.27
N GLU M 455 17.02 6.99 -42.63
CA GLU M 455 16.02 6.17 -41.98
C GLU M 455 14.75 6.07 -42.81
N VAL M 456 14.47 4.87 -43.29
CA VAL M 456 13.24 4.57 -43.99
C VAL M 456 12.12 4.31 -42.98
N PRO M 457 10.87 4.42 -43.42
CA PRO M 457 9.75 4.17 -42.50
C PRO M 457 9.58 2.67 -42.25
N VAL M 458 9.24 2.30 -41.01
CA VAL M 458 9.03 0.90 -40.67
C VAL M 458 7.66 0.68 -40.04
N ILE M 459 6.96 -0.37 -40.47
CA ILE M 459 5.66 -0.71 -39.92
C ILE M 459 5.73 -2.01 -39.16
N THR M 460 5.54 -1.94 -37.85
CA THR M 460 5.55 -3.12 -37.00
C THR M 460 4.13 -3.52 -36.62
N GLY M 461 3.16 -2.98 -37.35
CA GLY M 461 1.76 -3.28 -37.10
C GLY M 461 0.99 -3.60 -38.38
N PHE M 472 -4.29 1.14 -42.64
CA PHE M 472 -3.73 1.90 -41.54
C PHE M 472 -2.69 1.09 -40.79
N GLN M 473 -1.43 1.21 -41.20
CA GLN M 473 -0.33 0.48 -40.57
C GLN M 473 0.68 1.43 -39.94
N THR M 474 1.04 1.16 -38.70
CA THR M 474 2.01 2.00 -37.98
C THR M 474 3.41 1.90 -38.58
N VAL M 475 4.13 3.02 -38.54
CA VAL M 475 5.49 3.07 -39.06
C VAL M 475 6.49 3.51 -38.01
N ASP M 476 7.60 2.78 -37.91
CA ASP M 476 8.67 3.11 -36.97
C ASP M 476 9.97 3.37 -37.70
N ARG M 477 10.63 4.48 -37.35
CA ARG M 477 11.87 4.87 -38.01
C ARG M 477 13.03 4.16 -37.32
N LYS M 478 13.86 3.54 -38.16
CA LYS M 478 15.12 2.93 -37.76
C LYS M 478 16.13 3.36 -38.81
N GLU M 479 17.41 3.36 -38.46
CA GLU M 479 18.43 3.91 -39.35
C GLU M 479 19.35 2.84 -39.96
N VAL M 480 19.51 2.91 -41.27
CA VAL M 480 20.42 2.03 -41.98
C VAL M 480 21.52 2.87 -42.61
N GLY M 481 22.77 2.46 -42.42
CA GLY M 481 23.91 3.25 -42.82
C GLY M 481 25.17 2.67 -42.21
N ILE M 482 26.27 3.41 -42.31
CA ILE M 482 27.51 2.95 -41.72
C ILE M 482 27.76 3.67 -40.40
N LYS M 483 27.92 2.89 -39.33
CA LYS M 483 28.24 3.46 -38.04
C LYS M 483 29.47 2.79 -37.46
N LEU M 484 30.34 3.62 -36.90
CA LEU M 484 31.64 3.19 -36.37
C LEU M 484 31.78 3.83 -35.01
N LYS M 485 31.84 3.02 -33.96
CA LYS M 485 32.04 3.53 -32.60
C LYS M 485 33.33 2.96 -32.06
N VAL M 486 34.32 3.81 -31.84
CA VAL M 486 35.67 3.34 -31.55
C VAL M 486 36.18 4.03 -30.29
N VAL M 487 36.96 3.29 -29.50
CA VAL M 487 37.53 3.81 -28.26
C VAL M 487 39.01 3.45 -28.21
N PRO M 488 39.88 4.22 -28.85
CA PRO M 488 41.29 3.84 -28.89
C PRO M 488 41.99 4.18 -27.60
N GLN M 489 43.05 3.43 -27.31
CA GLN M 489 44.06 3.87 -26.37
C GLN M 489 45.41 3.52 -26.96
N ILE M 490 46.39 4.37 -26.74
CA ILE M 490 47.66 4.30 -27.45
C ILE M 490 48.70 3.72 -26.51
N ASN M 491 49.26 2.58 -26.89
CA ASN M 491 50.56 2.19 -26.37
C ASN M 491 51.50 3.36 -26.51
N GLU M 492 52.32 3.61 -25.49
CA GLU M 492 53.02 4.88 -25.39
C GLU M 492 53.87 5.20 -26.62
N GLY M 493 54.04 4.25 -27.53
CA GLY M 493 54.44 4.58 -28.89
C GLY M 493 53.89 3.53 -29.83
N ASN M 494 53.72 3.93 -31.09
CA ASN M 494 53.21 3.04 -32.12
C ASN M 494 51.86 2.41 -31.76
N SER M 495 51.82 1.11 -31.54
CA SER M 495 50.58 0.34 -31.62
C SER M 495 49.43 0.99 -30.86
N VAL M 496 48.26 0.95 -31.48
CA VAL M 496 47.01 1.48 -30.94
C VAL M 496 46.09 0.30 -30.64
N GLN M 497 45.49 0.31 -29.47
CA GLN M 497 44.47 -0.66 -29.13
C GLN M 497 43.09 -0.06 -29.38
N LEU M 498 42.23 -0.86 -30.00
CA LEU M 498 40.92 -0.39 -30.45
C LEU M 498 39.84 -1.29 -29.90
N ASN M 499 38.92 -0.72 -29.14
CA ASN M 499 37.64 -1.34 -28.86
C ASN M 499 36.68 -0.77 -29.89
N ILE M 500 36.23 -1.60 -30.81
CA ILE M 500 35.54 -1.13 -32.00
C ILE M 500 34.20 -1.84 -32.13
N GLU M 501 33.17 -1.07 -32.47
CA GLU M 501 31.85 -1.60 -32.78
C GLU M 501 31.46 -1.03 -34.13
N GLN M 502 31.37 -1.88 -35.14
CA GLN M 502 31.20 -1.41 -36.50
C GLN M 502 30.00 -2.07 -37.13
N GLU M 503 29.10 -1.27 -37.68
CA GLU M 503 27.87 -1.79 -38.24
C GLU M 503 27.62 -1.15 -39.60
N VAL M 504 27.10 -1.93 -40.54
CA VAL M 504 26.80 -1.39 -41.86
C VAL M 504 25.32 -1.56 -42.15
N SER M 505 24.68 -0.50 -42.61
CA SER M 505 23.25 -0.57 -42.91
C SER M 505 23.03 -0.58 -44.42
N ASN M 506 22.44 -1.66 -44.90
CA ASN M 506 22.08 -1.77 -46.31
C ASN M 506 20.62 -2.13 -46.44
N VAL M 507 19.89 -1.44 -47.31
CA VAL M 507 18.47 -1.69 -47.46
C VAL M 507 18.00 -1.77 -48.90
N LEU M 508 17.19 -2.78 -49.21
CA LEU M 508 16.68 -2.98 -50.55
C LEU M 508 15.39 -2.18 -50.77
N ASP M 515 7.26 -3.44 -45.43
CA ASP M 515 7.69 -4.67 -46.08
C ASP M 515 9.00 -4.48 -46.82
N VAL M 516 9.97 -3.88 -46.14
CA VAL M 516 11.28 -3.63 -46.74
C VAL M 516 12.36 -4.41 -46.01
N ARG M 517 13.19 -5.12 -46.77
CA ARG M 517 14.26 -5.91 -46.18
C ARG M 517 15.62 -5.27 -46.40
N PHE M 518 16.37 -5.09 -45.32
CA PHE M 518 17.70 -4.49 -45.38
C PHE M 518 18.70 -5.36 -44.64
N ALA M 519 19.93 -5.41 -45.14
CA ALA M 519 20.96 -6.25 -44.54
C ALA M 519 21.90 -5.43 -43.68
N LYS M 520 22.12 -5.91 -42.46
CA LYS M 520 23.03 -5.26 -41.53
C LYS M 520 24.07 -6.27 -41.04
N ARG M 521 25.34 -6.00 -41.32
CA ARG M 521 26.41 -6.89 -40.92
C ARG M 521 27.42 -6.17 -40.05
N GLN M 522 27.30 -6.37 -38.73
CA GLN M 522 28.17 -5.67 -37.80
C GLN M 522 29.15 -6.65 -37.20
N LEU M 523 30.29 -6.11 -36.81
CA LEU M 523 31.25 -6.84 -35.99
C LEU M 523 31.78 -5.86 -34.97
N ASN M 524 31.80 -6.28 -33.72
CA ASN M 524 32.32 -5.47 -32.63
C ASN M 524 33.33 -6.31 -31.85
N THR M 525 34.58 -5.89 -31.91
CA THR M 525 35.69 -6.68 -31.42
C THR M 525 36.69 -5.74 -30.77
N SER M 526 37.84 -6.29 -30.38
CA SER M 526 38.92 -5.52 -29.79
C SER M 526 40.21 -5.97 -30.46
N VAL M 527 40.89 -5.07 -31.13
CA VAL M 527 42.10 -5.43 -31.87
C VAL M 527 43.23 -4.52 -31.44
N MET M 528 44.44 -4.91 -31.79
CA MET M 528 45.62 -4.10 -31.52
C MET M 528 46.38 -3.95 -32.83
N VAL M 529 46.44 -2.74 -33.35
CA VAL M 529 46.94 -2.47 -34.68
C VAL M 529 48.21 -1.64 -34.56
N GLN M 530 49.18 -1.89 -35.42
CA GLN M 530 50.35 -1.02 -35.44
C GLN M 530 49.96 0.37 -35.90
N ASP M 531 50.84 1.33 -35.64
CA ASP M 531 50.58 2.74 -35.89
C ASP M 531 49.97 3.01 -37.25
N GLY M 532 50.74 2.86 -38.31
CA GLY M 532 50.27 3.19 -39.64
C GLY M 532 49.93 2.03 -40.54
N GLN M 533 49.72 0.84 -40.00
CA GLN M 533 49.51 -0.35 -40.81
C GLN M 533 48.06 -0.80 -40.70
N MET M 534 47.59 -1.40 -41.79
CA MET M 534 46.22 -1.87 -41.89
C MET M 534 46.08 -3.24 -41.26
N LEU M 535 44.94 -3.50 -40.64
CA LEU M 535 44.66 -4.80 -40.06
C LEU M 535 43.23 -5.20 -40.35
N VAL M 536 43.00 -6.49 -40.61
CA VAL M 536 41.70 -6.97 -41.04
C VAL M 536 40.91 -7.40 -39.81
N LEU M 537 39.85 -6.66 -39.50
CA LEU M 537 38.96 -7.06 -38.42
C LEU M 537 38.18 -8.30 -38.81
N GLY M 538 37.48 -8.25 -39.93
CA GLY M 538 36.49 -9.27 -40.14
C GLY M 538 36.28 -9.57 -41.60
N GLY M 539 35.41 -10.53 -41.85
CA GLY M 539 35.13 -10.92 -43.21
C GLY M 539 34.13 -12.05 -43.26
N LEU M 540 33.63 -12.29 -44.45
CA LEU M 540 32.78 -13.42 -44.75
C LEU M 540 33.05 -13.79 -46.19
N ILE M 541 33.13 -15.07 -46.48
CA ILE M 541 33.24 -15.54 -47.85
C ILE M 541 32.18 -16.60 -48.05
N ASP M 542 31.18 -16.31 -48.85
CA ASP M 542 30.03 -17.17 -48.96
C ASP M 542 29.88 -17.59 -50.41
N GLU M 543 29.57 -18.86 -50.62
CA GLU M 543 29.41 -19.40 -51.95
C GLU M 543 28.23 -20.35 -51.94
N ARG M 544 27.44 -20.31 -53.00
CA ARG M 544 26.26 -21.16 -53.09
C ARG M 544 26.08 -21.65 -54.51
N ALA M 545 25.69 -22.91 -54.64
CA ALA M 545 25.22 -23.43 -55.91
C ALA M 545 23.95 -24.22 -55.66
N LEU M 546 22.84 -23.75 -56.19
CA LEU M 546 21.56 -24.43 -56.06
C LEU M 546 21.12 -24.89 -57.44
N GLU M 547 21.14 -26.20 -57.66
CA GLU M 547 20.65 -26.78 -58.89
C GLU M 547 19.32 -27.45 -58.60
N SER M 548 18.43 -27.42 -59.58
CA SER M 548 17.12 -28.04 -59.49
C SER M 548 16.74 -28.53 -60.86
N GLU M 549 15.91 -29.56 -60.92
CA GLU M 549 15.52 -30.15 -62.19
C GLU M 549 14.19 -30.84 -62.03
N SER M 550 13.49 -31.02 -63.13
CA SER M 550 12.28 -31.82 -63.18
C SER M 550 12.19 -32.45 -64.55
N LYS M 551 11.68 -33.67 -64.62
CA LYS M 551 11.53 -34.35 -65.89
C LYS M 551 10.48 -35.44 -65.73
N VAL M 552 10.22 -36.14 -66.82
CA VAL M 552 9.08 -37.04 -66.91
C VAL M 552 9.07 -38.30 -66.03
N PRO M 553 10.22 -38.95 -65.74
CA PRO M 553 11.65 -39.00 -66.02
C PRO M 553 12.13 -39.58 -67.34
N LEU M 554 11.49 -40.67 -67.79
CA LEU M 554 12.13 -41.55 -68.76
C LEU M 554 12.48 -40.80 -70.05
N LEU M 555 11.56 -39.98 -70.54
CA LEU M 555 11.80 -39.26 -71.78
C LEU M 555 12.89 -38.20 -71.60
N GLY M 556 12.99 -37.63 -70.41
CA GLY M 556 13.99 -36.60 -70.19
C GLY M 556 15.39 -37.15 -70.10
N ASP M 557 15.51 -38.48 -70.13
CA ASP M 557 16.83 -39.10 -70.06
C ASP M 557 17.50 -39.13 -71.43
N ILE M 558 16.72 -39.22 -72.50
CA ILE M 558 17.28 -39.29 -73.86
C ILE M 558 18.20 -38.10 -74.08
N PRO M 559 19.39 -38.29 -74.66
CA PRO M 559 20.32 -37.17 -74.83
C PRO M 559 19.83 -36.09 -75.77
N LEU M 560 19.28 -36.47 -76.93
CA LEU M 560 18.94 -35.46 -77.92
C LEU M 560 17.62 -34.77 -77.59
N LEU M 561 16.58 -35.53 -77.31
CA LEU M 561 15.26 -34.98 -77.06
C LEU M 561 14.95 -34.75 -75.60
N GLY M 562 15.89 -35.05 -74.71
CA GLY M 562 15.61 -34.92 -73.29
C GLY M 562 15.34 -33.49 -72.87
N GLN M 563 15.96 -32.54 -73.56
CA GLN M 563 15.81 -31.15 -73.16
C GLN M 563 14.39 -30.65 -73.40
N LEU M 564 13.60 -31.42 -74.15
CA LEU M 564 12.21 -31.02 -74.37
C LEU M 564 11.36 -31.30 -73.15
N PHE M 565 11.67 -32.36 -72.41
CA PHE M 565 10.87 -32.75 -71.27
C PHE M 565 11.44 -32.32 -69.92
N ARG M 566 12.57 -31.62 -69.89
CA ARG M 566 13.20 -31.22 -68.66
C ARG M 566 12.99 -29.74 -68.37
N SER M 567 12.92 -29.41 -67.09
CA SER M 567 12.98 -28.03 -66.63
C SER M 567 14.12 -27.93 -65.62
N THR M 568 15.15 -27.18 -65.96
CA THR M 568 16.33 -27.06 -65.13
C THR M 568 16.44 -25.63 -64.62
N SER M 569 16.70 -25.48 -63.32
CA SER M 569 16.92 -24.16 -62.73
C SER M 569 18.22 -24.21 -61.95
N SER M 570 19.23 -23.50 -62.42
CA SER M 570 20.53 -23.48 -61.78
C SER M 570 20.85 -22.08 -61.29
N GLN M 571 21.56 -22.01 -60.16
CA GLN M 571 21.89 -20.71 -59.59
C GLN M 571 23.23 -20.80 -58.87
N VAL M 572 24.02 -19.74 -58.96
CA VAL M 572 25.31 -19.67 -58.29
C VAL M 572 25.44 -18.29 -57.68
N GLU M 573 25.56 -18.23 -56.36
CA GLU M 573 25.73 -16.96 -55.67
C GLU M 573 27.09 -16.93 -55.01
N LYS M 574 27.62 -15.73 -54.84
CA LYS M 574 28.93 -15.57 -54.22
C LYS M 574 28.98 -14.21 -53.55
N LYS M 575 29.68 -14.14 -52.42
CA LYS M 575 29.71 -12.92 -51.64
C LYS M 575 31.02 -12.85 -50.88
N ASN M 576 31.52 -11.64 -50.70
CA ASN M 576 32.76 -11.38 -49.99
C ASN M 576 32.60 -10.11 -49.16
N LEU M 577 33.06 -10.17 -47.93
CA LEU M 577 33.10 -9.01 -47.05
C LEU M 577 34.43 -9.00 -46.35
N MET M 578 35.17 -7.92 -46.48
CA MET M 578 36.31 -7.71 -45.60
C MET M 578 36.13 -6.38 -44.91
N VAL M 579 36.50 -6.33 -43.64
CA VAL M 579 36.51 -5.10 -42.87
C VAL M 579 37.91 -4.94 -42.33
N PHE M 580 38.59 -3.88 -42.77
CA PHE M 580 39.95 -3.52 -42.42
C PHE M 580 39.92 -2.25 -41.59
N ILE M 581 40.98 -2.00 -40.83
CA ILE M 581 41.09 -0.74 -40.12
C ILE M 581 42.53 -0.26 -40.17
N LYS M 582 42.71 1.02 -40.47
CA LYS M 582 44.02 1.66 -40.38
C LYS M 582 43.95 2.82 -39.40
N PRO M 583 44.57 2.72 -38.23
CA PRO M 583 44.78 3.90 -37.40
C PRO M 583 45.96 4.71 -37.91
N THR M 584 46.02 5.97 -37.48
CA THR M 584 47.21 6.77 -37.66
C THR M 584 47.35 7.67 -36.45
N ILE M 585 48.52 7.71 -35.85
CA ILE M 585 48.69 8.50 -34.63
C ILE M 585 49.14 9.91 -35.00
N ILE M 586 48.39 10.89 -34.53
CA ILE M 586 48.67 12.29 -34.72
C ILE M 586 49.18 12.82 -33.39
N ARG M 587 50.44 13.22 -33.38
CA ARG M 587 51.10 13.78 -32.19
C ARG M 587 51.43 15.25 -32.38
N ASP M 588 52.30 15.56 -33.34
CA ASP M 588 52.61 16.94 -33.67
C ASP M 588 51.43 17.60 -34.37
N GLY M 589 51.45 18.93 -34.38
CA GLY M 589 50.50 19.66 -35.20
C GLY M 589 50.79 19.56 -36.68
N VAL M 590 52.07 19.38 -37.05
CA VAL M 590 52.42 19.25 -38.46
C VAL M 590 51.87 17.95 -39.05
N THR M 591 51.68 16.91 -38.26
CA THR M 591 51.07 15.69 -38.78
C THR M 591 49.60 15.91 -39.07
N ALA M 592 48.85 16.47 -38.12
CA ALA M 592 47.45 16.77 -38.37
C ALA M 592 47.27 17.71 -39.55
N ASP M 593 48.14 18.70 -39.68
CA ASP M 593 48.09 19.57 -40.84
C ASP M 593 48.43 18.84 -42.13
N GLY M 594 49.32 17.85 -42.07
CA GLY M 594 49.66 17.08 -43.25
C GLY M 594 48.54 16.18 -43.72
N ILE M 595 47.81 15.58 -42.79
CA ILE M 595 46.68 14.74 -43.15
C ILE M 595 45.51 15.60 -43.63
N THR M 596 45.16 16.60 -42.83
CA THR M 596 44.06 17.50 -43.20
C THR M 596 44.33 18.17 -44.54
N GLN M 597 45.58 18.45 -44.87
CA GLN M 597 45.86 19.10 -46.12
C GLN M 597 45.58 18.20 -47.31
N ARG M 598 45.89 16.91 -47.18
CA ARG M 598 45.63 16.02 -48.32
C ARG M 598 44.16 15.64 -48.41
N LYS M 599 43.49 15.42 -47.28
CA LYS M 599 42.06 15.15 -47.37
C LYS M 599 41.26 16.37 -47.81
N TYR M 600 41.81 17.55 -47.59
CA TYR M 600 41.17 18.77 -48.05
C TYR M 600 41.43 19.00 -49.53
N ASN M 601 42.69 18.86 -49.95
CA ASN M 601 43.03 19.05 -51.36
C ASN M 601 42.45 17.98 -52.25
N TYR M 602 42.14 16.79 -51.73
CA TYR M 602 41.46 15.81 -52.55
C TYR M 602 40.07 16.30 -52.94
N ILE M 603 39.26 16.69 -51.96
CA ILE M 603 37.94 17.22 -52.28
C ILE M 603 38.05 18.47 -53.13
N ARG M 604 38.92 19.41 -52.75
CA ARG M 604 39.07 20.59 -53.59
C ARG M 604 39.39 20.24 -55.03
N ALA M 605 40.22 19.22 -55.25
CA ALA M 605 40.48 18.78 -56.62
C ALA M 605 39.20 18.27 -57.28
N GLU M 606 38.43 17.44 -56.58
CA GLU M 606 37.15 17.00 -57.13
C GLU M 606 36.27 18.17 -57.54
N GLN M 607 36.17 19.18 -56.69
CA GLN M 607 35.27 20.29 -56.94
C GLN M 607 35.77 21.16 -58.09
N LEU M 608 37.08 21.39 -58.17
CA LEU M 608 37.61 22.09 -59.33
C LEU M 608 37.29 21.35 -60.62
N PHE M 609 37.40 20.03 -60.60
CA PHE M 609 36.98 19.27 -61.77
C PHE M 609 35.50 19.42 -62.05
N ARG M 610 34.68 19.50 -61.00
CA ARG M 610 33.27 19.81 -61.20
C ARG M 610 33.08 21.18 -61.83
N ALA M 611 33.98 22.11 -61.56
CA ALA M 611 33.86 23.44 -62.12
C ALA M 611 34.38 23.54 -63.55
N GLU M 612 35.22 22.59 -63.96
CA GLU M 612 35.71 22.64 -65.34
C GLU M 612 34.64 22.15 -66.31
N LYS M 613 34.01 21.02 -66.02
CA LYS M 613 32.78 20.65 -66.71
C LYS M 613 31.66 20.98 -65.73
N GLY M 614 30.97 22.08 -65.99
CA GLY M 614 30.12 22.71 -65.01
C GLY M 614 28.66 22.34 -65.18
N LEU M 615 27.82 23.11 -64.51
CA LEU M 615 26.39 23.01 -64.74
C LEU M 615 26.10 23.44 -66.17
N ARG M 616 25.42 22.58 -66.93
CA ARG M 616 25.20 22.90 -68.33
C ARG M 616 24.26 24.08 -68.51
N LEU M 617 23.24 24.17 -67.67
CA LEU M 617 22.26 25.22 -67.83
C LEU M 617 22.58 26.48 -67.02
N LEU M 618 23.54 26.43 -66.12
CA LEU M 618 23.84 27.55 -65.25
C LEU M 618 25.31 27.94 -65.39
N ASP M 619 25.63 29.12 -64.89
CA ASP M 619 27.00 29.61 -64.97
C ASP M 619 27.91 28.77 -64.09
N ASP M 620 29.12 28.51 -64.58
CA ASP M 620 30.05 27.64 -63.88
C ASP M 620 30.58 28.24 -62.59
N ALA M 621 30.32 29.51 -62.32
CA ALA M 621 30.74 30.12 -61.06
C ALA M 621 29.76 29.85 -59.93
N SER M 622 28.65 29.18 -60.21
CA SER M 622 27.66 28.88 -59.20
C SER M 622 27.91 27.57 -58.47
N VAL M 623 28.82 26.75 -58.94
CA VAL M 623 29.11 25.48 -58.28
C VAL M 623 29.99 25.74 -57.06
N PRO M 624 29.64 25.25 -55.88
CA PRO M 624 30.45 25.52 -54.70
C PRO M 624 31.78 24.81 -54.80
N VAL M 625 32.85 25.52 -54.47
CA VAL M 625 34.20 24.97 -54.51
C VAL M 625 34.96 25.49 -53.30
N LEU M 626 35.69 24.60 -52.64
CA LEU M 626 36.40 25.00 -51.45
C LEU M 626 37.46 26.03 -51.80
N PRO M 627 37.69 27.02 -50.94
CA PRO M 627 38.80 27.93 -51.14
C PRO M 627 40.12 27.21 -50.99
N LYS M 628 41.17 27.78 -51.58
CA LYS M 628 42.49 27.20 -51.45
C LYS M 628 42.86 27.12 -49.98
N PHE M 629 43.61 26.08 -49.62
CA PHE M 629 43.73 25.68 -48.23
C PHE M 629 44.29 26.82 -47.38
N GLY M 630 43.53 27.24 -46.38
CA GLY M 630 43.94 28.28 -45.45
C GLY M 630 43.50 29.69 -45.80
N ASP M 631 42.76 29.89 -46.88
CA ASP M 631 42.43 31.23 -47.35
C ASP M 631 41.07 31.74 -46.90
N ASP M 632 40.32 30.95 -46.12
CA ASP M 632 38.98 31.32 -45.68
C ASP M 632 38.07 31.73 -46.84
N ARG M 633 37.26 32.76 -46.65
CA ARG M 633 36.17 33.05 -47.56
C ARG M 633 36.54 33.99 -48.70
N ARG M 634 36.12 33.63 -49.92
CA ARG M 634 36.09 34.51 -51.08
C ARG M 634 34.83 34.97 -51.76
N HIS M 635 34.77 36.24 -52.15
CA HIS M 635 33.56 36.79 -52.73
C HIS M 635 33.50 36.09 -54.09
N SER M 636 32.28 36.05 -54.64
CA SER M 636 32.09 35.55 -55.99
C SER M 636 32.89 36.39 -56.98
N PRO M 637 33.17 35.87 -58.16
CA PRO M 637 33.97 36.66 -59.11
C PRO M 637 33.27 37.96 -59.51
N GLU M 638 31.98 37.88 -59.82
CA GLU M 638 31.21 39.07 -60.17
C GLU M 638 31.06 40.06 -59.02
N ILE M 639 30.78 39.54 -57.82
CA ILE M 639 30.66 40.36 -56.64
C ILE M 639 31.99 41.02 -56.31
N GLN M 640 33.06 40.25 -56.47
CA GLN M 640 34.39 40.77 -56.22
C GLN M 640 34.68 41.90 -57.20
N ALA M 641 34.27 41.70 -58.45
CA ALA M 641 34.46 42.73 -59.46
C ALA M 641 33.69 43.99 -59.10
N PHE M 642 32.47 43.82 -58.60
CA PHE M 642 31.65 44.95 -58.17
C PHE M 642 32.30 45.70 -57.01
N ILE M 643 32.87 44.96 -56.07
CA ILE M 643 33.41 45.58 -54.86
C ILE M 643 34.54 46.55 -55.16
N GLU M 644 35.40 46.17 -56.09
CA GLU M 644 36.56 46.98 -56.46
C GLU M 644 36.13 48.31 -57.08
N GLN M 645 35.01 48.34 -57.80
CA GLN M 645 34.53 49.57 -58.39
C GLN M 645 34.15 50.58 -57.32
N MET M 646 33.30 50.18 -56.37
CA MET M 646 32.88 51.05 -55.29
C MET M 646 34.04 51.41 -54.38
N GLY N 97 91.68 51.95 49.25
CA GLY N 97 92.09 52.28 50.61
C GLY N 97 91.34 51.51 51.69
N ASP N 98 91.31 52.07 52.90
CA ASP N 98 90.70 51.45 54.06
C ASP N 98 89.27 51.94 54.35
N GLU N 99 88.66 52.74 53.49
CA GLU N 99 87.38 53.36 53.81
C GLU N 99 86.29 52.29 53.98
N VAL N 100 85.25 52.61 54.75
CA VAL N 100 84.08 51.75 54.92
C VAL N 100 82.94 52.30 54.08
N ILE N 101 82.59 51.58 53.00
CA ILE N 101 81.46 51.88 52.13
C ILE N 101 80.69 50.58 51.89
N THR N 102 79.43 50.73 51.50
CA THR N 102 78.55 49.62 51.17
C THR N 102 78.46 49.44 49.65
N GLN N 103 78.51 48.19 49.18
CA GLN N 103 78.38 47.93 47.75
C GLN N 103 77.22 47.00 47.46
N VAL N 104 76.42 47.39 46.48
CA VAL N 104 75.20 46.70 46.10
C VAL N 104 75.40 46.11 44.71
N VAL N 105 75.50 44.79 44.62
CA VAL N 105 75.79 44.12 43.34
C VAL N 105 74.89 42.88 43.25
N ALA N 106 74.66 42.39 42.02
CA ALA N 106 73.68 41.33 41.81
C ALA N 106 74.33 39.98 41.55
N VAL N 107 73.64 38.92 41.96
CA VAL N 107 73.81 37.58 41.41
C VAL N 107 72.42 37.11 41.04
N LYS N 108 72.15 37.01 39.74
CA LYS N 108 70.81 36.62 39.32
C LYS N 108 70.63 35.11 39.35
N ASN N 109 71.72 34.37 39.18
CA ASN N 109 71.63 32.99 38.74
C ASN N 109 70.95 32.11 39.79
N VAL N 110 71.38 32.20 41.05
CA VAL N 110 70.72 31.49 42.14
C VAL N 110 70.82 32.36 43.39
N SER N 111 69.90 32.14 44.33
CA SER N 111 69.81 32.95 45.54
C SER N 111 71.14 33.00 46.28
N VAL N 112 71.52 34.21 46.73
CA VAL N 112 72.86 34.46 47.25
C VAL N 112 73.01 34.07 48.72
N ARG N 113 71.93 33.68 49.39
CA ARG N 113 72.05 33.08 50.72
C ARG N 113 73.04 31.92 50.70
N GLU N 114 73.16 31.26 49.55
CA GLU N 114 74.12 30.19 49.33
C GLU N 114 75.55 30.58 49.65
N LEU N 115 75.88 31.87 49.62
CA LEU N 115 77.22 32.34 49.92
C LEU N 115 77.40 32.85 51.34
N SER N 116 76.36 32.80 52.19
CA SER N 116 76.49 33.39 53.53
C SER N 116 77.67 32.86 54.33
N PRO N 117 77.97 31.54 54.37
CA PRO N 117 79.06 31.08 55.25
C PRO N 117 80.43 31.53 54.81
N LEU N 118 80.70 31.48 53.50
CA LEU N 118 82.04 31.74 52.99
C LEU N 118 82.27 33.25 52.91
N LEU N 119 81.22 34.01 52.64
CA LEU N 119 81.30 35.48 52.70
C LEU N 119 81.54 35.96 54.12
N ARG N 120 80.82 35.41 55.11
CA ARG N 120 81.19 35.68 56.50
C ARG N 120 82.57 35.13 56.84
N GLN N 121 83.13 34.28 55.97
CA GLN N 121 84.53 33.92 56.12
C GLN N 121 85.43 35.13 55.84
N LEU N 122 85.11 35.92 54.80
CA LEU N 122 85.78 37.19 54.60
C LEU N 122 85.31 38.27 55.57
N ILE N 123 84.16 38.07 56.23
CA ILE N 123 83.81 38.95 57.35
C ILE N 123 84.59 38.52 58.58
N ASP N 124 84.94 37.24 58.66
CA ASP N 124 85.87 36.73 59.66
C ASP N 124 87.35 36.91 59.27
N ASN N 125 87.73 36.66 57.99
CA ASN N 125 89.13 36.70 57.57
C ASN N 125 89.83 37.98 57.98
N ALA N 126 89.09 39.08 58.05
CA ALA N 126 89.60 40.37 58.49
C ALA N 126 88.59 41.00 59.45
N GLY N 127 88.83 42.26 59.80
CA GLY N 127 88.01 42.97 60.76
C GLY N 127 86.55 43.16 60.40
N ALA N 128 85.70 43.31 61.44
CA ALA N 128 84.26 43.43 61.26
C ALA N 128 83.86 44.91 61.29
N GLY N 129 82.58 45.17 61.37
CA GLY N 129 81.97 46.37 60.85
C GLY N 129 81.22 46.09 59.58
N ASN N 130 81.49 44.96 58.93
CA ASN N 130 80.84 44.53 57.70
C ASN N 130 79.39 44.16 57.96
N VAL N 131 78.62 44.18 56.88
CA VAL N 131 77.40 43.39 56.74
C VAL N 131 77.44 42.81 55.34
N VAL N 132 76.90 41.61 55.15
CA VAL N 132 76.52 41.19 53.82
C VAL N 132 75.11 40.62 53.95
N HIS N 133 74.15 41.31 53.33
CA HIS N 133 72.73 40.99 53.51
C HIS N 133 72.18 40.67 52.14
N TYR N 134 71.39 39.58 52.11
CA TYR N 134 70.96 38.96 50.86
C TYR N 134 69.47 39.17 50.73
N ASP N 135 69.09 40.06 49.84
CA ASP N 135 67.69 40.38 49.74
C ASP N 135 66.97 39.35 48.89
N PRO N 136 65.88 38.79 49.40
CA PRO N 136 65.12 37.79 48.64
C PRO N 136 64.58 38.31 47.32
N ALA N 137 64.58 39.62 47.11
CA ALA N 137 64.32 40.22 45.81
C ALA N 137 65.47 39.94 44.84
N ASN N 138 66.53 39.31 45.35
CA ASN N 138 67.76 38.96 44.63
C ASN N 138 68.53 40.19 44.15
N ILE N 139 69.10 40.92 45.11
CA ILE N 139 70.27 41.77 44.89
C ILE N 139 71.22 41.43 46.03
N ILE N 140 72.28 42.21 46.21
CA ILE N 140 73.35 41.85 47.14
C ILE N 140 73.86 43.11 47.84
N LEU N 141 73.98 43.03 49.18
CA LEU N 141 74.50 44.10 50.02
C LEU N 141 75.79 43.69 50.73
N ILE N 142 76.81 44.54 50.60
CA ILE N 142 77.97 44.49 51.48
C ILE N 142 78.08 45.87 52.13
N THR N 143 78.70 45.92 53.30
CA THR N 143 79.11 47.14 53.95
C THR N 143 80.42 46.86 54.67
N GLY N 144 81.40 47.74 54.50
CA GLY N 144 82.66 47.55 55.19
C GLY N 144 83.82 48.11 54.39
N ARG N 145 85.01 47.66 54.75
CA ARG N 145 86.21 48.19 54.11
C ARG N 145 86.24 47.84 52.63
N ALA N 146 86.53 48.85 51.81
CA ALA N 146 86.43 48.71 50.36
C ALA N 146 87.27 47.55 49.85
N ALA N 147 88.35 47.21 50.55
CA ALA N 147 89.15 46.07 50.14
C ALA N 147 88.42 44.75 50.40
N VAL N 148 87.95 44.54 51.63
CA VAL N 148 87.27 43.29 51.96
C VAL N 148 85.89 43.27 51.34
N VAL N 149 85.26 44.43 51.22
CA VAL N 149 84.02 44.55 50.45
C VAL N 149 84.27 44.24 48.99
N ASN N 150 85.51 44.46 48.52
CA ASN N 150 85.83 44.06 47.15
C ASN N 150 85.94 42.56 47.04
N ARG N 151 86.90 41.94 47.74
CA ARG N 151 87.00 40.48 47.70
C ARG N 151 85.67 39.79 47.92
N LEU N 152 84.85 40.31 48.83
CA LEU N 152 83.47 39.82 49.00
C LEU N 152 82.66 40.00 47.72
N ALA N 153 82.74 41.17 47.09
CA ALA N 153 82.00 41.38 45.84
C ALA N 153 82.57 40.56 44.71
N GLU N 154 83.78 40.02 44.89
CA GLU N 154 84.46 39.21 43.89
C GLU N 154 84.04 37.76 43.99
N ILE N 155 83.91 37.25 45.22
CA ILE N 155 83.24 35.97 45.43
C ILE N 155 81.80 36.06 44.95
N ILE N 156 81.09 37.07 45.43
CA ILE N 156 79.72 37.33 45.03
C ILE N 156 79.58 37.34 43.52
N ARG N 157 80.25 38.28 42.85
CA ARG N 157 80.22 38.30 41.38
C ARG N 157 80.81 37.03 40.79
N ARG N 158 81.48 36.22 41.62
CA ARG N 158 82.03 34.96 41.15
C ARG N 158 80.93 33.90 41.16
N VAL N 159 79.83 34.17 41.88
CA VAL N 159 78.62 33.40 41.66
C VAL N 159 77.61 34.14 40.74
N ASP N 160 77.79 35.43 40.52
CA ASP N 160 77.06 36.13 39.45
C ASP N 160 77.45 35.60 38.08
N GLN N 161 78.67 35.93 37.68
CA GLN N 161 79.20 35.68 36.35
C GLN N 161 79.33 34.20 36.05
N ALA N 162 79.36 33.35 37.07
CA ALA N 162 79.67 31.94 36.95
C ALA N 162 78.74 31.19 36.01
N GLY N 163 77.47 31.01 36.39
CA GLY N 163 76.60 30.00 35.86
C GLY N 163 75.65 30.42 34.76
N ASP N 164 75.98 31.45 33.99
CA ASP N 164 75.01 32.29 33.29
C ASP N 164 73.94 31.47 32.59
N LYS N 165 72.69 31.92 32.71
CA LYS N 165 71.56 31.21 32.12
C LYS N 165 70.56 32.25 31.64
N GLU N 166 70.18 32.17 30.36
CA GLU N 166 69.07 32.96 29.82
C GLU N 166 68.48 32.27 28.60
N ILE N 167 67.69 33.04 27.87
CA ILE N 167 66.85 32.57 26.77
C ILE N 167 67.45 32.93 25.43
N GLU N 168 67.31 32.01 24.47
CA GLU N 168 67.63 32.26 23.07
C GLU N 168 66.39 32.16 22.22
N VAL N 169 66.45 32.80 21.05
CA VAL N 169 65.44 32.65 20.02
C VAL N 169 66.15 32.50 18.68
N VAL N 170 66.01 31.34 18.05
CA VAL N 170 66.71 31.05 16.82
C VAL N 170 65.77 30.32 15.88
N GLU N 171 65.71 30.79 14.63
CA GLU N 171 64.82 30.24 13.63
C GLU N 171 65.13 28.78 13.33
N LEU N 172 64.06 28.00 13.28
CA LEU N 172 64.10 26.64 12.73
C LEU N 172 63.33 26.70 11.44
N ASN N 173 64.03 26.66 10.31
CA ASN N 173 63.34 26.85 9.05
C ASN N 173 62.68 25.56 8.60
N ASN N 174 63.23 24.43 9.02
CA ASN N 174 62.90 23.20 8.34
C ASN N 174 62.25 22.21 9.30
N ALA N 175 63.08 21.61 10.15
CA ALA N 175 62.57 20.64 11.11
C ALA N 175 61.56 21.30 12.01
N SER N 176 60.37 20.71 12.06
CA SER N 176 59.30 21.30 12.85
C SER N 176 59.78 21.54 14.26
N ALA N 177 59.58 22.78 14.73
CA ALA N 177 59.96 23.09 16.10
C ALA N 177 59.42 22.05 17.05
N ALA N 178 58.10 21.88 17.11
CA ALA N 178 57.51 20.89 18.01
C ALA N 178 58.22 19.56 17.87
N GLU N 179 58.69 19.22 16.67
CA GLU N 179 59.56 18.05 16.55
C GLU N 179 60.88 18.30 17.25
N MET N 180 61.56 19.42 16.96
CA MET N 180 62.79 19.72 17.70
C MET N 180 62.60 19.56 19.19
N VAL N 181 61.51 20.12 19.70
CA VAL N 181 61.04 19.94 21.06
C VAL N 181 61.12 18.47 21.37
N ARG N 182 60.24 17.67 20.76
CA ARG N 182 60.13 16.27 21.13
C ARG N 182 61.48 15.60 21.16
N ILE N 183 62.30 15.86 20.14
CA ILE N 183 63.49 15.06 19.90
C ILE N 183 64.62 15.50 20.84
N VAL N 184 64.48 16.70 21.40
CA VAL N 184 65.30 17.09 22.54
C VAL N 184 64.67 16.61 23.84
N GLU N 185 63.37 16.36 23.86
CA GLU N 185 62.68 16.10 25.11
C GLU N 185 63.29 14.87 25.76
N ALA N 186 63.58 13.87 24.92
CA ALA N 186 64.29 12.67 25.35
C ALA N 186 65.58 12.99 26.08
N LEU N 187 66.18 14.15 25.80
CA LEU N 187 67.40 14.55 26.47
C LEU N 187 67.04 14.99 27.88
N ASN N 188 67.90 14.69 28.83
CA ASN N 188 67.62 15.02 30.22
C ASN N 188 68.78 15.75 30.87
N LYS N 203 66.80 25.02 30.10
CA LYS N 203 65.77 24.18 29.51
C LYS N 203 65.43 24.69 28.10
N PHE N 204 64.27 24.30 27.56
CA PHE N 204 64.03 24.37 26.12
C PHE N 204 62.69 25.02 25.86
N VAL N 205 62.59 25.81 24.79
CA VAL N 205 61.31 26.23 24.23
C VAL N 205 61.45 26.21 22.71
N ALA N 206 60.35 26.45 22.02
CA ALA N 206 60.30 26.79 20.60
C ALA N 206 58.94 27.39 20.28
N ASP N 207 58.82 28.02 19.11
CA ASP N 207 57.52 28.48 18.66
C ASP N 207 57.30 27.99 17.24
N GLU N 208 56.13 27.41 16.97
CA GLU N 208 55.85 27.09 15.59
C GLU N 208 54.98 28.14 14.91
N ARG N 209 54.69 29.26 15.58
CA ARG N 209 54.42 30.45 14.78
C ARG N 209 55.65 30.79 13.97
N THR N 210 56.76 31.01 14.66
CA THR N 210 58.05 31.27 14.07
C THR N 210 58.77 30.01 13.65
N ASN N 211 58.49 28.89 14.29
CA ASN N 211 59.31 27.69 14.17
C ASN N 211 60.76 28.03 14.54
N SER N 212 60.96 28.28 15.84
CA SER N 212 62.24 28.73 16.37
C SER N 212 62.48 28.12 17.75
N ILE N 213 63.66 27.54 17.93
CA ILE N 213 64.10 27.11 19.25
C ILE N 213 64.37 28.32 20.12
N LEU N 214 63.79 28.30 21.30
CA LEU N 214 64.09 29.27 22.33
C LEU N 214 64.87 28.46 23.36
N ILE N 215 65.74 29.11 24.13
CA ILE N 215 66.48 28.33 25.10
C ILE N 215 66.38 29.02 26.44
N SER N 216 66.44 28.26 27.51
CA SER N 216 66.63 28.81 28.84
C SER N 216 67.79 28.10 29.52
N GLY N 217 68.89 28.81 29.67
CA GLY N 217 70.05 28.20 30.28
C GLY N 217 71.35 28.76 29.73
N ASP N 218 72.39 27.97 29.92
CA ASP N 218 73.79 28.40 29.93
C ASP N 218 74.22 28.99 28.61
N PRO N 219 75.24 29.86 28.61
CA PRO N 219 76.04 30.05 27.39
C PRO N 219 76.87 28.82 27.04
N LYS N 220 77.01 27.85 27.95
CA LYS N 220 77.34 26.50 27.49
C LYS N 220 76.13 25.84 26.84
N VAL N 221 74.94 26.04 27.41
CA VAL N 221 73.72 25.65 26.72
C VAL N 221 73.57 26.46 25.43
N ARG N 222 74.16 27.65 25.37
CA ARG N 222 74.14 28.41 24.14
C ARG N 222 75.13 27.85 23.12
N GLU N 223 76.29 27.41 23.59
CA GLU N 223 77.20 26.74 22.66
C GLU N 223 76.62 25.44 22.16
N ARG N 224 76.34 24.50 23.05
CA ARG N 224 75.91 23.19 22.60
C ARG N 224 74.52 23.25 21.98
N LEU N 225 73.68 24.17 22.43
CA LEU N 225 72.34 24.21 21.85
C LEU N 225 72.21 25.19 20.71
N LYS N 226 73.25 25.96 20.39
CA LYS N 226 73.36 26.39 19.00
C LYS N 226 73.92 25.26 18.14
N ARG N 227 74.74 24.39 18.72
CA ARG N 227 75.11 23.18 18.02
C ARG N 227 73.88 22.37 17.64
N LEU N 228 72.90 22.24 18.53
CA LEU N 228 71.69 21.46 18.21
C LEU N 228 70.63 22.31 17.55
N ILE N 229 70.76 23.63 17.63
CA ILE N 229 70.07 24.48 16.67
C ILE N 229 70.43 24.05 15.26
N LYS N 230 71.72 23.83 15.05
CA LYS N 230 72.18 23.49 13.72
C LYS N 230 72.00 22.01 13.41
N GLN N 231 72.11 21.14 14.42
CA GLN N 231 72.18 19.72 14.16
C GLN N 231 70.94 19.21 13.47
N LEU N 232 69.76 19.38 14.06
CA LEU N 232 68.56 18.95 13.35
C LEU N 232 67.92 20.22 12.88
N ASP N 233 68.44 20.74 11.77
CA ASP N 233 67.79 21.68 10.89
C ASP N 233 67.48 21.05 9.54
N VAL N 234 68.14 19.94 9.26
CA VAL N 234 68.15 19.34 7.92
C VAL N 234 66.77 18.84 7.47
N GLU N 235 66.54 18.96 6.17
CA GLU N 235 65.27 18.57 5.58
C GLU N 235 65.50 17.40 4.64
N MET N 236 64.72 16.35 4.84
CA MET N 236 64.88 15.14 4.04
C MET N 236 64.59 15.40 2.58
N ALA N 237 65.38 14.78 1.71
CA ALA N 237 65.18 14.89 0.27
C ALA N 237 63.88 14.19 -0.10
N ALA N 238 63.24 14.66 -1.18
CA ALA N 238 61.96 14.08 -1.56
C ALA N 238 62.15 12.62 -1.89
N LYS N 239 61.20 11.80 -1.45
CA LYS N 239 61.29 10.35 -1.59
C LYS N 239 60.49 9.79 -2.76
N GLY N 240 59.84 10.66 -3.51
CA GLY N 240 58.95 10.19 -4.57
C GLY N 240 57.88 9.33 -3.95
N ASN N 241 57.45 9.73 -2.75
CA ASN N 241 56.45 9.04 -1.97
C ASN N 241 55.29 8.57 -2.83
N ASN N 242 54.87 9.39 -3.78
CA ASN N 242 53.83 8.98 -4.71
C ASN N 242 54.36 9.07 -6.14
N ARG N 243 53.79 8.25 -7.02
CA ARG N 243 54.25 8.18 -8.39
C ARG N 243 53.07 7.97 -9.32
N VAL N 244 53.06 8.70 -10.42
CA VAL N 244 52.05 8.54 -11.47
C VAL N 244 52.63 7.65 -12.53
N VAL N 245 52.00 6.51 -12.79
CA VAL N 245 52.51 5.55 -13.74
C VAL N 245 51.59 5.52 -14.95
N TYR N 246 52.19 5.56 -16.13
CA TYR N 246 51.47 5.56 -17.41
C TYR N 246 51.33 4.12 -17.87
N LEU N 247 50.11 3.61 -17.87
CA LEU N 247 49.89 2.26 -18.33
C LEU N 247 50.01 2.18 -19.84
N LYS N 248 50.83 1.25 -20.31
CA LYS N 248 50.99 1.09 -21.75
C LYS N 248 49.80 0.36 -22.35
N TYR N 249 49.38 -0.74 -21.74
CA TYR N 249 48.36 -1.60 -22.31
C TYR N 249 47.12 -1.68 -21.43
N ALA N 250 47.25 -2.18 -20.20
CA ALA N 250 46.08 -2.40 -19.37
C ALA N 250 45.35 -1.09 -19.09
N LYS N 251 44.05 -1.21 -18.81
CA LYS N 251 43.25 -0.04 -18.46
C LYS N 251 43.37 0.27 -16.98
N ALA N 252 43.40 1.55 -16.66
CA ALA N 252 43.55 1.99 -15.28
C ALA N 252 42.40 1.50 -14.41
N GLU N 253 41.18 1.52 -14.95
CA GLU N 253 40.03 1.12 -14.17
C GLU N 253 40.13 -0.34 -13.74
N ASP N 254 40.53 -1.22 -14.64
CA ASP N 254 40.73 -2.62 -14.29
C ASP N 254 41.87 -2.81 -13.29
N LEU N 255 42.94 -2.05 -13.47
CA LEU N 255 44.16 -2.19 -12.71
C LEU N 255 43.99 -1.65 -11.31
N VAL N 256 43.29 -0.54 -11.16
CA VAL N 256 43.09 0.02 -9.83
C VAL N 256 42.29 -0.97 -9.00
N GLU N 257 41.27 -1.57 -9.60
CA GLU N 257 40.47 -2.52 -8.84
C GLU N 257 41.35 -3.67 -8.37
N VAL N 258 42.18 -4.19 -9.28
CA VAL N 258 43.04 -5.33 -8.92
C VAL N 258 44.03 -4.95 -7.83
N LEU N 259 44.55 -3.74 -7.89
CA LEU N 259 45.67 -3.31 -7.05
C LEU N 259 45.20 -2.92 -5.65
N LYS N 260 43.90 -2.80 -5.46
CA LYS N 260 43.39 -2.43 -4.15
C LYS N 260 43.86 -3.42 -3.08
N GLY N 261 43.66 -4.71 -3.37
CA GLY N 261 44.11 -5.76 -2.48
C GLY N 261 45.60 -5.84 -2.21
N VAL N 262 46.40 -5.63 -3.26
CA VAL N 262 47.85 -5.63 -3.10
C VAL N 262 48.27 -4.51 -2.18
N SER N 263 47.62 -3.36 -2.33
CA SER N 263 47.92 -2.21 -1.48
C SER N 263 47.63 -2.56 -0.03
N GLU N 264 46.52 -3.25 0.19
CA GLU N 264 46.14 -3.66 1.55
C GLU N 264 46.58 -5.09 1.83
N VAL N 283 48.27 4.13 1.80
CA VAL N 283 48.18 3.66 0.42
C VAL N 283 46.86 4.06 -0.22
N MET N 284 46.94 4.72 -1.37
CA MET N 284 45.76 5.02 -2.16
C MET N 284 46.10 4.90 -3.63
N ILE N 285 45.19 4.29 -4.38
CA ILE N 285 45.38 4.02 -5.80
C ILE N 285 44.24 4.68 -6.53
N ALA N 286 44.55 5.62 -7.41
CA ALA N 286 43.49 6.34 -8.11
C ALA N 286 43.73 6.28 -9.61
N ALA N 287 42.69 5.96 -10.36
CA ALA N 287 42.80 5.77 -11.80
C ALA N 287 42.42 7.06 -12.51
N HIS N 288 43.34 7.62 -13.26
CA HIS N 288 43.05 8.76 -14.13
C HIS N 288 42.73 8.21 -15.51
N ALA N 289 41.47 8.36 -15.92
CA ALA N 289 40.98 7.67 -17.11
C ALA N 289 41.52 8.30 -18.38
N ASP N 290 41.38 9.62 -18.52
CA ASP N 290 41.66 10.27 -19.80
C ASP N 290 43.10 10.07 -20.22
N THR N 291 44.04 10.14 -19.29
CA THR N 291 45.42 9.85 -19.62
C THR N 291 45.71 8.35 -19.57
N ASN N 292 44.76 7.56 -19.06
CA ASN N 292 44.96 6.13 -18.82
C ASN N 292 46.23 5.92 -18.00
N SER N 293 46.32 6.63 -16.89
CA SER N 293 47.48 6.54 -16.03
C SER N 293 46.97 6.48 -14.61
N LEU N 294 47.58 5.66 -13.79
CA LEU N 294 47.10 5.52 -12.42
C LEU N 294 48.12 6.08 -11.45
N VAL N 295 47.60 6.76 -10.43
CA VAL N 295 48.37 7.49 -9.45
C VAL N 295 48.47 6.62 -8.21
N LEU N 296 49.70 6.27 -7.85
CA LEU N 296 49.99 5.45 -6.69
C LEU N 296 50.50 6.37 -5.59
N THR N 297 49.99 6.18 -4.37
CA THR N 297 50.59 6.84 -3.22
C THR N 297 50.75 5.82 -2.10
N ALA N 298 51.99 5.64 -1.65
CA ALA N 298 52.32 4.60 -0.69
C ALA N 298 53.71 4.87 -0.13
N PRO N 299 54.18 4.08 0.85
CA PRO N 299 55.59 4.18 1.23
C PRO N 299 56.50 3.60 0.17
N GLN N 300 57.80 3.51 0.46
CA GLN N 300 58.75 3.10 -0.58
C GLN N 300 58.63 1.63 -0.94
N ASP N 301 58.58 0.75 0.06
CA ASP N 301 58.53 -0.68 -0.21
C ASP N 301 57.26 -1.10 -0.93
N ILE N 302 56.10 -0.66 -0.44
CA ILE N 302 54.85 -0.98 -1.11
C ILE N 302 54.84 -0.42 -2.51
N MET N 303 55.43 0.76 -2.71
CA MET N 303 55.53 1.32 -4.05
C MET N 303 56.33 0.40 -4.96
N ASN N 304 57.51 -0.05 -4.50
CA ASN N 304 58.31 -0.95 -5.32
C ASN N 304 57.63 -2.29 -5.54
N ALA N 305 56.71 -2.70 -4.66
CA ALA N 305 55.94 -3.91 -4.92
C ALA N 305 54.90 -3.69 -6.00
N MET N 306 54.06 -2.66 -5.84
CA MET N 306 53.01 -2.42 -6.81
C MET N 306 53.54 -2.04 -8.18
N LEU N 307 54.74 -1.48 -8.27
CA LEU N 307 55.31 -1.26 -9.58
C LEU N 307 55.75 -2.56 -10.24
N GLU N 308 56.11 -3.57 -9.45
CA GLU N 308 56.43 -4.87 -10.02
C GLU N 308 55.19 -5.68 -10.35
N VAL N 309 54.08 -5.43 -9.67
CA VAL N 309 52.81 -6.02 -10.10
C VAL N 309 52.33 -5.36 -11.38
N ILE N 310 52.26 -4.03 -11.41
CA ILE N 310 51.83 -3.32 -12.60
C ILE N 310 52.73 -3.66 -13.77
N GLY N 311 54.03 -3.79 -13.54
CA GLY N 311 54.92 -4.17 -14.62
C GLY N 311 54.53 -5.48 -15.27
N GLN N 312 54.01 -6.43 -14.49
CA GLN N 312 53.67 -7.74 -15.02
C GLN N 312 52.21 -7.87 -15.45
N LEU N 313 51.35 -6.92 -15.08
CA LEU N 313 49.99 -6.91 -15.58
C LEU N 313 49.80 -6.02 -16.79
N ASP N 314 50.86 -5.33 -17.21
CA ASP N 314 50.81 -4.38 -18.30
C ASP N 314 51.21 -5.03 -19.63
N ILE N 315 51.38 -6.34 -19.66
CA ILE N 315 51.96 -6.98 -20.84
C ILE N 315 51.03 -6.87 -22.04
N ARG N 316 51.63 -7.05 -23.22
CA ARG N 316 50.89 -7.03 -24.48
C ARG N 316 50.01 -8.27 -24.60
N ARG N 317 48.86 -8.12 -25.24
CA ARG N 317 47.93 -9.21 -25.45
C ARG N 317 48.02 -9.69 -26.88
N ALA N 318 48.28 -10.97 -27.07
CA ALA N 318 48.22 -11.54 -28.41
C ALA N 318 46.78 -11.53 -28.90
N GLN N 319 46.60 -11.63 -30.21
CA GLN N 319 45.27 -11.52 -30.76
C GLN N 319 45.03 -12.62 -31.80
N VAL N 320 43.89 -13.29 -31.66
CA VAL N 320 43.56 -14.48 -32.42
C VAL N 320 42.70 -14.08 -33.61
N LEU N 321 42.92 -14.75 -34.74
CA LEU N 321 42.06 -14.64 -35.90
C LEU N 321 41.24 -15.92 -35.98
N ILE N 322 39.95 -15.81 -35.68
CA ILE N 322 39.04 -16.95 -35.65
C ILE N 322 38.37 -17.05 -37.00
N GLU N 323 38.67 -18.11 -37.75
CA GLU N 323 38.05 -18.32 -39.05
C GLU N 323 37.20 -19.57 -39.00
N ALA N 324 35.89 -19.40 -38.95
CA ALA N 324 34.99 -20.54 -39.02
C ALA N 324 34.83 -20.98 -40.46
N LEU N 325 34.42 -22.23 -40.64
CA LEU N 325 34.07 -22.75 -41.95
C LEU N 325 32.79 -23.56 -41.82
N ILE N 326 31.77 -23.20 -42.58
CA ILE N 326 30.47 -23.84 -42.51
C ILE N 326 30.19 -24.47 -43.85
N VAL N 327 29.93 -25.77 -43.86
CA VAL N 327 29.66 -26.49 -45.09
C VAL N 327 28.30 -27.14 -44.97
N GLU N 328 27.38 -26.80 -45.87
CA GLU N 328 26.05 -27.37 -45.87
C GLU N 328 25.79 -27.90 -47.27
N MET N 329 25.70 -29.22 -47.40
CA MET N 329 25.48 -29.85 -48.69
C MET N 329 24.17 -30.61 -48.62
N ALA N 330 23.18 -30.17 -49.37
CA ALA N 330 21.91 -30.86 -49.41
C ALA N 330 21.77 -31.53 -50.77
N GLU N 331 21.00 -32.60 -50.80
CA GLU N 331 20.70 -33.24 -52.06
C GLU N 331 19.33 -33.88 -51.92
N GLY N 332 18.59 -33.92 -53.00
CA GLY N 332 17.25 -34.47 -52.93
C GLY N 332 16.89 -35.10 -54.26
N ASP N 333 15.95 -36.03 -54.19
CA ASP N 333 15.48 -36.70 -55.38
C ASP N 333 14.11 -37.25 -55.08
N GLY N 334 13.34 -37.48 -56.13
CA GLY N 334 12.09 -38.19 -55.97
C GLY N 334 11.52 -38.54 -57.31
N ILE N 335 10.76 -39.61 -57.38
CA ILE N 335 10.11 -40.02 -58.61
C ILE N 335 8.69 -40.41 -58.24
N ASN N 336 7.73 -39.70 -58.81
CA ASN N 336 6.33 -39.90 -58.51
C ASN N 336 5.65 -40.25 -59.82
N LEU N 337 5.21 -41.50 -59.97
CA LEU N 337 4.53 -41.87 -61.20
C LEU N 337 3.42 -42.85 -60.89
N GLY N 338 2.31 -42.67 -61.59
CA GLY N 338 1.16 -43.55 -61.42
C GLY N 338 0.10 -43.20 -62.43
N VAL N 339 -0.77 -44.18 -62.67
CA VAL N 339 -1.85 -44.07 -63.64
C VAL N 339 -3.17 -44.08 -62.89
N GLN N 340 -4.05 -43.16 -63.24
CA GLN N 340 -5.37 -43.09 -62.66
C GLN N 340 -6.39 -43.32 -63.75
N TRP N 341 -7.61 -43.70 -63.36
CA TRP N 341 -8.65 -44.02 -64.32
C TRP N 341 -9.93 -43.33 -63.91
N GLY N 342 -10.80 -43.11 -64.89
CA GLY N 342 -12.10 -42.60 -64.54
C GLY N 342 -13.13 -42.70 -65.64
N SER N 343 -14.39 -42.82 -65.24
CA SER N 343 -15.53 -42.75 -66.15
C SER N 343 -16.57 -41.91 -65.45
N LEU N 344 -16.92 -40.77 -66.05
CA LEU N 344 -17.80 -39.84 -65.37
C LEU N 344 -19.26 -40.04 -65.74
N GLU N 345 -19.55 -40.90 -66.73
CA GLU N 345 -20.93 -41.18 -67.08
C GLU N 345 -21.63 -41.92 -65.93
N SER N 346 -21.07 -43.03 -65.48
CA SER N 346 -21.40 -43.63 -64.20
C SER N 346 -20.13 -43.50 -63.36
N GLY N 347 -20.15 -42.59 -62.39
CA GLY N 347 -18.87 -42.17 -61.85
C GLY N 347 -18.15 -43.30 -61.20
N SER N 348 -17.03 -43.68 -61.81
CA SER N 348 -16.20 -44.77 -61.30
C SER N 348 -14.76 -44.37 -61.54
N VAL N 349 -13.97 -44.28 -60.48
CA VAL N 349 -12.62 -43.77 -60.59
C VAL N 349 -11.67 -44.76 -59.95
N ILE N 350 -10.47 -44.84 -60.50
CA ILE N 350 -9.31 -45.35 -59.79
C ILE N 350 -8.45 -44.12 -59.52
N GLN N 351 -8.42 -43.70 -58.27
CA GLN N 351 -7.98 -42.36 -57.89
C GLN N 351 -6.94 -42.47 -56.78
N TYR N 352 -5.98 -41.55 -56.80
CA TYR N 352 -4.84 -41.63 -55.90
C TYR N 352 -4.50 -40.25 -55.36
N GLY N 353 -4.02 -40.22 -54.12
CA GLY N 353 -3.63 -38.97 -53.49
C GLY N 353 -2.14 -38.70 -53.57
N ASN N 354 -1.36 -39.73 -53.86
CA ASN N 354 0.07 -39.54 -54.07
C ASN N 354 0.33 -38.56 -55.20
N THR N 355 -0.51 -38.59 -56.23
CA THR N 355 -0.29 -37.83 -57.44
C THR N 355 -0.58 -36.35 -57.21
N GLY N 356 -0.08 -35.53 -58.12
CA GLY N 356 -0.32 -34.10 -58.07
C GLY N 356 -1.78 -33.73 -58.06
N ALA N 357 -2.55 -34.20 -59.04
CA ALA N 357 -3.97 -33.96 -59.10
C ALA N 357 -4.71 -35.24 -59.40
N SER N 358 -5.92 -35.35 -58.85
CA SER N 358 -6.72 -36.56 -58.92
C SER N 358 -7.68 -36.49 -60.09
N ILE N 359 -7.92 -37.66 -60.70
CA ILE N 359 -8.73 -37.76 -61.89
C ILE N 359 -10.11 -37.13 -61.73
N GLY N 360 -10.64 -37.10 -60.51
CA GLY N 360 -11.96 -36.54 -60.30
C GLY N 360 -12.02 -35.06 -60.64
N ASN N 361 -11.17 -34.26 -59.99
CA ASN N 361 -11.16 -32.83 -60.26
C ASN N 361 -10.79 -32.53 -61.70
N VAL N 362 -9.98 -33.38 -62.34
CA VAL N 362 -9.59 -33.12 -63.72
C VAL N 362 -10.76 -33.35 -64.65
N MET N 363 -11.46 -34.48 -64.52
CA MET N 363 -12.60 -34.70 -65.40
C MET N 363 -13.72 -33.70 -65.13
N ILE N 364 -14.02 -33.41 -63.86
CA ILE N 364 -15.02 -32.40 -63.55
C ILE N 364 -14.63 -31.07 -64.18
N GLY N 365 -13.36 -30.68 -64.04
CA GLY N 365 -12.92 -29.43 -64.64
C GLY N 365 -13.08 -29.42 -66.14
N LEU N 366 -12.73 -30.52 -66.81
CA LEU N 366 -12.88 -30.58 -68.26
C LEU N 366 -14.34 -30.49 -68.68
N GLU N 367 -15.26 -31.04 -67.88
CA GLU N 367 -16.67 -30.92 -68.24
C GLU N 367 -17.16 -29.50 -68.02
N GLU N 368 -16.75 -28.86 -66.93
CA GLU N 368 -17.12 -27.47 -66.72
C GLU N 368 -16.54 -26.56 -67.79
N ALA N 369 -15.41 -26.93 -68.38
CA ALA N 369 -14.81 -26.11 -69.42
C ALA N 369 -15.53 -26.21 -70.75
N LYS N 370 -16.29 -27.28 -70.97
CA LYS N 370 -16.98 -27.43 -72.24
C LYS N 370 -18.04 -26.36 -72.42
N ASP N 371 -18.38 -26.10 -73.67
CA ASP N 371 -19.40 -25.10 -73.99
C ASP N 371 -20.79 -25.70 -73.80
N THR N 372 -21.56 -25.13 -72.89
CA THR N 372 -22.89 -25.61 -72.59
C THR N 372 -23.94 -24.85 -73.38
N THR N 373 -24.99 -25.56 -73.78
CA THR N 373 -26.10 -24.97 -74.50
C THR N 373 -27.39 -25.22 -73.72
N GLN N 374 -28.25 -24.21 -73.67
CA GLN N 374 -29.49 -24.27 -72.90
C GLN N 374 -30.64 -23.94 -73.84
N THR N 375 -31.53 -24.92 -74.05
CA THR N 375 -32.57 -24.82 -75.05
C THR N 375 -33.94 -24.71 -74.41
N LYS N 376 -34.74 -23.77 -74.90
CA LYS N 376 -36.15 -23.64 -74.54
C LYS N 376 -36.96 -23.71 -75.82
N ALA N 377 -37.76 -24.76 -75.98
CA ALA N 377 -38.54 -24.97 -77.19
C ALA N 377 -39.95 -24.41 -77.00
N VAL N 378 -40.76 -24.52 -78.06
CA VAL N 378 -42.16 -24.13 -78.02
C VAL N 378 -43.02 -25.15 -78.75
N ASN N 388 -38.62 -20.85 -80.65
CA ASN N 388 -37.74 -21.99 -80.41
C ASN N 388 -36.35 -21.50 -80.01
N GLU N 389 -36.24 -20.96 -78.81
CA GLU N 389 -35.00 -20.35 -78.34
C GLU N 389 -33.97 -21.42 -78.03
N THR N 390 -32.73 -21.20 -78.47
CA THR N 390 -31.59 -22.02 -78.08
C THR N 390 -30.42 -21.10 -77.80
N THR N 391 -29.92 -21.10 -76.58
CA THR N 391 -28.77 -20.28 -76.22
C THR N 391 -27.53 -21.14 -76.08
N THR N 392 -26.38 -20.55 -76.40
CA THR N 392 -25.09 -21.18 -76.20
C THR N 392 -24.23 -20.31 -75.31
N THR N 393 -23.40 -20.94 -74.49
CA THR N 393 -22.59 -20.25 -73.50
C THR N 393 -21.31 -21.04 -73.29
N LYS N 394 -20.21 -20.34 -73.08
CA LYS N 394 -18.92 -20.99 -72.84
C LYS N 394 -18.71 -21.14 -71.34
N GLY N 395 -18.18 -22.30 -70.94
CA GLY N 395 -18.00 -22.59 -69.54
C GLY N 395 -16.68 -22.07 -69.01
N ASP N 396 -16.64 -21.89 -67.69
CA ASP N 396 -15.45 -21.36 -67.03
C ASP N 396 -14.39 -22.44 -66.89
N TYR N 397 -13.14 -22.00 -66.84
CA TYR N 397 -12.01 -22.88 -66.62
C TYR N 397 -11.56 -22.91 -65.16
N THR N 398 -12.24 -22.18 -64.27
CA THR N 398 -11.73 -21.99 -62.93
C THR N 398 -11.59 -23.30 -62.16
N LYS N 399 -12.45 -24.29 -62.40
CA LYS N 399 -12.26 -25.57 -61.75
C LYS N 399 -11.09 -26.33 -62.37
N LEU N 400 -11.00 -26.34 -63.70
CA LEU N 400 -9.86 -26.96 -64.34
C LEU N 400 -8.57 -26.25 -63.98
N ALA N 401 -8.59 -24.92 -63.95
CA ALA N 401 -7.41 -24.17 -63.53
C ALA N 401 -7.05 -24.51 -62.09
N SER N 402 -8.04 -24.71 -61.24
CA SER N 402 -7.76 -25.10 -59.86
C SER N 402 -7.19 -26.51 -59.78
N ALA N 403 -7.54 -27.38 -60.72
CA ALA N 403 -7.04 -28.74 -60.69
C ALA N 403 -5.61 -28.82 -61.24
N LEU N 404 -5.30 -28.04 -62.27
CA LEU N 404 -3.99 -28.11 -62.90
C LEU N 404 -2.92 -27.32 -62.14
N SER N 405 -3.32 -26.38 -61.28
CA SER N 405 -2.34 -25.50 -60.66
C SER N 405 -1.33 -26.28 -59.82
N SER N 406 -1.72 -27.44 -59.30
CA SER N 406 -0.86 -28.21 -58.41
C SER N 406 0.00 -29.23 -59.14
N ILE N 407 -0.17 -29.39 -60.45
CA ILE N 407 0.60 -30.37 -61.19
C ILE N 407 2.04 -29.91 -61.28
N GLN N 408 2.95 -30.73 -60.77
CA GLN N 408 4.37 -30.63 -61.05
C GLN N 408 4.71 -31.94 -61.77
N GLY N 409 4.86 -31.90 -63.08
CA GLY N 409 5.21 -33.14 -63.74
C GLY N 409 4.49 -33.27 -65.04
N ALA N 410 4.46 -34.51 -65.54
CA ALA N 410 3.67 -34.86 -66.70
C ALA N 410 2.34 -35.45 -66.28
N ALA N 411 1.26 -34.73 -66.56
CA ALA N 411 -0.10 -35.23 -66.39
C ALA N 411 -0.74 -35.30 -67.76
N VAL N 412 -0.98 -36.51 -68.26
CA VAL N 412 -1.40 -36.74 -69.64
C VAL N 412 -2.68 -37.57 -69.62
N SER N 413 -3.75 -37.02 -70.18
CA SER N 413 -5.04 -37.70 -70.20
C SER N 413 -5.20 -38.42 -71.54
N ILE N 414 -5.24 -39.74 -71.49
CA ILE N 414 -5.50 -40.57 -72.66
C ILE N 414 -6.94 -41.03 -72.57
N ALA N 415 -7.80 -40.51 -73.45
CA ALA N 415 -9.22 -40.84 -73.43
C ALA N 415 -9.45 -42.03 -74.38
N MET N 416 -9.92 -43.13 -73.82
CA MET N 416 -10.24 -44.33 -74.60
C MET N 416 -11.60 -44.86 -74.17
N GLY N 417 -12.56 -44.86 -75.09
CA GLY N 417 -13.88 -45.38 -74.84
C GLY N 417 -14.52 -44.85 -73.58
N ASP N 418 -14.53 -43.52 -73.44
CA ASP N 418 -15.10 -42.74 -72.33
C ASP N 418 -14.38 -43.00 -71.01
N TRP N 419 -13.44 -43.94 -71.00
CA TRP N 419 -12.55 -44.14 -69.88
C TRP N 419 -11.30 -43.32 -70.11
N THR N 420 -11.09 -42.29 -69.30
CA THR N 420 -9.96 -41.38 -69.46
C THR N 420 -8.91 -41.77 -68.42
N ALA N 421 -7.79 -42.31 -68.89
CA ALA N 421 -6.69 -42.67 -68.03
C ALA N 421 -5.71 -41.52 -67.94
N LEU N 422 -5.51 -41.01 -66.74
CA LEU N 422 -4.62 -39.88 -66.50
C LEU N 422 -3.31 -40.43 -65.97
N ILE N 423 -2.27 -40.39 -66.79
CA ILE N 423 -0.94 -40.80 -66.39
C ILE N 423 -0.25 -39.59 -65.80
N ASN N 424 0.52 -39.79 -64.73
CA ASN N 424 1.33 -38.69 -64.24
C ASN N 424 2.65 -39.22 -63.74
N ALA N 425 3.73 -38.53 -64.12
CA ALA N 425 5.05 -38.98 -63.76
C ALA N 425 5.97 -37.78 -63.68
N VAL N 426 6.87 -37.78 -62.71
CA VAL N 426 7.83 -36.70 -62.56
C VAL N 426 9.03 -37.23 -61.80
N SER N 427 10.19 -36.63 -62.06
CA SER N 427 11.40 -36.89 -61.28
C SER N 427 11.97 -35.54 -60.87
N ASN N 428 11.91 -35.24 -59.58
CA ASN N 428 12.43 -33.99 -59.04
C ASN N 428 13.79 -34.25 -58.47
N ASP N 429 14.82 -33.68 -59.09
CA ASP N 429 16.20 -33.84 -58.65
C ASP N 429 16.70 -32.48 -58.18
N SER N 430 17.01 -32.38 -56.90
CA SER N 430 17.45 -31.13 -56.31
C SER N 430 18.83 -31.30 -55.72
N SER N 431 19.53 -30.17 -55.56
CA SER N 431 20.84 -30.18 -54.96
C SER N 431 21.09 -28.80 -54.35
N SER N 432 21.98 -28.77 -53.37
CA SER N 432 22.39 -27.52 -52.75
C SER N 432 23.80 -27.68 -52.23
N ASN N 433 24.60 -26.63 -52.39
CA ASN N 433 25.96 -26.65 -51.90
C ASN N 433 26.27 -25.26 -51.36
N ILE N 434 26.71 -25.18 -50.11
CA ILE N 434 26.88 -23.89 -49.43
C ILE N 434 28.15 -23.91 -48.62
N LEU N 435 29.03 -22.94 -48.84
CA LEU N 435 30.14 -22.70 -47.96
C LEU N 435 30.06 -21.24 -47.55
N SER N 436 30.02 -20.96 -46.27
CA SER N 436 30.21 -19.60 -45.79
C SER N 436 31.16 -19.74 -44.64
N SER N 437 32.24 -18.96 -44.57
CA SER N 437 33.09 -19.00 -43.38
C SER N 437 33.26 -17.58 -42.87
N PRO N 438 32.86 -17.30 -41.64
CA PRO N 438 33.06 -15.95 -41.09
C PRO N 438 34.26 -16.00 -40.17
N SER N 439 35.19 -15.07 -40.32
CA SER N 439 36.34 -14.92 -39.43
C SER N 439 36.27 -13.59 -38.67
N ILE N 440 36.39 -13.67 -37.34
CA ILE N 440 36.44 -12.50 -36.49
C ILE N 440 37.82 -12.49 -35.82
N THR N 441 38.46 -11.33 -35.84
CA THR N 441 39.77 -11.12 -35.22
C THR N 441 39.58 -10.39 -33.89
N VAL N 442 40.15 -10.98 -32.84
CA VAL N 442 39.83 -10.70 -31.45
C VAL N 442 41.11 -10.49 -30.68
N MET N 443 41.06 -9.64 -29.66
CA MET N 443 42.13 -9.61 -28.69
C MET N 443 41.96 -10.83 -27.78
N ASP N 444 43.08 -11.38 -27.33
CA ASP N 444 43.01 -12.50 -26.39
C ASP N 444 42.16 -12.14 -25.18
N ASN N 445 41.39 -13.12 -24.70
CA ASN N 445 40.52 -12.97 -23.55
C ASN N 445 39.39 -11.99 -23.79
N GLY N 446 39.40 -11.31 -24.93
CA GLY N 446 38.30 -10.47 -25.29
C GLY N 446 37.28 -11.20 -26.13
N GLU N 447 36.04 -10.73 -26.09
CA GLU N 447 34.95 -11.36 -26.79
C GLU N 447 34.59 -10.57 -28.04
N ALA N 448 34.15 -11.27 -29.07
CA ALA N 448 33.72 -10.59 -30.28
C ALA N 448 32.44 -11.21 -30.80
N SER N 449 31.55 -10.34 -31.27
CA SER N 449 30.37 -10.74 -31.99
C SER N 449 30.56 -10.44 -33.46
N PHE N 450 29.98 -11.29 -34.30
CA PHE N 450 30.01 -11.09 -35.74
C PHE N 450 28.65 -11.49 -36.27
N ILE N 451 28.00 -10.57 -36.98
CA ILE N 451 26.71 -10.88 -37.55
C ILE N 451 26.64 -10.47 -39.01
N VAL N 452 26.26 -11.42 -39.87
CA VAL N 452 25.85 -11.09 -41.21
C VAL N 452 24.42 -11.60 -41.32
N ALA N 453 23.49 -10.69 -41.53
CA ALA N 453 22.09 -11.07 -41.61
C ALA N 453 21.24 -10.05 -42.37
N GLU N 454 20.11 -10.52 -42.86
CA GLU N 454 19.08 -9.67 -43.42
C GLU N 454 17.79 -10.00 -42.69
N GLU N 455 17.06 -8.98 -42.23
CA GLU N 455 15.86 -9.25 -41.47
C GLU N 455 14.60 -9.10 -42.32
N VAL N 456 13.92 -10.22 -42.54
CA VAL N 456 12.63 -10.25 -43.21
C VAL N 456 11.53 -9.86 -42.23
N PRO N 457 10.38 -9.44 -42.73
CA PRO N 457 9.27 -9.08 -41.83
C PRO N 457 8.61 -10.34 -41.26
N VAL N 458 8.20 -10.28 -40.00
CA VAL N 458 7.53 -11.41 -39.36
C VAL N 458 6.19 -11.01 -38.76
N ILE N 459 5.17 -11.82 -38.99
CA ILE N 459 3.84 -11.57 -38.44
C ILE N 459 3.49 -12.62 -37.40
N THR N 460 3.37 -12.19 -36.15
CA THR N 460 3.01 -13.07 -35.06
C THR N 460 1.55 -12.88 -34.68
N GLY N 461 0.80 -12.23 -35.55
CA GLY N 461 -0.61 -11.97 -35.31
C GLY N 461 -1.48 -12.28 -36.52
N PHE N 472 -4.96 -7.14 -41.98
CA PHE N 472 -4.14 -6.38 -41.05
C PHE N 472 -3.41 -7.31 -40.09
N GLN N 473 -2.20 -7.71 -40.46
CA GLN N 473 -1.41 -8.61 -39.62
C GLN N 473 -0.10 -7.94 -39.18
N THR N 474 0.18 -8.02 -37.89
CA THR N 474 1.39 -7.43 -37.32
C THR N 474 2.66 -8.12 -37.82
N VAL N 475 3.72 -7.34 -38.00
CA VAL N 475 5.00 -7.87 -38.46
C VAL N 475 6.13 -7.57 -37.48
N ASP N 476 6.92 -8.59 -37.16
CA ASP N 476 8.06 -8.44 -36.26
C ASP N 476 9.36 -8.80 -36.98
N ARG N 477 10.36 -7.94 -36.85
CA ARG N 477 11.64 -8.14 -37.52
C ARG N 477 12.51 -9.02 -36.64
N LYS N 478 13.05 -10.07 -37.26
CA LYS N 478 14.04 -10.96 -36.68
C LYS N 478 15.10 -11.14 -37.76
N GLU N 479 16.32 -11.50 -37.35
CA GLU N 479 17.43 -11.55 -38.29
C GLU N 479 17.92 -12.96 -38.60
N VAL N 480 18.05 -13.26 -39.89
CA VAL N 480 18.59 -14.53 -40.34
C VAL N 480 19.89 -14.28 -41.09
N GLY N 481 20.92 -15.03 -40.74
CA GLY N 481 22.25 -14.78 -41.26
C GLY N 481 23.25 -15.60 -40.47
N ILE N 482 24.54 -15.32 -40.68
CA ILE N 482 25.57 -16.03 -39.94
C ILE N 482 26.09 -15.16 -38.81
N LYS N 483 26.01 -15.68 -37.59
CA LYS N 483 26.54 -14.98 -36.44
C LYS N 483 27.49 -15.87 -35.66
N LEU N 484 28.61 -15.30 -35.26
CA LEU N 484 29.70 -15.99 -34.59
C LEU N 484 30.09 -15.15 -33.40
N LYS N 485 29.90 -15.67 -32.19
CA LYS N 485 30.31 -14.97 -30.98
C LYS N 485 31.35 -15.81 -30.26
N VAL N 486 32.57 -15.31 -30.18
CA VAL N 486 33.68 -16.13 -29.73
C VAL N 486 34.43 -15.40 -28.63
N VAL N 487 34.94 -16.16 -27.66
CA VAL N 487 35.69 -15.60 -26.54
C VAL N 487 36.96 -16.40 -26.35
N PRO N 488 38.02 -16.15 -27.09
CA PRO N 488 39.22 -16.98 -26.98
C PRO N 488 40.04 -16.62 -25.77
N GLN N 489 40.78 -17.59 -25.27
CA GLN N 489 41.91 -17.32 -24.40
C GLN N 489 43.05 -18.24 -24.83
N ILE N 490 44.26 -17.73 -24.75
CA ILE N 490 45.39 -18.39 -25.37
C ILE N 490 46.22 -19.06 -24.27
N ASN N 491 46.35 -20.38 -24.36
CA ASN N 491 47.45 -21.06 -23.71
C ASN N 491 48.73 -20.33 -24.06
N GLU N 492 49.61 -20.16 -23.09
CA GLU N 492 50.71 -19.21 -23.23
C GLU N 492 51.58 -19.48 -24.46
N GLY N 493 51.38 -20.61 -25.13
CA GLY N 493 51.83 -20.75 -26.50
C GLY N 493 50.93 -21.73 -27.21
N ASN N 494 50.85 -21.59 -28.53
CA ASN N 494 50.05 -22.48 -29.37
C ASN N 494 48.58 -22.51 -28.95
N SER N 495 48.10 -23.64 -28.44
CA SER N 495 46.68 -23.94 -28.41
C SER N 495 45.84 -22.78 -27.87
N VAL N 496 44.71 -22.55 -28.52
CA VAL N 496 43.73 -21.54 -28.18
C VAL N 496 42.48 -22.23 -27.67
N GLN N 497 41.95 -21.76 -26.55
CA GLN N 497 40.67 -22.22 -26.05
C GLN N 497 39.57 -21.27 -26.50
N LEU N 498 38.46 -21.83 -26.97
CA LEU N 498 37.39 -21.07 -27.57
C LEU N 498 36.07 -21.41 -26.89
N ASN N 499 35.43 -20.40 -26.32
CA ASN N 499 34.02 -20.46 -25.98
C ASN N 499 33.29 -19.85 -27.15
N ILE N 500 32.55 -20.68 -27.89
CA ILE N 500 32.03 -20.27 -29.18
C ILE N 500 30.53 -20.50 -29.22
N GLU N 501 29.81 -19.53 -29.77
CA GLU N 501 28.37 -19.63 -30.01
C GLU N 501 28.17 -19.29 -31.48
N GLN N 502 27.76 -20.26 -32.27
CA GLN N 502 27.71 -20.08 -33.71
C GLN N 502 26.35 -20.42 -34.24
N GLU N 503 25.75 -19.51 -34.99
CA GLU N 503 24.40 -19.69 -35.48
C GLU N 503 24.34 -19.33 -36.96
N VAL N 504 23.56 -20.08 -37.73
CA VAL N 504 23.42 -19.78 -39.14
C VAL N 504 21.97 -19.51 -39.47
N SER N 505 21.70 -18.42 -40.18
CA SER N 505 20.33 -18.08 -40.53
C SER N 505 20.08 -18.35 -42.00
N ASN N 506 19.13 -19.24 -42.26
CA ASN N 506 18.71 -19.54 -43.63
C ASN N 506 17.21 -19.40 -43.74
N VAL N 507 16.75 -18.72 -44.78
CA VAL N 507 15.31 -18.50 -44.93
C VAL N 507 14.80 -18.74 -46.35
N LEU N 508 13.69 -19.47 -46.46
CA LEU N 508 13.10 -19.78 -47.75
C LEU N 508 12.15 -18.66 -48.20
N ASP N 515 4.25 -15.85 -43.12
CA ASP N 515 4.21 -17.28 -43.46
C ASP N 515 5.49 -17.71 -44.16
N VAL N 516 6.63 -17.33 -43.59
CA VAL N 516 7.92 -17.68 -44.15
C VAL N 516 8.69 -18.60 -43.22
N ARG N 517 9.22 -19.70 -43.76
CA ARG N 517 9.96 -20.65 -42.96
C ARG N 517 11.46 -20.58 -43.25
N PHE N 518 12.25 -20.42 -42.20
CA PHE N 518 13.71 -20.34 -42.33
C PHE N 518 14.36 -21.30 -41.37
N ALA N 519 15.49 -21.87 -41.79
CA ALA N 519 16.19 -22.85 -40.96
C ALA N 519 17.38 -22.23 -40.25
N LYS N 520 17.46 -22.46 -38.95
CA LYS N 520 18.57 -21.97 -38.15
C LYS N 520 19.22 -23.13 -37.39
N ARG N 521 20.50 -23.37 -37.67
CA ARG N 521 21.21 -24.48 -37.03
C ARG N 521 22.43 -23.95 -36.29
N GLN N 522 22.30 -23.80 -34.98
CA GLN N 522 23.38 -23.25 -34.18
C GLN N 522 23.99 -24.33 -33.33
N LEU N 523 25.25 -24.14 -33.01
CA LEU N 523 25.92 -24.94 -32.01
C LEU N 523 26.80 -24.00 -31.21
N ASN N 524 26.70 -24.10 -29.88
CA ASN N 524 27.51 -23.30 -28.98
C ASN N 524 28.19 -24.22 -28.00
N THR N 525 29.52 -24.29 -28.08
CA THR N 525 30.30 -25.27 -27.37
C THR N 525 31.58 -24.60 -26.91
N SER N 526 32.48 -25.40 -26.34
CA SER N 526 33.78 -24.93 -25.89
C SER N 526 34.81 -25.93 -26.38
N VAL N 527 35.74 -25.49 -27.20
CA VAL N 527 36.73 -26.38 -27.78
C VAL N 527 38.12 -25.84 -27.51
N MET N 528 39.11 -26.69 -27.70
CA MET N 528 40.51 -26.29 -27.57
C MET N 528 41.22 -26.71 -28.83
N VAL N 529 41.68 -25.73 -29.61
CA VAL N 529 42.21 -25.97 -30.94
C VAL N 529 43.69 -25.61 -30.94
N GLN N 530 44.49 -26.36 -31.68
CA GLN N 530 45.87 -25.97 -31.83
C GLN N 530 45.97 -24.67 -32.61
N ASP N 531 47.13 -24.03 -32.53
CA ASP N 531 47.36 -22.71 -33.10
C ASP N 531 46.83 -22.56 -34.52
N GLY N 532 47.48 -23.21 -35.48
CA GLY N 532 47.11 -23.03 -36.87
C GLY N 532 46.36 -24.19 -37.50
N GLN N 533 45.78 -25.08 -36.72
CA GLN N 533 45.15 -26.27 -37.25
C GLN N 533 43.64 -26.18 -37.12
N MET N 534 42.95 -26.81 -38.07
CA MET N 534 41.51 -26.79 -38.13
C MET N 534 40.93 -27.87 -37.22
N LEU N 535 39.79 -27.58 -36.61
CA LEU N 535 39.10 -28.53 -35.76
C LEU N 535 37.61 -28.47 -36.04
N VAL N 536 36.95 -29.63 -36.01
CA VAL N 536 35.55 -29.74 -36.38
C VAL N 536 34.70 -29.58 -35.13
N LEU N 537 33.97 -28.47 -35.05
CA LEU N 537 33.02 -28.30 -33.95
C LEU N 537 31.85 -29.25 -34.08
N GLY N 538 31.19 -29.23 -35.23
CA GLY N 538 29.90 -29.87 -35.25
C GLY N 538 29.56 -30.41 -36.61
N GLY N 539 28.40 -31.04 -36.69
CA GLY N 539 27.96 -31.61 -37.93
C GLY N 539 26.64 -32.32 -37.77
N LEU N 540 26.05 -32.64 -38.91
CA LEU N 540 24.86 -33.45 -38.99
C LEU N 540 24.95 -34.20 -40.30
N ILE N 541 24.57 -35.47 -40.30
CA ILE N 541 24.47 -36.24 -41.51
C ILE N 541 23.11 -36.90 -41.52
N ASP N 542 22.25 -36.47 -42.43
CA ASP N 542 20.86 -36.90 -42.39
C ASP N 542 20.53 -37.56 -43.71
N GLU N 543 19.81 -38.66 -43.65
CA GLU N 543 19.43 -39.40 -44.84
C GLU N 543 18.01 -39.87 -44.68
N ARG N 544 17.23 -39.80 -45.75
CA ARG N 544 15.84 -40.19 -45.71
C ARG N 544 15.46 -40.91 -46.99
N ALA N 545 14.65 -41.95 -46.86
CA ALA N 545 14.00 -42.56 -48.00
C ALA N 545 12.55 -42.79 -47.64
N LEU N 546 11.65 -42.10 -48.32
CA LEU N 546 10.22 -42.27 -48.10
C LEU N 546 9.60 -42.85 -49.36
N GLU N 547 9.17 -44.10 -49.28
CA GLU N 547 8.48 -44.74 -50.38
C GLU N 547 7.01 -44.84 -50.02
N SER N 548 6.15 -44.73 -51.02
CA SER N 548 4.71 -44.84 -50.85
C SER N 548 4.14 -45.45 -52.09
N GLU N 549 3.01 -46.14 -51.97
CA GLU N 549 2.41 -46.83 -53.08
C GLU N 549 0.92 -46.98 -52.84
N SER N 550 0.17 -47.16 -53.91
CA SER N 550 -1.24 -47.48 -53.84
C SER N 550 -1.58 -48.34 -55.04
N LYS N 551 -2.48 -49.30 -54.85
CA LYS N 551 -2.89 -50.15 -55.95
C LYS N 551 -4.23 -50.76 -55.61
N VAL N 552 -4.76 -51.55 -56.52
CA VAL N 552 -6.14 -52.01 -56.46
C VAL N 552 -6.55 -52.97 -55.33
N PRO N 553 -5.69 -53.88 -54.84
CA PRO N 553 -4.36 -54.48 -55.03
C PRO N 553 -4.16 -55.46 -56.16
N LEU N 554 -5.14 -56.34 -56.40
CA LEU N 554 -4.86 -57.58 -57.12
C LEU N 554 -4.33 -57.31 -58.52
N LEU N 555 -4.93 -56.36 -59.23
CA LEU N 555 -4.49 -56.06 -60.58
C LEU N 555 -3.10 -55.43 -60.59
N GLY N 556 -2.78 -54.66 -59.55
CA GLY N 556 -1.48 -54.01 -59.51
C GLY N 556 -0.35 -54.97 -59.23
N ASP N 557 -0.68 -56.23 -58.96
CA ASP N 557 0.34 -57.24 -58.69
C ASP N 557 0.93 -57.79 -59.99
N ILE N 558 0.12 -57.85 -61.05
CA ILE N 558 0.58 -58.41 -62.33
C ILE N 558 1.85 -57.69 -62.77
N PRO N 559 2.88 -58.40 -63.23
CA PRO N 559 4.14 -57.73 -63.59
C PRO N 559 4.02 -56.78 -64.79
N LEU N 560 3.34 -57.20 -65.85
CA LEU N 560 3.32 -56.39 -67.06
C LEU N 560 2.34 -55.23 -66.96
N LEU N 561 1.10 -55.52 -66.56
CA LEU N 561 0.06 -54.51 -66.51
C LEU N 561 -0.11 -53.87 -65.15
N GLY N 562 0.69 -54.27 -64.17
CA GLY N 562 0.52 -53.73 -62.83
C GLY N 562 0.77 -52.24 -62.76
N GLN N 563 1.66 -51.73 -63.61
CA GLN N 563 2.00 -50.31 -63.54
C GLN N 563 0.83 -49.44 -63.95
N LEU N 564 -0.21 -50.04 -64.55
CA LEU N 564 -1.38 -49.26 -64.92
C LEU N 564 -2.24 -48.95 -63.71
N PHE N 565 -2.28 -49.85 -62.74
CA PHE N 565 -3.13 -49.67 -61.58
C PHE N 565 -2.41 -49.18 -60.33
N ARG N 566 -1.11 -48.92 -60.41
CA ARG N 566 -0.34 -48.49 -59.26
C ARG N 566 -0.03 -47.00 -59.32
N SER N 567 0.06 -46.38 -58.15
CA SER N 567 0.60 -45.04 -58.01
C SER N 567 1.73 -45.10 -56.99
N THR N 568 2.95 -44.85 -57.44
CA THR N 568 4.13 -44.94 -56.60
C THR N 568 4.73 -43.56 -56.42
N SER N 569 5.07 -43.22 -55.18
CA SER N 569 5.74 -41.96 -54.88
C SER N 569 6.97 -42.26 -54.05
N SER N 570 8.15 -42.06 -54.62
CA SER N 570 9.39 -42.34 -53.93
C SER N 570 10.19 -41.06 -53.75
N GLN N 571 10.91 -40.97 -52.64
CA GLN N 571 11.69 -39.78 -52.35
C GLN N 571 12.93 -40.15 -51.56
N VAL N 572 14.04 -39.48 -51.85
CA VAL N 572 15.29 -39.69 -51.15
C VAL N 572 15.89 -38.33 -50.85
N GLU N 573 16.08 -38.03 -49.58
CA GLU N 573 16.68 -36.76 -49.17
C GLU N 573 18.00 -37.04 -48.47
N LYS N 574 18.91 -36.09 -48.55
CA LYS N 574 20.22 -36.25 -47.92
C LYS N 574 20.74 -34.87 -47.56
N LYS N 575 21.46 -34.80 -46.45
CA LYS N 575 21.93 -33.51 -45.96
C LYS N 575 23.21 -33.71 -45.17
N ASN N 576 24.09 -32.73 -45.24
CA ASN N 576 25.37 -32.76 -44.55
C ASN N 576 25.68 -31.36 -44.04
N LEU N 577 26.12 -31.29 -42.80
CA LEU N 577 26.58 -30.05 -42.20
C LEU N 577 27.86 -30.34 -41.46
N MET N 578 28.92 -29.62 -41.79
CA MET N 578 30.08 -29.62 -40.91
C MET N 578 30.39 -28.18 -40.56
N VAL N 579 30.80 -27.98 -39.31
CA VAL N 579 31.25 -26.69 -38.83
C VAL N 579 32.64 -26.89 -38.27
N PHE N 580 33.62 -26.25 -38.90
CA PHE N 580 35.04 -26.30 -38.58
C PHE N 580 35.47 -24.95 -38.06
N ILE N 581 36.57 -24.91 -37.33
CA ILE N 581 37.12 -23.62 -36.91
C ILE N 581 38.64 -23.68 -36.99
N LYS N 582 39.24 -22.65 -37.55
CA LYS N 582 40.69 -22.49 -37.54
C LYS N 582 41.05 -21.18 -36.86
N PRO N 583 41.63 -21.22 -35.67
CA PRO N 583 42.26 -20.03 -35.11
C PRO N 583 43.62 -19.80 -35.73
N THR N 584 44.12 -18.58 -35.58
CA THR N 584 45.51 -18.28 -35.89
C THR N 584 45.99 -17.23 -34.90
N ILE N 585 47.11 -17.46 -34.26
CA ILE N 585 47.58 -16.51 -33.25
C ILE N 585 48.47 -15.48 -33.90
N ILE N 586 48.12 -14.22 -33.70
CA ILE N 586 48.85 -13.07 -34.18
C ILE N 586 49.55 -12.46 -32.98
N ARG N 587 50.88 -12.51 -32.99
CA ARG N 587 51.71 -11.97 -31.93
C ARG N 587 52.53 -10.78 -32.42
N ASP N 588 53.42 -11.00 -33.39
CA ASP N 588 54.16 -9.93 -34.00
C ASP N 588 53.27 -9.07 -34.89
N GLY N 589 53.72 -7.86 -35.18
CA GLY N 589 53.06 -7.07 -36.20
C GLY N 589 53.26 -7.59 -37.61
N VAL N 590 54.38 -8.27 -37.86
CA VAL N 590 54.62 -8.83 -39.18
C VAL N 590 53.65 -9.95 -39.51
N THR N 591 53.14 -10.66 -38.50
CA THR N 591 52.14 -11.69 -38.77
C THR N 591 50.82 -11.07 -39.18
N ALA N 592 50.34 -10.07 -38.42
CA ALA N 592 49.11 -9.38 -38.79
C ALA N 592 49.23 -8.75 -40.16
N ASP N 593 50.38 -8.16 -40.46
CA ASP N 593 50.59 -7.61 -41.79
C ASP N 593 50.63 -8.68 -42.86
N GLY N 594 51.12 -9.87 -42.54
CA GLY N 594 51.15 -10.96 -43.50
C GLY N 594 49.77 -11.50 -43.81
N ILE N 595 48.92 -11.60 -42.81
CA ILE N 595 47.55 -12.06 -43.03
C ILE N 595 46.73 -10.99 -43.74
N THR N 596 46.77 -9.77 -43.21
CA THR N 596 46.03 -8.67 -43.82
C THR N 596 46.46 -8.45 -45.26
N GLN N 597 47.72 -8.69 -45.57
CA GLN N 597 48.18 -8.47 -46.94
C GLN N 597 47.57 -9.48 -47.89
N ARG N 598 47.42 -10.73 -47.47
CA ARG N 598 46.84 -11.70 -48.40
C ARG N 598 45.33 -11.58 -48.47
N LYS N 599 44.65 -11.29 -47.36
CA LYS N 599 43.21 -11.09 -47.45
C LYS N 599 42.88 -9.80 -48.19
N TYR N 600 43.80 -8.85 -48.22
CA TYR N 600 43.60 -7.62 -48.97
C TYR N 600 43.87 -7.84 -50.45
N ASN N 601 44.99 -8.48 -50.76
CA ASN N 601 45.33 -8.75 -52.15
C ASN N 601 44.39 -9.73 -52.82
N TYR N 602 43.72 -10.59 -52.06
CA TYR N 602 42.72 -11.44 -52.67
C TYR N 602 41.57 -10.62 -53.23
N ILE N 603 40.97 -9.75 -52.40
CA ILE N 603 39.90 -8.90 -52.89
C ILE N 603 40.40 -7.99 -54.00
N ARG N 604 41.55 -7.34 -53.80
CA ARG N 604 42.07 -6.49 -54.86
C ARG N 604 42.21 -7.25 -56.17
N ALA N 605 42.63 -8.51 -56.12
CA ALA N 605 42.68 -9.31 -57.34
C ALA N 605 41.29 -9.49 -57.94
N GLU N 606 40.30 -9.84 -57.11
CA GLU N 606 38.93 -9.94 -57.61
C GLU N 606 38.49 -8.66 -58.31
N GLN N 607 38.77 -7.51 -57.71
CA GLN N 607 38.29 -6.25 -58.25
C GLN N 607 39.03 -5.88 -59.54
N LEU N 608 40.33 -6.13 -59.60
CA LEU N 608 41.03 -5.93 -60.86
C LEU N 608 40.43 -6.79 -61.96
N PHE N 609 40.09 -8.04 -61.65
CA PHE N 609 39.41 -8.86 -62.64
C PHE N 609 38.05 -8.28 -63.02
N ARG N 610 37.34 -7.67 -62.06
CA ARG N 610 36.11 -6.96 -62.38
C ARG N 610 36.38 -5.79 -63.30
N ALA N 611 37.55 -5.18 -63.21
CA ALA N 611 37.87 -4.05 -64.06
C ALA N 611 38.35 -4.47 -65.45
N GLU N 612 38.82 -5.71 -65.60
CA GLU N 612 39.25 -6.15 -66.93
C GLU N 612 38.05 -6.44 -67.82
N LYS N 613 37.08 -7.21 -67.31
CA LYS N 613 35.77 -7.28 -67.96
C LYS N 613 34.87 -6.38 -67.14
N GLY N 614 34.57 -5.20 -67.67
CA GLY N 614 34.02 -4.12 -66.89
C GLY N 614 32.52 -3.99 -67.05
N LEU N 615 32.01 -2.85 -66.61
CA LEU N 615 30.63 -2.53 -66.88
C LEU N 615 30.46 -2.35 -68.38
N ARG N 616 29.51 -3.07 -68.96
CA ARG N 616 29.37 -3.03 -70.41
C ARG N 616 28.88 -1.67 -70.89
N LEU N 617 27.98 -1.05 -70.14
CA LEU N 617 27.41 0.20 -70.58
C LEU N 617 28.16 1.42 -70.06
N LEU N 618 29.07 1.25 -69.12
CA LEU N 618 29.76 2.37 -68.51
C LEU N 618 31.27 2.20 -68.66
N ASP N 619 31.99 3.29 -68.42
CA ASP N 619 33.44 3.25 -68.54
C ASP N 619 34.04 2.39 -67.45
N ASP N 620 35.07 1.61 -67.81
CA ASP N 620 35.67 0.66 -66.89
C ASP N 620 36.41 1.33 -65.74
N ALA N 621 36.62 2.64 -65.78
CA ALA N 621 37.25 3.34 -64.67
C ALA N 621 36.28 3.67 -63.55
N SER N 622 35.00 3.37 -63.73
CA SER N 622 33.99 3.67 -62.73
C SER N 622 33.80 2.55 -61.71
N VAL N 623 34.37 1.38 -61.95
CA VAL N 623 34.23 0.27 -61.00
C VAL N 623 35.18 0.50 -59.84
N PRO N 624 34.72 0.42 -58.59
CA PRO N 624 35.61 0.66 -57.46
C PRO N 624 36.62 -0.46 -57.33
N VAL N 625 37.87 -0.09 -57.13
CA VAL N 625 38.96 -1.06 -56.98
C VAL N 625 39.88 -0.56 -55.87
N LEU N 626 40.28 -1.48 -55.00
CA LEU N 626 41.13 -1.09 -53.89
C LEU N 626 42.46 -0.58 -54.41
N PRO N 627 43.03 0.44 -53.78
CA PRO N 627 44.38 0.85 -54.13
C PRO N 627 45.38 -0.22 -53.75
N LYS N 628 46.55 -0.18 -54.41
CA LYS N 628 47.60 -1.13 -54.09
C LYS N 628 47.97 -1.00 -52.62
N PHE N 629 48.32 -2.13 -52.00
CA PHE N 629 48.34 -2.21 -50.55
C PHE N 629 49.29 -1.17 -49.96
N GLY N 630 48.74 -0.30 -49.10
CA GLY N 630 49.52 0.71 -48.42
C GLY N 630 49.57 2.07 -49.09
N ASP N 631 48.90 2.26 -50.22
CA ASP N 631 49.05 3.49 -51.00
C ASP N 631 47.94 4.52 -50.74
N ASP N 632 47.00 4.23 -49.84
CA ASP N 632 45.88 5.12 -49.56
C ASP N 632 45.13 5.54 -50.83
N ARG N 633 44.72 6.80 -50.91
CA ARG N 633 43.77 7.23 -51.91
C ARG N 633 44.40 7.70 -53.21
N ARG N 634 43.85 7.24 -54.34
CA ARG N 634 44.07 7.79 -55.66
C ARG N 634 43.04 8.49 -56.50
N HIS N 635 43.40 9.58 -57.16
CA HIS N 635 42.43 10.36 -57.90
C HIS N 635 42.09 9.44 -59.07
N SER N 636 40.92 9.68 -59.66
CA SER N 636 40.52 8.99 -60.88
C SER N 636 41.54 9.26 -61.99
N PRO N 637 41.58 8.42 -63.00
CA PRO N 637 42.57 8.65 -64.07
C PRO N 637 42.34 9.99 -64.78
N GLU N 638 41.09 10.29 -65.12
CA GLU N 638 40.77 11.56 -65.77
C GLU N 638 41.00 12.77 -64.88
N ILE N 639 40.59 12.66 -63.61
CA ILE N 639 40.79 13.72 -62.64
C ILE N 639 42.28 13.95 -62.40
N GLN N 640 43.02 12.85 -62.34
CA GLN N 640 44.46 12.92 -62.15
C GLN N 640 45.08 13.64 -63.34
N ALA N 641 44.59 13.32 -64.53
CA ALA N 641 45.09 13.96 -65.74
C ALA N 641 44.81 15.46 -65.70
N PHE N 642 43.62 15.82 -65.24
CA PHE N 642 43.24 17.22 -65.11
C PHE N 642 44.14 17.95 -64.11
N ILE N 643 44.46 17.30 -63.01
CA ILE N 643 45.21 17.95 -61.94
C ILE N 643 46.60 18.39 -62.39
N GLU N 644 47.25 17.55 -63.18
CA GLU N 644 48.60 17.82 -63.66
C GLU N 644 48.63 19.03 -64.58
N GLN N 645 47.55 19.27 -65.33
CA GLN N 645 47.51 20.43 -66.21
C GLN N 645 47.53 21.73 -65.41
N MET N 646 46.63 21.85 -64.44
CA MET N 646 46.56 23.04 -63.60
C MET N 646 47.81 23.18 -62.74
N GLY O 97 105.36 27.56 40.85
CA GLY O 97 105.90 28.04 42.11
C GLY O 97 104.96 27.83 43.30
N ASP O 98 105.18 28.62 44.35
CA ASP O 98 104.42 28.54 45.59
C ASP O 98 103.24 29.52 45.70
N GLU O 99 102.93 30.27 44.65
CA GLU O 99 101.94 31.34 44.76
C GLU O 99 100.56 30.77 45.11
N VAL O 100 99.72 31.59 45.74
CA VAL O 100 98.34 31.24 46.04
C VAL O 100 97.42 31.94 45.04
N ILE O 101 96.81 31.15 44.14
CA ILE O 101 95.82 31.61 43.17
C ILE O 101 94.65 30.64 43.18
N THR O 102 93.50 31.10 42.71
CA THR O 102 92.29 30.30 42.59
C THR O 102 92.10 29.83 41.15
N GLN O 103 91.70 28.56 40.98
CA GLN O 103 91.46 28.05 39.63
C GLN O 103 90.03 27.53 39.50
N VAL O 104 89.39 27.94 38.42
CA VAL O 104 87.99 27.63 38.14
C VAL O 104 87.94 26.71 36.93
N VAL O 105 87.58 25.45 37.14
CA VAL O 105 87.58 24.45 36.06
C VAL O 105 86.31 23.61 36.20
N ALA O 106 85.89 22.97 35.11
CA ALA O 106 84.60 22.28 35.09
C ALA O 106 84.75 20.76 35.16
N VAL O 107 83.75 20.13 35.77
CA VAL O 107 83.44 18.71 35.54
C VAL O 107 81.96 18.66 35.21
N LYS O 108 81.63 18.37 33.96
CA LYS O 108 80.22 18.38 33.58
C LYS O 108 79.54 17.07 33.93
N ASN O 109 80.31 15.99 33.98
CA ASN O 109 79.75 14.66 33.86
C ASN O 109 78.84 14.32 35.04
N VAL O 110 79.31 14.54 36.27
CA VAL O 110 78.48 14.36 37.46
C VAL O 110 78.91 15.40 38.49
N SER O 111 78.00 15.72 39.41
CA SER O 111 78.23 16.77 40.40
C SER O 111 79.52 16.53 41.17
N VAL O 112 80.30 17.61 41.36
CA VAL O 112 81.66 17.51 41.88
C VAL O 112 81.72 17.43 43.40
N ARG O 113 80.58 17.59 44.09
CA ARG O 113 80.54 17.30 45.52
C ARG O 113 81.07 15.90 45.81
N GLU O 114 80.93 15.00 44.84
CA GLU O 114 81.45 13.65 44.91
C GLU O 114 82.94 13.59 45.21
N LEU O 115 83.69 14.64 44.91
CA LEU O 115 85.12 14.69 45.16
C LEU O 115 85.51 15.42 46.44
N SER O 116 84.54 15.92 47.22
CA SER O 116 84.90 16.72 48.40
C SER O 116 85.85 16.00 49.36
N PRO O 117 85.70 14.72 49.70
CA PRO O 117 86.58 14.12 50.72
C PRO O 117 88.02 13.97 50.25
N LEU O 118 88.21 13.54 49.01
CA LEU O 118 89.54 13.22 48.51
C LEU O 118 90.28 14.49 48.11
N LEU O 119 89.53 15.48 47.63
CA LEU O 119 90.11 16.81 47.37
C LEU O 119 90.55 17.49 48.66
N ARG O 120 89.71 17.46 49.70
CA ARG O 120 90.19 17.89 51.02
C ARG O 120 91.31 17.00 51.54
N GLN O 121 91.53 15.83 50.91
CA GLN O 121 92.73 15.07 51.20
C GLN O 121 93.96 15.80 50.70
N LEU O 122 93.90 16.40 49.50
CA LEU O 122 94.96 17.30 49.05
C LEU O 122 94.91 18.65 49.74
N ILE O 123 93.79 19.02 50.36
CA ILE O 123 93.79 20.18 51.24
C ILE O 123 94.41 19.81 52.58
N ASP O 124 94.31 18.53 52.95
CA ASP O 124 95.05 17.98 54.09
C ASP O 124 96.48 17.55 53.74
N ASN O 125 96.71 16.91 52.57
CA ASN O 125 98.03 16.38 52.22
C ASN O 125 99.13 17.40 52.37
N ALA O 126 98.81 18.68 52.15
CA ALA O 126 99.76 19.77 52.32
C ALA O 126 99.05 20.91 53.07
N GLY O 127 99.71 22.06 53.13
CA GLY O 127 99.21 23.20 53.87
C GLY O 127 97.89 23.79 53.41
N ALA O 128 97.19 24.44 54.34
CA ALA O 128 95.86 25.00 54.08
C ALA O 128 96.00 26.49 53.75
N GLY O 129 94.88 27.19 53.71
CA GLY O 129 94.70 28.37 52.90
C GLY O 129 93.85 28.09 51.70
N ASN O 130 93.70 26.82 51.33
CA ASN O 130 92.91 26.37 50.20
C ASN O 130 91.43 26.57 50.46
N VAL O 131 90.68 26.61 49.36
CA VAL O 131 89.27 26.27 49.35
C VAL O 131 89.06 25.41 48.12
N VAL O 132 88.14 24.46 48.17
CA VAL O 132 87.59 23.90 46.95
C VAL O 132 86.08 23.88 47.14
N HIS O 133 85.39 24.70 46.34
CA HIS O 133 83.97 24.93 46.51
C HIS O 133 83.28 24.52 45.22
N TYR O 134 82.18 23.78 45.39
CA TYR O 134 81.52 23.07 44.30
C TYR O 134 80.19 23.74 44.05
N ASP O 135 80.10 24.47 42.97
CA ASP O 135 78.89 25.23 42.73
C ASP O 135 77.84 24.34 42.09
N PRO O 136 76.64 24.31 42.67
CA PRO O 136 75.56 23.48 42.11
C PRO O 136 75.19 23.84 40.68
N ALA O 137 75.64 24.99 40.18
CA ALA O 137 75.55 25.32 38.77
C ALA O 137 76.51 24.47 37.95
N ASN O 138 77.30 23.65 38.65
CA ASN O 138 78.31 22.75 38.08
C ASN O 138 79.44 23.50 37.38
N ILE O 139 80.27 24.18 38.17
CA ILE O 139 81.65 24.51 37.82
C ILE O 139 82.45 24.15 39.06
N ILE O 140 83.72 24.54 39.11
CA ILE O 140 84.64 24.07 40.15
C ILE O 140 85.56 25.21 40.58
N LEU O 141 85.68 25.39 41.91
CA LEU O 141 86.57 26.38 42.51
C LEU O 141 87.66 25.73 43.35
N ILE O 142 88.90 26.13 43.09
CA ILE O 142 90.02 25.90 44.01
C ILE O 142 90.60 27.27 44.34
N THR O 143 91.23 27.36 45.50
CA THR O 143 92.06 28.49 45.87
C THR O 143 93.22 27.95 46.70
N GLY O 144 94.43 28.39 46.39
CA GLY O 144 95.57 27.94 47.17
C GLY O 144 96.83 27.89 46.32
N ARG O 145 97.81 27.14 46.83
CA ARG O 145 99.09 27.08 46.15
C ARG O 145 98.95 26.41 44.79
N ALA O 146 99.55 27.06 43.78
CA ALA O 146 99.36 26.64 42.39
C ALA O 146 99.74 25.18 42.19
N ALA O 147 100.66 24.66 43.00
CA ALA O 147 101.01 23.25 42.90
C ALA O 147 99.89 22.35 43.40
N VAL O 148 99.41 22.59 44.62
CA VAL O 148 98.36 21.75 45.19
C VAL O 148 97.03 22.07 44.53
N VAL O 149 96.83 23.32 44.13
CA VAL O 149 95.69 23.67 43.29
C VAL O 149 95.77 22.96 41.95
N ASN O 150 96.99 22.65 41.50
CA ASN O 150 97.12 21.87 40.27
C ASN O 150 96.71 20.42 40.50
N ARG O 151 97.42 19.70 41.37
CA ARG O 151 97.02 18.33 41.66
C ARG O 151 95.53 18.19 41.96
N LEU O 152 94.96 19.15 42.70
CA LEU O 152 93.52 19.21 42.90
C LEU O 152 92.78 19.35 41.57
N ALA O 153 93.22 20.26 40.70
CA ALA O 153 92.55 20.42 39.41
C ALA O 153 92.78 19.22 38.52
N GLU O 154 93.75 18.36 38.87
CA GLU O 154 94.08 17.16 38.11
C GLU O 154 93.19 16.00 38.51
N ILE O 155 92.93 15.86 39.81
CA ILE O 155 91.88 14.96 40.26
C ILE O 155 90.54 15.42 39.71
N ILE O 156 90.22 16.70 39.93
CA ILE O 156 89.01 17.30 39.41
C ILE O 156 88.84 17.02 37.93
N ARG O 157 89.77 17.50 37.09
CA ARG O 157 89.70 17.20 35.67
C ARG O 157 89.81 15.71 35.41
N ARG O 158 90.18 14.92 36.42
CA ARG O 158 90.26 13.48 36.27
C ARG O 158 88.86 12.89 36.46
N VAL O 159 87.95 13.67 37.04
CA VAL O 159 86.53 13.33 36.95
C VAL O 159 85.82 14.13 35.84
N ASP O 160 86.42 15.21 35.34
CA ASP O 160 85.94 15.85 34.11
C ASP O 160 86.08 14.93 32.91
N GLN O 161 87.33 14.73 32.51
CA GLN O 161 87.70 14.01 31.30
C GLN O 161 87.30 12.55 31.34
N ALA O 162 87.09 11.99 32.53
CA ALA O 162 86.88 10.58 32.74
C ALA O 162 85.72 9.98 31.95
N GLY O 163 84.50 10.34 32.29
CA GLY O 163 83.31 9.60 31.96
C GLY O 163 82.52 10.06 30.75
N ASP O 164 83.17 10.71 29.78
CA ASP O 164 82.51 11.64 28.87
C ASP O 164 81.20 11.10 28.32
N LYS O 165 80.18 11.95 28.28
CA LYS O 165 78.86 11.57 27.81
C LYS O 165 78.27 12.74 27.06
N GLU O 166 77.84 12.51 25.81
CA GLU O 166 77.05 13.48 25.06
C GLU O 166 76.22 12.78 23.99
N ILE O 167 75.72 13.58 23.07
CA ILE O 167 74.73 13.19 22.07
C ILE O 167 75.39 13.00 20.70
N GLU O 168 74.91 12.00 19.97
CA GLU O 168 75.25 11.79 18.57
C GLU O 168 74.02 11.94 17.70
N VAL O 169 74.26 12.24 16.42
CA VAL O 169 73.23 12.22 15.40
C VAL O 169 73.80 11.53 14.16
N VAL O 170 73.25 10.38 13.81
CA VAL O 170 73.78 9.60 12.70
C VAL O 170 72.62 9.03 11.90
N GLU O 171 72.68 9.21 10.59
CA GLU O 171 71.63 8.78 9.68
C GLU O 171 71.42 7.27 9.74
N LEU O 172 70.14 6.90 9.81
CA LEU O 172 69.71 5.53 9.58
C LEU O 172 68.96 5.55 8.28
N ASN O 173 69.57 5.03 7.22
CA ASN O 173 68.94 5.15 5.91
C ASN O 173 67.87 4.10 5.73
N ASN O 174 68.02 2.97 6.41
CA ASN O 174 67.27 1.79 6.02
C ASN O 174 66.35 1.34 7.13
N ALA O 175 66.94 0.70 8.14
CA ALA O 175 66.17 0.20 9.26
C ALA O 175 65.47 1.34 9.95
N SER O 176 64.16 1.23 10.06
CA SER O 176 63.37 2.30 10.65
C SER O 176 63.96 2.68 11.99
N ALA O 177 64.19 3.99 12.17
CA ALA O 177 64.71 4.45 13.45
C ALA O 177 63.87 3.90 14.58
N ALA O 178 62.58 4.21 14.61
CA ALA O 178 61.72 3.70 15.68
C ALA O 178 61.92 2.21 15.88
N GLU O 179 62.21 1.47 14.81
CA GLU O 179 62.63 0.08 14.99
C GLU O 179 63.98 0.02 15.68
N MET O 180 64.99 0.75 15.19
CA MET O 180 66.27 0.77 15.89
C MET O 180 66.08 1.03 17.37
N VAL O 181 65.27 2.02 17.69
CA VAL O 181 64.80 2.33 19.03
C VAL O 181 64.38 1.02 19.67
N ARG O 182 63.28 0.46 19.20
CA ARG O 182 62.71 -0.70 19.87
C ARG O 182 63.74 -1.77 20.11
N ILE O 183 64.57 -2.04 19.11
CA ILE O 183 65.41 -3.23 19.11
C ILE O 183 66.64 -2.99 19.98
N VAL O 184 66.94 -1.72 20.25
CA VAL O 184 67.88 -1.39 21.32
C VAL O 184 67.17 -1.31 22.66
N GLU O 185 65.85 -1.10 22.67
CA GLU O 185 65.16 -0.82 23.91
C GLU O 185 65.34 -2.00 24.84
N ALA O 186 65.24 -3.21 24.27
CA ALA O 186 65.52 -4.44 24.98
C ALA O 186 66.86 -4.42 25.69
N LEU O 187 67.81 -3.64 25.18
CA LEU O 187 69.11 -3.53 25.81
C LEU O 187 68.96 -2.69 27.07
N ASN O 188 69.71 -3.04 28.10
CA ASN O 188 69.59 -2.33 29.37
C ASN O 188 70.96 -1.91 29.89
N LYS O 203 72.22 7.05 26.99
CA LYS O 203 70.96 6.50 26.55
C LYS O 203 70.76 6.77 25.05
N PHE O 204 69.52 6.68 24.55
CA PHE O 204 69.28 6.51 23.12
C PHE O 204 68.22 7.49 22.65
N VAL O 205 68.37 8.00 21.43
CA VAL O 205 67.29 8.69 20.73
C VAL O 205 67.37 8.29 19.26
N ALA O 206 66.40 8.73 18.48
CA ALA O 206 66.43 8.73 17.02
C ALA O 206 65.35 9.67 16.51
N ASP O 207 65.40 10.02 15.23
CA ASP O 207 64.32 10.77 14.62
C ASP O 207 63.91 10.08 13.34
N GLU O 208 62.60 9.88 13.16
CA GLU O 208 62.19 9.38 11.86
C GLU O 208 61.71 10.48 10.92
N ARG O 209 61.84 11.75 11.31
CA ARG O 209 61.96 12.74 10.25
C ARG O 209 63.21 12.46 9.45
N THR O 210 64.34 12.45 10.13
CA THR O 210 65.64 12.11 9.56
C THR O 210 65.87 10.62 9.46
N ASN O 211 65.23 9.83 10.33
CA ASN O 211 65.60 8.44 10.52
C ASN O 211 67.09 8.34 10.86
N SER O 212 67.40 8.79 12.09
CA SER O 212 68.78 8.89 12.57
C SER O 212 68.84 8.56 14.05
N ILE O 213 69.75 7.67 14.42
CA ILE O 213 70.06 7.43 15.82
C ILE O 213 70.75 8.63 16.41
N LEU O 214 70.24 9.08 17.54
CA LEU O 214 70.89 10.09 18.34
C LEU O 214 71.38 9.33 19.56
N ILE O 215 72.43 9.80 20.21
CA ILE O 215 72.89 9.06 21.37
C ILE O 215 73.08 10.03 22.51
N SER O 216 72.90 9.56 23.73
CA SER O 216 73.31 10.30 24.90
C SER O 216 74.18 9.40 25.78
N GLY O 217 75.46 9.71 25.82
CA GLY O 217 76.37 8.91 26.61
C GLY O 217 77.76 8.86 26.02
N ASP O 218 78.48 7.82 26.42
CA ASP O 218 79.93 7.74 26.41
C ASP O 218 80.51 7.85 25.00
N PRO O 219 81.76 8.29 24.86
CA PRO O 219 82.54 7.91 23.68
C PRO O 219 82.89 6.43 23.65
N LYS O 220 82.71 5.71 24.76
CA LYS O 220 82.55 4.27 24.63
C LYS O 220 81.17 3.92 24.08
N VAL O 221 80.14 4.63 24.53
CA VAL O 221 78.83 4.53 23.88
C VAL O 221 78.93 5.03 22.44
N ARG O 222 79.89 5.90 22.16
CA ARG O 222 80.09 6.34 20.78
C ARG O 222 80.79 5.25 19.97
N GLU O 223 81.76 4.56 20.57
CA GLU O 223 82.36 3.44 19.86
C GLU O 223 81.35 2.33 19.63
N ARG O 224 80.79 1.77 20.70
CA ARG O 224 79.93 0.61 20.53
C ARG O 224 78.63 1.00 19.85
N LEU O 225 78.16 2.22 20.04
CA LEU O 225 76.91 2.58 19.39
C LEU O 225 77.08 3.26 18.06
N LYS O 226 78.30 3.54 17.63
CA LYS O 226 78.51 3.58 16.18
C LYS O 226 78.63 2.17 15.63
N ARG O 227 79.12 1.23 16.43
CA ARG O 227 79.04 -0.17 16.03
C ARG O 227 77.60 -0.58 15.78
N LEU O 228 76.65 -0.15 16.64
CA LEU O 228 75.25 -0.54 16.43
C LEU O 228 74.52 0.45 15.55
N ILE O 229 75.09 1.64 15.35
CA ILE O 229 74.71 2.43 14.19
C ILE O 229 74.84 1.60 12.93
N LYS O 230 75.98 0.91 12.83
CA LYS O 230 76.26 0.14 11.64
C LYS O 230 75.57 -1.22 11.66
N GLN O 231 75.40 -1.82 12.84
CA GLN O 231 74.98 -3.20 12.90
C GLN O 231 73.61 -3.40 12.29
N LEU O 232 72.60 -2.71 12.75
CA LEU O 232 71.30 -2.87 12.11
C LEU O 232 71.12 -1.58 11.34
N ASP O 233 71.74 -1.55 10.17
CA ASP O 233 71.41 -0.67 9.07
C ASP O 233 70.88 -1.43 7.88
N VAL O 234 71.11 -2.74 7.88
CA VAL O 234 70.87 -3.59 6.72
C VAL O 234 69.40 -3.69 6.32
N GLU O 235 69.18 -3.78 5.02
CA GLU O 235 67.83 -3.85 4.47
C GLU O 235 67.62 -5.21 3.83
N MET O 236 66.53 -5.86 4.22
CA MET O 236 66.25 -7.21 3.72
C MET O 236 66.02 -7.20 2.22
N ALA O 237 66.52 -8.23 1.55
CA ALA O 237 66.33 -8.38 0.11
C ALA O 237 64.86 -8.67 -0.16
N ALA O 238 64.38 -8.26 -1.34
CA ALA O 238 62.97 -8.43 -1.65
C ALA O 238 62.64 -9.93 -1.63
N LYS O 239 61.49 -10.25 -1.06
CA LYS O 239 61.07 -11.64 -0.87
C LYS O 239 60.10 -12.15 -1.93
N GLY O 240 59.76 -11.30 -2.89
CA GLY O 240 58.73 -11.66 -3.85
C GLY O 240 57.45 -11.94 -3.11
N ASN O 241 57.23 -11.16 -2.06
CA ASN O 241 56.07 -11.28 -1.19
C ASN O 241 54.79 -11.52 -1.98
N ASN O 242 54.65 -10.83 -3.11
CA ASN O 242 53.51 -11.07 -3.98
C ASN O 242 53.98 -11.48 -5.36
N ARG O 243 53.14 -12.25 -6.06
CA ARG O 243 53.51 -12.77 -7.36
C ARG O 243 52.30 -12.78 -8.27
N VAL O 244 52.50 -12.35 -9.50
CA VAL O 244 51.47 -12.38 -10.54
C VAL O 244 51.69 -13.64 -11.35
N VAL O 245 50.69 -14.52 -11.38
CA VAL O 245 50.81 -15.80 -12.06
C VAL O 245 49.90 -15.78 -13.28
N TYR O 246 50.44 -16.21 -14.41
CA TYR O 246 49.73 -16.26 -15.69
C TYR O 246 49.10 -17.63 -15.83
N LEU O 247 47.77 -17.68 -15.77
CA LEU O 247 47.09 -18.96 -15.92
C LEU O 247 47.12 -19.40 -17.37
N LYS O 248 47.57 -20.63 -17.59
CA LYS O 248 47.61 -21.16 -18.94
C LYS O 248 46.23 -21.56 -19.42
N TYR O 249 45.49 -22.29 -18.60
CA TYR O 249 44.21 -22.86 -19.02
C TYR O 249 43.05 -22.31 -18.20
N ALA O 250 43.04 -22.53 -16.89
CA ALA O 250 41.89 -22.15 -16.08
C ALA O 250 41.66 -20.65 -16.14
N LYS O 251 40.41 -20.25 -15.91
CA LYS O 251 40.06 -18.83 -15.86
C LYS O 251 40.33 -18.26 -14.49
N ALA O 252 40.79 -17.02 -14.45
CA ALA O 252 41.14 -16.37 -13.21
C ALA O 252 39.92 -16.22 -12.31
N GLU O 253 38.76 -15.91 -12.90
CA GLU O 253 37.57 -15.71 -12.10
C GLU O 253 37.17 -16.98 -11.35
N ASP O 254 37.23 -18.12 -12.02
CA ASP O 254 36.95 -19.40 -11.36
C ASP O 254 37.98 -19.73 -10.28
N LEU O 255 39.24 -19.45 -10.58
CA LEU O 255 40.37 -19.81 -9.75
C LEU O 255 40.43 -18.95 -8.51
N VAL O 256 40.16 -17.66 -8.64
CA VAL O 256 40.19 -16.78 -7.48
C VAL O 256 39.14 -17.22 -6.49
N GLU O 257 37.95 -17.56 -7.00
CA GLU O 257 36.91 -17.98 -6.08
C GLU O 257 37.36 -19.24 -5.33
N VAL O 258 37.93 -20.19 -6.05
CA VAL O 258 38.36 -21.43 -5.42
C VAL O 258 39.45 -21.18 -4.38
N LEU O 259 40.35 -20.26 -4.69
CA LEU O 259 41.57 -20.07 -3.90
C LEU O 259 41.30 -19.23 -2.66
N LYS O 260 40.13 -18.63 -2.56
CA LYS O 260 39.82 -17.82 -1.39
C LYS O 260 39.96 -18.65 -0.11
N GLY O 261 39.33 -19.83 -0.12
CA GLY O 261 39.42 -20.75 1.01
C GLY O 261 40.80 -21.27 1.36
N VAL O 262 41.59 -21.57 0.33
CA VAL O 262 42.96 -22.03 0.55
C VAL O 262 43.77 -20.95 1.23
N SER O 263 43.54 -19.70 0.79
CA SER O 263 44.24 -18.57 1.38
C SER O 263 43.89 -18.46 2.86
N GLU O 264 42.61 -18.65 3.18
CA GLU O 264 42.16 -18.60 4.56
C GLU O 264 42.10 -20.00 5.18
N VAL O 283 46.82 -12.14 3.18
CA VAL O 283 46.54 -12.86 1.93
C VAL O 283 45.41 -12.19 1.16
N MET O 284 45.67 -11.87 -0.10
CA MET O 284 44.65 -11.37 -0.99
C MET O 284 44.89 -11.93 -2.39
N ILE O 285 43.80 -12.35 -3.02
CA ILE O 285 43.84 -12.99 -4.34
C ILE O 285 42.97 -12.16 -5.25
N ALA O 286 43.55 -11.60 -6.30
CA ALA O 286 42.78 -10.75 -7.20
C ALA O 286 42.93 -11.23 -8.63
N ALA O 287 41.82 -11.34 -9.34
CA ALA O 287 41.82 -11.87 -10.69
C ALA O 287 41.88 -10.72 -11.69
N HIS O 288 42.92 -10.70 -12.51
CA HIS O 288 43.00 -9.75 -13.61
C HIS O 288 42.47 -10.46 -14.86
N ALA O 289 41.33 -9.99 -15.35
CA ALA O 289 40.60 -10.71 -16.38
C ALA O 289 41.28 -10.61 -17.73
N ASP O 290 41.59 -9.39 -18.16
CA ASP O 290 42.03 -9.18 -19.54
C ASP O 290 43.31 -9.93 -19.84
N THR O 291 44.24 -9.98 -18.90
CA THR O 291 45.43 -10.80 -19.09
C THR O 291 45.19 -12.24 -18.69
N ASN O 292 44.04 -12.54 -18.07
CA ASN O 292 43.77 -13.85 -17.50
C ASN O 292 44.90 -14.29 -16.60
N SER O 293 45.26 -13.42 -15.68
CA SER O 293 46.35 -13.70 -14.76
C SER O 293 45.90 -13.26 -13.39
N LEU O 294 46.22 -14.03 -12.37
CA LEU O 294 45.76 -13.70 -11.03
C LEU O 294 46.94 -13.30 -10.17
N VAL O 295 46.71 -12.29 -9.35
CA VAL O 295 47.72 -11.64 -8.52
C VAL O 295 47.55 -12.21 -7.11
N LEU O 296 48.59 -12.85 -6.62
CA LEU O 296 48.63 -13.44 -5.30
C LEU O 296 49.45 -12.52 -4.41
N THR O 297 48.95 -12.25 -3.21
CA THR O 297 49.78 -11.59 -2.20
C THR O 297 49.61 -12.33 -0.87
N ALA O 298 50.72 -12.80 -0.33
CA ALA O 298 50.71 -13.65 0.85
C ALA O 298 52.13 -13.76 1.40
N PRO O 299 52.34 -14.41 2.55
CA PRO O 299 53.71 -14.70 2.97
C PRO O 299 54.33 -15.79 2.11
N GLN O 300 55.53 -16.25 2.48
CA GLN O 300 56.25 -17.17 1.59
C GLN O 300 55.63 -18.55 1.56
N ASP O 301 55.31 -19.11 2.73
CA ASP O 301 54.77 -20.47 2.79
C ASP O 301 53.42 -20.58 2.12
N ILE O 302 52.48 -19.68 2.45
CA ILE O 302 51.18 -19.70 1.80
C ILE O 302 51.32 -19.49 0.31
N MET O 303 52.28 -18.66 -0.12
CA MET O 303 52.52 -18.49 -1.54
C MET O 303 52.93 -19.81 -2.18
N ASN O 304 53.89 -20.51 -1.58
CA ASN O 304 54.31 -21.79 -2.13
C ASN O 304 53.21 -22.84 -2.08
N ALA O 305 52.23 -22.69 -1.18
CA ALA O 305 51.09 -23.60 -1.21
C ALA O 305 50.15 -23.29 -2.36
N MET O 306 49.72 -22.03 -2.47
CA MET O 306 48.78 -21.67 -3.52
C MET O 306 49.37 -21.83 -4.91
N LEU O 307 50.68 -21.73 -5.06
CA LEU O 307 51.25 -22.02 -6.37
C LEU O 307 51.21 -23.50 -6.69
N GLU O 308 51.23 -24.37 -5.68
CA GLU O 308 51.07 -25.80 -5.93
C GLU O 308 49.62 -26.19 -6.14
N VAL O 309 48.67 -25.43 -5.58
CA VAL O 309 47.27 -25.64 -5.93
C VAL O 309 47.00 -25.17 -7.35
N ILE O 310 47.38 -23.94 -7.67
CA ILE O 310 47.20 -23.40 -9.01
C ILE O 310 47.88 -24.29 -10.03
N GLY O 311 49.07 -24.79 -9.72
CA GLY O 311 49.74 -25.69 -10.64
C GLY O 311 48.92 -26.90 -11.00
N GLN O 312 48.13 -27.42 -10.06
CA GLN O 312 47.34 -28.61 -10.30
C GLN O 312 45.92 -28.34 -10.76
N LEU O 313 45.44 -27.10 -10.65
CA LEU O 313 44.13 -26.74 -11.20
C LEU O 313 44.24 -26.13 -12.59
N ASP O 314 45.45 -25.96 -13.10
CA ASP O 314 45.69 -25.32 -14.38
C ASP O 314 45.81 -26.34 -15.51
N ILE O 315 45.52 -27.62 -15.24
CA ILE O 315 45.81 -28.66 -16.22
C ILE O 315 44.95 -28.51 -17.46
N ARG O 316 45.40 -29.14 -18.53
CA ARG O 316 44.68 -29.16 -19.79
C ARG O 316 43.43 -30.02 -19.68
N ARG O 317 42.38 -29.64 -20.40
CA ARG O 317 41.12 -30.37 -20.40
C ARG O 317 41.00 -31.15 -21.69
N ALA O 318 40.80 -32.47 -21.57
CA ALA O 318 40.51 -33.27 -22.75
C ALA O 318 39.15 -32.88 -23.30
N GLN O 319 38.91 -33.21 -24.57
CA GLN O 319 37.67 -32.79 -25.19
C GLN O 319 37.04 -33.93 -25.97
N VAL O 320 35.75 -34.13 -25.74
CA VAL O 320 35.01 -35.29 -26.23
C VAL O 320 34.30 -34.90 -27.52
N LEU O 321 34.25 -35.83 -28.46
CA LEU O 321 33.44 -35.71 -29.65
C LEU O 321 32.23 -36.61 -29.49
N ILE O 322 31.06 -36.01 -29.28
CA ILE O 322 29.82 -36.74 -29.05
C ILE O 322 29.12 -36.91 -30.37
N GLU O 323 29.01 -38.14 -30.85
CA GLU O 323 28.32 -38.42 -32.10
C GLU O 323 27.10 -39.27 -31.81
N ALA O 324 25.93 -38.66 -31.87
CA ALA O 324 24.69 -39.41 -31.72
C ALA O 324 24.35 -40.09 -33.04
N LEU O 325 23.53 -41.12 -32.95
CA LEU O 325 22.98 -41.77 -34.13
C LEU O 325 21.51 -42.05 -33.89
N ILE O 326 20.65 -41.55 -34.75
CA ILE O 326 19.21 -41.68 -34.60
C ILE O 326 18.69 -42.47 -35.79
N VAL O 327 18.00 -43.57 -35.52
CA VAL O 327 17.47 -44.41 -36.57
C VAL O 327 15.97 -44.52 -36.37
N GLU O 328 15.20 -44.10 -37.37
CA GLU O 328 13.75 -44.16 -37.31
C GLU O 328 13.28 -44.88 -38.56
N MET O 329 12.74 -46.08 -38.40
CA MET O 329 12.28 -46.88 -39.52
C MET O 329 10.79 -47.12 -39.35
N ALA O 330 9.99 -46.55 -40.23
CA ALA O 330 8.56 -46.76 -40.18
C ALA O 330 8.16 -47.63 -41.35
N GLU O 331 7.07 -48.35 -41.19
CA GLU O 331 6.53 -49.12 -42.29
C GLU O 331 5.03 -49.20 -42.07
N GLY O 332 4.28 -49.24 -43.15
CA GLY O 332 2.84 -49.28 -43.02
C GLY O 332 2.24 -50.03 -44.19
N ASP O 333 1.05 -50.54 -43.97
CA ASP O 333 0.35 -51.26 -45.00
C ASP O 333 -1.13 -51.24 -44.65
N GLY O 334 -1.95 -51.42 -45.66
CA GLY O 334 -3.36 -51.62 -45.41
C GLY O 334 -4.06 -52.04 -46.67
N ILE O 335 -5.14 -52.79 -46.53
CA ILE O 335 -5.94 -53.21 -47.67
C ILE O 335 -7.39 -53.00 -47.29
N ASN O 336 -8.07 -52.16 -48.05
CA ASN O 336 -9.44 -51.80 -47.78
C ASN O 336 -10.24 -52.19 -49.01
N LEU O 337 -11.08 -53.21 -48.90
CA LEU O 337 -11.88 -53.61 -50.05
C LEU O 337 -13.25 -54.05 -49.59
N GLY O 338 -14.26 -53.67 -50.36
CA GLY O 338 -15.62 -54.04 -50.06
C GLY O 338 -16.54 -53.59 -51.17
N VAL O 339 -17.70 -54.25 -51.22
CA VAL O 339 -18.70 -54.00 -52.25
C VAL O 339 -19.92 -53.39 -51.58
N GLN O 340 -20.45 -52.34 -52.17
CA GLN O 340 -21.64 -51.69 -51.68
C GLN O 340 -22.73 -51.81 -52.74
N TRP O 341 -23.97 -51.66 -52.34
CA TRP O 341 -25.10 -51.80 -53.25
C TRP O 341 -26.05 -50.66 -53.06
N GLY O 342 -26.83 -50.38 -54.11
CA GLY O 342 -27.87 -49.39 -53.95
C GLY O 342 -28.91 -49.39 -55.05
N SER O 343 -30.11 -48.97 -54.69
CA SER O 343 -31.19 -48.73 -55.64
C SER O 343 -31.87 -47.46 -55.20
N LEU O 344 -31.81 -46.43 -56.06
CA LEU O 344 -32.30 -45.13 -55.65
C LEU O 344 -33.76 -44.91 -56.03
N GLU O 345 -34.35 -45.82 -56.82
CA GLU O 345 -35.76 -45.69 -57.16
C GLU O 345 -36.63 -45.86 -55.92
N SER O 346 -36.46 -46.97 -55.20
CA SER O 346 -36.94 -47.12 -53.84
C SER O 346 -35.69 -47.23 -52.99
N GLY O 347 -35.36 -46.18 -52.24
CA GLY O 347 -34.00 -46.10 -51.76
C GLY O 347 -33.68 -47.24 -50.83
N SER O 348 -32.79 -48.11 -51.28
CA SER O 348 -32.35 -49.25 -50.51
C SER O 348 -30.87 -49.43 -50.76
N VAL O 349 -30.07 -49.38 -49.71
CA VAL O 349 -28.63 -49.41 -49.87
C VAL O 349 -28.05 -50.48 -48.98
N ILE O 350 -26.97 -51.08 -49.44
CA ILE O 350 -26.03 -51.77 -48.58
C ILE O 350 -24.80 -50.89 -48.54
N GLN O 351 -24.59 -50.23 -47.41
CA GLN O 351 -23.70 -49.07 -47.32
C GLN O 351 -22.73 -49.27 -46.17
N TYR O 352 -21.51 -48.76 -46.34
CA TYR O 352 -20.44 -49.01 -45.40
C TYR O 352 -19.64 -47.74 -45.16
N GLY O 353 -19.14 -47.60 -43.94
CA GLY O 353 -18.33 -46.45 -43.58
C GLY O 353 -16.85 -46.72 -43.65
N ASN O 354 -16.46 -48.00 -43.67
CA ASN O 354 -15.06 -48.35 -43.84
C ASN O 354 -14.52 -47.80 -45.15
N THR O 355 -15.34 -47.78 -46.19
CA THR O 355 -14.92 -47.42 -47.52
C THR O 355 -14.69 -45.93 -47.64
N GLY O 356 -13.96 -45.55 -48.68
CA GLY O 356 -13.69 -44.16 -48.97
C GLY O 356 -14.95 -43.32 -49.10
N ALA O 357 -15.85 -43.72 -50.00
CA ALA O 357 -17.11 -43.01 -50.18
C ALA O 357 -18.26 -44.01 -50.22
N SER O 358 -19.40 -43.57 -49.73
CA SER O 358 -20.57 -44.43 -49.56
C SER O 358 -21.50 -44.31 -50.76
N ILE O 359 -22.13 -45.42 -51.10
CA ILE O 359 -22.97 -45.51 -52.29
C ILE O 359 -24.04 -44.44 -52.33
N GLY O 360 -24.49 -43.95 -51.17
CA GLY O 360 -25.54 -42.95 -51.16
C GLY O 360 -25.11 -41.65 -51.82
N ASN O 361 -24.02 -41.06 -51.33
CA ASN O 361 -23.52 -39.83 -51.91
C ASN O 361 -23.12 -40.00 -53.36
N VAL O 362 -22.67 -41.19 -53.75
CA VAL O 362 -22.25 -41.41 -55.13
C VAL O 362 -23.45 -41.42 -56.05
N MET O 363 -24.50 -42.18 -55.70
CA MET O 363 -25.68 -42.20 -56.56
C MET O 363 -26.37 -40.85 -56.58
N ILE O 364 -26.52 -40.20 -55.43
CA ILE O 364 -27.10 -38.87 -55.40
C ILE O 364 -26.30 -37.92 -56.29
N GLY O 365 -24.98 -37.97 -56.18
CA GLY O 365 -24.16 -37.11 -57.02
C GLY O 365 -24.35 -37.38 -58.49
N LEU O 366 -24.42 -38.66 -58.88
CA LEU O 366 -24.63 -38.99 -60.28
C LEU O 366 -25.98 -38.50 -60.78
N GLU O 367 -27.00 -38.53 -59.93
CA GLU O 367 -28.30 -38.01 -60.37
C GLU O 367 -28.27 -36.49 -60.50
N GLU O 368 -27.63 -35.82 -59.55
CA GLU O 368 -27.49 -34.37 -59.68
C GLU O 368 -26.68 -33.97 -60.90
N ALA O 369 -25.76 -34.82 -61.33
CA ALA O 369 -24.95 -34.51 -62.50
C ALA O 369 -25.70 -34.68 -63.81
N LYS O 370 -26.79 -35.44 -63.82
CA LYS O 370 -27.52 -35.63 -65.06
C LYS O 370 -28.16 -34.33 -65.53
N ASP O 371 -28.43 -34.25 -66.82
CA ASP O 371 -29.06 -33.07 -67.39
C ASP O 371 -30.56 -33.11 -67.15
N THR O 372 -31.07 -32.12 -66.43
CA THR O 372 -32.48 -32.04 -66.09
C THR O 372 -33.22 -31.17 -67.08
N THR O 373 -34.47 -31.55 -67.36
CA THR O 373 -35.33 -30.79 -68.25
C THR O 373 -36.61 -30.42 -67.50
N GLN O 374 -37.07 -29.20 -67.71
CA GLN O 374 -38.23 -28.65 -67.02
C GLN O 374 -39.23 -28.18 -68.06
N THR O 375 -40.40 -28.82 -68.08
CA THR O 375 -41.37 -28.60 -69.14
C THR O 375 -42.61 -27.89 -68.60
N LYS O 376 -43.06 -26.86 -69.33
CA LYS O 376 -44.32 -26.20 -69.07
C LYS O 376 -45.15 -26.28 -70.34
N ALA O 377 -46.25 -27.00 -70.30
CA ALA O 377 -47.11 -27.20 -71.47
C ALA O 377 -48.24 -26.17 -71.48
N VAL O 378 -49.06 -26.23 -72.53
CA VAL O 378 -50.25 -25.39 -72.65
C VAL O 378 -51.42 -26.20 -73.17
N ASN O 388 -45.88 -24.20 -75.76
CA ASN O 388 -45.44 -25.48 -75.23
C ASN O 388 -43.95 -25.41 -74.89
N GLU O 389 -43.63 -24.68 -73.83
CA GLU O 389 -42.24 -24.44 -73.45
C GLU O 389 -41.63 -25.70 -72.85
N THR O 390 -40.40 -26.01 -73.27
CA THR O 390 -39.59 -27.06 -72.66
C THR O 390 -38.18 -26.55 -72.53
N THR O 391 -37.67 -26.44 -71.32
CA THR O 391 -36.30 -26.00 -71.10
C THR O 391 -35.42 -27.17 -70.71
N THR O 392 -34.15 -27.09 -71.09
CA THR O 392 -33.16 -28.07 -70.69
C THR O 392 -32.01 -27.35 -69.98
N THR O 393 -31.42 -28.04 -69.01
CA THR O 393 -30.39 -27.46 -68.16
C THR O 393 -29.46 -28.56 -67.72
N LYS O 394 -28.17 -28.25 -67.62
CA LYS O 394 -27.18 -29.22 -67.17
C LYS O 394 -26.99 -29.10 -65.67
N GLY O 395 -26.87 -30.24 -64.99
CA GLY O 395 -26.75 -30.24 -63.56
C GLY O 395 -25.31 -30.09 -63.09
N ASP O 396 -25.18 -29.66 -61.85
CA ASP O 396 -23.87 -29.42 -61.26
C ASP O 396 -23.23 -30.73 -60.83
N TYR O 397 -21.90 -30.75 -60.82
CA TYR O 397 -21.13 -31.88 -60.35
C TYR O 397 -20.67 -31.73 -58.91
N THR O 398 -21.04 -30.63 -58.24
CA THR O 398 -20.46 -30.33 -56.94
C THR O 398 -20.74 -31.40 -55.90
N LYS O 399 -21.89 -32.06 -55.96
CA LYS O 399 -22.13 -33.16 -55.03
C LYS O 399 -21.32 -34.38 -55.41
N LEU O 400 -21.28 -34.72 -56.69
CA LEU O 400 -20.43 -35.83 -57.13
C LEU O 400 -18.97 -35.53 -56.87
N ALA O 401 -18.53 -34.29 -57.14
CA ALA O 401 -17.16 -33.91 -56.83
C ALA O 401 -16.89 -34.02 -55.35
N SER O 402 -17.87 -33.68 -54.51
CA SER O 402 -17.68 -33.82 -53.08
C SER O 402 -17.62 -35.28 -52.66
N ALA O 403 -18.29 -36.17 -53.39
CA ALA O 403 -18.26 -37.58 -53.05
C ALA O 403 -16.98 -38.26 -53.48
N LEU O 404 -16.45 -37.87 -54.65
CA LEU O 404 -15.26 -38.53 -55.18
C LEU O 404 -13.97 -38.00 -54.57
N SER O 405 -13.99 -36.82 -53.96
CA SER O 405 -12.75 -36.20 -53.50
C SER O 405 -12.04 -37.06 -52.46
N SER O 406 -12.79 -37.86 -51.72
CA SER O 406 -12.21 -38.67 -50.64
C SER O 406 -11.78 -40.05 -51.08
N ILE O 407 -12.04 -40.43 -52.33
CA ILE O 407 -11.66 -41.76 -52.79
C ILE O 407 -10.15 -41.85 -52.91
N GLN O 408 -9.56 -42.79 -52.19
CA GLN O 408 -8.20 -43.25 -52.42
C GLN O 408 -8.35 -44.71 -52.80
N GLY O 409 -8.24 -45.03 -54.08
CA GLY O 409 -8.35 -46.42 -54.43
C GLY O 409 -9.11 -46.60 -55.71
N ALA O 410 -9.58 -47.83 -55.92
CA ALA O 410 -10.47 -48.14 -57.01
C ALA O 410 -11.91 -48.14 -56.54
N ALA O 411 -12.69 -47.18 -57.02
CA ALA O 411 -14.14 -47.14 -56.81
C ALA O 411 -14.81 -47.30 -58.16
N VAL O 412 -15.45 -48.43 -58.39
CA VAL O 412 -15.98 -48.81 -59.70
C VAL O 412 -17.45 -49.13 -59.55
N SER O 413 -18.29 -48.40 -60.28
CA SER O 413 -19.74 -48.59 -60.20
C SER O 413 -20.17 -49.49 -61.35
N ILE O 414 -20.67 -50.67 -61.01
CA ILE O 414 -21.22 -51.61 -61.98
C ILE O 414 -22.73 -51.52 -61.87
N ALA O 415 -23.38 -50.95 -62.88
CA ALA O 415 -24.83 -50.78 -62.86
C ALA O 415 -25.48 -51.98 -63.52
N MET O 416 -26.29 -52.72 -62.76
CA MET O 416 -27.01 -53.88 -63.27
C MET O 416 -28.46 -53.80 -62.79
N GLY O 417 -29.39 -53.69 -63.74
CA GLY O 417 -30.81 -53.66 -63.44
C GLY O 417 -31.19 -52.67 -62.36
N ASP O 418 -30.74 -51.42 -62.53
CA ASP O 418 -30.96 -50.27 -61.65
C ASP O 418 -30.35 -50.45 -60.26
N TRP O 419 -29.78 -51.62 -60.01
CA TRP O 419 -28.98 -51.85 -58.82
C TRP O 419 -27.52 -51.58 -59.18
N THR O 420 -26.96 -50.52 -58.61
CA THR O 420 -25.60 -50.12 -58.89
C THR O 420 -24.70 -50.59 -57.76
N ALA O 421 -23.85 -51.58 -58.04
CA ALA O 421 -22.91 -52.09 -57.07
C ALA O 421 -21.61 -51.33 -57.18
N LEU O 422 -21.20 -50.67 -56.13
CA LEU O 422 -19.97 -49.89 -56.10
C LEU O 422 -18.91 -50.71 -55.40
N ILE O 423 -17.95 -51.20 -56.15
CA ILE O 423 -16.82 -51.94 -55.61
C ILE O 423 -15.74 -50.95 -55.27
N ASN O 424 -15.06 -51.13 -54.14
CA ASN O 424 -13.90 -50.30 -53.87
C ASN O 424 -12.82 -51.11 -53.21
N ALA O 425 -11.59 -50.93 -53.68
CA ALA O 425 -10.50 -51.71 -53.16
C ALA O 425 -9.22 -50.91 -53.31
N VAL O 426 -8.34 -50.99 -52.31
CA VAL O 426 -7.07 -50.30 -52.37
C VAL O 426 -6.09 -51.02 -51.45
N SER O 427 -4.81 -50.93 -51.77
CA SER O 427 -3.73 -51.39 -50.90
C SER O 427 -2.74 -50.25 -50.77
N ASN O 428 -2.64 -49.67 -49.59
CA ASN O 428 -1.71 -48.58 -49.32
C ASN O 428 -0.49 -49.16 -48.64
N ASP O 429 0.64 -49.12 -49.32
CA ASP O 429 1.89 -49.63 -48.79
C ASP O 429 2.84 -48.46 -48.61
N SER O 430 3.21 -48.17 -47.37
CA SER O 430 4.07 -47.05 -47.06
C SER O 430 5.33 -47.55 -46.38
N SER O 431 6.36 -46.72 -46.43
CA SER O 431 7.62 -47.02 -45.78
C SER O 431 8.34 -45.72 -45.49
N SER O 432 9.21 -45.76 -44.50
CA SER O 432 10.04 -44.62 -44.15
C SER O 432 11.34 -45.13 -43.54
N ASN O 433 12.44 -44.48 -43.89
CA ASN O 433 13.72 -44.85 -43.34
C ASN O 433 14.50 -43.56 -43.11
N ILE O 434 14.98 -43.35 -41.88
CA ILE O 434 15.60 -42.08 -41.51
C ILE O 434 16.81 -42.34 -40.65
N LEU O 435 17.96 -41.80 -41.04
CA LEU O 435 19.13 -41.75 -40.18
C LEU O 435 19.55 -40.31 -40.11
N SER O 436 19.65 -39.74 -38.93
CA SER O 436 20.30 -38.45 -38.75
C SER O 436 21.19 -38.65 -37.56
N SER O 437 22.47 -38.29 -37.61
CA SER O 437 23.30 -38.34 -36.41
C SER O 437 23.95 -36.99 -36.21
N PRO O 438 23.71 -36.31 -35.10
CA PRO O 438 24.37 -35.03 -34.85
C PRO O 438 25.50 -35.28 -33.88
N SER O 439 26.70 -34.77 -34.19
CA SER O 439 27.86 -34.82 -33.30
C SER O 439 28.27 -33.41 -32.86
N ILE O 440 28.39 -33.23 -31.55
CA ILE O 440 28.86 -31.98 -30.97
C ILE O 440 30.18 -32.29 -30.26
N THR O 441 31.18 -31.45 -30.50
CA THR O 441 32.51 -31.56 -29.89
C THR O 441 32.61 -30.53 -28.76
N VAL O 442 32.99 -31.02 -27.58
CA VAL O 442 32.82 -30.35 -26.30
C VAL O 442 34.12 -30.42 -25.54
N MET O 443 34.39 -29.40 -24.74
CA MET O 443 35.43 -29.50 -23.75
C MET O 443 34.90 -30.35 -22.61
N ASP O 444 35.76 -31.13 -21.98
CA ASP O 444 35.35 -31.93 -20.82
C ASP O 444 34.71 -31.04 -19.77
N ASN O 445 33.67 -31.56 -19.13
CA ASN O 445 32.94 -30.86 -18.07
C ASN O 445 32.20 -29.64 -18.59
N GLY O 446 32.41 -29.29 -19.84
CA GLY O 446 31.65 -28.22 -20.44
C GLY O 446 30.41 -28.74 -21.13
N GLU O 447 29.42 -27.88 -21.27
CA GLU O 447 28.15 -28.25 -21.86
C GLU O 447 28.04 -27.69 -23.26
N ALA O 448 27.36 -28.40 -24.13
CA ALA O 448 27.15 -27.92 -25.48
C ALA O 448 25.72 -28.16 -25.92
N SER O 449 25.16 -27.18 -26.61
CA SER O 449 23.89 -27.31 -27.28
C SER O 449 24.13 -27.44 -28.77
N PHE O 450 23.28 -28.20 -29.43
CA PHE O 450 23.33 -28.35 -30.87
C PHE O 450 21.90 -28.38 -31.36
N ILE O 451 21.57 -27.48 -32.29
CA ILE O 451 20.23 -27.46 -32.84
C ILE O 451 20.27 -27.39 -34.36
N VAL O 452 19.56 -28.31 -35.00
CA VAL O 452 19.25 -28.18 -36.40
C VAL O 452 17.73 -28.19 -36.47
N ALA O 453 17.16 -27.08 -36.92
CA ALA O 453 15.71 -26.97 -36.99
C ALA O 453 15.23 -25.93 -37.98
N GLU O 454 13.99 -26.09 -38.42
CA GLU O 454 13.30 -25.08 -39.20
C GLU O 454 12.00 -24.79 -38.48
N GLU O 455 11.67 -23.52 -38.29
CA GLU O 455 10.47 -23.18 -37.55
C GLU O 455 9.31 -22.81 -38.47
N VAL O 456 8.29 -23.65 -38.47
CA VAL O 456 7.05 -23.38 -39.18
C VAL O 456 6.18 -22.45 -38.36
N PRO O 457 5.22 -21.79 -39.01
CA PRO O 457 4.33 -20.88 -38.26
C PRO O 457 3.30 -21.67 -37.46
N VAL O 458 2.97 -21.19 -36.26
CA VAL O 458 1.98 -21.85 -35.42
C VAL O 458 0.87 -20.90 -34.99
N ILE O 459 -0.37 -21.35 -35.08
CA ILE O 459 -1.51 -20.54 -34.67
C ILE O 459 -2.18 -21.15 -33.44
N THR O 460 -2.09 -20.43 -32.33
CA THR O 460 -2.70 -20.88 -31.08
C THR O 460 -4.00 -20.12 -30.82
N GLY O 461 -4.51 -19.47 -31.86
CA GLY O 461 -5.74 -18.70 -31.75
C GLY O 461 -6.69 -18.96 -32.90
N PHE O 472 -8.39 -14.32 -39.53
CA PHE O 472 -7.34 -13.69 -38.75
C PHE O 472 -6.94 -14.57 -37.57
N GLN O 473 -5.95 -15.43 -37.78
CA GLN O 473 -5.47 -16.33 -36.73
C GLN O 473 -4.02 -16.06 -36.38
N THR O 474 -3.73 -15.94 -35.10
CA THR O 474 -2.38 -15.68 -34.62
C THR O 474 -1.44 -16.86 -34.89
N VAL O 475 -0.18 -16.55 -35.19
CA VAL O 475 0.84 -17.56 -35.45
C VAL O 475 2.02 -17.44 -34.51
N ASP O 476 2.43 -18.57 -33.93
CA ASP O 476 3.58 -18.62 -33.04
C ASP O 476 4.65 -19.55 -33.59
N ARG O 477 5.89 -19.07 -33.61
CA ARG O 477 7.00 -19.84 -34.15
C ARG O 477 7.55 -20.75 -33.05
N LYS O 478 7.69 -22.02 -33.41
CA LYS O 478 8.33 -23.04 -32.60
C LYS O 478 9.24 -23.81 -33.55
N GLU O 479 10.27 -24.45 -33.02
CA GLU O 479 11.27 -25.09 -33.87
C GLU O 479 11.24 -26.61 -33.83
N VAL O 480 11.22 -27.22 -35.01
CA VAL O 480 11.27 -28.67 -35.14
C VAL O 480 12.56 -29.04 -35.86
N GLY O 481 13.29 -30.01 -35.31
CA GLY O 481 14.61 -30.35 -35.80
C GLY O 481 15.30 -31.25 -34.81
N ILE O 482 16.59 -31.48 -35.01
CA ILE O 482 17.34 -32.31 -34.08
C ILE O 482 18.16 -31.44 -33.15
N LYS O 483 17.95 -31.61 -31.85
CA LYS O 483 18.72 -30.89 -30.85
C LYS O 483 19.33 -31.85 -29.86
N LEU O 484 20.59 -31.61 -29.55
CA LEU O 484 21.39 -32.46 -28.67
C LEU O 484 22.10 -31.56 -27.69
N LYS O 485 21.78 -31.70 -26.41
CA LYS O 485 22.43 -30.92 -25.36
C LYS O 485 23.14 -31.87 -24.43
N VAL O 486 24.47 -31.82 -24.40
CA VAL O 486 25.25 -32.84 -23.73
C VAL O 486 26.23 -32.18 -22.78
N VAL O 487 26.48 -32.82 -21.64
CA VAL O 487 27.41 -32.31 -20.64
C VAL O 487 28.34 -33.44 -20.21
N PRO O 488 29.40 -33.73 -20.93
CA PRO O 488 30.24 -34.86 -20.59
C PRO O 488 31.18 -34.53 -19.45
N GLN O 489 31.56 -35.57 -18.70
CA GLN O 489 32.74 -35.51 -17.87
C GLN O 489 33.48 -36.83 -18.02
N ILE O 490 34.79 -36.76 -18.00
CA ILE O 490 35.62 -37.88 -18.40
C ILE O 490 36.20 -38.52 -17.15
N ASN O 491 35.86 -39.79 -16.93
CA ASN O 491 36.69 -40.64 -16.09
C ASN O 491 38.13 -40.49 -16.53
N GLU O 492 39.05 -40.41 -15.58
CA GLU O 492 40.40 -39.94 -15.88
C GLU O 492 41.09 -40.77 -16.98
N GLY O 493 40.50 -41.88 -17.38
CA GLY O 493 40.83 -42.48 -18.67
C GLY O 493 39.62 -43.22 -19.18
N ASN O 494 39.57 -43.37 -20.51
CA ASN O 494 38.48 -44.10 -21.16
C ASN O 494 37.10 -43.52 -20.82
N SER O 495 36.28 -44.29 -20.09
CA SER O 495 34.84 -44.06 -20.07
C SER O 495 34.46 -42.61 -19.84
N VAL O 496 33.45 -42.16 -20.57
CA VAL O 496 32.89 -40.82 -20.52
C VAL O 496 31.50 -40.92 -19.93
N GLN O 497 31.20 -40.06 -18.97
CA GLN O 497 29.85 -39.94 -18.45
C GLN O 497 29.13 -38.80 -19.15
N LEU O 498 27.88 -39.04 -19.53
CA LEU O 498 27.11 -38.12 -20.34
C LEU O 498 25.79 -37.82 -19.66
N ASN O 499 25.54 -36.56 -19.37
CA ASN O 499 24.21 -36.07 -19.09
C ASN O 499 23.69 -35.53 -20.40
N ILE O 500 22.69 -36.19 -20.97
CA ILE O 500 22.29 -35.94 -22.34
C ILE O 500 20.81 -35.65 -22.40
N GLU O 501 20.44 -34.65 -23.19
CA GLU O 501 19.06 -34.31 -23.48
C GLU O 501 18.93 -34.25 -24.98
N GLN O 502 18.19 -35.19 -25.56
CA GLN O 502 18.17 -35.33 -27.01
C GLN O 502 16.75 -35.30 -27.51
N GLU O 503 16.48 -34.43 -28.48
CA GLU O 503 15.13 -34.25 -28.99
C GLU O 503 15.15 -34.24 -30.50
N VAL O 504 14.14 -34.82 -31.12
CA VAL O 504 14.07 -34.84 -32.57
C VAL O 504 12.78 -34.17 -33.02
N SER O 505 12.89 -33.24 -33.97
CA SER O 505 11.70 -32.54 -34.45
C SER O 505 11.33 -33.03 -35.84
N ASN O 506 10.13 -33.59 -35.94
CA ASN O 506 9.59 -34.03 -37.22
C ASN O 506 8.22 -33.42 -37.43
N VAL O 507 7.98 -32.88 -38.62
CA VAL O 507 6.71 -32.23 -38.89
C VAL O 507 6.10 -32.60 -40.24
N LEU O 508 4.80 -32.91 -40.24
CA LEU O 508 4.11 -33.27 -41.46
C LEU O 508 3.58 -32.04 -42.18
N ASP O 515 -2.74 -25.66 -38.25
CA ASP O 515 -3.26 -27.02 -38.26
C ASP O 515 -2.23 -28.00 -38.79
N VAL O 516 -1.02 -27.92 -38.26
CA VAL O 516 0.06 -28.80 -38.68
C VAL O 516 0.51 -29.69 -37.52
N ARG O 517 0.60 -30.99 -37.78
CA ARG O 517 1.00 -31.93 -36.74
C ARG O 517 2.43 -32.44 -36.98
N PHE O 518 3.27 -32.33 -35.95
CA PHE O 518 4.64 -32.77 -36.02
C PHE O 518 4.97 -33.65 -34.84
N ALA O 519 5.83 -34.65 -35.07
CA ALA O 519 6.18 -35.60 -34.01
C ALA O 519 7.52 -35.28 -33.40
N LYS O 520 7.56 -35.23 -32.07
CA LYS O 520 8.79 -34.97 -31.35
C LYS O 520 9.04 -36.07 -30.33
N ARG O 521 10.14 -36.79 -30.48
CA ARG O 521 10.46 -37.89 -29.58
C ARG O 521 11.81 -37.66 -28.92
N GLN O 522 11.78 -37.18 -27.68
CA GLN O 522 13.01 -36.85 -26.97
C GLN O 522 13.23 -37.86 -25.87
N LEU O 523 14.49 -38.05 -25.54
CA LEU O 523 14.89 -38.78 -24.35
C LEU O 523 16.05 -38.04 -23.74
N ASN O 524 15.97 -37.80 -22.44
CA ASN O 524 17.03 -37.13 -21.70
C ASN O 524 17.38 -37.98 -20.50
N THR O 525 18.60 -38.51 -20.50
CA THR O 525 19.03 -39.52 -19.56
C THR O 525 20.48 -39.23 -19.19
N SER O 526 21.06 -40.14 -18.41
CA SER O 526 22.46 -40.04 -18.02
C SER O 526 23.07 -41.42 -18.22
N VAL O 527 24.08 -41.51 -19.07
CA VAL O 527 24.68 -42.80 -19.39
C VAL O 527 26.17 -42.71 -19.18
N MET O 528 26.82 -43.87 -19.13
CA MET O 528 28.27 -43.94 -19.02
C MET O 528 28.77 -44.86 -20.13
N VAL O 529 29.50 -44.30 -21.08
CA VAL O 529 29.88 -44.99 -22.30
C VAL O 529 31.39 -45.15 -22.31
N GLN O 530 31.86 -46.28 -22.82
CA GLN O 530 33.29 -46.42 -22.99
C GLN O 530 33.80 -45.44 -24.03
N ASP O 531 35.11 -45.24 -24.04
CA ASP O 531 35.75 -44.24 -24.87
C ASP O 531 35.26 -44.25 -26.31
N GLY O 532 35.63 -45.27 -27.08
CA GLY O 532 35.30 -45.30 -28.49
C GLY O 532 34.19 -46.24 -28.88
N GLN O 533 33.35 -46.69 -27.94
CA GLN O 533 32.33 -47.69 -28.23
C GLN O 533 30.95 -47.06 -28.20
N MET O 534 30.07 -47.61 -29.01
CA MET O 534 28.71 -47.12 -29.14
C MET O 534 27.83 -47.71 -28.04
N LEU O 535 26.88 -46.91 -27.58
CA LEU O 535 25.93 -47.36 -26.57
C LEU O 535 24.54 -46.87 -26.93
N VAL O 536 23.54 -47.70 -26.67
CA VAL O 536 22.16 -47.41 -27.08
C VAL O 536 21.45 -46.69 -25.93
N LEU O 537 21.15 -45.41 -26.14
CA LEU O 537 20.36 -44.69 -25.15
C LEU O 537 18.93 -45.19 -25.13
N GLY O 538 18.27 -45.20 -26.28
CA GLY O 538 16.84 -45.36 -26.22
C GLY O 538 16.29 -46.05 -27.44
N GLY O 539 14.99 -46.25 -27.43
CA GLY O 539 14.34 -46.90 -28.54
C GLY O 539 12.87 -47.07 -28.30
N LEU O 540 12.17 -47.42 -29.36
CA LEU O 540 10.77 -47.77 -29.31
C LEU O 540 10.56 -48.78 -30.42
N ILE O 541 9.77 -49.81 -30.15
CA ILE O 541 9.38 -50.76 -31.17
C ILE O 541 7.88 -50.91 -31.09
N ASP O 542 7.19 -50.42 -32.11
CA ASP O 542 5.74 -50.33 -32.05
C ASP O 542 5.16 -51.12 -33.20
N GLU O 543 4.11 -51.88 -32.93
CA GLU O 543 3.47 -52.69 -33.95
C GLU O 543 1.97 -52.60 -33.76
N ARG O 544 1.24 -52.52 -34.85
CA ARG O 544 -0.22 -52.40 -34.78
C ARG O 544 -0.84 -53.20 -35.89
N ALA O 545 -1.95 -53.85 -35.58
CA ALA O 545 -2.82 -54.46 -36.58
C ALA O 545 -4.25 -54.09 -36.25
N LEU O 546 -4.88 -53.31 -37.11
CA LEU O 546 -6.27 -52.93 -36.93
C LEU O 546 -7.09 -53.54 -38.06
N GLU O 547 -7.91 -54.51 -37.73
CA GLU O 547 -8.82 -55.12 -38.68
C GLU O 547 -10.22 -54.63 -38.38
N SER O 548 -11.02 -54.46 -39.42
CA SER O 548 -12.40 -54.03 -39.30
C SER O 548 -13.19 -54.69 -40.41
N GLU O 549 -14.48 -54.90 -40.18
CA GLU O 549 -15.32 -55.58 -41.15
C GLU O 549 -16.76 -55.16 -40.95
N SER O 550 -17.56 -55.31 -41.99
CA SER O 550 -18.98 -55.11 -41.91
C SER O 550 -19.64 -56.06 -42.91
N LYS O 551 -20.80 -56.58 -42.56
CA LYS O 551 -21.51 -57.47 -43.45
C LYS O 551 -22.98 -57.50 -43.05
N VAL O 552 -23.76 -58.25 -43.79
CA VAL O 552 -25.21 -58.19 -43.70
C VAL O 552 -25.89 -58.67 -42.40
N PRO O 553 -25.38 -59.68 -41.68
CA PRO O 553 -24.34 -60.72 -41.67
C PRO O 553 -24.52 -61.94 -42.54
N LEU O 554 -25.75 -62.46 -42.62
CA LEU O 554 -25.92 -63.86 -43.03
C LEU O 554 -25.38 -64.11 -44.43
N LEU O 555 -25.64 -63.19 -45.36
CA LEU O 555 -25.17 -63.38 -46.72
C LEU O 555 -23.65 -63.26 -46.80
N GLY O 556 -23.05 -62.43 -45.95
CA GLY O 556 -21.61 -62.28 -46.00
C GLY O 556 -20.87 -63.48 -45.45
N ASP O 557 -21.60 -64.45 -44.93
CA ASP O 557 -20.97 -65.65 -44.39
C ASP O 557 -20.65 -66.66 -45.50
N ILE O 558 -21.46 -66.68 -46.56
CA ILE O 558 -21.26 -67.63 -47.66
C ILE O 558 -19.84 -67.49 -48.19
N PRO O 559 -19.11 -68.60 -48.43
CA PRO O 559 -17.72 -68.50 -48.87
C PRO O 559 -17.55 -67.85 -50.25
N LEU O 560 -18.37 -68.25 -51.22
CA LEU O 560 -18.14 -67.78 -52.58
C LEU O 560 -18.67 -66.37 -52.79
N LEU O 561 -19.92 -66.11 -52.40
CA LEU O 561 -20.56 -64.83 -52.62
C LEU O 561 -20.45 -63.88 -51.44
N GLY O 562 -19.80 -64.29 -50.37
CA GLY O 562 -19.74 -63.44 -49.19
C GLY O 562 -19.00 -62.15 -49.44
N GLN O 563 -18.02 -62.18 -50.34
CA GLN O 563 -17.21 -60.99 -50.57
C GLN O 563 -18.03 -59.88 -51.22
N LEU O 564 -19.22 -60.22 -51.72
CA LEU O 564 -20.06 -59.19 -52.31
C LEU O 564 -20.73 -58.35 -51.25
N PHE O 565 -21.04 -58.94 -50.10
CA PHE O 565 -21.75 -58.23 -49.05
C PHE O 565 -20.86 -57.74 -47.92
N ARG O 566 -19.56 -57.95 -47.98
CA ARG O 566 -18.66 -57.56 -46.92
C ARG O 566 -17.86 -56.32 -47.30
N SER O 567 -17.53 -55.53 -46.30
CA SER O 567 -16.56 -54.44 -46.42
C SER O 567 -15.48 -54.66 -45.37
N THR O 568 -14.26 -54.94 -45.80
CA THR O 568 -13.17 -55.23 -44.90
C THR O 568 -12.13 -54.13 -45.01
N SER O 569 -11.65 -53.65 -43.86
CA SER O 569 -10.58 -52.66 -43.81
C SER O 569 -9.50 -53.17 -42.88
N SER O 570 -8.35 -53.51 -43.42
CA SER O 570 -7.25 -54.04 -42.63
C SER O 570 -6.06 -53.09 -42.70
N GLN O 571 -5.32 -53.00 -41.60
CA GLN O 571 -4.17 -52.11 -41.55
C GLN O 571 -3.10 -52.69 -40.64
N VAL O 572 -1.85 -52.52 -41.01
CA VAL O 572 -0.71 -52.98 -40.23
C VAL O 572 0.33 -51.87 -40.21
N GLU O 573 0.64 -51.37 -39.03
CA GLU O 573 1.65 -50.33 -38.89
C GLU O 573 2.81 -50.87 -38.08
N LYS O 574 3.99 -50.33 -38.33
CA LYS O 574 5.18 -50.77 -37.61
C LYS O 574 6.15 -49.61 -37.54
N LYS O 575 6.89 -49.54 -36.44
CA LYS O 575 7.79 -48.41 -36.23
C LYS O 575 8.93 -48.85 -35.35
N ASN O 576 10.11 -48.26 -35.60
CA ASN O 576 11.32 -48.56 -34.86
C ASN O 576 12.10 -47.28 -34.65
N LEU O 577 12.58 -47.09 -33.44
CA LEU O 577 13.45 -45.97 -33.11
C LEU O 577 14.58 -46.49 -32.26
N MET O 578 15.81 -46.28 -32.69
CA MET O 578 16.93 -46.47 -31.79
C MET O 578 17.72 -45.18 -31.74
N VAL O 579 18.21 -44.85 -30.55
CA VAL O 579 19.08 -43.71 -30.35
C VAL O 579 20.34 -44.24 -29.70
N PHE O 580 21.46 -44.13 -30.40
CA PHE O 580 22.79 -44.59 -30.01
C PHE O 580 23.67 -43.38 -29.78
N ILE O 581 24.74 -43.55 -29.02
CA ILE O 581 25.71 -42.47 -28.88
C ILE O 581 27.11 -43.05 -28.86
N LYS O 582 28.00 -42.44 -29.62
CA LYS O 582 29.43 -42.78 -29.58
C LYS O 582 30.23 -41.56 -29.18
N PRO O 583 30.80 -41.52 -27.99
CA PRO O 583 31.81 -40.51 -27.68
C PRO O 583 33.16 -40.91 -28.26
N THR O 584 34.04 -39.92 -28.37
CA THR O 584 35.44 -40.20 -28.66
C THR O 584 36.27 -39.18 -27.91
N ILE O 585 37.28 -39.62 -27.19
CA ILE O 585 38.07 -38.69 -26.39
C ILE O 585 39.24 -38.19 -27.21
N ILE O 586 39.33 -36.87 -27.31
CA ILE O 586 40.41 -36.18 -28.00
C ILE O 586 41.31 -35.59 -26.93
N ARG O 587 42.54 -36.09 -26.87
CA ARG O 587 43.54 -35.63 -25.91
C ARG O 587 44.69 -34.93 -26.62
N ASP O 588 45.42 -35.66 -27.46
CA ASP O 588 46.47 -35.07 -28.26
C ASP O 588 45.89 -34.18 -29.36
N GLY O 589 46.73 -33.30 -29.90
CA GLY O 589 46.35 -32.58 -31.10
C GLY O 589 46.30 -33.44 -32.34
N VAL O 590 47.12 -34.50 -32.38
CA VAL O 590 47.12 -35.38 -33.53
C VAL O 590 45.81 -36.16 -33.65
N THR O 591 45.13 -36.41 -32.54
CA THR O 591 43.82 -37.07 -32.62
C THR O 591 42.78 -36.14 -33.21
N ALA O 592 42.69 -34.90 -32.72
CA ALA O 592 41.76 -33.94 -33.29
C ALA O 592 42.05 -33.71 -34.76
N ASP O 593 43.32 -33.63 -35.13
CA ASP O 593 43.66 -33.50 -36.54
C ASP O 593 43.29 -34.73 -37.34
N GLY O 594 43.37 -35.91 -36.74
CA GLY O 594 43.00 -37.13 -37.43
C GLY O 594 41.51 -37.24 -37.68
N ILE O 595 40.70 -36.80 -36.72
CA ILE O 595 39.25 -36.81 -36.91
C ILE O 595 38.83 -35.72 -37.88
N THR O 596 39.29 -34.50 -37.62
CA THR O 596 38.95 -33.38 -38.50
C THR O 596 39.39 -33.66 -39.93
N GLN O 597 40.49 -34.37 -40.12
CA GLN O 597 40.95 -34.63 -41.48
C GLN O 597 40.00 -35.56 -42.22
N ARG O 598 39.44 -36.56 -41.53
CA ARG O 598 38.54 -37.45 -42.25
C ARG O 598 37.16 -36.85 -42.41
N LYS O 599 36.66 -36.11 -41.43
CA LYS O 599 35.37 -35.45 -41.63
C LYS O 599 35.47 -34.33 -42.66
N TYR O 600 36.66 -33.78 -42.85
CA TYR O 600 36.86 -32.76 -43.86
C TYR O 600 37.00 -33.39 -45.25
N ASN O 601 37.83 -34.43 -45.36
CA ASN O 601 38.01 -35.09 -46.64
C ASN O 601 36.78 -35.82 -47.11
N TYR O 602 35.87 -36.21 -46.21
CA TYR O 602 34.62 -36.80 -46.66
C TYR O 602 33.81 -35.78 -47.45
N ILE O 603 33.56 -34.61 -46.86
CA ILE O 603 32.83 -33.57 -47.58
C ILE O 603 33.58 -33.15 -48.84
N ARG O 604 34.89 -32.90 -48.73
CA ARG O 604 35.63 -32.55 -49.93
C ARG O 604 35.45 -33.59 -51.03
N ALA O 605 35.43 -34.86 -50.68
CA ALA O 605 35.17 -35.89 -51.69
C ALA O 605 33.78 -35.72 -52.30
N GLU O 606 32.77 -35.50 -51.46
CA GLU O 606 31.43 -35.25 -51.99
C GLU O 606 31.42 -34.10 -52.98
N GLN O 607 32.10 -33.00 -52.64
CA GLN O 607 32.06 -31.81 -53.47
C GLN O 607 32.83 -32.01 -54.76
N LEU O 608 33.97 -32.70 -54.71
CA LEU O 608 34.66 -33.03 -55.95
C LEU O 608 33.77 -33.87 -56.86
N PHE O 609 33.04 -34.82 -56.29
CA PHE O 609 32.08 -35.55 -57.10
C PHE O 609 31.00 -34.65 -57.67
N ARG O 610 30.56 -33.65 -56.90
CA ARG O 610 29.64 -32.66 -57.43
C ARG O 610 30.27 -31.89 -58.59
N ALA O 611 31.58 -31.71 -58.57
CA ALA O 611 32.24 -30.97 -59.64
C ALA O 611 32.50 -31.83 -60.87
N GLU O 612 32.51 -33.16 -60.72
CA GLU O 612 32.72 -33.99 -61.89
C GLU O 612 31.46 -34.07 -62.75
N LYS O 613 30.32 -34.32 -62.14
CA LYS O 613 29.04 -34.09 -62.81
C LYS O 613 28.52 -32.77 -62.26
N GLY O 614 28.64 -31.72 -63.06
CA GLY O 614 28.50 -30.37 -62.56
C GLY O 614 27.14 -29.79 -62.82
N LEU O 615 27.05 -28.47 -62.67
CA LEU O 615 25.85 -27.77 -63.07
C LEU O 615 25.71 -27.88 -64.58
N ARG O 616 24.55 -28.36 -65.03
CA ARG O 616 24.40 -28.60 -66.46
C ARG O 616 24.38 -27.30 -67.25
N LEU O 617 23.77 -26.25 -66.70
CA LEU O 617 23.65 -25.01 -67.44
C LEU O 617 24.78 -24.04 -67.17
N LEU O 618 25.61 -24.28 -66.17
CA LEU O 618 26.66 -23.36 -65.79
C LEU O 618 28.02 -24.06 -65.83
N ASP O 619 29.07 -23.26 -65.80
CA ASP O 619 30.42 -23.81 -65.84
C ASP O 619 30.72 -24.56 -64.55
N ASP O 620 31.41 -25.69 -64.69
CA ASP O 620 31.68 -26.55 -63.54
C ASP O 620 32.64 -25.95 -62.54
N ALA O 621 33.27 -24.82 -62.85
CA ALA O 621 34.14 -24.15 -61.90
C ALA O 621 33.38 -23.27 -60.94
N SER O 622 32.07 -23.15 -61.11
CA SER O 622 31.25 -22.30 -60.24
C SER O 622 30.73 -23.03 -59.01
N VAL O 623 30.86 -24.36 -58.96
CA VAL O 623 30.37 -25.10 -57.79
C VAL O 623 31.39 -24.95 -56.67
N PRO O 624 30.96 -24.58 -55.46
CA PRO O 624 31.92 -24.41 -54.37
C PRO O 624 32.48 -25.75 -53.94
N VAL O 625 33.80 -25.79 -53.77
CA VAL O 625 34.49 -27.00 -53.35
C VAL O 625 35.56 -26.62 -52.34
N LEU O 626 35.65 -27.39 -51.27
CA LEU O 626 36.62 -27.08 -50.24
C LEU O 626 38.03 -27.17 -50.80
N PRO O 627 38.93 -26.30 -50.37
CA PRO O 627 40.33 -26.46 -50.74
C PRO O 627 40.92 -27.69 -50.09
N LYS O 628 42.00 -28.19 -50.67
CA LYS O 628 42.67 -29.35 -50.10
C LYS O 628 43.11 -29.02 -48.68
N PHE O 629 43.08 -30.03 -47.81
CA PHE O 629 43.11 -29.78 -46.38
C PHE O 629 44.38 -29.02 -45.99
N GLY O 630 44.19 -27.85 -45.38
CA GLY O 630 45.28 -27.02 -44.90
C GLY O 630 45.78 -25.96 -45.85
N ASP O 631 45.18 -25.81 -47.03
CA ASP O 631 45.70 -24.91 -48.05
C ASP O 631 45.02 -23.54 -48.08
N ASP O 632 44.07 -23.28 -47.19
CA ASP O 632 43.33 -22.03 -47.17
C ASP O 632 42.73 -21.68 -48.53
N ARG O 633 42.76 -20.41 -48.91
CA ARG O 633 41.98 -19.92 -50.02
C ARG O 633 42.70 -19.99 -51.37
N ARG O 634 41.99 -20.49 -52.39
CA ARG O 634 42.35 -20.36 -53.79
C ARG O 634 41.58 -19.56 -54.80
N HIS O 635 42.28 -18.83 -55.68
CA HIS O 635 41.61 -17.96 -56.62
C HIS O 635 40.95 -18.96 -57.58
N SER O 636 39.90 -18.47 -58.25
CA SER O 636 39.26 -19.24 -59.31
C SER O 636 40.27 -19.58 -60.40
N PRO O 637 40.00 -20.59 -61.20
CA PRO O 637 40.97 -20.96 -62.24
C PRO O 637 41.19 -19.82 -63.24
N GLU O 638 40.10 -19.20 -63.70
CA GLU O 638 40.21 -18.08 -64.63
C GLU O 638 40.87 -16.85 -64.02
N ILE O 639 40.49 -16.54 -62.78
CA ILE O 639 41.07 -15.40 -62.07
C ILE O 639 42.55 -15.64 -61.81
N GLN O 640 42.88 -16.89 -61.47
CA GLN O 640 44.26 -17.26 -61.24
C GLN O 640 45.05 -17.08 -62.52
N ALA O 641 44.45 -17.48 -63.63
CA ALA O 641 45.10 -17.34 -64.93
C ALA O 641 45.35 -15.87 -65.24
N PHE O 642 44.36 -15.03 -64.92
CA PHE O 642 44.48 -13.59 -65.13
C PHE O 642 45.62 -13.00 -64.28
N ILE O 643 45.72 -13.46 -63.05
CA ILE O 643 46.68 -12.87 -62.11
C ILE O 643 48.13 -13.04 -62.58
N GLU O 644 48.42 -14.21 -63.13
CA GLU O 644 49.77 -14.53 -63.59
C GLU O 644 50.19 -13.64 -64.75
N GLN O 645 49.24 -13.23 -65.60
CA GLN O 645 49.56 -12.35 -66.71
C GLN O 645 50.05 -10.99 -66.22
N MET O 646 49.27 -10.35 -65.35
CA MET O 646 49.63 -9.06 -64.79
C MET O 646 50.88 -9.16 -63.93
#